data_5TRG
#
_entry.id   5TRG
#
_cell.length_a   120.045
_cell.length_b   219.087
_cell.length_c   137.894
_cell.angle_alpha   90.00
_cell.angle_beta   104.87
_cell.angle_gamma   90.00
#
_symmetry.space_group_name_H-M   'P 1 21 1'
#
loop_
_entity.id
_entity.type
_entity.pdbx_description
1 polymer 'Proteasome subunit alpha'
2 polymer 'Proteasome subunit beta'
3 non-polymer N,N-diethyl-N~2~-[(2E)-3-phenylprop-2-enoyl]-L-asparaginyl-4-fluoro-N-[(naphthalen-1-yl)methyl]-L-phenylalaninamide
4 water water
#
loop_
_entity_poly.entity_id
_entity_poly.type
_entity_poly.pdbx_seq_one_letter_code
_entity_poly.pdbx_strand_id
1 'polypeptide(L)'
;MEQAMRERSELARKGIARAKSVVALAYAGGVLFVAENPSRSLQKISELYDRVGFAAAGKFNEFDNLRRGGIQFADTRGYA
YDRRDVTGRQLANVYAQTLGTIFTEQAKPYEVELCVAEVAHYGETKRPELYRITYDGSIADEPHFVVMGGTTEPIANALK
ESYAENASLTDALRIAVAALRAGSADTSGGDQPTLGVASLEVAVLDANRPRRAFRRITGSALQALLVDQESPQSDGESSG
;
A,B,C,D,E,F,G,O,P,Q,R,S,T,U
2 'polypeptide(L)'
;TTIVALKYPGGVVMAGDRRSTQGNMISGRDVRKVYITDDYTATGIAGTAAVAVEFARLYAVELEHYEKLEGVPLTFAGKI
NRLAIMVRGNLAAAMQGLLALPLLAGYDIHASDPQSAGRIVSFDAAGGWNIEEEGYQAVGSGSLFAKSSMKKLYSQVTDG
DSGLRVAVEALYDAADDDSATGGPDLVRGIFPTAVIIDADGAVDVPESRIAELARAIIESRSGADTFGSDGGEKHHHHHH
;
H,I,J,K,L,M,N,V,W,X,Y,Z,a,b
#
# COMPACT_ATOMS: atom_id res chain seq x y z
N MET A 1 -23.49 58.16 -35.39
CA MET A 1 -24.08 56.82 -35.37
C MET A 1 -25.24 56.62 -36.35
N GLU A 2 -26.35 57.35 -36.15
CA GLU A 2 -27.57 57.11 -36.91
C GLU A 2 -27.30 57.16 -38.40
N GLN A 3 -26.39 58.01 -38.85
CA GLN A 3 -26.03 57.94 -40.26
C GLN A 3 -25.16 56.71 -40.51
N ALA A 4 -24.32 56.31 -39.55
CA ALA A 4 -23.54 55.09 -39.76
C ALA A 4 -24.45 53.88 -39.97
N MET A 5 -25.47 53.71 -39.13
CA MET A 5 -26.36 52.56 -39.32
C MET A 5 -27.06 52.62 -40.64
N ARG A 6 -27.07 53.76 -41.29
CA ARG A 6 -27.73 53.81 -42.56
C ARG A 6 -26.74 53.71 -43.70
N GLU A 7 -25.48 54.01 -43.46
CA GLU A 7 -24.47 53.58 -44.40
C GLU A 7 -24.38 52.06 -44.41
N ARG A 8 -24.44 51.41 -43.23
CA ARG A 8 -24.44 49.95 -43.17
C ARG A 8 -25.68 49.39 -43.82
N SER A 9 -26.83 49.98 -43.50
CA SER A 9 -28.06 49.54 -44.11
C SER A 9 -28.00 49.64 -45.62
N GLU A 10 -27.43 50.72 -46.14
CA GLU A 10 -27.47 50.90 -47.59
C GLU A 10 -26.44 50.04 -48.28
N LEU A 11 -25.29 49.82 -47.64
CA LEU A 11 -24.31 48.88 -48.18
C LEU A 11 -24.94 47.51 -48.29
N ALA A 12 -25.59 47.07 -47.23
CA ALA A 12 -26.23 45.76 -47.26
C ALA A 12 -27.33 45.73 -48.31
N ARG A 13 -28.22 46.70 -48.27
CA ARG A 13 -29.37 46.68 -49.15
C ARG A 13 -28.94 46.68 -50.62
N LYS A 14 -27.83 47.38 -50.92
CA LYS A 14 -27.38 47.48 -52.32
C LYS A 14 -26.67 46.21 -52.74
N GLY A 15 -25.81 45.69 -51.87
CA GLY A 15 -25.26 44.36 -52.11
C GLY A 15 -26.34 43.35 -52.44
N ILE A 16 -27.41 43.31 -51.63
CA ILE A 16 -28.45 42.34 -51.92
C ILE A 16 -29.14 42.68 -53.21
N ALA A 17 -29.33 43.97 -53.50
CA ALA A 17 -30.00 44.33 -54.74
C ALA A 17 -29.22 43.93 -55.98
N ARG A 18 -27.92 43.71 -55.86
CA ARG A 18 -27.18 43.25 -57.03
C ARG A 18 -27.08 41.74 -57.14
N ALA A 19 -27.68 41.00 -56.23
CA ALA A 19 -27.56 39.56 -56.24
C ALA A 19 -28.70 38.92 -57.03
N LYS A 20 -28.52 37.65 -57.43
CA LYS A 20 -29.58 36.89 -58.10
C LYS A 20 -30.65 36.46 -57.10
N SER A 21 -31.86 36.22 -57.64
CA SER A 21 -33.06 36.13 -56.82
C SER A 21 -33.40 34.69 -56.45
N VAL A 22 -34.13 34.57 -55.35
CA VAL A 22 -34.58 33.30 -54.83
C VAL A 22 -36.04 33.47 -54.42
N VAL A 23 -36.83 32.45 -54.68
CA VAL A 23 -38.21 32.42 -54.20
C VAL A 23 -38.41 31.11 -53.46
N ALA A 24 -39.17 31.17 -52.39
CA ALA A 24 -39.64 29.99 -51.71
C ALA A 24 -41.14 30.11 -51.60
N LEU A 25 -41.87 29.07 -51.96
CA LEU A 25 -43.31 29.17 -51.84
C LEU A 25 -43.91 27.87 -51.33
N ALA A 26 -45.05 27.99 -50.67
CA ALA A 26 -45.76 26.83 -50.17
C ALA A 26 -46.57 26.18 -51.28
N TYR A 27 -46.52 24.86 -51.36
CA TYR A 27 -47.36 24.16 -52.32
C TYR A 27 -47.94 22.92 -51.67
N ALA A 28 -48.79 22.21 -52.42
CA ALA A 28 -49.57 21.11 -51.86
C ALA A 28 -48.70 20.06 -51.17
N GLY A 29 -47.49 19.84 -51.66
CA GLY A 29 -46.64 18.82 -51.11
C GLY A 29 -45.61 19.29 -50.11
N GLY A 30 -45.58 20.58 -49.79
CA GLY A 30 -44.58 21.07 -48.86
C GLY A 30 -44.09 22.45 -49.23
N VAL A 31 -42.78 22.62 -49.40
CA VAL A 31 -42.25 23.91 -49.79
C VAL A 31 -41.35 23.73 -51.01
N LEU A 32 -41.45 24.65 -51.94
CA LEU A 32 -40.64 24.63 -53.14
C LEU A 32 -39.68 25.80 -53.11
N PHE A 33 -38.41 25.51 -53.37
CA PHE A 33 -37.34 26.47 -53.44
C PHE A 33 -36.86 26.56 -54.86
N VAL A 34 -36.83 27.78 -55.40
CA VAL A 34 -36.31 27.99 -56.74
C VAL A 34 -35.40 29.20 -56.74
N ALA A 35 -34.17 29.02 -57.19
CA ALA A 35 -33.20 30.08 -57.21
C ALA A 35 -32.48 30.13 -58.54
N GLU A 36 -32.22 31.34 -59.05
CA GLU A 36 -31.33 31.51 -60.19
C GLU A 36 -29.90 31.24 -59.75
N ASN A 37 -29.27 30.23 -60.33
CA ASN A 37 -27.94 29.82 -59.91
C ASN A 37 -27.26 29.13 -61.08
N PRO A 38 -26.38 29.81 -61.78
CA PRO A 38 -25.61 29.15 -62.85
C PRO A 38 -24.67 28.07 -62.35
N SER A 39 -24.23 28.12 -61.10
CA SER A 39 -23.18 27.22 -60.66
C SER A 39 -23.60 25.76 -60.73
N ARG A 40 -22.62 24.89 -60.96
CA ARG A 40 -22.88 23.47 -60.85
C ARG A 40 -22.79 23.00 -59.40
N SER A 41 -21.79 23.43 -58.67
CA SER A 41 -21.56 22.88 -57.34
C SER A 41 -21.81 23.83 -56.17
N LEU A 42 -22.12 25.11 -56.41
CA LEU A 42 -22.31 26.05 -55.32
C LEU A 42 -23.80 26.22 -55.05
N GLN A 43 -24.22 25.91 -53.84
CA GLN A 43 -25.63 25.84 -53.48
C GLN A 43 -26.11 27.11 -52.77
N LYS A 44 -27.29 27.58 -53.16
CA LYS A 44 -27.98 28.64 -52.44
C LYS A 44 -29.15 28.11 -51.65
N ILE A 45 -29.47 26.85 -51.80
CA ILE A 45 -30.56 26.18 -51.13
C ILE A 45 -29.98 24.97 -50.43
N SER A 46 -30.32 24.76 -49.18
CA SER A 46 -29.63 23.75 -48.41
C SER A 46 -30.59 23.17 -47.39
N GLU A 47 -30.30 21.94 -46.96
CA GLU A 47 -30.99 21.36 -45.83
C GLU A 47 -30.45 21.93 -44.51
N LEU A 48 -31.34 22.22 -43.56
CA LEU A 48 -30.92 22.54 -42.19
C LEU A 48 -31.17 21.39 -41.23
N TYR A 49 -32.39 20.87 -41.18
CA TYR A 49 -32.68 19.74 -40.30
C TYR A 49 -33.80 18.95 -40.94
N ASP A 50 -34.20 17.87 -40.27
CA ASP A 50 -35.12 16.89 -40.84
C ASP A 50 -36.22 17.53 -41.67
N ARG A 51 -36.96 18.47 -41.10
CA ARG A 51 -38.08 19.10 -41.78
C ARG A 51 -37.87 20.58 -42.04
N VAL A 52 -36.62 21.06 -41.98
CA VAL A 52 -36.30 22.48 -42.07
C VAL A 52 -35.30 22.74 -43.19
N GLY A 53 -35.62 23.71 -44.05
CA GLY A 53 -34.76 24.08 -45.15
C GLY A 53 -34.34 25.54 -45.14
N PHE A 54 -33.33 25.85 -45.95
CA PHE A 54 -32.64 27.13 -45.93
C PHE A 54 -32.42 27.60 -47.36
N ALA A 55 -32.71 28.87 -47.61
CA ALA A 55 -32.34 29.49 -48.87
C ALA A 55 -31.89 30.92 -48.59
N ALA A 56 -31.00 31.43 -49.43
CA ALA A 56 -30.39 32.71 -49.16
C ALA A 56 -30.01 33.41 -50.46
N ALA A 57 -29.97 34.73 -50.39
CA ALA A 57 -29.52 35.56 -51.49
C ALA A 57 -28.46 36.50 -50.94
N GLY A 58 -27.50 36.85 -51.80
CA GLY A 58 -26.46 37.79 -51.41
C GLY A 58 -25.07 37.25 -51.63
N LYS A 59 -24.11 37.64 -50.79
CA LYS A 59 -22.73 37.20 -50.94
C LYS A 59 -22.60 35.77 -50.46
N PHE A 60 -22.04 34.90 -51.32
CA PHE A 60 -22.04 33.48 -51.05
C PHE A 60 -21.31 33.16 -49.74
N ASN A 61 -20.11 33.69 -49.56
CA ASN A 61 -19.36 33.32 -48.37
C ASN A 61 -20.11 33.70 -47.12
N GLU A 62 -20.84 34.81 -47.14
CA GLU A 62 -21.51 35.23 -45.92
C GLU A 62 -22.74 34.35 -45.63
N PHE A 63 -23.61 34.14 -46.62
CA PHE A 63 -24.77 33.33 -46.28
C PHE A 63 -24.40 31.86 -46.11
N ASP A 64 -23.26 31.43 -46.64
CA ASP A 64 -22.76 30.10 -46.32
C ASP A 64 -22.24 30.01 -44.89
N ASN A 65 -21.56 31.04 -44.39
CA ASN A 65 -21.22 31.03 -42.98
C ASN A 65 -22.45 30.85 -42.12
N LEU A 66 -23.53 31.59 -42.45
CA LEU A 66 -24.75 31.47 -41.68
C LEU A 66 -25.39 30.10 -41.81
N ARG A 67 -25.29 29.51 -42.99
CA ARG A 67 -25.84 28.18 -43.22
C ARG A 67 -25.15 27.14 -42.35
N ARG A 68 -23.82 27.20 -42.30
CA ARG A 68 -23.06 26.28 -41.44
C ARG A 68 -23.36 26.51 -39.97
N GLY A 69 -23.52 27.78 -39.57
CA GLY A 69 -23.86 28.07 -38.19
C GLY A 69 -25.24 27.54 -37.85
N GLY A 70 -26.16 27.60 -38.80
CA GLY A 70 -27.48 27.04 -38.55
C GLY A 70 -27.47 25.53 -38.45
N ILE A 71 -26.72 24.88 -39.32
CA ILE A 71 -26.60 23.43 -39.20
C ILE A 71 -25.98 23.07 -37.85
N GLN A 72 -24.98 23.83 -37.42
CA GLN A 72 -24.39 23.55 -36.14
C GLN A 72 -25.40 23.72 -35.00
N PHE A 73 -26.18 24.80 -35.05
CA PHE A 73 -27.18 25.05 -34.01
C PHE A 73 -28.22 23.94 -33.96
N ALA A 74 -28.75 23.58 -35.12
CA ALA A 74 -29.76 22.52 -35.16
C ALA A 74 -29.19 21.19 -34.66
N ASP A 75 -28.01 20.79 -35.15
CA ASP A 75 -27.49 19.48 -34.73
C ASP A 75 -27.19 19.46 -33.23
N THR A 76 -26.66 20.55 -32.70
CA THR A 76 -26.49 20.64 -31.25
C THR A 76 -27.82 20.60 -30.49
N ARG A 77 -28.84 21.31 -30.95
CA ARG A 77 -30.08 21.24 -30.20
C ARG A 77 -30.69 19.86 -30.23
N GLY A 78 -30.72 19.24 -31.41
CA GLY A 78 -31.29 17.91 -31.51
C GLY A 78 -30.54 16.91 -30.67
N TYR A 79 -29.23 16.99 -30.60
CA TYR A 79 -28.47 16.13 -29.73
C TYR A 79 -28.73 16.36 -28.24
N ALA A 80 -28.81 17.59 -27.83
CA ALA A 80 -29.08 17.93 -26.45
C ALA A 80 -30.45 17.57 -25.95
N TYR A 81 -31.46 17.76 -26.79
CA TYR A 81 -32.80 17.43 -26.44
C TYR A 81 -33.25 16.29 -27.29
N ASP A 82 -34.13 16.54 -28.22
CA ASP A 82 -34.55 15.52 -29.15
C ASP A 82 -34.64 16.09 -30.52
N ARG A 83 -34.60 15.24 -31.51
CA ARG A 83 -34.71 15.75 -32.88
C ARG A 83 -36.00 16.53 -33.07
N ARG A 84 -37.08 16.03 -32.48
CA ARG A 84 -38.40 16.61 -32.66
C ARG A 84 -38.59 17.89 -31.84
N ASP A 85 -37.56 18.33 -31.14
CA ASP A 85 -37.58 19.62 -30.47
C ASP A 85 -36.98 20.74 -31.30
N VAL A 86 -36.36 20.44 -32.43
CA VAL A 86 -35.82 21.44 -33.34
C VAL A 86 -36.91 21.90 -34.29
N THR A 87 -37.12 23.21 -34.36
CA THR A 87 -38.21 23.77 -35.15
C THR A 87 -37.71 24.89 -36.05
N GLY A 88 -38.50 25.17 -37.08
CA GLY A 88 -38.17 26.28 -37.97
C GLY A 88 -38.15 27.62 -37.28
N ARG A 89 -39.16 27.89 -36.46
CA ARG A 89 -39.16 29.13 -35.67
C ARG A 89 -37.88 29.28 -34.89
N GLN A 90 -37.33 28.19 -34.39
CA GLN A 90 -36.08 28.26 -33.64
C GLN A 90 -34.93 28.76 -34.53
N LEU A 91 -34.72 28.11 -35.66
CA LEU A 91 -33.64 28.53 -36.52
C LEU A 91 -33.87 29.95 -37.03
N ALA A 92 -35.13 30.30 -37.34
CA ALA A 92 -35.42 31.64 -37.79
C ALA A 92 -35.05 32.66 -36.73
N ASN A 93 -35.39 32.35 -35.49
CA ASN A 93 -35.12 33.26 -34.38
C ASN A 93 -33.62 33.44 -34.19
N VAL A 94 -32.87 32.34 -34.27
CA VAL A 94 -31.42 32.39 -34.09
C VAL A 94 -30.76 33.17 -35.21
N TYR A 95 -31.30 33.07 -36.43
CA TYR A 95 -30.76 33.88 -37.51
C TYR A 95 -31.04 35.36 -37.27
N ALA A 96 -32.22 35.69 -36.73
CA ALA A 96 -32.49 37.08 -36.39
C ALA A 96 -31.49 37.63 -35.39
N GLN A 97 -31.24 36.87 -34.33
CA GLN A 97 -30.26 37.28 -33.34
C GLN A 97 -28.87 37.42 -33.95
N THR A 98 -28.47 36.48 -34.79
CA THR A 98 -27.11 36.51 -35.36
C THR A 98 -26.93 37.65 -36.32
N LEU A 99 -27.87 37.83 -37.25
CA LEU A 99 -27.75 38.92 -38.20
C LEU A 99 -27.90 40.26 -37.52
N GLY A 100 -28.63 40.34 -36.42
CA GLY A 100 -28.65 41.58 -35.66
C GLY A 100 -27.28 41.92 -35.09
N THR A 101 -26.66 40.96 -34.39
CA THR A 101 -25.31 41.20 -33.89
C THR A 101 -24.33 41.49 -35.02
N ILE A 102 -24.36 40.71 -36.10
CA ILE A 102 -23.45 40.97 -37.21
C ILE A 102 -23.66 42.39 -37.73
N PHE A 103 -24.91 42.79 -37.91
CA PHE A 103 -25.24 44.09 -38.49
C PHE A 103 -24.80 45.24 -37.59
N THR A 104 -24.81 45.07 -36.27
CA THR A 104 -24.42 46.22 -35.46
C THR A 104 -22.94 46.21 -35.08
N GLU A 105 -22.30 45.05 -34.97
CA GLU A 105 -20.98 44.98 -34.36
C GLU A 105 -19.85 44.56 -35.28
N GLN A 106 -20.11 43.95 -36.42
CA GLN A 106 -19.02 43.50 -37.25
C GLN A 106 -18.48 44.64 -38.12
N ALA A 107 -17.31 44.39 -38.72
CA ALA A 107 -16.66 45.40 -39.54
C ALA A 107 -17.55 45.81 -40.70
N LYS A 108 -18.14 44.84 -41.37
CA LYS A 108 -19.06 45.10 -42.44
C LYS A 108 -20.28 44.24 -42.19
N PRO A 109 -21.48 44.77 -42.40
CA PRO A 109 -22.67 43.95 -42.27
C PRO A 109 -22.71 42.90 -43.36
N TYR A 110 -23.45 41.81 -43.11
CA TYR A 110 -23.62 40.77 -44.10
C TYR A 110 -24.64 41.20 -45.16
N GLU A 111 -24.29 41.03 -46.43
CA GLU A 111 -25.21 41.34 -47.52
C GLU A 111 -25.99 40.08 -47.91
N VAL A 112 -26.88 39.65 -47.02
CA VAL A 112 -27.60 38.41 -47.26
C VAL A 112 -29.05 38.63 -46.87
N GLU A 113 -29.92 37.82 -47.46
CA GLU A 113 -31.30 37.73 -47.03
C GLU A 113 -31.63 36.24 -46.97
N LEU A 114 -32.26 35.82 -45.89
CA LEU A 114 -32.44 34.41 -45.61
C LEU A 114 -33.90 34.05 -45.53
N CYS A 115 -34.18 32.81 -45.88
CA CYS A 115 -35.48 32.20 -45.67
C CYS A 115 -35.24 30.85 -45.01
N VAL A 116 -35.94 30.63 -43.91
CA VAL A 116 -35.97 29.37 -43.18
C VAL A 116 -37.38 28.83 -43.31
N ALA A 117 -37.51 27.60 -43.80
CA ALA A 117 -38.83 27.02 -44.08
C ALA A 117 -39.00 25.70 -43.37
N GLU A 118 -40.22 25.42 -42.90
CA GLU A 118 -40.49 24.18 -42.19
C GLU A 118 -41.75 23.50 -42.72
N VAL A 119 -41.68 22.18 -42.86
CA VAL A 119 -42.83 21.38 -43.21
C VAL A 119 -43.20 20.50 -42.03
N ALA A 120 -44.33 19.83 -42.14
CA ALA A 120 -44.79 18.98 -41.07
C ALA A 120 -43.89 17.77 -40.92
N HIS A 121 -43.91 17.18 -39.73
CA HIS A 121 -43.30 15.87 -39.67
C HIS A 121 -44.20 14.87 -40.37
N TYR A 122 -43.62 13.77 -40.83
CA TYR A 122 -44.40 12.84 -41.62
C TYR A 122 -45.64 12.38 -40.87
N GLY A 123 -46.79 12.48 -41.54
CA GLY A 123 -48.07 12.08 -40.99
C GLY A 123 -48.72 13.05 -40.05
N GLU A 124 -48.19 14.23 -39.89
CA GLU A 124 -48.77 15.25 -39.04
C GLU A 124 -49.34 16.34 -39.93
N THR A 125 -50.30 17.08 -39.43
CA THR A 125 -50.95 18.09 -40.27
C THR A 125 -50.65 19.47 -39.75
N LYS A 126 -49.71 20.12 -40.40
CA LYS A 126 -49.29 21.44 -40.01
C LYS A 126 -48.95 22.13 -41.32
N ARG A 127 -49.49 23.32 -41.53
CA ARG A 127 -49.21 24.03 -42.76
C ARG A 127 -47.75 24.48 -42.79
N PRO A 128 -47.13 24.50 -43.97
CA PRO A 128 -45.76 24.99 -44.06
C PRO A 128 -45.61 26.37 -43.46
N GLU A 129 -44.42 26.64 -42.94
CA GLU A 129 -44.08 27.94 -42.39
C GLU A 129 -42.89 28.49 -43.14
N LEU A 130 -42.96 29.77 -43.53
CA LEU A 130 -41.84 30.41 -44.18
C LEU A 130 -41.44 31.62 -43.34
N TYR A 131 -40.15 31.80 -43.15
CA TYR A 131 -39.67 32.98 -42.43
C TYR A 131 -38.65 33.68 -43.29
N ARG A 132 -38.76 34.99 -43.35
CA ARG A 132 -37.75 35.82 -43.98
C ARG A 132 -36.98 36.52 -42.87
N ILE A 133 -35.65 36.46 -42.93
CA ILE A 133 -34.78 37.22 -42.03
C ILE A 133 -33.85 38.07 -42.90
N THR A 134 -33.85 39.38 -42.65
CA THR A 134 -33.13 40.33 -43.50
C THR A 134 -31.81 40.76 -42.86
N TYR A 135 -31.05 41.56 -43.59
CA TYR A 135 -29.66 41.81 -43.21
C TYR A 135 -29.49 42.43 -41.84
N ASP A 136 -30.52 43.06 -41.30
CA ASP A 136 -30.41 43.71 -39.99
C ASP A 136 -31.06 42.90 -38.88
N GLY A 137 -31.47 41.69 -39.16
CA GLY A 137 -32.12 40.89 -38.15
C GLY A 137 -33.62 41.02 -38.09
N SER A 138 -34.23 41.75 -39.01
CA SER A 138 -35.68 41.81 -39.04
C SER A 138 -36.26 40.47 -39.50
N ILE A 139 -37.29 40.02 -38.81
CA ILE A 139 -37.82 38.70 -39.07
C ILE A 139 -39.32 38.85 -39.34
N ALA A 140 -39.80 38.13 -40.35
CA ALA A 140 -41.20 38.17 -40.76
C ALA A 140 -41.71 36.76 -41.05
N ASP A 141 -42.94 36.53 -40.65
CA ASP A 141 -43.60 35.26 -40.81
C ASP A 141 -44.48 35.31 -42.06
N GLU A 142 -44.27 34.40 -43.00
CA GLU A 142 -45.06 34.40 -44.22
C GLU A 142 -45.69 33.05 -44.51
N PRO A 143 -46.98 33.06 -44.92
CA PRO A 143 -47.71 31.82 -45.21
C PRO A 143 -47.60 31.30 -46.63
N HIS A 144 -47.34 32.16 -47.61
CA HIS A 144 -47.46 31.75 -49.00
C HIS A 144 -46.15 31.78 -49.78
N PHE A 145 -45.43 32.90 -49.78
CA PHE A 145 -44.18 32.94 -50.55
C PHE A 145 -43.23 33.98 -49.97
N VAL A 146 -41.98 33.83 -50.34
CA VAL A 146 -40.89 34.68 -49.93
C VAL A 146 -40.02 34.95 -51.14
N VAL A 147 -39.64 36.21 -51.32
CA VAL A 147 -38.77 36.62 -52.40
C VAL A 147 -37.57 37.29 -51.78
N MET A 148 -36.39 36.94 -52.26
CA MET A 148 -35.15 37.48 -51.73
C MET A 148 -34.18 37.77 -52.85
N GLY A 149 -33.50 38.91 -52.75
CA GLY A 149 -32.40 39.23 -53.63
C GLY A 149 -32.85 39.90 -54.90
N GLY A 150 -31.95 40.70 -55.46
CA GLY A 150 -32.17 41.40 -56.71
C GLY A 150 -33.32 42.39 -56.58
N THR A 151 -34.01 42.62 -57.69
CA THR A 151 -35.12 43.55 -57.70
C THR A 151 -36.39 42.77 -57.36
N THR A 152 -36.78 42.78 -56.08
CA THR A 152 -37.82 41.87 -55.63
C THR A 152 -39.24 42.32 -55.96
N GLU A 153 -39.45 43.58 -56.24
CA GLU A 153 -40.84 44.03 -56.36
C GLU A 153 -41.52 43.48 -57.61
N PRO A 154 -40.88 43.48 -58.79
CA PRO A 154 -41.51 42.78 -59.93
C PRO A 154 -41.87 41.32 -59.63
N ILE A 155 -40.96 40.57 -58.99
CA ILE A 155 -41.20 39.16 -58.76
C ILE A 155 -42.35 38.96 -57.77
N ALA A 156 -42.36 39.73 -56.69
CA ALA A 156 -43.45 39.65 -55.74
C ALA A 156 -44.78 39.95 -56.41
N ASN A 157 -44.81 40.93 -57.31
CA ASN A 157 -46.08 41.25 -57.95
C ASN A 157 -46.52 40.11 -58.85
N ALA A 158 -45.59 39.54 -59.61
CA ALA A 158 -45.92 38.36 -60.40
C ALA A 158 -46.55 37.27 -59.54
N LEU A 159 -45.99 37.05 -58.34
CA LEU A 159 -46.55 36.01 -57.49
C LEU A 159 -47.92 36.39 -56.95
N LYS A 160 -48.08 37.58 -56.36
CA LYS A 160 -49.38 38.07 -55.92
C LYS A 160 -50.46 37.85 -56.97
N GLU A 161 -50.07 37.94 -58.24
CA GLU A 161 -51.07 37.76 -59.29
C GLU A 161 -51.26 36.29 -59.67
N SER A 162 -50.24 35.45 -59.57
CA SER A 162 -50.38 34.09 -60.07
C SER A 162 -50.40 33.01 -59.01
N TYR A 163 -50.13 33.36 -57.76
CA TYR A 163 -49.97 32.35 -56.71
C TYR A 163 -51.32 31.82 -56.28
N ALA A 164 -51.39 30.51 -56.12
CA ALA A 164 -52.56 29.86 -55.56
C ALA A 164 -52.11 28.88 -54.48
N GLU A 165 -52.87 28.82 -53.40
CA GLU A 165 -52.54 27.85 -52.37
C GLU A 165 -52.62 26.42 -52.91
N ASN A 166 -52.09 25.50 -52.12
CA ASN A 166 -52.02 24.09 -52.41
C ASN A 166 -51.91 23.73 -53.88
N ALA A 167 -51.07 24.44 -54.63
CA ALA A 167 -50.85 24.09 -56.03
C ALA A 167 -50.04 22.81 -56.16
N SER A 168 -50.07 22.24 -57.37
CA SER A 168 -49.27 21.05 -57.62
C SER A 168 -47.82 21.45 -57.79
N LEU A 169 -46.94 20.44 -57.77
CA LEU A 169 -45.51 20.74 -57.88
C LEU A 169 -45.19 21.42 -59.19
N THR A 170 -45.72 20.87 -60.28
CA THR A 170 -45.45 21.42 -61.61
C THR A 170 -46.00 22.83 -61.72
N ASP A 171 -47.19 23.04 -61.18
CA ASP A 171 -47.80 24.35 -61.24
C ASP A 171 -47.00 25.36 -60.43
N ALA A 172 -46.60 24.97 -59.22
CA ALA A 172 -45.81 25.89 -58.41
C ALA A 172 -44.47 26.19 -59.06
N LEU A 173 -43.83 25.18 -59.65
CA LEU A 173 -42.56 25.43 -60.32
C LEU A 173 -42.74 26.39 -61.48
N ARG A 174 -43.78 26.20 -62.29
CA ARG A 174 -44.00 27.12 -63.41
C ARG A 174 -44.25 28.52 -62.91
N ILE A 175 -45.14 28.67 -61.93
CA ILE A 175 -45.41 29.98 -61.33
C ILE A 175 -44.12 30.62 -60.84
N ALA A 176 -43.28 29.84 -60.17
CA ALA A 176 -42.06 30.36 -59.57
C ALA A 176 -41.09 30.86 -60.63
N VAL A 177 -40.84 30.04 -61.64
CA VAL A 177 -39.93 30.42 -62.71
C VAL A 177 -40.44 31.65 -63.45
N ALA A 178 -41.75 31.73 -63.67
CA ALA A 178 -42.32 32.91 -64.31
C ALA A 178 -42.05 34.16 -63.47
N ALA A 179 -42.36 34.11 -62.18
CA ALA A 179 -42.12 35.27 -61.33
C ALA A 179 -40.65 35.64 -61.31
N LEU A 180 -39.77 34.65 -61.30
CA LEU A 180 -38.34 34.95 -61.34
C LEU A 180 -37.95 35.64 -62.64
N ARG A 181 -38.56 35.23 -63.75
CA ARG A 181 -38.26 35.88 -65.02
C ARG A 181 -38.82 37.30 -65.07
N ALA A 182 -39.87 37.60 -64.28
CA ALA A 182 -40.27 38.99 -64.09
C ALA A 182 -39.16 39.87 -63.53
N GLY A 183 -38.11 39.29 -62.97
CA GLY A 183 -37.08 40.06 -62.31
C GLY A 183 -35.73 39.94 -62.98
N SER A 184 -35.73 39.79 -64.31
CA SER A 184 -34.53 39.84 -65.14
C SER A 184 -33.49 38.78 -64.78
N THR A 194 -35.31 31.84 -70.99
CA THR A 194 -33.89 31.85 -70.69
C THR A 194 -33.54 30.98 -69.47
N LEU A 195 -34.49 30.79 -68.56
CA LEU A 195 -34.22 30.08 -67.31
C LEU A 195 -34.46 28.59 -67.49
N GLY A 196 -33.38 27.84 -67.70
CA GLY A 196 -33.44 26.41 -67.88
C GLY A 196 -32.83 25.62 -66.73
N VAL A 197 -32.66 24.32 -66.97
CA VAL A 197 -32.11 23.43 -65.96
C VAL A 197 -30.73 23.90 -65.50
N ALA A 198 -29.92 24.41 -66.42
CA ALA A 198 -28.56 24.84 -66.07
C ALA A 198 -28.51 26.22 -65.41
N SER A 199 -29.63 26.94 -65.33
CA SER A 199 -29.65 28.24 -64.71
C SER A 199 -30.50 28.26 -63.44
N LEU A 200 -30.99 27.10 -63.01
CA LEU A 200 -31.83 27.00 -61.84
C LEU A 200 -31.29 25.98 -60.86
N GLU A 201 -31.43 26.30 -59.60
CA GLU A 201 -31.25 25.37 -58.49
C GLU A 201 -32.61 25.23 -57.83
N VAL A 202 -33.12 24.01 -57.78
CA VAL A 202 -34.48 23.78 -57.29
C VAL A 202 -34.45 22.66 -56.26
N ALA A 203 -35.22 22.83 -55.20
CA ALA A 203 -35.36 21.73 -54.25
C ALA A 203 -36.68 21.89 -53.54
N VAL A 204 -37.09 20.85 -52.83
CA VAL A 204 -38.32 20.90 -52.06
C VAL A 204 -38.06 20.35 -50.67
N LEU A 205 -38.86 20.83 -49.76
CA LEU A 205 -39.14 20.19 -48.50
C LEU A 205 -40.41 19.39 -48.76
N ASP A 206 -40.26 18.08 -48.91
CA ASP A 206 -41.35 17.20 -49.29
C ASP A 206 -41.94 16.61 -48.02
N ALA A 207 -43.11 17.07 -47.63
CA ALA A 207 -43.74 16.62 -46.38
C ALA A 207 -44.11 15.16 -46.38
N ASN A 208 -44.14 14.49 -47.52
CA ASN A 208 -44.52 13.09 -47.55
C ASN A 208 -43.31 12.20 -47.40
N ARG A 209 -42.22 12.72 -46.93
CA ARG A 209 -41.12 11.82 -46.74
C ARG A 209 -40.94 11.54 -45.26
N PRO A 210 -40.58 10.31 -44.89
CA PRO A 210 -40.62 9.92 -43.48
C PRO A 210 -39.68 10.67 -42.58
N ARG A 211 -38.42 10.94 -42.96
CA ARG A 211 -37.68 11.81 -42.06
C ARG A 211 -37.05 13.03 -42.72
N ARG A 212 -36.12 12.84 -43.64
CA ARG A 212 -35.45 13.99 -44.24
C ARG A 212 -36.30 14.46 -45.41
N ALA A 213 -36.85 15.65 -45.24
CA ALA A 213 -37.77 16.23 -46.20
C ALA A 213 -37.05 16.90 -47.37
N PHE A 214 -35.80 17.30 -47.19
CA PHE A 214 -35.12 18.06 -48.23
C PHE A 214 -34.71 17.14 -49.35
N ARG A 215 -35.00 17.51 -50.59
CA ARG A 215 -34.56 16.73 -51.73
C ARG A 215 -34.41 17.67 -52.90
N ARG A 216 -33.32 17.56 -53.63
CA ARG A 216 -33.08 18.41 -54.79
C ARG A 216 -33.72 17.82 -56.04
N ILE A 217 -34.12 18.70 -56.95
CA ILE A 217 -34.70 18.31 -58.24
C ILE A 217 -33.74 18.82 -59.31
N THR A 218 -33.09 17.88 -59.98
CA THR A 218 -31.99 18.16 -60.86
C THR A 218 -32.16 17.46 -62.20
N GLY A 219 -31.62 18.10 -63.23
CA GLY A 219 -31.40 17.43 -64.51
C GLY A 219 -32.67 16.99 -65.20
N SER A 220 -32.67 15.73 -65.64
CA SER A 220 -33.78 15.21 -66.43
C SER A 220 -35.10 15.33 -65.69
N ALA A 221 -35.07 15.11 -64.37
CA ALA A 221 -36.29 15.27 -63.59
C ALA A 221 -36.77 16.71 -63.62
N LEU A 222 -35.84 17.66 -63.45
CA LEU A 222 -36.23 19.06 -63.45
C LEU A 222 -36.74 19.49 -64.80
N GLN A 223 -36.10 18.99 -65.86
CA GLN A 223 -36.54 19.26 -67.22
C GLN A 223 -37.95 18.75 -67.41
N ALA A 224 -38.21 17.52 -66.96
CA ALA A 224 -39.54 16.94 -67.07
C ALA A 224 -40.58 17.83 -66.41
N LEU A 225 -40.29 18.33 -65.21
CA LEU A 225 -41.25 19.19 -64.54
C LEU A 225 -41.39 20.53 -65.24
N LEU A 226 -40.37 21.00 -65.93
CA LEU A 226 -40.47 22.32 -66.56
C LEU A 226 -41.33 22.33 -67.81
N VAL A 227 -41.64 21.17 -68.38
CA VAL A 227 -42.42 21.06 -69.61
C VAL A 227 -43.65 20.19 -69.41
N MET B 1 -20.22 63.11 -26.53
CA MET B 1 -20.95 62.65 -25.37
C MET B 1 -22.46 62.85 -25.49
N GLU B 2 -22.94 64.06 -25.24
CA GLU B 2 -24.38 64.28 -25.30
C GLU B 2 -24.96 64.30 -26.71
N GLN B 3 -24.12 64.52 -27.71
CA GLN B 3 -24.66 64.51 -29.05
C GLN B 3 -25.02 63.08 -29.28
N ALA B 4 -23.99 62.24 -29.17
CA ALA B 4 -24.07 60.81 -29.35
C ALA B 4 -25.25 60.23 -28.66
N MET B 5 -25.35 60.50 -27.36
CA MET B 5 -26.45 59.99 -26.59
C MET B 5 -27.74 60.46 -27.16
N ARG B 6 -27.77 61.71 -27.53
CA ARG B 6 -29.02 62.20 -28.04
C ARG B 6 -29.37 61.59 -29.37
N GLU B 7 -28.41 61.04 -30.08
CA GLU B 7 -28.79 60.50 -31.37
C GLU B 7 -29.17 59.07 -31.17
N ARG B 8 -28.46 58.42 -30.26
CA ARG B 8 -28.88 57.10 -29.80
C ARG B 8 -30.30 57.17 -29.27
N SER B 9 -30.61 58.20 -28.47
CA SER B 9 -31.98 58.35 -27.99
C SER B 9 -32.95 58.53 -29.17
N GLU B 10 -32.56 59.28 -30.19
CA GLU B 10 -33.52 59.48 -31.28
C GLU B 10 -33.64 58.24 -32.16
N LEU B 11 -32.55 57.49 -32.32
CA LEU B 11 -32.60 56.23 -33.05
C LEU B 11 -33.55 55.26 -32.35
N ALA B 12 -33.44 55.18 -31.02
CA ALA B 12 -34.32 54.30 -30.27
C ALA B 12 -35.78 54.76 -30.34
N ARG B 13 -36.04 56.04 -30.11
CA ARG B 13 -37.42 56.50 -30.10
C ARG B 13 -38.06 56.34 -31.47
N LYS B 14 -37.30 56.62 -32.54
CA LYS B 14 -37.81 56.43 -33.89
C LYS B 14 -38.12 54.96 -34.17
N GLY B 15 -37.23 54.05 -33.76
CA GLY B 15 -37.49 52.63 -33.94
C GLY B 15 -38.76 52.16 -33.25
N ILE B 16 -38.92 52.54 -31.99
CA ILE B 16 -40.11 52.13 -31.24
C ILE B 16 -41.35 52.75 -31.88
N ALA B 17 -41.20 53.95 -32.43
CA ALA B 17 -42.33 54.61 -33.10
C ALA B 17 -42.83 53.78 -34.27
N ARG B 18 -41.93 53.37 -35.16
CA ARG B 18 -42.31 52.57 -36.31
C ARG B 18 -42.82 51.18 -35.94
N ALA B 19 -42.73 50.78 -34.69
CA ALA B 19 -43.27 49.47 -34.33
C ALA B 19 -44.76 49.57 -34.03
N LYS B 20 -45.42 48.42 -34.06
CA LYS B 20 -46.81 48.32 -33.67
C LYS B 20 -46.95 48.32 -32.16
N SER B 21 -48.13 48.70 -31.70
CA SER B 21 -48.30 49.06 -30.30
C SER B 21 -48.79 47.90 -29.46
N VAL B 22 -48.50 48.01 -28.16
CA VAL B 22 -48.81 46.99 -27.15
C VAL B 22 -49.39 47.69 -25.94
N VAL B 23 -50.41 47.08 -25.34
CA VAL B 23 -50.98 47.61 -24.11
C VAL B 23 -51.06 46.52 -23.07
N ALA B 24 -50.85 46.91 -21.82
CA ALA B 24 -51.10 46.08 -20.65
C ALA B 24 -51.92 46.89 -19.66
N LEU B 25 -52.98 46.30 -19.12
CA LEU B 25 -53.77 47.01 -18.12
C LEU B 25 -54.24 46.04 -17.03
N ALA B 26 -54.40 46.58 -15.83
CA ALA B 26 -54.88 45.78 -14.71
C ALA B 26 -56.39 45.65 -14.72
N TYR B 27 -56.88 44.44 -14.46
CA TYR B 27 -58.31 44.16 -14.38
C TYR B 27 -58.58 43.23 -13.19
N ALA B 28 -59.85 42.90 -13.00
CA ALA B 28 -60.32 42.16 -11.81
C ALA B 28 -59.59 40.85 -11.60
N GLY B 29 -59.25 40.14 -12.67
CA GLY B 29 -58.63 38.85 -12.55
C GLY B 29 -57.13 38.87 -12.65
N GLY B 30 -56.54 40.05 -12.76
CA GLY B 30 -55.10 40.11 -12.89
C GLY B 30 -54.62 41.20 -13.82
N VAL B 31 -53.77 40.85 -14.78
CA VAL B 31 -53.26 41.81 -15.74
C VAL B 31 -53.52 41.27 -17.14
N LEU B 32 -53.91 42.15 -18.04
CA LEU B 32 -54.23 41.76 -19.40
C LEU B 32 -53.24 42.40 -20.35
N PHE B 33 -52.70 41.56 -21.24
CA PHE B 33 -51.79 41.97 -22.29
C PHE B 33 -52.49 41.81 -23.63
N VAL B 34 -52.52 42.90 -24.41
CA VAL B 34 -53.07 42.89 -25.76
C VAL B 34 -52.11 43.61 -26.68
N ALA B 35 -51.65 42.94 -27.72
CA ALA B 35 -50.68 43.55 -28.63
C ALA B 35 -51.11 43.35 -30.07
N GLU B 36 -50.90 44.35 -30.92
CA GLU B 36 -51.04 44.10 -32.35
C GLU B 36 -49.87 43.28 -32.84
N ASN B 37 -50.21 42.11 -33.40
CA ASN B 37 -49.19 41.18 -33.85
C ASN B 37 -49.73 40.44 -35.05
N PRO B 38 -49.23 40.79 -36.24
CA PRO B 38 -49.62 40.04 -37.44
C PRO B 38 -49.17 38.59 -37.40
N SER B 39 -48.03 38.28 -36.77
CA SER B 39 -47.37 36.98 -36.91
C SER B 39 -48.14 35.83 -36.30
N ARG B 40 -48.06 34.69 -36.95
CA ARG B 40 -48.67 33.47 -36.46
C ARG B 40 -47.82 32.77 -35.40
N SER B 41 -46.53 33.09 -35.29
CA SER B 41 -45.68 32.37 -34.34
C SER B 41 -44.67 33.23 -33.61
N LEU B 42 -44.49 34.49 -33.94
CA LEU B 42 -43.55 35.33 -33.22
C LEU B 42 -44.33 36.13 -32.20
N GLN B 43 -43.94 36.00 -30.93
CA GLN B 43 -44.72 36.53 -29.83
C GLN B 43 -44.06 37.75 -29.21
N LYS B 44 -44.88 38.72 -28.83
CA LYS B 44 -44.45 39.93 -28.13
C LYS B 44 -44.80 39.89 -26.66
N ILE B 45 -45.56 38.88 -26.23
CA ILE B 45 -46.00 38.73 -24.85
C ILE B 45 -45.57 37.36 -24.37
N SER B 46 -45.07 37.29 -23.13
CA SER B 46 -44.41 36.09 -22.66
C SER B 46 -44.55 35.97 -21.15
N GLU B 47 -44.48 34.72 -20.67
CA GLU B 47 -44.28 34.42 -19.26
C GLU B 47 -42.81 34.62 -18.87
N LEU B 48 -42.57 35.23 -17.70
CA LEU B 48 -41.24 35.25 -17.09
C LEU B 48 -41.13 34.30 -15.92
N TYR B 49 -42.04 34.38 -14.97
CA TYR B 49 -41.96 33.49 -13.83
C TYR B 49 -43.38 33.27 -13.34
N ASP B 50 -43.52 32.48 -12.27
CA ASP B 50 -44.84 32.05 -11.82
C ASP B 50 -45.90 33.12 -11.91
N ARG B 51 -45.65 34.28 -11.33
CA ARG B 51 -46.63 35.36 -11.29
C ARG B 51 -46.18 36.60 -12.05
N VAL B 52 -45.22 36.47 -12.93
CA VAL B 52 -44.62 37.60 -13.60
C VAL B 52 -44.67 37.38 -15.10
N GLY B 53 -45.16 38.38 -15.82
CA GLY B 53 -45.26 38.38 -17.26
C GLY B 53 -44.52 39.51 -17.90
N PHE B 54 -44.30 39.39 -19.20
CA PHE B 54 -43.44 40.26 -19.98
C PHE B 54 -44.18 40.65 -21.26
N ALA B 55 -44.08 41.91 -21.66
CA ALA B 55 -44.55 42.30 -22.98
C ALA B 55 -43.64 43.39 -23.49
N ALA B 56 -43.45 43.43 -24.80
CA ALA B 56 -42.44 44.33 -25.32
C ALA B 56 -42.83 44.81 -26.70
N ALA B 57 -42.34 46.00 -27.05
CA ALA B 57 -42.50 46.53 -28.40
C ALA B 57 -41.16 47.01 -28.95
N GLY B 58 -41.00 46.88 -30.27
CA GLY B 58 -39.80 47.31 -30.95
C GLY B 58 -39.22 46.25 -31.86
N LYS B 59 -37.89 46.17 -31.96
CA LYS B 59 -37.22 45.22 -32.84
C LYS B 59 -37.22 43.84 -32.21
N PHE B 60 -37.65 42.83 -32.96
CA PHE B 60 -37.91 41.51 -32.37
C PHE B 60 -36.65 40.90 -31.78
N ASN B 61 -35.57 40.82 -32.56
CA ASN B 61 -34.39 40.10 -32.06
C ASN B 61 -33.93 40.68 -30.72
N GLU B 62 -34.13 41.99 -30.50
CA GLU B 62 -33.66 42.66 -29.31
C GLU B 62 -34.58 42.41 -28.12
N PHE B 63 -35.87 42.60 -28.30
CA PHE B 63 -36.64 42.34 -27.10
C PHE B 63 -36.73 40.84 -26.84
N ASP B 64 -36.44 40.02 -27.83
CA ASP B 64 -36.38 38.59 -27.56
C ASP B 64 -35.12 38.24 -26.80
N ASN B 65 -33.97 38.84 -27.15
CA ASN B 65 -32.79 38.66 -26.30
C ASN B 65 -33.10 39.04 -24.85
N LEU B 66 -33.77 40.17 -24.65
CA LEU B 66 -34.07 40.58 -23.27
C LEU B 66 -35.03 39.62 -22.60
N ARG B 67 -35.97 39.07 -23.35
CA ARG B 67 -36.93 38.10 -22.80
C ARG B 67 -36.19 36.86 -22.30
N ARG B 68 -35.27 36.34 -23.09
CA ARG B 68 -34.51 35.18 -22.67
C ARG B 68 -33.63 35.49 -21.49
N GLY B 69 -32.95 36.63 -21.51
CA GLY B 69 -32.09 36.96 -20.39
C GLY B 69 -32.87 37.13 -19.11
N GLY B 70 -34.08 37.68 -19.22
CA GLY B 70 -34.91 37.83 -18.04
C GLY B 70 -35.37 36.49 -17.49
N ILE B 71 -35.80 35.58 -18.38
CA ILE B 71 -36.19 34.25 -17.94
C ILE B 71 -35.00 33.57 -17.29
N GLN B 72 -33.83 33.74 -17.89
CA GLN B 72 -32.64 33.15 -17.32
C GLN B 72 -32.41 33.68 -15.92
N PHE B 73 -32.58 34.99 -15.75
CA PHE B 73 -32.39 35.59 -14.44
C PHE B 73 -33.36 35.03 -13.44
N ALA B 74 -34.64 35.01 -13.79
CA ALA B 74 -35.66 34.58 -12.84
C ALA B 74 -35.42 33.15 -12.41
N ASP B 75 -35.20 32.25 -13.37
CA ASP B 75 -35.03 30.85 -13.03
C ASP B 75 -33.80 30.64 -12.18
N THR B 76 -32.72 31.35 -12.48
CA THR B 76 -31.54 31.26 -11.63
C THR B 76 -31.81 31.74 -10.21
N ARG B 77 -32.47 32.88 -10.06
CA ARG B 77 -32.71 33.38 -8.71
C ARG B 77 -33.65 32.46 -7.95
N GLY B 78 -34.68 31.97 -8.60
CA GLY B 78 -35.59 31.06 -7.93
C GLY B 78 -34.93 29.77 -7.51
N TYR B 79 -34.04 29.25 -8.31
CA TYR B 79 -33.33 28.04 -7.96
C TYR B 79 -32.42 28.25 -6.78
N ALA B 80 -31.72 29.37 -6.80
CA ALA B 80 -30.79 29.74 -5.77
C ALA B 80 -31.40 30.04 -4.44
N TYR B 81 -32.54 30.68 -4.43
CA TYR B 81 -33.24 30.98 -3.21
C TYR B 81 -34.53 30.18 -3.18
N ASP B 82 -35.65 30.79 -3.46
CA ASP B 82 -36.92 30.08 -3.57
C ASP B 82 -37.76 30.68 -4.65
N ARG B 83 -38.71 29.93 -5.15
CA ARG B 83 -39.53 30.50 -6.21
C ARG B 83 -40.16 31.81 -5.78
N ARG B 84 -40.59 31.89 -4.52
CA ARG B 84 -41.39 33.02 -4.10
C ARG B 84 -40.54 34.25 -3.85
N ASP B 85 -39.23 34.10 -3.88
CA ASP B 85 -38.36 35.25 -3.79
C ASP B 85 -38.23 36.02 -5.10
N VAL B 86 -38.76 35.52 -6.20
CA VAL B 86 -38.68 36.21 -7.48
C VAL B 86 -39.85 37.16 -7.60
N THR B 87 -39.57 38.43 -7.84
CA THR B 87 -40.63 39.40 -7.88
C THR B 87 -40.52 40.20 -9.16
N GLY B 88 -41.64 40.81 -9.56
CA GLY B 88 -41.65 41.66 -10.73
C GLY B 88 -40.78 42.88 -10.57
N ARG B 89 -40.77 43.45 -9.35
CA ARG B 89 -39.87 44.56 -9.06
C ARG B 89 -38.43 44.19 -9.35
N GLN B 90 -38.03 42.98 -8.95
CA GLN B 90 -36.69 42.49 -9.23
C GLN B 90 -36.39 42.51 -10.73
N LEU B 91 -37.28 41.91 -11.53
CA LEU B 91 -37.06 41.88 -12.96
C LEU B 91 -37.05 43.28 -13.55
N ALA B 92 -37.97 44.14 -13.13
CA ALA B 92 -37.96 45.48 -13.69
C ALA B 92 -36.62 46.13 -13.41
N ASN B 93 -36.11 45.93 -12.21
CA ASN B 93 -34.84 46.54 -11.87
C ASN B 93 -33.71 45.98 -12.72
N VAL B 94 -33.65 44.66 -12.92
CA VAL B 94 -32.56 44.13 -13.76
C VAL B 94 -32.74 44.55 -15.22
N TYR B 95 -33.97 44.63 -15.72
CA TYR B 95 -34.11 45.12 -17.10
C TYR B 95 -33.68 46.57 -17.21
N ALA B 96 -33.96 47.37 -16.18
CA ALA B 96 -33.49 48.74 -16.18
C ALA B 96 -31.97 48.79 -16.22
N GLN B 97 -31.31 47.99 -15.38
CA GLN B 97 -29.85 47.94 -15.38
C GLN B 97 -29.31 47.50 -16.74
N THR B 98 -29.93 46.48 -17.32
CA THR B 98 -29.44 45.88 -18.54
C THR B 98 -29.60 46.83 -19.70
N LEU B 99 -30.78 47.43 -19.82
CA LEU B 99 -31.00 48.36 -20.92
C LEU B 99 -30.15 49.60 -20.75
N GLY B 100 -29.85 49.99 -19.51
CA GLY B 100 -28.94 51.10 -19.32
C GLY B 100 -27.56 50.82 -19.87
N THR B 101 -26.96 49.69 -19.48
CA THR B 101 -25.65 49.40 -20.05
C THR B 101 -25.72 49.21 -21.56
N ILE B 102 -26.77 48.55 -22.07
CA ILE B 102 -26.88 48.40 -23.52
C ILE B 102 -26.85 49.76 -24.17
N PHE B 103 -27.64 50.68 -23.62
CA PHE B 103 -27.81 52.01 -24.19
C PHE B 103 -26.51 52.78 -24.19
N THR B 104 -25.65 52.55 -23.22
CA THR B 104 -24.45 53.37 -23.23
C THR B 104 -23.26 52.71 -23.92
N GLU B 105 -23.17 51.38 -23.90
CA GLU B 105 -21.94 50.70 -24.27
C GLU B 105 -22.02 49.88 -25.55
N GLN B 106 -23.21 49.56 -26.01
CA GLN B 106 -23.40 48.71 -27.17
C GLN B 106 -23.10 49.51 -28.44
N ALA B 107 -22.92 48.76 -29.53
CA ALA B 107 -22.67 49.38 -30.83
C ALA B 107 -23.82 50.27 -31.25
N LYS B 108 -25.04 49.79 -31.06
CA LYS B 108 -26.29 50.50 -31.26
C LYS B 108 -27.20 50.25 -30.07
N PRO B 109 -27.91 51.25 -29.59
CA PRO B 109 -28.89 51.00 -28.54
C PRO B 109 -29.99 50.11 -29.08
N TYR B 110 -30.64 49.41 -28.16
CA TYR B 110 -31.77 48.55 -28.49
C TYR B 110 -33.01 49.40 -28.72
N GLU B 111 -33.72 49.12 -29.80
CA GLU B 111 -34.98 49.80 -30.08
C GLU B 111 -36.13 49.04 -29.46
N VAL B 112 -36.24 49.11 -28.13
CA VAL B 112 -37.26 48.34 -27.44
C VAL B 112 -37.89 49.19 -26.36
N GLU B 113 -39.10 48.83 -25.96
CA GLU B 113 -39.73 49.32 -24.75
C GLU B 113 -40.40 48.14 -24.09
N LEU B 114 -40.20 48.00 -22.78
CA LEU B 114 -40.59 46.81 -22.04
C LEU B 114 -41.66 47.09 -20.99
N CYS B 115 -42.46 46.06 -20.73
CA CYS B 115 -43.40 46.02 -19.63
C CYS B 115 -43.18 44.72 -18.87
N VAL B 116 -42.98 44.83 -17.56
CA VAL B 116 -42.93 43.71 -16.65
C VAL B 116 -44.13 43.86 -15.72
N ALA B 117 -44.96 42.84 -15.62
CA ALA B 117 -46.17 42.90 -14.83
C ALA B 117 -46.22 41.76 -13.83
N GLU B 118 -46.77 42.03 -12.65
CA GLU B 118 -46.86 41.02 -11.62
C GLU B 118 -48.22 41.02 -10.95
N VAL B 119 -48.72 39.82 -10.65
CA VAL B 119 -49.95 39.66 -9.90
C VAL B 119 -49.66 39.04 -8.53
N ALA B 120 -50.69 38.99 -7.71
CA ALA B 120 -50.54 38.41 -6.39
C ALA B 120 -50.34 36.91 -6.50
N HIS B 121 -49.80 36.32 -5.44
CA HIS B 121 -49.83 34.88 -5.37
C HIS B 121 -51.22 34.39 -5.00
N TYR B 122 -51.50 33.14 -5.34
CA TYR B 122 -52.82 32.57 -5.13
C TYR B 122 -53.20 32.68 -3.66
N GLY B 123 -54.39 33.22 -3.39
CA GLY B 123 -54.96 33.40 -2.06
C GLY B 123 -54.45 34.59 -1.28
N GLU B 124 -53.61 35.43 -1.87
CA GLU B 124 -53.17 36.63 -1.21
C GLU B 124 -53.73 37.81 -2.00
N THR B 125 -53.91 38.93 -1.32
CA THR B 125 -54.56 40.11 -1.89
C THR B 125 -53.53 41.21 -2.02
N LYS B 126 -53.11 41.49 -3.25
CA LYS B 126 -52.09 42.49 -3.55
C LYS B 126 -52.45 43.12 -4.88
N ARG B 127 -52.45 44.43 -4.94
CA ARG B 127 -52.70 45.05 -6.21
C ARG B 127 -51.65 44.58 -7.23
N PRO B 128 -52.05 44.43 -8.48
CA PRO B 128 -51.06 44.16 -9.52
C PRO B 128 -50.06 45.30 -9.66
N GLU B 129 -48.86 44.97 -10.12
CA GLU B 129 -47.82 45.95 -10.35
C GLU B 129 -47.48 45.99 -11.83
N LEU B 130 -47.35 47.19 -12.38
CA LEU B 130 -46.92 47.29 -13.76
C LEU B 130 -45.67 48.12 -13.77
N TYR B 131 -44.68 47.65 -14.51
CA TYR B 131 -43.43 48.36 -14.66
C TYR B 131 -43.18 48.57 -16.13
N ARG B 132 -42.61 49.72 -16.45
CA ARG B 132 -42.30 50.06 -17.82
C ARG B 132 -40.86 50.50 -17.86
N ILE B 133 -40.08 49.84 -18.70
CA ILE B 133 -38.66 50.12 -18.84
C ILE B 133 -38.42 50.55 -20.27
N THR B 134 -37.86 51.72 -20.45
CA THR B 134 -37.62 52.21 -21.78
C THR B 134 -36.14 52.05 -22.14
N TYR B 135 -35.84 52.38 -23.40
CA TYR B 135 -34.57 52.01 -24.01
C TYR B 135 -33.34 52.52 -23.30
N ASP B 136 -33.46 53.50 -22.42
CA ASP B 136 -32.28 54.04 -21.76
C ASP B 136 -32.14 53.55 -20.33
N GLY B 137 -32.98 52.61 -19.93
CA GLY B 137 -32.97 52.16 -18.57
C GLY B 137 -33.87 52.94 -17.65
N SER B 138 -34.64 53.87 -18.17
CA SER B 138 -35.60 54.57 -17.34
C SER B 138 -36.69 53.60 -16.94
N ILE B 139 -37.05 53.65 -15.67
CA ILE B 139 -37.98 52.69 -15.14
C ILE B 139 -39.09 53.49 -14.50
N ALA B 140 -40.32 53.12 -14.81
CA ALA B 140 -41.47 53.85 -14.30
C ALA B 140 -42.48 52.85 -13.81
N ASP B 141 -43.04 53.14 -12.66
CA ASP B 141 -44.04 52.29 -12.05
C ASP B 141 -45.41 52.84 -12.34
N GLU B 142 -46.26 52.01 -12.90
CA GLU B 142 -47.63 52.37 -13.18
C GLU B 142 -48.61 51.43 -12.47
N PRO B 143 -49.74 52.02 -11.99
CA PRO B 143 -50.76 51.25 -11.25
C PRO B 143 -51.86 50.77 -12.17
N HIS B 144 -52.01 51.46 -13.29
CA HIS B 144 -53.22 51.24 -14.05
C HIS B 144 -52.96 50.70 -15.45
N PHE B 145 -52.09 51.34 -16.22
CA PHE B 145 -51.91 50.81 -17.55
C PHE B 145 -50.56 51.21 -18.10
N VAL B 146 -50.15 50.47 -19.12
CA VAL B 146 -48.92 50.70 -19.84
C VAL B 146 -49.19 50.57 -21.32
N VAL B 147 -48.64 51.50 -22.07
CA VAL B 147 -48.71 51.51 -23.51
C VAL B 147 -47.30 51.63 -24.08
N MET B 148 -47.02 50.84 -25.11
CA MET B 148 -45.70 50.85 -25.70
C MET B 148 -45.80 50.81 -27.21
N GLY B 149 -44.93 51.56 -27.86
CA GLY B 149 -44.71 51.48 -29.29
C GLY B 149 -45.67 52.33 -30.10
N GLY B 150 -45.17 52.82 -31.24
CA GLY B 150 -46.00 53.58 -32.13
C GLY B 150 -46.45 54.90 -31.54
N THR B 151 -47.63 55.32 -31.97
CA THR B 151 -48.24 56.59 -31.53
C THR B 151 -49.01 56.30 -30.25
N THR B 152 -48.42 56.65 -29.11
CA THR B 152 -49.01 56.18 -27.88
C THR B 152 -50.26 56.95 -27.50
N GLU B 153 -50.28 58.27 -27.64
CA GLU B 153 -51.28 59.05 -26.90
C GLU B 153 -52.73 58.89 -27.35
N PRO B 154 -53.03 58.65 -28.62
CA PRO B 154 -54.40 58.19 -28.94
C PRO B 154 -54.77 57.03 -28.06
N ILE B 155 -53.85 56.09 -27.92
CA ILE B 155 -54.13 54.92 -27.11
C ILE B 155 -54.22 55.31 -25.64
N ALA B 156 -53.18 55.94 -25.09
CA ALA B 156 -53.11 56.18 -23.66
C ALA B 156 -54.30 57.00 -23.21
N ASN B 157 -54.62 58.05 -23.95
CA ASN B 157 -55.72 58.92 -23.60
C ASN B 157 -57.06 58.21 -23.77
N ALA B 158 -57.21 57.48 -24.88
CA ALA B 158 -58.42 56.70 -25.06
C ALA B 158 -58.66 55.78 -23.87
N LEU B 159 -57.59 55.16 -23.35
CA LEU B 159 -57.74 54.27 -22.21
C LEU B 159 -58.11 55.05 -20.98
N LYS B 160 -57.46 56.18 -20.72
CA LYS B 160 -57.80 57.00 -19.57
C LYS B 160 -59.31 57.24 -19.47
N GLU B 161 -59.93 57.64 -20.58
CA GLU B 161 -61.37 57.89 -20.52
C GLU B 161 -62.18 56.57 -20.47
N SER B 162 -61.81 55.60 -21.31
CA SER B 162 -62.44 54.29 -21.20
C SER B 162 -62.05 53.53 -19.93
N TYR B 163 -61.15 54.12 -19.13
CA TYR B 163 -60.52 53.35 -18.07
C TYR B 163 -61.50 53.08 -16.93
N ALA B 164 -61.59 51.81 -16.57
CA ALA B 164 -62.35 51.45 -15.38
C ALA B 164 -61.50 50.51 -14.54
N GLU B 165 -61.44 50.79 -13.24
CA GLU B 165 -60.74 49.90 -12.34
C GLU B 165 -61.50 48.58 -12.30
N ASN B 166 -60.88 47.58 -11.68
CA ASN B 166 -61.51 46.26 -11.51
C ASN B 166 -62.46 45.86 -12.65
N ALA B 167 -62.08 46.12 -13.90
CA ALA B 167 -62.97 45.69 -14.98
C ALA B 167 -62.97 44.16 -15.10
N SER B 168 -63.97 43.63 -15.80
CA SER B 168 -64.07 42.22 -16.12
C SER B 168 -63.16 41.87 -17.30
N LEU B 169 -62.97 40.57 -17.55
CA LEU B 169 -62.09 40.17 -18.64
C LEU B 169 -62.60 40.65 -19.98
N THR B 170 -63.89 40.42 -20.26
CA THR B 170 -64.47 40.88 -21.52
C THR B 170 -64.47 42.39 -21.59
N ASP B 171 -64.82 43.02 -20.48
CA ASP B 171 -64.72 44.47 -20.34
C ASP B 171 -63.32 44.99 -20.56
N ALA B 172 -62.35 44.40 -19.89
CA ALA B 172 -60.99 44.88 -20.08
C ALA B 172 -60.54 44.69 -21.52
N LEU B 173 -60.85 43.52 -22.09
CA LEU B 173 -60.41 43.24 -23.45
C LEU B 173 -60.98 44.24 -24.43
N ARG B 174 -62.30 44.45 -24.42
CA ARG B 174 -62.84 45.36 -25.41
C ARG B 174 -62.40 46.80 -25.15
N ILE B 175 -62.22 47.19 -23.89
CA ILE B 175 -61.64 48.51 -23.69
C ILE B 175 -60.27 48.60 -24.33
N ALA B 176 -59.46 47.54 -24.16
CA ALA B 176 -58.09 47.56 -24.67
C ALA B 176 -58.05 47.61 -26.18
N VAL B 177 -58.79 46.72 -26.85
CA VAL B 177 -58.81 46.69 -28.32
C VAL B 177 -59.42 47.97 -28.89
N ALA B 178 -60.53 48.41 -28.29
CA ALA B 178 -61.17 49.64 -28.75
C ALA B 178 -60.19 50.77 -28.69
N ALA B 179 -59.53 50.94 -27.55
CA ALA B 179 -58.54 51.98 -27.45
C ALA B 179 -57.44 51.74 -28.48
N LEU B 180 -57.07 50.48 -28.72
CA LEU B 180 -55.97 50.18 -29.63
C LEU B 180 -56.20 50.75 -31.03
N ARG B 181 -57.42 50.67 -31.54
CA ARG B 181 -57.67 51.21 -32.87
C ARG B 181 -57.42 52.72 -32.95
N ALA B 182 -57.53 53.42 -31.82
CA ALA B 182 -57.30 54.86 -31.80
C ALA B 182 -55.85 55.24 -32.04
N LEU B 195 -59.73 45.05 -36.23
CA LEU B 195 -58.91 44.24 -35.33
C LEU B 195 -59.59 42.93 -34.93
N GLY B 196 -59.26 41.85 -35.62
CA GLY B 196 -59.70 40.51 -35.27
C GLY B 196 -58.51 39.68 -34.80
N VAL B 197 -58.81 38.42 -34.45
CA VAL B 197 -57.82 37.60 -33.78
C VAL B 197 -56.51 37.54 -34.57
N ALA B 198 -56.60 37.47 -35.90
CA ALA B 198 -55.42 37.24 -36.72
C ALA B 198 -54.43 38.39 -36.66
N SER B 199 -54.82 39.52 -36.07
CA SER B 199 -53.96 40.67 -35.94
C SER B 199 -53.65 41.03 -34.50
N LEU B 200 -54.10 40.23 -33.53
CA LEU B 200 -53.81 40.50 -32.14
C LEU B 200 -53.24 39.26 -31.46
N GLU B 201 -52.34 39.49 -30.52
CA GLU B 201 -51.84 38.50 -29.57
C GLU B 201 -52.32 38.92 -28.19
N VAL B 202 -52.96 38.00 -27.49
CA VAL B 202 -53.59 38.31 -26.21
C VAL B 202 -53.17 37.28 -25.18
N ALA B 203 -52.85 37.77 -23.98
CA ALA B 203 -52.52 36.87 -22.88
C ALA B 203 -52.90 37.54 -21.59
N VAL B 204 -52.97 36.74 -20.54
CA VAL B 204 -53.37 37.24 -19.24
C VAL B 204 -52.45 36.69 -18.14
N LEU B 205 -52.23 37.50 -17.11
CA LEU B 205 -51.74 37.04 -15.80
C LEU B 205 -52.96 36.86 -14.92
N ASP B 206 -53.37 35.61 -14.69
CA ASP B 206 -54.61 35.30 -13.98
C ASP B 206 -54.27 35.00 -12.52
N ALA B 207 -54.58 35.95 -11.64
CA ALA B 207 -54.25 35.82 -10.23
C ALA B 207 -55.01 34.72 -9.50
N ASN B 208 -55.78 33.89 -10.23
CA ASN B 208 -56.52 32.82 -9.57
C ASN B 208 -56.07 31.43 -10.01
N ARG B 209 -55.18 31.33 -10.98
CA ARG B 209 -54.52 30.07 -11.20
C ARG B 209 -53.64 29.73 -9.99
N PRO B 210 -53.57 28.46 -9.60
CA PRO B 210 -52.82 28.16 -8.37
C PRO B 210 -51.33 28.48 -8.47
N ARG B 211 -50.63 28.09 -9.54
CA ARG B 211 -49.20 28.40 -9.63
C ARG B 211 -48.84 29.29 -10.82
N ARG B 212 -48.96 28.83 -12.06
CA ARG B 212 -48.48 29.61 -13.20
C ARG B 212 -49.64 30.47 -13.70
N ALA B 213 -49.49 31.79 -13.59
CA ALA B 213 -50.56 32.73 -13.85
C ALA B 213 -50.73 33.06 -15.33
N PHE B 214 -49.70 32.83 -16.13
CA PHE B 214 -49.73 33.23 -17.51
C PHE B 214 -50.63 32.28 -18.29
N ARG B 215 -51.53 32.83 -19.07
CA ARG B 215 -52.38 32.02 -19.93
C ARG B 215 -52.54 32.79 -21.22
N ARG B 216 -52.33 32.11 -22.34
CA ARG B 216 -52.62 32.75 -23.60
C ARG B 216 -54.08 32.58 -23.92
N ILE B 217 -54.63 33.54 -24.64
CA ILE B 217 -55.99 33.40 -25.13
C ILE B 217 -55.91 33.43 -26.63
N THR B 218 -56.18 32.30 -27.26
CA THR B 218 -55.90 32.10 -28.67
C THR B 218 -57.12 31.55 -29.39
N GLY B 219 -57.29 31.96 -30.64
CA GLY B 219 -58.19 31.24 -31.54
C GLY B 219 -59.63 31.25 -31.07
N SER B 220 -60.15 30.02 -30.92
CA SER B 220 -61.55 29.78 -30.60
C SER B 220 -61.97 30.50 -29.33
N ALA B 221 -61.19 30.32 -28.26
CA ALA B 221 -61.50 30.98 -27.01
C ALA B 221 -61.45 32.50 -27.15
N LEU B 222 -60.45 33.03 -27.86
CA LEU B 222 -60.33 34.48 -27.97
C LEU B 222 -61.53 35.06 -28.69
N GLN B 223 -61.94 34.41 -29.79
CA GLN B 223 -63.04 34.91 -30.61
C GLN B 223 -64.24 35.30 -29.74
N ALA B 224 -64.62 34.43 -28.80
CA ALA B 224 -65.79 34.70 -27.97
C ALA B 224 -65.62 35.97 -27.16
N LEU B 225 -64.44 36.19 -26.60
CA LEU B 225 -64.27 37.38 -25.78
C LEU B 225 -64.18 38.64 -26.61
N LEU B 226 -63.90 38.54 -27.92
CA LEU B 226 -64.04 39.76 -28.69
C LEU B 226 -65.51 40.14 -28.89
N VAL B 227 -66.43 39.16 -28.87
CA VAL B 227 -67.87 39.39 -28.97
C VAL B 227 -68.35 40.57 -28.12
N MET C 1 -9.44 65.51 -25.11
CA MET C 1 -9.41 65.30 -23.67
C MET C 1 -10.25 66.33 -22.88
N GLU C 2 -9.88 67.61 -22.96
CA GLU C 2 -10.62 68.62 -22.18
C GLU C 2 -12.09 68.64 -22.63
N GLN C 3 -12.34 68.87 -23.92
CA GLN C 3 -13.65 68.70 -24.55
C GLN C 3 -14.43 67.56 -23.91
N ALA C 4 -13.80 66.39 -23.81
CA ALA C 4 -14.48 65.21 -23.30
C ALA C 4 -14.93 65.38 -21.86
N MET C 5 -14.04 65.83 -20.97
CA MET C 5 -14.39 65.98 -19.57
C MET C 5 -15.39 67.11 -19.34
N ARG C 6 -15.27 68.22 -20.08
CA ARG C 6 -16.29 69.26 -19.98
C ARG C 6 -17.65 68.69 -20.35
N GLU C 7 -17.70 67.85 -21.37
CA GLU C 7 -18.98 67.35 -21.82
C GLU C 7 -19.53 66.31 -20.85
N ARG C 8 -18.69 65.44 -20.32
CA ARG C 8 -19.16 64.48 -19.32
C ARG C 8 -19.68 65.21 -18.09
N SER C 9 -18.95 66.24 -17.64
CA SER C 9 -19.39 67.03 -16.50
C SER C 9 -20.75 67.66 -16.75
N GLU C 10 -20.96 68.20 -17.95
CA GLU C 10 -22.22 68.90 -18.17
C GLU C 10 -23.37 67.90 -18.31
N LEU C 11 -23.13 66.77 -18.96
CA LEU C 11 -24.16 65.74 -19.04
C LEU C 11 -24.57 65.28 -17.66
N ALA C 12 -23.59 65.04 -16.80
CA ALA C 12 -23.92 64.59 -15.46
C ALA C 12 -24.78 65.61 -14.73
N ARG C 13 -24.45 66.89 -14.87
CA ARG C 13 -25.22 67.85 -14.09
C ARG C 13 -26.59 68.12 -14.69
N LYS C 14 -26.73 68.01 -16.01
CA LYS C 14 -28.07 68.02 -16.58
C LYS C 14 -28.92 66.87 -16.01
N GLY C 15 -28.35 65.67 -15.96
CA GLY C 15 -29.10 64.55 -15.39
C GLY C 15 -29.55 64.80 -13.97
N ILE C 16 -28.62 65.26 -13.12
CA ILE C 16 -28.99 65.51 -11.74
C ILE C 16 -29.97 66.66 -11.62
N ALA C 17 -29.84 67.65 -12.50
CA ALA C 17 -30.75 68.79 -12.48
C ALA C 17 -32.18 68.37 -12.77
N ARG C 18 -32.39 67.51 -13.77
CA ARG C 18 -33.76 67.13 -14.10
C ARG C 18 -34.38 66.08 -13.19
N ALA C 19 -33.70 65.64 -12.14
CA ALA C 19 -34.24 64.59 -11.27
C ALA C 19 -34.83 65.20 -10.00
N LYS C 20 -35.67 64.43 -9.33
CA LYS C 20 -36.30 64.96 -8.12
C LYS C 20 -35.32 64.95 -6.96
N SER C 21 -35.61 65.81 -5.97
CA SER C 21 -34.67 66.19 -4.95
C SER C 21 -34.79 65.34 -3.70
N VAL C 22 -33.68 65.31 -2.95
CA VAL C 22 -33.54 64.51 -1.74
C VAL C 22 -32.84 65.36 -0.70
N VAL C 23 -33.26 65.23 0.56
CA VAL C 23 -32.67 65.95 1.68
C VAL C 23 -32.35 64.97 2.81
N ALA C 24 -31.23 65.17 3.49
CA ALA C 24 -30.93 64.46 4.72
C ALA C 24 -30.41 65.44 5.75
N LEU C 25 -30.91 65.36 6.97
CA LEU C 25 -30.42 66.27 7.99
C LEU C 25 -30.33 65.57 9.34
N ALA C 26 -29.40 66.05 10.15
CA ALA C 26 -29.23 65.54 11.49
C ALA C 26 -30.25 66.16 12.44
N TYR C 27 -30.79 65.32 13.32
CA TYR C 27 -31.69 65.78 14.36
C TYR C 27 -31.32 65.05 15.64
N ALA C 28 -32.06 65.35 16.72
CA ALA C 28 -31.70 64.83 18.04
C ALA C 28 -31.62 63.31 18.07
N GLY C 29 -32.44 62.62 17.30
CA GLY C 29 -32.49 61.18 17.30
C GLY C 29 -31.69 60.51 16.21
N GLY C 30 -30.93 61.27 15.42
CA GLY C 30 -30.12 60.62 14.39
C GLY C 30 -30.07 61.36 13.09
N VAL C 31 -30.34 60.69 11.98
CA VAL C 31 -30.35 61.34 10.68
C VAL C 31 -31.68 61.03 10.03
N LEU C 32 -32.27 62.03 9.38
CA LEU C 32 -33.54 61.89 8.72
C LEU C 32 -33.38 62.09 7.22
N PHE C 33 -33.96 61.18 6.45
CA PHE C 33 -33.94 61.20 4.99
C PHE C 33 -35.33 61.45 4.48
N VAL C 34 -35.47 62.46 3.64
CA VAL C 34 -36.73 62.76 3.00
C VAL C 34 -36.44 62.98 1.53
N ALA C 35 -37.09 62.21 0.68
CA ALA C 35 -36.92 62.35 -0.75
C ALA C 35 -38.29 62.38 -1.39
N GLU C 36 -38.47 63.26 -2.38
CA GLU C 36 -39.69 63.22 -3.16
C GLU C 36 -39.64 62.03 -4.09
N ASN C 37 -40.56 61.10 -3.93
CA ASN C 37 -40.59 59.86 -4.69
C ASN C 37 -42.04 59.41 -4.86
N PRO C 38 -42.60 59.55 -6.06
CA PRO C 38 -43.94 59.02 -6.30
C PRO C 38 -44.00 57.50 -6.23
N SER C 39 -42.94 56.82 -6.63
CA SER C 39 -43.03 55.39 -6.86
C SER C 39 -43.35 54.63 -5.59
N ARG C 40 -43.94 53.47 -5.78
CA ARG C 40 -44.45 52.71 -4.65
C ARG C 40 -43.43 51.73 -4.21
N SER C 41 -42.50 51.39 -5.07
CA SER C 41 -41.59 50.32 -4.82
C SER C 41 -40.15 50.60 -5.24
N LEU C 42 -39.88 51.73 -5.86
CA LEU C 42 -38.51 52.05 -6.21
C LEU C 42 -37.92 53.03 -5.19
N GLN C 43 -36.73 52.70 -4.72
CA GLN C 43 -36.11 53.28 -3.55
C GLN C 43 -35.06 54.30 -3.96
N LYS C 44 -34.98 55.40 -3.22
CA LYS C 44 -33.84 56.30 -3.29
C LYS C 44 -33.09 56.34 -1.98
N ILE C 45 -33.65 55.79 -0.91
CA ILE C 45 -33.10 55.82 0.42
C ILE C 45 -33.01 54.37 0.86
N SER C 46 -31.87 54.00 1.44
CA SER C 46 -31.63 52.61 1.69
C SER C 46 -30.70 52.47 2.88
N GLU C 47 -30.79 51.33 3.56
CA GLU C 47 -29.80 50.95 4.55
C GLU C 47 -28.53 50.48 3.84
N LEU C 48 -27.38 50.89 4.34
CA LEU C 48 -26.12 50.33 3.91
C LEU C 48 -25.53 49.37 4.94
N TYR C 49 -25.46 49.77 6.19
CA TYR C 49 -24.92 48.93 7.23
C TYR C 49 -25.58 49.36 8.53
N ASP C 50 -25.24 48.67 9.61
CA ASP C 50 -25.95 48.81 10.89
C ASP C 50 -26.30 50.26 11.18
N ARG C 51 -25.31 51.15 11.20
CA ARG C 51 -25.53 52.55 11.54
C ARG C 51 -25.27 53.47 10.35
N VAL C 52 -25.26 52.94 9.13
CA VAL C 52 -24.88 53.71 7.95
C VAL C 52 -26.01 53.66 6.94
N GLY C 53 -26.40 54.83 6.45
CA GLY C 53 -27.46 54.94 5.48
C GLY C 53 -27.06 55.63 4.21
N PHE C 54 -27.90 55.46 3.19
CA PHE C 54 -27.61 55.86 1.83
C PHE C 54 -28.80 56.60 1.26
N ALA C 55 -28.54 57.68 0.55
CA ALA C 55 -29.59 58.37 -0.19
C ALA C 55 -29.00 58.86 -1.49
N ALA C 56 -29.83 58.94 -2.51
CA ALA C 56 -29.29 59.26 -3.81
C ALA C 56 -30.30 60.00 -4.65
N ALA C 57 -29.80 60.82 -5.57
CA ALA C 57 -30.63 61.51 -6.53
C ALA C 57 -30.07 61.28 -7.90
N GLY C 58 -30.95 61.21 -8.89
CA GLY C 58 -30.49 61.07 -10.26
C GLY C 58 -31.11 59.90 -10.99
N LYS C 59 -30.36 59.29 -11.90
CA LYS C 59 -30.89 58.19 -12.69
C LYS C 59 -30.93 56.90 -11.88
N PHE C 60 -32.10 56.25 -11.83
CA PHE C 60 -32.32 55.17 -10.89
C PHE C 60 -31.38 54.00 -11.12
N ASN C 61 -31.29 53.50 -12.35
CA ASN C 61 -30.49 52.31 -12.53
C ASN C 61 -29.07 52.52 -12.08
N GLU C 62 -28.58 53.74 -12.24
CA GLU C 62 -27.20 54.02 -11.92
C GLU C 62 -26.99 54.13 -10.41
N PHE C 63 -27.82 54.88 -9.72
CA PHE C 63 -27.58 54.97 -8.30
C PHE C 63 -28.03 53.72 -7.57
N ASP C 64 -28.85 52.89 -8.21
CA ASP C 64 -29.18 51.61 -7.62
C ASP C 64 -28.00 50.66 -7.70
N ASN C 65 -27.26 50.68 -8.84
CA ASN C 65 -25.99 49.96 -8.92
C ASN C 65 -25.00 50.41 -7.86
N LEU C 66 -24.85 51.74 -7.67
CA LEU C 66 -23.96 52.22 -6.63
C LEU C 66 -24.43 51.81 -5.25
N ARG C 67 -25.74 51.78 -5.05
CA ARG C 67 -26.26 51.35 -3.76
C ARG C 67 -25.87 49.89 -3.51
N ARG C 68 -26.04 49.05 -4.52
CA ARG C 68 -25.68 47.64 -4.37
C ARG C 68 -24.18 47.47 -4.16
N GLY C 69 -23.36 48.25 -4.85
CA GLY C 69 -21.92 48.19 -4.60
C GLY C 69 -21.57 48.64 -3.19
N GLY C 70 -22.32 49.59 -2.65
CA GLY C 70 -22.08 49.98 -1.28
C GLY C 70 -22.45 48.89 -0.31
N ILE C 71 -23.58 48.22 -0.56
CA ILE C 71 -23.93 47.11 0.30
C ILE C 71 -22.91 45.99 0.18
N GLN C 72 -22.44 45.73 -1.04
CA GLN C 72 -21.45 44.68 -1.24
C GLN C 72 -20.16 44.99 -0.49
N PHE C 73 -19.68 46.21 -0.61
CA PHE C 73 -18.47 46.62 0.08
C PHE C 73 -18.63 46.52 1.58
N ALA C 74 -19.73 47.07 2.10
CA ALA C 74 -19.91 47.04 3.54
C ALA C 74 -19.96 45.61 4.08
N ASP C 75 -20.79 44.76 3.50
CA ASP C 75 -20.92 43.42 4.06
C ASP C 75 -19.64 42.62 3.95
N THR C 76 -18.91 42.75 2.83
CA THR C 76 -17.63 42.07 2.72
C THR C 76 -16.66 42.56 3.79
N ARG C 77 -16.56 43.86 3.99
CA ARG C 77 -15.61 44.36 4.97
C ARG C 77 -15.98 43.93 6.38
N GLY C 78 -17.27 43.98 6.70
CA GLY C 78 -17.71 43.53 8.01
C GLY C 78 -17.47 42.06 8.27
N TYR C 79 -17.58 41.25 7.23
CA TYR C 79 -17.27 39.84 7.32
C TYR C 79 -15.76 39.58 7.50
N ALA C 80 -14.95 40.30 6.75
CA ALA C 80 -13.51 40.21 6.81
C ALA C 80 -12.84 40.70 8.06
N TYR C 81 -13.33 41.78 8.61
CA TYR C 81 -12.80 42.31 9.82
C TYR C 81 -13.84 42.17 10.88
N ASP C 82 -14.47 43.24 11.26
CA ASP C 82 -15.57 43.20 12.19
C ASP C 82 -16.63 44.17 11.81
N ARG C 83 -17.83 43.96 12.29
CA ARG C 83 -18.89 44.90 11.91
C ARG C 83 -18.54 46.31 12.35
N ARG C 84 -17.89 46.46 13.52
CA ARG C 84 -17.62 47.80 14.00
C ARG C 84 -16.48 48.46 13.27
N ASP C 85 -15.80 47.77 12.39
CA ASP C 85 -14.81 48.42 11.55
C ASP C 85 -15.41 49.10 10.33
N VAL C 86 -16.68 48.88 10.03
CA VAL C 86 -17.31 49.51 8.88
C VAL C 86 -17.83 50.86 9.31
N THR C 87 -17.39 51.90 8.64
CA THR C 87 -17.74 53.27 9.03
C THR C 87 -18.29 54.03 7.83
N GLY C 88 -18.99 55.12 8.13
CA GLY C 88 -19.46 55.95 7.06
C GLY C 88 -18.33 56.56 6.26
N ARG C 89 -17.22 56.90 6.93
CA ARG C 89 -16.12 57.53 6.23
C ARG C 89 -15.60 56.59 5.13
N GLN C 90 -15.50 55.30 5.44
CA GLN C 90 -15.09 54.33 4.45
C GLN C 90 -16.02 54.30 3.25
N LEU C 91 -17.34 54.17 3.49
CA LEU C 91 -18.27 54.10 2.37
C LEU C 91 -18.20 55.35 1.53
N ALA C 92 -18.14 56.52 2.16
CA ALA C 92 -17.97 57.75 1.42
C ALA C 92 -16.67 57.74 0.61
N ASN C 93 -15.58 57.27 1.20
CA ASN C 93 -14.29 57.28 0.53
C ASN C 93 -14.32 56.39 -0.70
N VAL C 94 -14.87 55.19 -0.56
CA VAL C 94 -14.92 54.28 -1.69
C VAL C 94 -15.90 54.78 -2.73
N TYR C 95 -16.99 55.42 -2.32
CA TYR C 95 -17.89 56.01 -3.31
C TYR C 95 -17.18 57.10 -4.08
N ALA C 96 -16.30 57.84 -3.42
CA ALA C 96 -15.51 58.86 -4.11
C ALA C 96 -14.62 58.22 -5.16
N GLN C 97 -13.89 57.17 -4.76
CA GLN C 97 -13.02 56.49 -5.71
C GLN C 97 -13.84 55.87 -6.86
N THR C 98 -14.97 55.24 -6.54
CA THR C 98 -15.73 54.54 -7.55
C THR C 98 -16.34 55.50 -8.54
N LEU C 99 -16.94 56.59 -8.05
CA LEU C 99 -17.49 57.56 -8.97
C LEU C 99 -16.39 58.28 -9.74
N GLY C 100 -15.21 58.48 -9.15
CA GLY C 100 -14.14 59.08 -9.92
C GLY C 100 -13.79 58.24 -11.13
N THR C 101 -13.56 56.94 -10.90
CA THR C 101 -13.30 56.05 -12.03
C THR C 101 -14.48 55.99 -12.99
N ILE C 102 -15.72 55.93 -12.50
CA ILE C 102 -16.84 55.93 -13.43
C ILE C 102 -16.79 57.18 -14.30
N PHE C 103 -16.54 58.33 -13.68
CA PHE C 103 -16.60 59.59 -14.39
C PHE C 103 -15.55 59.65 -15.47
N THR C 104 -14.41 59.03 -15.26
CA THR C 104 -13.39 59.17 -16.27
C THR C 104 -13.38 58.02 -17.26
N GLU C 105 -13.84 56.83 -16.87
CA GLU C 105 -13.54 55.62 -17.62
C GLU C 105 -14.75 54.95 -18.28
N GLN C 106 -15.94 55.18 -17.79
CA GLN C 106 -17.07 54.48 -18.36
C GLN C 106 -17.52 55.14 -19.64
N ALA C 107 -18.38 54.43 -20.36
CA ALA C 107 -18.87 54.94 -21.63
C ALA C 107 -19.60 56.27 -21.43
N LYS C 108 -20.45 56.34 -20.41
CA LYS C 108 -21.16 57.55 -20.04
C LYS C 108 -21.04 57.73 -18.52
N PRO C 109 -20.80 58.94 -18.04
CA PRO C 109 -20.78 59.15 -16.59
C PRO C 109 -22.13 58.91 -15.93
N TYR C 110 -22.09 58.56 -14.64
CA TYR C 110 -23.31 58.34 -13.88
C TYR C 110 -23.95 59.66 -13.47
N GLU C 111 -25.23 59.82 -13.77
CA GLU C 111 -25.97 61.02 -13.42
C GLU C 111 -26.57 60.87 -12.03
N VAL C 112 -25.69 60.93 -11.03
CA VAL C 112 -26.10 60.67 -9.66
C VAL C 112 -25.44 61.63 -8.69
N GLU C 113 -26.07 61.78 -7.53
CA GLU C 113 -25.45 62.37 -6.35
C GLU C 113 -25.82 61.51 -5.15
N LEU C 114 -24.85 61.27 -4.27
CA LEU C 114 -25.01 60.36 -3.16
C LEU C 114 -24.84 61.07 -1.81
N CYS C 115 -25.49 60.51 -0.82
CA CYS C 115 -25.30 60.87 0.57
C CYS C 115 -25.10 59.60 1.36
N VAL C 116 -24.03 59.58 2.16
CA VAL C 116 -23.77 58.51 3.12
C VAL C 116 -23.84 59.13 4.51
N ALA C 117 -24.62 58.54 5.39
CA ALA C 117 -24.83 59.07 6.72
C ALA C 117 -24.49 58.04 7.79
N GLU C 118 -23.94 58.51 8.90
CA GLU C 118 -23.64 57.59 10.00
C GLU C 118 -24.05 58.20 11.34
N VAL C 119 -24.65 57.38 12.19
CA VAL C 119 -25.00 57.80 13.54
C VAL C 119 -24.23 56.96 14.56
N ALA C 120 -24.35 57.35 15.81
CA ALA C 120 -23.61 56.65 16.83
C ALA C 120 -24.14 55.23 17.00
N HIS C 121 -23.29 54.40 17.56
CA HIS C 121 -23.72 53.09 17.99
C HIS C 121 -24.58 53.25 19.25
N TYR C 122 -25.32 52.19 19.57
CA TYR C 122 -26.23 52.26 20.69
C TYR C 122 -25.47 52.56 21.97
N GLY C 123 -25.93 53.56 22.70
CA GLY C 123 -25.29 53.92 23.95
C GLY C 123 -24.05 54.75 23.82
N GLU C 124 -23.73 55.22 22.63
CA GLU C 124 -22.56 56.05 22.40
C GLU C 124 -22.95 57.48 22.09
N THR C 125 -22.06 58.40 22.41
CA THR C 125 -22.28 59.82 22.21
C THR C 125 -21.29 60.22 21.12
N LYS C 126 -21.78 60.31 19.90
CA LYS C 126 -20.96 60.71 18.77
C LYS C 126 -21.89 61.45 17.84
N ARG C 127 -21.44 62.48 17.34
CA ARG C 127 -22.38 63.25 16.57
C ARG C 127 -22.54 62.68 15.17
N PRO C 128 -23.73 62.79 14.60
CA PRO C 128 -23.94 62.25 13.25
C PRO C 128 -23.00 62.87 12.21
N GLU C 129 -22.68 62.07 11.18
CA GLU C 129 -21.83 62.47 10.07
C GLU C 129 -22.62 62.42 8.78
N LEU C 130 -22.47 63.45 7.95
CA LEU C 130 -23.09 63.43 6.64
C LEU C 130 -22.01 63.60 5.60
N TYR C 131 -22.03 62.78 4.56
CA TYR C 131 -21.08 62.86 3.47
C TYR C 131 -21.84 62.96 2.18
N ARG C 132 -21.37 63.84 1.31
CA ARG C 132 -21.97 63.99 -0.01
C ARG C 132 -20.92 63.67 -1.04
N ILE C 133 -21.28 62.84 -2.03
CA ILE C 133 -20.37 62.39 -3.07
C ILE C 133 -21.03 62.72 -4.41
N THR C 134 -20.33 63.46 -5.25
CA THR C 134 -20.88 63.94 -6.52
C THR C 134 -20.38 63.15 -7.72
N TYR C 135 -20.95 63.47 -8.88
CA TYR C 135 -20.85 62.62 -10.06
C TYR C 135 -19.42 62.35 -10.49
N ASP C 136 -18.48 63.19 -10.07
CA ASP C 136 -17.09 63.04 -10.45
C ASP C 136 -16.22 62.53 -9.32
N GLY C 137 -16.82 62.18 -8.18
CA GLY C 137 -16.05 61.76 -7.04
C GLY C 137 -15.64 62.86 -6.08
N SER C 138 -16.08 64.09 -6.27
CA SER C 138 -15.78 65.10 -5.26
C SER C 138 -16.56 64.78 -4.01
N ILE C 139 -15.92 64.90 -2.87
CA ILE C 139 -16.53 64.45 -1.64
C ILE C 139 -16.48 65.59 -0.65
N ALA C 140 -17.58 65.77 0.08
CA ALA C 140 -17.76 66.86 1.03
C ALA C 140 -18.27 66.30 2.36
N ASP C 141 -17.74 66.83 3.44
CA ASP C 141 -18.06 66.44 4.80
C ASP C 141 -19.02 67.46 5.39
N GLU C 142 -20.30 67.13 5.46
CA GLU C 142 -21.26 68.09 5.96
C GLU C 142 -21.79 67.74 7.34
N PRO C 143 -22.16 68.81 8.12
CA PRO C 143 -22.41 68.69 9.56
C PRO C 143 -23.89 68.74 9.94
N HIS C 144 -24.68 69.41 9.12
CA HIS C 144 -26.07 69.64 9.46
C HIS C 144 -27.02 69.01 8.45
N PHE C 145 -26.81 69.26 7.17
CA PHE C 145 -27.75 68.74 6.19
C PHE C 145 -27.07 68.63 4.85
N VAL C 146 -27.67 67.83 3.99
CA VAL C 146 -27.21 67.55 2.65
C VAL C 146 -28.42 67.67 1.76
N VAL C 147 -28.26 68.33 0.62
CA VAL C 147 -29.32 68.47 -0.37
C VAL C 147 -28.80 67.99 -1.71
N MET C 148 -29.59 67.18 -2.40
CA MET C 148 -29.15 66.61 -3.68
C MET C 148 -30.28 66.63 -4.69
N GLY C 149 -29.94 66.89 -5.93
CA GLY C 149 -30.94 66.74 -6.97
C GLY C 149 -31.78 67.99 -7.18
N GLY C 150 -32.20 68.17 -8.43
CA GLY C 150 -33.04 69.29 -8.83
C GLY C 150 -32.30 70.59 -8.62
N THR C 151 -33.05 71.65 -8.37
CA THR C 151 -32.43 72.94 -8.11
C THR C 151 -32.19 73.00 -6.62
N THR C 152 -30.95 72.78 -6.24
CA THR C 152 -30.60 72.58 -4.84
C THR C 152 -30.63 73.89 -4.08
N GLU C 153 -30.35 75.00 -4.75
CA GLU C 153 -30.17 76.32 -4.14
C GLU C 153 -31.38 76.74 -3.29
N PRO C 154 -32.58 76.68 -3.81
CA PRO C 154 -33.70 77.10 -2.99
C PRO C 154 -33.84 76.27 -1.76
N ILE C 155 -33.70 74.95 -1.89
CA ILE C 155 -33.86 74.05 -0.77
C ILE C 155 -32.85 74.28 0.31
N ALA C 156 -31.60 74.45 -0.07
CA ALA C 156 -30.57 74.71 0.91
C ALA C 156 -30.80 76.03 1.57
N ASN C 157 -31.18 77.03 0.79
CA ASN C 157 -31.39 78.35 1.32
C ASN C 157 -32.51 78.32 2.32
N ALA C 158 -33.58 77.64 1.98
CA ALA C 158 -34.69 77.52 2.91
C ALA C 158 -34.26 76.79 4.15
N LEU C 159 -33.50 75.73 3.97
CA LEU C 159 -33.02 74.95 5.08
C LEU C 159 -32.13 75.76 5.99
N LYS C 160 -31.23 76.54 5.42
CA LYS C 160 -30.32 77.28 6.26
C LYS C 160 -31.04 78.26 7.19
N GLU C 161 -32.07 78.93 6.72
CA GLU C 161 -32.80 79.80 7.63
C GLU C 161 -33.55 78.96 8.66
N SER C 162 -34.26 77.95 8.19
CA SER C 162 -35.05 77.05 9.02
C SER C 162 -34.33 76.10 9.93
N TYR C 163 -33.23 75.55 9.48
CA TYR C 163 -32.58 74.52 10.25
C TYR C 163 -32.12 74.93 11.60
N ALA C 164 -32.43 74.07 12.54
CA ALA C 164 -32.06 74.22 13.92
C ALA C 164 -31.53 72.89 14.39
N GLU C 165 -30.55 72.92 15.26
CA GLU C 165 -29.94 71.71 15.78
C GLU C 165 -30.81 70.92 16.71
N ASN C 166 -30.63 69.62 16.69
CA ASN C 166 -31.30 68.72 17.60
C ASN C 166 -32.78 68.86 17.68
N ALA C 167 -33.39 69.00 16.52
CA ALA C 167 -34.80 69.15 16.38
C ALA C 167 -35.51 67.84 16.54
N SER C 168 -36.78 67.94 16.77
CA SER C 168 -37.61 66.77 16.93
C SER C 168 -37.84 66.10 15.60
N LEU C 169 -38.31 64.88 15.65
CA LEU C 169 -38.58 64.15 14.44
C LEU C 169 -39.63 64.89 13.64
N THR C 170 -40.62 65.45 14.33
CA THR C 170 -41.67 66.19 13.64
C THR C 170 -41.20 67.53 13.14
N ASP C 171 -40.49 68.25 13.98
CA ASP C 171 -40.00 69.54 13.54
C ASP C 171 -39.06 69.35 12.35
N ALA C 172 -38.13 68.39 12.48
CA ALA C 172 -37.18 68.12 11.41
C ALA C 172 -37.88 67.69 10.13
N LEU C 173 -38.91 66.85 10.26
CA LEU C 173 -39.66 66.37 9.11
C LEU C 173 -40.29 67.54 8.37
N ARG C 174 -41.01 68.39 9.10
CA ARG C 174 -41.78 69.44 8.43
C ARG C 174 -40.89 70.55 7.90
N ILE C 175 -39.83 70.91 8.64
CA ILE C 175 -38.83 71.80 8.07
C ILE C 175 -38.30 71.22 6.77
N ALA C 176 -38.09 69.91 6.75
CA ALA C 176 -37.55 69.25 5.58
C ALA C 176 -38.51 69.31 4.40
N VAL C 177 -39.79 68.98 4.61
CA VAL C 177 -40.74 69.03 3.50
C VAL C 177 -40.92 70.47 3.01
N ALA C 178 -40.94 71.43 3.93
CA ALA C 178 -41.04 72.83 3.56
C ALA C 178 -39.89 73.20 2.65
N ALA C 179 -38.67 72.89 3.09
CA ALA C 179 -37.50 73.16 2.28
C ALA C 179 -37.58 72.46 0.94
N LEU C 180 -38.15 71.26 0.89
CA LEU C 180 -38.31 70.55 -0.37
C LEU C 180 -39.18 71.30 -1.36
N ARG C 181 -40.33 71.83 -0.92
CA ARG C 181 -41.23 72.44 -1.90
C ARG C 181 -40.90 73.91 -2.17
N ALA C 182 -39.83 74.45 -1.58
CA ALA C 182 -39.29 75.69 -2.13
C ALA C 182 -38.79 75.48 -3.57
N GLY C 183 -38.31 74.28 -3.89
CA GLY C 183 -37.49 74.07 -5.09
C GLY C 183 -37.95 73.44 -6.42
N LEU C 195 -46.72 68.60 0.10
CA LEU C 195 -46.94 67.24 -0.39
C LEU C 195 -47.53 66.36 0.71
N GLY C 196 -47.69 65.07 0.39
CA GLY C 196 -48.33 64.12 1.25
C GLY C 196 -47.45 62.89 1.45
N VAL C 197 -48.11 61.76 1.73
CA VAL C 197 -47.35 60.53 1.92
C VAL C 197 -47.12 59.80 0.59
N ALA C 198 -48.10 59.80 -0.32
CA ALA C 198 -47.93 59.08 -1.58
C ALA C 198 -46.87 59.69 -2.47
N SER C 199 -46.32 60.87 -2.13
CA SER C 199 -45.29 61.54 -2.92
C SER C 199 -43.94 61.63 -2.20
N LEU C 200 -43.82 61.05 -1.02
CA LEU C 200 -42.58 61.13 -0.24
C LEU C 200 -42.10 59.75 0.15
N GLU C 201 -40.78 59.61 0.20
CA GLU C 201 -40.09 58.49 0.81
C GLU C 201 -39.30 59.05 1.98
N VAL C 202 -39.53 58.50 3.17
CA VAL C 202 -38.96 58.99 4.42
C VAL C 202 -38.33 57.86 5.21
N ALA C 203 -37.16 58.09 5.78
CA ALA C 203 -36.57 57.06 6.65
C ALA C 203 -35.63 57.71 7.65
N VAL C 204 -35.25 56.92 8.65
CA VAL C 204 -34.37 57.46 9.67
C VAL C 204 -33.25 56.47 9.99
N LEU C 205 -32.11 57.03 10.32
CA LEU C 205 -31.07 56.34 11.07
C LEU C 205 -31.28 56.74 12.52
N ASP C 206 -31.81 55.81 13.32
CA ASP C 206 -32.24 56.02 14.69
C ASP C 206 -31.17 55.59 15.67
N ALA C 207 -30.57 56.57 16.32
CA ALA C 207 -29.46 56.29 17.23
C ALA C 207 -29.85 55.39 18.39
N ASN C 208 -31.10 55.28 18.75
CA ASN C 208 -31.37 54.49 19.93
C ASN C 208 -31.84 53.09 19.63
N ARG C 209 -31.86 52.70 18.37
CA ARG C 209 -32.02 51.30 18.05
C ARG C 209 -30.76 50.52 18.46
N PRO C 210 -30.91 49.35 19.05
CA PRO C 210 -29.71 48.65 19.54
C PRO C 210 -28.74 48.20 18.46
N ARG C 211 -29.21 47.74 17.30
CA ARG C 211 -28.24 47.38 16.28
C ARG C 211 -28.51 48.04 14.93
N ARG C 212 -29.51 47.58 14.18
CA ARG C 212 -29.76 48.18 12.87
C ARG C 212 -30.59 49.44 13.04
N ALA C 213 -29.97 50.58 12.74
CA ALA C 213 -30.58 51.89 12.94
C ALA C 213 -31.53 52.29 11.82
N PHE C 214 -31.42 51.70 10.64
CA PHE C 214 -32.24 52.14 9.53
C PHE C 214 -33.66 51.64 9.70
N ARG C 215 -34.64 52.53 9.62
CA ARG C 215 -36.03 52.09 9.60
C ARG C 215 -36.88 53.17 8.92
N ARG C 216 -37.76 52.73 8.06
CA ARG C 216 -38.59 53.63 7.27
C ARG C 216 -39.80 54.14 8.04
N ILE C 217 -40.29 55.31 7.63
CA ILE C 217 -41.50 55.89 8.18
C ILE C 217 -42.51 55.92 7.03
N THR C 218 -43.54 55.07 7.10
CA THR C 218 -44.46 54.88 6.00
C THR C 218 -45.91 54.96 6.48
N GLY C 219 -46.76 55.44 5.56
CA GLY C 219 -48.21 55.32 5.71
C GLY C 219 -48.73 56.09 6.91
N SER C 220 -49.56 55.42 7.70
CA SER C 220 -50.24 56.07 8.80
C SER C 220 -49.23 56.70 9.77
N ALA C 221 -48.12 56.02 10.03
CA ALA C 221 -47.11 56.60 10.89
C ALA C 221 -46.54 57.88 10.30
N LEU C 222 -46.24 57.85 8.99
CA LEU C 222 -45.67 59.03 8.34
C LEU C 222 -46.66 60.19 8.36
N GLN C 223 -47.91 59.92 7.99
CA GLN C 223 -48.94 60.98 7.98
C GLN C 223 -49.12 61.55 9.38
N ALA C 224 -49.10 60.68 10.38
CA ALA C 224 -49.17 61.11 11.76
C ALA C 224 -48.13 62.18 12.07
N LEU C 225 -46.91 61.99 11.57
CA LEU C 225 -45.87 62.98 11.84
C LEU C 225 -45.90 64.16 10.87
N LEU C 226 -46.55 64.04 9.73
CA LEU C 226 -46.67 65.20 8.84
C LEU C 226 -47.40 66.34 9.54
N VAL C 227 -48.68 66.13 9.86
CA VAL C 227 -49.47 67.12 10.60
C VAL C 227 -49.08 67.17 12.07
N MET D 1 -0.45 65.18 -30.90
CA MET D 1 0.40 64.68 -29.83
C MET D 1 0.71 65.82 -28.86
N GLU D 2 1.36 66.87 -29.39
CA GLU D 2 1.86 67.96 -28.56
C GLU D 2 0.74 68.64 -27.80
N GLN D 3 -0.38 68.88 -28.46
CA GLN D 3 -1.45 69.61 -27.81
C GLN D 3 -2.33 68.70 -26.98
N ALA D 4 -2.44 67.41 -27.31
CA ALA D 4 -3.03 66.48 -26.34
C ALA D 4 -2.32 66.61 -24.99
N MET D 5 -0.99 66.61 -25.03
CA MET D 5 -0.22 66.70 -23.80
C MET D 5 -0.31 68.08 -23.16
N ARG D 6 -0.39 69.16 -23.94
CA ARG D 6 -0.52 70.46 -23.27
C ARG D 6 -1.92 70.64 -22.68
N GLU D 7 -2.92 70.00 -23.30
CA GLU D 7 -4.27 70.03 -22.77
C GLU D 7 -4.33 69.33 -21.42
N ARG D 8 -3.72 68.14 -21.34
CA ARG D 8 -3.66 67.43 -20.05
C ARG D 8 -2.89 68.23 -19.02
N SER D 9 -1.76 68.81 -19.41
CA SER D 9 -0.96 69.59 -18.48
C SER D 9 -1.76 70.74 -17.90
N GLU D 10 -2.60 71.38 -18.72
CA GLU D 10 -3.33 72.53 -18.21
C GLU D 10 -4.54 72.12 -17.37
N LEU D 11 -5.18 71.02 -17.73
CA LEU D 11 -6.25 70.49 -16.90
C LEU D 11 -5.74 70.21 -15.51
N ALA D 12 -4.59 69.54 -15.42
CA ALA D 12 -4.00 69.24 -14.13
C ALA D 12 -3.55 70.51 -13.41
N ARG D 13 -2.68 71.31 -14.05
CA ARG D 13 -2.07 72.46 -13.37
C ARG D 13 -3.13 73.33 -12.75
N LYS D 14 -4.17 73.53 -13.55
CA LYS D 14 -5.34 74.30 -13.19
C LYS D 14 -6.00 73.66 -12.01
N GLY D 15 -6.42 72.43 -12.18
CA GLY D 15 -7.01 71.69 -11.07
C GLY D 15 -6.29 71.93 -9.76
N ILE D 16 -4.96 71.83 -9.77
CA ILE D 16 -4.20 72.04 -8.54
C ILE D 16 -4.31 73.49 -8.09
N ALA D 17 -4.34 74.42 -9.05
CA ALA D 17 -4.45 75.83 -8.69
C ALA D 17 -5.75 76.14 -7.96
N ARG D 18 -6.78 75.35 -8.16
CA ARG D 18 -8.02 75.61 -7.45
C ARG D 18 -8.13 74.88 -6.14
N ALA D 19 -7.05 74.32 -5.64
CA ALA D 19 -7.15 73.57 -4.41
C ALA D 19 -6.56 74.36 -3.25
N LYS D 20 -6.89 73.92 -2.05
CA LYS D 20 -6.29 74.58 -0.91
C LYS D 20 -4.83 74.17 -0.78
N SER D 21 -4.05 74.99 -0.07
CA SER D 21 -2.59 74.88 -0.08
C SER D 21 -2.05 74.02 1.05
N VAL D 22 -0.85 73.50 0.83
CA VAL D 22 -0.16 72.64 1.75
C VAL D 22 1.28 73.11 1.82
N VAL D 23 1.81 73.12 3.02
CA VAL D 23 3.19 73.48 3.27
C VAL D 23 3.83 72.35 4.05
N ALA D 24 5.06 72.02 3.71
CA ALA D 24 5.86 71.11 4.51
C ALA D 24 7.21 71.75 4.68
N LEU D 25 7.73 71.81 5.91
CA LEU D 25 9.04 72.39 6.07
C LEU D 25 9.84 71.65 7.14
N ALA D 26 11.15 71.64 6.95
CA ALA D 26 12.05 71.03 7.91
C ALA D 26 12.28 71.97 9.08
N TYR D 27 12.28 71.40 10.27
CA TYR D 27 12.60 72.14 11.47
C TYR D 27 13.50 71.26 12.32
N ALA D 28 13.95 71.81 13.45
CA ALA D 28 14.99 71.14 14.25
C ALA D 28 14.58 69.74 14.64
N GLY D 29 13.30 69.50 14.84
CA GLY D 29 12.85 68.21 15.29
C GLY D 29 12.38 67.28 14.22
N GLY D 30 12.45 67.68 12.96
CA GLY D 30 11.99 66.85 11.88
C GLY D 30 11.32 67.60 10.76
N VAL D 31 10.10 67.19 10.40
CA VAL D 31 9.39 67.89 9.35
C VAL D 31 7.99 68.20 9.85
N LEU D 32 7.49 69.38 9.50
CA LEU D 32 6.15 69.84 9.87
C LEU D 32 5.30 70.00 8.63
N PHE D 33 4.10 69.42 8.65
CA PHE D 33 3.12 69.50 7.56
C PHE D 33 1.95 70.33 8.04
N VAL D 34 1.59 71.35 7.25
CA VAL D 34 0.47 72.21 7.56
C VAL D 34 -0.35 72.40 6.30
N ALA D 35 -1.63 72.08 6.36
CA ALA D 35 -2.48 72.23 5.20
C ALA D 35 -3.75 72.95 5.61
N GLU D 36 -4.26 73.77 4.69
CA GLU D 36 -5.60 74.30 4.81
C GLU D 36 -6.58 73.15 4.55
N ASN D 37 -7.43 72.84 5.52
CA ASN D 37 -8.34 71.70 5.39
C ASN D 37 -9.58 72.00 6.21
N PRO D 38 -10.67 72.38 5.55
CA PRO D 38 -11.91 72.59 6.31
C PRO D 38 -12.47 71.32 6.91
N SER D 39 -12.29 70.19 6.23
CA SER D 39 -13.02 68.98 6.60
C SER D 39 -12.63 68.50 8.00
N ARG D 40 -13.56 67.81 8.63
CA ARG D 40 -13.27 67.22 9.93
C ARG D 40 -12.59 65.88 9.83
N SER D 41 -12.90 65.08 8.81
CA SER D 41 -12.53 63.67 8.75
C SER D 41 -11.81 63.25 7.48
N LEU D 42 -11.73 64.10 6.47
CA LEU D 42 -11.01 63.76 5.25
C LEU D 42 -9.65 64.43 5.29
N GLN D 43 -8.60 63.67 5.01
CA GLN D 43 -7.25 64.06 5.40
C GLN D 43 -6.31 64.15 4.20
N LYS D 44 -5.48 65.17 4.21
CA LYS D 44 -4.53 65.48 3.16
C LYS D 44 -3.11 65.16 3.58
N ILE D 45 -2.89 64.83 4.83
CA ILE D 45 -1.56 64.53 5.31
C ILE D 45 -1.61 63.17 5.98
N SER D 46 -0.64 62.33 5.67
CA SER D 46 -0.77 60.94 6.07
C SER D 46 0.59 60.34 6.31
N GLU D 47 0.60 59.31 7.14
CA GLU D 47 1.76 58.45 7.30
C GLU D 47 1.92 57.50 6.14
N LEU D 48 3.15 57.35 5.64
CA LEU D 48 3.48 56.30 4.67
C LEU D 48 4.20 55.14 5.30
N TYR D 49 5.25 55.40 6.07
CA TYR D 49 6.02 54.34 6.71
C TYR D 49 6.67 54.93 7.94
N ASP D 50 7.41 54.09 8.67
CA ASP D 50 7.94 54.48 9.98
C ASP D 50 8.45 55.93 10.02
N ARG D 51 9.34 56.29 9.10
CA ARG D 51 9.92 57.62 9.09
C ARG D 51 9.53 58.44 7.88
N VAL D 52 8.48 58.04 7.16
CA VAL D 52 8.11 58.68 5.92
C VAL D 52 6.68 59.17 5.98
N GLY D 53 6.47 60.45 5.63
CA GLY D 53 5.16 61.07 5.61
C GLY D 53 4.76 61.57 4.24
N PHE D 54 3.47 61.82 4.07
CA PHE D 54 2.87 62.13 2.77
C PHE D 54 1.94 63.33 2.96
N ALA D 55 1.95 64.24 1.99
CA ALA D 55 0.99 65.33 1.94
C ALA D 55 0.63 65.56 0.48
N ALA D 56 -0.57 66.08 0.22
CA ALA D 56 -1.00 66.20 -1.15
C ALA D 56 -1.94 67.38 -1.35
N ALA D 57 -1.98 67.90 -2.58
CA ALA D 57 -2.90 68.93 -2.98
C ALA D 57 -3.62 68.52 -4.24
N GLY D 58 -4.89 68.94 -4.37
CA GLY D 58 -5.67 68.69 -5.55
C GLY D 58 -6.96 67.96 -5.24
N LYS D 59 -7.34 67.06 -6.15
CA LYS D 59 -8.55 66.26 -6.03
C LYS D 59 -8.35 65.12 -5.04
N PHE D 60 -9.25 65.01 -4.07
CA PHE D 60 -9.06 64.09 -2.95
C PHE D 60 -8.99 62.63 -3.41
N ASN D 61 -9.97 62.16 -4.18
CA ASN D 61 -10.01 60.73 -4.50
C ASN D 61 -8.75 60.30 -5.21
N GLU D 62 -8.16 61.20 -6.00
CA GLU D 62 -6.97 60.83 -6.75
C GLU D 62 -5.77 60.73 -5.83
N PHE D 63 -5.51 61.76 -5.02
CA PHE D 63 -4.33 61.62 -4.18
C PHE D 63 -4.56 60.64 -3.03
N ASP D 64 -5.80 60.29 -2.72
CA ASP D 64 -6.07 59.19 -1.81
C ASP D 64 -5.77 57.85 -2.48
N ASN D 65 -6.12 57.69 -3.76
CA ASN D 65 -5.67 56.50 -4.46
C ASN D 65 -4.16 56.37 -4.44
N LEU D 66 -3.46 57.48 -4.69
CA LEU D 66 -2.01 57.43 -4.70
C LEU D 66 -1.46 57.17 -3.31
N ARG D 67 -2.10 57.71 -2.27
CA ARG D 67 -1.69 57.45 -0.90
C ARG D 67 -1.85 55.96 -0.56
N ARG D 68 -2.94 55.35 -0.98
CA ARG D 68 -3.10 53.93 -0.74
C ARG D 68 -2.07 53.14 -1.50
N GLY D 69 -1.78 53.53 -2.73
CA GLY D 69 -0.75 52.82 -3.45
C GLY D 69 0.60 52.96 -2.80
N GLY D 70 0.89 54.13 -2.23
CA GLY D 70 2.17 54.32 -1.59
C GLY D 70 2.31 53.49 -0.34
N ILE D 71 1.26 53.46 0.48
CA ILE D 71 1.27 52.62 1.68
C ILE D 71 1.43 51.16 1.30
N GLN D 72 0.73 50.72 0.23
CA GLN D 72 0.87 49.35 -0.22
C GLN D 72 2.29 49.06 -0.66
N PHE D 73 2.90 50.00 -1.37
CA PHE D 73 4.27 49.83 -1.83
C PHE D 73 5.22 49.70 -0.64
N ALA D 74 5.12 50.61 0.31
CA ALA D 74 6.02 50.58 1.45
C ALA D 74 5.83 49.30 2.26
N ASP D 75 4.59 48.96 2.60
CA ASP D 75 4.37 47.79 3.44
C ASP D 75 4.87 46.53 2.74
N THR D 76 4.66 46.45 1.43
CA THR D 76 5.21 45.34 0.68
C THR D 76 6.73 45.34 0.70
N ARG D 77 7.36 46.48 0.50
CA ARG D 77 8.83 46.50 0.49
C ARG D 77 9.41 46.13 1.84
N GLY D 78 8.87 46.65 2.93
CA GLY D 78 9.38 46.25 4.23
C GLY D 78 9.18 44.77 4.47
N TYR D 79 8.12 44.19 4.02
CA TYR D 79 7.93 42.77 4.19
C TYR D 79 8.90 41.92 3.39
N ALA D 80 9.13 42.25 2.15
CA ALA D 80 10.06 41.56 1.30
C ALA D 80 11.47 41.71 1.74
N TYR D 81 11.84 42.89 2.19
CA TYR D 81 13.17 43.15 2.66
C TYR D 81 13.19 43.35 4.15
N ASP D 82 13.35 44.57 4.57
CA ASP D 82 13.28 44.92 5.97
C ASP D 82 12.65 46.26 6.16
N ARG D 83 12.16 46.54 7.34
CA ARG D 83 11.51 47.84 7.48
C ARG D 83 12.46 48.98 7.16
N ARG D 84 13.76 48.82 7.41
CA ARG D 84 14.66 49.94 7.28
C ARG D 84 15.21 50.14 5.88
N ASP D 85 14.90 49.25 4.96
CA ASP D 85 15.15 49.47 3.56
C ASP D 85 14.11 50.34 2.87
N VAL D 86 13.04 50.71 3.53
CA VAL D 86 12.03 51.58 2.94
C VAL D 86 12.44 53.03 3.15
N THR D 87 12.59 53.79 2.07
CA THR D 87 13.08 55.15 2.18
C THR D 87 12.16 56.13 1.47
N GLY D 88 12.32 57.41 1.83
CA GLY D 88 11.57 58.46 1.16
C GLY D 88 11.92 58.59 -0.31
N ARG D 89 13.21 58.51 -0.63
CA ARG D 89 13.64 58.52 -2.02
C ARG D 89 12.91 57.42 -2.81
N GLN D 90 12.77 56.24 -2.22
CA GLN D 90 12.08 55.18 -2.93
C GLN D 90 10.64 55.53 -3.24
N LEU D 91 9.89 55.94 -2.23
CA LEU D 91 8.47 56.24 -2.44
C LEU D 91 8.28 57.41 -3.38
N ALA D 92 9.09 58.46 -3.23
CA ALA D 92 9.00 59.55 -4.18
C ALA D 92 9.22 59.03 -5.59
N ASN D 93 10.23 58.18 -5.74
CA ASN D 93 10.56 57.64 -7.06
C ASN D 93 9.38 56.91 -7.63
N VAL D 94 8.69 56.13 -6.79
CA VAL D 94 7.53 55.39 -7.29
C VAL D 94 6.41 56.34 -7.67
N TYR D 95 6.26 57.44 -6.95
CA TYR D 95 5.21 58.35 -7.34
C TYR D 95 5.53 59.00 -8.66
N ALA D 96 6.80 59.28 -8.91
CA ALA D 96 7.18 59.80 -10.22
C ALA D 96 6.83 58.80 -11.31
N GLN D 97 7.15 57.53 -11.10
CA GLN D 97 6.79 56.53 -12.10
C GLN D 97 5.28 56.44 -12.28
N THR D 98 4.54 56.46 -11.18
CA THR D 98 3.10 56.24 -11.24
C THR D 98 2.39 57.41 -11.86
N LEU D 99 2.68 58.61 -11.41
CA LEU D 99 2.06 59.80 -11.97
C LEU D 99 2.49 60.01 -13.41
N GLY D 100 3.68 59.53 -13.78
CA GLY D 100 4.06 59.55 -15.18
C GLY D 100 3.14 58.68 -16.02
N THR D 101 2.96 57.43 -15.62
CA THR D 101 2.04 56.57 -16.37
C THR D 101 0.62 57.11 -16.36
N ILE D 102 0.13 57.55 -15.21
CA ILE D 102 -1.21 58.11 -15.17
C ILE D 102 -1.29 59.28 -16.13
N PHE D 103 -0.30 60.16 -16.11
CA PHE D 103 -0.34 61.36 -16.92
C PHE D 103 -0.34 61.07 -18.41
N THR D 104 0.27 59.97 -18.88
CA THR D 104 0.24 59.77 -20.32
C THR D 104 -0.83 58.78 -20.80
N GLU D 105 -1.23 57.81 -19.98
CA GLU D 105 -2.07 56.71 -20.43
C GLU D 105 -3.47 56.69 -19.86
N GLN D 106 -3.75 57.38 -18.77
CA GLN D 106 -5.09 57.27 -18.24
C GLN D 106 -6.10 58.13 -18.99
N ALA D 107 -7.37 57.84 -18.74
CA ALA D 107 -8.43 58.58 -19.38
C ALA D 107 -8.35 60.06 -19.04
N LYS D 108 -8.07 60.40 -17.78
CA LYS D 108 -7.84 61.76 -17.33
C LYS D 108 -6.60 61.83 -16.47
N PRO D 109 -5.74 62.84 -16.62
CA PRO D 109 -4.62 62.99 -15.69
C PRO D 109 -5.10 63.30 -14.28
N TYR D 110 -4.29 62.91 -13.30
CA TYR D 110 -4.64 63.21 -11.91
C TYR D 110 -4.37 64.68 -11.60
N GLU D 111 -5.35 65.31 -10.97
CA GLU D 111 -5.22 66.70 -10.52
C GLU D 111 -4.53 66.73 -9.15
N VAL D 112 -3.25 66.30 -9.09
CA VAL D 112 -2.59 66.22 -7.79
C VAL D 112 -1.14 66.67 -7.85
N GLU D 113 -0.66 67.09 -6.69
CA GLU D 113 0.73 67.36 -6.39
C GLU D 113 1.03 66.73 -5.06
N LEU D 114 2.15 66.03 -4.95
CA LEU D 114 2.48 65.22 -3.79
C LEU D 114 3.75 65.72 -3.14
N CYS D 115 3.86 65.47 -1.86
CA CYS D 115 5.06 65.68 -1.09
C CYS D 115 5.33 64.42 -0.27
N VAL D 116 6.55 63.91 -0.39
CA VAL D 116 7.00 62.79 0.41
C VAL D 116 8.12 63.31 1.27
N ALA D 117 8.05 63.08 2.56
CA ALA D 117 9.07 63.59 3.47
C ALA D 117 9.66 62.46 4.30
N GLU D 118 10.95 62.57 4.61
CA GLU D 118 11.60 61.57 5.44
C GLU D 118 12.46 62.23 6.51
N VAL D 119 12.41 61.68 7.72
CA VAL D 119 13.26 62.13 8.81
C VAL D 119 14.22 61.02 9.23
N ALA D 120 15.15 61.37 10.09
CA ALA D 120 16.14 60.40 10.51
C ALA D 120 15.51 59.32 11.36
N HIS D 121 16.21 58.20 11.43
CA HIS D 121 15.84 57.19 12.38
C HIS D 121 16.27 57.61 13.78
N TYR D 122 15.68 56.97 14.77
CA TYR D 122 15.94 57.38 16.14
C TYR D 122 17.43 57.29 16.42
N GLY D 123 17.98 58.38 16.94
CA GLY D 123 19.38 58.39 17.25
C GLY D 123 20.32 58.55 16.08
N GLU D 124 19.82 58.83 14.88
CA GLU D 124 20.71 59.06 13.76
C GLU D 124 20.67 60.54 13.43
N THR D 125 21.75 61.02 12.87
CA THR D 125 21.87 62.45 12.55
C THR D 125 21.91 62.50 11.04
N LYS D 126 20.80 62.86 10.43
CA LYS D 126 20.72 62.97 9.00
C LYS D 126 19.69 64.03 8.70
N ARG D 127 20.03 64.97 7.82
CA ARG D 127 19.12 66.05 7.53
C ARG D 127 17.83 65.50 6.95
N PRO D 128 16.69 66.16 7.23
CA PRO D 128 15.42 65.74 6.63
C PRO D 128 15.45 65.88 5.11
N GLU D 129 14.60 65.09 4.44
CA GLU D 129 14.45 65.16 2.99
C GLU D 129 13.02 65.49 2.61
N LEU D 130 12.85 66.41 1.65
CA LEU D 130 11.52 66.71 1.13
C LEU D 130 11.53 66.50 -0.37
N TYR D 131 10.51 65.82 -0.88
CA TYR D 131 10.40 65.56 -2.30
C TYR D 131 9.05 66.07 -2.72
N ARG D 132 9.01 66.76 -3.84
CA ARG D 132 7.75 67.17 -4.44
C ARG D 132 7.62 66.43 -5.76
N ILE D 133 6.43 65.90 -6.03
CA ILE D 133 6.13 65.19 -7.26
C ILE D 133 4.90 65.83 -7.87
N THR D 134 4.99 66.25 -9.12
CA THR D 134 3.88 66.93 -9.75
C THR D 134 3.09 66.02 -10.69
N TYR D 135 2.01 66.55 -11.24
CA TYR D 135 1.03 65.76 -11.97
C TYR D 135 1.60 65.01 -13.17
N ASP D 136 2.76 65.40 -13.68
CA ASP D 136 3.31 64.76 -14.88
C ASP D 136 4.47 63.83 -14.60
N GLY D 137 4.76 63.56 -13.32
CA GLY D 137 5.87 62.74 -12.93
C GLY D 137 7.16 63.48 -12.67
N SER D 138 7.14 64.81 -12.74
CA SER D 138 8.33 65.58 -12.39
C SER D 138 8.58 65.51 -10.90
N ILE D 139 9.83 65.33 -10.54
CA ILE D 139 10.23 65.12 -9.16
C ILE D 139 11.34 66.10 -8.81
N ALA D 140 11.26 66.67 -7.62
CA ALA D 140 12.20 67.68 -7.17
C ALA D 140 12.61 67.40 -5.75
N ASP D 141 13.88 67.60 -5.49
CA ASP D 141 14.46 67.37 -4.19
C ASP D 141 14.64 68.72 -3.51
N GLU D 142 14.00 68.91 -2.36
CA GLU D 142 14.04 70.18 -1.68
C GLU D 142 14.61 70.04 -0.28
N PRO D 143 15.43 71.02 0.11
CA PRO D 143 16.21 70.95 1.35
C PRO D 143 15.54 71.62 2.53
N HIS D 144 14.67 72.62 2.28
CA HIS D 144 14.10 73.39 3.38
C HIS D 144 12.58 73.29 3.47
N PHE D 145 11.87 73.50 2.37
CA PHE D 145 10.41 73.50 2.41
C PHE D 145 9.85 73.19 1.03
N VAL D 146 8.57 72.82 1.02
CA VAL D 146 7.80 72.49 -0.17
C VAL D 146 6.45 73.17 -0.01
N VAL D 147 5.96 73.78 -1.09
CA VAL D 147 4.64 74.39 -1.14
C VAL D 147 3.86 73.77 -2.29
N MET D 148 2.59 73.43 -2.05
CA MET D 148 1.75 72.78 -3.04
C MET D 148 0.32 73.29 -2.99
N GLY D 149 -0.27 73.46 -4.17
CA GLY D 149 -1.68 73.76 -4.26
C GLY D 149 -1.97 75.25 -4.19
N GLY D 150 -3.05 75.64 -4.88
CA GLY D 150 -3.43 77.03 -4.86
C GLY D 150 -2.39 77.92 -5.52
N THR D 151 -2.32 79.15 -5.01
CA THR D 151 -1.39 80.15 -5.52
C THR D 151 -0.10 79.97 -4.73
N THR D 152 0.87 79.29 -5.33
CA THR D 152 2.03 78.89 -4.56
C THR D 152 3.02 80.03 -4.39
N GLU D 153 3.20 80.87 -5.42
CA GLU D 153 4.25 81.88 -5.41
C GLU D 153 4.27 82.74 -4.16
N PRO D 154 3.17 83.38 -3.74
CA PRO D 154 3.22 84.14 -2.48
C PRO D 154 3.74 83.33 -1.31
N ILE D 155 3.24 82.11 -1.16
CA ILE D 155 3.59 81.31 0.02
C ILE D 155 5.06 81.01 -0.01
N ALA D 156 5.56 80.70 -1.21
CA ALA D 156 6.97 80.44 -1.38
C ALA D 156 7.78 81.64 -0.96
N ASN D 157 7.37 82.84 -1.36
CA ASN D 157 8.21 83.99 -1.05
C ASN D 157 8.21 84.28 0.44
N ALA D 158 7.03 84.22 1.07
CA ALA D 158 6.99 84.40 2.52
C ALA D 158 7.93 83.45 3.22
N LEU D 159 7.96 82.18 2.81
CA LEU D 159 8.86 81.24 3.46
C LEU D 159 10.33 81.53 3.14
N LYS D 160 10.64 81.98 1.92
CA LYS D 160 12.05 82.25 1.65
C LYS D 160 12.56 83.38 2.53
N GLU D 161 11.71 84.35 2.85
CA GLU D 161 12.21 85.40 3.74
C GLU D 161 12.17 85.00 5.21
N SER D 162 11.21 84.18 5.62
CA SER D 162 11.06 83.84 7.04
C SER D 162 11.66 82.51 7.46
N TYR D 163 12.11 81.67 6.53
CA TYR D 163 12.55 80.35 6.93
C TYR D 163 13.94 80.41 7.53
N ALA D 164 14.11 79.72 8.64
CA ALA D 164 15.42 79.51 9.23
C ALA D 164 15.55 78.02 9.51
N GLU D 165 16.73 77.45 9.26
CA GLU D 165 16.92 76.06 9.59
C GLU D 165 16.82 75.89 11.11
N ASN D 166 16.98 74.68 11.60
CA ASN D 166 16.90 74.34 13.03
C ASN D 166 15.97 75.21 13.88
N ALA D 167 14.84 75.62 13.34
CA ALA D 167 13.86 76.32 14.14
C ALA D 167 13.12 75.36 15.05
N SER D 168 12.51 75.88 16.09
CA SER D 168 11.72 75.03 16.94
C SER D 168 10.39 74.73 16.27
N LEU D 169 9.67 73.74 16.80
CA LEU D 169 8.38 73.42 16.22
C LEU D 169 7.46 74.62 16.27
N THR D 170 7.43 75.33 17.38
CA THR D 170 6.50 76.45 17.51
C THR D 170 6.81 77.55 16.53
N ASP D 171 8.09 77.89 16.40
CA ASP D 171 8.46 78.90 15.43
C ASP D 171 8.08 78.43 14.04
N ALA D 172 8.37 77.16 13.72
CA ALA D 172 8.05 76.64 12.41
C ALA D 172 6.58 76.74 12.11
N LEU D 173 5.74 76.42 13.09
CA LEU D 173 4.30 76.50 12.89
C LEU D 173 3.85 77.92 12.63
N ARG D 174 4.43 78.89 13.35
CA ARG D 174 4.10 80.28 13.09
C ARG D 174 4.51 80.71 11.69
N ILE D 175 5.71 80.32 11.27
CA ILE D 175 6.20 80.68 9.93
C ILE D 175 5.34 80.05 8.85
N ALA D 176 4.96 78.80 9.06
CA ALA D 176 4.15 78.09 8.10
C ALA D 176 2.78 78.73 7.96
N VAL D 177 2.15 79.03 9.10
CA VAL D 177 0.82 79.64 9.09
C VAL D 177 0.88 81.02 8.48
N ALA D 178 1.95 81.77 8.79
CA ALA D 178 2.13 83.07 8.18
C ALA D 178 2.15 82.96 6.67
N ALA D 179 2.99 82.06 6.14
CA ALA D 179 3.08 81.90 4.70
C ALA D 179 1.75 81.45 4.10
N LEU D 180 1.01 80.61 4.83
CA LEU D 180 -0.29 80.19 4.33
C LEU D 180 -1.22 81.37 4.14
N ARG D 181 -1.29 82.27 5.13
CA ARG D 181 -2.20 83.41 5.01
C ARG D 181 -1.67 84.44 4.01
N ALA D 182 -0.36 84.59 3.94
CA ALA D 182 0.24 85.40 2.89
C ALA D 182 -0.14 84.91 1.50
N GLY D 183 -0.48 83.63 1.37
CA GLY D 183 -0.89 83.15 0.06
C GLY D 183 -2.35 83.37 -0.27
N SER D 184 -2.98 84.32 0.42
CA SER D 184 -4.39 84.61 0.17
C SER D 184 -4.78 85.98 0.71
N GLY D 196 -7.98 81.16 10.05
CA GLY D 196 -8.50 80.20 11.01
C GLY D 196 -7.54 79.05 11.34
N VAL D 197 -7.01 79.06 12.57
CA VAL D 197 -6.08 78.01 13.00
C VAL D 197 -6.79 76.68 13.27
N ALA D 198 -8.09 76.69 13.59
CA ALA D 198 -8.92 75.50 13.71
C ALA D 198 -9.39 74.94 12.36
N SER D 199 -8.97 75.57 11.27
CA SER D 199 -9.32 75.14 9.92
C SER D 199 -8.08 74.59 9.22
N LEU D 200 -7.17 74.04 10.03
CA LEU D 200 -5.89 73.52 9.57
C LEU D 200 -5.76 72.05 9.91
N GLU D 201 -5.03 71.35 9.06
CA GLU D 201 -4.63 69.97 9.30
C GLU D 201 -3.12 70.00 9.52
N VAL D 202 -2.66 69.53 10.67
CA VAL D 202 -1.27 69.67 11.08
C VAL D 202 -0.74 68.32 11.50
N ALA D 203 0.49 68.00 11.10
CA ALA D 203 1.13 66.78 11.59
C ALA D 203 2.64 66.95 11.50
N VAL D 204 3.35 66.11 12.23
CA VAL D 204 4.81 66.16 12.18
C VAL D 204 5.35 64.76 11.99
N LEU D 205 6.49 64.72 11.35
CA LEU D 205 7.39 63.60 11.40
C LEU D 205 8.39 63.97 12.47
N ASP D 206 8.27 63.33 13.63
CA ASP D 206 9.05 63.66 14.82
C ASP D 206 10.26 62.74 14.88
N ALA D 207 11.43 63.27 14.51
CA ALA D 207 12.60 62.42 14.48
C ALA D 207 12.97 61.90 15.85
N ASN D 208 12.32 62.39 16.90
CA ASN D 208 12.68 61.98 18.25
C ASN D 208 11.92 60.76 18.73
N ARG D 209 10.74 60.54 18.21
CA ARG D 209 10.01 59.32 18.44
C ARG D 209 10.78 58.06 18.03
N PRO D 210 10.72 56.99 18.83
CA PRO D 210 11.58 55.81 18.63
C PRO D 210 11.32 55.01 17.35
N ARG D 211 10.08 54.64 17.05
CA ARG D 211 9.81 53.90 15.83
C ARG D 211 8.97 54.69 14.84
N ARG D 212 7.67 54.89 15.09
CA ARG D 212 6.80 55.61 14.16
C ARG D 212 6.87 57.10 14.43
N ALA D 213 7.33 57.85 13.44
CA ALA D 213 7.57 59.28 13.58
C ALA D 213 6.33 60.13 13.37
N PHE D 214 5.32 59.63 12.68
CA PHE D 214 4.17 60.43 12.30
C PHE D 214 3.23 60.65 13.47
N ARG D 215 2.82 61.90 13.68
CA ARG D 215 1.83 62.20 14.71
C ARG D 215 1.02 63.43 14.33
N ARG D 216 -0.29 63.32 14.49
CA ARG D 216 -1.12 64.45 14.20
C ARG D 216 -1.16 65.35 15.42
N ILE D 217 -1.32 66.64 15.18
CA ILE D 217 -1.45 67.63 16.24
C ILE D 217 -2.81 68.28 16.07
N THR D 218 -3.69 68.00 17.00
CA THR D 218 -5.08 68.41 16.89
C THR D 218 -5.49 69.03 18.21
N GLY D 219 -6.43 69.96 18.13
CA GLY D 219 -7.16 70.40 19.31
C GLY D 219 -6.27 71.04 20.35
N SER D 220 -6.42 70.57 21.58
CA SER D 220 -5.71 71.19 22.70
C SER D 220 -4.20 71.12 22.50
N ALA D 221 -3.69 69.99 22.02
CA ALA D 221 -2.25 69.92 21.74
C ALA D 221 -1.86 70.94 20.67
N LEU D 222 -2.69 71.11 19.65
CA LEU D 222 -2.35 72.05 18.60
C LEU D 222 -2.31 73.47 19.15
N GLN D 223 -3.28 73.85 19.97
CA GLN D 223 -3.21 75.16 20.60
C GLN D 223 -1.98 75.25 21.51
N ALA D 224 -1.72 74.21 22.29
CA ALA D 224 -0.51 74.18 23.10
C ALA D 224 0.74 74.27 22.26
N LEU D 225 0.60 74.26 20.94
CA LEU D 225 1.76 74.53 20.10
C LEU D 225 1.95 76.00 19.82
N LEU D 226 0.90 76.83 19.88
CA LEU D 226 1.10 78.26 19.66
C LEU D 226 1.29 79.02 20.95
N VAL D 227 2.04 78.46 21.89
CA VAL D 227 2.38 79.13 23.13
C VAL D 227 3.86 79.44 23.14
N ASP D 228 4.20 80.70 23.39
CA ASP D 228 5.60 81.09 23.50
C ASP D 228 6.32 80.21 24.52
N GLN D 229 7.53 79.79 24.16
CA GLN D 229 8.32 78.87 24.97
C GLN D 229 9.52 79.52 25.64
N GLU D 230 9.93 80.70 25.21
CA GLU D 230 11.16 81.30 25.72
C GLU D 230 11.02 81.70 27.19
N SER D 231 12.07 81.42 27.97
CA SER D 231 11.91 81.52 29.42
C SER D 231 11.74 82.95 29.88
N PRO D 232 12.58 83.94 29.51
CA PRO D 232 12.15 85.33 29.64
C PRO D 232 11.67 85.83 28.30
N GLN D 233 10.54 86.52 28.27
CA GLN D 233 9.97 86.92 26.98
C GLN D 233 10.38 88.34 26.55
N SER D 234 10.44 89.29 27.48
CA SER D 234 10.85 90.65 27.12
C SER D 234 12.30 90.71 26.59
N MET E 1 -0.07 59.91 -40.25
CA MET E 1 1.13 59.09 -40.14
C MET E 1 2.40 59.90 -40.24
N GLU E 2 2.72 60.40 -41.44
CA GLU E 2 4.00 61.08 -41.61
C GLU E 2 4.10 62.32 -40.73
N GLN E 3 2.97 62.93 -40.40
CA GLN E 3 3.06 63.99 -39.41
C GLN E 3 2.82 63.47 -37.99
N ALA E 4 2.08 62.39 -37.81
CA ALA E 4 2.02 61.78 -36.48
C ALA E 4 3.44 61.51 -35.93
N MET E 5 4.31 60.89 -36.76
CA MET E 5 5.68 60.65 -36.35
C MET E 5 6.47 61.92 -36.24
N ARG E 6 6.06 62.98 -36.94
CA ARG E 6 6.75 64.25 -36.78
C ARG E 6 6.38 64.94 -35.46
N GLU E 7 5.10 64.98 -35.12
CA GLU E 7 4.68 65.54 -33.85
C GLU E 7 5.32 64.77 -32.71
N ARG E 8 5.36 63.44 -32.82
CA ARG E 8 6.06 62.68 -31.80
C ARG E 8 7.53 63.05 -31.74
N SER E 9 8.17 63.16 -32.90
CA SER E 9 9.58 63.51 -32.92
C SER E 9 9.81 64.88 -32.27
N GLU E 10 8.94 65.84 -32.53
CA GLU E 10 9.22 67.17 -32.03
C GLU E 10 8.87 67.30 -30.56
N LEU E 11 7.84 66.58 -30.10
CA LEU E 11 7.59 66.53 -28.68
C LEU E 11 8.82 65.99 -27.96
N ALA E 12 9.39 64.90 -28.46
CA ALA E 12 10.57 64.36 -27.82
C ALA E 12 11.70 65.37 -27.85
N ARG E 13 11.99 65.94 -29.02
CA ARG E 13 13.18 66.75 -29.14
C ARG E 13 13.06 68.01 -28.30
N LYS E 14 11.89 68.66 -28.29
CA LYS E 14 11.72 69.85 -27.46
C LYS E 14 11.80 69.50 -25.98
N GLY E 15 11.27 68.34 -25.59
CA GLY E 15 11.46 67.92 -24.22
C GLY E 15 12.91 67.80 -23.82
N ILE E 16 13.71 67.11 -24.64
CA ILE E 16 15.12 66.93 -24.29
C ILE E 16 15.87 68.25 -24.32
N ALA E 17 15.54 69.11 -25.29
CA ALA E 17 16.22 70.40 -25.36
C ALA E 17 15.89 71.26 -24.14
N ARG E 18 14.78 71.03 -23.48
CA ARG E 18 14.57 71.74 -22.23
C ARG E 18 15.27 71.11 -21.03
N ALA E 19 15.97 70.00 -21.18
CA ALA E 19 16.50 69.30 -20.01
C ALA E 19 17.90 69.77 -19.69
N LYS E 20 18.36 69.44 -18.48
CA LYS E 20 19.74 69.76 -18.15
C LYS E 20 20.65 68.75 -18.82
N SER E 21 21.90 69.14 -19.05
CA SER E 21 22.82 68.45 -19.95
C SER E 21 23.74 67.50 -19.19
N VAL E 22 24.24 66.51 -19.92
CA VAL E 22 25.13 65.48 -19.41
C VAL E 22 26.23 65.25 -20.42
N VAL E 23 27.46 65.03 -19.94
CA VAL E 23 28.61 64.71 -20.77
C VAL E 23 29.25 63.43 -20.26
N ALA E 24 29.72 62.62 -21.20
CA ALA E 24 30.49 61.44 -20.86
C ALA E 24 31.73 61.46 -21.73
N LEU E 25 32.90 61.27 -21.15
CA LEU E 25 34.09 61.26 -21.98
C LEU E 25 35.09 60.25 -21.48
N ALA E 26 35.87 59.72 -22.40
CA ALA E 26 36.91 58.77 -22.05
C ALA E 26 38.11 59.55 -21.53
N TYR E 27 38.70 59.05 -20.45
CA TYR E 27 39.89 59.68 -19.92
C TYR E 27 40.84 58.58 -19.48
N ALA E 28 42.02 58.96 -19.01
CA ALA E 28 43.09 57.99 -18.79
C ALA E 28 42.65 56.81 -17.92
N GLY E 29 41.77 57.04 -16.95
CA GLY E 29 41.41 55.97 -16.06
C GLY E 29 40.16 55.21 -16.42
N GLY E 30 39.53 55.51 -17.55
CA GLY E 30 38.28 54.88 -17.86
C GLY E 30 37.31 55.84 -18.53
N VAL E 31 36.14 56.00 -17.95
CA VAL E 31 35.14 56.90 -18.49
C VAL E 31 34.65 57.81 -17.38
N LEU E 32 34.46 59.07 -17.69
CA LEU E 32 33.98 60.05 -16.72
C LEU E 32 32.61 60.55 -17.13
N PHE E 33 31.68 60.56 -16.18
CA PHE E 33 30.30 61.04 -16.35
C PHE E 33 30.08 62.29 -15.52
N VAL E 34 29.62 63.37 -16.16
CA VAL E 34 29.37 64.62 -15.48
C VAL E 34 28.02 65.14 -15.92
N ALA E 35 27.14 65.42 -14.96
CA ALA E 35 25.80 65.89 -15.25
C ALA E 35 25.43 67.10 -14.40
N GLU E 36 24.72 68.05 -14.99
CA GLU E 36 24.14 69.13 -14.21
C GLU E 36 23.02 68.56 -13.37
N ASN E 37 23.16 68.61 -12.08
CA ASN E 37 22.15 67.99 -11.27
C ASN E 37 22.06 68.66 -9.91
N PRO E 38 21.03 69.47 -9.69
CA PRO E 38 20.83 70.08 -8.37
C PRO E 38 20.54 69.08 -7.28
N SER E 39 19.97 67.94 -7.61
CA SER E 39 19.51 67.03 -6.58
C SER E 39 20.66 66.50 -5.74
N ARG E 40 20.39 66.37 -4.46
CA ARG E 40 21.28 65.67 -3.55
C ARG E 40 21.11 64.16 -3.62
N SER E 41 19.96 63.66 -4.10
CA SER E 41 19.67 62.24 -4.01
C SER E 41 19.09 61.60 -5.27
N LEU E 42 18.70 62.36 -6.27
CA LEU E 42 18.11 61.78 -7.46
C LEU E 42 19.18 61.67 -8.54
N GLN E 43 19.40 60.47 -9.03
CA GLN E 43 20.56 60.21 -9.86
C GLN E 43 20.18 60.18 -11.34
N LYS E 44 21.02 60.82 -12.19
CA LYS E 44 21.01 60.68 -13.64
C LYS E 44 22.12 59.76 -14.15
N ILE E 45 23.05 59.37 -13.29
CA ILE E 45 24.19 58.54 -13.69
C ILE E 45 24.19 57.30 -12.81
N SER E 46 24.44 56.15 -13.42
CA SER E 46 24.29 54.93 -12.67
C SER E 46 25.18 53.81 -13.20
N GLU E 47 25.43 52.86 -12.32
CA GLU E 47 26.02 51.59 -12.73
C GLU E 47 24.99 50.73 -13.47
N LEU E 48 25.41 50.06 -14.53
CA LEU E 48 24.62 49.01 -15.17
C LEU E 48 25.15 47.62 -14.87
N TYR E 49 26.44 47.38 -15.09
CA TYR E 49 27.04 46.09 -14.80
C TYR E 49 28.47 46.35 -14.41
N ASP E 50 29.22 45.26 -14.13
CA ASP E 50 30.57 45.36 -13.56
C ASP E 50 31.37 46.51 -14.16
N ARG E 51 31.50 46.49 -15.48
CA ARG E 51 32.31 47.46 -16.19
C ARG E 51 31.45 48.37 -17.07
N VAL E 52 30.15 48.45 -16.84
CA VAL E 52 29.27 49.16 -17.77
C VAL E 52 28.46 50.19 -17.01
N GLY E 53 28.46 51.43 -17.52
CA GLY E 53 27.75 52.53 -16.90
C GLY E 53 26.72 53.18 -17.80
N PHE E 54 25.86 54.01 -17.16
CA PHE E 54 24.66 54.59 -17.75
C PHE E 54 24.58 56.07 -17.40
N ALA E 55 24.13 56.89 -18.35
CA ALA E 55 23.84 58.29 -18.07
C ALA E 55 22.69 58.72 -18.96
N ALA E 56 21.93 59.70 -18.50
CA ALA E 56 20.72 60.05 -19.22
C ALA E 56 20.36 61.51 -19.05
N ALA E 57 19.69 62.04 -20.05
CA ALA E 57 19.12 63.38 -20.01
C ALA E 57 17.64 63.30 -20.37
N GLY E 58 16.84 64.18 -19.77
CA GLY E 58 15.43 64.26 -20.08
C GLY E 58 14.58 64.14 -18.84
N LYS E 59 13.40 63.53 -19.01
CA LYS E 59 12.44 63.35 -17.93
C LYS E 59 12.88 62.23 -17.00
N PHE E 60 12.91 62.52 -15.70
CA PHE E 60 13.50 61.60 -14.73
C PHE E 60 12.78 60.26 -14.70
N ASN E 61 11.46 60.26 -14.56
CA ASN E 61 10.78 58.97 -14.42
C ASN E 61 11.00 58.08 -15.63
N GLU E 62 11.14 58.69 -16.81
CA GLU E 62 11.25 57.91 -18.02
C GLU E 62 12.63 57.29 -18.14
N PHE E 63 13.67 58.09 -17.96
CA PHE E 63 14.98 57.47 -18.08
C PHE E 63 15.29 56.63 -16.85
N ASP E 64 14.59 56.84 -15.75
CA ASP E 64 14.77 55.93 -14.63
C ASP E 64 14.13 54.60 -14.90
N ASN E 65 12.95 54.58 -15.54
CA ASN E 65 12.41 53.30 -15.98
C ASN E 65 13.38 52.60 -16.89
N LEU E 66 13.98 53.33 -17.82
CA LEU E 66 14.93 52.68 -18.72
C LEU E 66 16.16 52.18 -17.99
N ARG E 67 16.63 52.94 -17.00
CA ARG E 67 17.79 52.52 -16.21
C ARG E 67 17.48 51.22 -15.50
N ARG E 68 16.29 51.10 -14.92
CA ARG E 68 15.94 49.85 -14.26
C ARG E 68 15.82 48.70 -15.25
N GLY E 69 15.21 48.93 -16.40
CA GLY E 69 15.12 47.86 -17.36
C GLY E 69 16.48 47.40 -17.86
N GLY E 70 17.42 48.33 -17.97
CA GLY E 70 18.75 47.94 -18.35
C GLY E 70 19.42 47.12 -17.28
N ILE E 71 19.25 47.51 -16.02
CA ILE E 71 19.82 46.69 -14.96
C ILE E 71 19.19 45.30 -14.97
N GLN E 72 17.88 45.23 -15.13
CA GLN E 72 17.20 43.93 -15.17
C GLN E 72 17.75 43.07 -16.29
N PHE E 73 17.94 43.66 -17.47
CA PHE E 73 18.49 42.91 -18.60
C PHE E 73 19.87 42.39 -18.29
N ALA E 74 20.76 43.27 -17.84
CA ALA E 74 22.14 42.86 -17.62
C ALA E 74 22.23 41.78 -16.55
N ASP E 75 21.58 41.99 -15.40
CA ASP E 75 21.67 41.00 -14.34
C ASP E 75 21.11 39.67 -14.80
N THR E 76 20.03 39.69 -15.57
CA THR E 76 19.45 38.46 -16.09
C THR E 76 20.40 37.74 -17.03
N ARG E 77 21.01 38.46 -17.96
CA ARG E 77 21.92 37.81 -18.91
C ARG E 77 23.17 37.31 -18.22
N GLY E 78 23.75 38.09 -17.32
CA GLY E 78 24.92 37.62 -16.60
C GLY E 78 24.62 36.37 -15.80
N TYR E 79 23.45 36.28 -15.24
CA TYR E 79 23.04 35.08 -14.55
C TYR E 79 22.80 33.89 -15.48
N ALA E 80 22.17 34.12 -16.61
CA ALA E 80 21.92 33.09 -17.57
C ALA E 80 23.14 32.54 -18.23
N TYR E 81 24.09 33.39 -18.53
CA TYR E 81 25.34 32.98 -19.15
C TYR E 81 26.45 33.18 -18.17
N ASP E 82 27.23 34.22 -18.33
CA ASP E 82 28.26 34.55 -17.35
C ASP E 82 28.42 36.03 -17.24
N ARG E 83 29.03 36.46 -16.16
CA ARG E 83 29.17 37.89 -15.99
C ARG E 83 29.99 38.53 -17.09
N ARG E 84 30.81 37.74 -17.75
CA ARG E 84 31.68 38.27 -18.74
C ARG E 84 31.12 38.35 -20.10
N ASP E 85 29.93 37.84 -20.22
CA ASP E 85 29.19 37.85 -21.46
C ASP E 85 28.32 39.08 -21.64
N VAL E 86 28.19 39.90 -20.60
CA VAL E 86 27.42 41.15 -20.64
C VAL E 86 28.32 42.25 -21.16
N THR E 87 27.89 42.93 -22.19
CA THR E 87 28.73 43.95 -22.81
C THR E 87 27.93 45.24 -22.96
N GLY E 88 28.67 46.33 -23.11
CA GLY E 88 28.02 47.59 -23.36
C GLY E 88 27.29 47.60 -24.68
N ARG E 89 27.92 47.07 -25.73
CA ARG E 89 27.24 46.95 -27.02
C ARG E 89 25.88 46.26 -26.88
N GLN E 90 25.80 45.19 -26.09
CA GLN E 90 24.51 44.54 -25.79
C GLN E 90 23.50 45.50 -25.19
N LEU E 91 23.87 46.20 -24.12
CA LEU E 91 22.92 47.10 -23.48
C LEU E 91 22.53 48.24 -24.40
N ALA E 92 23.50 48.79 -25.14
CA ALA E 92 23.19 49.84 -26.09
C ALA E 92 22.15 49.36 -27.10
N ASN E 93 22.33 48.15 -27.61
CA ASN E 93 21.42 47.55 -28.57
C ASN E 93 20.02 47.33 -27.99
N VAL E 94 19.95 46.86 -26.75
CA VAL E 94 18.67 46.62 -26.13
C VAL E 94 17.95 47.95 -25.89
N TYR E 95 18.72 48.98 -25.58
CA TYR E 95 18.13 50.28 -25.42
C TYR E 95 17.61 50.82 -26.75
N ALA E 96 18.33 50.53 -27.82
CA ALA E 96 17.86 50.94 -29.13
C ALA E 96 16.50 50.30 -29.46
N GLN E 97 16.40 48.98 -29.28
CA GLN E 97 15.14 48.28 -29.55
C GLN E 97 14.00 48.82 -28.69
N THR E 98 14.30 49.07 -27.41
CA THR E 98 13.27 49.51 -26.49
C THR E 98 12.77 50.89 -26.81
N LEU E 99 13.69 51.83 -27.04
CA LEU E 99 13.26 53.19 -27.38
C LEU E 99 12.59 53.23 -28.72
N GLY E 100 12.94 52.32 -29.63
CA GLY E 100 12.21 52.24 -30.87
C GLY E 100 10.76 51.87 -30.63
N THR E 101 10.53 50.80 -29.88
CA THR E 101 9.15 50.44 -29.57
C THR E 101 8.43 51.56 -28.84
N ILE E 102 9.09 52.17 -27.84
CA ILE E 102 8.45 53.25 -27.11
C ILE E 102 8.06 54.36 -28.07
N PHE E 103 8.99 54.72 -28.96
CA PHE E 103 8.76 55.86 -29.81
C PHE E 103 7.59 55.63 -30.76
N THR E 104 7.38 54.40 -31.19
CA THR E 104 6.29 54.23 -32.13
C THR E 104 4.97 53.81 -31.51
N GLU E 105 4.94 53.12 -30.37
CA GLU E 105 3.71 52.47 -29.97
C GLU E 105 3.11 52.98 -28.65
N GLN E 106 3.86 53.68 -27.81
CA GLN E 106 3.32 54.12 -26.56
C GLN E 106 2.51 55.40 -26.74
N ALA E 107 1.74 55.77 -25.70
CA ALA E 107 0.92 56.97 -25.78
C ALA E 107 1.76 58.21 -26.03
N LYS E 108 2.85 58.38 -25.27
CA LYS E 108 3.75 59.49 -25.49
C LYS E 108 5.17 58.95 -25.58
N PRO E 109 5.96 59.43 -26.54
CA PRO E 109 7.34 59.03 -26.60
C PRO E 109 8.10 59.49 -25.38
N TYR E 110 9.18 58.77 -25.08
CA TYR E 110 10.02 59.13 -23.96
C TYR E 110 10.94 60.27 -24.35
N GLU E 111 10.95 61.32 -23.54
CA GLU E 111 11.83 62.47 -23.72
C GLU E 111 13.16 62.19 -23.00
N VAL E 112 13.95 61.29 -23.59
CA VAL E 112 15.20 60.89 -22.96
C VAL E 112 16.24 60.79 -24.06
N GLU E 113 17.50 60.92 -23.64
CA GLU E 113 18.65 60.57 -24.45
C GLU E 113 19.58 59.82 -23.52
N LEU E 114 20.09 58.69 -23.97
CA LEU E 114 20.83 57.76 -23.11
C LEU E 114 22.27 57.60 -23.59
N CYS E 115 23.15 57.28 -22.66
CA CYS E 115 24.52 56.91 -22.97
C CYS E 115 24.87 55.67 -22.20
N VAL E 116 25.38 54.67 -22.91
CA VAL E 116 25.93 53.46 -22.32
C VAL E 116 27.43 53.45 -22.57
N ALA E 117 28.21 53.24 -21.53
CA ALA E 117 29.67 53.28 -21.64
C ALA E 117 30.30 52.04 -21.05
N GLU E 118 31.40 51.60 -21.67
CA GLU E 118 32.12 50.43 -21.18
C GLU E 118 33.63 50.68 -21.15
N VAL E 119 34.26 50.21 -20.10
CA VAL E 119 35.71 50.22 -19.99
C VAL E 119 36.21 48.77 -19.98
N ALA E 120 37.52 48.63 -20.00
CA ALA E 120 38.14 47.33 -20.02
C ALA E 120 37.92 46.56 -18.73
N HIS E 121 38.07 45.25 -18.83
CA HIS E 121 38.14 44.49 -17.61
C HIS E 121 39.51 44.70 -16.97
N TYR E 122 39.60 44.42 -15.68
CA TYR E 122 40.83 44.72 -14.96
C TYR E 122 42.02 44.01 -15.58
N GLY E 123 43.10 44.75 -15.79
CA GLY E 123 44.26 44.14 -16.36
C GLY E 123 44.20 43.91 -17.83
N GLU E 124 43.15 44.36 -18.51
CA GLU E 124 43.10 44.23 -19.94
C GLU E 124 43.20 45.61 -20.53
N THR E 125 43.71 45.71 -21.74
CA THR E 125 43.90 47.00 -22.38
C THR E 125 42.91 47.03 -23.52
N LYS E 126 41.84 47.77 -23.31
CA LYS E 126 40.74 47.93 -24.25
C LYS E 126 40.30 49.37 -24.14
N ARG E 127 40.02 49.94 -25.25
CA ARG E 127 39.65 51.33 -25.29
C ARG E 127 38.21 51.45 -24.83
N PRO E 128 37.86 52.52 -24.11
CA PRO E 128 36.48 52.68 -23.67
C PRO E 128 35.58 52.79 -24.88
N GLU E 129 34.34 52.37 -24.72
CA GLU E 129 33.34 52.51 -25.77
C GLU E 129 32.20 53.34 -25.22
N LEU E 130 31.71 54.27 -26.02
CA LEU E 130 30.60 55.11 -25.65
C LEU E 130 29.52 54.99 -26.71
N TYR E 131 28.28 54.82 -26.25
CA TYR E 131 27.14 54.70 -27.16
C TYR E 131 26.13 55.72 -26.74
N ARG E 132 25.57 56.42 -27.73
CA ARG E 132 24.50 57.37 -27.53
C ARG E 132 23.25 56.80 -28.18
N ILE E 133 22.18 56.68 -27.42
CA ILE E 133 20.88 56.26 -27.95
C ILE E 133 19.91 57.41 -27.78
N THR E 134 19.24 57.77 -28.86
CA THR E 134 18.32 58.89 -28.85
C THR E 134 16.87 58.42 -28.73
N TYR E 135 15.95 59.38 -28.66
CA TYR E 135 14.58 59.08 -28.27
C TYR E 135 13.86 58.13 -29.20
N ASP E 136 14.34 57.94 -30.43
CA ASP E 136 13.66 57.08 -31.40
C ASP E 136 14.36 55.75 -31.60
N GLY E 137 15.35 55.45 -30.79
CA GLY E 137 16.09 54.22 -30.95
C GLY E 137 17.28 54.30 -31.87
N SER E 138 17.59 55.49 -32.38
CA SER E 138 18.79 55.66 -33.17
C SER E 138 19.99 55.54 -32.26
N ILE E 139 21.01 54.83 -32.73
CA ILE E 139 22.15 54.52 -31.90
C ILE E 139 23.42 54.93 -32.63
N ALA E 140 24.36 55.52 -31.90
CA ALA E 140 25.61 55.99 -32.46
C ALA E 140 26.75 55.57 -31.56
N ASP E 141 27.82 55.10 -32.16
CA ASP E 141 29.02 54.66 -31.47
C ASP E 141 30.08 55.76 -31.54
N GLU E 142 30.38 56.39 -30.39
CA GLU E 142 31.21 57.58 -30.33
C GLU E 142 32.62 57.26 -29.82
N PRO E 143 33.64 57.92 -30.34
CA PRO E 143 35.01 57.50 -30.02
C PRO E 143 35.62 58.20 -28.82
N HIS E 144 35.22 59.45 -28.59
CA HIS E 144 35.84 60.33 -27.60
C HIS E 144 34.90 60.80 -26.49
N PHE E 145 33.72 61.32 -26.83
CA PHE E 145 32.82 61.86 -25.81
C PHE E 145 31.39 61.87 -26.35
N VAL E 146 30.44 62.03 -25.43
CA VAL E 146 29.02 62.05 -25.74
C VAL E 146 28.41 63.22 -24.99
N VAL E 147 27.54 63.97 -25.65
CA VAL E 147 26.82 65.08 -25.03
C VAL E 147 25.33 64.85 -25.24
N MET E 148 24.55 65.01 -24.17
CA MET E 148 23.12 64.76 -24.21
C MET E 148 22.37 65.83 -23.46
N GLY E 149 21.22 66.20 -24.00
CA GLY E 149 20.35 67.07 -23.24
C GLY E 149 20.71 68.52 -23.41
N GLY E 150 19.72 69.39 -23.31
CA GLY E 150 19.90 70.80 -23.43
C GLY E 150 20.33 71.12 -24.84
N THR E 151 21.01 72.25 -24.98
CA THR E 151 21.51 72.74 -26.25
C THR E 151 22.89 72.14 -26.41
N THR E 152 23.00 71.07 -27.21
CA THR E 152 24.25 70.32 -27.15
C THR E 152 25.40 70.99 -27.88
N GLU E 153 25.16 71.81 -28.91
CA GLU E 153 26.30 72.12 -29.78
C GLU E 153 27.31 73.10 -29.19
N PRO E 154 26.92 74.05 -28.35
CA PRO E 154 27.96 74.77 -27.58
C PRO E 154 28.86 73.82 -26.80
N ILE E 155 28.25 72.86 -26.10
CA ILE E 155 29.01 71.94 -25.25
C ILE E 155 29.91 71.06 -26.10
N ALA E 156 29.37 70.54 -27.19
CA ALA E 156 30.18 69.72 -28.08
C ALA E 156 31.36 70.50 -28.65
N ASN E 157 31.15 71.78 -29.02
CA ASN E 157 32.26 72.50 -29.63
C ASN E 157 33.34 72.76 -28.61
N ALA E 158 32.94 73.17 -27.40
CA ALA E 158 33.90 73.29 -26.32
C ALA E 158 34.68 72.00 -26.11
N LEU E 159 33.99 70.86 -26.15
CA LEU E 159 34.69 69.60 -25.96
C LEU E 159 35.63 69.32 -27.13
N LYS E 160 35.20 69.57 -28.34
CA LYS E 160 36.10 69.39 -29.47
C LYS E 160 37.35 70.24 -29.33
N GLU E 161 37.20 71.47 -28.81
CA GLU E 161 38.36 72.36 -28.74
C GLU E 161 39.31 71.94 -27.65
N SER E 162 38.79 71.53 -26.51
CA SER E 162 39.64 71.28 -25.36
C SER E 162 39.93 69.81 -25.10
N TYR E 163 39.33 68.88 -25.83
CA TYR E 163 39.49 67.47 -25.50
C TYR E 163 40.79 66.92 -26.06
N ALA E 164 41.47 66.13 -25.25
CA ALA E 164 42.63 65.34 -25.64
C ALA E 164 42.49 63.94 -25.06
N GLU E 165 42.93 62.92 -25.78
CA GLU E 165 42.83 61.57 -25.27
C GLU E 165 43.59 61.36 -23.96
N ASN E 166 43.09 60.47 -23.11
CA ASN E 166 43.80 60.01 -21.91
C ASN E 166 44.14 61.13 -20.96
N ALA E 167 43.27 62.12 -20.85
CA ALA E 167 43.57 63.19 -19.91
C ALA E 167 43.43 62.69 -18.49
N SER E 168 44.02 63.44 -17.56
CA SER E 168 43.91 63.03 -16.18
C SER E 168 42.52 63.30 -15.67
N LEU E 169 42.17 62.76 -14.53
CA LEU E 169 40.86 62.94 -14.02
C LEU E 169 40.60 64.38 -13.76
N THR E 170 41.58 65.06 -13.21
CA THR E 170 41.44 66.45 -12.88
C THR E 170 41.25 67.31 -14.10
N ASP E 171 42.02 67.07 -15.12
CA ASP E 171 41.92 67.83 -16.36
C ASP E 171 40.64 67.49 -17.10
N ALA E 172 40.30 66.21 -17.22
CA ALA E 172 39.06 65.85 -17.89
C ALA E 172 37.85 66.45 -17.19
N LEU E 173 37.81 66.41 -15.87
CA LEU E 173 36.69 66.98 -15.14
C LEU E 173 36.55 68.46 -15.43
N ARG E 174 37.65 69.21 -15.36
CA ARG E 174 37.54 70.64 -15.56
C ARG E 174 37.09 70.96 -16.97
N ILE E 175 37.68 70.26 -17.95
CA ILE E 175 37.26 70.42 -19.33
C ILE E 175 35.76 70.20 -19.44
N ALA E 176 35.26 69.18 -18.75
CA ALA E 176 33.84 68.84 -18.84
C ALA E 176 32.96 69.94 -18.24
N VAL E 177 33.29 70.41 -17.05
CA VAL E 177 32.47 71.45 -16.40
C VAL E 177 32.49 72.74 -17.21
N ALA E 178 33.63 73.07 -17.80
CA ALA E 178 33.69 74.21 -18.71
C ALA E 178 32.74 74.02 -19.88
N ALA E 179 32.80 72.86 -20.53
CA ALA E 179 31.92 72.63 -21.67
C ALA E 179 30.45 72.70 -21.28
N LEU E 180 30.11 72.15 -20.12
CA LEU E 180 28.73 72.24 -19.68
C LEU E 180 28.32 73.70 -19.50
N ARG E 181 29.20 74.51 -18.94
CA ARG E 181 28.93 75.90 -18.71
C ARG E 181 28.72 76.65 -19.98
N ALA E 182 29.46 76.31 -21.00
CA ALA E 182 29.27 76.96 -22.29
C ALA E 182 27.89 76.70 -22.90
N GLY E 183 27.00 76.01 -22.22
CA GLY E 183 25.70 75.74 -22.79
C GLY E 183 24.59 76.11 -21.83
N SER E 184 24.69 77.31 -21.26
CA SER E 184 23.72 77.83 -20.31
C SER E 184 23.71 79.35 -20.31
N THR E 194 27.70 79.61 -11.54
CA THR E 194 28.88 78.76 -11.64
C THR E 194 28.49 77.34 -11.22
N LEU E 195 29.14 76.32 -11.80
CA LEU E 195 28.80 74.93 -11.53
C LEU E 195 29.79 74.34 -10.55
N GLY E 196 29.40 74.23 -9.28
CA GLY E 196 30.21 73.63 -8.26
C GLY E 196 29.65 72.30 -7.76
N VAL E 197 30.14 71.87 -6.60
CA VAL E 197 29.73 70.59 -6.03
C VAL E 197 28.22 70.50 -5.93
N ALA E 198 27.60 71.53 -5.36
CA ALA E 198 26.15 71.56 -5.16
C ALA E 198 25.35 71.55 -6.46
N SER E 199 25.99 71.66 -7.61
CA SER E 199 25.25 71.74 -8.85
C SER E 199 25.50 70.56 -9.76
N LEU E 200 26.38 69.65 -9.37
CA LEU E 200 26.86 68.61 -10.25
C LEU E 200 26.67 67.24 -9.64
N GLU E 201 26.46 66.24 -10.50
CA GLU E 201 26.59 64.83 -10.16
C GLU E 201 27.73 64.28 -10.99
N VAL E 202 28.71 63.66 -10.35
CA VAL E 202 29.90 63.19 -11.04
C VAL E 202 30.17 61.74 -10.68
N ALA E 203 30.54 60.95 -11.67
CA ALA E 203 30.91 59.57 -11.36
C ALA E 203 31.86 59.07 -12.43
N VAL E 204 32.54 57.98 -12.11
CA VAL E 204 33.52 57.46 -13.04
C VAL E 204 33.39 55.94 -13.15
N LEU E 205 33.69 55.43 -14.35
CA LEU E 205 33.99 54.04 -14.61
C LEU E 205 35.50 53.87 -14.61
N ASP E 206 36.01 53.35 -13.52
CA ASP E 206 37.44 53.28 -13.26
C ASP E 206 37.95 51.91 -13.70
N ALA E 207 38.63 51.86 -14.85
CA ALA E 207 39.14 50.60 -15.35
C ALA E 207 40.19 49.98 -14.44
N ASN E 208 40.61 50.69 -13.40
CA ASN E 208 41.63 50.21 -12.50
C ASN E 208 41.06 49.41 -11.34
N ARG E 209 39.79 49.36 -11.21
CA ARG E 209 39.14 48.64 -10.12
C ARG E 209 39.04 47.16 -10.48
N PRO E 210 39.23 46.28 -9.52
CA PRO E 210 39.29 44.84 -9.85
C PRO E 210 37.98 44.25 -10.39
N ARG E 211 36.82 44.59 -9.85
CA ARG E 211 35.58 44.00 -10.38
C ARG E 211 34.59 45.05 -10.84
N ARG E 212 33.97 45.80 -9.94
CA ARG E 212 32.96 46.81 -10.28
C ARG E 212 33.63 48.17 -10.40
N ALA E 213 33.63 48.70 -11.62
CA ALA E 213 34.35 49.91 -11.97
C ALA E 213 33.64 51.20 -11.60
N PHE E 214 32.31 51.18 -11.43
CA PHE E 214 31.57 52.40 -11.21
C PHE E 214 31.82 52.93 -9.81
N ARG E 215 32.13 54.22 -9.70
CA ARG E 215 32.31 54.83 -8.38
C ARG E 215 31.99 56.32 -8.46
N ARG E 216 31.24 56.82 -7.50
CA ARG E 216 30.86 58.23 -7.47
C ARG E 216 31.93 59.11 -6.83
N ILE E 217 31.96 60.35 -7.28
CA ILE E 217 32.84 61.39 -6.76
C ILE E 217 31.95 62.49 -6.21
N THR E 218 31.96 62.65 -4.91
CA THR E 218 31.05 63.53 -4.20
C THR E 218 31.81 64.39 -3.20
N GLY E 219 31.29 65.59 -2.98
CA GLY E 219 31.73 66.41 -1.85
C GLY E 219 33.17 66.87 -1.87
N SER E 220 33.87 66.64 -0.74
CA SER E 220 35.23 67.14 -0.61
C SER E 220 36.14 66.52 -1.65
N ALA E 221 35.99 65.22 -1.92
CA ALA E 221 36.79 64.62 -2.96
C ALA E 221 36.52 65.30 -4.29
N LEU E 222 35.26 65.61 -4.57
CA LEU E 222 34.91 66.29 -5.82
C LEU E 222 35.46 67.71 -5.85
N GLN E 223 35.35 68.45 -4.75
CA GLN E 223 35.78 69.85 -4.81
C GLN E 223 37.29 69.98 -4.91
N ALA E 224 38.04 69.14 -4.18
CA ALA E 224 39.49 69.07 -4.42
C ALA E 224 39.80 69.04 -5.91
N LEU E 225 38.95 68.36 -6.69
CA LEU E 225 39.16 68.22 -8.12
C LEU E 225 38.61 69.41 -8.91
N LEU E 226 37.63 70.11 -8.36
CA LEU E 226 37.21 71.33 -9.03
C LEU E 226 38.10 72.51 -8.66
N VAL E 227 38.76 72.44 -7.52
CA VAL E 227 39.56 73.53 -6.94
C VAL E 227 41.06 73.28 -7.09
N MET F 1 -8.13 54.39 -46.29
CA MET F 1 -7.44 53.19 -46.74
C MET F 1 -6.34 53.59 -47.70
N GLU F 2 -6.76 54.18 -48.82
CA GLU F 2 -5.84 54.70 -49.83
C GLU F 2 -4.76 55.59 -49.21
N GLN F 3 -5.19 56.56 -48.39
CA GLN F 3 -4.24 57.51 -47.84
C GLN F 3 -3.35 56.85 -46.79
N ALA F 4 -3.91 55.99 -45.94
CA ALA F 4 -3.11 55.36 -44.90
C ALA F 4 -1.96 54.57 -45.50
N MET F 5 -2.25 53.74 -46.51
CA MET F 5 -1.19 52.94 -47.13
C MET F 5 -0.23 53.80 -47.94
N ARG F 6 -0.71 54.89 -48.56
CA ARG F 6 0.25 55.72 -49.28
C ARG F 6 1.22 56.41 -48.33
N GLU F 7 0.73 56.94 -47.20
CA GLU F 7 1.64 57.59 -46.27
C GLU F 7 2.61 56.60 -45.64
N ARG F 8 2.14 55.41 -45.28
CA ARG F 8 3.09 54.42 -44.75
C ARG F 8 4.15 54.08 -45.76
N SER F 9 3.76 53.84 -47.01
CA SER F 9 4.76 53.54 -48.01
C SER F 9 5.76 54.69 -48.18
N GLU F 10 5.28 55.93 -48.16
CA GLU F 10 6.22 57.02 -48.43
C GLU F 10 7.12 57.30 -47.23
N LEU F 11 6.62 57.13 -46.01
CA LEU F 11 7.48 57.25 -44.84
C LEU F 11 8.61 56.23 -44.91
N ALA F 12 8.26 54.99 -45.24
CA ALA F 12 9.29 53.96 -45.36
C ALA F 12 10.28 54.31 -46.44
N ARG F 13 9.77 54.73 -47.60
CA ARG F 13 10.65 54.92 -48.75
C ARG F 13 11.65 56.07 -48.49
N LYS F 14 11.22 57.14 -47.81
CA LYS F 14 12.19 58.19 -47.49
C LYS F 14 13.11 57.78 -46.33
N GLY F 15 12.60 56.99 -45.40
CA GLY F 15 13.48 56.43 -44.38
C GLY F 15 14.64 55.67 -44.99
N ILE F 16 14.34 54.82 -45.98
CA ILE F 16 15.39 54.06 -46.66
C ILE F 16 16.25 54.97 -47.54
N ALA F 17 15.64 55.98 -48.17
CA ALA F 17 16.41 56.88 -49.00
C ALA F 17 17.45 57.65 -48.19
N ARG F 18 17.17 57.93 -46.92
CA ARG F 18 18.11 58.63 -46.04
C ARG F 18 19.24 57.76 -45.50
N ALA F 19 19.26 56.47 -45.79
CA ALA F 19 20.23 55.60 -45.13
C ALA F 19 21.39 55.29 -46.04
N LYS F 20 22.47 54.83 -45.43
CA LYS F 20 23.66 54.49 -46.18
C LYS F 20 23.44 53.16 -46.91
N SER F 21 24.18 52.97 -48.00
CA SER F 21 23.85 51.92 -48.95
C SER F 21 24.63 50.62 -48.71
N VAL F 22 24.07 49.51 -49.20
CA VAL F 22 24.65 48.19 -49.05
C VAL F 22 24.51 47.44 -50.37
N VAL F 23 25.55 46.71 -50.74
CA VAL F 23 25.53 45.94 -51.98
C VAL F 23 25.89 44.51 -51.65
N ALA F 24 25.25 43.58 -52.35
CA ALA F 24 25.58 42.15 -52.31
C ALA F 24 25.75 41.65 -53.72
N LEU F 25 26.84 40.90 -53.96
CA LEU F 25 27.15 40.45 -55.31
C LEU F 25 27.63 39.01 -55.37
N ALA F 26 27.19 38.29 -56.41
CA ALA F 26 27.60 36.92 -56.67
C ALA F 26 28.92 36.88 -57.42
N TYR F 27 29.84 36.02 -56.96
CA TYR F 27 31.12 35.81 -57.64
C TYR F 27 31.48 34.33 -57.64
N ALA F 28 32.62 34.02 -58.27
CA ALA F 28 33.04 32.63 -58.47
C ALA F 28 33.11 31.89 -57.16
N GLY F 29 33.47 32.57 -56.08
CA GLY F 29 33.61 31.94 -54.79
C GLY F 29 32.44 32.05 -53.86
N GLY F 30 31.33 32.66 -54.29
CA GLY F 30 30.19 32.79 -53.41
C GLY F 30 29.43 34.10 -53.49
N VAL F 31 29.20 34.75 -52.34
CA VAL F 31 28.53 36.05 -52.31
C VAL F 31 29.33 37.00 -51.46
N LEU F 32 29.42 38.25 -51.90
CA LEU F 32 30.13 39.28 -51.19
C LEU F 32 29.17 40.37 -50.73
N PHE F 33 29.27 40.72 -49.47
CA PHE F 33 28.48 41.76 -48.85
C PHE F 33 29.39 42.92 -48.48
N VAL F 34 29.09 44.10 -48.97
CA VAL F 34 29.86 45.27 -48.57
C VAL F 34 28.88 46.44 -48.34
N ALA F 35 28.99 47.05 -47.17
CA ALA F 35 28.10 48.11 -46.71
C ALA F 35 28.92 49.28 -46.21
N GLU F 36 28.44 50.49 -46.45
CA GLU F 36 29.01 51.65 -45.80
C GLU F 36 28.60 51.67 -44.33
N ASN F 37 29.54 51.59 -43.41
CA ASN F 37 29.20 51.44 -41.99
C ASN F 37 30.24 52.11 -41.11
N PRO F 38 29.92 53.24 -40.46
CA PRO F 38 30.89 53.89 -39.60
C PRO F 38 31.29 53.09 -38.40
N SER F 39 30.38 52.32 -37.82
CA SER F 39 30.54 51.76 -36.48
C SER F 39 31.68 50.76 -36.42
N ARG F 40 32.37 50.73 -35.27
CA ARG F 40 33.33 49.67 -34.97
C ARG F 40 32.67 48.38 -34.52
N SER F 41 31.44 48.46 -33.97
CA SER F 41 30.87 47.31 -33.27
C SER F 41 29.41 47.00 -33.57
N LEU F 42 28.66 47.83 -34.27
CA LEU F 42 27.28 47.50 -34.60
C LEU F 42 27.17 47.14 -36.08
N GLN F 43 26.58 45.98 -36.36
CA GLN F 43 26.67 45.34 -37.66
C GLN F 43 25.44 45.61 -38.52
N LYS F 44 25.64 45.63 -39.83
CA LYS F 44 24.57 45.63 -40.82
C LYS F 44 24.57 44.37 -41.69
N ILE F 45 25.55 43.49 -41.51
CA ILE F 45 25.67 42.27 -42.27
C ILE F 45 25.88 41.13 -41.28
N SER F 46 25.20 40.01 -41.49
CA SER F 46 25.28 38.97 -40.48
C SER F 46 25.11 37.61 -41.13
N GLU F 47 25.61 36.63 -40.41
CA GLU F 47 25.35 35.24 -40.72
C GLU F 47 23.91 34.93 -40.32
N LEU F 48 23.20 34.18 -41.17
CA LEU F 48 21.93 33.61 -40.76
C LEU F 48 22.07 32.13 -40.42
N TYR F 49 22.63 31.35 -41.33
CA TYR F 49 22.78 29.92 -41.14
C TYR F 49 23.97 29.47 -41.96
N ASP F 50 24.25 28.18 -41.91
CA ASP F 50 25.47 27.66 -42.53
C ASP F 50 25.82 28.32 -43.86
N ARG F 51 24.92 28.27 -44.84
CA ARG F 51 25.21 28.81 -46.16
C ARG F 51 24.38 30.05 -46.49
N VAL F 52 23.82 30.70 -45.49
CA VAL F 52 22.87 31.78 -45.70
C VAL F 52 23.34 33.01 -44.96
N GLY F 53 23.42 34.12 -45.67
CA GLY F 53 23.84 35.38 -45.09
C GLY F 53 22.77 36.46 -45.22
N PHE F 54 22.95 37.54 -44.44
CA PHE F 54 21.96 38.59 -44.27
C PHE F 54 22.60 39.94 -44.40
N ALA F 55 21.94 40.84 -45.12
CA ALA F 55 22.36 42.24 -45.17
C ALA F 55 21.14 43.14 -45.19
N ALA F 56 21.30 44.34 -44.64
CA ALA F 56 20.14 45.20 -44.51
C ALA F 56 20.54 46.67 -44.57
N ALA F 57 19.62 47.49 -45.01
CA ALA F 57 19.79 48.94 -44.99
C ALA F 57 18.58 49.58 -44.32
N GLY F 58 18.81 50.68 -43.60
CA GLY F 58 17.72 51.42 -42.98
C GLY F 58 17.91 51.58 -41.49
N LYS F 59 16.78 51.62 -40.78
CA LYS F 59 16.83 51.90 -39.35
C LYS F 59 17.38 50.70 -38.60
N PHE F 60 18.42 50.94 -37.77
CA PHE F 60 19.20 49.84 -37.21
C PHE F 60 18.36 48.94 -36.31
N ASN F 61 17.66 49.52 -35.34
CA ASN F 61 16.96 48.67 -34.40
C ASN F 61 15.98 47.78 -35.12
N GLU F 62 15.44 48.24 -36.26
CA GLU F 62 14.43 47.48 -36.99
C GLU F 62 15.04 46.31 -37.75
N PHE F 63 16.10 46.55 -38.52
CA PHE F 63 16.68 45.41 -39.19
C PHE F 63 17.46 44.51 -38.24
N ASP F 64 17.83 45.00 -37.07
CA ASP F 64 18.44 44.10 -36.11
C ASP F 64 17.41 43.18 -35.50
N ASN F 65 16.20 43.68 -35.24
CA ASN F 65 15.12 42.78 -34.86
C ASN F 65 14.88 41.74 -35.93
N LEU F 66 14.82 42.15 -37.18
CA LEU F 66 14.57 41.18 -38.22
C LEU F 66 15.73 40.18 -38.33
N ARG F 67 16.94 40.64 -38.09
CA ARG F 67 18.08 39.75 -38.12
C ARG F 67 17.99 38.68 -37.02
N ARG F 68 17.64 39.09 -35.79
CA ARG F 68 17.52 38.12 -34.71
C ARG F 68 16.37 37.17 -34.96
N GLY F 69 15.26 37.68 -35.47
CA GLY F 69 14.15 36.81 -35.79
C GLY F 69 14.50 35.84 -36.88
N GLY F 70 15.33 36.25 -37.83
CA GLY F 70 15.77 35.34 -38.86
C GLY F 70 16.65 34.24 -38.32
N ILE F 71 17.59 34.60 -37.45
CA ILE F 71 18.44 33.60 -36.82
C ILE F 71 17.60 32.62 -36.01
N GLN F 72 16.62 33.16 -35.26
CA GLN F 72 15.75 32.32 -34.44
C GLN F 72 14.98 31.35 -35.30
N PHE F 73 14.46 31.83 -36.42
CA PHE F 73 13.73 30.96 -37.33
C PHE F 73 14.62 29.87 -37.89
N ALA F 74 15.78 30.24 -38.38
CA ALA F 74 16.66 29.25 -38.97
C ALA F 74 17.08 28.19 -37.95
N ASP F 75 17.54 28.62 -36.78
CA ASP F 75 18.02 27.66 -35.79
C ASP F 75 16.88 26.75 -35.34
N THR F 76 15.68 27.31 -35.21
CA THR F 76 14.55 26.46 -34.85
C THR F 76 14.25 25.43 -35.94
N ARG F 77 14.20 25.83 -37.21
CA ARG F 77 13.90 24.85 -38.23
C ARG F 77 14.98 23.79 -38.32
N GLY F 78 16.24 24.21 -38.26
CA GLY F 78 17.30 23.24 -38.32
C GLY F 78 17.23 22.26 -37.17
N TYR F 79 16.86 22.69 -36.00
CA TYR F 79 16.71 21.77 -34.89
C TYR F 79 15.56 20.80 -35.06
N ALA F 80 14.44 21.29 -35.54
CA ALA F 80 13.26 20.51 -35.81
C ALA F 80 13.38 19.50 -36.92
N TYR F 81 14.04 19.86 -38.00
CA TYR F 81 14.24 18.95 -39.09
C TYR F 81 15.70 18.68 -39.14
N ASP F 82 16.39 19.21 -40.12
CA ASP F 82 17.82 19.07 -40.21
C ASP F 82 18.45 20.32 -40.74
N ARG F 83 19.73 20.47 -40.50
CA ARG F 83 20.39 21.68 -40.92
C ARG F 83 20.26 21.89 -42.41
N ARG F 84 20.17 20.81 -43.18
CA ARG F 84 20.21 21.00 -44.61
C ARG F 84 18.85 21.29 -45.22
N ASP F 85 17.80 21.18 -44.45
CA ASP F 85 16.50 21.65 -44.89
C ASP F 85 16.33 23.15 -44.79
N VAL F 86 17.25 23.87 -44.16
CA VAL F 86 17.11 25.31 -44.03
C VAL F 86 17.69 25.97 -45.28
N THR F 87 16.88 26.75 -45.99
CA THR F 87 17.34 27.33 -47.25
C THR F 87 17.11 28.82 -47.24
N GLY F 88 17.90 29.50 -48.07
CA GLY F 88 17.75 30.92 -48.19
C GLY F 88 16.40 31.31 -48.74
N ARG F 89 15.84 30.48 -49.62
CA ARG F 89 14.49 30.72 -50.10
C ARG F 89 13.50 30.82 -48.94
N GLN F 90 13.55 29.85 -48.01
CA GLN F 90 12.68 29.84 -46.84
C GLN F 90 12.81 31.12 -46.02
N LEU F 91 14.03 31.49 -45.68
CA LEU F 91 14.23 32.68 -44.87
C LEU F 91 13.73 33.93 -45.59
N ALA F 92 14.00 34.04 -46.90
CA ALA F 92 13.45 35.14 -47.66
C ALA F 92 11.93 35.16 -47.59
N ASN F 93 11.31 33.97 -47.66
CA ASN F 93 9.86 33.86 -47.62
C ASN F 93 9.32 34.36 -46.28
N VAL F 94 9.98 33.99 -45.18
CA VAL F 94 9.53 34.42 -43.86
C VAL F 94 9.80 35.91 -43.65
N TYR F 95 10.85 36.44 -44.25
CA TYR F 95 11.06 37.87 -44.17
C TYR F 95 9.98 38.61 -44.95
N ALA F 96 9.56 38.04 -46.09
CA ALA F 96 8.48 38.62 -46.86
C ALA F 96 7.20 38.67 -46.05
N GLN F 97 6.83 37.53 -45.46
CA GLN F 97 5.63 37.44 -44.63
C GLN F 97 5.69 38.41 -43.46
N THR F 98 6.86 38.51 -42.83
CA THR F 98 7.03 39.37 -41.66
C THR F 98 6.92 40.85 -42.01
N LEU F 99 7.60 41.28 -43.07
CA LEU F 99 7.53 42.67 -43.47
C LEU F 99 6.15 43.04 -44.01
N GLY F 100 5.43 42.10 -44.63
CA GLY F 100 4.06 42.38 -45.01
C GLY F 100 3.18 42.65 -43.80
N THR F 101 3.21 41.74 -42.83
CA THR F 101 2.43 41.97 -41.61
C THR F 101 2.82 43.27 -40.94
N ILE F 102 4.12 43.51 -40.76
CA ILE F 102 4.57 44.75 -40.14
C ILE F 102 4.08 45.95 -40.94
N PHE F 103 4.22 45.87 -42.25
CA PHE F 103 3.90 47.01 -43.09
C PHE F 103 2.42 47.37 -43.02
N THR F 104 1.54 46.40 -42.85
CA THR F 104 0.16 46.80 -42.81
C THR F 104 -0.40 47.00 -41.40
N GLU F 105 0.14 46.32 -40.39
CA GLU F 105 -0.50 46.24 -39.09
C GLU F 105 0.26 46.87 -37.92
N GLN F 106 1.55 47.17 -38.05
CA GLN F 106 2.25 47.77 -36.92
C GLN F 106 2.03 49.28 -36.88
N ALA F 107 2.38 49.91 -35.76
CA ALA F 107 2.14 51.34 -35.60
C ALA F 107 2.90 52.16 -36.63
N LYS F 108 4.16 51.81 -36.87
CA LYS F 108 4.94 52.44 -37.92
C LYS F 108 5.58 51.36 -38.77
N PRO F 109 5.60 51.52 -40.09
CA PRO F 109 6.30 50.56 -40.93
C PRO F 109 7.78 50.61 -40.65
N TYR F 110 8.44 49.49 -40.90
CA TYR F 110 9.88 49.44 -40.72
C TYR F 110 10.56 50.15 -41.88
N GLU F 111 11.49 51.04 -41.58
CA GLU F 111 12.24 51.69 -42.63
C GLU F 111 13.45 50.83 -42.97
N VAL F 112 13.21 49.66 -43.58
CA VAL F 112 14.30 48.72 -43.84
C VAL F 112 14.19 48.09 -45.22
N GLU F 113 15.32 47.60 -45.71
CA GLU F 113 15.44 46.83 -46.94
C GLU F 113 16.36 45.66 -46.63
N LEU F 114 16.02 44.44 -47.02
CA LEU F 114 16.75 43.24 -46.67
C LEU F 114 17.24 42.48 -47.89
N CYS F 115 18.36 41.77 -47.70
CA CYS F 115 18.89 40.84 -48.67
C CYS F 115 19.28 39.54 -47.97
N VAL F 116 18.77 38.43 -48.49
CA VAL F 116 19.12 37.10 -48.03
C VAL F 116 19.87 36.41 -49.16
N ALA F 117 21.04 35.87 -48.85
CA ALA F 117 21.87 35.26 -49.88
C ALA F 117 22.24 33.84 -49.47
N GLU F 118 22.32 32.96 -50.45
CA GLU F 118 22.66 31.57 -50.19
C GLU F 118 23.68 31.10 -51.20
N VAL F 119 24.69 30.36 -50.73
CA VAL F 119 25.66 29.75 -51.62
C VAL F 119 25.49 28.25 -51.50
N ALA F 120 26.15 27.53 -52.39
CA ALA F 120 26.04 26.08 -52.39
C ALA F 120 26.70 25.48 -51.17
N HIS F 121 26.32 24.26 -50.87
CA HIS F 121 27.01 23.51 -49.84
C HIS F 121 28.35 23.02 -50.37
N TYR F 122 29.26 22.71 -49.45
CA TYR F 122 30.63 22.36 -49.83
C TYR F 122 30.60 21.16 -50.74
N GLY F 123 31.29 21.25 -51.88
CA GLY F 123 31.28 20.14 -52.79
C GLY F 123 30.05 19.99 -53.67
N GLU F 124 29.18 20.99 -53.69
CA GLU F 124 27.97 21.00 -54.50
C GLU F 124 28.12 22.01 -55.63
N THR F 125 27.43 21.78 -56.74
CA THR F 125 27.46 22.75 -57.84
C THR F 125 26.06 23.30 -57.99
N LYS F 126 25.82 24.49 -57.41
CA LYS F 126 24.56 25.22 -57.52
C LYS F 126 24.95 26.68 -57.37
N ARG F 127 24.56 27.50 -58.30
CA ARG F 127 25.13 28.82 -58.27
C ARG F 127 24.31 29.69 -57.30
N PRO F 128 24.89 30.78 -56.79
CA PRO F 128 24.30 31.47 -55.63
C PRO F 128 22.93 32.07 -55.91
N GLU F 129 22.16 32.24 -54.83
CA GLU F 129 20.84 32.86 -54.91
C GLU F 129 20.85 34.13 -54.11
N LEU F 130 20.25 35.17 -54.67
CA LEU F 130 20.06 36.43 -53.97
C LEU F 130 18.58 36.74 -53.94
N TYR F 131 18.11 37.17 -52.78
CA TYR F 131 16.73 37.59 -52.59
C TYR F 131 16.77 38.97 -51.96
N ARG F 132 15.88 39.83 -52.40
CA ARG F 132 15.74 41.15 -51.84
C ARG F 132 14.33 41.30 -51.34
N ILE F 133 14.16 41.76 -50.12
CA ILE F 133 12.84 41.93 -49.53
C ILE F 133 12.76 43.38 -49.09
N THR F 134 11.75 44.10 -49.57
CA THR F 134 11.62 45.51 -49.33
C THR F 134 10.57 45.78 -48.25
N TYR F 135 10.38 47.05 -47.91
CA TYR F 135 9.67 47.41 -46.68
C TYR F 135 8.24 46.88 -46.59
N ASP F 136 7.62 46.53 -47.71
CA ASP F 136 6.25 46.04 -47.73
C ASP F 136 6.16 44.53 -47.91
N GLY F 137 7.27 43.82 -47.87
CA GLY F 137 7.23 42.40 -48.07
C GLY F 137 7.31 41.98 -49.51
N SER F 138 7.50 42.90 -50.43
CA SER F 138 7.71 42.52 -51.81
C SER F 138 9.06 41.84 -51.90
N ILE F 139 9.12 40.74 -52.65
CA ILE F 139 10.31 39.92 -52.68
C ILE F 139 10.75 39.75 -54.12
N ALA F 140 12.06 39.82 -54.33
CA ALA F 140 12.63 39.78 -55.66
C ALA F 140 13.78 38.79 -55.66
N ASP F 141 13.81 37.97 -56.70
CA ASP F 141 14.84 36.96 -56.91
C ASP F 141 15.83 37.50 -57.95
N GLU F 142 17.00 37.90 -57.52
CA GLU F 142 17.75 38.47 -58.62
C GLU F 142 19.07 37.75 -58.82
N PRO F 143 19.48 37.55 -60.07
CA PRO F 143 20.49 36.54 -60.38
C PRO F 143 21.91 37.02 -60.18
N HIS F 144 22.12 38.33 -60.27
CA HIS F 144 23.49 38.77 -60.20
C HIS F 144 23.74 39.71 -59.05
N PHE F 145 22.94 40.76 -58.84
CA PHE F 145 23.28 41.72 -57.79
C PHE F 145 22.06 42.30 -57.10
N VAL F 146 22.33 42.84 -55.91
CA VAL F 146 21.31 43.53 -55.12
C VAL F 146 21.95 44.74 -54.48
N VAL F 147 21.29 45.90 -54.57
CA VAL F 147 21.72 47.11 -53.90
C VAL F 147 20.54 47.65 -53.13
N MET F 148 20.78 48.10 -51.91
CA MET F 148 19.71 48.53 -51.02
C MET F 148 20.11 49.80 -50.32
N GLY F 149 19.16 50.71 -50.17
CA GLY F 149 19.30 51.89 -49.34
C GLY F 149 19.89 53.08 -50.06
N GLY F 150 19.50 54.27 -49.59
CA GLY F 150 20.02 55.50 -50.12
C GLY F 150 19.63 55.72 -51.57
N THR F 151 20.55 56.38 -52.26
CA THR F 151 20.35 56.79 -53.65
C THR F 151 20.66 55.59 -54.51
N THR F 152 19.63 54.86 -54.92
CA THR F 152 19.89 53.53 -55.47
C THR F 152 20.37 53.56 -56.92
N GLU F 153 19.77 54.40 -57.77
CA GLU F 153 20.00 54.33 -59.21
C GLU F 153 21.47 54.39 -59.63
N PRO F 154 22.31 55.29 -59.09
CA PRO F 154 23.73 55.30 -59.52
C PRO F 154 24.45 53.99 -59.25
N ILE F 155 24.30 53.45 -58.03
CA ILE F 155 24.99 52.21 -57.72
C ILE F 155 24.42 51.09 -58.58
N ALA F 156 23.10 51.10 -58.79
CA ALA F 156 22.47 50.07 -59.60
C ALA F 156 22.99 50.06 -61.04
N ASN F 157 23.05 51.23 -61.69
CA ASN F 157 23.51 51.23 -63.08
C ASN F 157 25.01 50.96 -63.15
N ALA F 158 25.77 51.48 -62.18
CA ALA F 158 27.20 51.22 -62.07
C ALA F 158 27.53 49.72 -62.08
N LEU F 159 26.70 48.90 -61.44
CA LEU F 159 26.99 47.47 -61.44
C LEU F 159 26.81 46.86 -62.83
N LYS F 160 25.67 47.10 -63.48
CA LYS F 160 25.50 46.58 -64.83
C LYS F 160 26.64 47.00 -65.74
N GLU F 161 27.15 48.22 -65.55
CA GLU F 161 28.23 48.73 -66.38
C GLU F 161 29.55 48.01 -66.06
N SER F 162 29.80 47.69 -64.79
CA SER F 162 31.10 47.15 -64.42
C SER F 162 31.08 45.70 -63.96
N TYR F 163 29.91 45.13 -63.66
CA TYR F 163 29.84 43.77 -63.13
C TYR F 163 29.91 42.74 -64.24
N ALA F 164 30.68 41.69 -63.99
CA ALA F 164 30.70 40.53 -64.86
C ALA F 164 30.44 39.29 -64.01
N GLU F 165 29.60 38.41 -64.53
CA GLU F 165 29.27 37.17 -63.85
C GLU F 165 30.51 36.32 -63.64
N ASN F 166 30.62 35.74 -62.45
CA ASN F 166 31.68 34.79 -62.15
C ASN F 166 33.03 35.51 -62.03
N ALA F 167 33.00 36.70 -61.43
CA ALA F 167 34.18 37.53 -61.22
C ALA F 167 35.08 36.97 -60.12
N SER F 168 36.30 37.52 -60.01
CA SER F 168 37.19 37.14 -58.93
C SER F 168 36.70 37.76 -57.63
N LEU F 169 37.19 37.27 -56.48
CA LEU F 169 36.71 37.87 -55.24
C LEU F 169 37.05 39.33 -55.14
N THR F 170 38.34 39.66 -55.19
CA THR F 170 38.74 41.04 -55.04
C THR F 170 38.22 41.85 -56.18
N ASP F 171 38.24 41.28 -57.38
CA ASP F 171 37.70 41.96 -58.52
C ASP F 171 36.29 42.45 -58.17
N ALA F 172 35.48 41.52 -57.66
CA ALA F 172 34.13 41.86 -57.24
C ALA F 172 34.12 42.86 -56.08
N LEU F 173 35.06 42.71 -55.14
CA LEU F 173 35.07 43.60 -53.99
C LEU F 173 35.18 45.03 -54.44
N ARG F 174 36.14 45.31 -55.30
CA ARG F 174 36.38 46.71 -55.61
C ARG F 174 35.46 47.24 -56.70
N ILE F 175 34.84 46.38 -57.52
CA ILE F 175 33.75 46.92 -58.35
C ILE F 175 32.63 47.45 -57.47
N ALA F 176 32.27 46.66 -56.44
CA ALA F 176 31.18 47.09 -55.58
C ALA F 176 31.57 48.33 -54.79
N VAL F 177 32.76 48.31 -54.19
CA VAL F 177 33.17 49.44 -53.37
C VAL F 177 33.24 50.70 -54.21
N ALA F 178 33.61 50.58 -55.48
CA ALA F 178 33.57 51.74 -56.37
C ALA F 178 32.15 52.26 -56.52
N ALA F 179 31.21 51.37 -56.88
CA ALA F 179 29.83 51.83 -57.08
C ALA F 179 29.27 52.52 -55.85
N LEU F 180 29.67 52.08 -54.66
CA LEU F 180 29.23 52.78 -53.46
C LEU F 180 29.69 54.25 -53.45
N ARG F 181 30.87 54.55 -54.03
CA ARG F 181 31.18 55.96 -54.34
C ARG F 181 30.19 56.53 -55.34
N ALA F 182 29.87 55.74 -56.37
CA ALA F 182 29.02 56.25 -57.45
C ALA F 182 27.67 56.73 -56.96
N GLY F 183 27.26 56.33 -55.76
CA GLY F 183 26.07 56.91 -55.18
C GLY F 183 26.27 57.80 -53.96
N SER F 184 27.17 58.77 -54.04
CA SER F 184 27.48 59.63 -52.89
C SER F 184 26.30 60.53 -52.54
N LEU F 195 34.67 55.54 -48.07
CA LEU F 195 34.94 54.11 -48.16
C LEU F 195 36.41 53.79 -47.98
N GLY F 196 36.98 54.25 -46.88
CA GLY F 196 38.20 53.69 -46.36
C GLY F 196 37.76 52.67 -45.33
N VAL F 197 38.51 51.59 -45.21
CA VAL F 197 38.14 50.60 -44.21
C VAL F 197 38.23 51.25 -42.85
N ALA F 198 37.45 50.76 -41.89
CA ALA F 198 36.88 51.46 -40.74
C ALA F 198 35.63 52.25 -41.15
N SER F 199 35.36 52.44 -42.43
CA SER F 199 34.12 53.04 -42.89
C SER F 199 33.33 52.04 -43.72
N LEU F 200 33.83 50.81 -43.81
CA LEU F 200 33.19 49.74 -44.54
C LEU F 200 32.99 48.59 -43.58
N GLU F 201 31.92 47.84 -43.84
CA GLU F 201 31.78 46.51 -43.27
C GLU F 201 31.68 45.55 -44.45
N VAL F 202 32.58 44.57 -44.48
CA VAL F 202 32.68 43.62 -45.59
C VAL F 202 32.69 42.22 -45.03
N ALA F 203 31.95 41.33 -45.68
CA ALA F 203 31.94 39.93 -45.28
C ALA F 203 31.54 39.11 -46.50
N VAL F 204 31.78 37.80 -46.43
CA VAL F 204 31.47 36.92 -47.55
C VAL F 204 30.79 35.66 -47.09
N LEU F 205 30.00 35.11 -48.01
CA LEU F 205 29.56 33.73 -48.01
C LEU F 205 30.52 33.00 -48.92
N ASP F 206 31.49 32.30 -48.32
CA ASP F 206 32.59 31.63 -49.02
C ASP F 206 32.19 30.18 -49.31
N ALA F 207 31.94 29.88 -50.59
CA ALA F 207 31.49 28.55 -50.96
C ALA F 207 32.48 27.45 -50.60
N ASN F 208 33.76 27.74 -50.47
CA ASN F 208 34.69 26.66 -50.21
C ASN F 208 35.00 26.46 -48.74
N ARG F 209 34.24 27.09 -47.86
CA ARG F 209 34.37 26.74 -46.45
C ARG F 209 33.55 25.48 -46.15
N PRO F 210 34.07 24.56 -45.36
CA PRO F 210 33.36 23.28 -45.22
C PRO F 210 31.99 23.37 -44.55
N ARG F 211 31.76 24.21 -43.55
CA ARG F 211 30.37 24.23 -43.05
C ARG F 211 29.79 25.63 -42.99
N ARG F 212 30.24 26.45 -42.05
CA ARG F 212 29.75 27.81 -41.97
C ARG F 212 30.48 28.67 -43.00
N ALA F 213 29.74 29.12 -44.00
CA ALA F 213 30.26 29.85 -45.13
C ALA F 213 30.54 31.31 -44.82
N PHE F 214 29.95 31.85 -43.79
CA PHE F 214 30.09 33.27 -43.51
C PHE F 214 31.46 33.52 -42.90
N ARG F 215 32.16 34.53 -43.41
CA ARG F 215 33.41 34.97 -42.79
C ARG F 215 33.59 36.46 -43.09
N ARG F 216 33.98 37.21 -42.07
CA ARG F 216 34.22 38.64 -42.22
C ARG F 216 35.62 38.91 -42.73
N ILE F 217 35.77 40.03 -43.42
CA ILE F 217 37.05 40.50 -43.89
C ILE F 217 37.33 41.80 -43.16
N THR F 218 38.36 41.79 -42.33
CA THR F 218 38.53 42.76 -41.27
C THR F 218 39.85 43.52 -41.43
N GLY F 219 39.79 44.81 -41.08
CA GLY F 219 41.00 45.57 -40.78
C GLY F 219 42.16 45.40 -41.74
N SER F 220 43.32 45.14 -41.14
CA SER F 220 44.60 44.96 -41.81
C SER F 220 44.49 44.10 -43.03
N ALA F 221 43.90 42.94 -42.82
CA ALA F 221 43.65 42.01 -43.89
C ALA F 221 42.67 42.65 -44.85
N LEU F 222 41.65 43.31 -44.33
CA LEU F 222 40.70 43.97 -45.18
C LEU F 222 41.40 45.05 -45.98
N GLN F 223 42.30 45.81 -45.38
CA GLN F 223 42.95 46.90 -46.09
C GLN F 223 43.72 46.50 -47.33
N ALA F 224 44.33 45.32 -47.33
CA ALA F 224 45.18 44.90 -48.42
C ALA F 224 44.52 44.94 -49.78
N LEU F 225 43.25 44.55 -49.88
CA LEU F 225 42.60 44.60 -51.17
C LEU F 225 41.72 45.84 -51.24
N MET G 1 -18.09 54.11 -44.45
CA MET G 1 -18.50 52.71 -44.56
C MET G 1 -18.46 52.33 -46.00
N GLU G 2 -19.34 52.96 -46.78
CA GLU G 2 -19.39 52.62 -48.20
C GLU G 2 -18.14 53.15 -48.92
N GLN G 3 -17.66 54.31 -48.52
CA GLN G 3 -16.39 54.79 -49.04
C GLN G 3 -15.26 53.84 -48.68
N ALA G 4 -15.24 53.36 -47.43
CA ALA G 4 -14.17 52.45 -46.99
C ALA G 4 -14.15 51.17 -47.80
N MET G 5 -15.33 50.55 -48.00
CA MET G 5 -15.35 49.34 -48.80
C MET G 5 -15.01 49.62 -50.25
N ARG G 6 -15.37 50.80 -50.76
CA ARG G 6 -14.97 51.12 -52.12
C ARG G 6 -13.47 51.26 -52.23
N GLU G 7 -12.82 51.82 -51.21
CA GLU G 7 -11.37 52.00 -51.28
C GLU G 7 -10.66 50.66 -51.12
N ARG G 8 -11.13 49.83 -50.19
CA ARG G 8 -10.51 48.51 -50.06
C ARG G 8 -10.64 47.75 -51.36
N SER G 9 -11.82 47.82 -51.98
CA SER G 9 -12.06 47.15 -53.26
C SER G 9 -11.11 47.65 -54.33
N GLU G 10 -10.88 48.97 -54.39
CA GLU G 10 -10.02 49.46 -55.47
C GLU G 10 -8.54 49.22 -55.20
N LEU G 11 -8.13 49.23 -53.93
CA LEU G 11 -6.76 48.88 -53.62
C LEU G 11 -6.46 47.47 -54.07
N ALA G 12 -7.34 46.54 -53.71
CA ALA G 12 -7.14 45.17 -54.11
C ALA G 12 -7.15 45.04 -55.62
N ARG G 13 -8.18 45.59 -56.25
CA ARG G 13 -8.32 45.39 -57.68
C ARG G 13 -7.08 45.89 -58.41
N LYS G 14 -6.53 47.06 -58.00
CA LYS G 14 -5.41 47.61 -58.75
C LYS G 14 -4.14 46.83 -58.46
N GLY G 15 -4.01 46.33 -57.25
CA GLY G 15 -2.95 45.37 -57.00
C GLY G 15 -3.00 44.20 -57.96
N ILE G 16 -4.18 43.64 -58.17
CA ILE G 16 -4.27 42.46 -59.03
C ILE G 16 -4.04 42.81 -60.48
N ALA G 17 -4.56 43.94 -60.95
CA ALA G 17 -4.38 44.33 -62.35
C ALA G 17 -2.94 44.64 -62.71
N ARG G 18 -2.09 44.88 -61.72
CA ARG G 18 -0.67 45.09 -61.94
C ARG G 18 0.09 43.79 -62.06
N ALA G 19 -0.53 42.66 -61.76
CA ALA G 19 0.15 41.40 -61.63
C ALA G 19 0.24 40.65 -62.94
N LYS G 20 1.12 39.65 -62.96
CA LYS G 20 1.22 38.83 -64.14
C LYS G 20 0.04 37.85 -64.21
N SER G 21 -0.26 37.41 -65.41
CA SER G 21 -1.47 36.65 -65.60
C SER G 21 -1.19 35.15 -65.56
N VAL G 22 -2.24 34.40 -65.22
CA VAL G 22 -2.21 32.95 -65.09
C VAL G 22 -3.48 32.39 -65.72
N VAL G 23 -3.36 31.28 -66.42
CA VAL G 23 -4.53 30.59 -66.96
C VAL G 23 -4.53 29.17 -66.43
N ALA G 24 -5.73 28.68 -66.15
CA ALA G 24 -5.91 27.28 -65.86
C ALA G 24 -7.01 26.81 -66.79
N LEU G 25 -6.77 25.74 -67.53
CA LEU G 25 -7.81 25.24 -68.41
C LEU G 25 -7.83 23.72 -68.40
N ALA G 26 -9.03 23.19 -68.54
CA ALA G 26 -9.20 21.74 -68.57
C ALA G 26 -8.81 21.19 -69.92
N TYR G 27 -8.11 20.06 -69.91
CA TYR G 27 -7.79 19.38 -71.14
C TYR G 27 -8.01 17.90 -70.93
N ALA G 28 -7.77 17.14 -71.99
CA ALA G 28 -8.15 15.74 -72.02
C ALA G 28 -7.56 14.96 -70.85
N GLY G 29 -6.34 15.28 -70.47
CA GLY G 29 -5.67 14.56 -69.42
C GLY G 29 -5.80 15.18 -68.05
N GLY G 30 -6.58 16.23 -67.90
CA GLY G 30 -6.67 16.85 -66.59
C GLY G 30 -6.83 18.35 -66.62
N VAL G 31 -5.99 19.07 -65.89
CA VAL G 31 -6.03 20.53 -65.87
C VAL G 31 -4.62 21.02 -66.11
N LEU G 32 -4.51 22.11 -66.87
CA LEU G 32 -3.25 22.72 -67.20
C LEU G 32 -3.15 24.11 -66.57
N PHE G 33 -2.02 24.37 -65.91
CA PHE G 33 -1.71 25.67 -65.30
C PHE G 33 -0.55 26.26 -66.08
N VAL G 34 -0.74 27.50 -66.54
CA VAL G 34 0.32 28.23 -67.25
C VAL G 34 0.36 29.63 -66.70
N ALA G 35 1.50 30.06 -66.24
CA ALA G 35 1.61 31.37 -65.62
C ALA G 35 2.83 32.10 -66.16
N GLU G 36 2.71 33.42 -66.33
CA GLU G 36 3.88 34.24 -66.58
C GLU G 36 4.69 34.34 -65.31
N ASN G 37 5.91 33.85 -65.34
CA ASN G 37 6.67 33.90 -64.12
C ASN G 37 8.16 33.95 -64.43
N PRO G 38 8.77 35.13 -64.25
CA PRO G 38 10.22 35.24 -64.40
C PRO G 38 11.01 34.45 -63.38
N SER G 39 10.50 34.32 -62.15
CA SER G 39 11.30 33.83 -61.05
C SER G 39 11.78 32.42 -61.31
N ARG G 40 12.85 32.06 -60.65
CA ARG G 40 13.39 30.75 -60.80
C ARG G 40 12.95 29.91 -59.62
N SER G 41 12.69 30.56 -58.50
CA SER G 41 12.35 29.82 -57.30
C SER G 41 11.06 30.24 -56.63
N LEU G 42 10.43 31.35 -57.03
CA LEU G 42 9.19 31.79 -56.43
C LEU G 42 8.03 31.39 -57.33
N GLN G 43 7.07 30.64 -56.79
CA GLN G 43 6.15 29.89 -57.62
C GLN G 43 4.69 30.31 -57.39
N LYS G 44 3.96 30.42 -58.50
CA LYS G 44 2.58 30.88 -58.54
C LYS G 44 1.58 29.74 -58.69
N ILE G 45 2.07 28.53 -58.86
CA ILE G 45 1.25 27.35 -59.04
C ILE G 45 1.75 26.31 -58.06
N SER G 46 0.84 25.61 -57.40
CA SER G 46 1.25 24.71 -56.35
C SER G 46 0.26 23.54 -56.23
N GLU G 47 0.74 22.44 -55.71
CA GLU G 47 -0.16 21.36 -55.34
C GLU G 47 -0.87 21.70 -54.04
N LEU G 48 -2.17 21.42 -53.96
CA LEU G 48 -2.89 21.49 -52.68
C LEU G 48 -3.09 20.13 -52.05
N TYR G 49 -3.57 19.14 -52.79
CA TYR G 49 -3.80 17.81 -52.26
C TYR G 49 -3.74 16.85 -53.42
N ASP G 50 -3.98 15.57 -53.15
CA ASP G 50 -3.76 14.52 -54.16
C ASP G 50 -4.23 14.95 -55.55
N ARG G 51 -5.50 15.33 -55.66
CA ARG G 51 -6.05 15.68 -56.97
C ARG G 51 -6.42 17.16 -57.05
N VAL G 52 -5.86 17.99 -56.18
CA VAL G 52 -6.28 19.38 -56.07
C VAL G 52 -5.08 20.29 -56.23
N GLY G 53 -5.22 21.26 -57.13
CA GLY G 53 -4.16 22.19 -57.41
C GLY G 53 -4.56 23.63 -57.16
N PHE G 54 -3.54 24.50 -57.10
CA PHE G 54 -3.69 25.88 -56.69
C PHE G 54 -2.93 26.76 -57.67
N ALA G 55 -3.54 27.86 -58.06
CA ALA G 55 -2.85 28.89 -58.82
C ALA G 55 -3.31 30.24 -58.33
N ALA G 56 -2.43 31.24 -58.38
CA ALA G 56 -2.78 32.54 -57.84
C ALA G 56 -2.04 33.65 -58.58
N ALA G 57 -2.65 34.82 -58.59
CA ALA G 57 -2.03 36.02 -59.13
C ALA G 57 -2.10 37.12 -58.08
N GLY G 58 -1.09 38.00 -58.10
CA GLY G 58 -1.10 39.10 -57.15
C GLY G 58 0.16 39.26 -56.33
N LYS G 59 -0.01 39.65 -55.06
CA LYS G 59 1.11 39.87 -54.18
C LYS G 59 1.57 38.55 -53.60
N PHE G 60 2.86 38.25 -53.75
CA PHE G 60 3.34 36.90 -53.46
C PHE G 60 3.11 36.52 -52.01
N ASN G 61 3.55 37.34 -51.06
CA ASN G 61 3.49 36.91 -49.67
C ASN G 61 2.06 36.62 -49.24
N GLU G 62 1.11 37.32 -49.84
CA GLU G 62 -0.27 37.10 -49.43
C GLU G 62 -0.81 35.80 -50.00
N PHE G 63 -0.67 35.57 -51.30
CA PHE G 63 -1.22 34.32 -51.77
C PHE G 63 -0.36 33.12 -51.37
N ASP G 64 0.90 33.35 -50.97
CA ASP G 64 1.66 32.29 -50.33
C ASP G 64 1.08 31.97 -48.97
N ASN G 65 0.62 32.99 -48.24
CA ASN G 65 -0.11 32.68 -47.01
C ASN G 65 -1.35 31.86 -47.31
N LEU G 66 -2.13 32.27 -48.29
CA LEU G 66 -3.35 31.53 -48.58
C LEU G 66 -3.03 30.12 -49.05
N ARG G 67 -1.96 29.96 -49.80
CA ARG G 67 -1.57 28.64 -50.28
C ARG G 67 -1.24 27.73 -49.11
N ARG G 68 -0.43 28.21 -48.18
CA ARG G 68 -0.09 27.43 -47.00
C ARG G 68 -1.29 27.11 -46.13
N GLY G 69 -2.16 28.08 -45.92
CA GLY G 69 -3.36 27.84 -45.13
C GLY G 69 -4.26 26.84 -45.79
N GLY G 70 -4.28 26.83 -47.12
CA GLY G 70 -5.06 25.82 -47.82
C GLY G 70 -4.48 24.44 -47.67
N ILE G 71 -3.16 24.31 -47.78
CA ILE G 71 -2.55 23.01 -47.55
C ILE G 71 -2.82 22.56 -46.12
N GLN G 72 -2.72 23.48 -45.17
CA GLN G 72 -3.00 23.13 -43.80
C GLN G 72 -4.42 22.59 -43.66
N PHE G 73 -5.38 23.28 -44.30
CA PHE G 73 -6.76 22.83 -44.27
C PHE G 73 -6.90 21.45 -44.87
N ALA G 74 -6.32 21.24 -46.05
CA ALA G 74 -6.48 19.98 -46.76
C ALA G 74 -5.88 18.82 -45.98
N ASP G 75 -4.65 18.98 -45.51
CA ASP G 75 -3.99 17.90 -44.81
C ASP G 75 -4.71 17.55 -43.52
N THR G 76 -5.23 18.57 -42.81
CA THR G 76 -6.06 18.28 -41.64
C THR G 76 -7.36 17.57 -42.01
N ARG G 77 -8.04 17.97 -43.08
CA ARG G 77 -9.28 17.26 -43.38
C ARG G 77 -9.00 15.82 -43.79
N GLY G 78 -7.99 15.61 -44.62
CA GLY G 78 -7.66 14.26 -44.98
C GLY G 78 -7.26 13.43 -43.79
N TYR G 79 -6.61 13.99 -42.80
CA TYR G 79 -6.27 13.25 -41.61
C TYR G 79 -7.46 12.88 -40.70
N ALA G 80 -8.34 13.83 -40.48
CA ALA G 80 -9.52 13.65 -39.67
C ALA G 80 -10.54 12.72 -40.25
N TYR G 81 -10.68 12.77 -41.57
CA TYR G 81 -11.60 11.92 -42.27
C TYR G 81 -10.86 10.96 -43.14
N ASP G 82 -10.86 11.18 -44.43
CA ASP G 82 -10.09 10.35 -45.34
C ASP G 82 -9.53 11.14 -46.45
N ARG G 83 -8.47 10.67 -47.04
CA ARG G 83 -7.89 11.43 -48.14
C ARG G 83 -8.94 11.72 -49.21
N ARG G 84 -9.91 10.81 -49.41
CA ARG G 84 -10.91 10.95 -50.46
C ARG G 84 -11.95 11.99 -50.15
N ASP G 85 -12.09 12.34 -48.91
CA ASP G 85 -13.07 13.32 -48.54
C ASP G 85 -12.62 14.75 -48.86
N VAL G 86 -11.37 14.95 -49.24
CA VAL G 86 -10.86 16.27 -49.55
C VAL G 86 -11.16 16.59 -51.01
N THR G 87 -11.85 17.69 -51.24
CA THR G 87 -12.32 18.06 -52.57
C THR G 87 -11.91 19.47 -52.91
N GLY G 88 -11.96 19.77 -54.21
CA GLY G 88 -11.73 21.13 -54.66
C GLY G 88 -12.80 22.08 -54.19
N ARG G 89 -14.05 21.62 -54.17
CA ARG G 89 -15.12 22.51 -53.74
C ARG G 89 -14.90 22.93 -52.28
N GLN G 90 -14.45 22.01 -51.44
CA GLN G 90 -14.11 22.35 -50.06
C GLN G 90 -13.05 23.44 -49.99
N LEU G 91 -11.92 23.27 -50.69
CA LEU G 91 -10.88 24.28 -50.63
C LEU G 91 -11.36 25.60 -51.18
N ALA G 92 -12.10 25.57 -52.28
CA ALA G 92 -12.60 26.80 -52.87
C ALA G 92 -13.52 27.51 -51.88
N ASN G 93 -14.35 26.74 -51.18
CA ASN G 93 -15.27 27.30 -50.19
C ASN G 93 -14.52 27.97 -49.04
N VAL G 94 -13.44 27.33 -48.59
CA VAL G 94 -12.63 27.86 -47.50
C VAL G 94 -11.89 29.10 -47.94
N TYR G 95 -11.45 29.16 -49.17
CA TYR G 95 -10.81 30.38 -49.60
C TYR G 95 -11.81 31.52 -49.66
N ALA G 96 -13.04 31.24 -50.12
CA ALA G 96 -14.06 32.28 -50.15
C ALA G 96 -14.31 32.84 -48.76
N GLN G 97 -14.50 31.95 -47.78
CA GLN G 97 -14.70 32.41 -46.41
C GLN G 97 -13.51 33.21 -45.91
N THR G 98 -12.31 32.74 -46.21
CA THR G 98 -11.11 33.38 -45.69
C THR G 98 -10.90 34.75 -46.33
N LEU G 99 -10.99 34.85 -47.64
CA LEU G 99 -10.80 36.13 -48.28
C LEU G 99 -11.91 37.11 -47.92
N GLY G 100 -13.11 36.60 -47.67
CA GLY G 100 -14.15 37.50 -47.19
C GLY G 100 -13.77 38.12 -45.87
N THR G 101 -13.35 37.28 -44.94
CA THR G 101 -12.92 37.77 -43.65
C THR G 101 -11.74 38.73 -43.79
N ILE G 102 -10.71 38.37 -44.57
CA ILE G 102 -9.56 39.26 -44.73
C ILE G 102 -10.01 40.60 -45.28
N PHE G 103 -10.80 40.57 -46.33
CA PHE G 103 -11.23 41.77 -47.03
C PHE G 103 -12.02 42.67 -46.12
N THR G 104 -12.66 42.11 -45.11
CA THR G 104 -13.49 42.92 -44.24
C THR G 104 -12.76 43.41 -43.00
N GLU G 105 -11.80 42.64 -42.46
CA GLU G 105 -11.30 42.89 -41.11
C GLU G 105 -9.81 43.13 -40.98
N GLN G 106 -9.01 42.80 -41.98
CA GLN G 106 -7.56 43.01 -41.85
C GLN G 106 -7.23 44.46 -42.16
N ALA G 107 -6.00 44.85 -41.82
CA ALA G 107 -5.64 46.26 -42.00
C ALA G 107 -5.69 46.68 -43.46
N LYS G 108 -5.15 45.85 -44.35
CA LYS G 108 -5.21 46.05 -45.76
C LYS G 108 -5.73 44.77 -46.39
N PRO G 109 -6.63 44.88 -47.35
CA PRO G 109 -7.09 43.67 -48.03
C PRO G 109 -5.95 43.00 -48.77
N TYR G 110 -6.12 41.69 -49.00
CA TYR G 110 -5.17 40.94 -49.80
C TYR G 110 -5.38 41.24 -51.27
N GLU G 111 -4.30 41.59 -51.96
CA GLU G 111 -4.31 41.81 -53.40
C GLU G 111 -4.05 40.48 -54.11
N VAL G 112 -5.04 39.61 -54.08
CA VAL G 112 -4.86 38.27 -54.63
C VAL G 112 -6.07 37.88 -55.46
N GLU G 113 -5.84 36.95 -56.38
CA GLU G 113 -6.90 36.20 -57.03
C GLU G 113 -6.45 34.75 -57.11
N LEU G 114 -7.35 33.83 -56.79
CA LEU G 114 -7.02 32.42 -56.67
C LEU G 114 -7.84 31.56 -57.62
N CYS G 115 -7.26 30.44 -57.99
CA CYS G 115 -7.90 29.38 -58.73
C CYS G 115 -7.62 28.06 -58.04
N VAL G 116 -8.68 27.30 -57.74
CA VAL G 116 -8.56 25.96 -57.18
C VAL G 116 -9.08 24.97 -58.21
N ALA G 117 -8.27 23.96 -58.53
CA ALA G 117 -8.65 23.02 -59.56
C ALA G 117 -8.64 21.60 -59.02
N GLU G 118 -9.54 20.78 -59.53
CA GLU G 118 -9.57 19.36 -59.19
C GLU G 118 -9.77 18.50 -60.43
N VAL G 119 -9.06 17.38 -60.49
CA VAL G 119 -9.28 16.36 -61.50
C VAL G 119 -9.80 15.12 -60.81
N ALA G 120 -10.22 14.14 -61.61
CA ALA G 120 -10.75 12.91 -61.08
C ALA G 120 -9.67 12.11 -60.35
N HIS G 121 -10.11 11.18 -59.51
CA HIS G 121 -9.18 10.21 -58.97
C HIS G 121 -8.85 9.16 -60.04
N TYR G 122 -7.77 8.42 -59.82
CA TYR G 122 -7.30 7.51 -60.85
C TYR G 122 -8.39 6.51 -61.23
N GLY G 123 -8.62 6.36 -62.52
CA GLY G 123 -9.60 5.39 -62.95
C GLY G 123 -11.04 5.79 -62.81
N GLU G 124 -11.33 7.03 -62.45
CA GLU G 124 -12.71 7.50 -62.36
C GLU G 124 -12.98 8.49 -63.47
N THR G 125 -14.25 8.62 -63.84
CA THR G 125 -14.69 9.49 -64.93
C THR G 125 -15.52 10.61 -64.32
N LYS G 126 -14.91 11.79 -64.23
CA LYS G 126 -15.58 12.99 -63.73
C LYS G 126 -14.89 14.17 -64.38
N ARG G 127 -15.65 15.11 -64.91
CA ARG G 127 -15.05 16.25 -65.57
C ARG G 127 -14.36 17.16 -64.55
N PRO G 128 -13.24 17.77 -64.92
CA PRO G 128 -12.50 18.64 -64.01
C PRO G 128 -13.37 19.78 -63.47
N GLU G 129 -12.98 20.28 -62.30
CA GLU G 129 -13.62 21.45 -61.71
C GLU G 129 -12.61 22.58 -61.56
N LEU G 130 -13.04 23.78 -61.92
CA LEU G 130 -12.25 24.99 -61.77
C LEU G 130 -13.04 25.99 -60.94
N TYR G 131 -12.38 26.58 -59.97
CA TYR G 131 -13.00 27.62 -59.17
C TYR G 131 -12.10 28.84 -59.18
N ARG G 132 -12.72 30.01 -59.33
CA ARG G 132 -12.04 31.28 -59.13
C ARG G 132 -12.59 31.91 -57.85
N ILE G 133 -11.68 32.43 -57.03
CA ILE G 133 -12.02 33.19 -55.83
C ILE G 133 -11.27 34.50 -55.91
N THR G 134 -11.99 35.63 -55.75
CA THR G 134 -11.44 36.97 -55.82
C THR G 134 -11.25 37.57 -54.44
N TYR G 135 -10.74 38.81 -54.43
CA TYR G 135 -10.23 39.43 -53.22
C TYR G 135 -11.28 39.64 -52.14
N ASP G 136 -12.54 39.63 -52.50
CA ASP G 136 -13.56 39.89 -51.50
C ASP G 136 -14.25 38.61 -51.07
N GLY G 137 -13.75 37.47 -51.54
CA GLY G 137 -14.40 36.20 -51.25
C GLY G 137 -15.45 35.78 -52.25
N SER G 138 -15.61 36.50 -53.34
CA SER G 138 -16.54 36.05 -54.35
C SER G 138 -15.97 34.83 -55.04
N ILE G 139 -16.83 33.86 -55.31
CA ILE G 139 -16.40 32.57 -55.82
C ILE G 139 -17.26 32.23 -57.04
N ALA G 140 -16.62 31.70 -58.08
CA ALA G 140 -17.32 31.29 -59.30
C ALA G 140 -16.76 29.97 -59.79
N ASP G 141 -17.60 29.07 -60.23
CA ASP G 141 -17.08 27.83 -60.79
C ASP G 141 -17.12 27.97 -62.29
N GLU G 142 -16.08 27.49 -62.93
CA GLU G 142 -15.97 27.69 -64.35
C GLU G 142 -15.82 26.34 -65.02
N PRO G 143 -16.38 26.16 -66.21
CA PRO G 143 -16.35 24.83 -66.82
C PRO G 143 -15.11 24.55 -67.64
N HIS G 144 -14.49 25.59 -68.24
CA HIS G 144 -13.44 25.35 -69.21
C HIS G 144 -12.10 25.98 -68.82
N PHE G 145 -12.10 27.25 -68.40
CA PHE G 145 -10.85 27.93 -68.11
C PHE G 145 -11.08 29.05 -67.11
N VAL G 146 -9.99 29.48 -66.50
CA VAL G 146 -9.93 30.55 -65.50
C VAL G 146 -8.73 31.42 -65.82
N VAL G 147 -8.92 32.74 -65.79
CA VAL G 147 -7.84 33.68 -66.08
C VAL G 147 -7.73 34.63 -64.90
N MET G 148 -6.51 34.85 -64.45
CA MET G 148 -6.33 35.69 -63.28
C MET G 148 -5.13 36.58 -63.47
N GLY G 149 -5.23 37.80 -62.97
CA GLY G 149 -4.12 38.72 -62.89
C GLY G 149 -3.99 39.57 -64.14
N GLY G 150 -3.58 40.81 -63.94
CA GLY G 150 -3.42 41.66 -65.09
C GLY G 150 -4.74 41.90 -65.81
N THR G 151 -4.60 42.16 -67.11
CA THR G 151 -5.73 42.47 -67.96
C THR G 151 -6.26 41.16 -68.52
N THR G 152 -7.27 40.64 -67.86
CA THR G 152 -7.70 39.29 -68.13
C THR G 152 -8.58 39.15 -69.35
N GLU G 153 -9.27 40.21 -69.80
CA GLU G 153 -10.29 40.03 -70.84
C GLU G 153 -9.75 39.74 -72.25
N PRO G 154 -8.62 40.31 -72.66
CA PRO G 154 -8.06 39.85 -73.94
C PRO G 154 -7.77 38.37 -73.92
N ILE G 155 -7.14 37.91 -72.83
CA ILE G 155 -6.75 36.50 -72.71
C ILE G 155 -7.98 35.63 -72.67
N ALA G 156 -8.98 36.06 -71.91
CA ALA G 156 -10.22 35.30 -71.83
C ALA G 156 -10.84 35.17 -73.21
N ASN G 157 -10.79 36.22 -74.01
CA ASN G 157 -11.43 36.12 -75.31
C ASN G 157 -10.64 35.22 -76.23
N ALA G 158 -9.31 35.31 -76.23
CA ALA G 158 -8.53 34.36 -77.00
C ALA G 158 -8.90 32.93 -76.61
N LEU G 159 -9.02 32.67 -75.32
CA LEU G 159 -9.39 31.32 -74.92
C LEU G 159 -10.82 31.02 -75.35
N LYS G 160 -11.67 32.04 -75.44
CA LYS G 160 -13.05 31.79 -75.84
C LYS G 160 -13.15 31.45 -77.31
N GLU G 161 -12.23 31.96 -78.13
CA GLU G 161 -12.25 31.65 -79.56
C GLU G 161 -11.48 30.38 -79.90
N SER G 162 -10.43 30.07 -79.16
CA SER G 162 -9.56 28.98 -79.53
C SER G 162 -9.71 27.75 -78.68
N TYR G 163 -10.48 27.81 -77.59
CA TYR G 163 -10.52 26.68 -76.68
C TYR G 163 -11.39 25.60 -77.25
N ALA G 164 -10.88 24.40 -77.11
CA ALA G 164 -11.55 23.22 -77.53
C ALA G 164 -11.52 22.32 -76.34
N GLU G 165 -12.66 21.78 -76.03
CA GLU G 165 -12.82 20.87 -74.92
C GLU G 165 -12.09 19.57 -75.16
N ASN G 166 -11.58 18.96 -74.10
CA ASN G 166 -10.89 17.69 -74.20
C ASN G 166 -9.76 17.69 -75.21
N ALA G 167 -8.97 18.73 -75.22
CA ALA G 167 -7.86 18.84 -76.10
C ALA G 167 -6.68 18.14 -75.59
N SER G 168 -5.73 18.00 -76.47
CA SER G 168 -4.48 17.38 -76.10
C SER G 168 -3.63 18.30 -75.23
N LEU G 169 -2.64 17.71 -74.56
CA LEU G 169 -1.75 18.48 -73.69
C LEU G 169 -0.95 19.50 -74.47
N THR G 170 -0.29 19.09 -75.56
CA THR G 170 0.50 20.01 -76.35
C THR G 170 -0.40 21.08 -76.94
N ASP G 171 -1.58 20.65 -77.38
CA ASP G 171 -2.55 21.55 -77.96
C ASP G 171 -3.00 22.58 -76.96
N ALA G 172 -3.42 22.12 -75.77
CA ALA G 172 -3.90 23.07 -74.77
C ALA G 172 -2.79 24.02 -74.36
N LEU G 173 -1.57 23.51 -74.25
CA LEU G 173 -0.46 24.35 -73.85
C LEU G 173 -0.24 25.47 -74.86
N ARG G 174 -0.31 25.15 -76.16
CA ARG G 174 -0.19 26.22 -77.14
C ARG G 174 -1.39 27.18 -77.09
N ILE G 175 -2.59 26.66 -76.85
CA ILE G 175 -3.75 27.54 -76.79
C ILE G 175 -3.59 28.54 -75.64
N ALA G 176 -3.10 28.03 -74.51
CA ALA G 176 -2.89 28.86 -73.34
C ALA G 176 -1.78 29.87 -73.56
N VAL G 177 -0.63 29.42 -74.09
CA VAL G 177 0.46 30.37 -74.28
C VAL G 177 0.04 31.44 -75.27
N ALA G 178 -0.67 31.05 -76.32
CA ALA G 178 -1.15 32.04 -77.27
C ALA G 178 -2.07 33.05 -76.59
N ALA G 179 -3.09 32.57 -75.88
CA ALA G 179 -4.01 33.48 -75.21
C ALA G 179 -3.29 34.37 -74.21
N LEU G 180 -2.27 33.83 -73.53
CA LEU G 180 -1.47 34.64 -72.61
C LEU G 180 -0.75 35.75 -73.35
N ARG G 181 -0.20 35.46 -74.51
CA ARG G 181 0.53 36.48 -75.26
C ARG G 181 -0.41 37.45 -75.99
N ALA G 182 -1.69 37.15 -76.11
CA ALA G 182 -2.67 38.14 -76.56
C ALA G 182 -3.02 39.13 -75.46
N GLY G 183 -2.23 39.18 -74.39
CA GLY G 183 -2.41 40.13 -73.31
C GLY G 183 -1.08 40.73 -72.89
N SER G 184 -0.19 40.90 -73.87
CA SER G 184 1.14 41.49 -73.67
C SER G 184 1.17 42.98 -74.01
N GLY G 196 8.59 31.82 -73.45
CA GLY G 196 9.55 30.72 -73.41
C GLY G 196 9.78 30.18 -72.02
N VAL G 197 10.72 29.24 -71.89
CA VAL G 197 10.86 28.52 -70.62
C VAL G 197 11.34 29.43 -69.50
N ALA G 198 12.12 30.45 -69.81
CA ALA G 198 12.55 31.34 -68.74
C ALA G 198 11.44 32.24 -68.23
N SER G 199 10.32 32.32 -68.95
CA SER G 199 9.24 33.23 -68.59
C SER G 199 7.93 32.55 -68.26
N LEU G 200 7.87 31.23 -68.23
CA LEU G 200 6.63 30.53 -67.93
C LEU G 200 6.88 29.57 -66.78
N GLU G 201 5.85 29.40 -65.96
CA GLU G 201 5.77 28.33 -64.98
C GLU G 201 4.60 27.49 -65.43
N VAL G 202 4.83 26.18 -65.61
CA VAL G 202 3.85 25.27 -66.19
C VAL G 202 3.69 24.07 -65.28
N ALA G 203 2.44 23.63 -65.12
CA ALA G 203 2.19 22.42 -64.36
C ALA G 203 0.87 21.81 -64.78
N VAL G 204 0.66 20.54 -64.39
CA VAL G 204 -0.57 19.83 -64.67
C VAL G 204 -1.11 19.15 -63.43
N LEU G 205 -2.41 19.03 -63.39
CA LEU G 205 -3.07 17.99 -62.61
C LEU G 205 -3.38 16.90 -63.61
N ASP G 206 -2.59 15.83 -63.52
CA ASP G 206 -2.60 14.73 -64.48
C ASP G 206 -3.55 13.64 -63.98
N ALA G 207 -4.71 13.52 -64.61
CA ALA G 207 -5.72 12.56 -64.19
C ALA G 207 -5.26 11.12 -64.32
N ASN G 208 -4.13 10.84 -64.97
CA ASN G 208 -3.68 9.48 -65.16
C ASN G 208 -2.61 9.05 -64.17
N ARG G 209 -2.14 9.93 -63.34
CA ARG G 209 -1.22 9.42 -62.35
C ARG G 209 -1.98 8.78 -61.20
N PRO G 210 -1.41 7.73 -60.63
CA PRO G 210 -2.18 6.92 -59.67
C PRO G 210 -2.62 7.64 -58.43
N ARG G 211 -1.75 8.40 -57.76
CA ARG G 211 -2.29 9.16 -56.63
C ARG G 211 -2.11 10.65 -56.80
N ARG G 212 -0.91 11.14 -56.54
CA ARG G 212 -0.71 12.58 -56.58
C ARG G 212 -0.65 13.04 -58.02
N ALA G 213 -1.63 13.84 -58.42
CA ALA G 213 -1.77 14.28 -59.79
C ALA G 213 -0.87 15.43 -60.14
N PHE G 214 -0.36 16.19 -59.16
CA PHE G 214 0.36 17.42 -59.48
C PHE G 214 1.75 17.12 -60.03
N ARG G 215 2.09 17.78 -61.14
CA ARG G 215 3.37 17.54 -61.80
C ARG G 215 3.82 18.80 -62.52
N ARG G 216 5.07 19.22 -62.29
CA ARG G 216 5.60 20.37 -63.02
C ARG G 216 6.25 19.96 -64.33
N ILE G 217 6.22 20.87 -65.29
CA ILE G 217 6.87 20.68 -66.57
C ILE G 217 7.88 21.81 -66.76
N THR G 218 9.15 21.47 -66.71
CA THR G 218 10.21 22.46 -66.72
C THR G 218 11.28 22.07 -67.72
N GLY G 219 11.90 23.09 -68.29
CA GLY G 219 13.14 22.89 -69.03
C GLY G 219 12.99 22.07 -70.30
N SER G 220 13.80 21.02 -70.40
CA SER G 220 13.89 20.22 -71.63
C SER G 220 12.53 19.68 -72.06
N ALA G 221 11.78 19.13 -71.10
CA ALA G 221 10.46 18.60 -71.37
C ALA G 221 9.49 19.70 -71.78
N LEU G 222 9.58 20.86 -71.13
CA LEU G 222 8.65 21.95 -71.42
C LEU G 222 8.85 22.48 -72.83
N GLN G 223 10.04 22.98 -73.15
CA GLN G 223 10.27 23.51 -74.51
C GLN G 223 10.14 22.43 -75.55
N ALA G 224 10.54 21.20 -75.21
CA ALA G 224 10.16 20.07 -76.06
C ALA G 224 8.66 20.08 -76.36
N LEU G 225 7.85 20.44 -75.36
CA LEU G 225 6.40 20.39 -75.55
C LEU G 225 5.84 21.64 -76.21
N LEU G 226 6.59 22.73 -76.19
CA LEU G 226 6.17 23.93 -76.90
C LEU G 226 6.19 23.76 -78.41
N VAL G 227 6.80 22.68 -78.90
CA VAL G 227 6.97 22.45 -80.33
C VAL G 227 6.60 21.00 -80.67
N THR H 1 -24.21 -9.60 -23.89
CA THR H 1 -24.44 -9.04 -25.23
C THR H 1 -23.73 -9.86 -26.29
N THR H 2 -24.38 -9.99 -27.43
CA THR H 2 -23.73 -10.42 -28.64
C THR H 2 -24.26 -9.60 -29.81
N ILE H 3 -23.34 -9.15 -30.64
CA ILE H 3 -23.65 -8.56 -31.93
C ILE H 3 -22.96 -9.37 -33.01
N VAL H 4 -23.69 -9.76 -34.04
CA VAL H 4 -23.05 -10.41 -35.18
C VAL H 4 -23.30 -9.59 -36.44
N ALA H 5 -22.37 -9.71 -37.37
CA ALA H 5 -22.54 -9.12 -38.68
C ALA H 5 -21.94 -10.06 -39.70
N LEU H 6 -22.59 -10.20 -40.84
CA LEU H 6 -21.96 -10.96 -41.90
C LEU H 6 -22.35 -10.41 -43.27
N LYS H 7 -21.45 -10.55 -44.24
CA LYS H 7 -21.77 -10.16 -45.61
C LYS H 7 -22.17 -11.34 -46.46
N TYR H 8 -23.13 -11.09 -47.32
CA TYR H 8 -23.63 -12.03 -48.31
C TYR H 8 -23.55 -11.40 -49.67
N PRO H 9 -23.75 -12.16 -50.76
CA PRO H 9 -23.65 -11.56 -52.09
C PRO H 9 -24.61 -10.40 -52.26
N GLY H 10 -24.07 -9.20 -52.33
CA GLY H 10 -24.86 -8.03 -52.55
C GLY H 10 -25.19 -7.24 -51.31
N GLY H 11 -24.74 -7.67 -50.14
CA GLY H 11 -25.08 -6.85 -48.99
C GLY H 11 -24.45 -7.36 -47.72
N VAL H 12 -24.97 -6.83 -46.63
CA VAL H 12 -24.50 -7.14 -45.30
C VAL H 12 -25.74 -7.22 -44.40
N VAL H 13 -25.63 -8.00 -43.34
CA VAL H 13 -26.69 -8.12 -42.33
C VAL H 13 -26.05 -8.01 -40.95
N MET H 14 -26.75 -7.38 -40.02
CA MET H 14 -26.28 -7.22 -38.66
C MET H 14 -27.40 -7.54 -37.70
N ALA H 15 -27.11 -8.26 -36.62
CA ALA H 15 -28.16 -8.61 -35.68
C ALA H 15 -27.60 -8.53 -34.27
N GLY H 16 -28.48 -8.28 -33.32
CA GLY H 16 -28.09 -8.17 -31.93
C GLY H 16 -29.18 -8.71 -31.03
N ASP H 17 -28.80 -9.08 -29.80
CA ASP H 17 -29.71 -9.63 -28.81
C ASP H 17 -30.41 -8.53 -28.02
N ARG H 18 -31.31 -8.91 -27.13
CA ARG H 18 -32.16 -7.92 -26.49
C ARG H 18 -31.98 -7.84 -24.99
N ARG H 19 -30.97 -8.51 -24.42
CA ARG H 19 -30.80 -8.63 -22.99
C ARG H 19 -29.96 -7.53 -22.39
N SER H 20 -30.33 -7.10 -21.19
CA SER H 20 -29.56 -6.17 -20.39
C SER H 20 -29.39 -6.71 -18.99
N THR H 21 -28.17 -6.69 -18.46
CA THR H 21 -27.89 -7.23 -17.15
C THR H 21 -27.28 -6.17 -16.22
N GLN H 22 -27.44 -6.43 -14.92
CA GLN H 22 -26.75 -5.72 -13.84
C GLN H 22 -26.20 -6.80 -12.95
N GLY H 23 -24.96 -7.19 -13.19
CA GLY H 23 -24.39 -8.36 -12.55
C GLY H 23 -25.06 -9.59 -13.13
N ASN H 24 -25.63 -10.41 -12.26
CA ASN H 24 -26.36 -11.58 -12.69
C ASN H 24 -27.81 -11.30 -12.94
N MET H 25 -28.33 -10.17 -12.45
CA MET H 25 -29.75 -9.84 -12.58
C MET H 25 -30.08 -9.35 -13.97
N ILE H 26 -31.18 -9.84 -14.51
CA ILE H 26 -31.67 -9.35 -15.79
C ILE H 26 -32.41 -8.07 -15.52
N SER H 27 -31.90 -6.96 -16.07
CA SER H 27 -32.50 -5.63 -15.94
C SER H 27 -33.19 -5.16 -17.19
N GLY H 28 -33.12 -5.92 -18.29
CA GLY H 28 -33.90 -5.57 -19.46
C GLY H 28 -34.07 -6.73 -20.42
N ARG H 29 -35.23 -6.81 -21.06
CA ARG H 29 -35.50 -7.90 -21.97
C ARG H 29 -35.67 -7.47 -23.43
N ASP H 30 -35.82 -6.20 -23.72
CA ASP H 30 -36.13 -5.73 -25.06
C ASP H 30 -35.15 -4.67 -25.59
N VAL H 31 -33.99 -4.52 -24.98
CA VAL H 31 -33.15 -3.43 -25.38
C VAL H 31 -32.73 -3.61 -26.82
N ARG H 32 -32.39 -2.49 -27.47
CA ARG H 32 -31.96 -2.46 -28.85
C ARG H 32 -30.49 -2.11 -28.88
N LYS H 33 -29.70 -2.93 -29.56
CA LYS H 33 -28.27 -2.74 -29.61
C LYS H 33 -27.74 -2.51 -31.01
N VAL H 34 -28.59 -2.53 -32.02
CA VAL H 34 -28.21 -2.36 -33.42
C VAL H 34 -28.98 -1.16 -33.95
N TYR H 35 -28.25 -0.14 -34.44
CA TYR H 35 -28.86 1.10 -34.87
C TYR H 35 -28.53 1.36 -36.32
N ILE H 36 -29.51 1.82 -37.08
CA ILE H 36 -29.22 2.34 -38.40
C ILE H 36 -28.66 3.73 -38.15
N THR H 37 -27.38 3.91 -38.45
CA THR H 37 -26.73 5.19 -38.19
C THR H 37 -26.60 6.03 -39.46
N ASP H 38 -26.90 5.48 -40.62
CA ASP H 38 -26.73 6.22 -41.87
C ASP H 38 -27.46 5.42 -42.93
N ASP H 39 -27.78 6.02 -44.08
CA ASP H 39 -28.54 5.28 -45.09
C ASP H 39 -27.86 3.97 -45.51
N TYR H 40 -26.53 3.88 -45.39
CA TYR H 40 -25.81 2.67 -45.78
C TYR H 40 -25.01 2.10 -44.61
N THR H 41 -25.33 2.50 -43.38
CA THR H 41 -24.50 2.08 -42.27
C THR H 41 -25.33 1.75 -41.05
N ALA H 42 -24.99 0.62 -40.40
CA ALA H 42 -25.54 0.21 -39.11
C ALA H 42 -24.41 -0.06 -38.14
N THR H 43 -24.66 0.30 -36.88
CA THR H 43 -23.75 0.11 -35.76
C THR H 43 -24.42 -0.70 -34.68
N GLY H 44 -23.72 -1.72 -34.21
CA GLY H 44 -24.12 -2.47 -33.02
C GLY H 44 -23.06 -2.31 -31.96
N ILE H 45 -23.47 -2.11 -30.71
CA ILE H 45 -22.52 -1.78 -29.66
C ILE H 45 -22.71 -2.68 -28.44
N ALA H 46 -21.61 -3.08 -27.83
CA ALA H 46 -21.62 -3.91 -26.61
C ALA H 46 -20.94 -3.15 -25.48
N GLY H 47 -21.39 -3.38 -24.27
CA GLY H 47 -20.73 -2.68 -23.20
C GLY H 47 -21.74 -2.03 -22.32
N THR H 48 -21.32 -1.01 -21.60
CA THR H 48 -22.25 -0.33 -20.72
C THR H 48 -23.25 0.46 -21.55
N ALA H 49 -24.51 0.35 -21.18
CA ALA H 49 -25.61 0.87 -21.99
C ALA H 49 -25.43 2.36 -22.26
N ALA H 50 -25.11 3.12 -21.22
CA ALA H 50 -24.97 4.57 -21.35
C ALA H 50 -23.97 4.94 -22.43
N VAL H 51 -22.79 4.31 -22.41
CA VAL H 51 -21.78 4.64 -23.38
C VAL H 51 -22.18 4.15 -24.76
N ALA H 52 -22.79 2.96 -24.84
CA ALA H 52 -23.18 2.40 -26.12
C ALA H 52 -24.17 3.30 -26.84
N VAL H 53 -25.20 3.73 -26.13
CA VAL H 53 -26.23 4.58 -26.72
C VAL H 53 -25.67 5.95 -27.10
N GLU H 54 -24.84 6.55 -26.24
CA GLU H 54 -24.21 7.80 -26.63
C GLU H 54 -23.40 7.63 -27.92
N PHE H 55 -22.67 6.52 -28.06
CA PHE H 55 -21.92 6.28 -29.29
C PHE H 55 -22.86 6.25 -30.48
N ALA H 56 -23.90 5.45 -30.43
CA ALA H 56 -24.78 5.35 -31.58
C ALA H 56 -25.38 6.71 -31.93
N ARG H 57 -25.86 7.42 -30.92
CA ARG H 57 -26.53 8.67 -31.14
C ARG H 57 -25.58 9.69 -31.73
N LEU H 58 -24.48 9.92 -31.04
CA LEU H 58 -23.55 10.96 -31.44
C LEU H 58 -22.89 10.61 -32.75
N TYR H 59 -22.67 9.34 -33.02
CA TYR H 59 -22.09 8.92 -34.29
C TYR H 59 -23.02 9.23 -35.45
N ALA H 60 -24.30 8.92 -35.28
CA ALA H 60 -25.24 9.22 -36.35
C ALA H 60 -25.31 10.72 -36.60
N VAL H 61 -25.33 11.50 -35.52
CA VAL H 61 -25.32 12.95 -35.68
C VAL H 61 -24.07 13.42 -36.42
N GLU H 62 -22.92 12.81 -36.14
CA GLU H 62 -21.69 13.24 -36.80
C GLU H 62 -21.77 13.02 -38.30
N LEU H 63 -22.25 11.83 -38.71
CA LEU H 63 -22.30 11.54 -40.15
C LEU H 63 -23.25 12.49 -40.87
N GLU H 64 -24.45 12.69 -40.32
CA GLU H 64 -25.36 13.58 -41.02
C GLU H 64 -24.90 15.04 -40.96
N HIS H 65 -24.27 15.43 -39.85
CA HIS H 65 -23.65 16.75 -39.75
C HIS H 65 -22.69 17.00 -40.90
N TYR H 66 -21.74 16.07 -41.11
CA TYR H 66 -20.84 16.24 -42.23
C TYR H 66 -21.62 16.31 -43.54
N GLU H 67 -22.60 15.43 -43.70
CA GLU H 67 -23.33 15.36 -44.96
C GLU H 67 -23.98 16.70 -45.30
N LYS H 68 -24.58 17.36 -44.33
CA LYS H 68 -25.25 18.63 -44.59
C LYS H 68 -24.25 19.76 -44.71
N LEU H 69 -23.19 19.74 -43.93
CA LEU H 69 -22.23 20.82 -44.03
C LEU H 69 -21.54 20.81 -45.39
N GLU H 70 -21.15 19.66 -45.88
CA GLU H 70 -20.29 19.61 -47.05
C GLU H 70 -21.00 19.12 -48.30
N GLY H 71 -22.29 18.79 -48.22
CA GLY H 71 -23.08 18.43 -49.37
C GLY H 71 -22.92 17.03 -49.88
N VAL H 72 -22.07 16.23 -49.26
CA VAL H 72 -21.82 14.87 -49.73
C VAL H 72 -21.51 14.02 -48.51
N PRO H 73 -21.88 12.75 -48.49
CA PRO H 73 -21.56 11.92 -47.32
C PRO H 73 -20.08 11.54 -47.28
N LEU H 74 -19.64 11.14 -46.09
CA LEU H 74 -18.26 10.70 -45.96
C LEU H 74 -18.03 9.44 -46.74
N THR H 75 -16.83 9.31 -47.28
CA THR H 75 -16.44 8.01 -47.77
C THR H 75 -16.39 7.01 -46.62
N PHE H 76 -16.52 5.74 -46.96
CA PHE H 76 -16.58 4.74 -45.91
C PHE H 76 -15.33 4.76 -45.03
N ALA H 77 -14.17 5.01 -45.62
CA ALA H 77 -12.97 5.13 -44.82
C ALA H 77 -13.10 6.25 -43.81
N GLY H 78 -13.74 7.36 -44.21
CA GLY H 78 -13.93 8.46 -43.29
C GLY H 78 -14.87 8.11 -42.15
N LYS H 79 -15.92 7.36 -42.45
CA LYS H 79 -16.80 6.88 -41.41
C LYS H 79 -16.05 6.00 -40.41
N ILE H 80 -15.22 5.08 -40.92
CA ILE H 80 -14.44 4.25 -40.02
C ILE H 80 -13.59 5.11 -39.12
N ASN H 81 -12.91 6.10 -39.71
CA ASN H 81 -12.02 6.94 -38.94
C ASN H 81 -12.75 7.69 -37.83
N ARG H 82 -13.96 8.20 -38.11
CA ARG H 82 -14.63 8.99 -37.08
C ARG H 82 -15.15 8.11 -35.95
N LEU H 83 -15.60 6.89 -36.28
CA LEU H 83 -15.96 5.96 -35.22
C LEU H 83 -14.74 5.60 -34.37
N ALA H 84 -13.59 5.40 -35.03
CA ALA H 84 -12.37 5.09 -34.30
C ALA H 84 -11.96 6.22 -33.36
N ILE H 85 -12.06 7.46 -33.83
CA ILE H 85 -11.68 8.60 -33.00
C ILE H 85 -12.61 8.67 -31.80
N MET H 86 -13.89 8.40 -32.01
CA MET H 86 -14.80 8.47 -30.87
C MET H 86 -14.48 7.42 -29.82
N VAL H 87 -14.23 6.18 -30.26
CA VAL H 87 -13.84 5.14 -29.32
C VAL H 87 -12.57 5.58 -28.61
N ARG H 88 -11.58 6.03 -29.36
CA ARG H 88 -10.31 6.45 -28.78
C ARG H 88 -10.53 7.48 -27.70
N GLY H 89 -11.35 8.48 -27.98
CA GLY H 89 -11.63 9.49 -27.00
C GLY H 89 -12.27 8.98 -25.74
N ASN H 90 -12.90 7.82 -25.77
CA ASN H 90 -13.50 7.33 -24.54
C ASN H 90 -12.57 6.46 -23.71
N LEU H 91 -11.30 6.40 -24.07
CA LEU H 91 -10.41 5.40 -23.45
C LEU H 91 -10.30 5.60 -21.95
N ALA H 92 -10.13 6.83 -21.48
CA ALA H 92 -9.99 7.03 -20.04
C ALA H 92 -11.20 6.53 -19.28
N ALA H 93 -12.38 6.99 -19.70
CA ALA H 93 -13.61 6.56 -19.07
C ALA H 93 -13.76 5.04 -19.15
N ALA H 94 -13.33 4.44 -20.26
CA ALA H 94 -13.40 3.00 -20.38
C ALA H 94 -12.50 2.34 -19.35
N MET H 95 -11.34 2.93 -19.08
CA MET H 95 -10.48 2.38 -18.06
C MET H 95 -11.11 2.50 -16.70
N GLN H 96 -12.08 3.40 -16.54
CA GLN H 96 -12.78 3.49 -15.29
C GLN H 96 -14.06 2.66 -15.27
N GLY H 97 -14.28 1.83 -16.29
CA GLY H 97 -15.42 0.92 -16.29
C GLY H 97 -16.53 1.29 -17.24
N LEU H 98 -16.48 2.44 -17.90
CA LEU H 98 -17.52 2.82 -18.86
C LEU H 98 -17.10 2.39 -20.27
N LEU H 99 -16.89 1.10 -20.45
CA LEU H 99 -16.34 0.61 -21.70
C LEU H 99 -17.45 0.19 -22.64
N ALA H 100 -17.30 0.54 -23.92
CA ALA H 100 -18.27 0.16 -24.94
C ALA H 100 -17.53 -0.01 -26.25
N LEU H 101 -17.78 -1.12 -26.94
CA LEU H 101 -17.11 -1.43 -28.19
C LEU H 101 -18.10 -1.55 -29.33
N PRO H 102 -17.86 -0.91 -30.47
CA PRO H 102 -18.79 -1.00 -31.59
C PRO H 102 -18.37 -2.00 -32.65
N LEU H 103 -19.34 -2.39 -33.45
CA LEU H 103 -19.17 -3.16 -34.67
C LEU H 103 -19.94 -2.42 -35.76
N LEU H 104 -19.27 -2.15 -36.86
CA LEU H 104 -19.81 -1.36 -37.93
C LEU H 104 -20.06 -2.25 -39.14
N ALA H 105 -21.25 -2.14 -39.71
CA ALA H 105 -21.54 -2.86 -40.94
C ALA H 105 -22.06 -1.85 -41.95
N GLY H 106 -21.53 -1.91 -43.16
CA GLY H 106 -21.92 -0.93 -44.15
C GLY H 106 -21.93 -1.51 -45.54
N TYR H 107 -22.46 -0.72 -46.46
CA TYR H 107 -22.45 -1.02 -47.88
C TYR H 107 -21.82 0.18 -48.57
N ASP H 108 -20.70 -0.04 -49.24
CA ASP H 108 -19.93 1.04 -49.84
C ASP H 108 -20.43 1.31 -51.25
N ILE H 109 -21.20 2.37 -51.45
CA ILE H 109 -21.73 2.66 -52.77
C ILE H 109 -20.64 2.96 -53.77
N HIS H 110 -19.44 3.30 -53.33
CA HIS H 110 -18.36 3.65 -54.23
C HIS H 110 -17.45 2.49 -54.56
N ALA H 111 -17.74 1.30 -54.04
CA ALA H 111 -16.91 0.13 -54.27
C ALA H 111 -17.02 -0.33 -55.71
N SER H 112 -15.94 -0.95 -56.18
CA SER H 112 -15.89 -1.38 -57.58
C SER H 112 -16.87 -2.51 -57.83
N ASP H 113 -16.89 -3.50 -56.93
CA ASP H 113 -17.73 -4.69 -57.14
C ASP H 113 -19.00 -4.56 -56.33
N PRO H 114 -20.16 -4.32 -56.95
CA PRO H 114 -21.40 -4.13 -56.17
C PRO H 114 -21.79 -5.31 -55.30
N GLN H 115 -21.38 -6.52 -55.62
CA GLN H 115 -21.78 -7.67 -54.82
C GLN H 115 -20.87 -7.97 -53.62
N SER H 116 -19.64 -7.43 -53.60
CA SER H 116 -18.76 -7.56 -52.44
C SER H 116 -18.57 -6.23 -51.72
N ALA H 117 -19.47 -5.26 -51.95
CA ALA H 117 -19.43 -3.92 -51.39
C ALA H 117 -19.84 -3.87 -49.93
N GLY H 118 -20.18 -4.98 -49.33
CA GLY H 118 -20.49 -4.99 -47.92
C GLY H 118 -19.21 -4.88 -47.13
N ARG H 119 -19.25 -4.22 -45.99
CA ARG H 119 -18.08 -4.10 -45.15
C ARG H 119 -18.36 -4.34 -43.69
N ILE H 120 -17.47 -5.02 -43.00
CA ILE H 120 -17.62 -5.20 -41.57
C ILE H 120 -16.35 -4.72 -40.92
N VAL H 121 -16.46 -3.86 -39.94
CA VAL H 121 -15.31 -3.28 -39.27
C VAL H 121 -15.50 -3.51 -37.80
N SER H 122 -14.47 -4.05 -37.15
CA SER H 122 -14.39 -4.25 -35.70
C SER H 122 -13.41 -3.24 -35.08
N PHE H 123 -13.62 -2.95 -33.79
CA PHE H 123 -12.85 -1.93 -33.08
C PHE H 123 -12.37 -2.43 -31.72
N ASP H 124 -11.26 -1.91 -31.25
CA ASP H 124 -10.84 -2.19 -29.89
C ASP H 124 -10.97 -0.94 -29.02
N ALA H 125 -10.71 -1.13 -27.74
CA ALA H 125 -10.96 -0.07 -26.78
C ALA H 125 -10.12 1.17 -27.04
N ALA H 126 -9.06 1.08 -27.83
CA ALA H 126 -8.26 2.24 -28.16
C ALA H 126 -8.60 2.81 -29.52
N GLY H 127 -9.58 2.25 -30.21
CA GLY H 127 -9.95 2.78 -31.50
C GLY H 127 -9.31 2.05 -32.66
N GLY H 128 -8.41 1.12 -32.41
CA GLY H 128 -7.89 0.35 -33.50
C GLY H 128 -9.04 -0.37 -34.20
N TRP H 129 -8.97 -0.45 -35.51
CA TRP H 129 -10.02 -1.07 -36.29
C TRP H 129 -9.40 -2.07 -37.25
N ASN H 130 -10.19 -3.07 -37.60
CA ASN H 130 -9.85 -4.06 -38.61
C ASN H 130 -11.07 -4.23 -39.49
N ILE H 131 -10.88 -4.11 -40.79
CA ILE H 131 -11.91 -4.50 -41.75
C ILE H 131 -11.82 -6.00 -41.95
N GLU H 132 -12.91 -6.69 -41.68
CA GLU H 132 -12.94 -8.13 -41.73
C GLU H 132 -13.14 -8.55 -43.19
N GLU H 133 -12.10 -9.18 -43.75
CA GLU H 133 -12.19 -9.73 -45.09
C GLU H 133 -12.54 -11.22 -45.07
N GLU H 134 -13.22 -11.69 -44.02
CA GLU H 134 -13.59 -13.09 -43.95
C GLU H 134 -15.08 -13.28 -43.81
N GLY H 135 -15.88 -12.24 -43.85
CA GLY H 135 -17.27 -12.35 -44.08
C GLY H 135 -18.15 -12.23 -42.86
N TYR H 136 -17.61 -12.44 -41.66
CA TYR H 136 -18.45 -12.37 -40.48
C TYR H 136 -17.60 -11.88 -39.34
N GLN H 137 -18.25 -11.34 -38.31
CA GLN H 137 -17.57 -10.87 -37.12
C GLN H 137 -18.64 -10.66 -36.06
N ALA H 138 -18.21 -10.53 -34.80
CA ALA H 138 -19.10 -10.40 -33.65
C ALA H 138 -18.41 -9.63 -32.52
N VAL H 139 -19.22 -9.06 -31.63
CA VAL H 139 -18.72 -8.30 -30.50
C VAL H 139 -19.57 -8.62 -29.28
N GLY H 140 -18.97 -8.56 -28.11
CA GLY H 140 -19.70 -8.82 -26.89
C GLY H 140 -19.27 -10.09 -26.18
N SER H 141 -19.92 -10.34 -25.04
CA SER H 141 -19.60 -11.47 -24.16
C SER H 141 -19.90 -12.84 -24.75
N GLY H 142 -20.75 -12.93 -25.77
CA GLY H 142 -20.92 -14.17 -26.51
C GLY H 142 -20.25 -14.19 -27.87
N SER H 143 -19.42 -13.21 -28.18
CA SER H 143 -18.92 -13.10 -29.54
C SER H 143 -18.16 -14.34 -29.98
N LEU H 144 -17.43 -15.01 -29.09
CA LEU H 144 -16.63 -16.10 -29.63
C LEU H 144 -17.49 -17.32 -29.90
N PHE H 145 -18.57 -17.48 -29.15
CA PHE H 145 -19.50 -18.53 -29.51
C PHE H 145 -20.11 -18.26 -30.88
N ALA H 146 -20.54 -17.02 -31.11
CA ALA H 146 -21.16 -16.69 -32.39
C ALA H 146 -20.17 -16.79 -33.55
N LYS H 147 -18.95 -16.34 -33.34
CA LYS H 147 -17.97 -16.44 -34.41
C LYS H 147 -17.71 -17.89 -34.74
N SER H 148 -17.54 -18.73 -33.72
CA SER H 148 -17.24 -20.14 -33.99
C SER H 148 -18.41 -20.86 -34.63
N SER H 149 -19.63 -20.41 -34.37
CA SER H 149 -20.79 -20.92 -35.09
C SER H 149 -20.80 -20.47 -36.55
N MET H 150 -20.56 -19.19 -36.81
CA MET H 150 -20.58 -18.77 -38.20
C MET H 150 -19.47 -19.41 -38.98
N LYS H 151 -18.36 -19.75 -38.33
CA LYS H 151 -17.30 -20.45 -39.03
C LYS H 151 -17.83 -21.69 -39.70
N LYS H 152 -18.71 -22.41 -39.02
CA LYS H 152 -19.26 -23.65 -39.55
C LYS H 152 -20.46 -23.43 -40.44
N LEU H 153 -21.21 -22.34 -40.26
CA LEU H 153 -22.42 -22.17 -41.04
C LEU H 153 -22.27 -21.25 -42.25
N TYR H 154 -21.17 -20.53 -42.39
CA TYR H 154 -21.11 -19.43 -43.36
C TYR H 154 -21.18 -19.94 -44.80
N SER H 155 -20.69 -21.15 -45.05
CA SER H 155 -20.76 -21.69 -46.40
C SER H 155 -22.20 -21.83 -46.89
N GLN H 156 -23.17 -21.77 -45.99
CA GLN H 156 -24.56 -21.85 -46.40
C GLN H 156 -25.14 -20.51 -46.82
N VAL H 157 -24.36 -19.44 -46.74
CA VAL H 157 -24.86 -18.11 -47.03
C VAL H 157 -24.75 -17.89 -48.52
N THR H 158 -25.90 -17.79 -49.20
CA THR H 158 -25.88 -17.52 -50.62
C THR H 158 -26.65 -16.27 -51.01
N ASP H 159 -27.50 -15.75 -50.13
CA ASP H 159 -28.28 -14.57 -50.41
C ASP H 159 -28.59 -13.90 -49.08
N GLY H 160 -29.43 -12.87 -49.13
CA GLY H 160 -29.73 -12.15 -47.92
C GLY H 160 -30.51 -12.97 -46.91
N ASP H 161 -31.42 -13.82 -47.37
CA ASP H 161 -32.21 -14.46 -46.33
C ASP H 161 -31.42 -15.62 -45.69
N SER H 162 -30.62 -16.34 -46.48
CA SER H 162 -29.78 -17.34 -45.83
C SER H 162 -28.82 -16.67 -44.85
N GLY H 163 -28.35 -15.48 -45.21
CA GLY H 163 -27.47 -14.75 -44.31
C GLY H 163 -28.16 -14.37 -43.03
N LEU H 164 -29.41 -13.88 -43.15
CA LEU H 164 -30.14 -13.55 -41.95
C LEU H 164 -30.33 -14.78 -41.06
N ARG H 165 -30.60 -15.94 -41.67
CA ARG H 165 -30.80 -17.13 -40.85
C ARG H 165 -29.53 -17.53 -40.14
N VAL H 166 -28.38 -17.41 -40.81
CA VAL H 166 -27.12 -17.73 -40.15
C VAL H 166 -26.84 -16.76 -39.02
N ALA H 167 -27.12 -15.46 -39.22
CA ALA H 167 -26.90 -14.48 -38.17
C ALA H 167 -27.71 -14.81 -36.95
N VAL H 168 -29.00 -15.07 -37.15
CA VAL H 168 -29.85 -15.38 -36.02
C VAL H 168 -29.43 -16.67 -35.36
N GLU H 169 -28.99 -17.67 -36.14
CA GLU H 169 -28.59 -18.92 -35.52
C GLU H 169 -27.35 -18.73 -34.69
N ALA H 170 -26.44 -17.86 -35.16
CA ALA H 170 -25.23 -17.54 -34.40
C ALA H 170 -25.56 -16.85 -33.10
N LEU H 171 -26.54 -15.95 -33.12
CA LEU H 171 -26.95 -15.36 -31.85
C LEU H 171 -27.58 -16.40 -30.96
N TYR H 172 -28.25 -17.37 -31.56
CA TYR H 172 -28.83 -18.45 -30.77
C TYR H 172 -27.74 -19.23 -30.07
N ASP H 173 -26.66 -19.53 -30.77
CA ASP H 173 -25.58 -20.25 -30.12
C ASP H 173 -24.95 -19.38 -29.02
N ALA H 174 -24.73 -18.10 -29.29
CA ALA H 174 -24.20 -17.23 -28.26
C ALA H 174 -25.08 -17.26 -27.02
N ALA H 175 -26.39 -17.11 -27.19
CA ALA H 175 -27.27 -17.13 -26.01
C ALA H 175 -27.27 -18.49 -25.32
N ASP H 176 -27.06 -19.56 -26.06
CA ASP H 176 -27.03 -20.88 -25.45
C ASP H 176 -25.85 -21.04 -24.51
N ASP H 177 -24.72 -20.41 -24.86
CA ASP H 177 -23.48 -20.61 -24.09
C ASP H 177 -23.06 -19.42 -23.24
N ASP H 178 -23.76 -18.28 -23.30
CA ASP H 178 -23.41 -17.09 -22.52
C ASP H 178 -24.64 -16.55 -21.81
N SER H 179 -24.54 -16.39 -20.50
CA SER H 179 -25.72 -15.96 -19.76
C SER H 179 -26.01 -14.48 -19.92
N ALA H 180 -25.08 -13.69 -20.43
CA ALA H 180 -25.36 -12.28 -20.66
C ALA H 180 -25.98 -12.02 -22.02
N THR H 181 -26.17 -13.05 -22.83
CA THR H 181 -26.82 -12.94 -24.12
C THR H 181 -28.17 -13.62 -24.06
N GLY H 182 -29.21 -12.91 -24.48
CA GLY H 182 -30.56 -13.43 -24.40
C GLY H 182 -30.97 -14.16 -25.68
N GLY H 183 -31.60 -15.30 -25.50
CA GLY H 183 -32.13 -16.02 -26.62
C GLY H 183 -33.53 -15.57 -26.96
N PRO H 184 -34.13 -16.20 -27.97
CA PRO H 184 -35.53 -15.91 -28.30
C PRO H 184 -36.44 -16.21 -27.13
N ASP H 185 -37.27 -15.24 -26.78
CA ASP H 185 -38.23 -15.39 -25.69
C ASP H 185 -39.56 -15.69 -26.39
N LEU H 186 -39.86 -16.97 -26.54
CA LEU H 186 -41.10 -17.29 -27.20
C LEU H 186 -42.29 -17.17 -26.28
N VAL H 187 -42.10 -17.00 -24.98
CA VAL H 187 -43.26 -16.72 -24.16
C VAL H 187 -43.69 -15.28 -24.35
N ARG H 188 -42.73 -14.35 -24.36
CA ARG H 188 -43.05 -12.95 -24.48
C ARG H 188 -43.07 -12.48 -25.92
N GLY H 189 -42.56 -13.26 -26.84
CA GLY H 189 -42.52 -12.80 -28.22
C GLY H 189 -41.47 -11.75 -28.49
N ILE H 190 -40.27 -11.92 -27.95
CA ILE H 190 -39.18 -10.97 -28.12
C ILE H 190 -38.07 -11.67 -28.86
N PHE H 191 -37.54 -11.06 -29.89
CA PHE H 191 -36.50 -11.70 -30.68
C PHE H 191 -35.35 -10.78 -30.97
N PRO H 192 -34.25 -11.29 -31.39
CA PRO H 192 -33.13 -10.42 -31.79
C PRO H 192 -33.57 -9.35 -32.78
N THR H 193 -32.86 -8.23 -32.84
CA THR H 193 -33.14 -7.25 -33.87
C THR H 193 -32.10 -7.42 -34.95
N ALA H 194 -32.48 -7.07 -36.16
CA ALA H 194 -31.58 -7.19 -37.29
C ALA H 194 -31.78 -6.02 -38.23
N VAL H 195 -30.69 -5.64 -38.89
CA VAL H 195 -30.65 -4.64 -39.93
C VAL H 195 -30.01 -5.28 -41.15
N ILE H 196 -30.55 -5.01 -42.32
CA ILE H 196 -29.95 -5.50 -43.56
C ILE H 196 -29.65 -4.31 -44.45
N ILE H 197 -28.51 -4.33 -45.14
CA ILE H 197 -28.07 -3.22 -45.97
C ILE H 197 -27.67 -3.78 -47.33
N ASP H 198 -28.29 -3.25 -48.40
CA ASP H 198 -27.90 -3.60 -49.75
C ASP H 198 -27.73 -2.32 -50.57
N ALA H 199 -27.69 -2.43 -51.89
CA ALA H 199 -27.47 -1.25 -52.72
C ALA H 199 -28.56 -0.21 -52.51
N ASP H 200 -29.76 -0.63 -52.10
CA ASP H 200 -30.88 0.26 -51.86
C ASP H 200 -30.91 0.86 -50.47
N GLY H 201 -29.91 0.62 -49.65
CA GLY H 201 -29.86 1.20 -48.33
C GLY H 201 -30.07 0.19 -47.20
N ALA H 202 -30.28 0.74 -46.02
CA ALA H 202 -30.47 0.00 -44.78
C ALA H 202 -31.93 -0.05 -44.38
N VAL H 203 -32.41 -1.25 -44.05
CA VAL H 203 -33.77 -1.40 -43.54
C VAL H 203 -33.76 -2.29 -42.31
N ASP H 204 -34.68 -1.99 -41.40
CA ASP H 204 -34.90 -2.84 -40.25
C ASP H 204 -35.56 -4.13 -40.69
N VAL H 205 -35.05 -5.26 -40.24
CA VAL H 205 -35.70 -6.53 -40.59
C VAL H 205 -36.93 -6.71 -39.69
N PRO H 206 -38.08 -7.07 -40.25
CA PRO H 206 -39.29 -7.20 -39.44
C PRO H 206 -39.19 -8.31 -38.41
N GLU H 207 -39.76 -8.05 -37.23
CA GLU H 207 -39.72 -9.04 -36.17
C GLU H 207 -40.23 -10.39 -36.65
N SER H 208 -41.25 -10.40 -37.49
CA SER H 208 -41.94 -11.66 -37.85
C SER H 208 -41.01 -12.60 -38.60
N ARG H 209 -40.19 -12.06 -39.49
CA ARG H 209 -39.21 -12.88 -40.20
C ARG H 209 -38.25 -13.54 -39.23
N ILE H 210 -37.79 -12.78 -38.23
CA ILE H 210 -36.85 -13.32 -37.28
C ILE H 210 -37.52 -14.31 -36.36
N ALA H 211 -38.77 -14.10 -35.99
CA ALA H 211 -39.47 -15.12 -35.23
C ALA H 211 -39.60 -16.40 -36.05
N GLU H 212 -39.89 -16.27 -37.33
CA GLU H 212 -39.98 -17.47 -38.16
C GLU H 212 -38.66 -18.22 -38.18
N LEU H 213 -37.55 -17.50 -38.33
CA LEU H 213 -36.23 -18.14 -38.31
C LEU H 213 -35.91 -18.73 -36.94
N ALA H 214 -36.27 -18.03 -35.87
CA ALA H 214 -36.01 -18.54 -34.54
C ALA H 214 -36.73 -19.86 -34.33
N ARG H 215 -38.01 -19.90 -34.66
CA ARG H 215 -38.75 -21.14 -34.48
C ARG H 215 -38.19 -22.25 -35.34
N ALA H 216 -37.76 -21.94 -36.57
CA ALA H 216 -37.13 -22.97 -37.39
C ALA H 216 -35.87 -23.52 -36.72
N ILE H 217 -35.04 -22.65 -36.14
CA ILE H 217 -33.82 -23.11 -35.47
C ILE H 217 -34.19 -23.98 -34.27
N ILE H 218 -35.06 -23.48 -33.42
CA ILE H 218 -35.46 -24.24 -32.24
C ILE H 218 -35.92 -25.64 -32.65
N GLU H 219 -37.00 -25.72 -33.44
CA GLU H 219 -37.50 -27.02 -33.88
C GLU H 219 -36.40 -27.88 -34.51
N SER H 220 -35.55 -27.30 -35.35
CA SER H 220 -34.44 -28.07 -35.89
C SER H 220 -33.53 -28.64 -34.79
N ARG H 221 -33.50 -28.01 -33.62
CA ARG H 221 -32.68 -28.54 -32.54
C ARG H 221 -33.41 -29.52 -31.64
N SER H 222 -34.72 -29.70 -31.80
CA SER H 222 -35.45 -30.56 -30.90
C SER H 222 -35.49 -32.03 -31.34
N THR I 1 -35.40 2.73 0.88
CA THR I 1 -36.23 3.47 -0.06
C THR I 1 -36.77 2.51 -1.07
N THR I 2 -38.04 2.68 -1.44
CA THR I 2 -38.60 2.04 -2.62
C THR I 2 -39.52 3.03 -3.31
N ILE I 3 -39.34 3.16 -4.61
CA ILE I 3 -40.23 3.92 -5.47
C ILE I 3 -40.78 2.93 -6.49
N VAL I 4 -42.09 2.94 -6.69
CA VAL I 4 -42.69 2.08 -7.71
C VAL I 4 -43.42 2.98 -8.69
N ALA I 5 -43.48 2.54 -9.94
CA ALA I 5 -44.27 3.20 -10.96
C ALA I 5 -44.89 2.09 -11.80
N LEU I 6 -46.14 2.29 -12.22
CA LEU I 6 -46.77 1.33 -13.11
C LEU I 6 -47.75 2.03 -14.03
N LYS I 7 -47.94 1.45 -15.22
CA LYS I 7 -48.87 1.95 -16.21
C LYS I 7 -50.21 1.28 -16.07
N TYR I 8 -51.26 2.06 -16.20
CA TYR I 8 -52.61 1.53 -16.22
C TYR I 8 -53.30 2.14 -17.42
N PRO I 9 -54.46 1.59 -17.83
CA PRO I 9 -55.13 2.09 -19.02
C PRO I 9 -55.43 3.57 -18.92
N GLY I 10 -54.71 4.33 -19.70
CA GLY I 10 -54.94 5.75 -19.71
C GLY I 10 -54.02 6.58 -18.84
N GLY I 11 -53.06 5.99 -18.16
CA GLY I 11 -52.22 6.81 -17.31
C GLY I 11 -51.11 6.01 -16.66
N VAL I 12 -50.50 6.64 -15.66
CA VAL I 12 -49.39 6.08 -14.91
C VAL I 12 -49.56 6.49 -13.46
N VAL I 13 -49.00 5.69 -12.57
CA VAL I 13 -49.00 5.97 -11.14
C VAL I 13 -47.60 5.76 -10.59
N MET I 14 -47.21 6.61 -9.65
CA MET I 14 -45.92 6.50 -8.99
C MET I 14 -46.14 6.65 -7.51
N ALA I 15 -45.49 5.81 -6.72
CA ALA I 15 -45.68 5.89 -5.28
C ALA I 15 -44.33 5.69 -4.61
N GLY I 16 -44.18 6.26 -3.43
CA GLY I 16 -42.92 6.18 -2.74
C GLY I 16 -43.12 6.12 -1.25
N ASP I 17 -42.15 5.54 -0.55
CA ASP I 17 -42.23 5.44 0.89
C ASP I 17 -41.74 6.71 1.56
N ARG I 18 -41.82 6.72 2.88
CA ARG I 18 -41.58 7.93 3.65
C ARG I 18 -40.40 7.83 4.61
N ARG I 19 -39.60 6.76 4.54
CA ARG I 19 -38.56 6.52 5.54
C ARG I 19 -37.24 7.13 5.13
N SER I 20 -36.52 7.65 6.12
CA SER I 20 -35.17 8.11 5.92
C SER I 20 -34.29 7.50 6.99
N THR I 21 -33.14 6.97 6.58
CA THR I 21 -32.20 6.28 7.46
C THR I 21 -30.81 6.92 7.41
N GLN I 22 -30.06 6.69 8.50
CA GLN I 22 -28.64 6.96 8.63
C GLN I 22 -28.07 5.67 9.20
N GLY I 23 -27.60 4.79 8.33
CA GLY I 23 -27.25 3.49 8.84
C GLY I 23 -28.50 2.72 9.26
N ASN I 24 -28.52 2.28 10.51
CA ASN I 24 -29.70 1.59 11.05
C ASN I 24 -30.67 2.54 11.70
N MET I 25 -30.24 3.76 12.03
CA MET I 25 -31.14 4.70 12.66
C MET I 25 -32.07 5.35 11.65
N ILE I 26 -33.32 5.43 12.04
CA ILE I 26 -34.36 6.11 11.29
C ILE I 26 -34.21 7.59 11.58
N SER I 27 -33.92 8.37 10.55
CA SER I 27 -33.78 9.80 10.72
C SER I 27 -34.97 10.56 10.18
N GLY I 28 -35.91 9.89 9.55
CA GLY I 28 -37.06 10.61 9.08
C GLY I 28 -38.21 9.66 8.87
N ARG I 29 -39.42 10.13 9.15
CA ARG I 29 -40.61 9.32 8.98
C ARG I 29 -41.59 9.89 8.00
N ASP I 30 -41.42 11.13 7.56
CA ASP I 30 -42.42 11.83 6.78
C ASP I 30 -41.87 12.29 5.44
N VAL I 31 -40.72 11.77 5.04
CA VAL I 31 -40.02 12.25 3.87
C VAL I 31 -40.81 12.03 2.60
N ARG I 32 -40.61 12.91 1.63
CA ARG I 32 -41.32 12.82 0.36
C ARG I 32 -40.32 12.66 -0.77
N LYS I 33 -40.47 11.57 -1.50
CA LYS I 33 -39.50 11.13 -2.48
C LYS I 33 -40.03 11.16 -3.88
N VAL I 34 -41.28 11.56 -4.06
CA VAL I 34 -41.95 11.56 -5.35
C VAL I 34 -42.38 13.00 -5.61
N TYR I 35 -41.84 13.61 -6.66
CA TYR I 35 -42.12 15.00 -6.96
C TYR I 35 -42.75 15.13 -8.32
N ILE I 36 -43.78 15.97 -8.41
CA ILE I 36 -44.34 16.37 -9.69
C ILE I 36 -43.39 17.36 -10.32
N THR I 37 -42.75 16.98 -11.42
CA THR I 37 -41.74 17.83 -12.05
C THR I 37 -42.26 18.63 -13.23
N ASP I 38 -43.45 18.32 -13.72
CA ASP I 38 -43.95 18.95 -14.93
C ASP I 38 -45.43 18.62 -14.99
N ASP I 39 -46.19 19.35 -15.80
CA ASP I 39 -47.62 19.08 -15.85
C ASP I 39 -47.93 17.62 -16.17
N TYR I 40 -47.04 16.95 -16.88
CA TYR I 40 -47.31 15.58 -17.25
C TYR I 40 -46.22 14.63 -16.76
N THR I 41 -45.37 15.04 -15.81
CA THR I 41 -44.36 14.11 -15.33
C THR I 41 -44.14 14.26 -13.84
N ALA I 42 -43.84 13.11 -13.21
CA ALA I 42 -43.35 12.97 -11.84
C ALA I 42 -42.02 12.20 -11.86
N THR I 43 -41.15 12.55 -10.92
CA THR I 43 -39.87 11.89 -10.71
C THR I 43 -39.81 11.39 -9.28
N GLY I 44 -39.47 10.13 -9.10
CA GLY I 44 -39.24 9.57 -7.78
C GLY I 44 -37.79 9.16 -7.71
N ILE I 45 -37.14 9.45 -6.58
CA ILE I 45 -35.69 9.27 -6.53
C ILE I 45 -35.26 8.50 -5.30
N ALA I 46 -34.23 7.67 -5.47
CA ALA I 46 -33.67 6.89 -4.39
C ALA I 46 -32.18 7.20 -4.22
N GLY I 47 -31.69 7.18 -3.00
CA GLY I 47 -30.28 7.49 -2.85
C GLY I 47 -30.03 8.54 -1.80
N THR I 48 -28.92 9.26 -1.96
CA THR I 48 -28.56 10.28 -1.00
C THR I 48 -29.55 11.44 -1.09
N ALA I 49 -30.12 11.80 0.06
CA ALA I 49 -31.25 12.73 0.08
C ALA I 49 -30.90 14.06 -0.58
N ALA I 50 -29.72 14.61 -0.26
CA ALA I 50 -29.31 15.88 -0.83
C ALA I 50 -29.31 15.82 -2.35
N VAL I 51 -28.75 14.75 -2.89
CA VAL I 51 -28.71 14.60 -4.33
C VAL I 51 -30.11 14.37 -4.91
N ALA I 52 -30.95 13.60 -4.23
CA ALA I 52 -32.28 13.31 -4.76
C ALA I 52 -33.12 14.59 -4.88
N VAL I 53 -33.12 15.38 -3.81
CA VAL I 53 -33.88 16.63 -3.87
C VAL I 53 -33.26 17.58 -4.89
N GLU I 54 -31.94 17.68 -4.93
CA GLU I 54 -31.37 18.60 -5.89
C GLU I 54 -31.75 18.19 -7.31
N PHE I 55 -31.76 16.87 -7.59
CA PHE I 55 -32.21 16.37 -8.89
C PHE I 55 -33.64 16.79 -9.18
N ALA I 56 -34.56 16.50 -8.26
CA ALA I 56 -35.96 16.84 -8.53
C ALA I 56 -36.16 18.33 -8.80
N ARG I 57 -35.62 19.18 -7.93
CA ARG I 57 -35.82 20.61 -8.04
C ARG I 57 -35.24 21.17 -9.33
N LEU I 58 -33.98 20.81 -9.61
CA LEU I 58 -33.30 21.32 -10.77
C LEU I 58 -33.88 20.75 -12.07
N TYR I 59 -34.38 19.52 -12.02
CA TYR I 59 -34.99 18.92 -13.20
C TYR I 59 -36.25 19.65 -13.58
N ALA I 60 -37.11 19.91 -12.60
CA ALA I 60 -38.33 20.67 -12.87
C ALA I 60 -37.99 22.08 -13.35
N VAL I 61 -36.96 22.69 -12.78
CA VAL I 61 -36.57 23.99 -13.28
C VAL I 61 -36.13 23.88 -14.72
N GLU I 62 -35.40 22.83 -15.07
CA GLU I 62 -34.92 22.74 -16.44
C GLU I 62 -36.08 22.61 -17.42
N LEU I 63 -37.08 21.80 -17.07
CA LEU I 63 -38.22 21.63 -17.96
C LEU I 63 -38.97 22.95 -18.12
N GLU I 64 -39.27 23.63 -17.03
CA GLU I 64 -40.01 24.87 -17.20
C GLU I 64 -39.14 25.95 -17.88
N HIS I 65 -37.84 25.91 -17.66
CA HIS I 65 -36.93 26.82 -18.36
C HIS I 65 -37.07 26.68 -19.87
N TYR I 66 -36.93 25.45 -20.39
CA TYR I 66 -37.10 25.28 -21.83
C TYR I 66 -38.50 25.71 -22.27
N GLU I 67 -39.52 25.38 -21.48
CA GLU I 67 -40.88 25.72 -21.87
C GLU I 67 -41.06 27.23 -22.04
N LYS I 68 -40.48 28.03 -21.15
CA LYS I 68 -40.66 29.47 -21.28
C LYS I 68 -39.75 30.05 -22.35
N LEU I 69 -38.54 29.52 -22.51
CA LEU I 69 -37.67 30.05 -23.55
C LEU I 69 -38.25 29.79 -24.93
N GLU I 70 -38.74 28.58 -25.21
CA GLU I 70 -39.10 28.26 -26.58
C GLU I 70 -40.59 28.23 -26.85
N GLY I 71 -41.42 28.46 -25.84
CA GLY I 71 -42.86 28.51 -26.01
C GLY I 71 -43.57 27.19 -26.06
N VAL I 72 -42.87 26.08 -25.96
CA VAL I 72 -43.53 24.80 -26.08
C VAL I 72 -42.77 23.85 -25.17
N PRO I 73 -43.41 22.86 -24.58
CA PRO I 73 -42.66 21.92 -23.73
C PRO I 73 -41.83 20.94 -24.53
N LEU I 74 -40.84 20.36 -23.86
CA LEU I 74 -40.01 19.35 -24.50
C LEU I 74 -40.84 18.12 -24.85
N THR I 75 -40.43 17.44 -25.92
CA THR I 75 -40.94 16.12 -26.22
C THR I 75 -40.57 15.16 -25.09
N PHE I 76 -41.31 14.07 -24.96
CA PHE I 76 -40.97 13.18 -23.87
C PHE I 76 -39.54 12.68 -24.02
N ALA I 77 -39.10 12.36 -25.23
CA ALA I 77 -37.72 11.94 -25.41
C ALA I 77 -36.74 13.01 -24.96
N GLY I 78 -37.05 14.28 -25.18
CA GLY I 78 -36.16 15.33 -24.72
C GLY I 78 -36.08 15.40 -23.21
N LYS I 79 -37.22 15.24 -22.53
CA LYS I 79 -37.21 15.14 -21.08
C LYS I 79 -36.35 13.97 -20.60
N ILE I 80 -36.49 12.82 -21.24
CA ILE I 80 -35.64 11.69 -20.86
C ILE I 80 -34.18 12.07 -20.98
N ASN I 81 -33.81 12.66 -22.12
CA ASN I 81 -32.41 12.96 -22.37
C ASN I 81 -31.86 13.93 -21.33
N ARG I 82 -32.64 14.94 -20.93
CA ARG I 82 -32.05 15.88 -19.99
C ARG I 82 -31.86 15.23 -18.63
N LEU I 83 -32.79 14.36 -18.21
CA LEU I 83 -32.56 13.66 -16.95
C LEU I 83 -31.33 12.77 -17.02
N ALA I 84 -31.15 12.10 -18.16
CA ALA I 84 -30.00 11.22 -18.32
C ALA I 84 -28.69 12.00 -18.20
N ILE I 85 -28.63 13.17 -18.83
CA ILE I 85 -27.43 13.98 -18.77
C ILE I 85 -27.20 14.45 -17.35
N MET I 86 -28.27 14.76 -16.63
CA MET I 86 -28.10 15.20 -15.26
C MET I 86 -27.49 14.09 -14.41
N VAL I 87 -27.95 12.85 -14.59
CA VAL I 87 -27.40 11.74 -13.82
C VAL I 87 -25.93 11.53 -14.14
N ARG I 88 -25.62 11.26 -15.42
CA ARG I 88 -24.23 11.14 -15.85
C ARG I 88 -23.38 12.30 -15.33
N GLY I 89 -23.95 13.50 -15.27
CA GLY I 89 -23.23 14.62 -14.71
C GLY I 89 -22.90 14.45 -13.25
N ASN I 90 -23.71 13.66 -12.52
CA ASN I 90 -23.37 13.43 -11.12
C ASN I 90 -22.47 12.22 -10.95
N LEU I 91 -22.06 11.57 -12.04
CA LEU I 91 -21.36 10.28 -11.90
C LEU I 91 -20.11 10.38 -11.03
N ALA I 92 -19.32 11.45 -11.20
CA ALA I 92 -18.10 11.58 -10.41
C ALA I 92 -18.42 11.58 -8.93
N ALA I 93 -19.38 12.40 -8.53
CA ALA I 93 -19.81 12.41 -7.14
C ALA I 93 -20.41 11.09 -6.71
N ALA I 94 -21.16 10.43 -7.59
CA ALA I 94 -21.80 9.17 -7.18
C ALA I 94 -20.78 8.11 -6.83
N MET I 95 -19.65 8.09 -7.55
CA MET I 95 -18.61 7.14 -7.18
C MET I 95 -17.99 7.44 -5.82
N GLN I 96 -18.13 8.65 -5.29
CA GLN I 96 -17.61 8.97 -3.97
C GLN I 96 -18.67 8.94 -2.89
N GLY I 97 -19.85 8.40 -3.17
CA GLY I 97 -20.89 8.23 -2.18
C GLY I 97 -22.13 9.09 -2.36
N LEU I 98 -22.14 10.07 -3.25
CA LEU I 98 -23.33 10.90 -3.46
C LEU I 98 -24.20 10.34 -4.60
N LEU I 99 -24.68 9.12 -4.41
CA LEU I 99 -25.37 8.44 -5.49
C LEU I 99 -26.87 8.61 -5.38
N ALA I 100 -27.51 8.86 -6.52
CA ALA I 100 -28.96 8.98 -6.57
C ALA I 100 -29.46 8.49 -7.91
N LEU I 101 -30.47 7.63 -7.92
CA LEU I 101 -31.07 7.17 -9.15
C LEU I 101 -32.53 7.56 -9.24
N PRO I 102 -32.96 8.12 -10.37
CA PRO I 102 -34.37 8.50 -10.54
C PRO I 102 -35.17 7.47 -11.31
N LEU I 103 -36.47 7.55 -11.13
CA LEU I 103 -37.47 6.82 -11.88
C LEU I 103 -38.43 7.86 -12.41
N LEU I 104 -38.69 7.82 -13.71
CA LEU I 104 -39.49 8.85 -14.36
C LEU I 104 -40.83 8.25 -14.75
N ALA I 105 -41.89 8.97 -14.43
CA ALA I 105 -43.22 8.57 -14.86
C ALA I 105 -43.82 9.77 -15.55
N GLY I 106 -44.41 9.55 -16.73
CA GLY I 106 -45.00 10.64 -17.47
C GLY I 106 -46.20 10.19 -18.27
N TYR I 107 -46.88 11.16 -18.88
CA TYR I 107 -47.96 10.96 -19.84
C TYR I 107 -47.60 11.73 -21.11
N ASP I 108 -47.39 11.04 -22.21
CA ASP I 108 -46.95 11.68 -23.46
C ASP I 108 -48.17 12.18 -24.23
N ILE I 109 -48.39 13.49 -24.21
CA ILE I 109 -49.53 14.08 -24.89
C ILE I 109 -49.47 13.89 -26.41
N HIS I 110 -48.30 13.57 -26.94
CA HIS I 110 -48.13 13.39 -28.37
C HIS I 110 -48.23 11.93 -28.78
N ALA I 111 -48.59 11.05 -27.84
CA ALA I 111 -48.70 9.64 -28.15
C ALA I 111 -49.88 9.34 -29.04
N SER I 112 -49.72 8.29 -29.86
CA SER I 112 -50.75 7.91 -30.83
C SER I 112 -51.97 7.37 -30.12
N ASP I 113 -51.74 6.49 -29.17
CA ASP I 113 -52.79 5.78 -28.46
C ASP I 113 -52.94 6.36 -27.07
N PRO I 114 -54.01 7.11 -26.77
CA PRO I 114 -54.15 7.65 -25.40
C PRO I 114 -54.18 6.57 -24.33
N GLN I 115 -54.46 5.32 -24.70
CA GLN I 115 -54.53 4.24 -23.73
C GLN I 115 -53.15 3.79 -23.27
N SER I 116 -52.15 3.95 -24.13
CA SER I 116 -50.77 3.59 -23.84
C SER I 116 -49.84 4.79 -23.77
N ALA I 117 -50.38 5.97 -23.56
CA ALA I 117 -49.54 7.16 -23.54
C ALA I 117 -48.73 7.33 -22.26
N GLY I 118 -49.00 6.55 -21.21
CA GLY I 118 -48.17 6.59 -20.01
C GLY I 118 -46.78 6.07 -20.29
N ARG I 119 -45.80 6.60 -19.56
CA ARG I 119 -44.40 6.24 -19.74
C ARG I 119 -43.71 6.03 -18.41
N ILE I 120 -42.88 5.00 -18.35
CA ILE I 120 -42.06 4.69 -17.18
C ILE I 120 -40.62 4.50 -17.64
N VAL I 121 -39.70 5.28 -17.09
CA VAL I 121 -38.32 5.26 -17.52
C VAL I 121 -37.42 5.02 -16.33
N SER I 122 -36.55 4.03 -16.43
CA SER I 122 -35.54 3.78 -15.41
C SER I 122 -34.17 4.25 -15.87
N PHE I 123 -33.31 4.51 -14.88
CA PHE I 123 -31.98 5.05 -15.11
C PHE I 123 -30.94 4.30 -14.28
N ASP I 124 -29.71 4.27 -14.76
CA ASP I 124 -28.58 3.78 -13.97
C ASP I 124 -27.66 4.95 -13.63
N ALA I 125 -26.65 4.67 -12.81
CA ALA I 125 -25.84 5.79 -12.32
C ALA I 125 -25.01 6.48 -13.39
N ALA I 126 -24.84 5.89 -14.56
CA ALA I 126 -24.06 6.49 -15.63
C ALA I 126 -24.95 7.20 -16.65
N GLY I 127 -26.24 7.28 -16.38
CA GLY I 127 -27.19 7.95 -17.24
C GLY I 127 -27.96 7.04 -18.17
N GLY I 128 -27.59 5.77 -18.26
CA GLY I 128 -28.35 4.85 -19.11
C GLY I 128 -29.80 4.75 -18.65
N TRP I 129 -30.71 4.71 -19.62
CA TRP I 129 -32.13 4.68 -19.36
C TRP I 129 -32.78 3.60 -20.20
N ASN I 130 -33.90 3.09 -19.70
CA ASN I 130 -34.73 2.16 -20.45
C ASN I 130 -36.18 2.55 -20.28
N ILE I 131 -36.90 2.68 -21.39
CA ILE I 131 -38.34 2.80 -21.34
C ILE I 131 -38.91 1.41 -21.07
N GLU I 132 -39.63 1.29 -19.98
CA GLU I 132 -40.07 -0.01 -19.54
C GLU I 132 -41.33 -0.41 -20.30
N GLU I 133 -41.24 -1.52 -21.00
CA GLU I 133 -42.34 -1.96 -21.83
C GLU I 133 -43.25 -2.96 -21.16
N GLU I 134 -42.91 -3.46 -19.97
CA GLU I 134 -43.78 -4.42 -19.30
C GLU I 134 -44.65 -3.81 -18.20
N GLY I 135 -44.74 -2.51 -18.11
CA GLY I 135 -45.83 -1.95 -17.35
C GLY I 135 -45.49 -1.48 -15.96
N TYR I 136 -44.37 -1.93 -15.38
CA TYR I 136 -44.05 -1.53 -14.02
C TYR I 136 -42.56 -1.46 -13.86
N GLN I 137 -42.12 -0.74 -12.82
CA GLN I 137 -40.71 -0.57 -12.54
C GLN I 137 -40.55 -0.04 -11.13
N ALA I 138 -39.36 -0.19 -10.56
CA ALA I 138 -39.11 0.26 -9.19
C ALA I 138 -37.64 0.59 -8.98
N VAL I 139 -37.37 1.38 -7.98
CA VAL I 139 -36.01 1.78 -7.65
C VAL I 139 -35.83 1.86 -6.15
N GLY I 140 -34.64 1.57 -5.69
CA GLY I 140 -34.32 1.65 -4.28
C GLY I 140 -34.02 0.29 -3.69
N SER I 141 -33.67 0.31 -2.41
CA SER I 141 -33.28 -0.92 -1.74
C SER I 141 -34.41 -1.93 -1.64
N GLY I 142 -35.66 -1.54 -1.83
CA GLY I 142 -36.74 -2.50 -1.85
C GLY I 142 -37.25 -2.80 -3.23
N SER I 143 -36.57 -2.31 -4.26
CA SER I 143 -37.10 -2.43 -5.60
C SER I 143 -37.31 -3.87 -6.04
N LEU I 144 -36.51 -4.83 -5.56
CA LEU I 144 -36.72 -6.18 -6.07
C LEU I 144 -37.92 -6.84 -5.43
N PHE I 145 -38.17 -6.55 -4.16
CA PHE I 145 -39.37 -7.07 -3.54
C PHE I 145 -40.59 -6.47 -4.18
N ALA I 146 -40.57 -5.16 -4.46
CA ALA I 146 -41.73 -4.52 -5.07
C ALA I 146 -41.98 -5.02 -6.48
N LYS I 147 -40.94 -5.16 -7.29
CA LYS I 147 -41.09 -5.68 -8.64
C LYS I 147 -41.60 -7.11 -8.63
N SER I 148 -41.09 -7.93 -7.73
CA SER I 148 -41.58 -9.30 -7.71
C SER I 148 -43.02 -9.36 -7.19
N SER I 149 -43.42 -8.40 -6.38
CA SER I 149 -44.82 -8.33 -5.99
C SER I 149 -45.69 -7.93 -7.18
N MET I 150 -45.28 -6.90 -7.94
CA MET I 150 -46.06 -6.47 -9.10
C MET I 150 -46.09 -7.53 -10.18
N LYS I 151 -45.07 -8.34 -10.28
CA LYS I 151 -45.12 -9.40 -11.26
C LYS I 151 -46.36 -10.26 -11.08
N LYS I 152 -46.77 -10.48 -9.83
CA LYS I 152 -47.91 -11.30 -9.47
C LYS I 152 -49.21 -10.51 -9.43
N LEU I 153 -49.18 -9.19 -9.18
CA LEU I 153 -50.43 -8.45 -9.06
C LEU I 153 -50.82 -7.66 -10.31
N TYR I 154 -49.95 -7.56 -11.30
CA TYR I 154 -50.18 -6.56 -12.34
C TYR I 154 -51.38 -6.86 -13.20
N SER I 155 -51.67 -8.14 -13.43
CA SER I 155 -52.78 -8.47 -14.29
C SER I 155 -54.08 -7.95 -13.72
N GLN I 156 -54.10 -7.57 -12.45
CA GLN I 156 -55.31 -7.00 -11.88
C GLN I 156 -55.46 -5.51 -12.08
N VAL I 157 -54.53 -4.89 -12.79
CA VAL I 157 -54.58 -3.44 -12.98
C VAL I 157 -55.46 -3.18 -14.19
N THR I 158 -56.62 -2.55 -13.97
CA THR I 158 -57.49 -2.14 -15.06
C THR I 158 -57.82 -0.67 -15.07
N ASP I 159 -57.54 0.06 -14.00
CA ASP I 159 -57.87 1.48 -13.91
C ASP I 159 -56.94 2.14 -12.90
N GLY I 160 -57.21 3.40 -12.57
CA GLY I 160 -56.40 4.10 -11.61
C GLY I 160 -56.48 3.52 -10.21
N ASP I 161 -57.65 3.02 -9.81
CA ASP I 161 -57.79 2.55 -8.44
C ASP I 161 -57.09 1.21 -8.25
N SER I 162 -57.22 0.33 -9.22
CA SER I 162 -56.49 -0.91 -9.15
C SER I 162 -55.00 -0.64 -9.27
N GLY I 163 -54.59 0.28 -10.13
CA GLY I 163 -53.17 0.56 -10.23
C GLY I 163 -52.59 1.12 -8.94
N LEU I 164 -53.31 2.07 -8.34
CA LEU I 164 -52.86 2.64 -7.08
C LEU I 164 -52.82 1.58 -6.00
N ARG I 165 -53.82 0.70 -5.97
CA ARG I 165 -53.82 -0.40 -5.00
C ARG I 165 -52.60 -1.30 -5.18
N VAL I 166 -52.22 -1.61 -6.42
CA VAL I 166 -51.09 -2.49 -6.63
C VAL I 166 -49.79 -1.78 -6.29
N ALA I 167 -49.69 -0.50 -6.64
CA ALA I 167 -48.51 0.27 -6.25
C ALA I 167 -48.34 0.26 -4.73
N VAL I 168 -49.39 0.62 -4.01
CA VAL I 168 -49.32 0.65 -2.55
C VAL I 168 -49.04 -0.74 -1.99
N GLU I 169 -49.62 -1.77 -2.58
CA GLU I 169 -49.37 -3.11 -2.07
C GLU I 169 -47.92 -3.51 -2.32
N ALA I 170 -47.36 -3.10 -3.45
CA ALA I 170 -45.96 -3.37 -3.75
C ALA I 170 -45.03 -2.69 -2.77
N LEU I 171 -45.31 -1.43 -2.43
CA LEU I 171 -44.53 -0.77 -1.40
C LEU I 171 -44.68 -1.48 -0.06
N TYR I 172 -45.86 -2.06 0.21
CA TYR I 172 -46.06 -2.82 1.43
C TYR I 172 -45.14 -4.04 1.47
N ASP I 173 -45.09 -4.79 0.38
CA ASP I 173 -44.19 -5.94 0.33
C ASP I 173 -42.73 -5.49 0.47
N ALA I 174 -42.33 -4.41 -0.19
CA ALA I 174 -40.98 -3.88 -0.01
C ALA I 174 -40.72 -3.53 1.44
N ALA I 175 -41.65 -2.84 2.09
CA ALA I 175 -41.45 -2.48 3.49
C ALA I 175 -41.37 -3.71 4.38
N ASP I 176 -42.07 -4.76 4.01
CA ASP I 176 -42.10 -6.01 4.77
C ASP I 176 -40.76 -6.70 4.74
N ASP I 177 -40.07 -6.66 3.59
CA ASP I 177 -38.80 -7.38 3.43
C ASP I 177 -37.57 -6.49 3.43
N ASP I 178 -37.70 -5.16 3.49
CA ASP I 178 -36.56 -4.23 3.49
C ASP I 178 -36.71 -3.26 4.66
N SER I 179 -35.71 -3.23 5.53
CA SER I 179 -35.84 -2.35 6.69
C SER I 179 -35.57 -0.90 6.34
N ALA I 180 -34.99 -0.62 5.17
CA ALA I 180 -34.80 0.76 4.77
C ALA I 180 -36.03 1.33 4.09
N THR I 181 -37.07 0.53 3.89
CA THR I 181 -38.32 1.00 3.35
C THR I 181 -39.34 0.92 4.47
N GLY I 182 -40.05 2.03 4.68
CA GLY I 182 -41.02 2.09 5.73
C GLY I 182 -42.41 1.78 5.21
N GLY I 183 -43.12 0.97 5.97
CA GLY I 183 -44.51 0.69 5.69
C GLY I 183 -45.42 1.74 6.28
N PRO I 184 -46.72 1.56 6.06
CA PRO I 184 -47.72 2.47 6.64
C PRO I 184 -47.63 2.47 8.15
N ASP I 185 -47.63 3.67 8.70
CA ASP I 185 -47.60 3.89 10.15
C ASP I 185 -49.01 4.23 10.59
N LEU I 186 -49.76 3.24 11.07
CA LEU I 186 -51.10 3.57 11.50
C LEU I 186 -51.17 4.27 12.84
N VAL I 187 -50.07 4.35 13.59
CA VAL I 187 -50.10 5.10 14.84
C VAL I 187 -50.02 6.60 14.57
N ARG I 188 -49.10 7.02 13.70
CA ARG I 188 -48.93 8.44 13.40
C ARG I 188 -49.76 8.87 12.21
N GLY I 189 -50.32 7.93 11.48
CA GLY I 189 -51.05 8.32 10.30
C GLY I 189 -50.18 8.77 9.16
N ILE I 190 -49.07 8.06 8.88
CA ILE I 190 -48.20 8.40 7.76
C ILE I 190 -48.26 7.24 6.79
N PHE I 191 -48.44 7.55 5.51
CA PHE I 191 -48.58 6.56 4.45
C PHE I 191 -47.74 6.98 3.26
N PRO I 192 -47.47 6.08 2.34
CA PRO I 192 -46.74 6.44 1.13
C PRO I 192 -47.43 7.59 0.40
N THR I 193 -46.63 8.30 -0.41
CA THR I 193 -47.20 9.32 -1.28
C THR I 193 -47.31 8.79 -2.68
N ALA I 194 -48.29 9.28 -3.42
CA ALA I 194 -48.50 8.84 -4.79
C ALA I 194 -48.83 10.02 -5.69
N VAL I 195 -48.36 9.94 -6.91
CA VAL I 195 -48.70 10.88 -7.96
C VAL I 195 -49.34 10.08 -9.06
N ILE I 196 -50.43 10.59 -9.60
CA ILE I 196 -51.12 9.93 -10.69
C ILE I 196 -51.15 10.90 -11.86
N ILE I 197 -50.92 10.40 -13.06
CA ILE I 197 -50.84 11.27 -14.22
C ILE I 197 -51.66 10.67 -15.36
N ASP I 198 -52.61 11.44 -15.88
CA ASP I 198 -53.37 11.05 -17.08
C ASP I 198 -53.50 12.25 -18.01
N ALA I 199 -54.47 12.18 -18.91
CA ALA I 199 -54.69 13.27 -19.84
C ALA I 199 -54.97 14.61 -19.15
N ASP I 200 -55.49 14.59 -17.93
CA ASP I 200 -55.72 15.86 -17.23
C ASP I 200 -54.50 16.38 -16.49
N GLY I 201 -53.39 15.70 -16.56
CA GLY I 201 -52.19 16.15 -15.91
C GLY I 201 -51.83 15.28 -14.73
N ALA I 202 -50.83 15.76 -13.98
CA ALA I 202 -50.29 15.07 -12.82
C ALA I 202 -50.85 15.68 -11.57
N VAL I 203 -51.38 14.84 -10.71
CA VAL I 203 -51.95 15.29 -9.45
C VAL I 203 -51.48 14.39 -8.33
N ASP I 204 -51.28 14.99 -7.16
CA ASP I 204 -51.00 14.24 -5.95
C ASP I 204 -52.24 13.47 -5.51
N VAL I 205 -52.07 12.18 -5.25
CA VAL I 205 -53.17 11.40 -4.70
C VAL I 205 -53.39 11.79 -3.24
N PRO I 206 -54.62 12.03 -2.81
CA PRO I 206 -54.84 12.45 -1.41
C PRO I 206 -54.56 11.33 -0.43
N GLU I 207 -53.83 11.67 0.64
CA GLU I 207 -53.50 10.77 1.75
C GLU I 207 -54.66 9.88 2.18
N SER I 208 -55.89 10.37 2.02
CA SER I 208 -57.07 9.60 2.42
C SER I 208 -57.15 8.29 1.67
N ARG I 209 -57.05 8.33 0.33
CA ARG I 209 -57.26 7.09 -0.41
C ARG I 209 -56.13 6.11 -0.14
N ILE I 210 -54.93 6.63 0.07
CA ILE I 210 -53.85 5.70 0.34
C ILE I 210 -54.03 5.10 1.70
N ALA I 211 -54.50 5.88 2.66
CA ALA I 211 -54.72 5.30 3.97
C ALA I 211 -55.75 4.19 3.92
N GLU I 212 -56.82 4.35 3.14
CA GLU I 212 -57.82 3.29 3.08
C GLU I 212 -57.28 2.06 2.41
N LEU I 213 -56.56 2.21 1.31
CA LEU I 213 -55.92 1.04 0.66
C LEU I 213 -54.97 0.33 1.62
N ALA I 214 -54.18 1.10 2.37
CA ALA I 214 -53.25 0.50 3.32
C ALA I 214 -54.00 -0.30 4.35
N ARG I 215 -55.08 0.27 4.88
CA ARG I 215 -55.84 -0.47 5.88
C ARG I 215 -56.45 -1.73 5.26
N ALA I 216 -56.93 -1.64 4.02
CA ALA I 216 -57.47 -2.82 3.36
C ALA I 216 -56.44 -3.93 3.18
N ILE I 217 -55.22 -3.57 2.78
CA ILE I 217 -54.18 -4.60 2.66
C ILE I 217 -53.90 -5.21 4.04
N ILE I 218 -53.71 -4.37 5.05
CA ILE I 218 -53.47 -4.88 6.40
C ILE I 218 -54.57 -5.82 6.88
N GLU I 219 -55.83 -5.48 6.68
CA GLU I 219 -56.86 -6.43 7.09
C GLU I 219 -56.81 -7.69 6.25
N SER I 220 -56.51 -7.56 4.97
CA SER I 220 -56.45 -8.73 4.12
C SER I 220 -55.32 -9.68 4.48
N ARG I 221 -54.28 -9.21 5.17
CA ARG I 221 -53.17 -10.10 5.49
C ARG I 221 -53.33 -10.84 6.81
N SER I 222 -54.36 -10.52 7.60
CA SER I 222 -54.60 -11.18 8.88
C SER I 222 -55.48 -12.42 8.79
N THR J 1 -20.89 18.25 21.77
CA THR J 1 -21.93 19.22 21.51
C THR J 1 -23.30 18.58 21.50
N THR J 2 -24.29 19.30 22.01
CA THR J 2 -25.70 18.97 21.78
C THR J 2 -26.45 20.27 21.60
N ILE J 3 -27.26 20.32 20.56
CA ILE J 3 -28.20 21.40 20.31
C ILE J 3 -29.58 20.78 20.21
N VAL J 4 -30.55 21.37 20.92
CA VAL J 4 -31.93 20.95 20.81
C VAL J 4 -32.77 22.12 20.33
N ALA J 5 -33.82 21.81 19.59
CA ALA J 5 -34.80 22.82 19.22
C ALA J 5 -36.16 22.17 19.26
N LEU J 6 -37.17 22.90 19.72
CA LEU J 6 -38.51 22.34 19.69
C LEU J 6 -39.55 23.42 19.50
N LYS J 7 -40.70 23.02 18.96
CA LYS J 7 -41.87 23.88 18.69
C LYS J 7 -42.82 23.88 19.87
N TYR J 8 -43.32 25.04 20.22
CA TYR J 8 -44.33 25.20 21.26
C TYR J 8 -45.47 26.04 20.70
N PRO J 9 -46.63 26.07 21.39
CA PRO J 9 -47.73 26.85 20.83
C PRO J 9 -47.34 28.30 20.65
N GLY J 10 -47.17 28.71 19.39
CA GLY J 10 -46.85 30.08 19.13
C GLY J 10 -45.39 30.39 18.93
N GLY J 11 -44.51 29.40 18.97
CA GLY J 11 -43.11 29.71 18.76
C GLY J 11 -42.20 28.49 18.71
N VAL J 12 -40.90 28.77 18.81
CA VAL J 12 -39.85 27.77 18.77
C VAL J 12 -38.79 28.15 19.78
N VAL J 13 -38.09 27.15 20.31
CA VAL J 13 -37.04 27.38 21.29
C VAL J 13 -35.80 26.57 20.90
N MET J 14 -34.63 27.14 21.10
CA MET J 14 -33.41 26.44 20.76
C MET J 14 -32.39 26.63 21.86
N ALA J 15 -31.71 25.56 22.24
CA ALA J 15 -30.72 25.64 23.29
C ALA J 15 -29.53 24.75 22.97
N GLY J 16 -28.37 25.14 23.47
CA GLY J 16 -27.14 24.41 23.21
C GLY J 16 -26.21 24.46 24.41
N ASP J 17 -25.33 23.47 24.49
CA ASP J 17 -24.38 23.39 25.59
C ASP J 17 -23.16 24.26 25.33
N ARG J 18 -22.26 24.29 26.31
CA ARG J 18 -21.16 25.25 26.29
C ARG J 18 -19.80 24.60 26.28
N ARG J 19 -19.70 23.31 26.06
CA ARG J 19 -18.43 22.61 26.18
C ARG J 19 -17.70 22.57 24.85
N SER J 20 -16.37 22.71 24.92
CA SER J 20 -15.53 22.53 23.76
C SER J 20 -14.40 21.57 24.11
N THR J 21 -14.15 20.59 23.24
CA THR J 21 -13.15 19.58 23.54
C THR J 21 -12.08 19.51 22.46
N GLN J 22 -10.94 18.96 22.84
CA GLN J 22 -9.89 18.51 21.93
C GLN J 22 -9.61 17.09 22.35
N GLY J 23 -10.24 16.14 21.67
CA GLY J 23 -10.17 14.79 22.13
C GLY J 23 -10.92 14.61 23.42
N ASN J 24 -10.23 14.14 24.45
CA ASN J 24 -10.79 14.02 25.79
C ASN J 24 -10.60 15.26 26.64
N MET J 25 -9.71 16.18 26.24
CA MET J 25 -9.46 17.34 27.04
C MET J 25 -10.52 18.40 26.82
N ILE J 26 -10.96 18.99 27.91
CA ILE J 26 -11.87 20.13 27.84
C ILE J 26 -11.05 21.37 27.53
N SER J 27 -11.31 21.97 26.37
CA SER J 27 -10.62 23.17 25.91
C SER J 27 -11.50 24.42 25.96
N GLY J 28 -12.77 24.29 26.31
CA GLY J 28 -13.60 25.46 26.49
C GLY J 28 -14.80 25.17 27.37
N ARG J 29 -15.20 26.13 28.20
CA ARG J 29 -16.35 25.92 29.07
C ARG J 29 -17.46 26.93 28.87
N ASP J 30 -17.23 28.03 28.15
CA ASP J 30 -18.21 29.09 28.02
C ASP J 30 -18.57 29.28 26.57
N VAL J 31 -18.20 28.33 25.73
CA VAL J 31 -18.38 28.44 24.29
C VAL J 31 -19.85 28.63 23.97
N ARG J 32 -20.13 29.36 22.91
CA ARG J 32 -21.52 29.62 22.54
C ARG J 32 -21.81 29.03 21.18
N LYS J 33 -22.90 28.27 21.08
CA LYS J 33 -23.18 27.49 19.89
C LYS J 33 -24.49 27.83 19.22
N VAL J 34 -25.29 28.71 19.79
CA VAL J 34 -26.60 29.05 19.28
C VAL J 34 -26.62 30.53 19.03
N TYR J 35 -26.80 30.92 17.77
CA TYR J 35 -26.74 32.32 17.36
C TYR J 35 -28.05 32.76 16.74
N ILE J 36 -28.48 33.96 17.10
CA ILE J 36 -29.59 34.63 16.39
C ILE J 36 -29.05 35.12 15.06
N THR J 37 -29.49 34.51 13.98
CA THR J 37 -29.01 34.80 12.65
C THR J 37 -29.90 35.77 11.88
N ASP J 38 -31.10 36.03 12.37
CA ASP J 38 -32.04 36.89 11.68
C ASP J 38 -33.16 37.21 12.66
N ASP J 39 -33.96 38.24 12.36
CA ASP J 39 -34.99 38.65 13.29
C ASP J 39 -35.90 37.49 13.67
N TYR J 40 -36.03 36.51 12.78
CA TYR J 40 -36.91 35.38 13.06
C TYR J 40 -36.22 34.03 12.99
N THR J 41 -34.90 33.95 12.99
CA THR J 41 -34.29 32.63 12.93
C THR J 41 -33.03 32.57 13.78
N ALA J 42 -32.81 31.41 14.40
CA ALA J 42 -31.61 31.05 15.13
C ALA J 42 -31.00 29.78 14.56
N THR J 43 -29.68 29.72 14.55
CA THR J 43 -28.91 28.57 14.08
C THR J 43 -27.99 28.11 15.16
N GLY J 44 -28.03 26.82 15.46
CA GLY J 44 -27.07 26.20 16.36
C GLY J 44 -26.29 25.17 15.57
N ILE J 45 -24.98 25.10 15.78
CA ILE J 45 -24.11 24.28 14.94
C ILE J 45 -23.25 23.38 15.80
N ALA J 46 -22.99 22.18 15.31
CA ALA J 46 -22.14 21.21 15.96
C ALA J 46 -21.03 20.78 15.01
N GLY J 47 -19.88 20.44 15.56
CA GLY J 47 -18.78 20.02 14.74
C GLY J 47 -17.52 20.78 15.09
N THR J 48 -16.62 20.87 14.13
CA THR J 48 -15.38 21.56 14.40
C THR J 48 -15.68 23.04 14.53
N ALA J 49 -15.16 23.64 15.59
CA ALA J 49 -15.51 25.01 15.96
C ALA J 49 -15.20 26.03 14.85
N ALA J 50 -14.03 25.93 14.20
CA ALA J 50 -13.68 26.90 13.17
C ALA J 50 -14.78 26.99 12.11
N VAL J 51 -15.22 25.82 11.63
CA VAL J 51 -16.26 25.73 10.59
C VAL J 51 -17.62 26.12 11.12
N ALA J 52 -17.95 25.72 12.34
CA ALA J 52 -19.27 26.05 12.88
C ALA J 52 -19.45 27.55 13.00
N VAL J 53 -18.48 28.22 13.60
CA VAL J 53 -18.60 29.66 13.77
C VAL J 53 -18.56 30.36 12.42
N GLU J 54 -17.72 29.88 11.51
CA GLU J 54 -17.76 30.50 10.19
C GLU J 54 -19.13 30.33 9.56
N PHE J 55 -19.77 29.18 9.74
CA PHE J 55 -21.13 28.99 9.24
C PHE J 55 -22.10 30.02 9.81
N ALA J 56 -22.14 30.13 11.14
CA ALA J 56 -23.10 31.06 11.73
C ALA J 56 -22.86 32.48 11.24
N ARG J 57 -21.61 32.93 11.28
CA ARG J 57 -21.29 34.29 10.89
C ARG J 57 -21.66 34.56 9.43
N LEU J 58 -21.21 33.70 8.52
CA LEU J 58 -21.44 33.96 7.11
C LEU J 58 -22.91 33.82 6.75
N TYR J 59 -23.62 32.93 7.42
CA TYR J 59 -25.04 32.79 7.15
C TYR J 59 -25.82 34.04 7.54
N ALA J 60 -25.57 34.58 8.73
CA ALA J 60 -26.29 35.79 9.12
C ALA J 60 -25.94 36.94 8.19
N VAL J 61 -24.67 37.06 7.82
CA VAL J 61 -24.29 38.09 6.87
C VAL J 61 -25.01 37.89 5.55
N GLU J 62 -25.17 36.64 5.14
CA GLU J 62 -25.85 36.36 3.86
C GLU J 62 -27.33 36.76 3.91
N LEU J 63 -28.03 36.44 5.01
CA LEU J 63 -29.45 36.78 5.10
C LEU J 63 -29.65 38.28 5.09
N GLU J 64 -28.92 38.99 5.93
CA GLU J 64 -29.12 40.43 5.94
C GLU J 64 -28.64 41.06 4.64
N HIS J 65 -27.60 40.50 4.04
CA HIS J 65 -27.17 40.97 2.72
C HIS J 65 -28.32 40.97 1.75
N TYR J 66 -29.03 39.84 1.66
CA TYR J 66 -30.17 39.78 0.76
C TYR J 66 -31.21 40.82 1.16
N GLU J 67 -31.50 40.92 2.45
CA GLU J 67 -32.53 41.83 2.93
C GLU J 67 -32.23 43.26 2.49
N LYS J 68 -30.97 43.66 2.55
CA LYS J 68 -30.61 45.03 2.17
C LYS J 68 -30.60 45.22 0.67
N LEU J 69 -30.11 44.24 -0.08
CA LEU J 69 -30.05 44.39 -1.54
C LEU J 69 -31.45 44.47 -2.14
N GLU J 70 -32.35 43.61 -1.69
CA GLU J 70 -33.65 43.41 -2.33
C GLU J 70 -34.81 44.00 -1.56
N GLY J 71 -34.57 44.63 -0.42
CA GLY J 71 -35.58 45.36 0.31
C GLY J 71 -36.53 44.53 1.11
N VAL J 72 -36.43 43.22 1.05
CA VAL J 72 -37.35 42.35 1.76
C VAL J 72 -36.58 41.10 2.15
N PRO J 73 -36.86 40.49 3.29
CA PRO J 73 -36.11 39.29 3.66
C PRO J 73 -36.51 38.10 2.82
N LEU J 74 -35.64 37.09 2.85
CA LEU J 74 -35.91 35.83 2.17
C LEU J 74 -37.06 35.08 2.82
N THR J 75 -37.80 34.37 1.98
CA THR J 75 -38.78 33.40 2.45
C THR J 75 -38.08 32.33 3.26
N PHE J 76 -38.86 31.65 4.11
CA PHE J 76 -38.22 30.65 4.94
C PHE J 76 -37.60 29.55 4.09
N ALA J 77 -38.27 29.18 2.99
CA ALA J 77 -37.68 28.20 2.08
C ALA J 77 -36.34 28.68 1.52
N GLY J 78 -36.22 29.96 1.20
CA GLY J 78 -34.95 30.48 0.72
C GLY J 78 -33.88 30.48 1.79
N LYS J 79 -34.25 30.77 3.03
CA LYS J 79 -33.27 30.65 4.09
C LYS J 79 -32.78 29.22 4.21
N ILE J 80 -33.68 28.26 4.14
CA ILE J 80 -33.25 26.87 4.17
C ILE J 80 -32.30 26.59 2.99
N ASN J 81 -32.66 27.06 1.80
CA ASN J 81 -31.84 26.71 0.64
C ASN J 81 -30.42 27.25 0.80
N ARG J 82 -30.27 28.47 1.32
CA ARG J 82 -28.94 29.04 1.41
C ARG J 82 -28.12 28.31 2.46
N LEU J 83 -28.75 27.96 3.59
CA LEU J 83 -28.01 27.17 4.58
C LEU J 83 -27.56 25.84 3.98
N ALA J 84 -28.45 25.19 3.22
CA ALA J 84 -28.13 23.94 2.58
C ALA J 84 -26.98 24.07 1.60
N ILE J 85 -26.97 25.13 0.80
CA ILE J 85 -25.90 25.30 -0.18
C ILE J 85 -24.57 25.52 0.53
N MET J 86 -24.57 26.31 1.61
CA MET J 86 -23.31 26.54 2.33
C MET J 86 -22.76 25.22 2.89
N VAL J 87 -23.64 24.46 3.54
CA VAL J 87 -23.19 23.19 4.06
C VAL J 87 -22.67 22.31 2.95
N ARG J 88 -23.36 22.27 1.80
CA ARG J 88 -22.88 21.39 0.74
C ARG J 88 -21.53 21.84 0.22
N GLY J 89 -21.34 23.15 0.11
CA GLY J 89 -20.06 23.69 -0.29
C GLY J 89 -18.92 23.32 0.62
N ASN J 90 -19.19 22.99 1.87
CA ASN J 90 -18.11 22.58 2.76
C ASN J 90 -17.83 21.07 2.72
N LEU J 91 -18.47 20.34 1.81
CA LEU J 91 -18.43 18.88 1.88
C LEU J 91 -17.03 18.32 1.77
N ALA J 92 -16.22 18.83 0.85
CA ALA J 92 -14.87 18.28 0.69
C ALA J 92 -14.06 18.40 1.97
N ALA J 93 -14.05 19.61 2.54
CA ALA J 93 -13.34 19.81 3.79
C ALA J 93 -13.92 18.94 4.90
N ALA J 94 -15.25 18.80 4.96
CA ALA J 94 -15.80 17.94 6.00
C ALA J 94 -15.33 16.52 5.83
N MET J 95 -15.19 16.07 4.59
CA MET J 95 -14.70 14.71 4.40
C MET J 95 -13.26 14.60 4.85
N GLN J 96 -12.52 15.71 4.98
CA GLN J 96 -11.22 15.63 5.60
C GLN J 96 -11.18 16.10 7.06
N GLY J 97 -12.32 16.26 7.72
CA GLY J 97 -12.32 16.54 9.14
C GLY J 97 -12.82 17.91 9.54
N LEU J 98 -13.11 18.81 8.61
CA LEU J 98 -13.68 20.10 8.98
C LEU J 98 -15.21 20.08 8.86
N LEU J 99 -15.84 19.20 9.61
CA LEU J 99 -17.25 18.91 9.46
C LEU J 99 -18.09 19.72 10.43
N ALA J 100 -19.18 20.29 9.95
CA ALA J 100 -20.06 21.06 10.81
C ALA J 100 -21.49 20.89 10.33
N LEU J 101 -22.41 20.60 11.24
CA LEU J 101 -23.82 20.47 10.91
C LEU J 101 -24.63 21.53 11.61
N PRO J 102 -25.48 22.24 10.91
CA PRO J 102 -26.37 23.19 11.56
C PRO J 102 -27.75 22.63 11.84
N LEU J 103 -28.42 23.25 12.80
CA LEU J 103 -29.81 23.04 13.12
C LEU J 103 -30.45 24.40 13.06
N LEU J 104 -31.54 24.51 12.31
CA LEU J 104 -32.18 25.77 12.06
C LEU J 104 -33.50 25.79 12.79
N ALA J 105 -33.76 26.87 13.51
CA ALA J 105 -35.04 27.08 14.15
C ALA J 105 -35.53 28.47 13.74
N GLY J 106 -36.77 28.56 13.30
CA GLY J 106 -37.28 29.84 12.85
C GLY J 106 -38.76 29.94 13.11
N TYR J 107 -39.29 31.13 12.87
CA TYR J 107 -40.72 31.41 12.93
C TYR J 107 -41.09 32.01 11.60
N ASP J 108 -41.96 31.32 10.86
CA ASP J 108 -42.29 31.75 9.51
C ASP J 108 -43.42 32.76 9.58
N ILE J 109 -43.10 34.04 9.42
CA ILE J 109 -44.12 35.08 9.54
C ILE J 109 -45.17 34.95 8.45
N HIS J 110 -44.85 34.23 7.37
CA HIS J 110 -45.78 34.10 6.27
C HIS J 110 -46.57 32.81 6.31
N ALA J 111 -46.38 31.98 7.32
CA ALA J 111 -47.16 30.77 7.45
C ALA J 111 -48.61 31.10 7.78
N SER J 112 -49.52 30.24 7.33
CA SER J 112 -50.94 30.54 7.47
C SER J 112 -51.38 30.53 8.93
N ASP J 113 -50.97 29.53 9.71
CA ASP J 113 -51.44 29.44 11.08
C ASP J 113 -50.36 29.90 12.05
N PRO J 114 -50.48 31.08 12.66
CA PRO J 114 -49.44 31.56 13.58
C PRO J 114 -49.15 30.64 14.76
N GLN J 115 -50.08 29.78 15.17
CA GLN J 115 -49.77 29.01 16.37
C GLN J 115 -48.75 27.91 16.07
N SER J 116 -48.68 27.46 14.82
CA SER J 116 -47.77 26.40 14.37
C SER J 116 -46.67 26.93 13.46
N ALA J 117 -46.41 28.23 13.48
CA ALA J 117 -45.45 28.88 12.61
C ALA J 117 -44.00 28.57 12.99
N GLY J 118 -43.77 27.84 14.06
CA GLY J 118 -42.42 27.40 14.32
C GLY J 118 -41.93 26.46 13.23
N ARG J 119 -40.65 26.54 12.97
CA ARG J 119 -40.01 25.71 11.97
C ARG J 119 -38.70 25.18 12.54
N ILE J 120 -38.45 23.89 12.32
CA ILE J 120 -37.22 23.25 12.73
C ILE J 120 -36.71 22.47 11.53
N VAL J 121 -35.48 22.74 11.14
CA VAL J 121 -34.89 22.10 9.97
C VAL J 121 -33.55 21.50 10.38
N SER J 122 -33.36 20.22 10.10
CA SER J 122 -32.08 19.58 10.36
C SER J 122 -31.38 19.35 9.03
N PHE J 123 -30.05 19.20 9.12
CA PHE J 123 -29.18 19.10 7.95
C PHE J 123 -28.21 17.94 8.11
N ASP J 124 -27.78 17.38 6.98
CA ASP J 124 -26.68 16.44 6.98
C ASP J 124 -25.48 17.06 6.27
N ALA J 125 -24.37 16.34 6.30
CA ALA J 125 -23.12 16.92 5.81
C ALA J 125 -23.14 17.25 4.32
N ALA J 126 -24.12 16.75 3.56
CA ALA J 126 -24.20 17.01 2.12
C ALA J 126 -25.21 18.09 1.76
N GLY J 127 -25.86 18.69 2.73
CA GLY J 127 -26.84 19.72 2.47
C GLY J 127 -28.27 19.24 2.46
N GLY J 128 -28.49 17.93 2.57
CA GLY J 128 -29.86 17.45 2.67
C GLY J 128 -30.52 18.02 3.90
N TRP J 129 -31.80 18.34 3.77
CA TRP J 129 -32.49 18.96 4.87
C TRP J 129 -33.83 18.29 5.13
N ASN J 130 -34.27 18.36 6.37
CA ASN J 130 -35.60 17.87 6.72
C ASN J 130 -36.29 18.91 7.58
N ILE J 131 -37.48 19.33 7.15
CA ILE J 131 -38.32 20.14 8.01
C ILE J 131 -39.04 19.18 8.92
N GLU J 132 -38.77 19.29 10.22
CA GLU J 132 -39.30 18.35 11.18
C GLU J 132 -40.73 18.70 11.48
N GLU J 133 -41.67 17.78 11.29
CA GLU J 133 -43.05 18.04 11.66
C GLU J 133 -43.49 17.24 12.87
N GLU J 134 -42.56 16.81 13.71
CA GLU J 134 -42.89 16.17 14.97
C GLU J 134 -42.44 16.99 16.18
N GLY J 135 -42.00 18.22 15.98
CA GLY J 135 -41.95 19.15 17.07
C GLY J 135 -40.61 19.32 17.74
N TYR J 136 -39.67 18.39 17.54
CA TYR J 136 -38.39 18.55 18.21
C TYR J 136 -37.30 17.91 17.38
N GLN J 137 -36.07 18.31 17.64
CA GLN J 137 -34.95 17.79 16.88
C GLN J 137 -33.69 18.17 17.63
N ALA J 138 -32.60 17.50 17.29
CA ALA J 138 -31.32 17.72 17.95
C ALA J 138 -30.18 17.36 17.01
N VAL J 139 -29.02 17.93 17.29
CA VAL J 139 -27.82 17.63 16.54
C VAL J 139 -26.63 17.60 17.50
N GLY J 140 -25.64 16.76 17.18
CA GLY J 140 -24.45 16.61 17.99
C GLY J 140 -24.32 15.23 18.61
N SER J 141 -23.21 15.07 19.29
CA SER J 141 -22.85 13.80 19.88
C SER J 141 -23.80 13.34 20.98
N GLY J 142 -24.56 14.26 21.57
CA GLY J 142 -25.59 13.89 22.52
C GLY J 142 -26.98 13.95 21.95
N SER J 143 -27.11 14.12 20.64
CA SER J 143 -28.40 14.37 20.03
C SER J 143 -29.37 13.23 20.29
N LEU J 144 -28.88 11.99 20.33
CA LEU J 144 -29.83 10.91 20.48
C LEU J 144 -30.35 10.77 21.91
N PHE J 145 -29.51 11.04 22.90
CA PHE J 145 -29.99 11.05 24.28
C PHE J 145 -31.01 12.14 24.48
N ALA J 146 -30.75 13.32 23.90
CA ALA J 146 -31.66 14.44 24.03
C ALA J 146 -32.96 14.18 23.28
N LYS J 147 -32.87 13.61 22.09
CA LYS J 147 -34.09 13.30 21.34
C LYS J 147 -34.91 12.28 22.07
N SER J 148 -34.29 11.24 22.60
CA SER J 148 -35.11 10.28 23.31
C SER J 148 -35.66 10.85 24.60
N SER J 149 -34.96 11.80 25.22
CA SER J 149 -35.54 12.47 26.37
C SER J 149 -36.77 13.29 25.97
N MET J 150 -36.65 14.12 24.95
CA MET J 150 -37.78 14.91 24.50
C MET J 150 -38.93 14.03 24.02
N LYS J 151 -38.63 12.83 23.51
CA LYS J 151 -39.70 11.94 23.09
C LYS J 151 -40.66 11.69 24.22
N LYS J 152 -40.12 11.53 25.41
CA LYS J 152 -40.91 11.29 26.61
C LYS J 152 -41.41 12.56 27.28
N LEU J 153 -40.77 13.71 27.06
CA LEU J 153 -41.25 14.90 27.76
C LEU J 153 -42.13 15.81 26.92
N TYR J 154 -42.21 15.63 25.61
CA TYR J 154 -42.76 16.70 24.78
C TYR J 154 -44.23 16.95 25.09
N SER J 155 -44.95 15.94 25.54
CA SER J 155 -46.36 16.13 25.87
C SER J 155 -46.56 17.14 26.99
N GLN J 156 -45.52 17.48 27.74
CA GLN J 156 -45.65 18.49 28.78
C GLN J 156 -45.49 19.91 28.27
N VAL J 157 -45.24 20.09 27.00
CA VAL J 157 -44.95 21.40 26.45
C VAL J 157 -46.28 22.04 26.09
N THR J 158 -46.65 23.08 26.83
CA THR J 158 -47.89 23.79 26.57
C THR J 158 -47.71 25.26 26.28
N ASP J 159 -46.55 25.83 26.59
CA ASP J 159 -46.32 27.24 26.35
C ASP J 159 -44.82 27.44 26.24
N GLY J 160 -44.39 28.69 26.19
CA GLY J 160 -42.98 28.96 26.06
C GLY J 160 -42.19 28.51 27.27
N ASP J 161 -42.78 28.64 28.45
CA ASP J 161 -41.96 28.36 29.61
C ASP J 161 -41.77 26.85 29.77
N SER J 162 -42.82 26.07 29.56
CA SER J 162 -42.65 24.62 29.62
C SER J 162 -41.73 24.12 28.52
N GLY J 163 -41.81 24.72 27.32
CA GLY J 163 -40.93 24.32 26.24
C GLY J 163 -39.48 24.57 26.57
N LEU J 164 -39.19 25.71 27.17
CA LEU J 164 -37.85 25.98 27.61
C LEU J 164 -37.39 24.97 28.64
N ARG J 165 -38.28 24.58 29.57
CA ARG J 165 -37.88 23.59 30.57
C ARG J 165 -37.59 22.22 29.95
N VAL J 166 -38.34 21.82 28.93
CA VAL J 166 -38.05 20.55 28.28
C VAL J 166 -36.76 20.63 27.48
N ALA J 167 -36.50 21.77 26.85
CA ALA J 167 -35.22 21.93 26.16
C ALA J 167 -34.05 21.78 27.12
N VAL J 168 -34.09 22.51 28.23
CA VAL J 168 -32.99 22.41 29.17
C VAL J 168 -32.91 21.02 29.78
N GLU J 169 -34.05 20.36 29.99
CA GLU J 169 -33.96 19.00 30.51
C GLU J 169 -33.38 18.03 29.48
N ALA J 170 -33.67 18.22 28.20
CA ALA J 170 -33.07 17.39 27.17
C ALA J 170 -31.58 17.57 27.14
N LEU J 171 -31.11 18.82 27.23
CA LEU J 171 -29.68 19.08 27.31
C LEU J 171 -29.08 18.49 28.56
N TYR J 172 -29.82 18.49 29.67
CA TYR J 172 -29.30 17.86 30.87
C TYR J 172 -29.09 16.36 30.65
N ASP J 173 -30.07 15.67 30.09
CA ASP J 173 -29.88 14.25 29.84
C ASP J 173 -28.72 13.99 28.88
N ALA J 174 -28.64 14.77 27.80
CA ALA J 174 -27.54 14.57 26.86
C ALA J 174 -26.19 14.68 27.57
N ALA J 175 -26.00 15.72 28.38
CA ALA J 175 -24.74 15.85 29.09
C ALA J 175 -24.54 14.71 30.08
N ASP J 176 -25.64 14.17 30.63
CA ASP J 176 -25.54 13.07 31.57
C ASP J 176 -24.96 11.84 30.93
N ASP J 177 -25.28 11.60 29.66
CA ASP J 177 -24.84 10.39 28.98
C ASP J 177 -23.76 10.60 27.92
N ASP J 178 -23.42 11.85 27.58
CA ASP J 178 -22.40 12.17 26.58
C ASP J 178 -21.33 13.05 27.18
N SER J 179 -20.08 12.59 27.14
CA SER J 179 -19.02 13.33 27.79
C SER J 179 -18.61 14.54 26.99
N ALA J 180 -18.95 14.61 25.71
CA ALA J 180 -18.63 15.80 24.93
C ALA J 180 -19.69 16.89 25.07
N THR J 181 -20.76 16.64 25.79
CA THR J 181 -21.78 17.62 26.09
C THR J 181 -21.69 18.00 27.55
N GLY J 182 -21.60 19.29 27.81
CA GLY J 182 -21.38 19.79 29.14
C GLY J 182 -22.70 20.09 29.82
N GLY J 183 -22.82 19.68 31.07
CA GLY J 183 -23.97 20.02 31.85
C GLY J 183 -23.84 21.38 32.49
N PRO J 184 -24.85 21.76 33.24
CA PRO J 184 -24.77 22.99 34.04
C PRO J 184 -23.59 22.92 35.00
N ASP J 185 -22.78 23.97 34.99
CA ASP J 185 -21.64 24.08 35.89
C ASP J 185 -22.07 25.01 37.02
N LEU J 186 -22.52 24.44 38.13
CA LEU J 186 -22.98 25.32 39.20
C LEU J 186 -21.84 25.89 40.02
N VAL J 187 -20.64 25.40 39.83
CA VAL J 187 -19.50 26.02 40.50
C VAL J 187 -19.15 27.32 39.80
N ARG J 188 -19.14 27.30 38.49
CA ARG J 188 -18.78 28.44 37.68
C ARG J 188 -19.95 29.27 37.25
N GLY J 189 -21.17 28.79 37.43
CA GLY J 189 -22.29 29.59 37.00
C GLY J 189 -22.42 29.70 35.50
N ILE J 190 -22.19 28.61 34.77
CA ILE J 190 -22.32 28.55 33.32
C ILE J 190 -23.45 27.60 32.96
N PHE J 191 -24.35 28.03 32.12
CA PHE J 191 -25.52 27.25 31.77
C PHE J 191 -25.68 27.25 30.26
N PRO J 192 -26.47 26.32 29.73
CA PRO J 192 -26.76 26.33 28.29
C PRO J 192 -27.26 27.69 27.83
N THR J 193 -27.05 27.96 26.57
CA THR J 193 -27.63 29.16 26.00
C THR J 193 -28.90 28.77 25.30
N ALA J 194 -29.84 29.70 25.26
CA ALA J 194 -31.13 29.48 24.65
C ALA J 194 -31.62 30.74 23.96
N VAL J 195 -32.30 30.51 22.85
CA VAL J 195 -33.00 31.52 22.09
C VAL J 195 -34.44 31.08 21.98
N ILE J 196 -35.35 32.03 22.08
CA ILE J 196 -36.77 31.76 21.89
C ILE J 196 -37.24 32.66 20.77
N ILE J 197 -38.08 32.14 19.89
CA ILE J 197 -38.56 32.88 18.72
C ILE J 197 -40.06 32.75 18.64
N ASP J 198 -40.76 33.88 18.68
CA ASP J 198 -42.21 33.89 18.45
C ASP J 198 -42.54 35.02 17.47
N ALA J 199 -43.82 35.40 17.42
CA ALA J 199 -44.25 36.43 16.45
C ALA J 199 -43.53 37.76 16.65
N ASP J 200 -43.10 38.05 17.86
CA ASP J 200 -42.39 39.28 18.19
C ASP J 200 -40.90 39.19 17.93
N GLY J 201 -40.42 38.12 17.32
CA GLY J 201 -39.02 38.00 16.95
C GLY J 201 -38.27 36.98 17.78
N ALA J 202 -36.96 36.95 17.56
CA ALA J 202 -36.06 36.05 18.25
C ALA J 202 -35.30 36.82 19.32
N VAL J 203 -35.29 36.31 20.53
CA VAL J 203 -34.59 36.98 21.61
C VAL J 203 -33.81 35.94 22.39
N ASP J 204 -32.66 36.37 22.92
CA ASP J 204 -31.83 35.54 23.80
C ASP J 204 -32.51 35.37 25.16
N VAL J 205 -32.58 34.13 25.62
CA VAL J 205 -33.18 33.87 26.93
C VAL J 205 -32.21 34.29 28.03
N PRO J 206 -32.64 35.06 29.00
CA PRO J 206 -31.69 35.52 30.03
C PRO J 206 -31.13 34.37 30.84
N GLU J 207 -29.83 34.46 31.11
CA GLU J 207 -29.10 33.38 31.78
C GLU J 207 -29.78 32.94 33.06
N SER J 208 -30.35 33.88 33.82
CA SER J 208 -30.90 33.51 35.11
C SER J 208 -32.10 32.59 34.98
N ARG J 209 -32.91 32.74 33.92
CA ARG J 209 -34.08 31.86 33.81
C ARG J 209 -33.64 30.42 33.58
N ILE J 210 -32.64 30.23 32.73
CA ILE J 210 -32.17 28.89 32.46
C ILE J 210 -31.51 28.31 33.69
N ALA J 211 -30.78 29.14 34.44
CA ALA J 211 -30.17 28.64 35.65
C ALA J 211 -31.22 28.16 36.63
N GLU J 212 -32.29 28.93 36.79
CA GLU J 212 -33.40 28.49 37.63
C GLU J 212 -33.92 27.14 37.16
N LEU J 213 -34.15 26.99 35.86
CA LEU J 213 -34.68 25.73 35.36
C LEU J 213 -33.71 24.59 35.60
N ALA J 214 -32.42 24.82 35.35
CA ALA J 214 -31.43 23.78 35.60
C ALA J 214 -31.41 23.37 37.06
N ARG J 215 -31.42 24.34 37.98
CA ARG J 215 -31.40 23.99 39.40
C ARG J 215 -32.65 23.20 39.76
N ALA J 216 -33.79 23.56 39.18
CA ALA J 216 -35.01 22.83 39.41
C ALA J 216 -34.90 21.38 38.96
N ILE J 217 -34.30 21.15 37.79
CA ILE J 217 -34.13 19.79 37.28
C ILE J 217 -33.19 19.01 38.19
N ILE J 218 -32.06 19.62 38.53
CA ILE J 218 -31.10 18.99 39.44
C ILE J 218 -31.77 18.59 40.74
N GLU J 219 -32.54 19.50 41.34
CA GLU J 219 -33.17 19.16 42.61
C GLU J 219 -34.23 18.10 42.41
N SER J 220 -34.92 18.12 41.29
CA SER J 220 -35.84 17.05 40.94
C SER J 220 -35.16 15.68 40.79
N ARG J 221 -33.87 15.62 40.49
CA ARG J 221 -33.24 14.32 40.33
C ARG J 221 -32.61 13.79 41.60
N SER J 222 -32.52 14.59 42.65
CA SER J 222 -31.89 14.12 43.87
C SER J 222 -32.87 13.51 44.86
N THR K 1 8.32 24.49 23.15
CA THR K 1 7.91 25.87 23.36
C THR K 1 6.76 25.93 24.35
N THR K 2 6.75 26.94 25.22
CA THR K 2 5.50 27.32 25.83
C THR K 2 5.44 28.83 25.89
N ILE K 3 4.27 29.33 25.55
CA ILE K 3 3.89 30.74 25.66
C ILE K 3 2.73 30.81 26.64
N VAL K 4 2.79 31.77 27.55
CA VAL K 4 1.69 32.05 28.47
C VAL K 4 1.21 33.49 28.32
N ALA K 5 -0.08 33.65 28.61
CA ALA K 5 -0.72 34.94 28.67
C ALA K 5 -1.70 34.93 29.84
N LEU K 6 -1.78 36.06 30.54
CA LEU K 6 -2.78 36.15 31.58
C LEU K 6 -3.24 37.59 31.71
N LYS K 7 -4.48 37.77 32.19
CA LYS K 7 -5.06 39.10 32.45
C LYS K 7 -4.82 39.50 33.89
N TYR K 8 -4.47 40.75 34.10
CA TYR K 8 -4.38 41.32 35.43
C TYR K 8 -5.17 42.61 35.45
N PRO K 9 -5.53 43.10 36.62
CA PRO K 9 -6.31 44.35 36.68
C PRO K 9 -5.61 45.51 36.02
N GLY K 10 -6.15 45.93 34.87
CA GLY K 10 -5.59 47.00 34.09
C GLY K 10 -4.75 46.58 32.90
N GLY K 11 -4.59 45.30 32.64
CA GLY K 11 -3.81 44.93 31.48
C GLY K 11 -3.69 43.44 31.28
N VAL K 12 -2.74 43.09 30.45
CA VAL K 12 -2.46 41.70 30.11
C VAL K 12 -0.95 41.53 30.01
N VAL K 13 -0.49 40.31 30.27
CA VAL K 13 0.93 40.00 30.15
C VAL K 13 1.14 38.72 29.35
N MET K 14 2.18 38.71 28.54
CA MET K 14 2.53 37.53 27.76
C MET K 14 4.02 37.23 27.86
N ALA K 15 4.38 35.98 28.05
CA ALA K 15 5.79 35.60 28.14
C ALA K 15 6.00 34.27 27.47
N GLY K 16 7.22 34.03 26.98
CA GLY K 16 7.54 32.78 26.30
C GLY K 16 8.97 32.40 26.57
N ASP K 17 9.28 31.11 26.42
CA ASP K 17 10.62 30.61 26.68
C ASP K 17 11.55 30.88 25.49
N ARG K 18 12.82 30.46 25.62
CA ARG K 18 13.82 30.85 24.64
C ARG K 18 14.42 29.69 23.87
N ARG K 19 13.88 28.49 23.99
CA ARG K 19 14.53 27.30 23.44
C ARG K 19 14.07 26.98 22.02
N SER K 20 15.02 26.53 21.21
CA SER K 20 14.77 26.04 19.87
C SER K 20 15.37 24.65 19.75
N THR K 21 14.60 23.70 19.23
CA THR K 21 15.02 22.31 19.11
C THR K 21 14.92 21.78 17.67
N GLN K 22 15.69 20.69 17.42
CA GLN K 22 15.57 19.80 16.25
C GLN K 22 15.59 18.37 16.78
N GLY K 23 14.43 17.81 17.02
CA GLY K 23 14.37 16.54 17.69
C GLY K 23 14.76 16.69 19.14
N ASN K 24 15.77 15.95 19.56
CA ASN K 24 16.29 16.05 20.91
C ASN K 24 17.38 17.10 21.06
N MET K 25 17.98 17.53 19.95
CA MET K 25 19.07 18.49 20.02
C MET K 25 18.57 19.90 20.27
N ILE K 26 19.28 20.60 21.15
CA ILE K 26 19.04 22.03 21.33
C ILE K 26 19.78 22.84 20.26
N SER K 27 19.03 23.56 19.43
CA SER K 27 19.59 24.38 18.37
C SER K 27 19.53 25.86 18.65
N GLY K 28 18.88 26.29 19.73
CA GLY K 28 18.86 27.68 20.06
C GLY K 28 18.52 27.92 21.50
N ARG K 29 19.14 28.94 22.07
CA ARG K 29 18.98 29.31 23.46
C ARG K 29 18.46 30.71 23.64
N ASP K 30 18.42 31.52 22.59
CA ASP K 30 18.04 32.93 22.72
C ASP K 30 16.88 33.28 21.79
N VAL K 31 16.13 32.31 21.30
CA VAL K 31 15.10 32.67 20.35
C VAL K 31 14.03 33.50 21.05
N ARG K 32 13.35 34.33 20.28
CA ARG K 32 12.30 35.18 20.78
C ARG K 32 11.00 34.79 20.10
N LYS K 33 10.02 34.40 20.89
CA LYS K 33 8.76 33.85 20.42
C LYS K 33 7.56 34.76 20.67
N VAL K 34 7.77 35.91 21.31
CA VAL K 34 6.70 36.81 21.68
C VAL K 34 6.98 38.16 21.04
N TYR K 35 6.08 38.61 20.16
CA TYR K 35 6.27 39.84 19.42
C TYR K 35 5.17 40.85 19.71
N ILE K 36 5.58 42.11 19.86
CA ILE K 36 4.67 43.23 19.92
C ILE K 36 4.14 43.39 18.50
N THR K 37 2.87 43.13 18.28
CA THR K 37 2.40 43.20 16.91
C THR K 37 1.72 44.52 16.58
N ASP K 38 1.33 45.29 17.59
CA ASP K 38 0.83 46.64 17.38
C ASP K 38 0.82 47.29 18.75
N ASP K 39 0.57 48.59 18.76
CA ASP K 39 0.70 49.34 20.02
C ASP K 39 -0.05 48.68 21.16
N TYR K 40 -1.08 47.91 20.87
CA TYR K 40 -1.87 47.30 21.93
C TYR K 40 -2.02 45.79 21.83
N THR K 41 -1.19 45.10 21.03
CA THR K 41 -1.31 43.65 20.96
C THR K 41 0.06 43.01 20.81
N ALA K 42 0.24 41.86 21.46
CA ALA K 42 1.38 40.98 21.33
C ALA K 42 0.93 39.59 20.92
N THR K 43 1.73 38.94 20.07
CA THR K 43 1.48 37.59 19.58
C THR K 43 2.65 36.66 19.91
N GLY K 44 2.33 35.50 20.46
CA GLY K 44 3.32 34.46 20.69
C GLY K 44 2.96 33.22 19.90
N ILE K 45 3.94 32.61 19.26
CA ILE K 45 3.63 31.52 18.34
C ILE K 45 4.47 30.31 18.68
N ALA K 46 3.87 29.15 18.56
CA ALA K 46 4.54 27.89 18.82
C ALA K 46 4.47 27.05 17.57
N GLY K 47 5.51 26.31 17.33
CA GLY K 47 5.48 25.44 16.19
C GLY K 47 6.73 25.59 15.39
N THR K 48 6.65 25.23 14.13
CA THR K 48 7.83 25.31 13.31
C THR K 48 8.22 26.77 13.10
N ALA K 49 9.47 27.07 13.40
CA ALA K 49 9.91 28.45 13.59
C ALA K 49 9.68 29.31 12.35
N ALA K 50 10.03 28.81 11.17
CA ALA K 50 9.86 29.62 9.98
C ALA K 50 8.43 30.12 9.86
N VAL K 51 7.47 29.23 10.08
CA VAL K 51 6.07 29.60 10.00
C VAL K 51 5.70 30.53 11.15
N ALA K 52 6.21 30.29 12.35
CA ALA K 52 5.86 31.15 13.48
C ALA K 52 6.31 32.59 13.24
N VAL K 53 7.55 32.77 12.81
CA VAL K 53 8.03 34.12 12.57
C VAL K 53 7.32 34.74 11.39
N GLU K 54 7.04 33.96 10.34
CA GLU K 54 6.30 34.56 9.23
C GLU K 54 4.94 35.04 9.71
N PHE K 55 4.24 34.25 10.52
CA PHE K 55 2.96 34.67 11.07
C PHE K 55 3.08 35.98 11.80
N ALA K 56 4.05 36.08 12.71
CA ALA K 56 4.21 37.30 13.52
C ALA K 56 4.44 38.52 12.64
N ARG K 57 5.34 38.39 11.66
CA ARG K 57 5.72 39.49 10.79
C ARG K 57 4.57 39.93 9.90
N LEU K 58 3.93 38.98 9.22
CA LEU K 58 2.83 39.34 8.32
C LEU K 58 1.64 39.87 9.09
N TYR K 59 1.40 39.34 10.28
CA TYR K 59 0.29 39.82 11.08
C TYR K 59 0.50 41.28 11.46
N ALA K 60 1.70 41.60 11.95
CA ALA K 60 1.97 42.98 12.33
C ALA K 60 1.85 43.91 11.14
N VAL K 61 2.34 43.46 9.97
CA VAL K 61 2.22 44.26 8.77
C VAL K 61 0.76 44.50 8.43
N GLU K 62 -0.06 43.46 8.57
CA GLU K 62 -1.45 43.62 8.20
C GLU K 62 -2.14 44.64 9.10
N LEU K 63 -1.87 44.58 10.40
CA LEU K 63 -2.52 45.52 11.29
C LEU K 63 -2.14 46.97 10.97
N GLU K 64 -0.84 47.24 10.78
CA GLU K 64 -0.44 48.62 10.50
C GLU K 64 -0.89 49.04 9.11
N HIS K 65 -0.93 48.11 8.18
CA HIS K 65 -1.46 48.38 6.85
C HIS K 65 -2.88 48.89 6.95
N TYR K 66 -3.75 48.16 7.66
CA TYR K 66 -5.11 48.62 7.80
C TYR K 66 -5.14 49.99 8.45
N GLU K 67 -4.36 50.17 9.52
CA GLU K 67 -4.38 51.42 10.27
C GLU K 67 -4.01 52.60 9.40
N LYS K 68 -2.97 52.45 8.58
CA LYS K 68 -2.53 53.56 7.77
C LYS K 68 -3.48 53.79 6.60
N LEU K 69 -4.03 52.73 6.04
CA LEU K 69 -4.94 52.91 4.93
C LEU K 69 -6.19 53.65 5.37
N GLU K 70 -6.75 53.27 6.52
CA GLU K 70 -8.06 53.77 6.89
C GLU K 70 -8.03 54.83 7.98
N GLY K 71 -6.88 55.19 8.52
CA GLY K 71 -6.76 56.21 9.51
C GLY K 71 -7.10 55.77 10.91
N VAL K 72 -7.49 54.53 11.10
CA VAL K 72 -7.90 54.07 12.42
C VAL K 72 -7.50 52.62 12.54
N PRO K 73 -7.13 52.17 13.73
CA PRO K 73 -6.76 50.77 13.90
C PRO K 73 -7.98 49.86 13.94
N LEU K 74 -7.75 48.59 13.70
CA LEU K 74 -8.82 47.63 13.74
C LEU K 74 -9.34 47.49 15.15
N THR K 75 -10.64 47.23 15.26
CA THR K 75 -11.19 46.78 16.52
C THR K 75 -10.58 45.44 16.89
N PHE K 76 -10.61 45.11 18.16
CA PHE K 76 -9.99 43.88 18.59
C PHE K 76 -10.64 42.67 17.91
N ALA K 77 -11.95 42.72 17.70
CA ALA K 77 -12.59 41.64 16.98
C ALA K 77 -12.01 41.51 15.58
N GLY K 78 -11.67 42.63 14.93
CA GLY K 78 -11.09 42.54 13.60
C GLY K 78 -9.70 41.92 13.59
N LYS K 79 -8.88 42.29 14.58
CA LYS K 79 -7.58 41.69 14.72
C LYS K 79 -7.71 40.19 14.91
N ILE K 80 -8.62 39.77 15.78
CA ILE K 80 -8.84 38.34 16.01
C ILE K 80 -9.21 37.65 14.71
N ASN K 81 -10.13 38.24 13.97
CA ASN K 81 -10.56 37.57 12.75
C ASN K 81 -9.41 37.43 11.77
N ARG K 82 -8.57 38.46 11.63
CA ARG K 82 -7.53 38.34 10.62
C ARG K 82 -6.48 37.32 11.02
N LEU K 83 -6.14 37.25 12.31
CA LEU K 83 -5.26 36.18 12.73
C LEU K 83 -5.87 34.81 12.43
N ALA K 84 -7.17 34.63 12.69
CA ALA K 84 -7.85 33.36 12.40
C ALA K 84 -7.83 33.02 10.91
N ILE K 85 -8.04 34.00 10.06
CA ILE K 85 -8.02 33.74 8.64
C ILE K 85 -6.62 33.33 8.20
N MET K 86 -5.58 33.95 8.78
CA MET K 86 -4.21 33.58 8.46
C MET K 86 -3.90 32.15 8.91
N VAL K 87 -4.30 31.79 10.13
CA VAL K 87 -4.06 30.43 10.59
C VAL K 87 -4.76 29.44 9.69
N ARG K 88 -6.02 29.70 9.35
CA ARG K 88 -6.74 28.81 8.46
C ARG K 88 -6.04 28.67 7.13
N GLY K 89 -5.57 29.79 6.59
CA GLY K 89 -4.86 29.81 5.33
C GLY K 89 -3.61 28.96 5.34
N ASN K 90 -3.06 28.69 6.50
CA ASN K 90 -1.91 27.80 6.56
C ASN K 90 -2.29 26.35 6.79
N LEU K 91 -3.58 26.01 6.79
CA LEU K 91 -4.00 24.68 7.23
C LEU K 91 -3.35 23.55 6.43
N ALA K 92 -3.33 23.66 5.10
CA ALA K 92 -2.75 22.60 4.27
C ALA K 92 -1.27 22.41 4.57
N ALA K 93 -0.51 23.51 4.58
CA ALA K 93 0.90 23.43 4.91
C ALA K 93 1.11 22.90 6.33
N ALA K 94 0.23 23.26 7.26
CA ALA K 94 0.33 22.69 8.61
C ALA K 94 0.11 21.20 8.57
N MET K 95 -0.80 20.75 7.71
CA MET K 95 -1.05 19.34 7.54
C MET K 95 0.16 18.63 6.95
N GLN K 96 1.03 19.37 6.28
CA GLN K 96 2.26 18.78 5.73
C GLN K 96 3.49 19.02 6.61
N GLY K 97 3.29 19.41 7.86
CA GLY K 97 4.37 19.50 8.82
C GLY K 97 4.80 20.90 9.16
N LEU K 98 4.32 21.90 8.45
CA LEU K 98 4.65 23.31 8.71
C LEU K 98 3.59 23.97 9.59
N LEU K 99 3.39 23.44 10.79
CA LEU K 99 2.31 23.86 11.68
C LEU K 99 2.78 24.89 12.69
N ALA K 100 1.97 25.93 12.87
CA ALA K 100 2.29 26.97 13.83
C ALA K 100 0.99 27.52 14.39
N LEU K 101 0.89 27.64 15.72
CA LEU K 101 -0.30 28.20 16.34
C LEU K 101 0.03 29.45 17.16
N PRO K 102 -0.75 30.50 17.01
CA PRO K 102 -0.48 31.70 17.80
C PRO K 102 -1.36 31.75 19.01
N LEU K 103 -0.94 32.57 19.96
CA LEU K 103 -1.70 33.00 21.11
C LEU K 103 -1.67 34.51 21.08
N LEU K 104 -2.84 35.14 21.16
CA LEU K 104 -2.97 36.58 21.01
C LEU K 104 -3.32 37.22 22.34
N ALA K 105 -2.60 38.26 22.72
CA ALA K 105 -2.93 39.02 23.93
C ALA K 105 -2.99 40.49 23.56
N GLY K 106 -4.05 41.18 23.99
CA GLY K 106 -4.19 42.56 23.60
C GLY K 106 -4.94 43.34 24.65
N TYR K 107 -4.99 44.64 24.46
CA TYR K 107 -5.72 45.54 25.33
C TYR K 107 -6.72 46.29 24.48
N ASP K 108 -8.02 46.08 24.73
CA ASP K 108 -9.04 46.69 23.90
C ASP K 108 -9.33 48.10 24.41
N ILE K 109 -8.80 49.09 23.69
CA ILE K 109 -8.95 50.48 24.10
C ILE K 109 -10.41 50.89 24.13
N HIS K 110 -11.30 50.15 23.48
CA HIS K 110 -12.70 50.51 23.41
C HIS K 110 -13.57 49.78 24.42
N ALA K 111 -12.99 48.94 25.28
CA ALA K 111 -13.77 48.28 26.30
C ALA K 111 -14.25 49.29 27.33
N SER K 112 -15.40 49.01 27.95
CA SER K 112 -15.96 49.94 28.92
C SER K 112 -15.12 49.98 30.18
N ASP K 113 -14.72 48.82 30.69
CA ASP K 113 -14.00 48.77 31.95
C ASP K 113 -12.51 48.63 31.68
N PRO K 114 -11.71 49.69 31.86
CA PRO K 114 -10.27 49.57 31.61
C PRO K 114 -9.60 48.49 32.44
N GLN K 115 -10.21 48.09 33.54
CA GLN K 115 -9.58 47.10 34.39
C GLN K 115 -9.72 45.71 33.79
N SER K 116 -10.75 45.49 32.99
CA SER K 116 -10.99 44.22 32.32
C SER K 116 -10.72 44.29 30.83
N ALA K 117 -10.02 45.31 30.37
CA ALA K 117 -9.78 45.46 28.95
C ALA K 117 -8.71 44.52 28.42
N GLY K 118 -8.06 43.72 29.26
CA GLY K 118 -7.19 42.68 28.73
C GLY K 118 -8.00 41.62 28.01
N ARG K 119 -7.43 41.10 26.91
CA ARG K 119 -8.07 40.06 26.13
C ARG K 119 -7.00 39.04 25.80
N ILE K 120 -7.39 37.78 25.88
CA ILE K 120 -6.52 36.66 25.55
C ILE K 120 -7.31 35.72 24.65
N VAL K 121 -6.78 35.46 23.46
CA VAL K 121 -7.45 34.63 22.47
C VAL K 121 -6.50 33.54 22.07
N SER K 122 -6.96 32.28 22.13
CA SER K 122 -6.20 31.16 21.62
C SER K 122 -6.80 30.67 20.30
N PHE K 123 -5.98 29.98 19.51
CA PHE K 123 -6.35 29.54 18.18
C PHE K 123 -6.01 28.06 17.98
N ASP K 124 -6.77 27.38 17.13
CA ASP K 124 -6.40 26.04 16.71
C ASP K 124 -5.99 26.04 15.25
N ALA K 125 -5.50 24.89 14.80
CA ALA K 125 -4.89 24.87 13.48
C ALA K 125 -5.87 25.19 12.37
N ALA K 126 -7.17 25.13 12.61
CA ALA K 126 -8.15 25.43 11.57
C ALA K 126 -8.65 26.85 11.64
N GLY K 127 -8.14 27.67 12.56
CA GLY K 127 -8.59 29.04 12.69
C GLY K 127 -9.63 29.25 13.76
N GLY K 128 -10.14 28.19 14.38
CA GLY K 128 -11.06 28.38 15.49
C GLY K 128 -10.39 29.10 16.63
N TRP K 129 -11.11 30.03 17.24
CA TRP K 129 -10.55 30.85 18.30
C TRP K 129 -11.47 30.94 19.49
N ASN K 130 -10.86 31.12 20.65
CA ASN K 130 -11.59 31.31 21.90
C ASN K 130 -11.01 32.51 22.64
N ILE K 131 -11.87 33.46 22.97
CA ILE K 131 -11.54 34.54 23.89
C ILE K 131 -11.60 33.97 25.29
N GLU K 132 -10.49 34.02 26.00
CA GLU K 132 -10.36 33.37 27.30
C GLU K 132 -10.95 34.22 28.40
N GLU K 133 -12.06 33.75 28.98
CA GLU K 133 -12.74 34.48 30.03
C GLU K 133 -12.31 34.06 31.43
N GLU K 134 -11.44 33.08 31.58
CA GLU K 134 -10.95 32.75 32.90
C GLU K 134 -9.56 33.27 33.19
N GLY K 135 -9.02 34.13 32.34
CA GLY K 135 -7.91 34.96 32.73
C GLY K 135 -6.54 34.52 32.26
N TYR K 136 -6.38 33.29 31.81
CA TYR K 136 -5.07 32.81 31.38
C TYR K 136 -5.22 31.78 30.29
N GLN K 137 -4.12 31.57 29.56
CA GLN K 137 -4.09 30.56 28.51
C GLN K 137 -2.63 30.36 28.14
N ALA K 138 -2.34 29.23 27.47
CA ALA K 138 -0.99 28.88 27.08
C ALA K 138 -1.03 28.06 25.80
N VAL K 139 0.10 28.03 25.13
CA VAL K 139 0.24 27.28 23.88
C VAL K 139 1.65 26.69 23.83
N GLY K 140 1.78 25.55 23.17
CA GLY K 140 3.06 24.87 23.00
C GLY K 140 3.11 23.53 23.72
N SER K 141 4.27 22.88 23.60
CA SER K 141 4.40 21.55 24.18
C SER K 141 4.33 21.53 25.70
N GLY K 142 4.58 22.65 26.37
CA GLY K 142 4.37 22.71 27.79
C GLY K 142 3.11 23.43 28.22
N SER K 143 2.22 23.73 27.28
CA SER K 143 1.07 24.57 27.61
C SER K 143 0.22 23.96 28.72
N LEU K 144 0.08 22.64 28.76
CA LEU K 144 -0.80 22.08 29.76
C LEU K 144 -0.18 22.12 31.15
N PHE K 145 1.14 22.00 31.23
CA PHE K 145 1.82 22.23 32.50
C PHE K 145 1.68 23.67 32.95
N ALA K 146 1.83 24.62 32.01
CA ALA K 146 1.74 26.03 32.36
C ALA K 146 0.34 26.40 32.80
N LYS K 147 -0.66 25.88 32.08
CA LYS K 147 -2.05 26.12 32.44
C LYS K 147 -2.38 25.50 33.78
N SER K 148 -1.95 24.27 34.01
CA SER K 148 -2.32 23.67 35.28
C SER K 148 -1.64 24.38 36.43
N SER K 149 -0.48 24.99 36.18
CA SER K 149 0.19 25.82 37.17
C SER K 149 -0.58 27.11 37.42
N MET K 150 -1.01 27.79 36.35
CA MET K 150 -1.78 29.01 36.53
C MET K 150 -3.13 28.75 37.19
N LYS K 151 -3.71 27.56 37.02
CA LYS K 151 -4.95 27.28 37.69
C LYS K 151 -4.83 27.51 39.18
N LYS K 152 -3.69 27.12 39.75
CA LYS K 152 -3.41 27.28 41.16
C LYS K 152 -2.75 28.62 41.51
N LEU K 153 -2.07 29.26 40.57
CA LEU K 153 -1.37 30.48 40.91
C LEU K 153 -2.12 31.75 40.55
N TYR K 154 -3.21 31.67 39.79
CA TYR K 154 -3.79 32.87 39.22
C TYR K 154 -4.39 33.76 40.30
N SER K 155 -4.86 33.17 41.39
CA SER K 155 -5.44 34.01 42.43
C SER K 155 -4.43 34.97 43.01
N GLN K 156 -3.16 34.81 42.68
CA GLN K 156 -2.17 35.73 43.20
C GLN K 156 -2.04 36.98 42.37
N VAL K 157 -2.75 37.08 41.26
CA VAL K 157 -2.54 38.18 40.37
C VAL K 157 -3.43 39.31 40.84
N THR K 158 -2.82 40.39 41.36
CA THR K 158 -3.57 41.55 41.83
C THR K 158 -3.17 42.83 41.13
N ASP K 159 -2.04 42.84 40.44
CA ASP K 159 -1.54 43.99 39.71
C ASP K 159 -0.61 43.45 38.63
N GLY K 160 0.06 44.36 37.92
CA GLY K 160 0.94 43.92 36.85
C GLY K 160 2.13 43.12 37.33
N ASP K 161 2.67 43.46 38.50
CA ASP K 161 3.90 42.82 38.93
C ASP K 161 3.63 41.40 39.36
N SER K 162 2.53 41.18 40.06
CA SER K 162 2.15 39.81 40.38
C SER K 162 1.80 39.05 39.11
N GLY K 163 1.22 39.70 38.11
CA GLY K 163 0.93 38.98 36.88
C GLY K 163 2.18 38.52 36.16
N LEU K 164 3.17 39.40 36.05
CA LEU K 164 4.43 39.03 35.45
C LEU K 164 5.07 37.90 36.24
N ARG K 165 5.02 37.97 37.57
CA ARG K 165 5.58 36.89 38.35
C ARG K 165 4.89 35.57 38.07
N VAL K 166 3.56 35.56 37.98
CA VAL K 166 2.87 34.31 37.78
C VAL K 166 3.18 33.79 36.38
N ALA K 167 3.33 34.70 35.43
CA ALA K 167 3.74 34.30 34.08
C ALA K 167 5.06 33.57 34.09
N VAL K 168 6.06 34.18 34.72
CA VAL K 168 7.39 33.58 34.75
C VAL K 168 7.36 32.27 35.51
N GLU K 169 6.55 32.19 36.56
CA GLU K 169 6.50 30.95 37.32
C GLU K 169 5.84 29.84 36.54
N ALA K 170 4.79 30.15 35.80
CA ALA K 170 4.16 29.13 34.98
C ALA K 170 5.11 28.65 33.90
N LEU K 171 5.89 29.55 33.31
CA LEU K 171 6.90 29.10 32.35
C LEU K 171 7.94 28.25 33.04
N TYR K 172 8.26 28.56 34.29
CA TYR K 172 9.21 27.74 35.02
C TYR K 172 8.66 26.34 35.19
N ASP K 173 7.40 26.22 35.55
CA ASP K 173 6.82 24.87 35.69
C ASP K 173 6.83 24.12 34.35
N ALA K 174 6.54 24.83 33.26
CA ALA K 174 6.58 24.23 31.94
C ALA K 174 7.97 23.70 31.61
N ALA K 175 9.02 24.50 31.87
CA ALA K 175 10.37 24.00 31.58
C ALA K 175 10.73 22.84 32.47
N ASP K 176 10.15 22.80 33.67
CA ASP K 176 10.42 21.74 34.59
C ASP K 176 9.98 20.40 34.04
N ASP K 177 8.81 20.34 33.39
CA ASP K 177 8.26 19.06 32.96
C ASP K 177 8.29 18.79 31.47
N ASP K 178 8.77 19.73 30.67
CA ASP K 178 8.86 19.60 29.22
C ASP K 178 10.29 19.90 28.77
N SER K 179 10.90 18.96 28.06
CA SER K 179 12.27 19.16 27.62
C SER K 179 12.38 20.10 26.44
N ALA K 180 11.28 20.34 25.74
CA ALA K 180 11.23 21.26 24.63
C ALA K 180 10.99 22.69 25.07
N THR K 181 10.79 22.93 26.35
CA THR K 181 10.66 24.26 26.89
C THR K 181 11.88 24.51 27.73
N GLY K 182 12.53 25.64 27.50
CA GLY K 182 13.75 25.98 28.21
C GLY K 182 13.49 26.82 29.43
N GLY K 183 14.16 26.47 30.52
CA GLY K 183 14.07 27.24 31.72
C GLY K 183 15.03 28.40 31.76
N PRO K 184 15.00 29.16 32.85
CA PRO K 184 15.98 30.23 33.02
C PRO K 184 17.37 29.64 33.03
N ASP K 185 18.26 30.21 32.22
CA ASP K 185 19.66 29.81 32.12
C ASP K 185 20.47 30.83 32.93
N LEU K 186 20.78 30.48 34.18
CA LEU K 186 21.50 31.41 35.02
C LEU K 186 22.98 31.43 34.76
N VAL K 187 23.51 30.46 34.04
CA VAL K 187 24.92 30.53 33.68
C VAL K 187 25.12 31.53 32.56
N ARG K 188 24.25 31.50 31.57
CA ARG K 188 24.38 32.40 30.46
C ARG K 188 23.59 33.68 30.64
N GLY K 189 22.69 33.75 31.62
CA GLY K 189 21.88 34.95 31.78
C GLY K 189 20.80 35.13 30.74
N ILE K 190 20.11 34.06 30.37
CA ILE K 190 19.06 34.10 29.37
C ILE K 190 17.78 33.77 30.09
N PHE K 191 16.76 34.57 29.90
CA PHE K 191 15.52 34.38 30.63
C PHE K 191 14.39 34.49 29.63
N PRO K 192 13.22 34.05 29.99
CA PRO K 192 12.06 34.24 29.12
C PRO K 192 11.85 35.67 28.69
N THR K 193 11.20 35.90 27.55
CA THR K 193 10.83 37.26 27.17
C THR K 193 9.38 37.51 27.49
N ALA K 194 9.08 38.73 27.86
CA ALA K 194 7.75 39.10 28.27
C ALA K 194 7.40 40.46 27.70
N VAL K 195 6.12 40.61 27.38
CA VAL K 195 5.51 41.85 26.94
C VAL K 195 4.39 42.13 27.90
N ILE K 196 4.24 43.38 28.28
CA ILE K 196 3.15 43.77 29.14
C ILE K 196 2.38 44.88 28.44
N ILE K 197 1.05 44.84 28.53
CA ILE K 197 0.19 45.75 27.79
C ILE K 197 -0.84 46.37 28.72
N ASP K 198 -0.89 47.70 28.76
CA ASP K 198 -1.95 48.38 29.49
C ASP K 198 -2.41 49.56 28.63
N ALA K 199 -3.13 50.51 29.23
CA ALA K 199 -3.66 51.63 28.46
C ALA K 199 -2.58 52.44 27.79
N ASP K 200 -1.38 52.44 28.35
CA ASP K 200 -0.29 53.21 27.76
C ASP K 200 0.43 52.47 26.65
N GLY K 201 -0.07 51.32 26.24
CA GLY K 201 0.49 50.58 25.15
C GLY K 201 1.15 49.27 25.58
N ALA K 202 1.85 48.66 24.61
CA ALA K 202 2.56 47.41 24.78
C ALA K 202 4.07 47.68 24.87
N VAL K 203 4.71 47.15 25.91
CA VAL K 203 6.15 47.34 26.09
C VAL K 203 6.85 46.05 26.45
N ASP K 204 8.11 45.94 26.01
CA ASP K 204 8.97 44.84 26.39
C ASP K 204 9.33 44.90 27.87
N VAL K 205 9.15 43.80 28.55
CA VAL K 205 9.58 43.75 29.94
C VAL K 205 11.10 43.63 29.97
N PRO K 206 11.78 44.48 30.71
CA PRO K 206 13.24 44.41 30.70
C PRO K 206 13.72 43.09 31.31
N GLU K 207 14.82 42.59 30.76
CA GLU K 207 15.36 41.30 31.21
C GLU K 207 15.76 41.34 32.69
N SER K 208 16.28 42.45 33.20
CA SER K 208 16.73 42.46 34.58
C SER K 208 15.60 42.19 35.55
N ARG K 209 14.41 42.68 35.22
CA ARG K 209 13.26 42.43 36.04
C ARG K 209 12.86 40.95 36.01
N ILE K 210 12.94 40.33 34.84
CA ILE K 210 12.56 38.93 34.73
C ILE K 210 13.61 38.04 35.37
N ALA K 211 14.87 38.41 35.28
CA ALA K 211 15.90 37.68 35.99
C ALA K 211 15.64 37.73 37.49
N GLU K 212 15.28 38.91 38.02
CA GLU K 212 14.95 39.03 39.44
C GLU K 212 13.86 38.06 39.84
N LEU K 213 12.77 38.04 39.07
CA LEU K 213 11.66 37.14 39.42
C LEU K 213 12.10 35.69 39.33
N ALA K 214 12.88 35.37 38.29
CA ALA K 214 13.35 33.99 38.12
C ALA K 214 14.21 33.55 39.29
N ARG K 215 15.14 34.41 39.74
CA ARG K 215 15.95 34.03 40.88
C ARG K 215 15.10 33.85 42.12
N ALA K 216 14.09 34.69 42.30
CA ALA K 216 13.21 34.50 43.46
C ALA K 216 12.50 33.16 43.40
N ILE K 217 12.03 32.75 42.22
CA ILE K 217 11.34 31.47 42.12
C ILE K 217 12.29 30.30 42.41
N ILE K 218 13.46 30.31 41.77
CA ILE K 218 14.45 29.26 42.01
C ILE K 218 14.81 29.19 43.49
N GLU K 219 15.10 30.34 44.09
CA GLU K 219 15.41 30.38 45.52
C GLU K 219 14.24 29.90 46.37
N SER K 220 13.01 30.09 45.89
CA SER K 220 11.83 29.70 46.65
C SER K 220 11.52 28.22 46.52
N ARG K 221 12.00 27.58 45.46
CA ARG K 221 11.84 26.14 45.35
C ARG K 221 13.03 25.37 45.90
N SER K 222 14.18 26.02 46.13
CA SER K 222 15.33 25.30 46.65
C SER K 222 15.46 25.34 48.16
N GLY K 223 14.78 26.26 48.84
CA GLY K 223 14.99 26.47 50.26
C GLY K 223 16.21 27.30 50.59
N THR L 1 30.22 17.33 4.39
CA THR L 1 30.50 18.76 4.35
C THR L 1 30.49 19.32 5.74
N THR L 2 31.40 20.24 6.02
CA THR L 2 31.27 21.11 7.18
C THR L 2 31.69 22.52 6.81
N ILE L 3 30.87 23.48 7.19
CA ILE L 3 31.14 24.89 7.11
C ILE L 3 31.10 25.44 8.52
N VAL L 4 32.09 26.24 8.88
CA VAL L 4 32.09 26.90 10.16
C VAL L 4 32.20 28.38 9.94
N ALA L 5 31.62 29.13 10.86
CA ALA L 5 31.76 30.57 10.93
C ALA L 5 31.86 30.90 12.39
N LEU L 6 32.70 31.89 12.71
CA LEU L 6 32.79 32.40 14.08
C LEU L 6 33.10 33.87 14.04
N LYS L 7 32.74 34.57 15.12
CA LYS L 7 32.97 36.00 15.28
C LYS L 7 34.24 36.26 16.06
N TYR L 8 34.97 37.28 15.66
CA TYR L 8 36.11 37.75 16.43
C TYR L 8 36.00 39.26 16.61
N PRO L 9 36.74 39.83 17.54
CA PRO L 9 36.64 41.27 17.75
C PRO L 9 36.97 42.04 16.50
N GLY L 10 35.97 42.65 15.88
CA GLY L 10 36.21 43.42 14.70
C GLY L 10 35.90 42.70 13.41
N GLY L 11 35.40 41.48 13.47
CA GLY L 11 35.08 40.82 12.22
C GLY L 11 34.48 39.46 12.43
N VAL L 12 34.46 38.72 11.32
CA VAL L 12 33.87 37.41 11.31
C VAL L 12 34.72 36.57 10.35
N VAL L 13 34.74 35.29 10.57
CA VAL L 13 35.48 34.37 9.71
C VAL L 13 34.60 33.20 9.34
N MET L 14 34.75 32.72 8.11
CA MET L 14 34.00 31.56 7.64
C MET L 14 34.91 30.64 6.86
N ALA L 15 34.84 29.34 7.10
CA ALA L 15 35.68 28.39 6.42
C ALA L 15 34.91 27.12 6.10
N GLY L 16 35.34 26.42 5.04
CA GLY L 16 34.70 25.17 4.66
C GLY L 16 35.69 24.19 4.05
N ASP L 17 35.31 22.91 4.11
CA ASP L 17 36.13 21.86 3.56
C ASP L 17 35.95 21.75 2.05
N ARG L 18 36.68 20.82 1.45
CA ARG L 18 36.78 20.73 0.00
C ARG L 18 36.30 19.40 -0.54
N ARG L 19 35.65 18.58 0.27
CA ARG L 19 35.28 17.24 -0.17
C ARG L 19 33.89 17.18 -0.79
N SER L 20 33.77 16.40 -1.83
CA SER L 20 32.52 16.06 -2.49
C SER L 20 32.38 14.56 -2.56
N THR L 21 31.20 14.04 -2.19
CA THR L 21 30.92 12.60 -2.17
C THR L 21 29.69 12.27 -2.99
N GLN L 22 29.61 10.99 -3.39
CA GLN L 22 28.42 10.33 -3.99
C GLN L 22 28.32 9.00 -3.27
N GLY L 23 27.55 8.96 -2.20
CA GLY L 23 27.61 7.78 -1.36
C GLY L 23 28.92 7.70 -0.61
N ASN L 24 29.65 6.61 -0.74
CA ASN L 24 30.97 6.54 -0.12
C ASN L 24 32.08 6.99 -1.02
N MET L 25 31.84 7.07 -2.33
CA MET L 25 32.93 7.43 -3.22
C MET L 25 33.19 8.91 -3.18
N ILE L 26 34.45 9.24 -3.09
CA ILE L 26 34.86 10.63 -3.11
C ILE L 26 34.83 11.10 -4.56
N SER L 27 33.95 12.05 -4.84
CA SER L 27 33.82 12.59 -6.18
C SER L 27 34.50 13.93 -6.35
N GLY L 28 35.06 14.50 -5.30
CA GLY L 28 35.80 15.73 -5.46
C GLY L 28 36.70 16.03 -4.30
N ARG L 29 37.85 16.64 -4.61
CA ARG L 29 38.81 17.00 -3.60
C ARG L 29 39.11 18.49 -3.51
N ASP L 30 38.70 19.31 -4.48
CA ASP L 30 39.11 20.71 -4.56
C ASP L 30 37.92 21.65 -4.53
N VAL L 31 36.77 21.14 -4.14
CA VAL L 31 35.52 21.86 -4.23
C VAL L 31 35.53 23.13 -3.36
N ARG L 32 34.68 24.09 -3.72
CA ARG L 32 34.60 25.36 -3.01
C ARG L 32 33.16 25.57 -2.53
N LYS L 33 33.01 25.69 -1.23
CA LYS L 33 31.70 25.74 -0.64
C LYS L 33 31.44 27.06 0.02
N VAL L 34 32.38 27.99 0.00
CA VAL L 34 32.23 29.26 0.70
C VAL L 34 32.46 30.40 -0.28
N TYR L 35 31.45 31.24 -0.49
CA TYR L 35 31.50 32.29 -1.49
C TYR L 35 31.34 33.66 -0.88
N ILE L 36 32.14 34.61 -1.34
CA ILE L 36 31.89 36.01 -1.00
C ILE L 36 30.69 36.47 -1.79
N THR L 37 29.57 36.73 -1.13
CA THR L 37 28.37 37.04 -1.88
C THR L 37 28.11 38.52 -2.01
N ASP L 38 28.79 39.36 -1.22
CA ASP L 38 28.80 40.81 -1.41
C ASP L 38 29.94 41.37 -0.60
N ASP L 39 30.23 42.64 -0.81
CA ASP L 39 31.40 43.25 -0.20
C ASP L 39 31.51 43.01 1.30
N TYR L 40 30.39 42.73 1.98
CA TYR L 40 30.41 42.52 3.43
C TYR L 40 29.77 41.22 3.88
N THR L 41 29.50 40.29 2.99
CA THR L 41 28.89 39.03 3.39
C THR L 41 29.46 37.88 2.58
N ALA L 42 29.63 36.76 3.25
CA ALA L 42 29.94 35.48 2.65
C ALA L 42 28.89 34.45 3.07
N THR L 43 28.63 33.50 2.17
CA THR L 43 27.70 32.40 2.38
C THR L 43 28.41 31.08 2.19
N GLY L 44 28.18 30.14 3.10
CA GLY L 44 28.64 28.77 2.92
C GLY L 44 27.44 27.84 2.89
N ILE L 45 27.46 26.87 2.00
CA ILE L 45 26.30 26.02 1.79
C ILE L 45 26.68 24.56 1.89
N ALA L 46 25.80 23.77 2.48
CA ALA L 46 25.94 22.33 2.61
C ALA L 46 24.76 21.67 1.92
N GLY L 47 24.98 20.51 1.35
CA GLY L 47 23.86 19.85 0.71
C GLY L 47 24.22 19.42 -0.68
N THR L 48 23.23 19.28 -1.53
CA THR L 48 23.50 18.87 -2.89
C THR L 48 24.15 20.03 -3.66
N ALA L 49 25.23 19.71 -4.37
CA ALA L 49 26.11 20.74 -4.97
C ALA L 49 25.35 21.66 -5.92
N ALA L 50 24.53 21.09 -6.82
CA ALA L 50 23.83 21.91 -7.79
C ALA L 50 23.03 23.00 -7.11
N VAL L 51 22.28 22.62 -6.07
CA VAL L 51 21.46 23.57 -5.34
C VAL L 51 22.34 24.55 -4.59
N ALA L 52 23.44 24.08 -4.00
CA ALA L 52 24.29 24.97 -3.22
C ALA L 52 24.85 26.10 -4.09
N VAL L 53 25.40 25.77 -5.25
CA VAL L 53 25.97 26.80 -6.11
C VAL L 53 24.86 27.69 -6.69
N GLU L 54 23.73 27.11 -7.07
CA GLU L 54 22.69 28.02 -7.56
C GLU L 54 22.31 29.01 -6.47
N PHE L 55 22.19 28.55 -5.22
CA PHE L 55 21.89 29.46 -4.13
C PHE L 55 22.89 30.59 -4.06
N ALA L 56 24.17 30.23 -3.99
CA ALA L 56 25.21 31.22 -3.83
C ALA L 56 25.22 32.23 -4.98
N ARG L 57 25.15 31.73 -6.19
CA ARG L 57 25.22 32.62 -7.34
C ARG L 57 24.00 33.55 -7.36
N LEU L 58 22.80 32.99 -7.23
CA LEU L 58 21.58 33.76 -7.34
C LEU L 58 21.42 34.74 -6.19
N TYR L 59 21.91 34.36 -5.03
CA TYR L 59 21.86 35.27 -3.89
C TYR L 59 22.73 36.49 -4.14
N ALA L 60 23.96 36.26 -4.62
CA ALA L 60 24.83 37.39 -4.91
C ALA L 60 24.22 38.30 -5.96
N VAL L 61 23.65 37.71 -7.00
CA VAL L 61 23.01 38.54 -8.00
C VAL L 61 21.86 39.32 -7.37
N GLU L 62 21.10 38.70 -6.49
CA GLU L 62 19.97 39.42 -5.94
C GLU L 62 20.44 40.62 -5.14
N LEU L 63 21.50 40.44 -4.35
CA LEU L 63 22.02 41.54 -3.54
C LEU L 63 22.52 42.69 -4.40
N GLU L 64 23.34 42.40 -5.39
CA GLU L 64 23.84 43.48 -6.22
C GLU L 64 22.73 44.09 -7.10
N HIS L 65 21.76 43.29 -7.52
CA HIS L 65 20.60 43.80 -8.23
C HIS L 65 19.92 44.89 -7.42
N TYR L 66 19.58 44.59 -6.16
CA TYR L 66 18.94 45.60 -5.34
C TYR L 66 19.82 46.83 -5.17
N GLU L 67 21.10 46.63 -4.91
CA GLU L 67 22.00 47.76 -4.73
C GLU L 67 22.04 48.69 -5.94
N LYS L 68 22.09 48.14 -7.14
CA LYS L 68 22.18 49.00 -8.30
C LYS L 68 20.85 49.67 -8.59
N LEU L 69 19.75 48.96 -8.33
CA LEU L 69 18.45 49.56 -8.57
C LEU L 69 18.20 50.73 -7.65
N GLU L 70 18.51 50.59 -6.36
CA GLU L 70 18.08 51.57 -5.38
C GLU L 70 19.19 52.47 -4.87
N GLY L 71 20.42 52.30 -5.34
CA GLY L 71 21.48 53.20 -4.97
C GLY L 71 22.11 52.96 -3.62
N VAL L 72 21.66 51.94 -2.89
CA VAL L 72 22.15 51.64 -1.55
C VAL L 72 22.08 50.13 -1.38
N PRO L 73 22.97 49.52 -0.62
CA PRO L 73 22.86 48.08 -0.39
C PRO L 73 21.77 47.76 0.62
N LEU L 74 21.35 46.50 0.61
CA LEU L 74 20.38 46.06 1.58
C LEU L 74 20.99 46.12 2.97
N THR L 75 20.17 46.44 3.95
CA THR L 75 20.54 46.24 5.33
C THR L 75 20.71 44.77 5.63
N PHE L 76 21.46 44.48 6.69
CA PHE L 76 21.71 43.09 6.98
C PHE L 76 20.43 42.32 7.23
N ALA L 77 19.44 42.94 7.88
CA ALA L 77 18.18 42.25 8.08
C ALA L 77 17.55 41.90 6.74
N GLY L 78 17.66 42.81 5.75
CA GLY L 78 17.11 42.54 4.44
C GLY L 78 17.82 41.42 3.71
N LYS L 79 19.16 41.38 3.84
CA LYS L 79 19.91 40.27 3.29
C LYS L 79 19.44 38.95 3.88
N ILE L 80 19.24 38.93 5.20
CA ILE L 80 18.76 37.70 5.80
C ILE L 80 17.43 37.29 5.20
N ASN L 81 16.48 38.22 5.10
CA ASN L 81 15.15 37.81 4.66
C ASN L 81 15.20 37.24 3.26
N ARG L 82 16.02 37.82 2.40
CA ARG L 82 16.03 37.34 1.03
C ARG L 82 16.63 35.96 0.93
N LEU L 83 17.70 35.68 1.67
CA LEU L 83 18.24 34.33 1.67
C LEU L 83 17.22 33.36 2.22
N ALA L 84 16.54 33.76 3.29
CA ALA L 84 15.53 32.92 3.89
C ALA L 84 14.42 32.59 2.90
N ILE L 85 13.96 33.59 2.14
CA ILE L 85 12.90 33.36 1.18
C ILE L 85 13.35 32.41 0.10
N MET L 86 14.61 32.53 -0.33
CA MET L 86 15.13 31.64 -1.35
C MET L 86 15.16 30.20 -0.85
N VAL L 87 15.66 30.01 0.37
CA VAL L 87 15.68 28.66 0.94
C VAL L 87 14.28 28.09 1.02
N ARG L 88 13.33 28.88 1.51
CA ARG L 88 11.97 28.38 1.63
C ARG L 88 11.45 27.97 0.27
N GLY L 89 11.68 28.82 -0.73
CA GLY L 89 11.26 28.51 -2.07
C GLY L 89 11.80 27.18 -2.57
N ASN L 90 12.90 26.69 -2.00
CA ASN L 90 13.40 25.40 -2.45
C ASN L 90 12.82 24.22 -1.68
N LEU L 91 11.86 24.42 -0.79
CA LEU L 91 11.45 23.35 0.12
C LEU L 91 10.91 22.13 -0.62
N ALA L 92 10.11 22.30 -1.68
CA ALA L 92 9.58 21.14 -2.39
C ALA L 92 10.71 20.25 -2.90
N ALA L 93 11.63 20.86 -3.65
CA ALA L 93 12.78 20.14 -4.15
C ALA L 93 13.59 19.54 -3.00
N ALA L 94 13.72 20.27 -1.89
CA ALA L 94 14.46 19.71 -0.76
C ALA L 94 13.78 18.46 -0.23
N MET L 95 12.44 18.43 -0.23
CA MET L 95 11.74 17.24 0.21
C MET L 95 11.97 16.08 -0.75
N GLN L 96 12.32 16.36 -2.00
CA GLN L 96 12.62 15.25 -2.90
C GLN L 96 14.11 14.98 -3.07
N GLY L 97 14.95 15.53 -2.20
CA GLY L 97 16.35 15.15 -2.18
C GLY L 97 17.30 16.22 -2.64
N LEU L 98 16.81 17.34 -3.17
CA LEU L 98 17.69 18.45 -3.54
C LEU L 98 17.81 19.45 -2.40
N LEU L 99 18.34 18.99 -1.28
CA LEU L 99 18.33 19.80 -0.07
C LEU L 99 19.68 20.51 0.07
N ALA L 100 19.63 21.79 0.42
CA ALA L 100 20.81 22.61 0.64
C ALA L 100 20.50 23.64 1.70
N LEU L 101 21.38 23.78 2.69
CA LEU L 101 21.25 24.75 3.76
C LEU L 101 22.42 25.72 3.78
N PRO L 102 22.16 27.01 3.87
CA PRO L 102 23.25 27.98 3.94
C PRO L 102 23.55 28.43 5.36
N LEU L 103 24.73 28.99 5.52
CA LEU L 103 25.23 29.67 6.70
C LEU L 103 25.71 31.03 6.19
N LEU L 104 25.22 32.10 6.80
CA LEU L 104 25.48 33.46 6.38
C LEU L 104 26.40 34.11 7.40
N ALA L 105 27.45 34.75 6.92
CA ALA L 105 28.34 35.51 7.79
C ALA L 105 28.51 36.87 7.16
N GLY L 106 28.37 37.93 7.97
CA GLY L 106 28.51 39.27 7.44
C GLY L 106 29.03 40.20 8.50
N TYR L 107 29.36 41.42 8.05
CA TYR L 107 29.76 42.53 8.91
C TYR L 107 28.80 43.67 8.62
N ASP L 108 28.06 44.11 9.63
CA ASP L 108 27.05 45.15 9.47
C ASP L 108 27.67 46.52 9.65
N ILE L 109 27.87 47.23 8.53
CA ILE L 109 28.46 48.57 8.57
C ILE L 109 27.58 49.55 9.32
N HIS L 110 26.32 49.21 9.54
CA HIS L 110 25.41 50.10 10.23
C HIS L 110 25.29 49.77 11.70
N ALA L 111 26.02 48.78 12.19
CA ALA L 111 25.92 48.45 13.60
C ALA L 111 26.57 49.56 14.41
N SER L 112 26.06 49.74 15.63
CA SER L 112 26.57 50.79 16.49
C SER L 112 27.98 50.48 17.01
N ASP L 113 28.23 49.25 17.43
CA ASP L 113 29.55 48.90 17.98
C ASP L 113 30.37 48.20 16.91
N PRO L 114 31.41 48.83 16.38
CA PRO L 114 32.19 48.19 15.30
C PRO L 114 32.88 46.89 15.67
N GLN L 115 33.18 46.67 16.95
CA GLN L 115 33.92 45.49 17.35
C GLN L 115 33.05 44.24 17.44
N SER L 116 31.75 44.41 17.58
CA SER L 116 30.80 43.32 17.58
C SER L 116 29.91 43.32 16.36
N ALA L 117 30.32 44.00 15.29
CA ALA L 117 29.48 44.12 14.09
C ALA L 117 29.43 42.84 13.28
N GLY L 118 30.18 41.81 13.65
CA GLY L 118 30.05 40.53 12.98
C GLY L 118 28.71 39.89 13.23
N ARG L 119 28.24 39.16 12.21
CA ARG L 119 26.96 38.49 12.25
C ARG L 119 27.10 37.10 11.65
N ILE L 120 26.47 36.12 12.29
CA ILE L 120 26.41 34.73 11.82
C ILE L 120 24.98 34.28 11.90
N VAL L 121 24.42 33.82 10.78
CA VAL L 121 23.01 33.42 10.71
C VAL L 121 22.92 32.02 10.14
N SER L 122 22.19 31.16 10.81
CA SER L 122 21.93 29.83 10.27
C SER L 122 20.48 29.73 9.82
N PHE L 123 20.23 28.76 8.92
CA PHE L 123 18.94 28.57 8.28
C PHE L 123 18.57 27.09 8.34
N ASP L 124 17.28 26.80 8.39
CA ASP L 124 16.79 25.44 8.27
C ASP L 124 16.06 25.29 6.95
N ALA L 125 15.70 24.05 6.61
CA ALA L 125 15.22 23.78 5.26
C ALA L 125 13.92 24.50 4.93
N ALA L 126 13.23 25.02 5.93
CA ALA L 126 11.97 25.73 5.72
C ALA L 126 12.17 27.23 5.68
N GLY L 127 13.40 27.68 5.80
CA GLY L 127 13.71 29.07 5.76
C GLY L 127 13.86 29.73 7.10
N GLY L 128 13.56 29.03 8.18
CA GLY L 128 13.73 29.62 9.49
C GLY L 128 15.18 30.01 9.71
N TRP L 129 15.40 31.15 10.36
CA TRP L 129 16.75 31.63 10.56
C TRP L 129 16.99 32.01 12.00
N ASN L 130 18.24 31.90 12.43
CA ASN L 130 18.61 32.36 13.75
C ASN L 130 19.90 33.14 13.63
N ILE L 131 19.91 34.35 14.19
CA ILE L 131 21.14 35.11 14.40
C ILE L 131 21.85 34.59 15.65
N GLU L 132 23.08 34.13 15.48
CA GLU L 132 23.82 33.46 16.53
C GLU L 132 24.43 34.49 17.45
N GLU L 133 23.94 34.56 18.68
CA GLU L 133 24.54 35.52 19.60
C GLU L 133 25.56 34.86 20.51
N GLU L 134 26.02 33.65 20.17
CA GLU L 134 27.03 33.00 20.98
C GLU L 134 28.35 32.84 20.24
N GLY L 135 28.48 33.44 19.06
CA GLY L 135 29.76 33.70 18.48
C GLY L 135 30.21 32.74 17.41
N TYR L 136 29.63 31.56 17.35
CA TYR L 136 30.10 30.65 16.32
C TYR L 136 28.94 29.77 15.92
N GLN L 137 29.06 29.16 14.75
CA GLN L 137 28.02 28.26 14.28
C GLN L 137 28.60 27.42 13.15
N ALA L 138 27.96 26.29 12.90
CA ALA L 138 28.41 25.34 11.90
C ALA L 138 27.21 24.68 11.24
N VAL L 139 27.45 24.19 10.02
CA VAL L 139 26.42 23.51 9.22
C VAL L 139 27.10 22.42 8.39
N GLY L 140 26.35 21.36 8.12
CA GLY L 140 26.85 20.24 7.35
C GLY L 140 26.93 18.96 8.17
N SER L 141 27.35 17.90 7.51
CA SER L 141 27.37 16.61 8.17
C SER L 141 28.37 16.57 9.32
N GLY L 142 29.33 17.48 9.36
CA GLY L 142 30.22 17.57 10.49
C GLY L 142 29.97 18.72 11.44
N SER L 143 28.86 19.42 11.29
CA SER L 143 28.60 20.60 12.07
C SER L 143 28.64 20.32 13.54
N LEU L 144 28.24 19.15 13.96
CA LEU L 144 28.17 18.90 15.39
C LEU L 144 29.56 18.75 15.99
N PHE L 145 30.46 18.09 15.28
CA PHE L 145 31.82 17.99 15.76
C PHE L 145 32.50 19.34 15.80
N ALA L 146 32.33 20.14 14.76
CA ALA L 146 32.96 21.46 14.75
C ALA L 146 32.40 22.35 15.83
N LYS L 147 31.10 22.28 16.04
CA LYS L 147 30.53 23.10 17.10
C LYS L 147 31.06 22.68 18.45
N SER L 148 31.19 21.38 18.68
CA SER L 148 31.68 20.99 20.00
C SER L 148 33.15 21.33 20.17
N SER L 149 33.93 21.35 19.09
CA SER L 149 35.30 21.81 19.18
C SER L 149 35.35 23.31 19.47
N MET L 150 34.57 24.11 18.75
CA MET L 150 34.59 25.54 18.98
C MET L 150 34.09 25.90 20.38
N LYS L 151 33.24 25.07 20.98
CA LYS L 151 32.84 25.30 22.36
C LYS L 151 34.04 25.33 23.29
N LYS L 152 35.00 24.44 23.09
CA LYS L 152 36.16 24.38 23.95
C LYS L 152 37.26 25.32 23.51
N LEU L 153 37.33 25.71 22.23
CA LEU L 153 38.42 26.57 21.77
C LEU L 153 38.05 28.05 21.67
N TYR L 154 36.78 28.40 21.84
CA TYR L 154 36.35 29.75 21.45
C TYR L 154 36.96 30.83 22.33
N SER L 155 37.24 30.53 23.59
CA SER L 155 37.86 31.54 24.44
C SER L 155 39.24 31.95 23.94
N GLN L 156 39.85 31.19 23.04
CA GLN L 156 41.15 31.58 22.53
C GLN L 156 41.07 32.58 21.39
N VAL L 157 39.87 32.99 21.00
CA VAL L 157 39.66 33.89 19.88
C VAL L 157 39.79 35.30 20.41
N THR L 158 40.85 35.99 20.02
CA THR L 158 41.01 37.38 20.40
C THR L 158 41.19 38.31 19.23
N ASP L 159 41.52 37.79 18.06
CA ASP L 159 41.74 38.62 16.90
C ASP L 159 41.48 37.78 15.66
N GLY L 160 41.77 38.34 14.49
CA GLY L 160 41.47 37.64 13.27
C GLY L 160 42.28 36.37 13.10
N ASP L 161 43.54 36.39 13.54
CA ASP L 161 44.40 35.26 13.24
C ASP L 161 44.08 34.09 14.14
N SER L 162 43.81 34.35 15.42
CA SER L 162 43.35 33.28 16.27
C SER L 162 41.98 32.79 15.84
N GLY L 163 41.09 33.69 15.42
CA GLY L 163 39.77 33.25 14.98
C GLY L 163 39.89 32.34 13.77
N LEU L 164 40.74 32.70 12.84
CA LEU L 164 40.96 31.85 11.70
C LEU L 164 41.54 30.52 12.14
N ARG L 165 42.47 30.53 13.09
CA ARG L 165 43.04 29.28 13.58
C ARG L 165 41.99 28.37 14.20
N VAL L 166 41.08 28.92 15.00
CA VAL L 166 40.08 28.08 15.64
C VAL L 166 39.11 27.54 14.61
N ALA L 167 38.74 28.37 13.64
CA ALA L 167 37.89 27.86 12.56
C ALA L 167 38.51 26.64 11.88
N VAL L 168 39.79 26.75 11.50
CA VAL L 168 40.43 25.62 10.83
C VAL L 168 40.59 24.42 11.75
N GLU L 169 40.82 24.65 13.03
CA GLU L 169 40.90 23.51 13.92
C GLU L 169 39.54 22.84 14.05
N ALA L 170 38.47 23.62 14.04
CA ALA L 170 37.12 23.04 14.06
C ALA L 170 36.86 22.22 12.81
N LEU L 171 37.29 22.71 11.65
CA LEU L 171 37.17 21.90 10.44
C LEU L 171 38.01 20.65 10.53
N TYR L 172 39.19 20.76 11.16
CA TYR L 172 40.04 19.58 11.34
C TYR L 172 39.34 18.54 12.20
N ASP L 173 38.69 18.96 13.27
CA ASP L 173 37.96 17.99 14.08
C ASP L 173 36.79 17.40 13.30
N ALA L 174 36.01 18.22 12.61
CA ALA L 174 34.92 17.63 11.85
C ALA L 174 35.45 16.58 10.91
N ALA L 175 36.52 16.89 10.19
CA ALA L 175 37.10 15.95 9.25
C ALA L 175 37.61 14.72 9.97
N ASP L 176 38.06 14.88 11.21
CA ASP L 176 38.52 13.73 11.98
C ASP L 176 37.39 12.75 12.28
N ASP L 177 36.18 13.25 12.55
CA ASP L 177 35.08 12.43 12.99
C ASP L 177 33.97 12.22 11.96
N ASP L 178 34.02 12.86 10.80
CA ASP L 178 33.01 12.72 9.75
C ASP L 178 33.69 12.34 8.44
N SER L 179 33.31 11.21 7.87
CA SER L 179 34.00 10.84 6.65
C SER L 179 33.55 11.66 5.45
N ALA L 180 32.46 12.38 5.55
CA ALA L 180 32.01 13.25 4.49
C ALA L 180 32.62 14.65 4.53
N THR L 181 33.46 14.96 5.49
CA THR L 181 34.17 16.24 5.54
C THR L 181 35.64 15.96 5.32
N GLY L 182 36.26 16.68 4.38
CA GLY L 182 37.62 16.40 4.00
C GLY L 182 38.63 17.15 4.85
N GLY L 183 39.65 16.44 5.31
CA GLY L 183 40.71 17.06 6.05
C GLY L 183 41.76 17.62 5.13
N PRO L 184 42.79 18.24 5.69
CA PRO L 184 43.91 18.74 4.87
C PRO L 184 44.62 17.62 4.11
N ASP L 185 44.79 17.80 2.81
CA ASP L 185 45.53 16.87 1.95
C ASP L 185 46.92 17.51 1.76
N LEU L 186 47.86 17.10 2.61
CA LEU L 186 49.17 17.69 2.44
C LEU L 186 49.95 17.05 1.30
N VAL L 187 49.46 15.95 0.74
CA VAL L 187 50.14 15.42 -0.41
C VAL L 187 49.79 16.24 -1.65
N ARG L 188 48.54 16.61 -1.81
CA ARG L 188 48.12 17.39 -2.96
C ARG L 188 48.14 18.89 -2.71
N GLY L 189 48.30 19.32 -1.47
CA GLY L 189 48.25 20.74 -1.19
C GLY L 189 46.88 21.36 -1.27
N ILE L 190 45.87 20.69 -0.74
CA ILE L 190 44.50 21.19 -0.75
C ILE L 190 44.08 21.42 0.69
N PHE L 191 43.55 22.59 0.97
CA PHE L 191 43.15 22.97 2.31
C PHE L 191 41.80 23.66 2.27
N PRO L 192 41.13 23.77 3.40
CA PRO L 192 39.86 24.49 3.45
C PRO L 192 39.99 25.87 2.85
N THR L 193 38.85 26.38 2.36
CA THR L 193 38.78 27.76 1.93
C THR L 193 38.20 28.59 3.07
N ALA L 194 38.63 29.82 3.15
CA ALA L 194 38.18 30.69 4.22
C ALA L 194 38.01 32.11 3.69
N VAL L 195 37.08 32.81 4.30
CA VAL L 195 36.84 34.22 4.07
C VAL L 195 36.90 34.90 5.42
N ILE L 196 37.50 36.08 5.47
CA ILE L 196 37.56 36.90 6.66
C ILE L 196 36.88 38.23 6.31
N ILE L 197 36.03 38.74 7.19
CA ILE L 197 35.29 39.97 6.89
C ILE L 197 35.42 40.91 8.07
N ASP L 198 35.95 42.11 7.82
CA ASP L 198 35.99 43.13 8.85
C ASP L 198 35.53 44.44 8.22
N ALA L 199 35.84 45.57 8.87
CA ALA L 199 35.33 46.85 8.41
C ALA L 199 35.76 47.20 7.00
N ASP L 200 36.92 46.72 6.55
CA ASP L 200 37.40 47.01 5.20
C ASP L 200 36.85 46.05 4.17
N GLY L 201 35.94 45.18 4.54
CA GLY L 201 35.31 44.28 3.60
C GLY L 201 35.65 42.82 3.82
N ALA L 202 35.23 42.02 2.85
CA ALA L 202 35.40 40.59 2.83
C ALA L 202 36.55 40.22 1.90
N VAL L 203 37.46 39.39 2.37
CA VAL L 203 38.59 38.95 1.55
C VAL L 203 38.78 37.45 1.68
N ASP L 204 39.19 36.82 0.57
CA ASP L 204 39.56 35.41 0.56
C ASP L 204 40.85 35.22 1.33
N VAL L 205 40.88 34.28 2.26
CA VAL L 205 42.15 34.00 2.93
C VAL L 205 43.02 33.19 1.97
N PRO L 206 44.28 33.55 1.79
CA PRO L 206 45.13 32.84 0.84
C PRO L 206 45.36 31.40 1.28
N GLU L 207 45.39 30.49 0.32
CA GLU L 207 45.53 29.10 0.69
C GLU L 207 46.78 28.85 1.51
N SER L 208 47.86 29.60 1.25
CA SER L 208 49.09 29.34 1.99
C SER L 208 48.94 29.65 3.48
N ARG L 209 48.11 30.63 3.83
CA ARG L 209 47.87 30.87 5.25
C ARG L 209 47.14 29.69 5.87
N ILE L 210 46.17 29.15 5.15
CA ILE L 210 45.44 28.01 5.70
C ILE L 210 46.39 26.83 5.84
N ALA L 211 47.28 26.65 4.88
CA ALA L 211 48.24 25.54 4.97
C ALA L 211 49.10 25.68 6.22
N GLU L 212 49.69 26.86 6.45
CA GLU L 212 50.45 27.06 7.67
C GLU L 212 49.64 26.65 8.91
N LEU L 213 48.40 27.12 8.98
CA LEU L 213 47.58 26.76 10.13
C LEU L 213 47.38 25.24 10.25
N ALA L 214 47.07 24.58 9.15
CA ALA L 214 46.86 23.14 9.20
C ALA L 214 48.09 22.41 9.69
N ARG L 215 49.26 22.75 9.17
CA ARG L 215 50.47 22.08 9.64
C ARG L 215 50.67 22.32 11.12
N ALA L 216 50.34 23.53 11.58
CA ALA L 216 50.45 23.81 13.00
C ALA L 216 49.55 22.92 13.83
N ILE L 217 48.31 22.73 13.39
CA ILE L 217 47.38 21.89 14.12
C ILE L 217 47.86 20.46 14.16
N ILE L 218 48.22 19.92 13.00
CA ILE L 218 48.74 18.55 12.92
C ILE L 218 49.93 18.39 13.85
N GLU L 219 51.01 19.15 13.61
CA GLU L 219 52.17 19.07 14.49
C GLU L 219 51.75 19.14 15.95
N SER L 220 50.74 19.93 16.26
CA SER L 220 50.30 19.99 17.65
C SER L 220 49.59 18.72 18.10
N ARG L 221 49.01 17.94 17.20
CA ARG L 221 48.37 16.70 17.58
C ARG L 221 49.32 15.51 17.53
N SER L 222 50.54 15.69 17.01
CA SER L 222 51.54 14.62 16.89
C SER L 222 52.44 14.48 18.11
N GLY L 223 52.64 15.54 18.89
CA GLY L 223 53.45 15.48 20.10
C GLY L 223 54.94 15.25 19.85
N THR M 1 28.70 2.30 -21.15
CA THR M 1 29.33 3.50 -21.70
C THR M 1 30.52 3.87 -20.88
N THR M 2 31.57 4.36 -21.53
CA THR M 2 32.62 5.10 -20.85
C THR M 2 33.11 6.19 -21.76
N ILE M 3 33.23 7.39 -21.19
CA ILE M 3 33.83 8.54 -21.83
C ILE M 3 34.99 8.98 -20.95
N VAL M 4 36.16 9.23 -21.56
CA VAL M 4 37.32 9.77 -20.87
C VAL M 4 37.70 11.09 -21.50
N ALA M 5 38.26 11.96 -20.69
CA ALA M 5 38.84 13.21 -21.14
C ALA M 5 40.08 13.47 -20.31
N LEU M 6 41.16 13.92 -20.93
CA LEU M 6 42.33 14.24 -20.15
C LEU M 6 43.06 15.41 -20.77
N LYS M 7 43.73 16.19 -19.92
CA LYS M 7 44.49 17.36 -20.35
C LYS M 7 45.93 16.96 -20.64
N TYR M 8 46.46 17.51 -21.71
CA TYR M 8 47.86 17.34 -22.06
C TYR M 8 48.46 18.70 -22.36
N PRO M 9 49.80 18.79 -22.45
CA PRO M 9 50.42 20.10 -22.74
C PRO M 9 49.96 20.74 -24.03
N GLY M 10 49.16 21.78 -23.86
CA GLY M 10 48.67 22.55 -24.96
C GLY M 10 47.28 22.20 -25.40
N GLY M 11 46.62 21.24 -24.76
CA GLY M 11 45.28 20.92 -25.21
C GLY M 11 44.61 19.86 -24.37
N VAL M 12 43.53 19.30 -24.92
CA VAL M 12 42.72 18.32 -24.24
C VAL M 12 42.29 17.26 -25.23
N VAL M 13 42.02 16.06 -24.75
CA VAL M 13 41.55 14.98 -25.60
C VAL M 13 40.35 14.30 -24.93
N MET M 14 39.39 13.87 -25.74
CA MET M 14 38.25 13.12 -25.22
C MET M 14 37.98 11.92 -26.12
N ALA M 15 37.69 10.78 -25.51
CA ALA M 15 37.45 9.55 -26.26
C ALA M 15 36.30 8.78 -25.64
N GLY M 16 35.61 8.01 -26.48
CA GLY M 16 34.46 7.26 -26.01
C GLY M 16 34.33 5.95 -26.75
N ASP M 17 33.67 5.01 -26.12
CA ASP M 17 33.44 3.70 -26.69
C ASP M 17 32.23 3.73 -27.62
N ARG M 18 31.91 2.56 -28.19
CA ARG M 18 30.91 2.46 -29.25
C ARG M 18 29.72 1.55 -28.93
N ARG M 19 29.60 1.04 -27.73
CA ARG M 19 28.59 0.05 -27.42
C ARG M 19 27.29 0.68 -26.98
N SER M 20 26.20 0.05 -27.42
CA SER M 20 24.85 0.37 -27.01
C SER M 20 24.18 -0.90 -26.53
N THR M 21 23.56 -0.83 -25.35
CA THR M 21 22.88 -1.97 -24.76
C THR M 21 21.42 -1.68 -24.43
N GLN M 22 20.65 -2.76 -24.40
CA GLN M 22 19.28 -2.84 -23.89
C GLN M 22 19.32 -4.04 -22.96
N GLY M 23 19.48 -3.77 -21.68
CA GLY M 23 19.72 -4.84 -20.74
C GLY M 23 21.07 -5.46 -20.95
N ASN M 24 21.07 -6.77 -21.13
CA ASN M 24 22.27 -7.52 -21.40
C ASN M 24 22.54 -7.62 -22.88
N MET M 25 21.55 -7.30 -23.70
CA MET M 25 21.69 -7.43 -25.12
C MET M 25 22.44 -6.25 -25.72
N ILE M 26 23.35 -6.55 -26.62
CA ILE M 26 24.03 -5.52 -27.38
C ILE M 26 23.12 -5.06 -28.51
N SER M 27 22.75 -3.80 -28.50
CA SER M 27 21.92 -3.24 -29.56
C SER M 27 22.66 -2.33 -30.51
N GLY M 28 23.92 -2.02 -30.24
CA GLY M 28 24.64 -1.20 -31.18
C GLY M 28 26.13 -1.33 -30.98
N ARG M 29 26.92 -1.30 -32.06
CA ARG M 29 28.35 -1.50 -31.99
C ARG M 29 29.16 -0.34 -32.54
N ASP M 30 28.51 0.59 -33.21
CA ASP M 30 29.09 1.63 -34.03
C ASP M 30 28.67 3.02 -33.56
N VAL M 31 28.11 3.05 -32.35
CA VAL M 31 27.50 4.25 -31.81
C VAL M 31 28.57 5.29 -31.56
N ARG M 32 28.22 6.56 -31.74
CA ARG M 32 29.12 7.66 -31.40
C ARG M 32 28.57 8.46 -30.23
N LYS M 33 29.42 8.65 -29.23
CA LYS M 33 29.06 9.28 -27.99
C LYS M 33 29.82 10.56 -27.73
N VAL M 34 30.74 10.96 -28.62
CA VAL M 34 31.59 12.14 -28.47
C VAL M 34 31.41 13.04 -29.69
N TYR M 35 30.91 14.26 -29.45
CA TYR M 35 30.55 15.19 -30.51
C TYR M 35 31.30 16.50 -30.35
N ILE M 36 31.75 17.03 -31.48
CA ILE M 36 32.31 18.38 -31.52
C ILE M 36 31.14 19.34 -31.41
N THR M 37 31.06 20.06 -30.30
CA THR M 37 29.92 20.93 -30.10
C THR M 37 30.19 22.35 -30.55
N ASP M 38 31.45 22.72 -30.74
CA ASP M 38 31.82 24.01 -31.34
C ASP M 38 33.32 24.00 -31.60
N ASP M 39 33.82 25.05 -32.26
CA ASP M 39 35.24 25.07 -32.68
C ASP M 39 36.20 24.77 -31.56
N TYR M 40 35.83 25.06 -30.31
CA TYR M 40 36.75 24.79 -29.23
C TYR M 40 36.21 23.88 -28.14
N THR M 41 35.09 23.17 -28.37
CA THR M 41 34.56 22.31 -27.33
C THR M 41 33.99 21.03 -27.92
N ALA M 42 34.17 19.96 -27.17
CA ALA M 42 33.57 18.67 -27.42
C ALA M 42 32.81 18.19 -26.19
N THR M 43 31.74 17.45 -26.42
CA THR M 43 30.92 16.86 -25.38
C THR M 43 30.79 15.38 -25.60
N GLY M 44 31.00 14.60 -24.55
CA GLY M 44 30.72 13.17 -24.58
C GLY M 44 29.64 12.87 -23.56
N ILE M 45 28.70 12.02 -23.92
CA ILE M 45 27.56 11.83 -23.06
C ILE M 45 27.33 10.36 -22.79
N ALA M 46 26.91 10.07 -21.57
CA ALA M 46 26.58 8.71 -21.17
C ALA M 46 25.14 8.66 -20.73
N GLY M 47 24.46 7.57 -21.01
CA GLY M 47 23.10 7.46 -20.52
C GLY M 47 22.15 6.98 -21.57
N THR M 48 20.88 7.32 -21.39
CA THR M 48 19.88 6.90 -22.34
C THR M 48 20.14 7.64 -23.65
N ALA M 49 20.20 6.89 -24.74
CA ALA M 49 20.66 7.42 -26.03
C ALA M 49 19.81 8.60 -26.50
N ALA M 50 18.49 8.48 -26.44
CA ALA M 50 17.63 9.56 -26.95
C ALA M 50 18.00 10.86 -26.27
N VAL M 51 18.15 10.80 -24.95
CA VAL M 51 18.44 11.99 -24.19
C VAL M 51 19.85 12.48 -24.49
N ALA M 52 20.82 11.57 -24.59
CA ALA M 52 22.20 11.97 -24.82
C ALA M 52 22.35 12.70 -26.15
N VAL M 53 21.81 12.14 -27.22
CA VAL M 53 21.93 12.79 -28.52
C VAL M 53 21.12 14.08 -28.55
N GLU M 54 19.96 14.10 -27.92
CA GLU M 54 19.26 15.37 -27.85
C GLU M 54 20.11 16.43 -27.16
N PHE M 55 20.81 16.06 -26.09
CA PHE M 55 21.69 17.00 -25.41
C PHE M 55 22.76 17.53 -26.34
N ALA M 56 23.50 16.62 -26.97
CA ALA M 56 24.60 17.04 -27.84
C ALA M 56 24.12 18.00 -28.92
N ARG M 57 23.04 17.62 -29.60
CA ARG M 57 22.54 18.42 -30.71
C ARG M 57 22.08 19.80 -30.24
N LEU M 58 21.24 19.82 -29.22
CA LEU M 58 20.64 21.07 -28.75
C LEU M 58 21.70 22.00 -28.18
N TYR M 59 22.73 21.44 -27.54
CA TYR M 59 23.82 22.24 -27.01
C TYR M 59 24.60 22.91 -28.14
N ALA M 60 24.94 22.17 -29.18
CA ALA M 60 25.67 22.81 -30.27
C ALA M 60 24.84 23.90 -30.92
N VAL M 61 23.55 23.64 -31.11
CA VAL M 61 22.70 24.67 -31.67
C VAL M 61 22.69 25.89 -30.77
N GLU M 62 22.60 25.68 -29.47
CA GLU M 62 22.49 26.79 -28.54
C GLU M 62 23.74 27.66 -28.55
N LEU M 63 24.92 27.05 -28.59
CA LEU M 63 26.15 27.83 -28.65
C LEU M 63 26.25 28.64 -29.94
N GLU M 64 25.97 28.00 -31.07
CA GLU M 64 26.05 28.76 -32.29
C GLU M 64 24.96 29.83 -32.37
N HIS M 65 23.79 29.54 -31.84
CA HIS M 65 22.73 30.52 -31.70
C HIS M 65 23.22 31.79 -31.01
N TYR M 66 23.87 31.63 -29.85
CA TYR M 66 24.44 32.80 -29.18
C TYR M 66 25.49 33.50 -30.04
N GLU M 67 26.38 32.74 -30.65
CA GLU M 67 27.43 33.35 -31.45
C GLU M 67 26.88 34.18 -32.59
N LYS M 68 25.84 33.69 -33.26
CA LYS M 68 25.29 34.45 -34.37
C LYS M 68 24.43 35.62 -33.89
N LEU M 69 23.71 35.48 -32.77
CA LEU M 69 22.91 36.60 -32.30
C LEU M 69 23.77 37.75 -31.82
N GLU M 70 24.80 37.46 -31.02
CA GLU M 70 25.56 38.49 -30.33
C GLU M 70 26.94 38.76 -30.90
N GLY M 71 27.33 38.08 -31.98
CA GLY M 71 28.57 38.34 -32.71
C GLY M 71 29.85 37.78 -32.11
N VAL M 72 29.78 37.12 -30.97
CA VAL M 72 30.97 36.63 -30.26
C VAL M 72 30.56 35.35 -29.59
N PRO M 73 31.44 34.37 -29.45
CA PRO M 73 31.05 33.15 -28.74
C PRO M 73 30.99 33.38 -27.24
N LEU M 74 30.31 32.46 -26.58
CA LEU M 74 30.23 32.49 -25.13
C LEU M 74 31.61 32.26 -24.51
N THR M 75 31.85 32.89 -23.38
CA THR M 75 32.99 32.51 -22.58
C THR M 75 32.80 31.09 -22.10
N PHE M 76 33.91 30.45 -21.74
CA PHE M 76 33.82 29.03 -21.34
C PHE M 76 32.89 28.86 -20.16
N ALA M 77 32.92 29.79 -19.21
CA ALA M 77 32.00 29.71 -18.08
C ALA M 77 30.55 29.74 -18.55
N GLY M 78 30.27 30.54 -19.58
CA GLY M 78 28.91 30.56 -20.10
C GLY M 78 28.54 29.25 -20.76
N LYS M 79 29.50 28.64 -21.45
CA LYS M 79 29.27 27.31 -22.01
C LYS M 79 28.95 26.30 -20.91
N ILE M 80 29.72 26.35 -19.82
CA ILE M 80 29.46 25.45 -18.69
C ILE M 80 28.06 25.67 -18.16
N ASN M 81 27.70 26.93 -17.96
CA ASN M 81 26.40 27.22 -17.39
C ASN M 81 25.26 26.76 -18.31
N ARG M 82 25.39 26.93 -19.61
CA ARG M 82 24.27 26.54 -20.44
C ARG M 82 24.07 25.04 -20.43
N LEU M 83 25.19 24.30 -20.47
CA LEU M 83 25.07 22.85 -20.39
C LEU M 83 24.47 22.42 -19.05
N ALA M 84 24.92 23.04 -17.96
CA ALA M 84 24.37 22.72 -16.65
C ALA M 84 22.88 22.99 -16.59
N ILE M 85 22.43 24.14 -17.12
CA ILE M 85 21.00 24.46 -17.07
C ILE M 85 20.21 23.44 -17.87
N MET M 86 20.75 22.99 -19.00
CA MET M 86 20.08 21.96 -19.78
C MET M 86 19.96 20.65 -19.01
N VAL M 87 21.06 20.21 -18.39
CA VAL M 87 21.00 18.99 -17.62
C VAL M 87 19.99 19.12 -16.48
N ARG M 88 20.01 20.25 -15.78
CA ARG M 88 19.03 20.48 -14.73
C ARG M 88 17.62 20.46 -15.30
N GLY M 89 17.45 20.95 -16.52
CA GLY M 89 16.16 20.93 -17.14
C GLY M 89 15.62 19.56 -17.39
N ASN M 90 16.48 18.55 -17.51
CA ASN M 90 16.05 17.17 -17.72
C ASN M 90 15.82 16.36 -16.43
N LEU M 91 15.88 16.99 -15.25
CA LEU M 91 15.94 16.22 -14.02
C LEU M 91 14.69 15.36 -13.78
N ALA M 92 13.49 15.88 -14.07
CA ALA M 92 12.29 15.07 -13.84
C ALA M 92 12.35 13.79 -14.67
N ALA M 93 12.64 13.92 -15.97
CA ALA M 93 12.75 12.74 -16.80
C ALA M 93 13.85 11.81 -16.30
N ALA M 94 14.97 12.37 -15.84
CA ALA M 94 16.03 11.51 -15.34
C ALA M 94 15.56 10.74 -14.12
N MET M 95 14.75 11.36 -13.29
CA MET M 95 14.20 10.60 -12.17
C MET M 95 13.16 9.59 -12.61
N GLN M 96 12.63 9.69 -13.83
CA GLN M 96 11.81 8.59 -14.32
C GLN M 96 12.56 7.68 -15.29
N GLY M 97 13.88 7.80 -15.38
CA GLY M 97 14.70 6.85 -16.14
C GLY M 97 15.35 7.36 -17.42
N LEU M 98 15.03 8.56 -17.89
CA LEU M 98 15.67 9.09 -19.10
C LEU M 98 16.91 9.91 -18.73
N LEU M 99 17.86 9.28 -18.07
CA LEU M 99 19.01 10.00 -17.52
C LEU M 99 20.19 9.96 -18.46
N ALA M 100 20.84 11.11 -18.60
CA ALA M 100 22.03 11.30 -19.42
C ALA M 100 22.93 12.31 -18.73
N LEU M 101 24.22 12.03 -18.64
CA LEU M 101 25.22 12.89 -18.05
C LEU M 101 26.29 13.27 -19.06
N PRO M 102 26.61 14.55 -19.21
CA PRO M 102 27.67 14.93 -20.13
C PRO M 102 28.97 15.15 -19.42
N LEU M 103 30.02 15.09 -20.22
CA LEU M 103 31.39 15.43 -19.89
C LEU M 103 31.84 16.40 -20.97
N LEU M 104 32.33 17.55 -20.56
CA LEU M 104 32.65 18.63 -21.46
C LEU M 104 34.17 18.81 -21.48
N ALA M 105 34.73 18.93 -22.67
CA ALA M 105 36.15 19.17 -22.81
C ALA M 105 36.32 20.40 -23.69
N GLY M 106 37.18 21.31 -23.29
CA GLY M 106 37.30 22.50 -24.09
C GLY M 106 38.71 23.06 -24.05
N TYR M 107 38.92 24.05 -24.91
CA TYR M 107 40.14 24.84 -24.95
C TYR M 107 39.73 26.29 -24.79
N ASP M 108 40.16 26.94 -23.71
CA ASP M 108 39.75 28.32 -23.45
C ASP M 108 40.65 29.30 -24.17
N ILE M 109 40.15 29.91 -25.23
CA ILE M 109 40.97 30.87 -25.97
C ILE M 109 41.32 32.12 -25.16
N HIS M 110 40.65 32.38 -24.04
CA HIS M 110 40.92 33.56 -23.21
C HIS M 110 41.76 33.26 -21.98
N ALA M 111 42.15 32.02 -21.78
CA ALA M 111 43.01 31.70 -20.66
C ALA M 111 44.40 32.31 -20.86
N SER M 112 45.02 32.70 -19.75
CA SER M 112 46.33 33.35 -19.81
C SER M 112 47.43 32.39 -20.23
N ASP M 113 47.44 31.16 -19.72
CA ASP M 113 48.58 30.28 -19.97
C ASP M 113 48.22 29.36 -21.11
N PRO M 114 48.85 29.53 -22.28
CA PRO M 114 48.42 28.75 -23.49
C PRO M 114 48.51 27.25 -23.33
N GLN M 115 49.41 26.73 -22.52
CA GLN M 115 49.62 25.30 -22.39
C GLN M 115 48.68 24.65 -21.41
N SER M 116 48.10 25.41 -20.49
CA SER M 116 47.15 24.90 -19.50
C SER M 116 45.73 25.40 -19.79
N ALA M 117 45.45 25.76 -21.04
CA ALA M 117 44.15 26.28 -21.44
C ALA M 117 43.10 25.19 -21.62
N GLY M 118 43.48 23.92 -21.57
CA GLY M 118 42.48 22.87 -21.62
C GLY M 118 41.59 22.85 -20.39
N ARG M 119 40.34 22.47 -20.61
CA ARG M 119 39.32 22.39 -19.57
C ARG M 119 38.60 21.06 -19.69
N ILE M 120 38.29 20.47 -18.55
CA ILE M 120 37.48 19.27 -18.43
C ILE M 120 36.44 19.54 -17.35
N VAL M 121 35.17 19.38 -17.69
CA VAL M 121 34.07 19.70 -16.80
C VAL M 121 33.17 18.49 -16.69
N SER M 122 32.90 18.05 -15.47
CA SER M 122 31.99 16.95 -15.23
C SER M 122 30.68 17.48 -14.63
N PHE M 123 29.60 16.72 -14.85
CA PHE M 123 28.26 17.11 -14.42
C PHE M 123 27.55 15.94 -13.74
N ASP M 124 26.62 16.27 -12.85
CA ASP M 124 25.71 15.31 -12.25
C ASP M 124 24.27 15.58 -12.71
N ALA M 125 23.39 14.66 -12.33
CA ALA M 125 22.04 14.63 -12.87
C ALA M 125 21.24 15.90 -12.56
N ALA M 126 21.69 16.69 -11.59
CA ALA M 126 21.01 17.92 -11.18
C ALA M 126 21.63 19.17 -11.77
N GLY M 127 22.66 19.04 -12.61
CA GLY M 127 23.31 20.19 -13.18
C GLY M 127 24.55 20.66 -12.46
N GLY M 128 24.87 20.10 -11.31
CA GLY M 128 26.10 20.47 -10.63
C GLY M 128 27.31 20.13 -11.49
N TRP M 129 28.29 20.99 -11.47
CA TRP M 129 29.46 20.81 -12.31
C TRP M 129 30.72 20.96 -11.49
N ASN M 130 31.77 20.34 -12.00
CA ASN M 130 33.09 20.55 -11.43
C ASN M 130 34.07 20.72 -12.57
N ILE M 131 34.79 21.84 -12.55
CA ILE M 131 35.92 22.03 -13.44
C ILE M 131 37.04 21.19 -12.84
N GLU M 132 37.51 20.22 -13.61
CA GLU M 132 38.39 19.20 -13.06
C GLU M 132 39.80 19.72 -12.99
N GLU M 133 40.40 19.70 -11.82
CA GLU M 133 41.70 20.30 -11.65
C GLU M 133 42.83 19.30 -11.58
N GLU M 134 42.56 18.00 -11.73
CA GLU M 134 43.65 17.02 -11.69
C GLU M 134 43.91 16.33 -13.02
N GLY M 135 43.37 16.82 -14.13
CA GLY M 135 43.89 16.48 -15.43
C GLY M 135 43.15 15.42 -16.20
N TYR M 136 42.31 14.62 -15.55
CA TYR M 136 41.59 13.60 -16.27
C TYR M 136 40.25 13.37 -15.59
N GLN M 137 39.32 12.82 -16.34
CA GLN M 137 37.97 12.59 -15.84
C GLN M 137 37.28 11.62 -16.77
N ALA M 138 36.22 10.98 -16.26
CA ALA M 138 35.46 9.99 -17.01
C ALA M 138 34.01 9.98 -16.53
N VAL M 139 33.15 9.46 -17.37
CA VAL M 139 31.74 9.32 -17.04
C VAL M 139 31.23 8.05 -17.71
N GLY M 140 30.25 7.43 -17.09
CA GLY M 140 29.62 6.23 -17.63
C GLY M 140 29.83 5.04 -16.73
N SER M 141 29.23 3.93 -17.13
CA SER M 141 29.29 2.75 -16.27
C SER M 141 30.70 2.22 -16.08
N GLY M 142 31.66 2.61 -16.92
CA GLY M 142 33.04 2.23 -16.69
C GLY M 142 33.94 3.30 -16.14
N SER M 143 33.39 4.43 -15.72
CA SER M 143 34.20 5.58 -15.36
C SER M 143 35.21 5.29 -14.26
N LEU M 144 34.88 4.41 -13.31
CA LEU M 144 35.80 4.20 -12.20
C LEU M 144 36.97 3.31 -12.61
N PHE M 145 36.74 2.36 -13.50
CA PHE M 145 37.86 1.61 -14.05
C PHE M 145 38.79 2.51 -14.86
N ALA M 146 38.20 3.37 -15.68
CA ALA M 146 38.96 4.26 -16.54
C ALA M 146 39.73 5.30 -15.73
N LYS M 147 39.08 5.90 -14.74
CA LYS M 147 39.76 6.84 -13.87
C LYS M 147 40.88 6.15 -13.11
N SER M 148 40.63 4.94 -12.61
CA SER M 148 41.67 4.26 -11.86
C SER M 148 42.82 3.85 -12.76
N SER M 149 42.56 3.62 -14.04
CA SER M 149 43.66 3.39 -14.99
C SER M 149 44.48 4.66 -15.22
N MET M 150 43.79 5.79 -15.47
CA MET M 150 44.51 7.04 -15.70
C MET M 150 45.30 7.48 -14.47
N LYS M 151 44.87 7.11 -13.26
CA LYS M 151 45.67 7.47 -12.09
C LYS M 151 47.08 6.93 -12.21
N LYS M 152 47.23 5.71 -12.71
CA LYS M 152 48.52 5.06 -12.89
C LYS M 152 49.18 5.39 -14.23
N LEU M 153 48.42 5.79 -15.25
CA LEU M 153 49.03 6.07 -16.53
C LEU M 153 49.30 7.54 -16.79
N TYR M 154 48.78 8.47 -15.97
CA TYR M 154 48.76 9.86 -16.40
C TYR M 154 50.15 10.44 -16.50
N SER M 155 51.08 9.99 -15.67
CA SER M 155 52.43 10.52 -15.69
C SER M 155 53.14 10.33 -17.03
N GLN M 156 52.61 9.50 -17.90
CA GLN M 156 53.20 9.30 -19.22
C GLN M 156 52.76 10.35 -20.22
N VAL M 157 51.85 11.25 -19.84
CA VAL M 157 51.27 12.19 -20.78
C VAL M 157 52.18 13.40 -20.87
N THR M 158 52.86 13.56 -22.01
CA THR M 158 53.76 14.67 -22.27
C THR M 158 53.43 15.45 -23.53
N ASP M 159 52.58 14.92 -24.42
CA ASP M 159 52.18 15.61 -25.63
C ASP M 159 50.83 15.05 -26.04
N GLY M 160 50.35 15.47 -27.20
CA GLY M 160 49.04 15.04 -27.64
C GLY M 160 48.97 13.56 -27.92
N ASP M 161 50.06 12.99 -28.41
CA ASP M 161 50.02 11.58 -28.79
C ASP M 161 50.07 10.66 -27.58
N SER M 162 50.90 10.97 -26.58
CA SER M 162 50.86 10.15 -25.38
C SER M 162 49.54 10.32 -24.64
N GLY M 163 48.93 11.51 -24.68
CA GLY M 163 47.62 11.69 -24.09
C GLY M 163 46.56 10.86 -24.79
N LEU M 164 46.60 10.84 -26.12
CA LEU M 164 45.67 9.99 -26.86
C LEU M 164 45.85 8.51 -26.51
N ARG M 165 47.09 8.07 -26.36
CA ARG M 165 47.33 6.68 -25.99
C ARG M 165 46.78 6.37 -24.61
N VAL M 166 47.06 7.23 -23.64
CA VAL M 166 46.55 6.98 -22.29
C VAL M 166 45.03 6.95 -22.30
N ALA M 167 44.40 7.86 -23.05
CA ALA M 167 42.95 7.83 -23.18
C ALA M 167 42.45 6.49 -23.70
N VAL M 168 43.06 6.00 -24.78
CA VAL M 168 42.62 4.72 -25.36
C VAL M 168 42.86 3.58 -24.39
N GLU M 169 43.96 3.61 -23.65
CA GLU M 169 44.20 2.53 -22.71
C GLU M 169 43.21 2.56 -21.55
N ALA M 170 42.82 3.75 -21.10
CA ALA M 170 41.81 3.79 -20.06
C ALA M 170 40.49 3.25 -20.57
N LEU M 171 40.12 3.58 -21.80
CA LEU M 171 38.90 2.97 -22.33
C LEU M 171 39.06 1.46 -22.46
N TYR M 172 40.26 0.99 -22.79
CA TYR M 172 40.50 -0.44 -22.88
C TYR M 172 40.30 -1.11 -21.54
N ASP M 173 40.84 -0.51 -20.48
CA ASP M 173 40.66 -1.07 -19.14
C ASP M 173 39.20 -1.08 -18.75
N ALA M 174 38.50 0.01 -19.03
CA ALA M 174 37.08 0.07 -18.73
C ALA M 174 36.32 -1.04 -19.42
N ALA M 175 36.57 -1.25 -20.71
CA ALA M 175 35.87 -2.30 -21.42
C ALA M 175 36.23 -3.67 -20.87
N ASP M 176 37.43 -3.80 -20.35
CA ASP M 176 37.86 -5.07 -19.76
C ASP M 176 37.02 -5.41 -18.55
N ASP M 177 36.66 -4.42 -17.72
CA ASP M 177 35.94 -4.75 -16.50
C ASP M 177 34.44 -4.43 -16.54
N ASP M 178 33.95 -3.75 -17.58
CA ASP M 178 32.53 -3.37 -17.68
C ASP M 178 31.93 -3.86 -18.99
N SER M 179 30.91 -4.70 -18.89
CA SER M 179 30.31 -5.31 -20.06
C SER M 179 29.48 -4.31 -20.85
N ALA M 180 29.14 -3.17 -20.27
CA ALA M 180 28.41 -2.12 -20.97
C ALA M 180 29.31 -1.18 -21.77
N THR M 181 30.63 -1.36 -21.68
CA THR M 181 31.62 -0.60 -22.43
C THR M 181 32.29 -1.54 -23.42
N GLY M 182 32.43 -1.09 -24.66
CA GLY M 182 32.97 -1.93 -25.72
C GLY M 182 34.46 -1.79 -25.92
N GLY M 183 35.11 -2.91 -26.10
CA GLY M 183 36.51 -2.86 -26.44
C GLY M 183 36.69 -2.71 -27.92
N PRO M 184 37.93 -2.64 -28.35
CA PRO M 184 38.20 -2.66 -29.79
C PRO M 184 37.73 -3.98 -30.39
N ASP M 185 36.95 -3.87 -31.45
CA ASP M 185 36.43 -5.02 -32.16
C ASP M 185 37.32 -5.24 -33.38
N LEU M 186 38.33 -6.09 -33.23
CA LEU M 186 39.26 -6.23 -34.35
C LEU M 186 38.70 -7.09 -35.46
N VAL M 187 37.59 -7.78 -35.24
CA VAL M 187 36.95 -8.51 -36.32
C VAL M 187 36.20 -7.55 -37.25
N ARG M 188 35.46 -6.60 -36.67
CA ARG M 188 34.69 -5.66 -37.45
C ARG M 188 35.43 -4.37 -37.75
N GLY M 189 36.54 -4.12 -37.08
CA GLY M 189 37.29 -2.88 -37.27
C GLY M 189 36.66 -1.65 -36.65
N ILE M 190 36.08 -1.79 -35.47
CA ILE M 190 35.40 -0.72 -34.77
C ILE M 190 36.18 -0.38 -33.50
N PHE M 191 36.50 0.89 -33.34
CA PHE M 191 37.34 1.38 -32.25
C PHE M 191 36.69 2.59 -31.61
N PRO M 192 37.12 2.97 -30.43
CA PRO M 192 36.63 4.20 -29.80
C PRO M 192 36.76 5.43 -30.67
N THR M 193 35.95 6.46 -30.48
CA THR M 193 36.15 7.71 -31.19
C THR M 193 36.86 8.69 -30.27
N ALA M 194 37.60 9.61 -30.87
CA ALA M 194 38.29 10.62 -30.09
C ALA M 194 38.24 11.95 -30.82
N VAL M 195 38.20 13.00 -30.01
CA VAL M 195 38.35 14.38 -30.42
C VAL M 195 39.51 14.93 -29.65
N ILE M 196 40.35 15.69 -30.30
CA ILE M 196 41.43 16.38 -29.61
C ILE M 196 41.25 17.86 -29.90
N ILE M 197 41.53 18.69 -28.92
CA ILE M 197 41.31 20.12 -29.03
C ILE M 197 42.55 20.87 -28.58
N ASP M 198 43.06 21.75 -29.44
CA ASP M 198 44.15 22.63 -29.02
C ASP M 198 43.85 24.04 -29.54
N ALA M 199 44.89 24.87 -29.61
CA ALA M 199 44.73 26.25 -30.03
C ALA M 199 44.18 26.35 -31.44
N ASP M 200 44.42 25.36 -32.27
CA ASP M 200 43.92 25.37 -33.62
C ASP M 200 42.53 24.84 -33.75
N GLY M 201 41.88 24.49 -32.65
CA GLY M 201 40.50 24.04 -32.67
C GLY M 201 40.38 22.56 -32.36
N ALA M 202 39.16 22.06 -32.55
CA ALA M 202 38.80 20.68 -32.24
C ALA M 202 38.79 19.86 -33.51
N VAL M 203 39.41 18.69 -33.48
CA VAL M 203 39.40 17.84 -34.66
C VAL M 203 39.06 16.43 -34.23
N ASP M 204 38.34 15.75 -35.12
CA ASP M 204 38.07 14.33 -34.98
C ASP M 204 39.37 13.60 -35.19
N VAL M 205 39.71 12.72 -34.27
CA VAL M 205 40.90 11.89 -34.43
C VAL M 205 40.58 10.77 -35.41
N PRO M 206 41.42 10.54 -36.41
CA PRO M 206 41.13 9.48 -37.37
C PRO M 206 41.23 8.10 -36.74
N GLU M 207 40.34 7.21 -37.19
CA GLU M 207 40.25 5.89 -36.56
C GLU M 207 41.53 5.07 -36.78
N SER M 208 42.25 5.34 -37.86
CA SER M 208 43.50 4.64 -38.10
C SER M 208 44.45 4.79 -36.93
N ARG M 209 44.58 6.00 -36.40
CA ARG M 209 45.55 6.20 -35.32
C ARG M 209 45.10 5.53 -34.04
N ILE M 210 43.79 5.53 -33.78
CA ILE M 210 43.29 4.87 -32.58
C ILE M 210 43.41 3.37 -32.72
N ALA M 211 43.19 2.84 -33.93
CA ALA M 211 43.37 1.42 -34.19
C ALA M 211 44.81 0.99 -33.95
N GLU M 212 45.78 1.76 -34.45
CA GLU M 212 47.17 1.42 -34.13
C GLU M 212 47.38 1.40 -32.63
N LEU M 213 46.91 2.44 -31.93
CA LEU M 213 47.16 2.49 -30.49
C LEU M 213 46.50 1.32 -29.74
N ALA M 214 45.25 0.97 -30.10
CA ALA M 214 44.57 -0.17 -29.48
C ALA M 214 45.30 -1.46 -29.73
N ARG M 215 45.71 -1.70 -30.97
CA ARG M 215 46.44 -2.93 -31.26
C ARG M 215 47.76 -2.99 -30.52
N ALA M 216 48.44 -1.85 -30.39
CA ALA M 216 49.67 -1.83 -29.59
C ALA M 216 49.40 -2.19 -28.13
N ILE M 217 48.29 -1.68 -27.56
CA ILE M 217 47.90 -2.02 -26.19
C ILE M 217 47.60 -3.51 -26.06
N ILE M 218 46.77 -4.02 -26.96
CA ILE M 218 46.46 -5.44 -26.97
C ILE M 218 47.74 -6.25 -27.01
N GLU M 219 48.58 -5.98 -28.00
CA GLU M 219 49.80 -6.78 -28.17
C GLU M 219 50.69 -6.69 -26.94
N SER M 220 50.73 -5.53 -26.29
CA SER M 220 51.51 -5.46 -25.07
C SER M 220 50.89 -6.26 -23.94
N ARG M 221 49.59 -6.53 -23.99
CA ARG M 221 48.99 -7.33 -22.93
C ARG M 221 49.08 -8.83 -23.20
N SER M 222 49.52 -9.27 -24.37
CA SER M 222 49.65 -10.71 -24.63
C SER M 222 51.01 -11.34 -24.26
N THR N 1 4.51 -9.61 -33.44
CA THR N 1 4.73 -8.84 -34.66
C THR N 1 6.16 -9.02 -35.01
N THR N 2 6.48 -9.09 -36.29
CA THR N 2 7.86 -8.89 -36.70
C THR N 2 7.88 -8.11 -37.99
N ILE N 3 8.75 -7.10 -38.03
CA ILE N 3 9.09 -6.32 -39.22
C ILE N 3 10.58 -6.46 -39.46
N VAL N 4 10.98 -6.73 -40.69
CA VAL N 4 12.38 -6.81 -41.04
C VAL N 4 12.69 -5.83 -42.16
N ALA N 5 13.90 -5.34 -42.15
CA ALA N 5 14.36 -4.45 -43.20
C ALA N 5 15.82 -4.76 -43.46
N LEU N 6 16.21 -4.71 -44.73
CA LEU N 6 17.60 -4.94 -45.08
C LEU N 6 17.99 -4.14 -46.31
N LYS N 7 19.27 -3.83 -46.39
CA LYS N 7 19.85 -3.15 -47.54
C LYS N 7 20.35 -4.21 -48.50
N TYR N 8 20.11 -3.99 -49.79
CA TYR N 8 20.67 -4.81 -50.85
C TYR N 8 21.33 -3.85 -51.82
N PRO N 9 22.20 -4.35 -52.71
CA PRO N 9 22.89 -3.42 -53.63
C PRO N 9 21.90 -2.62 -54.47
N GLY N 10 21.82 -1.32 -54.20
CA GLY N 10 20.97 -0.42 -54.95
C GLY N 10 19.63 -0.13 -54.34
N GLY N 11 19.32 -0.66 -53.16
CA GLY N 11 18.02 -0.38 -52.59
C GLY N 11 17.84 -1.01 -51.23
N VAL N 12 16.59 -1.02 -50.81
CA VAL N 12 16.20 -1.46 -49.48
C VAL N 12 14.92 -2.29 -49.57
N VAL N 13 14.75 -3.21 -48.64
CA VAL N 13 13.55 -4.03 -48.59
C VAL N 13 13.03 -4.06 -47.16
N MET N 14 11.71 -3.99 -47.00
CA MET N 14 11.07 -4.11 -45.70
C MET N 14 9.86 -5.04 -45.81
N ALA N 15 9.68 -5.94 -44.86
CA ALA N 15 8.58 -6.88 -44.89
C ALA N 15 8.03 -7.07 -43.49
N GLY N 16 6.74 -7.39 -43.38
CA GLY N 16 6.14 -7.61 -42.10
C GLY N 16 5.09 -8.70 -42.16
N ASP N 17 4.85 -9.30 -40.99
CA ASP N 17 3.86 -10.36 -40.89
C ASP N 17 2.47 -9.76 -40.79
N ARG N 18 1.45 -10.62 -40.70
CA ARG N 18 0.06 -10.18 -40.79
C ARG N 18 -0.78 -10.49 -39.56
N ARG N 19 -0.21 -10.93 -38.46
CA ARG N 19 -1.01 -11.41 -37.34
C ARG N 19 -1.37 -10.32 -36.35
N SER N 20 -2.57 -10.40 -35.79
CA SER N 20 -3.00 -9.55 -34.69
C SER N 20 -3.59 -10.41 -33.59
N THR N 21 -3.17 -10.14 -32.36
CA THR N 21 -3.57 -10.91 -31.20
C THR N 21 -4.19 -10.00 -30.14
N GLN N 22 -4.97 -10.62 -29.27
CA GLN N 22 -5.46 -10.02 -28.04
C GLN N 22 -5.13 -11.06 -26.99
N GLY N 23 -3.99 -10.90 -26.34
CA GLY N 23 -3.53 -11.93 -25.45
C GLY N 23 -3.14 -13.13 -26.26
N ASN N 24 -3.74 -14.28 -25.96
CA ASN N 24 -3.45 -15.46 -26.74
C ASN N 24 -4.34 -15.63 -27.95
N MET N 25 -5.48 -14.93 -28.00
CA MET N 25 -6.43 -15.11 -29.10
C MET N 25 -5.97 -14.37 -30.33
N ILE N 26 -6.14 -15.00 -31.48
CA ILE N 26 -5.85 -14.38 -32.76
C ILE N 26 -7.04 -13.53 -33.20
N SER N 27 -6.83 -12.21 -33.28
CA SER N 27 -7.88 -11.26 -33.64
C SER N 27 -7.73 -10.70 -35.03
N GLY N 28 -6.68 -11.07 -35.76
CA GLY N 28 -6.56 -10.66 -37.14
C GLY N 28 -5.56 -11.55 -37.85
N ARG N 29 -5.83 -11.83 -39.14
CA ARG N 29 -4.93 -12.68 -39.92
C ARG N 29 -4.31 -12.00 -41.11
N ASP N 30 -4.82 -10.85 -41.54
CA ASP N 30 -4.38 -10.19 -42.76
C ASP N 30 -4.00 -8.74 -42.54
N VAL N 31 -3.72 -8.37 -41.31
CA VAL N 31 -3.40 -7.01 -40.94
C VAL N 31 -2.18 -6.51 -41.70
N ARG N 32 -2.09 -5.21 -41.91
CA ARG N 32 -0.95 -4.66 -42.60
C ARG N 32 -0.15 -3.73 -41.69
N LYS N 33 1.15 -3.97 -41.62
CA LYS N 33 2.04 -3.33 -40.67
C LYS N 33 3.16 -2.54 -41.32
N VAL N 34 3.28 -2.59 -42.64
CA VAL N 34 4.32 -1.90 -43.36
C VAL N 34 3.66 -0.97 -44.36
N TYR N 35 3.92 0.31 -44.21
CA TYR N 35 3.31 1.35 -45.04
C TYR N 35 4.38 2.13 -45.79
N ILE N 36 4.11 2.41 -47.05
CA ILE N 36 4.94 3.30 -47.87
C ILE N 36 4.59 4.70 -47.38
N THR N 37 5.55 5.37 -46.75
CA THR N 37 5.20 6.66 -46.14
C THR N 37 5.54 7.84 -47.04
N ASP N 38 6.37 7.66 -48.05
CA ASP N 38 6.58 8.74 -49.01
C ASP N 38 7.26 8.08 -50.18
N ASP N 39 7.45 8.84 -51.25
CA ASP N 39 7.95 8.27 -52.49
C ASP N 39 9.22 7.45 -52.30
N TYR N 40 10.00 7.73 -51.26
CA TYR N 40 11.25 7.00 -51.01
C TYR N 40 11.36 6.39 -49.61
N THR N 41 10.28 6.26 -48.85
CA THR N 41 10.45 5.67 -47.53
C THR N 41 9.26 4.80 -47.19
N ALA N 42 9.55 3.73 -46.48
CA ALA N 42 8.56 2.87 -45.86
C ALA N 42 8.78 2.78 -44.35
N THR N 43 7.67 2.69 -43.63
CA THR N 43 7.68 2.51 -42.18
C THR N 43 6.95 1.24 -41.83
N GLY N 44 7.55 0.40 -41.00
CA GLY N 44 6.87 -0.74 -40.41
C GLY N 44 6.80 -0.52 -38.92
N ILE N 45 5.68 -0.84 -38.30
CA ILE N 45 5.49 -0.49 -36.90
C ILE N 45 5.01 -1.69 -36.10
N ALA N 46 5.49 -1.81 -34.87
CA ALA N 46 5.13 -2.88 -33.95
C ALA N 46 4.50 -2.29 -32.69
N GLY N 47 3.59 -3.01 -32.09
CA GLY N 47 2.97 -2.53 -30.87
C GLY N 47 1.45 -2.55 -30.86
N THR N 48 0.87 -1.66 -30.09
CA THR N 48 -0.57 -1.58 -30.04
C THR N 48 -1.12 -1.14 -31.40
N ALA N 49 -2.11 -1.86 -31.92
CA ALA N 49 -2.55 -1.61 -33.30
C ALA N 49 -2.98 -0.17 -33.51
N ALA N 50 -3.80 0.35 -32.60
CA ALA N 50 -4.28 1.71 -32.75
C ALA N 50 -3.12 2.68 -32.88
N VAL N 51 -2.17 2.61 -31.96
CA VAL N 51 -1.11 3.60 -31.98
C VAL N 51 -0.23 3.40 -33.19
N ALA N 52 0.06 2.16 -33.56
CA ALA N 52 0.97 1.91 -34.65
C ALA N 52 0.41 2.50 -35.94
N VAL N 53 -0.86 2.23 -36.22
CA VAL N 53 -1.46 2.73 -37.46
C VAL N 53 -1.58 4.26 -37.43
N GLU N 54 -1.94 4.84 -36.28
CA GLU N 54 -1.97 6.28 -36.17
C GLU N 54 -0.59 6.89 -36.45
N PHE N 55 0.47 6.27 -35.94
CA PHE N 55 1.82 6.75 -36.26
C PHE N 55 2.08 6.75 -37.74
N ALA N 56 1.80 5.63 -38.40
CA ALA N 56 2.08 5.57 -39.83
C ALA N 56 1.33 6.65 -40.57
N ARG N 57 0.04 6.80 -40.27
CA ARG N 57 -0.77 7.75 -41.02
C ARG N 57 -0.26 9.17 -40.78
N LEU N 58 -0.04 9.52 -39.52
CA LEU N 58 0.38 10.86 -39.17
C LEU N 58 1.79 11.16 -39.67
N TYR N 59 2.65 10.16 -39.72
CA TYR N 59 4.00 10.35 -40.26
C TYR N 59 3.94 10.65 -41.74
N ALA N 60 3.16 9.87 -42.48
CA ALA N 60 3.08 10.12 -43.91
C ALA N 60 2.49 11.51 -44.16
N VAL N 61 1.49 11.89 -43.37
CA VAL N 61 0.93 13.21 -43.53
C VAL N 61 1.97 14.28 -43.21
N GLU N 62 2.70 14.12 -42.12
CA GLU N 62 3.66 15.16 -41.76
C GLU N 62 4.72 15.35 -42.85
N LEU N 63 5.22 14.25 -43.42
CA LEU N 63 6.23 14.34 -44.47
C LEU N 63 5.70 15.05 -45.70
N GLU N 64 4.54 14.62 -46.19
CA GLU N 64 4.04 15.25 -47.41
C GLU N 64 3.61 16.69 -47.15
N HIS N 65 3.11 16.95 -45.96
CA HIS N 65 2.82 18.31 -45.54
C HIS N 65 4.02 19.20 -45.74
N TYR N 66 5.18 18.77 -45.23
CA TYR N 66 6.38 19.57 -45.43
C TYR N 66 6.66 19.73 -46.90
N GLU N 67 6.62 18.63 -47.66
CA GLU N 67 6.99 18.69 -49.07
C GLU N 67 6.16 19.72 -49.83
N LYS N 68 4.85 19.76 -49.58
CA LYS N 68 4.00 20.71 -50.28
C LYS N 68 4.14 22.12 -49.76
N LEU N 69 4.36 22.32 -48.46
CA LEU N 69 4.57 23.67 -47.99
C LEU N 69 5.84 24.27 -48.57
N GLU N 70 6.92 23.52 -48.60
CA GLU N 70 8.22 24.07 -48.92
C GLU N 70 8.75 23.68 -50.28
N GLY N 71 8.03 22.90 -51.07
CA GLY N 71 8.45 22.61 -52.41
C GLY N 71 9.54 21.56 -52.58
N VAL N 72 10.04 21.00 -51.50
CA VAL N 72 11.16 20.07 -51.58
C VAL N 72 10.90 19.02 -50.51
N PRO N 73 11.24 17.77 -50.71
CA PRO N 73 11.05 16.82 -49.64
C PRO N 73 12.10 17.06 -48.59
N LEU N 74 11.82 16.60 -47.38
CA LEU N 74 12.80 16.71 -46.32
C LEU N 74 14.00 15.85 -46.68
N THR N 75 15.18 16.26 -46.23
CA THR N 75 16.35 15.39 -46.26
C THR N 75 16.09 14.14 -45.43
N PHE N 76 16.85 13.08 -45.69
CA PHE N 76 16.59 11.85 -44.94
C PHE N 76 16.77 12.05 -43.45
N ALA N 77 17.78 12.81 -43.07
CA ALA N 77 17.99 13.11 -41.65
C ALA N 77 16.78 13.82 -41.04
N GLY N 78 16.13 14.70 -41.81
CA GLY N 78 14.96 15.36 -41.29
C GLY N 78 13.80 14.40 -41.09
N LYS N 79 13.62 13.47 -42.02
CA LYS N 79 12.61 12.44 -41.85
C LYS N 79 12.88 11.64 -40.59
N ILE N 80 14.13 11.26 -40.35
CA ILE N 80 14.47 10.53 -39.13
C ILE N 80 14.08 11.36 -37.92
N ASN N 81 14.46 12.65 -37.91
CA ASN N 81 14.16 13.45 -36.73
C ASN N 81 12.67 13.50 -36.48
N ARG N 82 11.84 13.64 -37.51
CA ARG N 82 10.42 13.82 -37.22
C ARG N 82 9.80 12.53 -36.70
N LEU N 83 10.22 11.38 -37.23
CA LEU N 83 9.74 10.13 -36.63
C LEU N 83 10.19 10.02 -35.17
N ALA N 84 11.43 10.40 -34.87
CA ALA N 84 11.93 10.34 -33.50
C ALA N 84 11.15 11.25 -32.58
N ILE N 85 10.87 12.46 -33.05
CA ILE N 85 10.12 13.40 -32.23
C ILE N 85 8.73 12.86 -31.97
N MET N 86 8.13 12.20 -32.96
CA MET N 86 6.82 11.62 -32.76
C MET N 86 6.84 10.50 -31.72
N VAL N 87 7.81 9.60 -31.82
CA VAL N 87 7.92 8.52 -30.84
C VAL N 87 8.15 9.08 -29.46
N ARG N 88 9.01 10.08 -29.35
CA ARG N 88 9.26 10.69 -28.05
C ARG N 88 7.97 11.22 -27.47
N GLY N 89 7.20 11.94 -28.30
CA GLY N 89 5.95 12.52 -27.83
C GLY N 89 4.96 11.51 -27.33
N ASN N 90 5.08 10.27 -27.77
CA ASN N 90 4.17 9.24 -27.30
C ASN N 90 4.65 8.54 -26.05
N LEU N 91 5.76 8.97 -25.44
CA LEU N 91 6.37 8.15 -24.39
C LEU N 91 5.44 7.94 -23.21
N ALA N 92 4.73 8.98 -22.77
CA ALA N 92 3.82 8.82 -21.64
C ALA N 92 2.78 7.76 -21.94
N ALA N 93 2.11 7.91 -23.09
CA ALA N 93 1.11 6.95 -23.50
C ALA N 93 1.67 5.54 -23.63
N ALA N 94 2.90 5.40 -24.14
CA ALA N 94 3.49 4.06 -24.21
C ALA N 94 3.70 3.49 -22.83
N MET N 95 4.11 4.32 -21.87
CA MET N 95 4.29 3.83 -20.51
C MET N 95 2.99 3.38 -19.91
N GLN N 96 1.86 3.83 -20.44
CA GLN N 96 0.58 3.34 -19.95
C GLN N 96 -0.01 2.22 -20.82
N GLY N 97 0.76 1.64 -21.74
CA GLY N 97 0.32 0.50 -22.52
C GLY N 97 0.05 0.80 -23.99
N LEU N 98 0.01 2.06 -24.39
CA LEU N 98 -0.18 2.45 -25.78
C LEU N 98 1.15 2.66 -26.49
N LEU N 99 1.93 1.59 -26.58
CA LEU N 99 3.30 1.62 -27.08
C LEU N 99 3.37 1.24 -28.55
N ALA N 100 4.21 1.92 -29.29
CA ALA N 100 4.44 1.56 -30.68
C ALA N 100 5.89 1.87 -31.00
N LEU N 101 6.60 0.91 -31.62
CA LEU N 101 7.96 1.19 -32.07
C LEU N 101 8.04 1.05 -33.59
N PRO N 102 8.65 1.98 -34.26
CA PRO N 102 8.80 1.86 -35.71
C PRO N 102 10.17 1.44 -36.17
N LEU N 103 10.21 0.95 -37.39
CA LEU N 103 11.40 0.66 -38.16
C LEU N 103 11.22 1.37 -39.48
N LEU N 104 12.20 2.19 -39.87
CA LEU N 104 12.15 3.03 -41.05
C LEU N 104 13.13 2.51 -42.07
N ALA N 105 12.71 2.41 -43.31
CA ALA N 105 13.59 2.04 -44.40
C ALA N 105 13.44 3.06 -45.52
N GLY N 106 14.56 3.53 -46.07
CA GLY N 106 14.44 4.54 -47.11
C GLY N 106 15.53 4.48 -48.15
N TYR N 107 15.35 5.26 -49.20
CA TYR N 107 16.35 5.42 -50.25
C TYR N 107 16.65 6.91 -50.34
N ASP N 108 17.89 7.28 -50.03
CA ASP N 108 18.27 8.69 -49.96
C ASP N 108 18.73 9.17 -51.33
N ILE N 109 17.88 9.95 -52.01
CA ILE N 109 18.22 10.43 -53.34
C ILE N 109 19.44 11.34 -53.34
N HIS N 110 19.78 11.90 -52.19
CA HIS N 110 20.91 12.82 -52.10
C HIS N 110 22.20 12.16 -51.64
N ALA N 111 22.20 10.85 -51.43
CA ALA N 111 23.43 10.18 -51.07
C ALA N 111 24.39 10.22 -52.25
N SER N 112 25.69 10.24 -51.96
CA SER N 112 26.67 10.28 -53.05
C SER N 112 26.72 8.96 -53.83
N ASP N 113 26.67 7.84 -53.14
CA ASP N 113 26.76 6.56 -53.84
C ASP N 113 25.38 5.92 -53.96
N PRO N 114 24.79 5.88 -55.15
CA PRO N 114 23.50 5.20 -55.31
C PRO N 114 23.50 3.72 -54.94
N GLN N 115 24.66 3.05 -54.87
CA GLN N 115 24.61 1.63 -54.53
C GLN N 115 24.41 1.39 -53.05
N SER N 116 24.86 2.32 -52.20
CA SER N 116 24.71 2.19 -50.76
C SER N 116 23.72 3.19 -50.17
N ALA N 117 22.87 3.77 -51.02
CA ALA N 117 21.89 4.79 -50.66
C ALA N 117 20.68 4.23 -49.89
N GLY N 118 20.60 2.92 -49.69
CA GLY N 118 19.61 2.40 -48.79
C GLY N 118 19.90 2.84 -47.37
N ARG N 119 18.85 3.02 -46.59
CA ARG N 119 18.96 3.45 -45.20
C ARG N 119 17.99 2.66 -44.35
N ILE N 120 18.44 2.27 -43.16
CA ILE N 120 17.64 1.57 -42.18
C ILE N 120 17.84 2.19 -40.81
N VAL N 121 16.75 2.63 -40.20
CA VAL N 121 16.81 3.32 -38.92
C VAL N 121 15.88 2.63 -37.95
N SER N 122 16.41 2.23 -36.80
CA SER N 122 15.58 1.67 -35.75
C SER N 122 15.41 2.70 -34.64
N PHE N 123 14.33 2.55 -33.88
CA PHE N 123 13.96 3.50 -32.86
C PHE N 123 13.64 2.75 -31.58
N ASP N 124 13.84 3.41 -30.45
CA ASP N 124 13.39 2.92 -29.16
C ASP N 124 12.27 3.83 -28.64
N ALA N 125 11.68 3.42 -27.51
CA ALA N 125 10.46 4.07 -27.04
C ALA N 125 10.69 5.51 -26.65
N ALA N 126 11.92 5.92 -26.45
CA ALA N 126 12.18 7.30 -26.06
C ALA N 126 12.55 8.16 -27.25
N GLY N 127 12.53 7.60 -28.45
CA GLY N 127 12.85 8.34 -29.64
C GLY N 127 14.28 8.22 -30.12
N GLY N 128 15.14 7.55 -29.36
CA GLY N 128 16.50 7.32 -29.82
C GLY N 128 16.50 6.50 -31.11
N TRP N 129 17.37 6.87 -32.02
CA TRP N 129 17.40 6.20 -33.30
C TRP N 129 18.82 5.80 -33.62
N ASN N 130 18.95 4.73 -34.37
CA ASN N 130 20.25 4.28 -34.85
C ASN N 130 20.14 3.99 -36.32
N ILE N 131 21.02 4.61 -37.11
CA ILE N 131 21.15 4.23 -38.51
C ILE N 131 21.99 2.96 -38.54
N GLU N 132 21.40 1.90 -39.02
CA GLU N 132 22.09 0.63 -38.93
C GLU N 132 23.06 0.51 -40.09
N GLU N 133 24.33 0.30 -39.80
CA GLU N 133 25.35 0.22 -40.84
C GLU N 133 25.81 -1.20 -41.11
N GLU N 134 25.07 -2.20 -40.64
CA GLU N 134 25.43 -3.59 -40.88
C GLU N 134 24.40 -4.31 -41.73
N GLY N 135 23.48 -3.57 -42.32
CA GLY N 135 22.71 -4.04 -43.45
C GLY N 135 21.32 -4.52 -43.14
N TYR N 136 21.02 -4.89 -41.91
CA TYR N 136 19.67 -5.39 -41.63
C TYR N 136 19.29 -5.00 -40.23
N GLN N 137 17.99 -5.04 -39.97
CA GLN N 137 17.44 -4.72 -38.65
C GLN N 137 16.01 -5.24 -38.62
N ALA N 138 15.48 -5.46 -37.41
CA ALA N 138 14.11 -5.95 -37.27
C ALA N 138 13.53 -5.35 -36.00
N VAL N 139 12.21 -5.35 -35.92
CA VAL N 139 11.50 -4.86 -34.75
C VAL N 139 10.30 -5.75 -34.47
N GLY N 140 9.93 -5.85 -33.21
CA GLY N 140 8.78 -6.63 -32.76
C GLY N 140 9.19 -7.81 -31.90
N SER N 141 8.17 -8.54 -31.47
CA SER N 141 8.36 -9.66 -30.55
C SER N 141 9.18 -10.80 -31.15
N GLY N 142 9.28 -10.90 -32.47
CA GLY N 142 10.14 -11.89 -33.08
C GLY N 142 11.44 -11.32 -33.62
N SER N 143 11.75 -10.07 -33.30
CA SER N 143 12.85 -9.39 -33.97
C SER N 143 14.18 -10.08 -33.72
N LEU N 144 14.38 -10.69 -32.54
CA LEU N 144 15.69 -11.27 -32.30
C LEU N 144 15.84 -12.59 -33.04
N PHE N 145 14.75 -13.32 -33.20
CA PHE N 145 14.81 -14.49 -34.07
C PHE N 145 15.13 -14.08 -35.49
N ALA N 146 14.47 -13.03 -35.98
CA ALA N 146 14.68 -12.59 -37.36
C ALA N 146 16.08 -12.03 -37.55
N LYS N 147 16.58 -11.27 -36.59
CA LYS N 147 17.94 -10.75 -36.66
C LYS N 147 18.97 -11.88 -36.65
N SER N 148 18.75 -12.89 -35.79
CA SER N 148 19.68 -14.00 -35.73
C SER N 148 19.63 -14.87 -36.96
N SER N 149 18.49 -14.93 -37.65
CA SER N 149 18.42 -15.60 -38.94
C SER N 149 19.15 -14.81 -40.02
N MET N 150 18.86 -13.50 -40.13
CA MET N 150 19.53 -12.67 -41.13
C MET N 150 21.02 -12.65 -40.88
N LYS N 151 21.43 -12.84 -39.64
CA LYS N 151 22.85 -12.91 -39.39
C LYS N 151 23.48 -14.00 -40.26
N LYS N 152 22.82 -15.14 -40.40
CA LYS N 152 23.36 -16.25 -41.15
C LYS N 152 23.02 -16.19 -42.64
N LEU N 153 21.95 -15.51 -43.02
CA LEU N 153 21.56 -15.47 -44.41
C LEU N 153 22.02 -14.22 -45.16
N TYR N 154 22.58 -13.22 -44.50
CA TYR N 154 22.74 -11.96 -45.20
C TYR N 154 23.75 -12.06 -46.32
N SER N 155 24.77 -12.89 -46.15
CA SER N 155 25.77 -12.93 -47.21
C SER N 155 25.18 -13.36 -48.55
N GLN N 156 23.98 -13.90 -48.57
CA GLN N 156 23.37 -14.31 -49.83
C GLN N 156 22.67 -13.16 -50.55
N VAL N 157 22.69 -11.95 -50.01
CA VAL N 157 21.97 -10.86 -50.63
C VAL N 157 22.87 -10.23 -51.67
N THR N 158 22.52 -10.36 -52.94
CA THR N 158 23.29 -9.73 -54.00
C THR N 158 22.45 -8.82 -54.89
N ASP N 159 21.14 -8.93 -54.84
CA ASP N 159 20.27 -8.06 -55.62
C ASP N 159 18.94 -8.02 -54.91
N GLY N 160 17.97 -7.35 -55.51
CA GLY N 160 16.71 -7.15 -54.84
C GLY N 160 15.96 -8.44 -54.56
N ASP N 161 16.06 -9.40 -55.46
CA ASP N 161 15.20 -10.55 -55.23
C ASP N 161 15.77 -11.48 -54.18
N SER N 162 17.09 -11.65 -54.17
CA SER N 162 17.69 -12.44 -53.12
C SER N 162 17.44 -11.76 -51.78
N GLY N 163 17.48 -10.44 -51.76
CA GLY N 163 17.18 -9.73 -50.53
C GLY N 163 15.75 -9.95 -50.08
N LEU N 164 14.80 -9.86 -51.01
CA LEU N 164 13.42 -10.11 -50.63
C LEU N 164 13.27 -11.51 -50.06
N ARG N 165 13.94 -12.48 -50.66
CA ARG N 165 13.81 -13.84 -50.14
C ARG N 165 14.36 -13.95 -48.74
N VAL N 166 15.48 -13.29 -48.45
CA VAL N 166 16.01 -13.33 -47.10
C VAL N 166 15.04 -12.66 -46.12
N ALA N 167 14.41 -11.55 -46.54
CA ALA N 167 13.42 -10.92 -45.67
C ALA N 167 12.31 -11.87 -45.30
N VAL N 168 11.73 -12.53 -46.29
CA VAL N 168 10.62 -13.45 -46.04
C VAL N 168 11.09 -14.65 -45.22
N GLU N 169 12.33 -15.09 -45.43
CA GLU N 169 12.86 -16.21 -44.66
C GLU N 169 13.08 -15.82 -43.20
N ALA N 170 13.48 -14.58 -42.97
CA ALA N 170 13.63 -14.10 -41.59
C ALA N 170 12.29 -14.03 -40.89
N LEU N 171 11.27 -13.53 -41.59
CA LEU N 171 9.94 -13.55 -41.00
C LEU N 171 9.48 -14.98 -40.75
N TYR N 172 9.85 -15.91 -41.61
CA TYR N 172 9.49 -17.30 -41.36
C TYR N 172 10.11 -17.83 -40.06
N ASP N 173 11.42 -17.60 -39.87
CA ASP N 173 12.05 -18.06 -38.63
C ASP N 173 11.42 -17.40 -37.41
N ALA N 174 11.12 -16.10 -37.52
CA ALA N 174 10.43 -15.41 -36.43
C ALA N 174 9.11 -16.06 -36.11
N ALA N 175 8.32 -16.36 -37.14
CA ALA N 175 7.03 -16.99 -36.87
C ALA N 175 7.20 -18.37 -36.28
N ASP N 176 8.29 -19.05 -36.60
CA ASP N 176 8.53 -20.38 -36.08
C ASP N 176 8.71 -20.34 -34.59
N ASP N 177 9.42 -19.33 -34.07
CA ASP N 177 9.70 -19.33 -32.64
C ASP N 177 8.90 -18.32 -31.81
N ASP N 178 8.07 -17.49 -32.45
CA ASP N 178 7.23 -16.50 -31.75
C ASP N 178 5.79 -16.66 -32.19
N SER N 179 4.92 -16.90 -31.22
CA SER N 179 3.51 -17.14 -31.52
C SER N 179 2.75 -15.87 -31.81
N ALA N 180 3.28 -14.72 -31.48
CA ALA N 180 2.62 -13.48 -31.85
C ALA N 180 2.99 -13.00 -33.26
N THR N 181 3.87 -13.71 -33.95
CA THR N 181 4.23 -13.43 -35.32
C THR N 181 3.71 -14.58 -36.19
N GLY N 182 2.91 -14.24 -37.19
CA GLY N 182 2.23 -15.24 -37.99
C GLY N 182 3.05 -15.54 -39.22
N GLY N 183 3.21 -16.83 -39.50
CA GLY N 183 3.89 -17.25 -40.70
C GLY N 183 2.94 -17.31 -41.87
N PRO N 184 3.44 -17.73 -43.02
CA PRO N 184 2.58 -17.87 -44.19
C PRO N 184 1.41 -18.81 -43.94
N ASP N 185 0.20 -18.36 -44.29
CA ASP N 185 -1.02 -19.14 -44.20
C ASP N 185 -1.29 -19.71 -45.57
N LEU N 186 -0.91 -20.95 -45.83
CA LEU N 186 -1.17 -21.45 -47.16
C LEU N 186 -2.60 -21.90 -47.36
N VAL N 187 -3.40 -22.05 -46.32
CA VAL N 187 -4.78 -22.42 -46.61
C VAL N 187 -5.56 -21.21 -47.08
N ARG N 188 -5.35 -20.05 -46.44
CA ARG N 188 -6.10 -18.84 -46.75
C ARG N 188 -5.43 -17.94 -47.78
N GLY N 189 -4.17 -18.18 -48.14
CA GLY N 189 -3.52 -17.28 -49.06
C GLY N 189 -3.13 -15.93 -48.48
N ILE N 190 -2.63 -15.92 -47.25
CA ILE N 190 -2.16 -14.70 -46.61
C ILE N 190 -0.66 -14.84 -46.41
N PHE N 191 0.08 -13.83 -46.83
CA PHE N 191 1.52 -13.84 -46.78
C PHE N 191 2.02 -12.51 -46.22
N PRO N 192 3.27 -12.46 -45.81
CA PRO N 192 3.84 -11.17 -45.40
C PRO N 192 3.69 -10.11 -46.47
N THR N 193 3.62 -8.85 -46.05
CA THR N 193 3.62 -7.76 -47.01
C THR N 193 5.02 -7.21 -47.08
N ALA N 194 5.40 -6.75 -48.27
CA ALA N 194 6.75 -6.27 -48.47
C ALA N 194 6.74 -5.03 -49.37
N VAL N 195 7.70 -4.16 -49.09
CA VAL N 195 8.00 -2.97 -49.87
C VAL N 195 9.45 -3.00 -50.29
N ILE N 196 9.71 -2.67 -51.54
CA ILE N 196 11.08 -2.52 -52.01
C ILE N 196 11.22 -1.09 -52.52
N ILE N 197 12.36 -0.48 -52.24
CA ILE N 197 12.60 0.92 -52.55
C ILE N 197 13.94 1.00 -53.24
N ASP N 198 13.96 1.56 -54.45
CA ASP N 198 15.23 1.82 -55.14
C ASP N 198 15.20 3.21 -55.75
N ALA N 199 16.09 3.45 -56.71
CA ALA N 199 16.17 4.77 -57.34
C ALA N 199 14.84 5.15 -58.00
N ASP N 200 14.03 4.18 -58.42
CA ASP N 200 12.75 4.46 -59.03
C ASP N 200 11.65 4.64 -58.01
N GLY N 201 11.96 4.59 -56.74
CA GLY N 201 10.99 4.84 -55.70
C GLY N 201 10.61 3.59 -54.92
N ALA N 202 9.59 3.75 -54.10
CA ALA N 202 9.09 2.71 -53.23
C ALA N 202 7.89 2.05 -53.88
N VAL N 203 7.90 0.72 -54.02
CA VAL N 203 6.79 0.00 -54.62
C VAL N 203 6.41 -1.19 -53.75
N ASP N 204 5.10 -1.46 -53.70
CA ASP N 204 4.59 -2.64 -53.01
C ASP N 204 4.98 -3.90 -53.75
N VAL N 205 5.51 -4.87 -53.04
CA VAL N 205 5.81 -6.14 -53.69
C VAL N 205 4.50 -6.87 -53.89
N PRO N 206 4.21 -7.34 -55.09
CA PRO N 206 2.94 -8.05 -55.33
C PRO N 206 2.95 -9.36 -54.58
N GLU N 207 1.78 -9.75 -54.08
CA GLU N 207 1.67 -10.89 -53.18
C GLU N 207 2.14 -12.18 -53.85
N SER N 208 1.85 -12.34 -55.13
CA SER N 208 2.22 -13.58 -55.82
C SER N 208 3.72 -13.86 -55.70
N ARG N 209 4.55 -12.83 -55.85
CA ARG N 209 5.99 -13.00 -55.69
C ARG N 209 6.31 -13.57 -54.31
N ILE N 210 5.76 -12.92 -53.29
CA ILE N 210 5.99 -13.32 -51.90
C ILE N 210 5.48 -14.72 -51.65
N ALA N 211 4.38 -15.09 -52.30
CA ALA N 211 3.85 -16.45 -52.18
C ALA N 211 4.83 -17.48 -52.68
N GLU N 212 5.40 -17.26 -53.86
CA GLU N 212 6.31 -18.28 -54.34
C GLU N 212 7.59 -18.32 -53.51
N LEU N 213 8.03 -17.18 -52.97
CA LEU N 213 9.16 -17.23 -52.06
C LEU N 213 8.81 -18.01 -50.80
N ALA N 214 7.64 -17.77 -50.25
CA ALA N 214 7.24 -18.48 -49.04
C ALA N 214 7.21 -19.99 -49.28
N ARG N 215 6.59 -20.44 -50.38
CA ARG N 215 6.54 -21.88 -50.64
C ARG N 215 7.94 -22.45 -50.86
N ALA N 216 8.83 -21.71 -51.53
CA ALA N 216 10.21 -22.18 -51.65
C ALA N 216 10.88 -22.37 -50.29
N ILE N 217 10.65 -21.45 -49.35
CA ILE N 217 11.20 -21.61 -48.01
C ILE N 217 10.60 -22.83 -47.33
N ILE N 218 9.28 -22.92 -47.35
CA ILE N 218 8.61 -24.03 -46.72
C ILE N 218 9.14 -25.35 -47.27
N GLU N 219 9.03 -25.53 -48.58
CA GLU N 219 9.51 -26.78 -49.17
C GLU N 219 11.00 -26.97 -48.88
N SER N 220 11.77 -25.90 -48.81
CA SER N 220 13.18 -26.10 -48.49
C SER N 220 13.36 -26.63 -47.08
N ARG N 221 12.40 -26.38 -46.19
CA ARG N 221 12.52 -26.91 -44.84
C ARG N 221 11.88 -28.27 -44.67
N SER N 222 11.03 -28.70 -45.61
CA SER N 222 10.38 -30.00 -45.50
C SER N 222 11.28 -31.12 -45.95
N GLY N 223 12.50 -30.80 -46.35
CA GLY N 223 13.50 -31.77 -46.72
C GLY N 223 14.54 -31.97 -45.64
N MET O 1 9.06 -54.37 45.56
CA MET O 1 8.74 -53.02 45.99
C MET O 1 9.38 -52.65 47.32
N GLU O 2 8.89 -53.25 48.41
CA GLU O 2 9.57 -53.10 49.69
C GLU O 2 11.03 -53.49 49.51
N GLN O 3 11.24 -54.68 48.93
CA GLN O 3 12.52 -55.16 48.40
C GLN O 3 13.38 -54.03 47.85
N ALA O 4 12.84 -53.36 46.81
CA ALA O 4 13.61 -52.36 46.08
C ALA O 4 14.06 -51.23 47.00
N MET O 5 13.14 -50.67 47.79
CA MET O 5 13.48 -49.53 48.64
C MET O 5 14.43 -49.91 49.77
N ARG O 6 14.29 -51.12 50.32
CA ARG O 6 15.29 -51.60 51.27
C ARG O 6 16.68 -51.59 50.63
N GLU O 7 16.80 -52.21 49.45
CA GLU O 7 18.11 -52.31 48.81
C GLU O 7 18.68 -50.95 48.47
N ARG O 8 17.85 -50.06 47.90
CA ARG O 8 18.31 -48.74 47.56
C ARG O 8 18.78 -47.99 48.80
N SER O 9 18.00 -48.08 49.87
CA SER O 9 18.36 -47.40 51.09
C SER O 9 19.73 -47.85 51.57
N GLU O 10 19.99 -49.14 51.52
CA GLU O 10 21.29 -49.54 52.05
C GLU O 10 22.43 -49.26 51.07
N LEU O 11 22.19 -49.33 49.77
CA LEU O 11 23.25 -48.94 48.81
C LEU O 11 23.70 -47.51 49.07
N ALA O 12 22.73 -46.61 49.22
CA ALA O 12 23.08 -45.23 49.52
C ALA O 12 23.76 -45.13 50.88
N ARG O 13 23.16 -45.73 51.90
CA ARG O 13 23.72 -45.65 53.24
C ARG O 13 25.19 -46.04 53.24
N LYS O 14 25.52 -47.20 52.66
CA LYS O 14 26.90 -47.66 52.70
C LYS O 14 27.79 -46.78 51.84
N GLY O 15 27.27 -46.31 50.71
CA GLY O 15 28.03 -45.36 49.93
C GLY O 15 28.47 -44.16 50.73
N ILE O 16 27.54 -43.56 51.46
CA ILE O 16 27.88 -42.38 52.25
C ILE O 16 28.76 -42.75 53.43
N ALA O 17 28.57 -43.96 53.97
CA ALA O 17 29.39 -44.40 55.11
C ALA O 17 30.86 -44.52 54.73
N ARG O 18 31.17 -44.86 53.48
CA ARG O 18 32.56 -44.86 53.03
C ARG O 18 33.12 -43.46 52.78
N ALA O 19 32.30 -42.42 52.69
CA ALA O 19 32.80 -41.13 52.25
C ALA O 19 33.46 -40.36 53.38
N LYS O 20 34.29 -39.37 53.01
CA LYS O 20 34.86 -38.52 54.03
C LYS O 20 33.82 -37.53 54.54
N SER O 21 34.06 -37.03 55.74
CA SER O 21 33.05 -36.31 56.51
C SER O 21 33.19 -34.81 56.40
N VAL O 22 32.08 -34.12 56.66
CA VAL O 22 31.98 -32.68 56.59
C VAL O 22 31.16 -32.19 57.79
N VAL O 23 31.57 -31.08 58.39
CA VAL O 23 30.78 -30.47 59.44
C VAL O 23 30.50 -29.01 59.09
N ALA O 24 29.32 -28.54 59.48
CA ALA O 24 29.01 -27.13 59.43
C ALA O 24 28.49 -26.72 60.80
N LEU O 25 29.03 -25.66 61.36
CA LEU O 25 28.53 -25.24 62.66
C LEU O 25 28.48 -23.73 62.73
N ALA O 26 27.52 -23.24 63.51
CA ALA O 26 27.34 -21.82 63.69
C ALA O 26 28.36 -21.27 64.68
N TYR O 27 28.91 -20.11 64.36
CA TYR O 27 29.80 -19.41 65.26
C TYR O 27 29.42 -17.94 65.27
N ALA O 28 30.13 -17.17 66.07
CA ALA O 28 29.72 -15.78 66.29
C ALA O 28 29.55 -15.01 64.99
N GLY O 29 30.37 -15.31 63.99
CA GLY O 29 30.36 -14.56 62.76
C GLY O 29 29.53 -15.15 61.65
N GLY O 30 28.85 -16.27 61.89
CA GLY O 30 28.10 -16.85 60.82
C GLY O 30 28.16 -18.35 60.84
N VAL O 31 28.54 -18.98 59.72
CA VAL O 31 28.57 -20.42 59.65
C VAL O 31 29.93 -20.85 59.15
N LEU O 32 30.46 -21.90 59.74
CA LEU O 32 31.75 -22.44 59.36
C LEU O 32 31.53 -23.82 58.76
N PHE O 33 32.15 -24.06 57.61
CA PHE O 33 32.17 -25.32 56.89
C PHE O 33 33.58 -25.84 56.92
N VAL O 34 33.75 -27.07 57.37
CA VAL O 34 35.04 -27.73 57.41
C VAL O 34 34.84 -29.12 56.85
N ALA O 35 35.58 -29.45 55.79
CA ALA O 35 35.47 -30.75 55.15
C ALA O 35 36.86 -31.36 55.04
N GLU O 36 36.93 -32.67 55.24
CA GLU O 36 38.15 -33.43 54.95
C GLU O 36 38.23 -33.55 53.43
N ASN O 37 39.24 -32.95 52.83
CA ASN O 37 39.26 -32.94 51.38
C ASN O 37 40.68 -32.90 50.86
N PRO O 38 41.13 -34.03 50.35
CA PRO O 38 42.47 -34.10 49.73
C PRO O 38 42.63 -33.19 48.54
N SER O 39 41.57 -32.97 47.78
CA SER O 39 41.67 -32.40 46.43
C SER O 39 42.26 -31.00 46.36
N ARG O 40 42.94 -30.72 45.28
CA ARG O 40 43.46 -29.41 45.10
C ARG O 40 42.44 -28.50 44.44
N SER O 41 41.47 -29.05 43.71
CA SER O 41 40.57 -28.19 42.94
C SER O 41 39.12 -28.65 42.91
N LEU O 42 38.80 -29.81 43.47
CA LEU O 42 37.42 -30.30 43.49
C LEU O 42 36.81 -30.02 44.86
N GLN O 43 35.66 -29.35 44.86
CA GLN O 43 35.13 -28.65 46.03
C GLN O 43 33.84 -29.30 46.54
N LYS O 44 33.81 -29.65 47.83
CA LYS O 44 32.63 -30.15 48.51
C LYS O 44 31.79 -29.04 49.14
N ILE O 45 32.30 -27.81 49.15
CA ILE O 45 31.66 -26.66 49.79
C ILE O 45 31.50 -25.54 48.76
N SER O 46 30.35 -24.90 48.78
CA SER O 46 30.08 -23.96 47.71
C SER O 46 29.14 -22.85 48.17
N GLU O 47 29.26 -21.73 47.51
CA GLU O 47 28.24 -20.70 47.58
C GLU O 47 27.02 -21.13 46.76
N LEU O 48 25.83 -20.89 47.31
CA LEU O 48 24.57 -21.01 46.59
C LEU O 48 23.99 -19.65 46.22
N TYR O 49 23.85 -18.76 47.20
CA TYR O 49 23.28 -17.44 46.94
C TYR O 49 23.88 -16.49 47.95
N ASP O 50 23.48 -15.22 47.90
CA ASP O 50 24.15 -14.17 48.68
C ASP O 50 24.50 -14.63 50.09
N ARG O 51 23.51 -15.12 50.83
CA ARG O 51 23.68 -15.52 52.22
C ARG O 51 23.49 -17.01 52.42
N VAL O 52 23.57 -17.80 51.37
CA VAL O 52 23.23 -19.22 51.46
C VAL O 52 24.40 -20.03 50.96
N GLY O 53 24.83 -20.99 51.77
CA GLY O 53 25.93 -21.86 51.41
C GLY O 53 25.51 -23.31 51.40
N PHE O 54 26.32 -24.14 50.77
CA PHE O 54 26.04 -25.53 50.47
C PHE O 54 27.28 -26.36 50.82
N ALA O 55 27.08 -27.54 51.42
CA ALA O 55 28.22 -28.45 51.58
C ALA O 55 27.71 -29.87 51.47
N ALA O 56 28.55 -30.78 51.02
CA ALA O 56 28.05 -32.11 50.72
C ALA O 56 29.05 -33.20 51.04
N ALA O 57 28.52 -34.40 51.29
CA ALA O 57 29.28 -35.62 51.49
C ALA O 57 28.77 -36.65 50.52
N GLY O 58 29.65 -37.54 50.05
CA GLY O 58 29.24 -38.62 49.19
C GLY O 58 30.00 -38.62 47.88
N LYS O 59 29.31 -39.08 46.84
CA LYS O 59 29.89 -39.21 45.50
C LYS O 59 29.93 -37.87 44.77
N PHE O 60 31.12 -37.50 44.27
CA PHE O 60 31.32 -36.12 43.83
C PHE O 60 30.40 -35.73 42.67
N ASN O 61 30.32 -36.55 41.62
CA ASN O 61 29.55 -36.12 40.45
C ASN O 61 28.09 -35.92 40.80
N GLU O 62 27.60 -36.70 41.74
CA GLU O 62 26.20 -36.63 42.11
C GLU O 62 25.93 -35.38 42.95
N PHE O 63 26.75 -35.13 43.97
CA PHE O 63 26.43 -33.94 44.72
C PHE O 63 26.85 -32.67 43.97
N ASP O 64 27.73 -32.76 42.98
CA ASP O 64 28.00 -31.59 42.16
C ASP O 64 26.82 -31.28 41.24
N ASN O 65 26.18 -32.30 40.67
CA ASN O 65 24.93 -32.04 39.97
C ASN O 65 23.94 -31.36 40.90
N LEU O 66 23.84 -31.83 42.14
CA LEU O 66 22.87 -31.21 43.04
C LEU O 66 23.23 -29.78 43.36
N ARG O 67 24.52 -29.51 43.46
CA ARG O 67 24.97 -28.14 43.70
C ARG O 67 24.60 -27.24 42.52
N ARG O 68 24.87 -27.70 41.31
CA ARG O 68 24.56 -26.89 40.14
C ARG O 68 23.06 -26.65 40.02
N GLY O 69 22.26 -27.69 40.26
CA GLY O 69 20.83 -27.56 40.16
C GLY O 69 20.30 -26.62 41.20
N GLY O 70 20.92 -26.62 42.37
CA GLY O 70 20.51 -25.68 43.40
C GLY O 70 20.85 -24.25 43.03
N ILE O 71 22.03 -24.03 42.46
CA ILE O 71 22.39 -22.69 41.97
C ILE O 71 21.42 -22.24 40.88
N GLN O 72 21.06 -23.14 39.96
CA GLN O 72 20.12 -22.78 38.92
C GLN O 72 18.79 -22.35 39.50
N PHE O 73 18.31 -23.09 40.50
CA PHE O 73 17.08 -22.73 41.18
C PHE O 73 17.17 -21.36 41.82
N ALA O 74 18.22 -21.12 42.59
CA ALA O 74 18.34 -19.86 43.32
C ALA O 74 18.44 -18.68 42.36
N ASP O 75 19.34 -18.76 41.37
CA ASP O 75 19.50 -17.62 40.48
C ASP O 75 18.21 -17.35 39.73
N THR O 76 17.50 -18.40 39.33
CA THR O 76 16.23 -18.20 38.64
C THR O 76 15.20 -17.51 39.53
N ARG O 77 15.01 -17.98 40.76
CA ARG O 77 13.96 -17.37 41.58
C ARG O 77 14.34 -15.95 42.01
N GLY O 78 15.60 -15.71 42.34
CA GLY O 78 16.00 -14.35 42.63
C GLY O 78 15.77 -13.43 41.44
N TYR O 79 15.93 -13.92 40.23
CA TYR O 79 15.66 -13.16 39.02
C TYR O 79 14.19 -12.87 38.76
N ALA O 80 13.36 -13.85 38.99
CA ALA O 80 11.92 -13.76 38.85
C ALA O 80 11.27 -12.87 39.86
N TYR O 81 11.77 -12.91 41.08
CA TYR O 81 11.30 -12.11 42.21
C TYR O 81 12.35 -11.12 42.64
N ASP O 82 12.99 -11.34 43.77
CA ASP O 82 14.10 -10.48 44.19
C ASP O 82 15.16 -11.29 44.84
N ARG O 83 16.36 -10.78 44.87
CA ARG O 83 17.41 -11.55 45.51
C ARG O 83 17.04 -11.86 46.96
N ARG O 84 16.36 -10.94 47.63
CA ARG O 84 16.09 -11.19 49.03
C ARG O 84 15.00 -12.21 49.24
N ASP O 85 14.30 -12.60 48.21
CA ASP O 85 13.25 -13.59 48.37
C ASP O 85 13.79 -15.01 48.38
N VAL O 86 15.07 -15.20 48.09
CA VAL O 86 15.74 -16.50 48.12
C VAL O 86 16.24 -16.79 49.51
N THR O 87 15.85 -17.93 50.05
CA THR O 87 16.18 -18.28 51.41
C THR O 87 16.80 -19.66 51.45
N GLY O 88 17.56 -19.91 52.51
CA GLY O 88 18.09 -21.23 52.69
C GLY O 88 16.98 -22.24 52.88
N ARG O 89 15.90 -21.86 53.50
CA ARG O 89 14.80 -22.74 53.71
C ARG O 89 14.24 -23.24 52.41
N GLN O 90 14.10 -22.36 51.45
CA GLN O 90 13.62 -22.71 50.12
C GLN O 90 14.53 -23.74 49.47
N LEU O 91 15.81 -23.44 49.40
CA LEU O 91 16.74 -24.35 48.74
C LEU O 91 16.76 -25.68 49.43
N ALA O 92 16.75 -25.70 50.75
CA ALA O 92 16.68 -26.98 51.44
C ALA O 92 15.44 -27.74 51.02
N ASN O 93 14.33 -27.04 50.90
CA ASN O 93 13.07 -27.65 50.52
C ASN O 93 13.16 -28.24 49.11
N VAL O 94 13.80 -27.52 48.18
CA VAL O 94 13.95 -28.03 46.84
C VAL O 94 14.89 -29.22 46.83
N TYR O 95 15.89 -29.23 47.69
CA TYR O 95 16.76 -30.39 47.74
C TYR O 95 16.04 -31.60 48.31
N ALA O 96 15.19 -31.38 49.29
CA ALA O 96 14.39 -32.48 49.80
C ALA O 96 13.52 -33.07 48.70
N GLN O 97 12.80 -32.21 47.98
CA GLN O 97 11.94 -32.69 46.90
C GLN O 97 12.74 -33.42 45.83
N THR O 98 13.92 -32.88 45.48
CA THR O 98 14.71 -33.43 44.38
C THR O 98 15.31 -34.77 44.75
N LEU O 99 15.89 -34.88 45.95
CA LEU O 99 16.46 -36.14 46.40
C LEU O 99 15.39 -37.19 46.61
N GLY O 100 14.18 -36.78 47.00
CA GLY O 100 13.10 -37.75 47.09
C GLY O 100 12.77 -38.36 45.74
N THR O 101 12.58 -37.49 44.73
CA THR O 101 12.33 -38.04 43.41
C THR O 101 13.49 -38.91 42.92
N ILE O 102 14.73 -38.47 43.13
CA ILE O 102 15.87 -39.28 42.71
C ILE O 102 15.89 -40.63 43.41
N PHE O 103 15.69 -40.64 44.73
CA PHE O 103 15.78 -41.87 45.48
C PHE O 103 14.71 -42.85 45.05
N THR O 104 13.58 -42.33 44.58
CA THR O 104 12.48 -43.20 44.25
C THR O 104 12.44 -43.62 42.78
N GLU O 105 12.84 -42.76 41.85
CA GLU O 105 12.58 -42.98 40.43
C GLU O 105 13.81 -43.14 39.53
N GLN O 106 15.01 -42.74 39.98
CA GLN O 106 16.19 -42.83 39.13
C GLN O 106 16.79 -44.22 39.14
N ALA O 107 17.66 -44.49 38.15
CA ALA O 107 18.21 -45.84 38.01
C ALA O 107 18.96 -46.27 39.26
N LYS O 108 19.78 -45.39 39.81
CA LYS O 108 20.45 -45.64 41.07
C LYS O 108 20.22 -44.43 41.96
N PRO O 109 19.96 -44.63 43.25
CA PRO O 109 19.82 -43.48 44.13
C PRO O 109 21.15 -42.75 44.26
N TYR O 110 21.08 -41.44 44.52
CA TYR O 110 22.30 -40.67 44.72
C TYR O 110 22.89 -40.96 46.08
N GLU O 111 24.18 -41.25 46.11
CA GLU O 111 24.89 -41.49 47.36
C GLU O 111 25.44 -40.18 47.93
N VAL O 112 24.52 -39.35 48.43
CA VAL O 112 24.90 -38.04 48.94
C VAL O 112 24.18 -37.70 50.24
N GLU O 113 24.78 -36.76 50.97
CA GLU O 113 24.18 -36.10 52.10
C GLU O 113 24.53 -34.62 51.99
N LEU O 114 23.53 -33.75 52.16
CA LEU O 114 23.66 -32.31 51.89
C LEU O 114 23.40 -31.46 53.12
N CYS O 115 24.02 -30.29 53.15
CA CYS O 115 23.79 -29.24 54.15
C CYS O 115 23.56 -27.91 53.45
N VAL O 116 22.48 -27.23 53.80
CA VAL O 116 22.21 -25.89 53.33
C VAL O 116 22.21 -24.98 54.54
N ALA O 117 23.01 -23.93 54.52
CA ALA O 117 23.12 -23.06 55.66
C ALA O 117 22.82 -21.63 55.25
N GLU O 118 22.17 -20.89 56.13
CA GLU O 118 21.85 -19.50 55.83
C GLU O 118 22.23 -18.62 57.01
N VAL O 119 22.82 -17.47 56.73
CA VAL O 119 23.13 -16.45 57.73
C VAL O 119 22.32 -15.20 57.43
N ALA O 120 22.37 -14.27 58.37
CA ALA O 120 21.60 -13.06 58.30
C ALA O 120 22.09 -12.17 57.18
N HIS O 121 21.21 -11.28 56.72
CA HIS O 121 21.66 -10.22 55.83
C HIS O 121 22.37 -9.15 56.63
N TYR O 122 23.19 -8.36 55.95
CA TYR O 122 24.07 -7.43 56.63
C TYR O 122 23.26 -6.53 57.55
N GLY O 123 23.70 -6.42 58.78
CA GLY O 123 23.05 -5.56 59.75
C GLY O 123 21.77 -6.11 60.31
N GLU O 124 21.44 -7.34 60.02
CA GLU O 124 20.23 -7.94 60.53
C GLU O 124 20.62 -8.90 61.62
N THR O 125 19.71 -9.14 62.55
CA THR O 125 20.00 -10.04 63.63
C THR O 125 19.13 -11.22 63.44
N LYS O 126 19.74 -12.31 63.02
CA LYS O 126 19.04 -13.53 62.78
C LYS O 126 19.97 -14.64 63.08
N ARG O 127 19.53 -15.64 63.82
CA ARG O 127 20.38 -16.77 64.10
C ARG O 127 20.54 -17.58 62.85
N PRO O 128 21.70 -18.19 62.65
CA PRO O 128 21.91 -19.00 61.45
C PRO O 128 20.96 -20.18 61.38
N GLU O 129 20.75 -20.67 60.19
CA GLU O 129 19.95 -21.87 60.04
C GLU O 129 20.79 -22.94 59.38
N LEU O 130 20.68 -24.17 59.88
CA LEU O 130 21.33 -25.30 59.22
C LEU O 130 20.29 -26.33 58.85
N TYR O 131 20.38 -26.84 57.63
CA TYR O 131 19.49 -27.87 57.15
C TYR O 131 20.32 -29.03 56.65
N ARG O 132 19.92 -30.23 57.05
CA ARG O 132 20.55 -31.45 56.61
C ARG O 132 19.52 -32.24 55.81
N ILE O 133 19.82 -32.49 54.54
CA ILE O 133 18.99 -33.29 53.65
C ILE O 133 19.75 -34.56 53.35
N THR O 134 19.11 -35.69 53.58
CA THR O 134 19.73 -36.98 53.42
C THR O 134 19.28 -37.67 52.13
N TYR O 135 19.89 -38.83 51.85
CA TYR O 135 19.78 -39.39 50.52
C TYR O 135 18.36 -39.69 50.09
N ASP O 136 17.42 -39.80 51.00
CA ASP O 136 16.08 -40.16 50.60
C ASP O 136 15.15 -38.97 50.63
N GLY O 137 15.68 -37.77 50.85
CA GLY O 137 14.84 -36.60 50.93
C GLY O 137 14.36 -36.28 52.33
N SER O 138 14.85 -36.98 53.34
CA SER O 138 14.54 -36.63 54.70
C SER O 138 15.21 -35.32 55.02
N ILE O 139 14.51 -34.45 55.71
CA ILE O 139 15.04 -33.11 55.94
C ILE O 139 14.98 -32.82 57.42
N ALA O 140 16.03 -32.22 57.93
CA ALA O 140 16.15 -31.93 59.34
C ALA O 140 16.67 -30.52 59.53
N ASP O 141 16.06 -29.82 60.48
CA ASP O 141 16.47 -28.47 60.82
C ASP O 141 17.38 -28.57 62.02
N GLU O 142 18.56 -27.99 61.92
CA GLU O 142 19.54 -28.12 62.97
C GLU O 142 19.99 -26.74 63.41
N PRO O 143 20.20 -26.59 64.73
CA PRO O 143 20.46 -25.28 65.33
C PRO O 143 21.91 -24.94 65.57
N HIS O 144 22.75 -25.97 65.77
CA HIS O 144 24.13 -25.76 66.16
C HIS O 144 25.13 -26.31 65.18
N PHE O 145 24.95 -27.55 64.72
CA PHE O 145 25.95 -28.13 63.84
C PHE O 145 25.30 -29.21 63.00
N VAL O 146 25.98 -29.54 61.91
CA VAL O 146 25.60 -30.60 61.00
C VAL O 146 26.85 -31.41 60.69
N VAL O 147 26.72 -32.73 60.72
CA VAL O 147 27.79 -33.67 60.40
C VAL O 147 27.28 -34.55 59.28
N MET O 148 28.12 -34.77 58.26
CA MET O 148 27.70 -35.54 57.10
C MET O 148 28.82 -36.45 56.63
N GLY O 149 28.47 -37.69 56.28
CA GLY O 149 29.42 -38.58 55.64
C GLY O 149 30.29 -39.32 56.64
N GLY O 150 30.69 -40.54 56.30
CA GLY O 150 31.52 -41.35 57.17
C GLY O 150 30.84 -41.77 58.46
N THR O 151 31.65 -41.94 59.50
CA THR O 151 31.17 -42.39 60.80
C THR O 151 30.75 -41.14 61.54
N THR O 152 29.46 -40.87 61.52
CA THR O 152 29.00 -39.58 62.01
C THR O 152 28.97 -39.51 63.54
N GLU O 153 28.45 -40.54 64.22
CA GLU O 153 28.25 -40.49 65.68
C GLU O 153 29.45 -39.96 66.45
N PRO O 154 30.66 -40.53 66.31
CA PRO O 154 31.80 -39.95 67.03
C PRO O 154 31.98 -38.45 66.84
N ILE O 155 31.84 -37.99 65.60
CA ILE O 155 32.05 -36.58 65.30
C ILE O 155 30.96 -35.73 65.94
N ALA O 156 29.71 -36.19 65.83
CA ALA O 156 28.61 -35.45 66.41
C ALA O 156 28.77 -35.32 67.91
N ASN O 157 29.16 -36.40 68.58
CA ASN O 157 29.29 -36.33 70.04
C ASN O 157 30.47 -35.47 70.45
N ALA O 158 31.59 -35.58 69.74
CA ALA O 158 32.69 -34.66 69.98
C ALA O 158 32.22 -33.21 69.89
N LEU O 159 31.34 -32.91 68.93
CA LEU O 159 30.83 -31.55 68.85
C LEU O 159 29.95 -31.24 70.06
N LYS O 160 28.97 -32.09 70.34
CA LYS O 160 28.03 -31.81 71.40
C LYS O 160 28.74 -31.58 72.74
N GLU O 161 29.87 -32.24 72.93
CA GLU O 161 30.64 -31.99 74.15
C GLU O 161 31.44 -30.69 74.06
N SER O 162 32.01 -30.39 72.90
CA SER O 162 32.90 -29.26 72.81
C SER O 162 32.25 -28.02 72.19
N TYR O 163 31.05 -28.12 71.65
CA TYR O 163 30.48 -26.99 70.95
C TYR O 163 29.98 -25.98 71.96
N ALA O 164 30.34 -24.74 71.70
CA ALA O 164 29.93 -23.61 72.46
C ALA O 164 29.35 -22.64 71.47
N GLU O 165 28.18 -22.14 71.80
CA GLU O 165 27.47 -21.17 71.00
C GLU O 165 28.23 -19.86 71.04
N ASN O 166 28.22 -19.14 69.92
CA ASN O 166 28.90 -17.87 69.75
C ASN O 166 30.37 -17.93 69.97
N ALA O 167 30.99 -18.98 69.51
CA ALA O 167 32.44 -19.12 69.62
C ALA O 167 33.13 -18.25 68.57
N SER O 168 34.40 -17.96 68.79
CA SER O 168 35.11 -17.20 67.76
C SER O 168 35.46 -18.12 66.61
N LEU O 169 35.90 -17.51 65.50
CA LEU O 169 36.24 -18.30 64.33
C LEU O 169 37.37 -19.29 64.61
N THR O 170 38.46 -18.83 65.24
CA THR O 170 39.57 -19.77 65.50
C THR O 170 39.13 -20.88 66.44
N ASP O 171 38.35 -20.55 67.46
CA ASP O 171 37.87 -21.61 68.32
C ASP O 171 37.02 -22.57 67.53
N ALA O 172 36.03 -22.05 66.81
CA ALA O 172 35.12 -22.94 66.10
C ALA O 172 35.89 -23.83 65.14
N LEU O 173 36.89 -23.28 64.46
CA LEU O 173 37.65 -24.11 63.55
C LEU O 173 38.32 -25.26 64.29
N ARG O 174 38.94 -24.97 65.44
CA ARG O 174 39.57 -26.08 66.14
C ARG O 174 38.54 -27.12 66.53
N ILE O 175 37.48 -26.71 67.20
CA ILE O 175 36.53 -27.72 67.65
C ILE O 175 36.10 -28.56 66.46
N ALA O 176 35.96 -27.93 65.29
CA ALA O 176 35.52 -28.68 64.14
C ALA O 176 36.55 -29.72 63.73
N VAL O 177 37.81 -29.31 63.58
CA VAL O 177 38.85 -30.25 63.18
C VAL O 177 39.01 -31.37 64.21
N ALA O 178 38.86 -31.02 65.48
CA ALA O 178 38.89 -32.00 66.54
C ALA O 178 37.82 -33.05 66.34
N ALA O 179 36.58 -32.61 66.18
CA ALA O 179 35.51 -33.56 65.97
C ALA O 179 35.74 -34.37 64.69
N LEU O 180 36.33 -33.74 63.67
CA LEU O 180 36.58 -34.44 62.41
C LEU O 180 37.55 -35.61 62.61
N ARG O 181 38.61 -35.37 63.38
CA ARG O 181 39.59 -36.42 63.61
C ARG O 181 39.04 -37.50 64.54
N ALA O 182 38.05 -37.15 65.34
CA ALA O 182 37.42 -38.20 66.13
C ALA O 182 36.68 -39.22 65.27
N GLY O 183 36.99 -39.35 63.98
CA GLY O 183 36.19 -40.26 63.17
C GLY O 183 36.84 -40.90 61.97
N SER O 184 38.17 -40.99 61.95
CA SER O 184 38.88 -41.41 60.75
C SER O 184 39.93 -42.49 60.97
N THR O 194 47.77 -34.57 61.35
CA THR O 194 47.64 -35.00 59.95
C THR O 194 46.54 -34.23 59.19
N LEU O 195 45.52 -33.71 59.88
CA LEU O 195 44.50 -32.89 59.21
C LEU O 195 44.89 -31.44 59.36
N GLY O 196 45.62 -30.92 58.36
CA GLY O 196 45.98 -29.51 58.24
C GLY O 196 45.52 -28.92 56.93
N VAL O 197 46.28 -27.96 56.38
CA VAL O 197 45.82 -27.27 55.17
C VAL O 197 45.72 -28.24 54.00
N ALA O 198 46.65 -29.16 53.87
CA ALA O 198 46.67 -30.00 52.67
C ALA O 198 45.54 -31.02 52.64
N SER O 199 44.86 -31.25 53.75
CA SER O 199 43.78 -32.23 53.78
C SER O 199 42.42 -31.62 54.12
N LEU O 200 42.32 -30.29 54.22
CA LEU O 200 41.06 -29.67 54.59
C LEU O 200 40.61 -28.63 53.58
N GLU O 201 39.31 -28.57 53.41
CA GLU O 201 38.64 -27.50 52.67
C GLU O 201 37.77 -26.76 53.67
N VAL O 202 37.98 -25.45 53.78
CA VAL O 202 37.34 -24.63 54.79
C VAL O 202 36.69 -23.43 54.13
N ALA O 203 35.50 -23.06 54.61
CA ALA O 203 34.88 -21.82 54.14
C ALA O 203 33.90 -21.33 55.20
N VAL O 204 33.50 -20.06 55.09
CA VAL O 204 32.54 -19.49 56.03
C VAL O 204 31.47 -18.75 55.24
N LEU O 205 30.30 -18.68 55.85
CA LEU O 205 29.24 -17.72 55.56
C LEU O 205 29.42 -16.60 56.59
N ASP O 206 30.02 -15.49 56.15
CA ASP O 206 30.42 -14.38 57.03
C ASP O 206 29.34 -13.32 57.03
N ALA O 207 28.58 -13.25 58.12
CA ALA O 207 27.46 -12.34 58.23
C ALA O 207 27.86 -10.87 58.21
N ASN O 208 29.13 -10.53 58.31
CA ASN O 208 29.50 -9.12 58.31
C ASN O 208 30.02 -8.66 56.97
N ARG O 209 29.89 -9.47 55.99
CA ARG O 209 30.07 -9.06 54.61
C ARG O 209 28.78 -8.44 54.07
N PRO O 210 28.89 -7.38 53.28
CA PRO O 210 27.71 -6.61 52.89
C PRO O 210 26.72 -7.36 52.02
N ARG O 211 27.18 -8.06 50.98
CA ARG O 211 26.26 -8.82 50.16
C ARG O 211 26.61 -10.29 50.10
N ARG O 212 27.66 -10.68 49.36
CA ARG O 212 27.99 -12.10 49.25
C ARG O 212 28.76 -12.53 50.49
N ALA O 213 28.14 -13.39 51.29
CA ALA O 213 28.72 -13.83 52.55
C ALA O 213 29.76 -14.94 52.40
N PHE O 214 29.72 -15.71 51.32
CA PHE O 214 30.55 -16.89 51.23
C PHE O 214 31.99 -16.49 50.95
N ARG O 215 32.90 -17.05 51.72
CA ARG O 215 34.31 -16.78 51.50
C ARG O 215 35.08 -18.02 51.92
N ARG O 216 36.01 -18.45 51.08
CA ARG O 216 36.87 -19.58 51.40
C ARG O 216 38.05 -19.14 52.24
N ILE O 217 38.53 -20.06 53.06
CA ILE O 217 39.74 -19.85 53.83
C ILE O 217 40.74 -20.89 53.39
N THR O 218 41.76 -20.45 52.66
CA THR O 218 42.70 -21.32 51.98
C THR O 218 44.12 -20.88 52.26
N GLY O 219 45.02 -21.85 52.27
CA GLY O 219 46.43 -21.54 52.22
C GLY O 219 46.91 -20.78 53.43
N SER O 220 47.48 -19.62 53.15
CA SER O 220 48.14 -18.83 54.19
C SER O 220 47.19 -18.52 55.34
N ALA O 221 45.99 -18.05 54.99
CA ALA O 221 45.03 -17.65 56.01
C ALA O 221 44.61 -18.82 56.87
N LEU O 222 44.36 -19.97 56.23
CA LEU O 222 43.91 -21.14 56.99
C LEU O 222 45.00 -21.62 57.90
N GLN O 223 46.24 -21.68 57.41
CA GLN O 223 47.35 -22.07 58.26
C GLN O 223 47.39 -21.16 59.47
N ALA O 224 47.32 -19.85 59.22
CA ALA O 224 47.32 -18.87 60.30
C ALA O 224 46.23 -19.18 61.31
N LEU O 225 45.01 -19.37 60.82
CA LEU O 225 43.92 -19.72 61.72
C LEU O 225 44.17 -21.02 62.45
N LEU O 226 45.10 -21.83 61.97
CA LEU O 226 45.42 -23.06 62.66
C LEU O 226 46.47 -22.86 63.71
N VAL O 227 46.47 -21.68 64.38
CA VAL O 227 47.36 -21.34 65.50
C VAL O 227 48.80 -21.68 65.23
N MET P 1 -0.36 -59.05 41.75
CA MET P 1 -1.24 -57.89 41.90
C MET P 1 -1.62 -57.68 43.35
N GLU P 2 -2.18 -58.72 43.95
CA GLU P 2 -2.69 -58.64 45.32
C GLU P 2 -1.54 -58.31 46.25
N GLN P 3 -0.40 -58.93 45.99
CA GLN P 3 0.75 -58.83 46.90
C GLN P 3 1.54 -57.55 46.68
N ALA P 4 1.70 -57.10 45.43
CA ALA P 4 2.32 -55.80 45.23
C ALA P 4 1.57 -54.72 45.98
N MET P 5 0.23 -54.72 45.86
CA MET P 5 -0.58 -53.72 46.55
C MET P 5 -0.56 -53.94 48.06
N ARG P 6 -0.42 -55.16 48.53
CA ARG P 6 -0.30 -55.28 49.98
C ARG P 6 1.03 -54.70 50.45
N GLU P 7 2.10 -54.93 49.70
CA GLU P 7 3.40 -54.42 50.12
C GLU P 7 3.49 -52.90 50.03
N ARG P 8 2.87 -52.32 49.01
CA ARG P 8 2.80 -50.86 48.95
C ARG P 8 2.05 -50.32 50.15
N SER P 9 0.92 -50.95 50.48
CA SER P 9 0.18 -50.53 51.66
C SER P 9 1.05 -50.64 52.90
N GLU P 10 1.85 -51.70 53.00
CA GLU P 10 2.61 -51.92 54.23
C GLU P 10 3.73 -50.91 54.34
N LEU P 11 4.37 -50.59 53.23
CA LEU P 11 5.39 -49.55 53.24
C LEU P 11 4.81 -48.23 53.69
N ALA P 12 3.68 -47.84 53.12
CA ALA P 12 3.10 -46.55 53.46
C ALA P 12 2.70 -46.50 54.91
N ARG P 13 1.97 -47.51 55.38
CA ARG P 13 1.56 -47.57 56.77
C ARG P 13 2.75 -47.45 57.70
N LYS P 14 3.82 -48.22 57.46
CA LYS P 14 4.94 -48.17 58.37
C LYS P 14 5.59 -46.80 58.36
N GLY P 15 5.75 -46.25 57.17
CA GLY P 15 6.29 -44.91 57.08
C GLY P 15 5.48 -43.90 57.87
N ILE P 16 4.16 -43.95 57.73
CA ILE P 16 3.33 -42.98 58.44
C ILE P 16 3.38 -43.22 59.94
N ALA P 17 3.41 -44.48 60.36
CA ALA P 17 3.50 -44.76 61.79
C ALA P 17 4.82 -44.31 62.41
N ARG P 18 5.89 -44.15 61.62
CA ARG P 18 7.17 -43.70 62.18
C ARG P 18 7.27 -42.18 62.32
N ALA P 19 6.31 -41.42 61.80
CA ALA P 19 6.40 -39.97 61.81
C ALA P 19 5.59 -39.38 62.96
N LYS P 20 5.86 -38.12 63.28
CA LYS P 20 5.20 -37.48 64.40
C LYS P 20 3.74 -37.14 64.05
N SER P 21 2.92 -36.98 65.08
CA SER P 21 1.46 -36.95 65.01
C SER P 21 0.91 -35.52 64.94
N VAL P 22 -0.31 -35.41 64.39
CA VAL P 22 -1.05 -34.16 64.21
C VAL P 22 -2.52 -34.39 64.58
N VAL P 23 -3.13 -33.41 65.20
CA VAL P 23 -4.56 -33.44 65.50
C VAL P 23 -5.17 -32.16 64.93
N ALA P 24 -6.40 -32.29 64.45
CA ALA P 24 -7.22 -31.14 64.08
C ALA P 24 -8.58 -31.34 64.71
N LEU P 25 -9.13 -30.32 65.37
CA LEU P 25 -10.46 -30.51 65.93
C LEU P 25 -11.28 -29.23 65.84
N ALA P 26 -12.57 -29.40 65.74
CA ALA P 26 -13.48 -28.28 65.69
C ALA P 26 -13.75 -27.73 67.07
N TYR P 27 -13.76 -26.41 67.19
CA TYR P 27 -14.10 -25.73 68.42
C TYR P 27 -15.03 -24.56 68.10
N ALA P 28 -15.41 -23.86 69.15
CA ALA P 28 -16.42 -22.81 69.04
C ALA P 28 -16.07 -21.78 67.99
N GLY P 29 -14.78 -21.51 67.82
CA GLY P 29 -14.36 -20.51 66.87
C GLY P 29 -13.94 -21.02 65.53
N GLY P 30 -14.04 -22.32 65.28
CA GLY P 30 -13.57 -22.82 64.01
C GLY P 30 -12.87 -24.17 64.10
N VAL P 31 -11.64 -24.27 63.58
CA VAL P 31 -10.88 -25.51 63.58
C VAL P 31 -9.50 -25.22 64.11
N LEU P 32 -8.95 -26.13 64.92
CA LEU P 32 -7.62 -26.02 65.51
C LEU P 32 -6.69 -27.12 65.02
N PHE P 33 -5.49 -26.73 64.62
CA PHE P 33 -4.44 -27.63 64.18
C PHE P 33 -3.30 -27.62 65.19
N VAL P 34 -2.90 -28.79 65.66
CA VAL P 34 -1.78 -28.94 66.59
C VAL P 34 -0.92 -30.11 66.13
N ALA P 35 0.34 -29.85 65.84
CA ALA P 35 1.25 -30.88 65.37
C ALA P 35 2.53 -30.87 66.18
N GLU P 36 3.06 -32.06 66.44
CA GLU P 36 4.38 -32.20 67.02
C GLU P 36 5.43 -31.84 65.98
N ASN P 37 6.21 -30.82 66.26
CA ASN P 37 7.15 -30.33 65.28
C ASN P 37 8.33 -29.63 65.95
N PRO P 38 9.51 -30.26 66.00
CA PRO P 38 10.68 -29.57 66.53
C PRO P 38 11.11 -28.39 65.67
N SER P 39 10.91 -28.48 64.36
CA SER P 39 11.49 -27.49 63.48
C SER P 39 10.89 -26.13 63.77
N ARG P 40 11.62 -25.09 63.37
CA ARG P 40 11.09 -23.74 63.47
C ARG P 40 10.58 -23.22 62.14
N SER P 41 11.15 -23.66 61.04
CA SER P 41 10.80 -23.11 59.75
C SER P 41 10.15 -24.11 58.80
N LEU P 42 10.16 -25.40 59.13
CA LEU P 42 9.53 -26.41 58.30
C LEU P 42 8.19 -26.76 58.92
N GLN P 43 7.12 -26.61 58.15
CA GLN P 43 5.79 -26.63 58.71
C GLN P 43 4.97 -27.77 58.14
N LYS P 44 4.23 -28.45 59.04
CA LYS P 44 3.29 -29.51 58.74
C LYS P 44 1.88 -28.99 58.56
N ILE P 45 1.64 -27.70 58.85
CA ILE P 45 0.32 -27.08 58.81
C ILE P 45 0.38 -25.84 57.93
N SER P 46 -0.62 -25.67 57.08
CA SER P 46 -0.56 -24.61 56.10
C SER P 46 -1.96 -24.14 55.71
N GLU P 47 -2.05 -22.90 55.27
CA GLU P 47 -3.25 -22.42 54.64
C GLU P 47 -3.38 -22.97 53.23
N LEU P 48 -4.60 -23.32 52.81
CA LEU P 48 -4.92 -23.63 51.42
C LEU P 48 -5.68 -22.50 50.72
N TYR P 49 -6.75 -22.02 51.32
CA TYR P 49 -7.52 -20.97 50.71
C TYR P 49 -8.23 -20.22 51.83
N ASP P 50 -9.00 -19.19 51.47
CA ASP P 50 -9.56 -18.26 52.43
C ASP P 50 -10.04 -18.92 53.71
N ARG P 51 -10.92 -19.92 53.57
CA ARG P 51 -11.51 -20.59 54.72
C ARG P 51 -11.11 -22.05 54.81
N VAL P 52 -10.05 -22.47 54.12
CA VAL P 52 -9.67 -23.87 54.07
C VAL P 52 -8.24 -24.01 54.53
N GLY P 53 -8.01 -24.94 55.44
CA GLY P 53 -6.69 -25.23 55.99
C GLY P 53 -6.27 -26.66 55.76
N PHE P 54 -4.99 -26.93 55.93
CA PHE P 54 -4.33 -28.16 55.54
C PHE P 54 -3.39 -28.63 56.64
N ALA P 55 -3.37 -29.92 56.89
CA ALA P 55 -2.39 -30.47 57.81
C ALA P 55 -1.95 -31.84 57.34
N ALA P 56 -0.71 -32.21 57.66
CA ALA P 56 -0.23 -33.46 57.12
C ALA P 56 0.78 -34.11 58.05
N ALA P 57 0.82 -35.44 57.96
CA ALA P 57 1.77 -36.26 58.69
C ALA P 57 2.48 -37.18 57.72
N GLY P 58 3.74 -37.48 58.02
CA GLY P 58 4.51 -38.43 57.24
C GLY P 58 5.80 -37.83 56.73
N LYS P 59 6.17 -38.22 55.52
CA LYS P 59 7.41 -37.75 54.94
C LYS P 59 7.21 -36.34 54.41
N PHE P 60 8.09 -35.41 54.79
CA PHE P 60 7.88 -33.99 54.52
C PHE P 60 7.85 -33.68 53.02
N ASN P 61 8.84 -34.15 52.28
CA ASN P 61 8.87 -33.73 50.88
C ASN P 61 7.60 -34.15 50.16
N GLU P 62 7.01 -35.29 50.53
CA GLU P 62 5.82 -35.77 49.85
C GLU P 62 4.56 -34.98 50.26
N PHE P 63 4.32 -34.77 51.55
CA PHE P 63 3.13 -33.98 51.85
C PHE P 63 3.34 -32.52 51.53
N ASP P 64 4.57 -32.06 51.40
CA ASP P 64 4.81 -30.74 50.89
C ASP P 64 4.49 -30.64 49.38
N ASN P 65 4.87 -31.64 48.58
CA ASN P 65 4.46 -31.61 47.17
C ASN P 65 2.95 -31.60 47.05
N LEU P 66 2.25 -32.42 47.85
CA LEU P 66 0.79 -32.42 47.80
C LEU P 66 0.24 -31.09 48.28
N ARG P 67 0.88 -30.49 49.26
CA ARG P 67 0.39 -29.20 49.71
C ARG P 67 0.51 -28.14 48.63
N ARG P 68 1.65 -28.10 47.95
CA ARG P 68 1.80 -27.09 46.91
C ARG P 68 0.84 -27.35 45.76
N GLY P 69 0.64 -28.62 45.39
CA GLY P 69 -0.31 -28.92 44.32
C GLY P 69 -1.72 -28.53 44.71
N GLY P 70 -2.06 -28.70 45.99
CA GLY P 70 -3.37 -28.29 46.47
C GLY P 70 -3.56 -26.78 46.45
N ILE P 71 -2.53 -26.01 46.85
CA ILE P 71 -2.62 -24.56 46.72
C ILE P 71 -2.77 -24.17 45.26
N GLN P 72 -2.02 -24.84 44.37
CA GLN P 72 -2.13 -24.50 42.95
C GLN P 72 -3.54 -24.75 42.46
N PHE P 73 -4.14 -25.83 42.90
CA PHE P 73 -5.51 -26.12 42.53
C PHE P 73 -6.47 -25.06 43.05
N ALA P 74 -6.37 -24.74 44.35
CA ALA P 74 -7.29 -23.81 44.96
C ALA P 74 -7.20 -22.44 44.29
N ASP P 75 -5.99 -21.95 44.09
CA ASP P 75 -5.82 -20.65 43.46
C ASP P 75 -6.30 -20.64 42.01
N THR P 76 -6.05 -21.72 41.27
CA THR P 76 -6.54 -21.78 39.91
C THR P 76 -8.07 -21.79 39.86
N ARG P 77 -8.73 -22.54 40.72
CA ARG P 77 -10.18 -22.55 40.67
C ARG P 77 -10.74 -21.19 41.03
N GLY P 78 -10.18 -20.56 42.06
CA GLY P 78 -10.67 -19.23 42.43
C GLY P 78 -10.48 -18.23 41.31
N TYR P 79 -9.39 -18.30 40.58
CA TYR P 79 -9.19 -17.42 39.45
C TYR P 79 -10.15 -17.68 38.30
N ALA P 80 -10.35 -18.92 37.96
CA ALA P 80 -11.25 -19.29 36.91
C ALA P 80 -12.70 -19.04 37.19
N TYR P 81 -13.12 -19.33 38.40
CA TYR P 81 -14.48 -19.15 38.76
C TYR P 81 -14.55 -17.99 39.70
N ASP P 82 -14.80 -18.25 40.96
CA ASP P 82 -14.80 -17.21 41.96
C ASP P 82 -14.19 -17.70 43.22
N ARG P 83 -13.78 -16.80 44.08
CA ARG P 83 -13.18 -17.30 45.30
C ARG P 83 -14.17 -18.18 46.06
N ARG P 84 -15.45 -17.79 46.08
CA ARG P 84 -16.42 -18.51 46.90
C ARG P 84 -16.83 -19.85 46.33
N ASP P 85 -16.31 -20.23 45.18
CA ASP P 85 -16.53 -21.56 44.63
C ASP P 85 -15.51 -22.60 45.10
N VAL P 86 -14.47 -22.21 45.80
CA VAL P 86 -13.46 -23.14 46.29
C VAL P 86 -13.94 -23.68 47.63
N THR P 87 -14.00 -24.99 47.78
CA THR P 87 -14.55 -25.57 48.99
C THR P 87 -13.61 -26.64 49.53
N GLY P 88 -13.81 -26.98 50.80
CA GLY P 88 -13.04 -28.08 51.38
C GLY P 88 -13.31 -29.39 50.68
N ARG P 89 -14.59 -29.68 50.45
CA ARG P 89 -14.98 -30.88 49.73
C ARG P 89 -14.18 -31.04 48.42
N GLN P 90 -14.10 -29.96 47.63
CA GLN P 90 -13.28 -29.99 46.42
C GLN P 90 -11.84 -30.39 46.71
N LEU P 91 -11.20 -29.74 47.67
CA LEU P 91 -9.80 -30.08 47.92
C LEU P 91 -9.65 -31.52 48.40
N ALA P 92 -10.49 -31.95 49.32
CA ALA P 92 -10.40 -33.32 49.79
C ALA P 92 -10.56 -34.31 48.64
N ASN P 93 -11.47 -34.01 47.72
CA ASN P 93 -11.70 -34.90 46.59
C ASN P 93 -10.46 -34.94 45.69
N VAL P 94 -9.86 -33.79 45.45
CA VAL P 94 -8.69 -33.73 44.59
C VAL P 94 -7.53 -34.47 45.21
N TYR P 95 -7.43 -34.42 46.53
CA TYR P 95 -6.38 -35.18 47.19
C TYR P 95 -6.65 -36.67 47.12
N ALA P 96 -7.91 -37.10 47.20
CA ALA P 96 -8.21 -38.52 47.11
C ALA P 96 -7.83 -39.08 45.75
N GLN P 97 -8.21 -38.39 44.66
CA GLN P 97 -7.68 -38.75 43.34
C GLN P 97 -6.18 -38.75 43.28
N THR P 98 -5.59 -37.73 43.85
CA THR P 98 -4.15 -37.60 43.64
C THR P 98 -3.43 -38.73 44.33
N LEU P 99 -3.75 -38.97 45.59
CA LEU P 99 -3.08 -40.05 46.29
C LEU P 99 -3.47 -41.42 45.75
N GLY P 100 -4.68 -41.58 45.21
CA GLY P 100 -5.01 -42.85 44.59
C GLY P 100 -4.09 -43.16 43.42
N THR P 101 -3.96 -42.19 42.53
CA THR P 101 -3.01 -42.39 41.43
C THR P 101 -1.60 -42.60 41.95
N ILE P 102 -1.15 -41.79 42.90
CA ILE P 102 0.21 -42.00 43.40
C ILE P 102 0.38 -43.41 43.93
N PHE P 103 -0.60 -43.87 44.71
CA PHE P 103 -0.50 -45.18 45.34
C PHE P 103 -0.44 -46.32 44.34
N THR P 104 -1.14 -46.19 43.21
CA THR P 104 -1.11 -47.31 42.29
C THR P 104 -0.08 -47.17 41.17
N GLU P 105 0.29 -45.96 40.76
CA GLU P 105 1.11 -45.81 39.56
C GLU P 105 2.50 -45.28 39.81
N GLN P 106 2.77 -44.68 40.95
CA GLN P 106 4.11 -44.14 41.18
C GLN P 106 5.10 -45.22 41.59
N ALA P 107 6.37 -44.88 41.56
CA ALA P 107 7.40 -45.87 41.88
C ALA P 107 7.25 -46.35 43.31
N LYS P 108 7.06 -45.41 44.22
CA LYS P 108 6.85 -45.68 45.62
C LYS P 108 5.60 -44.93 46.05
N PRO P 109 4.74 -45.53 46.84
CA PRO P 109 3.62 -44.77 47.39
C PRO P 109 4.10 -43.65 48.28
N TYR P 110 3.29 -42.60 48.38
CA TYR P 110 3.61 -41.54 49.30
C TYR P 110 3.29 -41.98 50.73
N GLU P 111 4.25 -41.80 51.63
CA GLU P 111 4.02 -42.09 53.04
C GLU P 111 3.47 -40.85 53.72
N VAL P 112 2.19 -40.54 53.41
CA VAL P 112 1.57 -39.34 53.94
C VAL P 112 0.16 -39.64 54.39
N GLU P 113 -0.33 -38.79 55.26
CA GLU P 113 -1.73 -38.74 55.61
C GLU P 113 -2.08 -37.27 55.66
N LEU P 114 -3.24 -36.91 55.11
CA LEU P 114 -3.63 -35.50 54.98
C LEU P 114 -4.94 -35.20 55.69
N CYS P 115 -5.08 -33.95 56.09
CA CYS P 115 -6.31 -33.40 56.64
C CYS P 115 -6.64 -32.09 55.96
N VAL P 116 -7.87 -31.96 55.46
CA VAL P 116 -8.39 -30.72 54.90
C VAL P 116 -9.54 -30.24 55.77
N ALA P 117 -9.49 -29.00 56.21
CA ALA P 117 -10.53 -28.46 57.09
C ALA P 117 -11.10 -27.17 56.51
N GLU P 118 -12.40 -26.95 56.72
CA GLU P 118 -13.06 -25.74 56.26
C GLU P 118 -14.00 -25.17 57.32
N VAL P 119 -13.99 -23.85 57.46
CA VAL P 119 -14.90 -23.14 58.35
C VAL P 119 -15.84 -22.27 57.54
N ALA P 120 -16.79 -21.68 58.25
CA ALA P 120 -17.80 -20.86 57.61
C ALA P 120 -17.19 -19.58 57.07
N HIS P 121 -17.89 -18.99 56.13
CA HIS P 121 -17.52 -17.65 55.73
C HIS P 121 -17.99 -16.66 56.77
N TYR P 122 -17.42 -15.46 56.75
CA TYR P 122 -17.68 -14.46 57.78
C TYR P 122 -19.15 -14.10 57.84
N GLY P 123 -19.71 -14.20 59.03
CA GLY P 123 -21.11 -13.91 59.30
C GLY P 123 -22.06 -14.99 58.88
N GLU P 124 -21.56 -16.12 58.39
CA GLU P 124 -22.39 -17.21 57.94
C GLU P 124 -22.30 -18.30 58.98
N THR P 125 -23.33 -19.12 59.07
CA THR P 125 -23.44 -20.11 60.12
C THR P 125 -23.39 -21.50 59.51
N LYS P 126 -22.24 -22.15 59.61
CA LYS P 126 -22.15 -23.52 59.14
C LYS P 126 -21.07 -24.22 59.96
N ARG P 127 -21.34 -25.45 60.37
CA ARG P 127 -20.41 -26.14 61.24
C ARG P 127 -19.17 -26.51 60.46
N PRO P 128 -18.01 -26.55 61.12
CA PRO P 128 -16.79 -26.92 60.41
C PRO P 128 -16.89 -28.26 59.73
N GLU P 129 -16.12 -28.41 58.65
CA GLU P 129 -15.99 -29.68 57.97
C GLU P 129 -14.54 -30.12 58.07
N LEU P 130 -14.35 -31.39 58.38
CA LEU P 130 -13.03 -32.02 58.46
C LEU P 130 -12.99 -33.23 57.55
N TYR P 131 -11.93 -33.34 56.78
CA TYR P 131 -11.73 -34.49 55.91
C TYR P 131 -10.37 -35.09 56.21
N ARG P 132 -10.32 -36.41 56.28
CA ARG P 132 -9.08 -37.14 56.34
C ARG P 132 -8.88 -37.88 55.02
N ILE P 133 -7.71 -37.72 54.41
CA ILE P 133 -7.32 -38.43 53.22
C ILE P 133 -6.12 -39.30 53.54
N THR P 134 -6.22 -40.59 53.24
CA THR P 134 -5.18 -41.55 53.58
C THR P 134 -4.30 -41.85 52.38
N TYR P 135 -3.25 -42.63 52.62
CA TYR P 135 -2.17 -42.76 51.62
C TYR P 135 -2.63 -43.42 50.32
N ASP P 136 -3.75 -44.13 50.32
CA ASP P 136 -4.25 -44.82 49.14
C ASP P 136 -5.43 -44.10 48.51
N GLY P 137 -5.74 -42.91 49.00
CA GLY P 137 -6.85 -42.14 48.50
C GLY P 137 -8.16 -42.38 49.19
N SER P 138 -8.18 -43.17 50.25
CA SER P 138 -9.41 -43.32 51.00
C SER P 138 -9.71 -42.03 51.73
N ILE P 139 -10.98 -41.64 51.70
CA ILE P 139 -11.37 -40.33 52.19
C ILE P 139 -12.49 -40.47 53.21
N ALA P 140 -12.38 -39.76 54.30
CA ALA P 140 -13.29 -39.87 55.42
C ALA P 140 -13.75 -38.49 55.81
N ASP P 141 -15.02 -38.39 56.13
CA ASP P 141 -15.64 -37.17 56.58
C ASP P 141 -15.76 -37.29 58.10
N GLU P 142 -15.16 -36.35 58.82
CA GLU P 142 -15.07 -36.40 60.27
C GLU P 142 -15.84 -35.25 60.88
N PRO P 143 -16.65 -35.49 61.88
CA PRO P 143 -17.44 -34.41 62.45
C PRO P 143 -16.75 -33.62 63.54
N HIS P 144 -15.85 -34.24 64.29
CA HIS P 144 -15.31 -33.55 65.45
C HIS P 144 -13.80 -33.42 65.44
N PHE P 145 -13.06 -34.49 65.15
CA PHE P 145 -11.61 -34.39 65.22
C PHE P 145 -10.96 -35.40 64.30
N VAL P 146 -9.68 -35.15 64.02
CA VAL P 146 -8.87 -35.96 63.12
C VAL P 146 -7.52 -36.19 63.79
N VAL P 147 -7.03 -37.42 63.71
CA VAL P 147 -5.72 -37.77 64.23
C VAL P 147 -4.94 -38.39 63.10
N MET P 148 -3.69 -37.94 62.92
CA MET P 148 -2.87 -38.45 61.84
C MET P 148 -1.45 -38.70 62.29
N GLY P 149 -0.89 -39.82 61.81
CA GLY P 149 0.53 -40.05 61.94
C GLY P 149 0.91 -40.63 63.26
N GLY P 150 1.97 -41.42 63.30
CA GLY P 150 2.47 -41.98 64.54
C GLY P 150 1.48 -42.93 65.16
N THR P 151 1.52 -42.99 66.48
CA THR P 151 0.67 -43.92 67.23
C THR P 151 -0.64 -43.22 67.54
N THR P 152 -1.60 -43.38 66.64
CA THR P 152 -2.81 -42.58 66.78
C THR P 152 -3.82 -43.19 67.74
N GLU P 153 -3.76 -44.47 68.06
CA GLU P 153 -4.91 -44.91 68.85
C GLU P 153 -4.92 -44.34 70.26
N PRO P 154 -3.79 -44.23 70.96
CA PRO P 154 -3.83 -43.51 72.23
C PRO P 154 -4.44 -42.14 72.10
N ILE P 155 -3.99 -41.37 71.10
CA ILE P 155 -4.42 -39.99 70.94
C ILE P 155 -5.91 -39.94 70.64
N ALA P 156 -6.37 -40.85 69.79
CA ALA P 156 -7.79 -40.92 69.49
C ALA P 156 -8.60 -41.24 70.73
N ASN P 157 -8.12 -42.16 71.57
CA ASN P 157 -8.91 -42.52 72.73
C ASN P 157 -8.96 -41.38 73.72
N ALA P 158 -7.83 -40.72 73.97
CA ALA P 158 -7.85 -39.55 74.82
C ALA P 158 -8.85 -38.52 74.28
N LEU P 159 -8.92 -38.32 72.96
CA LEU P 159 -9.90 -37.38 72.46
C LEU P 159 -11.32 -37.88 72.70
N LYS P 160 -11.56 -39.17 72.45
CA LYS P 160 -12.89 -39.73 72.64
C LYS P 160 -13.35 -39.59 74.08
N GLU P 161 -12.43 -39.59 75.03
CA GLU P 161 -12.83 -39.41 76.42
C GLU P 161 -12.86 -37.95 76.85
N SER P 162 -12.19 -37.05 76.13
CA SER P 162 -12.14 -35.67 76.54
C SER P 162 -12.76 -34.68 75.58
N TYR P 163 -13.11 -35.08 74.35
CA TYR P 163 -13.55 -34.09 73.40
C TYR P 163 -14.94 -33.64 73.75
N ALA P 164 -15.13 -32.32 73.75
CA ALA P 164 -16.43 -31.71 73.91
C ALA P 164 -16.63 -30.73 72.78
N GLU P 165 -17.81 -30.73 72.23
CA GLU P 165 -18.15 -29.83 71.17
C GLU P 165 -18.20 -28.42 71.67
N ASN P 166 -17.89 -27.48 70.80
CA ASN P 166 -17.95 -26.06 71.10
C ASN P 166 -17.14 -25.54 72.24
N ALA P 167 -15.98 -26.12 72.39
CA ALA P 167 -15.07 -25.67 73.43
C ALA P 167 -14.40 -24.37 73.03
N SER P 168 -13.86 -23.68 74.02
CA SER P 168 -13.12 -22.48 73.76
C SER P 168 -11.72 -22.81 73.23
N LEU P 169 -11.05 -21.80 72.70
CA LEU P 169 -9.75 -22.06 72.12
C LEU P 169 -8.81 -22.63 73.17
N THR P 170 -8.78 -22.01 74.36
CA THR P 170 -7.88 -22.45 75.41
C THR P 170 -8.17 -23.89 75.82
N ASP P 171 -9.45 -24.24 75.95
CA ASP P 171 -9.82 -25.60 76.30
C ASP P 171 -9.37 -26.57 75.24
N ALA P 172 -9.77 -26.34 73.99
CA ALA P 172 -9.49 -27.28 72.92
C ALA P 172 -8.01 -27.50 72.77
N LEU P 173 -7.22 -26.43 72.92
CA LEU P 173 -5.77 -26.56 72.80
C LEU P 173 -5.23 -27.48 73.87
N ARG P 174 -5.66 -27.33 75.12
CA ARG P 174 -5.13 -28.26 76.11
C ARG P 174 -5.62 -29.67 75.85
N ILE P 175 -6.88 -29.88 75.46
CA ILE P 175 -7.33 -31.24 75.20
C ILE P 175 -6.43 -31.87 74.15
N ALA P 176 -6.13 -31.09 73.12
CA ALA P 176 -5.32 -31.56 72.02
C ALA P 176 -3.94 -31.93 72.50
N VAL P 177 -3.29 -31.04 73.25
CA VAL P 177 -1.93 -31.32 73.73
C VAL P 177 -1.92 -32.51 74.65
N ALA P 178 -2.97 -32.65 75.46
CA ALA P 178 -3.09 -33.81 76.33
C ALA P 178 -3.08 -35.09 75.53
N ALA P 179 -3.94 -35.19 74.52
CA ALA P 179 -3.94 -36.42 73.73
C ALA P 179 -2.60 -36.62 73.02
N LEU P 180 -2.00 -35.54 72.54
CA LEU P 180 -0.72 -35.69 71.88
C LEU P 180 0.32 -36.26 72.83
N ARG P 181 0.40 -35.73 74.06
CA ARG P 181 1.28 -36.29 75.07
C ARG P 181 0.96 -37.75 75.35
N ALA P 182 -0.33 -38.07 75.44
CA ALA P 182 -0.76 -39.45 75.55
C ALA P 182 -0.32 -40.32 74.37
N GLY P 183 0.19 -39.72 73.30
CA GLY P 183 0.81 -40.53 72.25
C GLY P 183 2.32 -40.42 72.11
N SER P 184 3.01 -40.00 73.18
CA SER P 184 4.45 -39.75 73.15
C SER P 184 5.28 -40.87 72.51
N THR P 194 7.67 -34.10 77.58
CA THR P 194 6.87 -32.91 77.84
C THR P 194 6.97 -31.94 76.65
N LEU P 195 5.80 -31.53 76.14
CA LEU P 195 5.68 -30.80 74.87
C LEU P 195 5.34 -29.34 75.15
N GLY P 196 6.28 -28.45 74.88
CA GLY P 196 6.08 -27.02 75.02
C GLY P 196 6.01 -26.32 73.68
N VAL P 197 6.28 -25.01 73.72
CA VAL P 197 6.26 -24.23 72.48
C VAL P 197 7.32 -24.73 71.52
N ALA P 198 8.48 -25.16 72.03
CA ALA P 198 9.58 -25.56 71.17
C ALA P 198 9.32 -26.87 70.44
N SER P 199 8.28 -27.60 70.80
CA SER P 199 8.00 -28.85 70.11
C SER P 199 6.63 -28.86 69.43
N LEU P 200 5.91 -27.73 69.39
CA LEU P 200 4.59 -27.69 68.78
C LEU P 200 4.48 -26.62 67.70
N GLU P 201 3.73 -26.96 66.66
CA GLU P 201 3.25 -26.03 65.64
C GLU P 201 1.74 -25.98 65.77
N VAL P 202 1.19 -24.78 65.93
CA VAL P 202 -0.23 -24.61 66.21
C VAL P 202 -0.77 -23.56 65.25
N ALA P 203 -1.98 -23.78 64.77
CA ALA P 203 -2.62 -22.82 63.90
C ALA P 203 -4.12 -23.01 64.02
N VAL P 204 -4.87 -22.02 63.55
CA VAL P 204 -6.34 -22.10 63.57
C VAL P 204 -6.91 -21.62 62.25
N LEU P 205 -8.07 -22.18 61.91
CA LEU P 205 -9.03 -21.62 60.98
C LEU P 205 -10.03 -20.89 61.84
N ASP P 206 -9.92 -19.57 61.87
CA ASP P 206 -10.72 -18.70 62.72
C ASP P 206 -11.92 -18.23 61.92
N ALA P 207 -13.08 -18.79 62.21
CA ALA P 207 -14.28 -18.45 61.48
C ALA P 207 -14.67 -17.00 61.63
N ASN P 208 -14.06 -16.26 62.53
CA ASN P 208 -14.49 -14.89 62.72
C ASN P 208 -13.59 -13.89 62.03
N ARG P 209 -12.57 -14.35 61.34
CA ARG P 209 -11.80 -13.42 60.55
C ARG P 209 -12.57 -13.08 59.29
N PRO P 210 -12.56 -11.85 58.86
CA PRO P 210 -13.34 -11.43 57.69
C PRO P 210 -12.90 -12.07 56.37
N ARG P 211 -11.61 -11.99 56.07
CA ARG P 211 -11.12 -12.43 54.76
C ARG P 211 -10.55 -13.83 54.84
N ARG P 212 -9.33 -13.90 55.35
CA ARG P 212 -8.51 -15.09 55.41
C ARG P 212 -8.54 -15.64 56.82
N ALA P 213 -9.08 -16.85 56.98
CA ALA P 213 -9.34 -17.44 58.30
C ALA P 213 -8.12 -18.05 58.98
N PHE P 214 -7.06 -18.37 58.24
CA PHE P 214 -5.92 -19.08 58.80
C PHE P 214 -5.03 -18.14 59.56
N ARG P 215 -4.64 -18.53 60.77
CA ARG P 215 -3.67 -17.72 61.50
C ARG P 215 -2.87 -18.66 62.39
N ARG P 216 -1.55 -18.48 62.40
CA ARG P 216 -0.73 -19.27 63.29
C ARG P 216 -0.69 -18.65 64.68
N ILE P 217 -0.50 -19.49 65.67
CA ILE P 217 -0.34 -19.07 67.05
C ILE P 217 1.06 -19.54 67.45
N THR P 218 1.96 -18.59 67.65
CA THR P 218 3.37 -18.87 67.82
C THR P 218 3.91 -18.14 69.02
N GLY P 219 4.91 -18.76 69.65
CA GLY P 219 5.74 -18.08 70.63
C GLY P 219 4.98 -17.59 71.85
N SER P 220 5.19 -16.31 72.17
CA SER P 220 4.63 -15.74 73.38
C SER P 220 3.13 -15.91 73.45
N ALA P 221 2.43 -15.65 72.35
CA ALA P 221 0.99 -15.85 72.32
C ALA P 221 0.66 -17.31 72.57
N LEU P 222 1.45 -18.20 71.97
CA LEU P 222 1.22 -19.62 72.12
C LEU P 222 1.46 -20.03 73.56
N GLN P 223 2.58 -19.60 74.14
CA GLN P 223 2.84 -19.85 75.57
C GLN P 223 1.66 -19.40 76.41
N ALA P 224 1.25 -18.14 76.18
CA ALA P 224 0.19 -17.51 76.94
C ALA P 224 -1.05 -18.37 76.96
N LEU P 225 -1.41 -18.93 75.80
CA LEU P 225 -2.45 -19.94 75.76
C LEU P 225 -2.06 -21.17 76.57
N LEU P 226 -0.79 -21.54 76.51
CA LEU P 226 -0.37 -22.87 76.89
C LEU P 226 -0.42 -23.11 78.40
N VAL P 227 -0.12 -22.08 79.21
CA VAL P 227 -0.22 -22.29 80.65
C VAL P 227 -1.56 -21.80 81.18
N ASP P 228 -1.80 -20.49 81.10
CA ASP P 228 -3.12 -19.92 81.38
C ASP P 228 -3.31 -18.59 80.65
N MET Q 1 0.13 -63.83 32.10
CA MET Q 1 -1.12 -63.53 31.42
C MET Q 1 -2.34 -64.05 32.16
N GLU Q 2 -2.51 -65.38 32.17
CA GLU Q 2 -3.73 -65.93 32.75
C GLU Q 2 -3.79 -65.66 34.25
N GLN Q 3 -2.65 -65.72 34.94
CA GLN Q 3 -2.65 -65.52 36.37
C GLN Q 3 -2.70 -64.03 36.72
N ALA Q 4 -2.04 -63.20 35.93
CA ALA Q 4 -2.21 -61.77 36.10
C ALA Q 4 -3.69 -61.42 36.09
N MET Q 5 -4.41 -61.98 35.12
CA MET Q 5 -5.82 -61.66 35.00
C MET Q 5 -6.63 -62.23 36.15
N ARG Q 6 -6.31 -63.42 36.66
CA ARG Q 6 -7.15 -63.92 37.75
C ARG Q 6 -6.83 -63.21 39.06
N GLU Q 7 -5.59 -62.77 39.20
CA GLU Q 7 -5.21 -61.99 40.38
C GLU Q 7 -5.87 -60.61 40.36
N ARG Q 8 -5.92 -59.97 39.18
CA ARG Q 8 -6.63 -58.70 39.05
C ARG Q 8 -8.12 -58.88 39.32
N SER Q 9 -8.72 -59.91 38.75
CA SER Q 9 -10.14 -60.16 38.95
C SER Q 9 -10.46 -60.38 40.42
N GLU Q 10 -9.60 -61.10 41.15
CA GLU Q 10 -9.92 -61.33 42.55
C GLU Q 10 -9.61 -60.12 43.42
N LEU Q 11 -8.59 -59.32 43.10
CA LEU Q 11 -8.42 -58.07 43.84
C LEU Q 11 -9.65 -57.21 43.70
N ALA Q 12 -10.12 -57.00 42.47
CA ALA Q 12 -11.29 -56.15 42.29
C ALA Q 12 -12.52 -56.74 42.97
N ARG Q 13 -12.73 -58.04 42.81
CA ARG Q 13 -13.93 -58.65 43.37
C ARG Q 13 -13.94 -58.55 44.89
N LYS Q 14 -12.81 -58.80 45.52
CA LYS Q 14 -12.74 -58.66 46.97
C LYS Q 14 -12.96 -57.21 47.38
N GLY Q 15 -12.43 -56.26 46.60
CA GLY Q 15 -12.65 -54.87 46.92
C GLY Q 15 -14.12 -54.51 46.93
N ILE Q 16 -14.83 -54.95 45.90
CA ILE Q 16 -16.26 -54.65 45.83
C ILE Q 16 -17.01 -55.34 46.95
N ALA Q 17 -16.59 -56.57 47.29
CA ALA Q 17 -17.29 -57.29 48.36
C ALA Q 17 -17.14 -56.61 49.71
N ARG Q 18 -16.04 -55.88 49.96
CA ARG Q 18 -15.87 -55.15 51.21
C ARG Q 18 -16.62 -53.82 51.26
N ALA Q 19 -17.23 -53.39 50.18
CA ALA Q 19 -17.85 -52.08 50.16
C ALA Q 19 -19.34 -52.16 50.49
N LYS Q 20 -19.89 -51.00 50.83
CA LYS Q 20 -21.31 -50.88 51.13
C LYS Q 20 -22.13 -50.96 49.86
N SER Q 21 -23.39 -51.38 50.02
CA SER Q 21 -24.20 -51.81 48.88
C SER Q 21 -25.10 -50.71 48.34
N VAL Q 22 -25.49 -50.88 47.08
CA VAL Q 22 -26.32 -49.94 46.37
C VAL Q 22 -27.38 -50.73 45.62
N VAL Q 23 -28.59 -50.22 45.62
CA VAL Q 23 -29.66 -50.83 44.85
C VAL Q 23 -30.29 -49.72 44.04
N ALA Q 24 -30.68 -50.06 42.83
CA ALA Q 24 -31.46 -49.17 41.98
C ALA Q 24 -32.62 -49.98 41.47
N LEU Q 25 -33.83 -49.42 41.51
CA LEU Q 25 -34.95 -50.18 40.99
C LEU Q 25 -35.93 -49.25 40.30
N ALA Q 26 -36.63 -49.81 39.32
CA ALA Q 26 -37.67 -49.09 38.60
C ALA Q 26 -38.98 -49.09 39.38
N TYR Q 27 -39.62 -47.93 39.44
CA TYR Q 27 -40.91 -47.79 40.06
C TYR Q 27 -41.77 -46.91 39.15
N ALA Q 28 -43.00 -46.70 39.56
CA ALA Q 28 -43.99 -46.07 38.69
C ALA Q 28 -43.52 -44.71 38.18
N GLY Q 29 -42.77 -43.96 38.97
CA GLY Q 29 -42.38 -42.62 38.57
C GLY Q 29 -41.03 -42.52 37.91
N GLY Q 30 -40.34 -43.64 37.70
CA GLY Q 30 -39.03 -43.58 37.11
C GLY Q 30 -38.08 -44.58 37.74
N VAL Q 31 -36.92 -44.15 38.19
CA VAL Q 31 -35.95 -45.04 38.80
C VAL Q 31 -35.55 -44.49 40.15
N LEU Q 32 -35.41 -45.37 41.12
CA LEU Q 32 -35.05 -45.01 42.48
C LEU Q 32 -33.67 -45.57 42.81
N PHE Q 33 -32.81 -44.69 43.34
CA PHE Q 33 -31.47 -45.05 43.77
C PHE Q 33 -31.38 -44.97 45.28
N VAL Q 34 -30.98 -46.06 45.90
CA VAL Q 34 -30.85 -46.15 47.35
C VAL Q 34 -29.49 -46.75 47.67
N ALA Q 35 -28.70 -46.02 48.43
CA ALA Q 35 -27.35 -46.46 48.76
C ALA Q 35 -27.09 -46.38 50.25
N GLU Q 36 -26.38 -47.37 50.77
CA GLU Q 36 -25.86 -47.29 52.12
C GLU Q 36 -24.65 -46.36 52.11
N ASN Q 37 -24.77 -45.22 52.77
CA ASN Q 37 -23.73 -44.19 52.82
C ASN Q 37 -23.87 -43.32 54.08
N PRO Q 38 -23.12 -43.60 55.13
CA PRO Q 38 -23.06 -42.69 56.28
C PRO Q 38 -22.49 -41.30 55.96
N SER Q 39 -21.68 -41.15 54.91
CA SER Q 39 -21.08 -39.82 54.72
C SER Q 39 -22.15 -38.76 54.55
N ARG Q 40 -21.74 -37.54 54.79
CA ARG Q 40 -22.62 -36.39 54.69
C ARG Q 40 -22.52 -35.67 53.35
N SER Q 41 -21.31 -35.55 52.82
CA SER Q 41 -21.05 -34.81 51.60
C SER Q 41 -20.39 -35.63 50.50
N LEU Q 42 -19.99 -36.86 50.76
CA LEU Q 42 -19.36 -37.67 49.72
C LEU Q 42 -20.41 -38.62 49.16
N GLN Q 43 -20.80 -38.38 47.91
CA GLN Q 43 -21.94 -39.06 47.33
C GLN Q 43 -21.51 -40.16 46.37
N LYS Q 44 -22.34 -41.20 46.30
CA LYS Q 44 -22.14 -42.30 45.40
C LYS Q 44 -23.25 -42.42 44.37
N ILE Q 45 -24.22 -41.50 44.40
CA ILE Q 45 -25.28 -41.44 43.42
C ILE Q 45 -25.27 -40.05 42.84
N SER Q 46 -25.35 -39.95 41.52
CA SER Q 46 -25.20 -38.68 40.85
C SER Q 46 -26.01 -38.65 39.58
N GLU Q 47 -26.34 -37.43 39.18
CA GLU Q 47 -26.93 -37.14 37.89
C GLU Q 47 -25.84 -37.18 36.83
N LEU Q 48 -26.15 -37.79 35.68
CA LEU Q 48 -25.30 -37.70 34.50
C LEU Q 48 -25.86 -36.73 33.48
N TYR Q 49 -27.14 -36.86 33.12
CA TYR Q 49 -27.71 -35.98 32.13
C TYR Q 49 -29.20 -35.89 32.43
N ASP Q 50 -29.92 -35.12 31.61
CA ASP Q 50 -31.30 -34.75 31.90
C ASP Q 50 -32.10 -35.91 32.47
N ARG Q 51 -32.14 -37.04 31.76
CA ARG Q 51 -32.92 -38.19 32.20
C ARG Q 51 -32.06 -39.39 32.56
N VAL Q 52 -30.76 -39.20 32.82
CA VAL Q 52 -29.82 -40.30 33.00
C VAL Q 52 -29.13 -40.14 34.32
N GLY Q 53 -29.14 -41.20 35.13
CA GLY Q 53 -28.51 -41.19 36.43
C GLY Q 53 -27.49 -42.28 36.65
N PHE Q 54 -26.68 -42.10 37.69
CA PHE Q 54 -25.49 -42.89 37.98
C PHE Q 54 -25.43 -43.28 39.45
N ALA Q 55 -25.07 -44.53 39.72
CA ALA Q 55 -24.81 -44.99 41.06
C ALA Q 55 -23.65 -45.96 41.02
N ALA Q 56 -22.89 -46.03 42.11
CA ALA Q 56 -21.67 -46.81 42.06
C ALA Q 56 -21.38 -47.39 43.43
N ALA Q 57 -20.69 -48.52 43.43
CA ALA Q 57 -20.23 -49.14 44.66
C ALA Q 57 -18.73 -49.38 44.58
N GLY Q 58 -18.03 -49.22 45.69
CA GLY Q 58 -16.62 -49.53 45.65
C GLY Q 58 -15.71 -48.43 46.13
N LYS Q 59 -14.52 -48.31 45.56
CA LYS Q 59 -13.57 -47.31 46.02
C LYS Q 59 -13.99 -45.93 45.51
N PHE Q 60 -14.03 -44.94 46.41
CA PHE Q 60 -14.62 -43.66 46.07
C PHE Q 60 -13.83 -42.94 44.99
N ASN Q 61 -12.53 -42.78 45.15
CA ASN Q 61 -11.83 -41.97 44.17
C ASN Q 61 -11.99 -42.55 42.79
N GLU Q 62 -12.12 -43.88 42.71
CA GLU Q 62 -12.20 -44.54 41.42
C GLU Q 62 -13.55 -44.31 40.77
N PHE Q 63 -14.64 -44.57 41.47
CA PHE Q 63 -15.91 -44.34 40.80
C PHE Q 63 -16.24 -42.86 40.68
N ASP Q 64 -15.60 -41.97 41.45
CA ASP Q 64 -15.79 -40.56 41.20
C ASP Q 64 -15.06 -40.12 39.93
N ASN Q 65 -13.86 -40.65 39.68
CA ASN Q 65 -13.26 -40.41 38.36
C ASN Q 65 -14.17 -40.91 37.24
N LEU Q 66 -14.76 -42.10 37.39
CA LEU Q 66 -15.66 -42.57 36.33
C LEU Q 66 -16.89 -41.67 36.21
N ARG Q 67 -17.39 -41.17 37.34
CA ARG Q 67 -18.55 -40.29 37.29
C ARG Q 67 -18.22 -39.02 36.53
N ARG Q 68 -17.11 -38.40 36.84
CA ARG Q 68 -16.77 -37.16 36.15
C ARG Q 68 -16.55 -37.43 34.67
N GLY Q 69 -15.92 -38.55 34.35
CA GLY Q 69 -15.71 -38.85 32.95
C GLY Q 69 -17.02 -39.03 32.23
N GLY Q 70 -17.99 -39.65 32.89
CA GLY Q 70 -19.28 -39.81 32.24
C GLY Q 70 -19.99 -38.48 32.05
N ILE Q 71 -19.92 -37.59 33.03
CA ILE Q 71 -20.53 -36.30 32.85
C ILE Q 71 -19.86 -35.58 31.70
N GLN Q 72 -18.53 -35.68 31.60
CA GLN Q 72 -17.85 -35.01 30.50
C GLN Q 72 -18.30 -35.60 29.18
N PHE Q 73 -18.40 -36.92 29.11
CA PHE Q 73 -18.84 -37.56 27.88
C PHE Q 73 -20.22 -37.07 27.49
N ALA Q 74 -21.17 -37.09 28.41
CA ALA Q 74 -22.53 -36.71 28.07
C ALA Q 74 -22.62 -35.26 27.64
N ASP Q 75 -22.06 -34.34 28.43
CA ASP Q 75 -22.18 -32.93 28.06
C ASP Q 75 -21.50 -32.68 26.72
N THR Q 76 -20.37 -33.34 26.48
CA THR Q 76 -19.69 -33.22 25.20
C THR Q 76 -20.58 -33.66 24.06
N ARG Q 77 -21.26 -34.82 24.19
CA ARG Q 77 -22.12 -35.30 23.10
C ARG Q 77 -23.34 -34.42 22.89
N GLY Q 78 -24.02 -34.05 23.95
CA GLY Q 78 -25.18 -33.21 23.80
C GLY Q 78 -24.84 -31.90 23.17
N TYR Q 79 -23.67 -31.37 23.42
CA TYR Q 79 -23.22 -30.15 22.78
C TYR Q 79 -22.92 -30.32 21.28
N ALA Q 80 -22.28 -31.42 20.94
CA ALA Q 80 -21.93 -31.77 19.58
C ALA Q 80 -23.10 -32.08 18.73
N TYR Q 81 -24.06 -32.77 19.28
CA TYR Q 81 -25.26 -33.12 18.57
C TYR Q 81 -26.40 -32.39 19.18
N ASP Q 82 -27.16 -33.06 20.00
CA ASP Q 82 -28.25 -32.44 20.71
C ASP Q 82 -28.48 -33.10 22.01
N ARG Q 83 -29.14 -32.39 22.88
CA ARG Q 83 -29.34 -33.01 24.19
C ARG Q 83 -30.09 -34.33 24.03
N ARG Q 84 -31.18 -34.32 23.28
CA ARG Q 84 -32.01 -35.50 23.13
C ARG Q 84 -31.27 -36.69 22.52
N ASP Q 85 -30.05 -36.51 22.04
CA ASP Q 85 -29.27 -37.61 21.49
C ASP Q 85 -28.47 -38.37 22.54
N VAL Q 86 -28.37 -37.86 23.75
CA VAL Q 86 -27.63 -38.54 24.79
C VAL Q 86 -28.56 -39.53 25.47
N THR Q 87 -28.15 -40.78 25.52
CA THR Q 87 -29.00 -41.85 26.03
C THR Q 87 -28.27 -42.66 27.08
N GLY Q 88 -29.05 -43.36 27.92
CA GLY Q 88 -28.46 -44.20 28.94
C GLY Q 88 -27.63 -45.31 28.34
N ARG Q 89 -28.11 -45.91 27.26
CA ARG Q 89 -27.35 -46.97 26.61
C ARG Q 89 -25.97 -46.49 26.17
N GLN Q 90 -25.90 -45.28 25.61
CA GLN Q 90 -24.60 -44.73 25.22
C GLN Q 90 -23.64 -44.71 26.41
N LEU Q 91 -24.04 -44.07 27.51
CA LEU Q 91 -23.16 -43.97 28.66
C LEU Q 91 -22.79 -45.34 29.23
N ALA Q 92 -23.75 -46.27 29.31
CA ALA Q 92 -23.40 -47.60 29.76
C ALA Q 92 -22.33 -48.20 28.85
N ASN Q 93 -22.43 -47.94 27.54
CA ASN Q 93 -21.44 -48.49 26.63
C ASN Q 93 -20.06 -47.86 26.87
N VAL Q 94 -20.01 -46.56 27.08
CA VAL Q 94 -18.72 -45.92 27.28
C VAL Q 94 -18.10 -46.41 28.57
N TYR Q 95 -18.93 -46.64 29.58
CA TYR Q 95 -18.41 -47.16 30.84
C TYR Q 95 -17.86 -48.56 30.68
N ALA Q 96 -18.54 -49.38 29.87
CA ALA Q 96 -18.05 -50.73 29.61
C ALA Q 96 -16.70 -50.69 28.92
N GLN Q 97 -16.58 -49.85 27.89
CA GLN Q 97 -15.32 -49.71 27.21
C GLN Q 97 -14.24 -49.23 28.15
N THR Q 98 -14.57 -48.22 28.97
CA THR Q 98 -13.59 -47.58 29.83
C THR Q 98 -13.11 -48.53 30.90
N LEU Q 99 -14.04 -49.25 31.53
CA LEU Q 99 -13.67 -50.20 32.56
C LEU Q 99 -12.93 -51.41 31.99
N GLY Q 100 -13.21 -51.81 30.76
CA GLY Q 100 -12.39 -52.85 30.15
C GLY Q 100 -10.95 -52.40 30.00
N THR Q 101 -10.77 -51.20 29.44
CA THR Q 101 -9.42 -50.66 29.32
C THR Q 101 -8.74 -50.52 30.68
N ILE Q 102 -9.43 -49.95 31.66
CA ILE Q 102 -8.83 -49.80 32.98
C ILE Q 102 -8.43 -51.17 33.50
N PHE Q 103 -9.33 -52.13 33.37
CA PHE Q 103 -9.14 -53.45 33.98
C PHE Q 103 -7.95 -54.17 33.38
N THR Q 104 -7.65 -53.95 32.11
CA THR Q 104 -6.52 -54.68 31.53
C THR Q 104 -5.23 -53.88 31.49
N GLU Q 105 -5.25 -52.55 31.44
CA GLU Q 105 -4.02 -51.79 31.16
C GLU Q 105 -3.51 -50.88 32.28
N GLN Q 106 -4.31 -50.54 33.27
CA GLN Q 106 -3.82 -49.69 34.33
C GLN Q 106 -3.09 -50.49 35.40
N ALA Q 107 -2.37 -49.78 36.26
CA ALA Q 107 -1.54 -50.45 37.28
C ALA Q 107 -2.36 -51.32 38.20
N LYS Q 108 -3.52 -50.83 38.65
CA LYS Q 108 -4.42 -51.60 39.48
C LYS Q 108 -5.82 -51.52 38.87
N PRO Q 109 -6.59 -52.60 38.88
CA PRO Q 109 -7.97 -52.51 38.42
C PRO Q 109 -8.79 -51.63 39.34
N TYR Q 110 -9.85 -51.04 38.80
CA TYR Q 110 -10.78 -50.27 39.60
C TYR Q 110 -11.68 -51.22 40.38
N GLU Q 111 -11.79 -51.00 41.69
CA GLU Q 111 -12.67 -51.79 42.53
C GLU Q 111 -14.03 -51.10 42.59
N VAL Q 112 -14.76 -51.14 41.48
CA VAL Q 112 -16.02 -50.42 41.38
C VAL Q 112 -17.04 -51.28 40.66
N GLU Q 113 -18.30 -50.99 40.92
CA GLU Q 113 -19.38 -51.56 40.15
C GLU Q 113 -20.37 -50.45 39.89
N LEU Q 114 -20.82 -50.30 38.65
CA LEU Q 114 -21.57 -49.11 38.28
C LEU Q 114 -22.96 -49.49 37.82
N CYS Q 115 -23.86 -48.54 38.00
CA CYS Q 115 -25.21 -48.59 37.46
C CYS Q 115 -25.48 -47.31 36.70
N VAL Q 116 -25.91 -47.45 35.46
CA VAL Q 116 -26.38 -46.33 34.66
C VAL Q 116 -27.85 -46.58 34.40
N ALA Q 117 -28.71 -45.60 34.69
CA ALA Q 117 -30.15 -45.73 34.55
C ALA Q 117 -30.75 -44.59 33.74
N GLU Q 118 -31.80 -44.91 32.97
CA GLU Q 118 -32.47 -43.89 32.16
C GLU Q 118 -33.98 -44.00 32.32
N VAL Q 119 -34.64 -42.85 32.41
CA VAL Q 119 -36.09 -42.76 32.43
C VAL Q 119 -36.58 -42.03 31.19
N ALA Q 120 -37.88 -42.05 30.98
CA ALA Q 120 -38.46 -41.43 29.82
C ALA Q 120 -38.32 -39.92 29.86
N HIS Q 121 -38.36 -39.32 28.67
CA HIS Q 121 -38.51 -37.88 28.58
C HIS Q 121 -39.95 -37.48 28.89
N TYR Q 122 -40.14 -36.19 29.22
CA TYR Q 122 -41.44 -35.74 29.68
C TYR Q 122 -42.53 -35.96 28.62
N GLY Q 123 -43.66 -36.51 29.05
CA GLY Q 123 -44.77 -36.75 28.16
C GLY Q 123 -44.61 -37.95 27.26
N GLU Q 124 -43.58 -38.75 27.48
CA GLU Q 124 -43.33 -39.95 26.71
C GLU Q 124 -43.52 -41.19 27.58
N THR Q 125 -43.87 -42.26 26.94
CA THR Q 125 -44.12 -43.52 27.61
C THR Q 125 -43.04 -44.46 27.10
N LYS Q 126 -42.02 -44.67 27.91
CA LYS Q 126 -40.90 -45.53 27.57
C LYS Q 126 -40.43 -46.14 28.87
N ARG Q 127 -40.36 -47.46 28.90
CA ARG Q 127 -40.03 -48.12 30.15
C ARG Q 127 -38.60 -47.75 30.54
N PRO Q 128 -38.34 -47.53 31.83
CA PRO Q 128 -36.98 -47.25 32.26
C PRO Q 128 -36.03 -48.39 31.88
N GLU Q 129 -34.75 -48.03 31.71
CA GLU Q 129 -33.68 -48.99 31.41
C GLU Q 129 -32.67 -48.94 32.54
N LEU Q 130 -32.20 -50.11 33.00
CA LEU Q 130 -31.15 -50.14 34.00
C LEU Q 130 -29.98 -50.92 33.44
N TYR Q 131 -28.78 -50.41 33.64
CA TYR Q 131 -27.58 -51.07 33.15
C TYR Q 131 -26.60 -51.24 34.28
N ARG Q 132 -25.96 -52.40 34.30
CA ARG Q 132 -24.95 -52.74 35.28
C ARG Q 132 -23.63 -52.96 34.56
N ILE Q 133 -22.60 -52.20 34.91
CA ILE Q 133 -21.26 -52.41 34.38
C ILE Q 133 -20.36 -52.85 35.53
N THR Q 134 -19.65 -53.95 35.36
CA THR Q 134 -18.79 -54.49 36.41
C THR Q 134 -17.34 -54.14 36.15
N TYR Q 135 -16.46 -54.54 37.07
CA TYR Q 135 -15.09 -54.03 37.08
C TYR Q 135 -14.30 -54.37 35.83
N ASP Q 136 -14.73 -55.36 35.04
CA ASP Q 136 -14.00 -55.81 33.86
C ASP Q 136 -14.61 -55.34 32.55
N GLY Q 137 -15.61 -54.48 32.59
CA GLY Q 137 -16.31 -54.04 31.40
C GLY Q 137 -17.48 -54.90 31.00
N SER Q 138 -17.81 -55.91 31.79
CA SER Q 138 -19.01 -56.68 31.50
C SER Q 138 -20.21 -55.80 31.71
N ILE Q 139 -21.17 -55.89 30.83
CA ILE Q 139 -22.32 -55.00 30.87
C ILE Q 139 -23.55 -55.88 30.81
N ALA Q 140 -24.57 -55.49 31.56
CA ALA Q 140 -25.81 -56.23 31.66
C ALA Q 140 -26.98 -55.28 31.59
N ASP Q 141 -28.01 -55.70 30.89
CA ASP Q 141 -29.25 -54.95 30.77
C ASP Q 141 -30.21 -55.54 31.79
N GLU Q 142 -30.85 -54.72 32.59
CA GLU Q 142 -31.79 -55.22 33.59
C GLU Q 142 -33.10 -54.48 33.53
N PRO Q 143 -34.20 -55.12 33.91
CA PRO Q 143 -35.48 -54.46 33.82
C PRO Q 143 -36.10 -54.01 35.09
N HIS Q 144 -35.72 -54.59 36.20
CA HIS Q 144 -36.34 -54.21 37.44
C HIS Q 144 -35.44 -53.58 38.44
N PHE Q 145 -34.29 -54.18 38.65
CA PHE Q 145 -33.38 -53.67 39.62
C PHE Q 145 -31.96 -54.08 39.35
N VAL Q 146 -31.08 -53.39 40.02
CA VAL Q 146 -29.65 -53.61 39.98
C VAL Q 146 -29.17 -53.59 41.40
N VAL Q 147 -28.32 -54.54 41.74
CA VAL Q 147 -27.71 -54.62 43.05
C VAL Q 147 -26.21 -54.61 42.86
N MET Q 148 -25.52 -53.81 43.66
CA MET Q 148 -24.08 -53.66 43.51
C MET Q 148 -23.44 -53.57 44.88
N GLY Q 149 -22.28 -54.18 45.02
CA GLY Q 149 -21.50 -53.92 46.22
C GLY Q 149 -21.84 -54.87 47.35
N GLY Q 150 -20.83 -55.14 48.18
CA GLY Q 150 -21.08 -55.98 49.31
C GLY Q 150 -21.50 -57.38 48.90
N THR Q 151 -22.32 -57.97 49.77
CA THR Q 151 -22.81 -59.33 49.62
C THR Q 151 -24.08 -59.28 48.78
N THR Q 152 -23.96 -59.57 47.49
CA THR Q 152 -25.06 -59.21 46.59
C THR Q 152 -26.23 -60.17 46.70
N GLU Q 153 -25.98 -61.48 46.77
CA GLU Q 153 -27.07 -62.46 46.65
C GLU Q 153 -28.15 -62.34 47.73
N PRO Q 154 -27.85 -62.03 49.00
CA PRO Q 154 -28.94 -61.75 49.95
C PRO Q 154 -29.84 -60.61 49.50
N ILE Q 155 -29.25 -59.49 49.09
CA ILE Q 155 -30.02 -58.32 48.73
C ILE Q 155 -30.79 -58.56 47.45
N ALA Q 156 -30.12 -59.15 46.45
CA ALA Q 156 -30.76 -59.45 45.18
C ALA Q 156 -31.95 -60.39 45.37
N ASN Q 157 -31.79 -61.43 46.19
CA ASN Q 157 -32.92 -62.33 46.38
C ASN Q 157 -34.03 -61.67 47.19
N ALA Q 158 -33.67 -60.91 48.23
CA ALA Q 158 -34.68 -60.18 48.96
C ALA Q 158 -35.51 -59.33 48.00
N LEU Q 159 -34.87 -58.65 47.06
CA LEU Q 159 -35.63 -57.90 46.07
C LEU Q 159 -36.37 -58.83 45.11
N LYS Q 160 -35.82 -60.01 44.83
CA LYS Q 160 -36.49 -60.91 43.90
C LYS Q 160 -37.84 -61.33 44.46
N GLU Q 161 -37.95 -61.47 45.78
CA GLU Q 161 -39.27 -61.82 46.31
C GLU Q 161 -40.13 -60.57 46.48
N SER Q 162 -39.53 -59.48 46.93
CA SER Q 162 -40.31 -58.31 47.30
C SER Q 162 -40.64 -57.37 46.15
N TYR Q 163 -40.06 -57.55 44.96
CA TYR Q 163 -40.24 -56.56 43.89
C TYR Q 163 -41.53 -56.79 43.13
N ALA Q 164 -42.15 -55.67 42.80
CA ALA Q 164 -43.35 -55.63 42.00
C ALA Q 164 -43.22 -54.43 41.08
N GLU Q 165 -43.66 -54.55 39.84
CA GLU Q 165 -43.54 -53.43 38.93
C GLU Q 165 -44.47 -52.28 39.27
N ASN Q 166 -44.09 -51.09 38.87
CA ASN Q 166 -44.88 -49.89 39.07
C ASN Q 166 -45.29 -49.60 40.48
N ALA Q 167 -44.39 -49.85 41.41
CA ALA Q 167 -44.67 -49.56 42.79
C ALA Q 167 -44.56 -48.10 43.05
N SER Q 168 -45.26 -47.65 44.04
CA SER Q 168 -45.18 -46.25 44.42
C SER Q 168 -43.81 -45.92 44.98
N LEU Q 169 -43.54 -44.61 45.11
CA LEU Q 169 -42.24 -44.18 45.60
C LEU Q 169 -41.99 -44.68 47.00
N THR Q 170 -42.95 -44.51 47.91
CA THR Q 170 -42.76 -44.95 49.28
C THR Q 170 -42.61 -46.46 49.37
N ASP Q 171 -43.45 -47.20 48.63
CA ASP Q 171 -43.35 -48.65 48.64
C ASP Q 171 -42.02 -49.13 48.10
N ALA Q 172 -41.60 -48.58 46.96
CA ALA Q 172 -40.32 -48.97 46.40
C ALA Q 172 -39.19 -48.64 47.37
N LEU Q 173 -39.29 -47.48 48.02
CA LEU Q 173 -38.26 -47.07 48.96
C LEU Q 173 -38.14 -48.06 50.11
N ARG Q 174 -39.25 -48.53 50.66
CA ARG Q 174 -39.12 -49.46 51.78
C ARG Q 174 -38.78 -50.88 51.31
N ILE Q 175 -39.22 -51.28 50.11
CA ILE Q 175 -38.76 -52.54 49.55
C ILE Q 175 -37.24 -52.51 49.43
N ALA Q 176 -36.71 -51.38 48.97
CA ALA Q 176 -35.28 -51.27 48.74
C ALA Q 176 -34.52 -51.34 50.04
N VAL Q 177 -34.91 -50.54 51.03
CA VAL Q 177 -34.18 -50.54 52.29
C VAL Q 177 -34.30 -51.90 52.99
N ALA Q 178 -35.48 -52.52 52.90
CA ALA Q 178 -35.63 -53.86 53.44
C ALA Q 178 -34.61 -54.80 52.82
N ALA Q 179 -34.56 -54.83 51.49
CA ALA Q 179 -33.59 -55.71 50.83
C ALA Q 179 -32.17 -55.37 51.24
N LEU Q 180 -31.89 -54.08 51.45
CA LEU Q 180 -30.55 -53.68 51.89
C LEU Q 180 -30.19 -54.28 53.24
N ARG Q 181 -31.14 -54.36 54.18
CA ARG Q 181 -30.80 -54.94 55.48
C ARG Q 181 -30.60 -56.45 55.38
N ALA Q 182 -31.20 -57.10 54.39
CA ALA Q 182 -31.03 -58.53 54.20
C ALA Q 182 -29.63 -58.93 53.74
N LEU Q 195 -31.07 -48.29 59.75
CA LEU Q 195 -30.85 -47.49 58.54
C LEU Q 195 -31.83 -46.32 58.49
N GLY Q 196 -31.29 -45.10 58.48
CA GLY Q 196 -32.11 -43.90 58.39
C GLY Q 196 -31.45 -42.82 57.56
N VAL Q 197 -31.91 -41.57 57.67
CA VAL Q 197 -31.43 -40.51 56.79
C VAL Q 197 -29.96 -40.18 57.05
N ALA Q 198 -29.51 -40.29 58.31
CA ALA Q 198 -28.08 -40.08 58.54
C ALA Q 198 -27.22 -41.20 58.00
N SER Q 199 -27.83 -42.33 57.58
CA SER Q 199 -27.08 -43.47 57.06
C SER Q 199 -27.44 -43.88 55.63
N LEU Q 200 -28.31 -43.17 54.92
CA LEU Q 200 -28.70 -43.53 53.56
C LEU Q 200 -28.52 -42.35 52.63
N GLU Q 201 -28.21 -42.66 51.37
CA GLU Q 201 -28.27 -41.69 50.29
C GLU Q 201 -29.36 -42.13 49.32
N VAL Q 202 -30.33 -41.24 49.07
CA VAL Q 202 -31.51 -41.57 48.26
C VAL Q 202 -31.66 -40.51 47.18
N ALA Q 203 -31.97 -40.96 45.97
CA ALA Q 203 -32.26 -40.03 44.89
C ALA Q 203 -33.15 -40.73 43.90
N VAL Q 204 -33.75 -39.93 43.04
CA VAL Q 204 -34.72 -40.46 42.09
C VAL Q 204 -34.50 -39.85 40.71
N LEU Q 205 -34.74 -40.65 39.69
CA LEU Q 205 -35.00 -40.17 38.35
C LEU Q 205 -36.51 -40.14 38.18
N ASP Q 206 -37.06 -38.94 38.27
CA ASP Q 206 -38.49 -38.70 38.28
C ASP Q 206 -38.96 -38.39 36.87
N ALA Q 207 -39.59 -39.36 36.22
CA ALA Q 207 -40.00 -39.18 34.82
C ALA Q 207 -41.03 -38.08 34.65
N ASN Q 208 -41.54 -37.51 35.73
CA ASN Q 208 -42.56 -36.47 35.61
C ASN Q 208 -42.00 -35.08 35.84
N ARG Q 209 -40.69 -34.95 36.01
CA ARG Q 209 -40.09 -33.62 35.90
C ARG Q 209 -39.94 -33.21 34.45
N PRO Q 210 -40.15 -31.93 34.14
CA PRO Q 210 -40.15 -31.51 32.74
C PRO Q 210 -38.78 -31.62 32.08
N ARG Q 211 -37.70 -31.13 32.70
CA ARG Q 211 -36.40 -31.16 32.04
C ARG Q 211 -35.40 -32.07 32.75
N ARG Q 212 -34.83 -31.66 33.88
CA ARG Q 212 -33.88 -32.48 34.61
C ARG Q 212 -34.61 -33.41 35.57
N ALA Q 213 -34.49 -34.72 35.33
CA ALA Q 213 -35.24 -35.70 36.09
C ALA Q 213 -34.65 -36.04 37.45
N PHE Q 214 -33.36 -35.75 37.69
CA PHE Q 214 -32.67 -36.19 38.90
C PHE Q 214 -33.00 -35.34 40.11
N ARG Q 215 -33.32 -35.99 41.21
CA ARG Q 215 -33.70 -35.28 42.42
C ARG Q 215 -33.17 -36.06 43.59
N ARG Q 216 -32.49 -35.41 44.53
CA ARG Q 216 -32.10 -36.09 45.74
C ARG Q 216 -33.25 -36.01 46.74
N ILE Q 217 -33.33 -36.98 47.63
CA ILE Q 217 -34.29 -36.93 48.73
C ILE Q 217 -33.47 -36.94 50.02
N THR Q 218 -33.47 -35.81 50.71
CA THR Q 218 -32.52 -35.56 51.77
C THR Q 218 -33.22 -35.08 53.02
N GLY Q 219 -32.68 -35.49 54.17
CA GLY Q 219 -33.03 -34.88 55.44
C GLY Q 219 -34.50 -35.05 55.82
N SER Q 220 -35.12 -33.91 56.17
CA SER Q 220 -36.48 -33.90 56.70
C SER Q 220 -37.43 -34.59 55.73
N ALA Q 221 -37.27 -34.29 54.44
CA ALA Q 221 -38.10 -34.90 53.41
C ALA Q 221 -37.88 -36.41 53.33
N LEU Q 222 -36.62 -36.87 53.42
CA LEU Q 222 -36.37 -38.30 53.31
C LEU Q 222 -36.93 -39.04 54.49
N GLN Q 223 -36.72 -38.54 55.70
CA GLN Q 223 -37.33 -39.23 56.82
C GLN Q 223 -38.84 -39.25 56.66
N ALA Q 224 -39.42 -38.11 56.24
CA ALA Q 224 -40.85 -38.07 55.93
C ALA Q 224 -41.24 -39.22 55.01
N LEU Q 225 -40.51 -39.39 53.92
CA LEU Q 225 -40.88 -40.42 52.96
C LEU Q 225 -40.65 -41.81 53.52
N LEU Q 226 -39.66 -41.95 54.40
CA LEU Q 226 -39.37 -43.24 55.00
C LEU Q 226 -40.49 -43.69 55.92
N VAL Q 227 -41.07 -42.74 56.68
CA VAL Q 227 -42.03 -43.07 57.72
C VAL Q 227 -43.47 -43.09 57.21
N ASP Q 228 -43.77 -42.41 56.08
CA ASP Q 228 -45.15 -42.15 55.74
C ASP Q 228 -45.84 -43.39 55.16
N GLN Q 229 -47.16 -43.38 55.25
CA GLN Q 229 -48.03 -44.52 54.99
C GLN Q 229 -48.81 -44.30 53.71
N MET R 1 8.31 -66.44 25.52
CA MET R 1 7.34 -66.17 24.47
C MET R 1 6.41 -67.30 24.08
N GLU R 2 6.98 -68.45 23.69
CA GLU R 2 6.16 -69.56 23.25
C GLU R 2 5.02 -69.78 24.22
N GLN R 3 5.30 -69.73 25.51
CA GLN R 3 4.19 -69.89 26.44
C GLN R 3 3.49 -68.57 26.75
N ALA R 4 4.10 -67.43 26.45
CA ALA R 4 3.31 -66.20 26.48
C ALA R 4 2.22 -66.24 25.42
N MET R 5 2.58 -66.62 24.19
CA MET R 5 1.59 -66.74 23.15
C MET R 5 0.64 -67.89 23.42
N ARG R 6 1.11 -68.94 24.08
CA ARG R 6 0.24 -70.06 24.35
C ARG R 6 -0.83 -69.70 25.37
N GLU R 7 -0.49 -68.97 26.44
CA GLU R 7 -1.56 -68.54 27.33
C GLU R 7 -2.37 -67.38 26.76
N ARG R 8 -1.80 -66.46 25.99
CA ARG R 8 -2.71 -65.52 25.34
C ARG R 8 -3.76 -66.28 24.51
N SER R 9 -3.31 -67.27 23.75
CA SER R 9 -4.25 -68.07 22.97
C SER R 9 -5.26 -68.78 23.85
N GLU R 10 -4.82 -69.33 24.98
CA GLU R 10 -5.78 -70.08 25.76
C GLU R 10 -6.78 -69.15 26.45
N LEU R 11 -6.31 -68.00 26.94
CA LEU R 11 -7.24 -67.04 27.52
C LEU R 11 -8.32 -66.66 26.52
N ALA R 12 -7.92 -66.39 25.28
CA ALA R 12 -8.94 -66.03 24.29
C ALA R 12 -9.88 -67.19 24.03
N ARG R 13 -9.34 -68.37 23.77
CA ARG R 13 -10.18 -69.50 23.37
C ARG R 13 -11.20 -69.83 24.44
N LYS R 14 -10.79 -69.79 25.71
CA LYS R 14 -11.71 -70.12 26.79
C LYS R 14 -12.73 -69.03 27.02
N GLY R 15 -12.33 -67.77 26.83
CA GLY R 15 -13.33 -66.70 26.84
C GLY R 15 -14.42 -66.93 25.80
N ILE R 16 -14.02 -67.21 24.55
CA ILE R 16 -15.00 -67.40 23.50
C ILE R 16 -15.82 -68.64 23.75
N ALA R 17 -15.18 -69.66 24.30
CA ALA R 17 -15.90 -70.89 24.58
C ALA R 17 -16.98 -70.65 25.62
N ARG R 18 -16.79 -69.68 26.52
CA ARG R 18 -17.81 -69.39 27.51
C ARG R 18 -18.93 -68.47 27.00
N ALA R 19 -18.88 -67.96 25.79
CA ALA R 19 -19.82 -66.94 25.37
C ALA R 19 -20.94 -67.55 24.56
N LYS R 20 -22.03 -66.80 24.44
CA LYS R 20 -23.19 -67.28 23.71
C LYS R 20 -22.88 -67.26 22.22
N SER R 21 -23.59 -68.10 21.47
CA SER R 21 -23.24 -68.42 20.10
C SER R 21 -24.00 -67.58 19.07
N VAL R 22 -23.41 -67.45 17.90
CA VAL R 22 -23.96 -66.65 16.83
C VAL R 22 -23.83 -67.48 15.57
N VAL R 23 -24.84 -67.41 14.71
CA VAL R 23 -24.83 -68.10 13.43
C VAL R 23 -25.13 -67.09 12.34
N ALA R 24 -24.45 -67.23 11.23
CA ALA R 24 -24.78 -66.50 10.01
C ALA R 24 -24.85 -67.52 8.91
N LEU R 25 -25.89 -67.47 8.09
CA LEU R 25 -25.93 -68.42 6.99
C LEU R 25 -26.54 -67.74 5.79
N ALA R 26 -26.11 -68.19 4.61
CA ALA R 26 -26.65 -67.68 3.37
C ALA R 26 -27.95 -68.38 3.06
N TYR R 27 -28.91 -67.60 2.58
CA TYR R 27 -30.15 -68.18 2.12
C TYR R 27 -30.52 -67.47 0.83
N ALA R 28 -31.66 -67.87 0.27
CA ALA R 28 -32.07 -67.42 -1.07
C ALA R 28 -32.14 -65.90 -1.19
N GLY R 29 -32.51 -65.20 -0.13
CA GLY R 29 -32.65 -63.76 -0.17
C GLY R 29 -31.46 -62.97 0.32
N GLY R 30 -30.36 -63.63 0.67
CA GLY R 30 -29.21 -62.90 1.17
C GLY R 30 -28.48 -63.60 2.30
N VAL R 31 -28.26 -62.91 3.43
CA VAL R 31 -27.58 -63.51 4.57
C VAL R 31 -28.42 -63.28 5.81
N LEU R 32 -28.51 -64.30 6.66
CA LEU R 32 -29.29 -64.26 7.90
C LEU R 32 -28.36 -64.36 9.10
N PHE R 33 -28.52 -63.45 10.07
CA PHE R 33 -27.77 -63.46 11.31
C PHE R 33 -28.73 -63.79 12.42
N VAL R 34 -28.39 -64.80 13.21
CA VAL R 34 -29.20 -65.21 14.34
C VAL R 34 -28.26 -65.40 15.53
N ALA R 35 -28.49 -64.66 16.60
CA ALA R 35 -27.62 -64.72 17.77
C ALA R 35 -28.43 -64.88 19.04
N GLU R 36 -27.89 -65.68 19.96
CA GLU R 36 -28.41 -65.76 21.31
C GLU R 36 -28.05 -64.46 22.01
N ASN R 37 -29.06 -63.70 22.39
CA ASN R 37 -28.85 -62.39 23.00
C ASN R 37 -30.05 -62.11 23.90
N PRO R 38 -29.90 -62.30 25.21
CA PRO R 38 -30.98 -61.94 26.14
C PRO R 38 -31.27 -60.46 26.17
N SER R 39 -30.29 -59.60 25.88
CA SER R 39 -30.46 -58.17 26.05
C SER R 39 -31.56 -57.59 25.19
N ARG R 40 -32.16 -56.53 25.71
CA ARG R 40 -33.12 -55.76 24.94
C ARG R 40 -32.43 -54.79 23.99
N SER R 41 -31.32 -54.17 24.44
CA SER R 41 -30.73 -53.06 23.71
C SER R 41 -29.24 -53.19 23.36
N LEU R 42 -28.55 -54.24 23.78
CA LEU R 42 -27.14 -54.40 23.45
C LEU R 42 -27.03 -55.37 22.28
N GLN R 43 -26.49 -54.91 21.16
CA GLN R 43 -26.56 -55.65 19.91
C GLN R 43 -25.26 -56.38 19.61
N LYS R 44 -25.37 -57.63 19.18
CA LYS R 44 -24.26 -58.42 18.67
C LYS R 44 -24.22 -58.41 17.15
N ILE R 45 -25.21 -57.83 16.49
CA ILE R 45 -25.29 -57.82 15.04
C ILE R 45 -25.51 -56.39 14.58
N SER R 46 -24.84 -56.01 13.49
CA SER R 46 -24.84 -54.61 13.11
C SER R 46 -24.61 -54.46 11.62
N GLU R 47 -25.08 -53.34 11.09
CA GLU R 47 -24.74 -52.93 9.74
C GLU R 47 -23.32 -52.38 9.75
N LEU R 48 -22.53 -52.72 8.73
CA LEU R 48 -21.26 -52.06 8.48
C LEU R 48 -21.37 -51.12 7.30
N TYR R 49 -21.90 -51.58 6.17
CA TYR R 49 -22.02 -50.70 5.04
C TYR R 49 -23.19 -51.22 4.23
N ASP R 50 -23.48 -50.56 3.11
CA ASP R 50 -24.68 -50.81 2.32
C ASP R 50 -25.02 -52.28 2.25
N ARG R 51 -24.09 -53.09 1.75
CA ARG R 51 -24.34 -54.52 1.54
C ARG R 51 -23.49 -55.37 2.46
N VAL R 52 -22.97 -54.79 3.54
CA VAL R 52 -22.02 -55.48 4.41
C VAL R 52 -22.54 -55.46 5.82
N GLY R 53 -22.58 -56.65 6.45
CA GLY R 53 -23.03 -56.81 7.80
C GLY R 53 -21.97 -57.44 8.69
N PHE R 54 -22.22 -57.35 9.98
CA PHE R 54 -21.27 -57.70 11.01
C PHE R 54 -21.97 -58.50 12.10
N ALA R 55 -21.35 -59.57 12.60
CA ALA R 55 -21.86 -60.21 13.80
C ALA R 55 -20.69 -60.71 14.64
N ALA R 56 -20.89 -60.79 15.94
CA ALA R 56 -19.74 -61.05 16.79
C ALA R 56 -20.13 -61.86 18.01
N ALA R 57 -19.17 -62.61 18.52
CA ALA R 57 -19.32 -63.36 19.76
C ALA R 57 -18.19 -63.05 20.73
N GLY R 58 -18.50 -63.06 22.00
CA GLY R 58 -17.43 -62.86 22.93
C GLY R 58 -17.72 -61.76 23.92
N LYS R 59 -16.69 -61.05 24.32
CA LYS R 59 -16.82 -59.96 25.27
C LYS R 59 -17.38 -58.73 24.56
N PHE R 60 -18.44 -58.16 25.10
CA PHE R 60 -19.17 -57.12 24.38
C PHE R 60 -18.32 -55.89 24.15
N ASN R 61 -17.65 -55.40 25.18
CA ASN R 61 -16.92 -54.16 24.99
C ASN R 61 -15.86 -54.32 23.92
N GLU R 62 -15.28 -55.50 23.83
CA GLU R 62 -14.22 -55.69 22.86
C GLU R 62 -14.77 -55.79 21.44
N PHE R 63 -15.78 -56.62 21.22
CA PHE R 63 -16.24 -56.64 19.84
C PHE R 63 -17.02 -55.39 19.47
N ASP R 64 -17.46 -54.61 20.44
CA ASP R 64 -18.05 -53.33 20.08
C ASP R 64 -16.98 -52.35 19.62
N ASN R 65 -15.82 -52.37 20.27
CA ASN R 65 -14.73 -51.60 19.71
C ASN R 65 -14.45 -52.03 18.29
N LEU R 66 -14.44 -53.33 18.03
CA LEU R 66 -14.18 -53.77 16.65
C LEU R 66 -15.28 -53.35 15.70
N ARG R 67 -16.53 -53.38 16.14
CA ARG R 67 -17.64 -52.98 15.27
C ARG R 67 -17.49 -51.52 14.86
N ARG R 68 -17.24 -50.64 15.83
CA ARG R 68 -17.06 -49.22 15.55
C ARG R 68 -15.84 -48.97 14.69
N GLY R 69 -14.77 -49.73 14.91
CA GLY R 69 -13.58 -49.53 14.09
C GLY R 69 -13.83 -49.90 12.65
N GLY R 70 -14.64 -50.93 12.43
CA GLY R 70 -15.00 -51.28 11.08
C GLY R 70 -15.90 -50.26 10.43
N ILE R 71 -16.85 -49.72 11.19
CA ILE R 71 -17.69 -48.68 10.64
C ILE R 71 -16.87 -47.45 10.30
N GLN R 72 -15.95 -47.08 11.18
CA GLN R 72 -15.08 -45.96 10.85
C GLN R 72 -14.29 -46.24 9.58
N PHE R 73 -13.73 -47.44 9.48
CA PHE R 73 -12.97 -47.79 8.27
C PHE R 73 -13.84 -47.70 7.03
N ALA R 74 -14.98 -48.36 7.05
CA ALA R 74 -15.81 -48.44 5.86
C ALA R 74 -16.28 -47.06 5.42
N ASP R 75 -16.77 -46.26 6.36
CA ASP R 75 -17.27 -44.94 6.01
C ASP R 75 -16.18 -44.05 5.46
N THR R 76 -14.99 -44.12 6.07
CA THR R 76 -13.85 -43.36 5.56
C THR R 76 -13.45 -43.81 4.16
N ARG R 77 -13.41 -45.11 3.91
CA ARG R 77 -13.03 -45.60 2.58
C ARG R 77 -14.07 -45.22 1.54
N GLY R 78 -15.35 -45.34 1.86
CA GLY R 78 -16.36 -44.89 0.92
C GLY R 78 -16.30 -43.41 0.64
N TYR R 79 -15.99 -42.59 1.63
CA TYR R 79 -15.88 -41.18 1.39
C TYR R 79 -14.69 -40.81 0.52
N ALA R 80 -13.58 -41.47 0.76
CA ALA R 80 -12.37 -41.26 0.03
C ALA R 80 -12.40 -41.70 -1.38
N TYR R 81 -13.07 -42.80 -1.63
CA TYR R 81 -13.19 -43.34 -2.96
C TYR R 81 -14.62 -43.29 -3.38
N ASP R 82 -15.32 -44.39 -3.26
CA ASP R 82 -16.74 -44.44 -3.54
C ASP R 82 -17.41 -45.50 -2.77
N ARG R 83 -18.70 -45.40 -2.63
CA ARG R 83 -19.36 -46.38 -1.83
C ARG R 83 -19.17 -47.76 -2.36
N ARG R 84 -19.19 -47.89 -3.68
CA ARG R 84 -19.09 -49.20 -4.30
C ARG R 84 -17.79 -49.90 -3.93
N ASP R 85 -16.73 -49.12 -3.84
CA ASP R 85 -15.45 -49.65 -3.56
C ASP R 85 -15.32 -50.35 -2.24
N VAL R 86 -16.18 -50.10 -1.28
CA VAL R 86 -16.10 -50.78 -0.01
C VAL R 86 -16.66 -52.15 -0.14
N THR R 87 -15.88 -53.15 0.21
CA THR R 87 -16.28 -54.53 0.09
C THR R 87 -16.17 -55.30 1.38
N GLY R 88 -16.82 -56.43 1.42
CA GLY R 88 -16.74 -57.31 2.56
C GLY R 88 -15.38 -57.89 2.74
N ARG R 89 -14.73 -58.24 1.66
CA ARG R 89 -13.42 -58.80 1.73
C ARG R 89 -12.54 -57.77 2.37
N GLN R 90 -12.76 -56.51 2.04
CA GLN R 90 -11.98 -55.44 2.62
C GLN R 90 -12.13 -55.37 4.13
N LEU R 91 -13.37 -55.33 4.61
CA LEU R 91 -13.53 -55.26 6.05
C LEU R 91 -12.96 -56.51 6.69
N ALA R 92 -13.20 -57.67 6.11
CA ALA R 92 -12.65 -58.89 6.70
C ALA R 92 -11.15 -58.78 6.83
N ASN R 93 -10.50 -58.23 5.81
CA ASN R 93 -9.05 -58.09 5.81
C ASN R 93 -8.60 -57.14 6.91
N VAL R 94 -9.34 -56.04 7.10
CA VAL R 94 -8.95 -55.11 8.15
C VAL R 94 -9.14 -55.74 9.51
N TYR R 95 -10.14 -56.57 9.66
CA TYR R 95 -10.34 -57.24 10.95
C TYR R 95 -9.25 -58.25 11.22
N ALA R 96 -8.78 -58.94 10.18
CA ALA R 96 -7.65 -59.84 10.39
C ALA R 96 -6.45 -59.05 10.87
N GLN R 97 -6.14 -57.94 10.20
CA GLN R 97 -5.01 -57.12 10.59
C GLN R 97 -5.17 -56.58 12.00
N THR R 98 -6.35 -56.07 12.31
CA THR R 98 -6.53 -55.42 13.59
C THR R 98 -6.45 -56.43 14.71
N LEU R 99 -7.15 -57.55 14.58
CA LEU R 99 -7.10 -58.54 15.64
C LEU R 99 -5.74 -59.17 15.78
N GLY R 100 -4.97 -59.26 14.69
CA GLY R 100 -3.61 -59.73 14.81
C GLY R 100 -2.78 -58.80 15.67
N THR R 101 -2.83 -57.51 15.36
CA THR R 101 -2.13 -56.54 16.19
C THR R 101 -2.61 -56.62 17.62
N ILE R 102 -3.93 -56.62 17.83
CA ILE R 102 -4.47 -56.73 19.17
C ILE R 102 -3.92 -57.96 19.86
N PHE R 103 -3.92 -59.10 19.16
CA PHE R 103 -3.55 -60.37 19.77
C PHE R 103 -2.12 -60.39 20.23
N THR R 104 -1.23 -59.68 19.53
CA THR R 104 0.16 -59.73 19.94
C THR R 104 0.56 -58.60 20.86
N GLU R 105 -0.03 -57.43 20.73
CA GLU R 105 0.49 -56.23 21.37
C GLU R 105 -0.35 -55.66 22.49
N GLN R 106 -1.62 -56.04 22.59
CA GLN R 106 -2.47 -55.48 23.62
C GLN R 106 -2.17 -56.13 24.97
N ALA R 107 -2.57 -55.45 26.05
CA ALA R 107 -2.31 -56.00 27.38
C ALA R 107 -2.99 -57.35 27.55
N LYS R 108 -4.24 -57.45 27.12
CA LYS R 108 -4.95 -58.69 27.12
C LYS R 108 -5.55 -58.87 25.74
N PRO R 109 -5.46 -60.06 25.17
CA PRO R 109 -6.09 -60.29 23.88
C PRO R 109 -7.60 -60.15 23.92
N TYR R 110 -8.17 -59.82 22.78
CA TYR R 110 -9.62 -59.72 22.70
C TYR R 110 -10.24 -61.12 22.71
N GLU R 111 -11.21 -61.33 23.59
CA GLU R 111 -11.94 -62.59 23.61
C GLU R 111 -13.14 -62.47 22.68
N VAL R 112 -12.85 -62.46 21.39
CA VAL R 112 -13.86 -62.15 20.39
C VAL R 112 -13.73 -63.07 19.19
N GLU R 113 -14.83 -63.28 18.48
CA GLU R 113 -14.85 -63.92 17.18
C GLU R 113 -15.81 -63.14 16.28
N LEU R 114 -15.42 -62.89 15.05
CA LEU R 114 -16.12 -62.00 14.15
C LEU R 114 -16.60 -62.72 12.90
N CYS R 115 -17.70 -62.20 12.36
CA CYS R 115 -18.23 -62.56 11.06
C CYS R 115 -18.51 -61.30 10.25
N VAL R 116 -17.99 -61.25 9.04
CA VAL R 116 -18.29 -60.18 8.08
C VAL R 116 -18.98 -60.81 6.89
N ALA R 117 -20.13 -60.27 6.50
CA ALA R 117 -20.92 -60.86 5.42
C ALA R 117 -21.30 -59.83 4.37
N GLU R 118 -21.32 -60.25 3.11
CA GLU R 118 -21.66 -59.36 2.01
C GLU R 118 -22.65 -60.02 1.05
N VAL R 119 -23.65 -59.25 0.64
CA VAL R 119 -24.61 -59.68 -0.35
C VAL R 119 -24.45 -58.82 -1.59
N ALA R 120 -25.17 -59.20 -2.63
CA ALA R 120 -25.06 -58.53 -3.90
C ALA R 120 -25.62 -57.11 -3.81
N HIS R 121 -25.17 -56.26 -4.72
CA HIS R 121 -25.90 -55.01 -4.82
C HIS R 121 -27.23 -55.25 -5.52
N TYR R 122 -28.17 -54.35 -5.31
CA TYR R 122 -29.52 -54.60 -5.79
C TYR R 122 -29.53 -54.88 -7.29
N GLY R 123 -30.19 -55.96 -7.68
CA GLY R 123 -30.29 -56.33 -9.07
C GLY R 123 -29.06 -56.98 -9.68
N GLU R 124 -28.06 -57.31 -8.87
CA GLU R 124 -26.86 -57.93 -9.39
C GLU R 124 -26.85 -59.38 -8.94
N THR R 125 -26.15 -60.19 -9.67
CA THR R 125 -26.16 -61.62 -9.41
C THR R 125 -24.76 -61.99 -8.94
N LYS R 126 -24.60 -62.15 -7.64
CA LYS R 126 -23.33 -62.51 -7.03
C LYS R 126 -23.64 -63.35 -5.80
N ARG R 127 -22.94 -64.46 -5.68
CA ARG R 127 -23.15 -65.30 -4.53
C ARG R 127 -22.73 -64.56 -3.27
N PRO R 128 -23.47 -64.70 -2.17
CA PRO R 128 -23.09 -64.07 -0.90
C PRO R 128 -21.72 -64.54 -0.39
N GLU R 129 -21.07 -63.68 0.40
CA GLU R 129 -19.79 -64.01 1.00
C GLU R 129 -19.89 -63.95 2.52
N LEU R 130 -19.31 -64.94 3.18
CA LEU R 130 -19.19 -64.99 4.63
C LEU R 130 -17.73 -65.15 5.01
N TYR R 131 -17.27 -64.33 5.93
CA TYR R 131 -15.90 -64.38 6.39
C TYR R 131 -15.92 -64.53 7.88
N ARG R 132 -15.05 -65.37 8.41
CA ARG R 132 -14.95 -65.54 9.84
C ARG R 132 -13.53 -65.22 10.26
N ILE R 133 -13.40 -64.32 11.25
CA ILE R 133 -12.10 -63.86 11.74
C ILE R 133 -12.06 -64.19 13.23
N THR R 134 -11.03 -64.90 13.64
CA THR R 134 -10.90 -65.37 15.00
C THR R 134 -9.94 -64.49 15.79
N TYR R 135 -9.77 -64.78 17.07
CA TYR R 135 -9.10 -63.84 17.98
C TYR R 135 -7.67 -63.52 17.62
N ASP R 136 -7.02 -64.34 16.83
CA ASP R 136 -5.64 -64.06 16.46
C ASP R 136 -5.54 -63.48 15.06
N GLY R 137 -6.64 -63.14 14.44
CA GLY R 137 -6.57 -62.61 13.10
C GLY R 137 -6.64 -63.66 12.02
N SER R 138 -6.87 -64.92 12.39
CA SER R 138 -7.05 -65.92 11.36
C SER R 138 -8.34 -65.65 10.65
N ILE R 139 -8.32 -65.78 9.34
CA ILE R 139 -9.47 -65.44 8.52
C ILE R 139 -9.77 -66.61 7.59
N ALA R 140 -11.05 -66.95 7.48
CA ALA R 140 -11.48 -68.04 6.63
C ALA R 140 -12.71 -67.60 5.84
N ASP R 141 -12.74 -67.99 4.60
CA ASP R 141 -13.80 -67.67 3.66
C ASP R 141 -14.72 -68.89 3.60
N GLU R 142 -16.00 -68.71 3.96
CA GLU R 142 -16.95 -69.82 4.09
C GLU R 142 -18.14 -69.68 3.16
N PRO R 143 -18.55 -70.74 2.52
CA PRO R 143 -19.52 -70.61 1.44
C PRO R 143 -20.97 -70.64 1.87
N HIS R 144 -21.29 -71.30 2.99
CA HIS R 144 -22.68 -71.50 3.37
C HIS R 144 -23.05 -70.90 4.72
N PHE R 145 -22.22 -71.12 5.75
CA PHE R 145 -22.59 -70.64 7.06
C PHE R 145 -21.34 -70.48 7.89
N VAL R 146 -21.48 -69.72 8.98
CA VAL R 146 -20.45 -69.42 9.95
C VAL R 146 -21.03 -69.57 11.34
N VAL R 147 -20.26 -70.20 12.22
CA VAL R 147 -20.65 -70.37 13.60
C VAL R 147 -19.58 -69.75 14.48
N MET R 148 -19.99 -68.99 15.49
CA MET R 148 -19.06 -68.33 16.37
C MET R 148 -19.51 -68.43 17.81
N GLY R 149 -18.56 -68.72 18.70
CA GLY R 149 -18.85 -68.61 20.12
C GLY R 149 -19.38 -69.89 20.74
N GLY R 150 -19.13 -70.01 22.04
CA GLY R 150 -19.67 -71.16 22.73
C GLY R 150 -19.09 -72.46 22.22
N THR R 151 -19.91 -73.49 22.29
CA THR R 151 -19.54 -74.81 21.80
C THR R 151 -19.96 -74.88 20.34
N THR R 152 -18.99 -74.64 19.45
CA THR R 152 -19.29 -74.49 18.02
C THR R 152 -19.47 -75.83 17.32
N GLU R 153 -18.68 -76.84 17.67
CA GLU R 153 -18.71 -78.14 16.99
C GLU R 153 -20.12 -78.71 16.83
N PRO R 154 -20.96 -78.76 17.87
CA PRO R 154 -22.32 -79.29 17.65
C PRO R 154 -23.11 -78.48 16.66
N ILE R 155 -23.04 -77.17 16.77
CA ILE R 155 -23.82 -76.33 15.89
C ILE R 155 -23.37 -76.53 14.46
N ALA R 156 -22.06 -76.58 14.24
CA ALA R 156 -21.55 -76.80 12.90
C ALA R 156 -22.03 -78.13 12.35
N ASN R 157 -22.07 -79.19 13.17
CA ASN R 157 -22.55 -80.46 12.62
C ASN R 157 -24.03 -80.41 12.29
N ALA R 158 -24.83 -79.80 13.17
CA ALA R 158 -26.25 -79.61 12.87
C ALA R 158 -26.45 -78.86 11.56
N LEU R 159 -25.67 -77.81 11.32
CA LEU R 159 -25.81 -77.09 10.07
C LEU R 159 -25.31 -77.92 8.89
N LYS R 160 -24.25 -78.71 9.09
CA LYS R 160 -23.77 -79.55 8.00
C LYS R 160 -24.83 -80.54 7.57
N GLU R 161 -25.72 -80.93 8.48
CA GLU R 161 -26.74 -81.91 8.12
C GLU R 161 -28.09 -81.31 7.76
N SER R 162 -28.41 -80.09 8.19
CA SER R 162 -29.71 -79.54 7.82
C SER R 162 -29.66 -78.44 6.78
N TYR R 163 -28.47 -77.93 6.43
CA TYR R 163 -28.39 -76.77 5.54
C TYR R 163 -28.59 -77.17 4.09
N ALA R 164 -29.43 -76.41 3.41
CA ALA R 164 -29.60 -76.46 1.96
C ALA R 164 -29.51 -75.05 1.43
N GLU R 165 -28.82 -74.87 0.31
CA GLU R 165 -28.74 -73.54 -0.28
C GLU R 165 -30.12 -73.05 -0.67
N ASN R 166 -30.18 -71.82 -1.19
CA ASN R 166 -31.40 -71.14 -1.61
C ASN R 166 -32.68 -71.48 -0.82
N ALA R 167 -32.56 -71.68 0.48
CA ALA R 167 -33.72 -71.90 1.31
C ALA R 167 -34.53 -70.62 1.50
N SER R 168 -35.76 -70.78 1.95
CA SER R 168 -36.55 -69.59 2.24
C SER R 168 -36.11 -68.98 3.56
N LEU R 169 -36.60 -67.77 3.81
CA LEU R 169 -36.25 -67.09 5.05
C LEU R 169 -36.71 -67.89 6.26
N THR R 170 -37.95 -68.37 6.25
CA THR R 170 -38.42 -69.12 7.41
C THR R 170 -37.67 -70.43 7.55
N ASP R 171 -37.39 -71.14 6.45
CA ASP R 171 -36.63 -72.39 6.56
C ASP R 171 -35.24 -72.13 7.13
N ALA R 172 -34.57 -71.10 6.65
CA ALA R 172 -33.23 -70.78 7.15
C ALA R 172 -33.24 -70.44 8.64
N LEU R 173 -34.21 -69.63 9.07
CA LEU R 173 -34.28 -69.28 10.50
C LEU R 173 -34.56 -70.51 11.35
N ARG R 174 -35.48 -71.36 10.89
CA ARG R 174 -35.71 -72.64 11.54
C ARG R 174 -34.40 -73.39 11.75
N ILE R 175 -33.68 -73.63 10.66
CA ILE R 175 -32.45 -74.42 10.73
C ILE R 175 -31.45 -73.76 11.67
N ALA R 176 -31.33 -72.43 11.59
CA ALA R 176 -30.37 -71.70 12.40
C ALA R 176 -30.68 -71.86 13.87
N VAL R 177 -31.95 -71.69 14.22
CA VAL R 177 -32.33 -71.85 15.62
C VAL R 177 -32.08 -73.28 16.07
N ALA R 178 -32.33 -74.25 15.20
CA ALA R 178 -32.07 -75.64 15.57
C ALA R 178 -30.60 -75.86 15.92
N ALA R 179 -29.70 -75.47 15.02
CA ALA R 179 -28.29 -75.69 15.27
C ALA R 179 -27.85 -74.98 16.53
N LEU R 180 -28.37 -73.77 16.77
CA LEU R 180 -28.05 -73.06 18.00
C LEU R 180 -28.53 -73.84 19.21
N ARG R 181 -29.70 -74.50 19.12
CA ARG R 181 -30.16 -75.38 20.20
C ARG R 181 -29.16 -76.46 20.47
N ALA R 182 -28.49 -76.98 19.45
CA ALA R 182 -27.59 -78.09 19.69
C ALA R 182 -26.37 -77.72 20.53
N GLY R 183 -26.42 -76.64 21.30
CA GLY R 183 -25.26 -76.13 22.00
C GLY R 183 -25.50 -75.80 23.47
N LEU R 195 -35.44 -70.96 23.24
CA LEU R 195 -35.02 -69.88 22.34
C LEU R 195 -36.21 -69.26 21.61
N GLY R 196 -36.90 -68.35 22.27
CA GLY R 196 -37.96 -67.57 21.67
C GLY R 196 -37.47 -66.20 21.26
N VAL R 197 -38.44 -65.30 21.08
CA VAL R 197 -38.11 -63.92 20.72
C VAL R 197 -37.23 -63.29 21.78
N ALA R 198 -37.58 -63.48 23.05
CA ALA R 198 -36.90 -62.76 24.12
C ALA R 198 -35.43 -63.15 24.27
N SER R 199 -34.98 -64.21 23.61
CA SER R 199 -33.58 -64.60 23.74
C SER R 199 -32.80 -64.52 22.43
N LEU R 200 -33.40 -64.04 21.33
CA LEU R 200 -32.73 -64.01 20.04
C LEU R 200 -32.67 -62.62 19.45
N GLU R 201 -31.56 -62.33 18.78
CA GLU R 201 -31.41 -61.16 17.94
C GLU R 201 -31.24 -61.64 16.50
N VAL R 202 -32.13 -61.18 15.62
CA VAL R 202 -32.17 -61.65 14.24
C VAL R 202 -32.14 -60.46 13.31
N ALA R 203 -31.38 -60.58 12.23
CA ALA R 203 -31.37 -59.57 11.19
C ALA R 203 -30.96 -60.23 9.90
N VAL R 204 -31.19 -59.53 8.78
CA VAL R 204 -30.83 -60.05 7.48
C VAL R 204 -30.13 -58.96 6.68
N LEU R 205 -29.26 -59.40 5.80
CA LEU R 205 -28.81 -58.62 4.68
C LEU R 205 -29.69 -59.03 3.51
N ASP R 206 -30.61 -58.14 3.14
CA ASP R 206 -31.68 -58.39 2.18
C ASP R 206 -31.26 -57.92 0.79
N ALA R 207 -30.88 -58.85 -0.08
CA ALA R 207 -30.39 -58.50 -1.39
C ALA R 207 -31.44 -57.82 -2.25
N ASN R 208 -32.70 -57.94 -1.89
CA ASN R 208 -33.78 -57.32 -2.63
C ASN R 208 -33.97 -55.87 -2.22
N ARG R 209 -33.32 -55.42 -1.16
CA ARG R 209 -33.44 -54.02 -0.81
C ARG R 209 -32.57 -53.19 -1.74
N PRO R 210 -33.05 -52.02 -2.13
CA PRO R 210 -32.37 -51.24 -3.18
C PRO R 210 -30.99 -50.68 -2.82
N ARG R 211 -30.83 -50.04 -1.68
CA ARG R 211 -29.53 -49.50 -1.27
C ARG R 211 -29.02 -50.22 -0.03
N ARG R 212 -29.59 -49.91 1.14
CA ARG R 212 -29.12 -50.46 2.41
C ARG R 212 -29.82 -51.77 2.72
N ALA R 213 -29.04 -52.84 2.76
CA ALA R 213 -29.57 -54.18 2.90
C ALA R 213 -29.88 -54.59 4.33
N PHE R 214 -29.28 -53.97 5.32
CA PHE R 214 -29.39 -54.48 6.68
C PHE R 214 -30.77 -54.18 7.22
N ARG R 215 -31.40 -55.20 7.79
CA ARG R 215 -32.71 -55.02 8.37
C ARG R 215 -32.87 -55.98 9.54
N ARG R 216 -33.32 -55.49 10.68
CA ARG R 216 -33.60 -56.33 11.85
C ARG R 216 -34.99 -56.90 11.75
N ILE R 217 -35.16 -58.07 12.36
CA ILE R 217 -36.46 -58.70 12.48
C ILE R 217 -36.75 -58.83 13.97
N THR R 218 -37.69 -58.02 14.45
CA THR R 218 -37.93 -57.89 15.88
C THR R 218 -39.41 -58.03 16.21
N GLY R 219 -39.64 -58.55 17.40
CA GLY R 219 -40.95 -58.56 18.02
C GLY R 219 -41.93 -59.41 17.25
N SER R 220 -43.11 -58.82 16.99
CA SER R 220 -44.19 -59.56 16.35
C SER R 220 -43.75 -60.10 15.00
N ALA R 221 -43.03 -59.29 14.24
CA ALA R 221 -42.52 -59.74 12.96
C ALA R 221 -41.65 -60.98 13.13
N LEU R 222 -40.82 -60.98 14.18
CA LEU R 222 -39.93 -62.11 14.37
C LEU R 222 -40.71 -63.38 14.70
N GLN R 223 -41.51 -63.37 15.77
CA GLN R 223 -42.24 -64.58 16.14
C GLN R 223 -43.17 -65.04 15.05
N ALA R 224 -43.59 -64.12 14.17
CA ALA R 224 -44.36 -64.52 13.02
C ALA R 224 -43.65 -65.60 12.21
N LEU R 225 -42.31 -65.66 12.28
CA LEU R 225 -41.53 -66.56 11.43
C LEU R 225 -40.99 -67.79 12.15
N LEU R 226 -41.60 -68.21 13.26
CA LEU R 226 -41.13 -69.43 13.96
C LEU R 226 -42.18 -70.54 14.09
N MET S 1 18.29 -63.65 26.24
CA MET S 1 18.68 -63.01 25.00
C MET S 1 18.83 -64.05 23.89
N GLU S 2 19.75 -65.00 24.06
CA GLU S 2 19.86 -66.11 23.11
C GLU S 2 18.60 -66.95 23.10
N GLN S 3 18.01 -67.18 24.28
CA GLN S 3 16.81 -68.00 24.33
C GLN S 3 15.62 -67.30 23.67
N ALA S 4 15.48 -65.99 23.87
CA ALA S 4 14.38 -65.28 23.23
C ALA S 4 14.40 -65.49 21.71
N MET S 5 15.57 -65.34 21.08
CA MET S 5 15.63 -65.51 19.64
C MET S 5 15.39 -66.96 19.25
N ARG S 6 15.84 -67.89 20.08
CA ARG S 6 15.56 -69.29 19.83
C ARG S 6 14.05 -69.55 19.81
N GLU S 7 13.32 -68.99 20.78
CA GLU S 7 11.87 -69.19 20.82
C GLU S 7 11.16 -68.46 19.69
N ARG S 8 11.58 -67.25 19.36
CA ARG S 8 10.98 -66.59 18.22
C ARG S 8 11.17 -67.43 16.97
N SER S 9 12.37 -67.96 16.79
CA SER S 9 12.63 -68.81 15.66
C SER S 9 11.72 -70.03 15.65
N GLU S 10 11.48 -70.64 16.82
CA GLU S 10 10.67 -71.86 16.79
C GLU S 10 9.18 -71.57 16.64
N LEU S 11 8.72 -70.47 17.20
CA LEU S 11 7.35 -70.08 16.98
C LEU S 11 7.11 -69.88 15.49
N ALA S 12 7.98 -69.10 14.85
CA ALA S 12 7.79 -68.85 13.42
C ALA S 12 7.93 -70.10 12.57
N ARG S 13 8.88 -70.98 12.92
CA ARG S 13 9.09 -72.21 12.15
C ARG S 13 7.87 -73.11 12.24
N LYS S 14 7.29 -73.26 13.43
CA LYS S 14 6.09 -74.07 13.56
C LYS S 14 4.89 -73.42 12.90
N GLY S 15 4.76 -72.11 13.03
CA GLY S 15 3.68 -71.46 12.33
C GLY S 15 3.69 -71.78 10.85
N ILE S 16 4.86 -71.63 10.22
CA ILE S 16 4.95 -71.87 8.79
C ILE S 16 4.73 -73.34 8.48
N ALA S 17 5.19 -74.23 9.35
CA ALA S 17 4.99 -75.66 9.14
C ALA S 17 3.50 -76.02 9.14
N ARG S 18 2.71 -75.40 10.02
CA ARG S 18 1.28 -75.66 10.01
C ARG S 18 0.56 -75.14 8.78
N ALA S 19 1.22 -74.35 7.93
CA ALA S 19 0.51 -73.65 6.88
C ALA S 19 0.49 -74.46 5.58
N LYS S 20 -0.42 -74.10 4.69
CA LYS S 20 -0.46 -74.79 3.41
C LYS S 20 0.69 -74.33 2.52
N SER S 21 1.00 -75.14 1.51
CA SER S 21 2.23 -74.96 0.76
C SER S 21 2.00 -74.15 -0.51
N VAL S 22 3.06 -73.51 -0.97
CA VAL S 22 3.05 -72.66 -2.14
C VAL S 22 4.30 -72.96 -2.95
N VAL S 23 4.15 -72.97 -4.26
CA VAL S 23 5.25 -73.21 -5.19
C VAL S 23 5.38 -72.07 -6.20
N ALA S 24 6.61 -71.66 -6.48
CA ALA S 24 6.88 -70.75 -7.59
C ALA S 24 8.00 -71.35 -8.42
N LEU S 25 7.78 -71.47 -9.71
CA LEU S 25 8.83 -72.02 -10.54
C LEU S 25 8.86 -71.28 -11.87
N ALA S 26 10.04 -71.23 -12.45
CA ALA S 26 10.24 -70.60 -13.74
C ALA S 26 9.83 -71.54 -14.86
N TYR S 27 9.18 -71.00 -15.87
CA TYR S 27 8.89 -71.74 -17.09
C TYR S 27 9.16 -70.86 -18.30
N ALA S 28 8.93 -71.44 -19.46
CA ALA S 28 9.35 -70.81 -20.72
C ALA S 28 8.80 -69.40 -20.90
N GLY S 29 7.59 -69.15 -20.43
CA GLY S 29 6.95 -67.87 -20.61
C GLY S 29 7.08 -66.91 -19.44
N GLY S 30 7.84 -67.27 -18.40
CA GLY S 30 7.98 -66.41 -17.24
C GLY S 30 8.04 -67.17 -15.94
N VAL S 31 7.21 -66.82 -14.96
CA VAL S 31 7.22 -67.51 -13.68
C VAL S 31 5.79 -67.89 -13.32
N LEU S 32 5.62 -69.07 -12.74
CA LEU S 32 4.33 -69.60 -12.35
C LEU S 32 4.25 -69.71 -10.84
N PHE S 33 3.14 -69.24 -10.29
CA PHE S 33 2.81 -69.29 -8.88
C PHE S 33 1.60 -70.19 -8.69
N VAL S 34 1.71 -71.16 -7.81
CA VAL S 34 0.63 -72.07 -7.51
C VAL S 34 0.54 -72.23 -6.00
N ALA S 35 -0.64 -71.99 -5.45
CA ALA S 35 -0.79 -72.11 -4.02
C ALA S 35 -2.02 -72.94 -3.68
N GLU S 36 -1.89 -73.77 -2.67
CA GLU S 36 -3.05 -74.42 -2.08
C GLU S 36 -3.84 -73.35 -1.35
N ASN S 37 -5.08 -73.11 -1.79
CA ASN S 37 -5.88 -72.03 -1.23
C ASN S 37 -7.34 -72.33 -1.44
N PRO S 38 -8.05 -72.75 -0.39
CA PRO S 38 -9.49 -72.95 -0.51
C PRO S 38 -10.27 -71.68 -0.84
N SER S 39 -9.76 -70.53 -0.42
CA SER S 39 -10.52 -69.29 -0.48
C SER S 39 -10.83 -68.87 -1.91
N ARG S 40 -12.08 -68.46 -2.12
CA ARG S 40 -12.44 -67.75 -3.35
C ARG S 40 -11.60 -66.49 -3.52
N SER S 41 -11.56 -65.64 -2.49
CA SER S 41 -11.18 -64.26 -2.66
C SER S 41 -9.95 -63.79 -1.87
N LEU S 42 -9.40 -64.58 -0.96
CA LEU S 42 -8.25 -64.15 -0.17
C LEU S 42 -6.98 -64.66 -0.82
N GLN S 43 -6.01 -63.77 -1.01
CA GLN S 43 -4.92 -64.01 -1.94
C GLN S 43 -3.59 -64.25 -1.22
N LYS S 44 -2.86 -65.28 -1.67
CA LYS S 44 -1.50 -65.56 -1.26
C LYS S 44 -0.50 -65.16 -2.33
N ILE S 45 -0.98 -64.77 -3.50
CA ILE S 45 -0.16 -64.38 -4.64
C ILE S 45 -0.62 -63.01 -5.09
N SER S 46 0.32 -62.14 -5.43
CA SER S 46 -0.04 -60.77 -5.70
C SER S 46 0.97 -60.17 -6.67
N GLU S 47 0.52 -59.16 -7.41
CA GLU S 47 1.42 -58.33 -8.19
C GLU S 47 2.10 -57.37 -7.23
N LEU S 48 3.40 -57.16 -7.41
CA LEU S 48 4.10 -56.06 -6.74
C LEU S 48 4.36 -54.91 -7.69
N TYR S 49 4.93 -55.19 -8.85
CA TYR S 49 5.20 -54.14 -9.82
C TYR S 49 5.21 -54.77 -11.20
N ASP S 50 5.48 -53.96 -12.21
CA ASP S 50 5.28 -54.38 -13.60
C ASP S 50 5.70 -55.82 -13.83
N ARG S 51 6.96 -56.13 -13.54
CA ARG S 51 7.54 -57.42 -13.83
C ARG S 51 7.88 -58.14 -12.55
N VAL S 52 7.28 -57.76 -11.45
CA VAL S 52 7.65 -58.32 -10.16
C VAL S 52 6.41 -58.83 -9.44
N GLY S 53 6.47 -60.09 -9.00
CA GLY S 53 5.39 -60.75 -8.31
C GLY S 53 5.74 -61.29 -6.94
N PHE S 54 4.70 -61.64 -6.17
CA PHE S 54 4.80 -61.97 -4.76
C PHE S 54 4.03 -63.23 -4.43
N ALA S 55 4.61 -64.08 -3.61
CA ALA S 55 3.85 -65.19 -3.06
C ALA S 55 4.29 -65.37 -1.63
N ALA S 56 3.40 -65.91 -0.80
CA ALA S 56 3.71 -66.02 0.61
C ALA S 56 3.02 -67.23 1.23
N ALA S 57 3.62 -67.77 2.29
CA ALA S 57 3.01 -68.81 3.10
C ALA S 57 3.04 -68.36 4.55
N GLY S 58 2.03 -68.80 5.31
CA GLY S 58 1.99 -68.52 6.72
C GLY S 58 0.71 -67.87 7.20
N LYS S 59 0.83 -66.98 8.18
CA LYS S 59 -0.34 -66.31 8.71
C LYS S 59 -0.78 -65.19 7.76
N PHE S 60 -2.06 -65.21 7.36
CA PHE S 60 -2.52 -64.33 6.29
C PHE S 60 -2.33 -62.86 6.65
N ASN S 61 -2.76 -62.45 7.84
CA ASN S 61 -2.72 -61.02 8.14
C ASN S 61 -1.30 -60.51 8.07
N GLU S 62 -0.33 -61.34 8.45
CA GLU S 62 1.05 -60.90 8.46
C GLU S 62 1.61 -60.81 7.04
N PHE S 63 1.47 -61.86 6.23
CA PHE S 63 2.05 -61.69 4.90
C PHE S 63 1.27 -60.72 4.03
N ASP S 64 0.02 -60.44 4.38
CA ASP S 64 -0.70 -59.37 3.70
C ASP S 64 -0.16 -58.00 4.11
N ASN S 65 0.21 -57.82 5.38
CA ASN S 65 0.89 -56.57 5.72
C ASN S 65 2.18 -56.42 4.90
N LEU S 66 2.97 -57.48 4.81
CA LEU S 66 4.22 -57.36 4.05
C LEU S 66 3.95 -57.10 2.60
N ARG S 67 2.88 -57.68 2.08
CA ARG S 67 2.52 -57.44 0.69
C ARG S 67 2.16 -55.98 0.45
N ARG S 68 1.36 -55.40 1.35
CA ARG S 68 1.00 -54.01 1.18
C ARG S 68 2.22 -53.10 1.31
N GLY S 69 3.12 -53.41 2.23
CA GLY S 69 4.35 -52.63 2.34
C GLY S 69 5.23 -52.75 1.10
N GLY S 70 5.28 -53.92 0.49
CA GLY S 70 6.05 -54.05 -0.72
C GLY S 70 5.46 -53.25 -1.86
N ILE S 71 4.13 -53.28 -1.98
CA ILE S 71 3.47 -52.48 -3.00
C ILE S 71 3.77 -51.01 -2.76
N GLN S 72 3.70 -50.58 -1.50
CA GLN S 72 3.99 -49.18 -1.18
C GLN S 72 5.42 -48.82 -1.53
N PHE S 73 6.36 -49.69 -1.20
CA PHE S 73 7.76 -49.42 -1.51
C PHE S 73 7.99 -49.29 -3.00
N ALA S 74 7.52 -50.25 -3.77
CA ALA S 74 7.76 -50.22 -5.20
C ALA S 74 7.14 -48.99 -5.83
N ASP S 75 5.88 -48.71 -5.52
CA ASP S 75 5.23 -47.57 -6.15
C ASP S 75 5.91 -46.25 -5.80
N THR S 76 6.37 -46.13 -4.56
CA THR S 76 7.16 -44.96 -4.19
C THR S 76 8.48 -44.90 -4.93
N ARG S 77 9.21 -46.00 -5.04
CA ARG S 77 10.49 -45.93 -5.74
C ARG S 77 10.28 -45.64 -7.22
N GLY S 78 9.30 -46.25 -7.85
CA GLY S 78 9.06 -45.97 -9.24
C GLY S 78 8.65 -44.54 -9.45
N TYR S 79 7.91 -43.97 -8.53
CA TYR S 79 7.55 -42.58 -8.63
C TYR S 79 8.70 -41.60 -8.46
N ALA S 80 9.57 -41.85 -7.49
CA ALA S 80 10.75 -41.06 -7.22
C ALA S 80 11.81 -41.08 -8.26
N TYR S 81 12.01 -42.26 -8.83
CA TYR S 81 12.98 -42.46 -9.87
C TYR S 81 12.25 -42.73 -11.15
N ASP S 82 12.29 -43.94 -11.62
CA ASP S 82 11.52 -44.35 -12.78
C ASP S 82 11.01 -45.74 -12.61
N ARG S 83 10.00 -46.09 -13.36
CA ARG S 83 9.47 -47.43 -13.23
C ARG S 83 10.53 -48.49 -13.52
N ARG S 84 11.45 -48.20 -14.42
CA ARG S 84 12.48 -49.18 -14.77
C ARG S 84 13.42 -49.54 -13.62
N ASP S 85 13.62 -48.59 -12.72
CA ASP S 85 14.60 -48.71 -11.64
C ASP S 85 14.12 -49.60 -10.52
N VAL S 86 12.87 -50.03 -10.56
CA VAL S 86 12.34 -50.97 -9.60
C VAL S 86 12.67 -52.37 -10.06
N THR S 87 13.33 -53.14 -9.21
CA THR S 87 13.80 -54.48 -9.51
C THR S 87 13.25 -55.43 -8.46
N GLY S 88 13.25 -56.72 -8.81
CA GLY S 88 12.92 -57.74 -7.83
C GLY S 88 13.98 -57.85 -6.76
N ARG S 89 15.25 -57.70 -7.15
CA ARG S 89 16.32 -57.70 -6.15
C ARG S 89 16.08 -56.64 -5.08
N GLN S 90 15.66 -55.45 -5.49
CA GLN S 90 15.39 -54.40 -4.53
C GLN S 90 14.31 -54.81 -3.55
N LEU S 91 13.14 -55.23 -4.07
CA LEU S 91 12.05 -55.59 -3.17
C LEU S 91 12.47 -56.72 -2.23
N ALA S 92 13.13 -57.74 -2.74
CA ALA S 92 13.59 -58.80 -1.86
C ALA S 92 14.51 -58.24 -0.79
N ASN S 93 15.36 -57.30 -1.16
CA ASN S 93 16.28 -56.74 -0.18
C ASN S 93 15.52 -56.03 0.94
N VAL S 94 14.49 -55.25 0.58
CA VAL S 94 13.66 -54.55 1.57
C VAL S 94 12.89 -55.54 2.43
N TYR S 95 12.47 -56.67 1.85
CA TYR S 95 11.80 -57.67 2.67
C TYR S 95 12.76 -58.31 3.65
N ALA S 96 14.02 -58.51 3.24
CA ALA S 96 14.98 -59.04 4.19
C ALA S 96 15.17 -58.09 5.36
N GLN S 97 15.32 -56.79 5.05
CA GLN S 97 15.47 -55.79 6.07
C GLN S 97 14.26 -55.74 7.01
N THR S 98 13.08 -55.74 6.42
CA THR S 98 11.87 -55.56 7.17
C THR S 98 11.59 -56.75 8.05
N LEU S 99 11.71 -57.96 7.51
CA LEU S 99 11.48 -59.13 8.35
C LEU S 99 12.55 -59.26 9.38
N GLY S 100 13.76 -58.78 9.13
CA GLY S 100 14.76 -58.80 10.18
C GLY S 100 14.34 -57.96 11.37
N THR S 101 13.97 -56.71 11.13
CA THR S 101 13.55 -55.90 12.26
C THR S 101 12.29 -56.47 12.89
N ILE S 102 11.33 -56.95 12.10
CA ILE S 102 10.20 -57.61 12.72
C ILE S 102 10.67 -58.74 13.62
N PHE S 103 11.57 -59.57 13.12
CA PHE S 103 11.95 -60.74 13.86
C PHE S 103 12.61 -60.38 15.17
N THR S 104 13.27 -59.23 15.25
CA THR S 104 13.93 -58.92 16.51
C THR S 104 13.14 -57.98 17.41
N GLU S 105 12.28 -57.14 16.85
CA GLU S 105 11.74 -56.04 17.63
C GLU S 105 10.25 -56.10 17.85
N GLN S 106 9.51 -56.85 17.05
CA GLN S 106 8.08 -56.81 17.28
C GLN S 106 7.69 -57.71 18.44
N ALA S 107 6.46 -57.49 18.91
CA ALA S 107 5.95 -58.26 20.05
C ALA S 107 5.98 -59.75 19.76
N LYS S 108 5.55 -60.16 18.57
CA LYS S 108 5.63 -61.53 18.11
C LYS S 108 6.28 -61.55 16.74
N PRO S 109 7.16 -62.49 16.48
CA PRO S 109 7.70 -62.62 15.15
C PRO S 109 6.61 -62.99 14.15
N TYR S 110 6.80 -62.59 12.91
CA TYR S 110 5.87 -62.92 11.84
C TYR S 110 6.12 -64.35 11.39
N GLU S 111 5.05 -65.14 11.34
CA GLU S 111 5.06 -66.51 10.88
C GLU S 111 4.81 -66.55 9.36
N VAL S 112 5.78 -66.07 8.58
CA VAL S 112 5.63 -65.98 7.13
C VAL S 112 6.92 -66.39 6.46
N GLU S 113 6.77 -66.86 5.22
CA GLU S 113 7.89 -67.07 4.31
C GLU S 113 7.47 -66.50 2.95
N LEU S 114 8.34 -65.73 2.33
CA LEU S 114 8.00 -64.96 1.14
C LEU S 114 8.84 -65.39 -0.05
N CYS S 115 8.27 -65.18 -1.23
CA CYS S 115 8.96 -65.32 -2.50
C CYS S 115 8.69 -64.09 -3.34
N VAL S 116 9.76 -63.46 -3.84
CA VAL S 116 9.67 -62.36 -4.78
C VAL S 116 10.25 -62.84 -6.10
N ALA S 117 9.51 -62.67 -7.19
CA ALA S 117 9.95 -63.19 -8.48
C ALA S 117 9.94 -62.07 -9.52
N GLU S 118 10.88 -62.15 -10.46
CA GLU S 118 10.97 -61.16 -11.53
C GLU S 118 11.25 -61.81 -12.88
N VAL S 119 10.59 -61.32 -13.91
CA VAL S 119 10.81 -61.76 -15.28
C VAL S 119 11.37 -60.61 -16.08
N ALA S 120 11.81 -60.94 -17.28
CA ALA S 120 12.39 -59.95 -18.14
C ALA S 120 11.34 -58.94 -18.56
N HIS S 121 11.80 -57.79 -19.01
CA HIS S 121 10.92 -56.81 -19.59
C HIS S 121 10.62 -57.25 -21.03
N TYR S 122 9.54 -56.76 -21.60
CA TYR S 122 9.11 -57.23 -22.91
C TYR S 122 10.24 -57.04 -23.90
N GLY S 123 10.55 -58.12 -24.62
CA GLY S 123 11.59 -58.07 -25.62
C GLY S 123 13.00 -58.18 -25.10
N GLU S 124 13.20 -58.47 -23.82
CA GLU S 124 14.54 -58.66 -23.28
C GLU S 124 14.71 -60.14 -22.99
N THR S 125 15.93 -60.62 -23.07
CA THR S 125 16.17 -62.04 -22.86
C THR S 125 17.01 -62.07 -21.58
N LYS S 126 16.35 -62.40 -20.49
CA LYS S 126 16.89 -62.43 -19.15
C LYS S 126 16.18 -63.57 -18.45
N ARG S 127 16.92 -64.42 -17.78
CA ARG S 127 16.23 -65.52 -17.13
C ARG S 127 15.57 -65.03 -15.86
N PRO S 128 14.47 -65.66 -15.46
CA PRO S 128 13.75 -65.21 -14.28
C PRO S 128 14.63 -65.26 -13.05
N GLU S 129 14.30 -64.43 -12.06
CA GLU S 129 14.99 -64.46 -10.77
C GLU S 129 13.96 -64.78 -9.71
N LEU S 130 14.32 -65.68 -8.79
CA LEU S 130 13.48 -66.03 -7.67
C LEU S 130 14.23 -65.77 -6.39
N TYR S 131 13.60 -65.11 -5.42
CA TYR S 131 14.24 -64.87 -4.14
C TYR S 131 13.33 -65.39 -3.05
N ARG S 132 13.91 -66.11 -2.10
CA ARG S 132 13.21 -66.58 -0.91
C ARG S 132 13.67 -65.76 0.30
N ILE S 133 12.71 -65.22 1.05
CA ILE S 133 12.98 -64.51 2.29
C ILE S 133 12.20 -65.17 3.41
N THR S 134 12.90 -65.55 4.47
CA THR S 134 12.32 -66.29 5.59
C THR S 134 12.05 -65.38 6.78
N TYR S 135 11.46 -65.97 7.82
CA TYR S 135 10.91 -65.21 8.94
C TYR S 135 11.92 -64.37 9.68
N ASP S 136 13.21 -64.64 9.53
CA ASP S 136 14.23 -63.88 10.22
C ASP S 136 14.93 -62.91 9.29
N GLY S 137 14.48 -62.80 8.06
CA GLY S 137 15.13 -61.96 7.10
C GLY S 137 16.22 -62.61 6.30
N SER S 138 16.40 -63.90 6.45
CA SER S 138 17.37 -64.59 5.62
C SER S 138 16.87 -64.59 4.20
N ILE S 139 17.77 -64.35 3.27
CA ILE S 139 17.41 -64.19 1.87
C ILE S 139 18.30 -65.08 1.04
N ALA S 140 17.70 -65.74 0.07
CA ALA S 140 18.40 -66.67 -0.79
C ALA S 140 17.93 -66.48 -2.22
N ASP S 141 18.86 -66.57 -3.14
CA ASP S 141 18.60 -66.46 -4.56
C ASP S 141 18.50 -67.88 -5.13
N GLU S 142 17.33 -68.26 -5.65
CA GLU S 142 17.16 -69.64 -6.12
C GLU S 142 16.95 -69.67 -7.62
N PRO S 143 17.52 -70.64 -8.30
CA PRO S 143 17.57 -70.57 -9.76
C PRO S 143 16.36 -71.17 -10.44
N HIS S 144 15.70 -72.14 -9.82
CA HIS S 144 14.65 -72.83 -10.57
C HIS S 144 13.28 -72.76 -9.93
N PHE S 145 13.19 -73.03 -8.65
CA PHE S 145 11.88 -73.06 -8.03
C PHE S 145 12.04 -72.76 -6.55
N VAL S 146 10.94 -72.38 -5.92
CA VAL S 146 10.89 -72.06 -4.52
C VAL S 146 9.67 -72.76 -3.96
N VAL S 147 9.81 -73.35 -2.79
CA VAL S 147 8.71 -73.99 -2.08
C VAL S 147 8.61 -73.38 -0.69
N MET S 148 7.39 -73.07 -0.27
CA MET S 148 7.19 -72.41 1.01
C MET S 148 6.00 -73.01 1.72
N GLY S 149 6.12 -73.17 3.02
CA GLY S 149 4.97 -73.53 3.85
C GLY S 149 4.73 -75.03 3.95
N GLY S 150 4.21 -75.43 5.10
CA GLY S 150 3.91 -76.83 5.27
C GLY S 150 5.16 -77.68 5.24
N THR S 151 5.02 -78.89 4.74
CA THR S 151 6.10 -79.86 4.65
C THR S 151 6.81 -79.68 3.32
N THR S 152 7.92 -78.95 3.34
CA THR S 152 8.52 -78.56 2.08
C THR S 152 9.32 -79.67 1.40
N GLU S 153 9.91 -80.60 2.17
CA GLU S 153 10.85 -81.56 1.58
C GLU S 153 10.23 -82.47 0.53
N PRO S 154 9.07 -83.11 0.76
CA PRO S 154 8.48 -83.91 -0.33
C PRO S 154 8.28 -83.12 -1.60
N ILE S 155 7.78 -81.90 -1.46
CA ILE S 155 7.48 -81.06 -2.62
C ILE S 155 8.76 -80.69 -3.34
N ALA S 156 9.79 -80.31 -2.57
CA ALA S 156 11.07 -79.99 -3.19
C ALA S 156 11.63 -81.19 -3.94
N ASN S 157 11.55 -82.40 -3.37
CA ASN S 157 12.16 -83.53 -4.06
C ASN S 157 11.39 -83.83 -5.34
N ALA S 158 10.07 -83.82 -5.27
CA ALA S 158 9.29 -83.96 -6.50
C ALA S 158 9.73 -82.94 -7.54
N LEU S 159 10.01 -81.71 -7.10
CA LEU S 159 10.42 -80.70 -8.08
C LEU S 159 11.81 -80.99 -8.64
N LYS S 160 12.76 -81.41 -7.81
CA LYS S 160 14.07 -81.81 -8.32
C LYS S 160 13.94 -82.87 -9.40
N GLU S 161 13.13 -83.91 -9.16
CA GLU S 161 13.01 -85.02 -10.10
C GLU S 161 12.26 -84.64 -11.38
N SER S 162 11.27 -83.75 -11.32
CA SER S 162 10.34 -83.56 -12.43
C SER S 162 10.49 -82.27 -13.19
N TYR S 163 11.34 -81.38 -12.71
CA TYR S 163 11.36 -80.00 -13.17
C TYR S 163 12.00 -79.80 -14.52
N ALA S 164 11.36 -78.97 -15.34
CA ALA S 164 11.95 -78.48 -16.57
C ALA S 164 11.76 -76.97 -16.67
N GLU S 165 12.88 -76.29 -16.91
CA GLU S 165 12.85 -74.84 -17.03
C GLU S 165 12.09 -74.38 -18.26
N ASN S 166 12.22 -75.09 -19.38
CA ASN S 166 11.58 -74.62 -20.60
C ASN S 166 10.22 -75.26 -20.82
N ALA S 167 9.50 -75.60 -19.76
CA ALA S 167 8.19 -76.18 -19.93
C ALA S 167 7.14 -75.15 -20.32
N SER S 168 6.03 -75.63 -20.86
CA SER S 168 4.89 -74.82 -21.19
C SER S 168 4.09 -74.55 -19.93
N LEU S 169 3.17 -73.61 -20.02
CA LEU S 169 2.39 -73.29 -18.84
C LEU S 169 1.63 -74.51 -18.35
N THR S 170 1.06 -75.29 -19.27
CA THR S 170 0.30 -76.47 -18.88
C THR S 170 1.18 -77.49 -18.18
N ASP S 171 2.32 -77.78 -18.76
CA ASP S 171 3.21 -78.76 -18.16
C ASP S 171 3.72 -78.27 -16.83
N ALA S 172 4.14 -77.01 -16.75
CA ALA S 172 4.66 -76.52 -15.49
C ALA S 172 3.57 -76.54 -14.43
N LEU S 173 2.36 -76.15 -14.79
CA LEU S 173 1.26 -76.17 -13.84
C LEU S 173 1.01 -77.57 -13.30
N ARG S 174 1.09 -78.58 -14.16
CA ARG S 174 0.83 -79.93 -13.64
C ARG S 174 2.01 -80.49 -12.85
N ILE S 175 3.22 -80.19 -13.27
CA ILE S 175 4.39 -80.54 -12.46
C ILE S 175 4.22 -79.97 -11.06
N ALA S 176 3.79 -78.71 -10.98
CA ALA S 176 3.62 -78.03 -9.70
C ALA S 176 2.49 -78.65 -8.89
N VAL S 177 1.35 -78.92 -9.53
CA VAL S 177 0.25 -79.51 -8.77
C VAL S 177 0.64 -80.89 -8.26
N ALA S 178 1.39 -81.65 -9.07
CA ALA S 178 1.90 -82.94 -8.63
C ALA S 178 2.77 -82.82 -7.39
N ALA S 179 3.76 -81.94 -7.45
CA ALA S 179 4.65 -81.79 -6.31
C ALA S 179 3.89 -81.38 -5.07
N LEU S 180 2.89 -80.50 -5.23
CA LEU S 180 2.10 -80.09 -4.08
C LEU S 180 1.36 -81.27 -3.49
N ARG S 181 0.77 -82.13 -4.34
CA ARG S 181 0.12 -83.34 -3.85
C ARG S 181 1.12 -84.21 -3.11
N ALA S 182 2.36 -84.28 -3.60
CA ALA S 182 3.38 -85.13 -3.00
C ALA S 182 3.65 -84.79 -1.54
N GLY S 183 3.20 -83.64 -1.04
CA GLY S 183 3.50 -83.24 0.32
C GLY S 183 2.32 -83.26 1.28
N SER S 184 1.35 -84.15 1.06
CA SER S 184 0.21 -84.34 1.97
C SER S 184 -0.58 -85.61 1.64
N LEU S 195 -7.47 -82.20 -5.78
CA LEU S 195 -6.79 -80.91 -5.77
C LEU S 195 -6.86 -80.15 -7.10
N GLY S 196 -7.93 -79.38 -7.30
CA GLY S 196 -8.13 -78.68 -8.55
C GLY S 196 -8.56 -77.25 -8.35
N VAL S 197 -9.50 -76.81 -9.18
CA VAL S 197 -9.88 -75.41 -9.24
C VAL S 197 -10.31 -74.90 -7.88
N ALA S 198 -11.21 -75.62 -7.22
CA ALA S 198 -11.82 -75.04 -6.02
C ALA S 198 -10.84 -74.87 -4.88
N SER S 199 -9.66 -75.47 -4.96
CA SER S 199 -8.67 -75.44 -3.89
C SER S 199 -7.32 -74.84 -4.27
N LEU S 200 -7.20 -74.25 -5.46
CA LEU S 200 -5.94 -73.69 -5.92
C LEU S 200 -6.08 -72.23 -6.35
N GLU S 201 -5.00 -71.50 -6.12
CA GLU S 201 -4.80 -70.15 -6.60
C GLU S 201 -3.61 -70.14 -7.55
N VAL S 202 -3.80 -69.70 -8.77
CA VAL S 202 -2.76 -69.76 -9.79
C VAL S 202 -2.55 -68.40 -10.44
N ALA S 203 -1.29 -68.01 -10.63
CA ALA S 203 -1.04 -66.79 -11.39
C ALA S 203 0.34 -66.86 -12.02
N VAL S 204 0.57 -66.01 -12.99
CA VAL S 204 1.85 -66.02 -13.69
C VAL S 204 2.37 -64.60 -13.83
N LEU S 205 3.70 -64.49 -13.87
CA LEU S 205 4.41 -63.37 -14.44
C LEU S 205 4.74 -63.76 -15.87
N ASP S 206 3.96 -63.20 -16.80
CA ASP S 206 4.02 -63.55 -18.23
C ASP S 206 4.93 -62.56 -18.92
N ALA S 207 6.15 -62.98 -19.25
CA ALA S 207 7.13 -62.09 -19.87
C ALA S 207 6.73 -61.64 -21.27
N ASN S 208 5.69 -62.20 -21.84
CA ASN S 208 5.26 -61.73 -23.14
C ASN S 208 4.29 -60.59 -23.07
N ARG S 209 3.73 -60.30 -21.92
CA ARG S 209 2.85 -59.16 -21.82
C ARG S 209 3.67 -57.88 -21.90
N PRO S 210 3.21 -56.88 -22.63
CA PRO S 210 4.07 -55.74 -22.90
C PRO S 210 4.42 -54.92 -21.66
N ARG S 211 3.46 -54.70 -20.76
CA ARG S 211 3.76 -53.87 -19.58
C ARG S 211 3.62 -54.49 -18.19
N ARG S 212 2.40 -54.92 -17.84
CA ARG S 212 2.17 -55.50 -16.55
C ARG S 212 2.11 -56.97 -16.80
N ALA S 213 2.99 -57.69 -16.16
CA ALA S 213 3.17 -59.11 -16.43
C ALA S 213 2.26 -60.04 -15.65
N PHE S 214 1.68 -59.58 -14.55
CA PHE S 214 0.94 -60.44 -13.65
C PHE S 214 -0.41 -60.74 -14.24
N ARG S 215 -0.80 -62.00 -14.22
CA ARG S 215 -2.17 -62.34 -14.62
C ARG S 215 -2.60 -63.59 -13.86
N ARG S 216 -3.81 -63.56 -13.31
CA ARG S 216 -4.36 -64.71 -12.62
C ARG S 216 -5.01 -65.68 -13.60
N ILE S 217 -5.07 -66.93 -13.19
CA ILE S 217 -5.75 -67.97 -13.95
C ILE S 217 -6.82 -68.52 -13.04
N THR S 218 -8.07 -68.31 -13.42
CA THR S 218 -9.22 -68.58 -12.57
C THR S 218 -10.26 -69.38 -13.34
N GLY S 219 -11.01 -70.19 -12.58
CA GLY S 219 -12.25 -70.76 -13.11
C GLY S 219 -12.07 -71.69 -14.29
N SER S 220 -12.83 -71.44 -15.36
CA SER S 220 -12.81 -72.34 -16.51
C SER S 220 -11.42 -72.43 -17.12
N ALA S 221 -10.72 -71.31 -17.27
CA ALA S 221 -9.41 -71.36 -17.88
C ALA S 221 -8.47 -72.24 -17.09
N LEU S 222 -8.51 -72.13 -15.77
CA LEU S 222 -7.63 -72.96 -14.97
C LEU S 222 -7.98 -74.43 -15.13
N GLN S 223 -9.27 -74.76 -15.13
CA GLN S 223 -9.71 -76.14 -15.35
C GLN S 223 -9.15 -76.67 -16.66
N ALA S 224 -9.28 -75.90 -17.74
CA ALA S 224 -8.70 -76.28 -19.01
C ALA S 224 -7.20 -76.55 -18.90
N LEU S 225 -6.51 -75.86 -18.01
CA LEU S 225 -5.09 -76.15 -17.89
C LEU S 225 -4.78 -77.36 -17.01
N LEU S 226 -5.69 -77.75 -16.10
CA LEU S 226 -5.37 -78.87 -15.20
C LEU S 226 -5.61 -80.24 -15.84
N VAL S 227 -6.55 -80.34 -16.77
CA VAL S 227 -6.94 -81.62 -17.37
C VAL S 227 -7.12 -81.40 -18.87
N ASP S 228 -7.57 -82.45 -19.56
CA ASP S 228 -7.86 -82.33 -20.98
C ASP S 228 -8.88 -83.36 -21.44
N MET T 1 23.73 -58.21 33.34
CA MET T 1 24.76 -57.46 32.64
C MET T 1 25.89 -58.35 32.06
N GLU T 2 26.58 -59.09 32.90
CA GLU T 2 27.53 -60.05 32.38
C GLU T 2 26.63 -61.13 31.69
N GLN T 3 25.47 -61.45 32.27
CA GLN T 3 24.55 -62.34 31.58
C GLN T 3 24.30 -61.84 30.17
N ALA T 4 23.77 -60.61 30.08
CA ALA T 4 23.38 -60.07 28.80
C ALA T 4 24.58 -59.99 27.86
N MET T 5 25.71 -59.48 28.33
CA MET T 5 26.82 -59.27 27.40
C MET T 5 27.44 -60.56 26.90
N ARG T 6 27.50 -61.56 27.74
CA ARG T 6 28.05 -62.79 27.30
C ARG T 6 27.14 -63.43 26.29
N GLU T 7 25.84 -63.32 26.49
CA GLU T 7 24.87 -63.94 25.59
C GLU T 7 24.87 -63.24 24.24
N ARG T 8 24.94 -61.90 24.25
CA ARG T 8 25.03 -61.15 23.01
C ARG T 8 26.29 -61.51 22.26
N SER T 9 27.41 -61.59 22.97
CA SER T 9 28.66 -61.95 22.32
C SER T 9 28.57 -63.29 21.63
N GLU T 10 28.05 -64.30 22.30
CA GLU T 10 28.12 -65.59 21.65
C GLU T 10 27.04 -65.75 20.62
N LEU T 11 25.90 -65.10 20.79
CA LEU T 11 24.93 -65.10 19.69
C LEU T 11 25.58 -64.55 18.44
N ALA T 12 26.28 -63.41 18.57
CA ALA T 12 26.94 -62.79 17.43
C ALA T 12 28.02 -63.70 16.86
N ARG T 13 28.90 -64.22 17.72
CA ARG T 13 29.97 -65.05 17.20
C ARG T 13 29.42 -66.28 16.47
N LYS T 14 28.60 -67.09 17.14
CA LYS T 14 27.99 -68.24 16.48
C LYS T 14 27.36 -67.84 15.17
N GLY T 15 26.68 -66.70 15.14
CA GLY T 15 26.11 -66.25 13.90
C GLY T 15 27.16 -66.11 12.82
N ILE T 16 28.27 -65.44 13.14
CA ILE T 16 29.29 -65.19 12.13
C ILE T 16 29.96 -66.49 11.69
N ALA T 17 30.22 -67.38 12.63
CA ALA T 17 30.86 -68.65 12.28
C ALA T 17 29.98 -69.48 11.36
N ARG T 18 28.67 -69.43 11.50
CA ARG T 18 27.92 -70.27 10.57
C ARG T 18 27.89 -69.69 9.15
N ALA T 19 28.47 -68.51 8.92
CA ALA T 19 28.37 -67.85 7.63
C ALA T 19 29.57 -68.14 6.74
N LYS T 20 29.37 -67.90 5.44
CA LYS T 20 30.45 -68.12 4.49
C LYS T 20 31.51 -67.05 4.64
N SER T 21 32.72 -67.38 4.18
CA SER T 21 33.93 -66.65 4.48
C SER T 21 34.32 -65.62 3.41
N VAL T 22 35.05 -64.60 3.86
CA VAL T 22 35.49 -63.50 3.02
C VAL T 22 36.93 -63.19 3.33
N VAL T 23 37.74 -62.95 2.29
CA VAL T 23 39.12 -62.51 2.50
C VAL T 23 39.33 -61.24 1.70
N ALA T 24 40.11 -60.35 2.26
CA ALA T 24 40.57 -59.15 1.61
C ALA T 24 42.06 -59.13 1.81
N LEU T 25 42.82 -58.91 0.74
CA LEU T 25 44.25 -58.86 0.91
C LEU T 25 44.83 -57.78 0.03
N ALA T 26 45.94 -57.21 0.50
CA ALA T 26 46.64 -56.20 -0.25
C ALA T 26 47.49 -56.84 -1.33
N TYR T 27 47.45 -56.28 -2.53
CA TYR T 27 48.28 -56.79 -3.59
C TYR T 27 48.85 -55.64 -4.40
N ALA T 28 49.64 -55.98 -5.41
CA ALA T 28 50.39 -54.99 -6.19
C ALA T 28 49.51 -53.86 -6.72
N GLY T 29 48.26 -54.15 -7.05
CA GLY T 29 47.38 -53.13 -7.62
C GLY T 29 46.40 -52.47 -6.69
N GLY T 30 46.41 -52.78 -5.42
CA GLY T 30 45.42 -52.19 -4.55
C GLY T 30 44.96 -53.21 -3.55
N VAL T 31 43.66 -53.42 -3.43
CA VAL T 31 43.13 -54.39 -2.48
C VAL T 31 42.22 -55.32 -3.26
N LEU T 32 42.30 -56.61 -2.95
CA LEU T 32 41.50 -57.61 -3.60
C LEU T 32 40.55 -58.18 -2.57
N PHE T 33 39.30 -58.29 -2.96
CA PHE T 33 38.23 -58.86 -2.18
C PHE T 33 37.75 -60.13 -2.87
N VAL T 34 37.73 -61.23 -2.12
CA VAL T 34 37.28 -62.51 -2.63
C VAL T 34 36.33 -63.10 -1.58
N ALA T 35 35.12 -63.39 -1.99
CA ALA T 35 34.14 -63.86 -1.04
C ALA T 35 33.48 -65.12 -1.55
N GLU T 36 33.21 -66.05 -0.63
CA GLU T 36 32.41 -67.22 -0.95
C GLU T 36 30.96 -66.73 -1.03
N ASN T 37 30.37 -66.77 -2.21
CA ASN T 37 29.05 -66.18 -2.45
C ASN T 37 28.40 -66.93 -3.57
N PRO T 38 27.48 -67.83 -3.25
CA PRO T 38 26.74 -68.54 -4.32
C PRO T 38 25.86 -67.64 -5.17
N SER T 39 25.33 -66.54 -4.64
CA SER T 39 24.26 -65.80 -5.29
C SER T 39 24.69 -65.14 -6.61
N ARG T 40 23.72 -65.05 -7.53
CA ARG T 40 23.89 -64.33 -8.77
C ARG T 40 23.89 -62.83 -8.55
N SER T 41 23.07 -62.33 -7.61
CA SER T 41 22.77 -60.91 -7.57
C SER T 41 22.89 -60.26 -6.20
N LEU T 42 23.08 -61.00 -5.13
CA LEU T 42 23.22 -60.40 -3.81
C LEU T 42 24.69 -60.31 -3.46
N GLN T 43 25.09 -59.20 -2.83
CA GLN T 43 26.50 -58.85 -2.74
C GLN T 43 26.98 -58.70 -1.29
N LYS T 44 28.21 -59.13 -1.06
CA LYS T 44 28.90 -59.01 0.21
C LYS T 44 30.02 -58.02 0.15
N ILE T 45 30.36 -57.53 -1.05
CA ILE T 45 31.47 -56.62 -1.33
C ILE T 45 30.94 -55.40 -2.08
N SER T 46 31.36 -54.22 -1.64
CA SER T 46 30.70 -53.05 -2.20
C SER T 46 31.69 -51.91 -2.25
N GLU T 47 31.43 -50.99 -3.15
CA GLU T 47 32.09 -49.71 -3.15
C GLU T 47 31.54 -48.85 -2.02
N LEU T 48 32.41 -48.18 -1.27
CA LEU T 48 31.98 -47.14 -0.34
C LEU T 48 32.25 -45.73 -0.84
N TYR T 49 33.48 -45.43 -1.23
CA TYR T 49 33.77 -44.09 -1.70
C TYR T 49 34.89 -44.23 -2.71
N ASP T 50 35.32 -43.12 -3.28
CA ASP T 50 36.27 -43.15 -4.39
C ASP T 50 37.33 -44.23 -4.21
N ARG T 51 38.06 -44.16 -3.11
CA ARG T 51 39.17 -45.09 -2.89
C ARG T 51 38.91 -46.06 -1.75
N VAL T 52 37.67 -46.24 -1.33
CA VAL T 52 37.31 -47.01 -0.15
C VAL T 52 36.30 -48.08 -0.49
N GLY T 53 36.59 -49.31 -0.07
CA GLY T 53 35.75 -50.46 -0.33
C GLY T 53 35.32 -51.11 0.97
N PHE T 54 34.31 -51.96 0.85
CA PHE T 54 33.58 -52.59 1.93
C PHE T 54 33.40 -54.08 1.64
N ALA T 55 33.60 -54.92 2.66
CA ALA T 55 33.24 -56.33 2.58
C ALA T 55 32.71 -56.79 3.92
N ALA T 56 31.83 -57.77 3.90
CA ALA T 56 31.21 -58.17 5.15
C ALA T 56 30.89 -59.65 5.15
N ALA T 57 30.82 -60.18 6.36
CA ALA T 57 30.39 -61.55 6.60
C ALA T 57 29.30 -61.56 7.65
N GLY T 58 28.38 -62.51 7.53
CA GLY T 58 27.35 -62.66 8.51
C GLY T 58 25.97 -62.65 7.90
N LYS T 59 25.00 -62.04 8.61
CA LYS T 59 23.63 -61.95 8.13
C LYS T 59 23.52 -60.87 7.09
N PHE T 60 22.95 -61.21 5.93
CA PHE T 60 22.92 -60.26 4.84
C PHE T 60 22.14 -58.99 5.21
N ASN T 61 20.94 -59.12 5.80
CA ASN T 61 20.17 -57.89 6.04
C ASN T 61 20.89 -56.95 6.98
N GLU T 62 21.67 -57.49 7.92
CA GLU T 62 22.39 -56.64 8.86
C GLU T 62 23.60 -55.97 8.21
N PHE T 63 24.45 -56.75 7.56
CA PHE T 63 25.60 -56.06 7.00
C PHE T 63 25.21 -55.22 5.80
N ASP T 64 24.04 -55.46 5.21
CA ASP T 64 23.57 -54.55 4.19
C ASP T 64 23.09 -53.24 4.80
N ASN T 65 22.38 -53.28 5.93
CA ASN T 65 22.05 -52.03 6.58
C ASN T 65 23.31 -51.22 6.87
N LEU T 66 24.35 -51.89 7.39
CA LEU T 66 25.57 -51.17 7.70
C LEU T 66 26.24 -50.65 6.44
N ARG T 67 26.19 -51.41 5.37
CA ARG T 67 26.77 -50.93 4.13
C ARG T 67 26.09 -49.64 3.70
N ARG T 68 24.76 -49.61 3.76
CA ARG T 68 24.05 -48.40 3.35
C ARG T 68 24.34 -47.24 4.27
N GLY T 69 24.45 -47.49 5.57
CA GLY T 69 24.80 -46.42 6.48
C GLY T 69 26.18 -45.85 6.21
N GLY T 70 27.10 -46.70 5.76
CA GLY T 70 28.41 -46.22 5.37
C GLY T 70 28.41 -45.41 4.10
N ILE T 71 27.66 -45.85 3.10
CA ILE T 71 27.58 -45.06 1.87
C ILE T 71 26.99 -43.70 2.18
N GLN T 72 25.97 -43.68 3.05
CA GLN T 72 25.37 -42.44 3.48
C GLN T 72 26.37 -41.55 4.21
N PHE T 73 27.12 -42.13 5.14
CA PHE T 73 28.09 -41.34 5.89
C PHE T 73 29.11 -40.72 4.97
N ALA T 74 29.68 -41.52 4.08
CA ALA T 74 30.70 -41.02 3.19
C ALA T 74 30.15 -39.94 2.27
N ASP T 75 29.01 -40.19 1.63
CA ASP T 75 28.51 -39.20 0.68
C ASP T 75 28.16 -37.90 1.37
N THR T 76 27.60 -37.99 2.56
CA THR T 76 27.36 -36.77 3.34
C THR T 76 28.66 -36.03 3.69
N ARG T 77 29.69 -36.75 4.16
CA ARG T 77 30.89 -36.04 4.56
C ARG T 77 31.57 -35.41 3.36
N GLY T 78 31.65 -36.13 2.27
CA GLY T 78 32.25 -35.53 1.10
C GLY T 78 31.47 -34.34 0.61
N TYR T 79 30.17 -34.34 0.75
CA TYR T 79 29.39 -33.18 0.35
C TYR T 79 29.60 -31.98 1.26
N ALA T 80 29.66 -32.21 2.54
CA ALA T 80 29.86 -31.16 3.51
C ALA T 80 31.22 -30.49 3.49
N TYR T 81 32.26 -31.28 3.26
CA TYR T 81 33.61 -30.82 3.18
C TYR T 81 34.08 -31.01 1.77
N ASP T 82 34.88 -32.01 1.53
CA ASP T 82 35.35 -32.38 0.20
C ASP T 82 35.55 -33.87 0.10
N ARG T 83 35.56 -34.39 -1.11
CA ARG T 83 35.74 -35.76 -1.37
C ARG T 83 37.04 -36.21 -0.81
N ARG T 84 38.05 -35.39 -0.87
CA ARG T 84 39.33 -35.81 -0.40
C ARG T 84 39.46 -35.99 1.07
N ASP T 85 38.52 -35.44 1.79
CA ASP T 85 38.51 -35.52 3.24
C ASP T 85 37.90 -36.80 3.80
N VAL T 86 37.25 -37.61 2.98
CA VAL T 86 36.66 -38.86 3.39
C VAL T 86 37.72 -39.93 3.32
N THR T 87 37.96 -40.63 4.42
CA THR T 87 39.08 -41.55 4.49
C THR T 87 38.64 -42.92 4.96
N GLY T 88 39.50 -43.89 4.69
CA GLY T 88 39.20 -45.24 5.16
C GLY T 88 39.10 -45.32 6.66
N ARG T 89 39.96 -44.62 7.38
CA ARG T 89 39.92 -44.72 8.83
C ARG T 89 38.70 -44.00 9.40
N GLN T 90 38.19 -42.98 8.72
CA GLN T 90 36.96 -42.36 9.20
C GLN T 90 35.81 -43.35 9.11
N LEU T 91 35.65 -43.99 7.96
CA LEU T 91 34.56 -44.94 7.84
C LEU T 91 34.72 -46.05 8.85
N ALA T 92 35.95 -46.55 9.04
CA ALA T 92 36.15 -47.60 10.04
C ALA T 92 35.75 -47.14 11.43
N ASN T 93 36.11 -45.92 11.80
CA ASN T 93 35.79 -45.40 13.11
C ASN T 93 34.27 -45.27 13.28
N VAL T 94 33.58 -44.79 12.24
CA VAL T 94 32.13 -44.72 12.41
C VAL T 94 31.52 -46.13 12.48
N TYR T 95 32.07 -47.11 11.76
CA TYR T 95 31.55 -48.46 11.91
C TYR T 95 31.79 -48.99 13.31
N ALA T 96 32.92 -48.64 13.93
CA ALA T 96 33.14 -49.06 15.31
C ALA T 96 32.09 -48.46 16.22
N GLN T 97 31.87 -47.15 16.14
CA GLN T 97 30.87 -46.52 16.99
C GLN T 97 29.48 -47.13 16.77
N THR T 98 29.12 -47.37 15.52
CA THR T 98 27.79 -47.88 15.21
C THR T 98 27.59 -49.30 15.68
N LEU T 99 28.56 -50.18 15.43
CA LEU T 99 28.42 -51.56 15.88
C LEU T 99 28.49 -51.67 17.40
N GLY T 100 29.23 -50.78 18.06
CA GLY T 100 29.21 -50.76 19.52
C GLY T 100 27.85 -50.40 20.07
N THR T 101 27.26 -49.32 19.54
CA THR T 101 25.90 -48.99 19.95
C THR T 101 24.96 -50.12 19.66
N ILE T 102 25.00 -50.67 18.44
CA ILE T 102 24.10 -51.76 18.09
C ILE T 102 24.28 -52.91 19.05
N PHE T 103 25.53 -53.27 19.35
CA PHE T 103 25.82 -54.43 20.18
C PHE T 103 25.25 -54.27 21.57
N THR T 104 25.20 -53.05 22.11
CA THR T 104 24.69 -52.94 23.46
C THR T 104 23.22 -52.58 23.54
N GLU T 105 22.68 -51.84 22.56
CA GLU T 105 21.34 -51.28 22.71
C GLU T 105 20.31 -51.84 21.75
N GLN T 106 20.71 -52.52 20.68
CA GLN T 106 19.72 -53.04 19.76
C GLN T 106 19.03 -54.24 20.40
N ALA T 107 17.88 -54.64 19.84
CA ALA T 107 17.14 -55.76 20.41
C ALA T 107 17.97 -57.04 20.37
N LYS T 108 18.61 -57.32 19.24
CA LYS T 108 19.53 -58.41 19.02
C LYS T 108 20.79 -57.84 18.39
N PRO T 109 21.96 -58.24 18.85
CA PRO T 109 23.18 -57.73 18.24
C PRO T 109 23.28 -58.18 16.81
N TYR T 110 24.01 -57.41 16.03
CA TYR T 110 24.23 -57.74 14.63
C TYR T 110 25.25 -58.85 14.51
N GLU T 111 24.92 -59.86 13.73
CA GLU T 111 25.85 -60.94 13.46
C GLU T 111 26.65 -60.62 12.21
N VAL T 112 27.55 -59.64 12.33
CA VAL T 112 28.29 -59.20 11.17
C VAL T 112 29.75 -59.00 11.57
N GLU T 113 30.59 -59.08 10.56
CA GLU T 113 31.97 -58.67 10.64
C GLU T 113 32.23 -57.87 9.39
N LEU T 114 32.92 -56.75 9.52
CA LEU T 114 33.13 -55.83 8.41
C LEU T 114 34.62 -55.63 8.15
N CYS T 115 34.93 -55.33 6.92
CA CYS T 115 36.23 -54.88 6.50
C CYS T 115 36.06 -53.63 5.66
N VAL T 116 36.78 -52.57 6.04
CA VAL T 116 36.85 -51.33 5.30
C VAL T 116 38.27 -51.19 4.79
N ALA T 117 38.42 -50.99 3.50
CA ALA T 117 39.74 -50.94 2.89
C ALA T 117 39.92 -49.70 2.02
N GLU T 118 41.14 -49.16 2.00
CA GLU T 118 41.45 -47.96 1.24
C GLU T 118 42.76 -48.12 0.48
N VAL T 119 42.81 -47.59 -0.75
CA VAL T 119 44.02 -47.58 -1.57
C VAL T 119 44.47 -46.15 -1.87
N ALA T 120 45.65 -46.04 -2.46
CA ALA T 120 46.22 -44.74 -2.75
C ALA T 120 45.41 -43.98 -3.79
N HIS T 121 45.58 -42.66 -3.80
CA HIS T 121 44.95 -41.95 -4.88
C HIS T 121 45.72 -42.14 -6.17
N TYR T 122 45.06 -41.87 -7.29
CA TYR T 122 45.70 -42.14 -8.56
C TYR T 122 47.01 -41.39 -8.65
N GLY T 123 48.09 -42.09 -8.96
CA GLY T 123 49.39 -41.45 -9.05
C GLY T 123 50.09 -41.20 -7.74
N GLU T 124 49.56 -41.70 -6.64
CA GLU T 124 50.13 -41.50 -5.33
C GLU T 124 50.72 -42.79 -4.81
N THR T 125 51.70 -42.68 -3.93
CA THR T 125 52.43 -43.81 -3.37
C THR T 125 52.05 -43.87 -1.89
N LYS T 126 51.17 -44.79 -1.54
CA LYS T 126 50.71 -44.90 -0.17
C LYS T 126 50.42 -46.36 0.05
N ARG T 127 50.65 -46.83 1.26
CA ARG T 127 50.35 -48.23 1.57
C ARG T 127 48.84 -48.44 1.63
N PRO T 128 48.33 -49.56 1.14
CA PRO T 128 46.91 -49.84 1.31
C PRO T 128 46.62 -50.01 2.79
N GLU T 129 45.38 -49.69 3.20
CA GLU T 129 44.95 -49.84 4.59
C GLU T 129 43.76 -50.78 4.68
N LEU T 130 43.80 -51.69 5.64
CA LEU T 130 42.70 -52.62 5.87
C LEU T 130 42.30 -52.52 7.32
N TYR T 131 41.02 -52.32 7.56
CA TYR T 131 40.50 -52.25 8.91
C TYR T 131 39.44 -53.32 9.03
N ARG T 132 39.41 -53.99 10.18
CA ARG T 132 38.47 -55.06 10.48
C ARG T 132 37.67 -54.64 11.70
N ILE T 133 36.36 -54.56 11.54
CA ILE T 133 35.49 -54.14 12.62
C ILE T 133 34.59 -55.32 12.94
N THR T 134 34.58 -55.72 14.18
CA THR T 134 33.85 -56.90 14.62
C THR T 134 32.55 -56.50 15.29
N TYR T 135 31.77 -57.51 15.68
CA TYR T 135 30.37 -57.32 16.04
C TYR T 135 30.17 -56.42 17.23
N ASP T 136 31.17 -56.22 18.05
CA ASP T 136 30.99 -55.42 19.25
C ASP T 136 31.59 -54.06 19.12
N GLY T 137 32.10 -53.73 17.93
CA GLY T 137 32.78 -52.48 17.67
C GLY T 137 34.28 -52.49 17.87
N SER T 138 34.86 -53.65 18.18
CA SER T 138 36.30 -53.72 18.25
C SER T 138 36.85 -53.50 16.87
N ILE T 139 37.94 -52.76 16.79
CA ILE T 139 38.48 -52.37 15.51
C ILE T 139 39.95 -52.75 15.47
N ALA T 140 40.37 -53.29 14.34
CA ALA T 140 41.72 -53.82 14.16
C ALA T 140 42.31 -53.27 12.88
N ASP T 141 43.57 -52.90 12.95
CA ASP T 141 44.31 -52.35 11.83
C ASP T 141 45.23 -53.45 11.31
N GLU T 142 44.97 -53.95 10.10
CA GLU T 142 45.79 -55.06 9.61
C GLU T 142 46.57 -54.68 8.36
N PRO T 143 47.79 -55.15 8.20
CA PRO T 143 48.65 -54.64 7.10
C PRO T 143 48.60 -55.42 5.79
N HIS T 144 48.30 -56.71 5.85
CA HIS T 144 48.41 -57.54 4.65
C HIS T 144 47.09 -58.13 4.22
N PHE T 145 46.33 -58.71 5.15
CA PHE T 145 45.09 -59.37 4.81
C PHE T 145 44.16 -59.38 5.98
N VAL T 146 42.90 -59.62 5.68
CA VAL T 146 41.82 -59.70 6.65
C VAL T 146 40.98 -60.90 6.25
N VAL T 147 40.58 -61.69 7.24
CA VAL T 147 39.71 -62.85 7.05
C VAL T 147 38.47 -62.68 7.93
N MET T 148 37.30 -62.95 7.36
CA MET T 148 36.06 -62.75 8.10
C MET T 148 35.09 -63.87 7.80
N GLY T 149 34.41 -64.34 8.83
CA GLY T 149 33.30 -65.27 8.64
C GLY T 149 33.75 -66.71 8.58
N GLY T 150 32.86 -67.59 9.03
CA GLY T 150 33.09 -69.02 9.00
C GLY T 150 34.26 -69.43 9.87
N THR T 151 34.93 -70.50 9.49
CA THR T 151 36.07 -70.97 10.27
C THR T 151 37.30 -70.23 9.74
N THR T 152 37.65 -69.15 10.41
CA THR T 152 38.67 -68.24 9.92
C THR T 152 40.11 -68.70 10.16
N GLU T 153 40.32 -69.69 11.03
CA GLU T 153 41.70 -70.06 11.40
C GLU T 153 42.40 -70.85 10.30
N PRO T 154 41.79 -71.89 9.69
CA PRO T 154 42.43 -72.49 8.51
C PRO T 154 42.82 -71.47 7.46
N ILE T 155 41.90 -70.57 7.13
CA ILE T 155 42.11 -69.62 6.05
C ILE T 155 43.21 -68.62 6.43
N ALA T 156 43.19 -68.14 7.66
CA ALA T 156 44.21 -67.22 8.10
C ALA T 156 45.59 -67.86 7.98
N ASN T 157 45.72 -69.12 8.39
CA ASN T 157 47.03 -69.74 8.34
C ASN T 157 47.48 -70.04 6.92
N ALA T 158 46.58 -70.47 6.07
CA ALA T 158 46.96 -70.60 4.67
C ALA T 158 47.51 -69.30 4.11
N LEU T 159 46.90 -68.17 4.44
CA LEU T 159 47.41 -66.90 3.96
C LEU T 159 48.77 -66.61 4.52
N LYS T 160 48.97 -66.94 5.77
CA LYS T 160 50.25 -66.74 6.43
C LYS T 160 51.36 -67.50 5.75
N GLU T 161 51.09 -68.72 5.34
CA GLU T 161 52.06 -69.52 4.67
C GLU T 161 52.14 -69.23 3.20
N SER T 162 51.24 -68.42 2.67
CA SER T 162 51.30 -68.22 1.24
C SER T 162 51.35 -66.78 0.82
N TYR T 163 51.14 -65.83 1.72
CA TYR T 163 51.03 -64.43 1.31
C TYR T 163 52.38 -63.79 1.10
N ALA T 164 52.49 -63.06 0.01
CA ALA T 164 53.63 -62.21 -0.26
C ALA T 164 53.11 -60.83 -0.61
N GLU T 165 53.79 -59.81 -0.10
CA GLU T 165 53.35 -58.47 -0.41
C GLU T 165 53.32 -58.28 -1.92
N ASN T 166 52.76 -57.18 -2.35
CA ASN T 166 52.60 -56.85 -3.77
C ASN T 166 52.54 -58.00 -4.78
N ALA T 167 51.80 -59.05 -4.48
CA ALA T 167 51.66 -60.08 -5.50
C ALA T 167 50.87 -59.54 -6.68
N SER T 168 50.95 -60.25 -7.79
CA SER T 168 50.16 -59.80 -8.92
C SER T 168 48.70 -60.16 -8.71
N LEU T 169 47.85 -59.58 -9.55
CA LEU T 169 46.43 -59.86 -9.41
C LEU T 169 46.18 -61.35 -9.54
N THR T 170 46.78 -61.98 -10.55
CA THR T 170 46.58 -63.41 -10.73
C THR T 170 47.07 -64.20 -9.54
N ASP T 171 48.27 -63.88 -9.09
CA ASP T 171 48.80 -64.63 -7.97
C ASP T 171 47.95 -64.44 -6.73
N ALA T 172 47.64 -63.18 -6.39
CA ALA T 172 46.87 -62.88 -5.19
C ALA T 172 45.53 -63.58 -5.22
N LEU T 173 44.89 -63.64 -6.39
CA LEU T 173 43.64 -64.36 -6.48
C LEU T 173 43.82 -65.83 -6.13
N ARG T 174 44.88 -66.46 -6.68
CA ARG T 174 45.12 -67.88 -6.36
C ARG T 174 45.30 -68.09 -4.88
N ILE T 175 46.11 -67.25 -4.24
CA ILE T 175 46.34 -67.45 -2.81
C ILE T 175 45.01 -67.34 -2.07
N ALA T 176 44.19 -66.37 -2.46
CA ALA T 176 42.93 -66.16 -1.78
C ALA T 176 42.00 -67.35 -1.96
N VAL T 177 41.85 -67.81 -3.19
CA VAL T 177 40.95 -68.92 -3.44
C VAL T 177 41.42 -70.16 -2.72
N ALA T 178 42.73 -70.39 -2.69
CA ALA T 178 43.27 -71.54 -1.96
C ALA T 178 42.95 -71.44 -0.47
N ALA T 179 43.26 -70.31 0.15
CA ALA T 179 43.00 -70.19 1.57
C ALA T 179 41.52 -70.35 1.87
N LEU T 180 40.66 -69.82 0.99
CA LEU T 180 39.23 -70.05 1.16
C LEU T 180 38.90 -71.54 1.07
N ARG T 181 39.52 -72.27 0.13
CA ARG T 181 39.25 -73.71 0.01
C ARG T 181 39.60 -74.45 1.29
N ALA T 182 40.76 -74.13 1.88
CA ALA T 182 41.21 -74.79 3.10
C ALA T 182 40.18 -74.71 4.22
N GLY T 183 39.40 -73.63 4.25
CA GLY T 183 38.39 -73.47 5.29
C GLY T 183 36.98 -73.82 4.85
N THR T 194 37.15 -76.67 -6.19
CA THR T 194 35.72 -76.75 -5.94
C THR T 194 35.06 -75.37 -6.01
N LEU T 195 35.87 -74.31 -5.83
CA LEU T 195 35.41 -72.92 -5.88
C LEU T 195 35.80 -72.31 -7.21
N GLY T 196 34.81 -71.98 -8.04
CA GLY T 196 35.07 -71.32 -9.29
C GLY T 196 34.23 -70.08 -9.41
N VAL T 197 34.06 -69.55 -10.62
CA VAL T 197 33.36 -68.28 -10.80
C VAL T 197 31.95 -68.33 -10.23
N ALA T 198 31.23 -69.43 -10.43
CA ALA T 198 29.82 -69.50 -10.00
C ALA T 198 29.66 -69.53 -8.49
N SER T 199 30.73 -69.69 -7.73
CA SER T 199 30.64 -69.74 -6.28
C SER T 199 31.40 -68.61 -5.59
N LEU T 200 31.93 -67.66 -6.35
CA LEU T 200 32.75 -66.58 -5.82
C LEU T 200 32.23 -65.23 -6.28
N GLU T 201 32.37 -64.23 -5.39
CA GLU T 201 32.18 -62.83 -5.71
C GLU T 201 33.53 -62.14 -5.53
N VAL T 202 34.03 -61.50 -6.58
CA VAL T 202 35.37 -60.95 -6.60
C VAL T 202 35.31 -59.50 -7.01
N ALA T 203 36.05 -58.65 -6.30
CA ALA T 203 36.14 -57.26 -6.69
C ALA T 203 37.47 -56.73 -6.21
N VAL T 204 37.87 -55.62 -6.77
CA VAL T 204 39.16 -55.03 -6.50
C VAL T 204 39.00 -53.53 -6.26
N LEU T 205 39.84 -53.00 -5.37
CA LEU T 205 40.14 -51.57 -5.26
C LEU T 205 41.42 -51.34 -6.05
N ASP T 206 41.26 -50.79 -7.25
CA ASP T 206 42.30 -50.68 -8.25
C ASP T 206 42.96 -49.31 -8.17
N ALA T 207 44.15 -49.27 -7.57
CA ALA T 207 44.83 -48.00 -7.38
C ALA T 207 45.12 -47.32 -8.70
N ASN T 208 45.01 -48.01 -9.80
CA ASN T 208 45.38 -47.41 -11.07
C ASN T 208 44.20 -46.74 -11.75
N ARG T 209 43.04 -46.75 -11.14
CA ARG T 209 41.91 -46.05 -11.70
C ARG T 209 41.92 -44.59 -11.27
N PRO T 210 41.59 -43.68 -12.18
CA PRO T 210 41.73 -42.26 -11.87
C PRO T 210 40.81 -41.74 -10.77
N ARG T 211 39.58 -42.22 -10.63
CA ARG T 211 38.87 -41.76 -9.43
C ARG T 211 38.16 -42.85 -8.63
N ARG T 212 37.17 -43.53 -9.22
CA ARG T 212 36.49 -44.61 -8.51
C ARG T 212 37.28 -45.88 -8.74
N ALA T 213 37.89 -46.38 -7.69
CA ALA T 213 38.77 -47.55 -7.75
C ALA T 213 38.03 -48.87 -7.71
N PHE T 214 36.79 -48.90 -7.23
CA PHE T 214 36.09 -50.16 -7.07
C PHE T 214 35.69 -50.70 -8.44
N ARG T 215 35.96 -51.99 -8.65
CA ARG T 215 35.66 -52.68 -9.89
C ARG T 215 35.39 -54.15 -9.59
N ARG T 216 34.31 -54.69 -10.13
CA ARG T 216 34.05 -56.12 -9.96
C ARG T 216 34.75 -56.89 -11.05
N ILE T 217 35.06 -58.14 -10.76
CA ILE T 217 35.60 -59.06 -11.74
C ILE T 217 34.64 -60.25 -11.84
N THR T 218 33.97 -60.37 -12.98
CA THR T 218 32.89 -61.33 -13.19
C THR T 218 33.09 -62.07 -14.49
N GLY T 219 32.50 -63.26 -14.55
CA GLY T 219 32.31 -63.94 -15.81
C GLY T 219 33.60 -64.34 -16.51
N SER T 220 33.69 -63.99 -17.79
CA SER T 220 34.83 -64.44 -18.61
C SER T 220 36.13 -63.96 -18.00
N ALA T 221 36.17 -62.68 -17.63
CA ALA T 221 37.37 -62.09 -17.07
C ALA T 221 37.79 -62.78 -15.78
N LEU T 222 36.83 -63.09 -14.89
CA LEU T 222 37.23 -63.74 -13.66
C LEU T 222 37.79 -65.14 -13.94
N GLN T 223 37.22 -65.88 -14.87
CA GLN T 223 37.75 -67.23 -15.12
C GLN T 223 39.12 -67.15 -15.77
N ALA T 224 39.25 -66.29 -16.76
CA ALA T 224 40.54 -66.00 -17.36
C ALA T 224 41.59 -65.76 -16.28
N LEU T 225 41.21 -64.98 -15.27
CA LEU T 225 42.11 -64.84 -14.14
C LEU T 225 42.28 -66.16 -13.43
N LEU T 226 41.29 -67.05 -13.46
CA LEU T 226 41.27 -68.26 -12.63
C LEU T 226 42.08 -69.42 -13.22
N VAL T 227 42.61 -69.31 -14.44
CA VAL T 227 43.45 -70.36 -15.01
C VAL T 227 44.65 -69.76 -15.72
N MET U 1 19.17 -54.43 42.51
CA MET U 1 19.72 -53.09 42.59
C MET U 1 21.20 -53.11 42.99
N GLU U 2 21.50 -53.55 44.20
CA GLU U 2 22.89 -53.58 44.66
C GLU U 2 23.72 -54.59 43.85
N GLN U 3 23.11 -55.71 43.48
CA GLN U 3 23.87 -56.68 42.69
C GLN U 3 24.13 -56.16 41.29
N ALA U 4 23.10 -55.61 40.64
CA ALA U 4 23.27 -55.01 39.32
C ALA U 4 24.46 -54.06 39.28
N MET U 5 24.57 -53.18 40.28
CA MET U 5 25.69 -52.26 40.29
C MET U 5 27.00 -52.99 40.55
N ARG U 6 26.97 -54.04 41.36
CA ARG U 6 28.20 -54.79 41.59
C ARG U 6 28.73 -55.37 40.28
N GLU U 7 27.86 -56.00 39.50
CA GLU U 7 28.30 -56.66 38.28
C GLU U 7 28.62 -55.66 37.20
N ARG U 8 27.90 -54.54 37.10
CA ARG U 8 28.33 -53.53 36.14
C ARG U 8 29.74 -53.09 36.47
N SER U 9 29.99 -52.83 37.76
CA SER U 9 31.34 -52.48 38.16
C SER U 9 32.34 -53.56 37.75
N GLU U 10 31.98 -54.83 37.89
CA GLU U 10 32.99 -55.83 37.58
C GLU U 10 33.20 -55.99 36.08
N LEU U 11 32.14 -55.85 35.28
CA LEU U 11 32.30 -55.88 33.84
C LEU U 11 33.25 -54.78 33.39
N ALA U 12 33.05 -53.57 33.90
CA ALA U 12 33.92 -52.46 33.54
C ALA U 12 35.34 -52.70 34.00
N ARG U 13 35.52 -53.12 35.26
CA ARG U 13 36.88 -53.29 35.76
C ARG U 13 37.61 -54.37 34.97
N LYS U 14 36.93 -55.47 34.64
CA LYS U 14 37.57 -56.51 33.84
C LYS U 14 37.97 -55.97 32.48
N GLY U 15 37.07 -55.24 31.84
CA GLY U 15 37.44 -54.65 30.57
C GLY U 15 38.69 -53.80 30.68
N ILE U 16 38.74 -52.90 31.65
CA ILE U 16 39.90 -52.01 31.75
C ILE U 16 41.14 -52.82 32.09
N ALA U 17 41.00 -53.81 32.96
CA ALA U 17 42.13 -54.65 33.34
C ALA U 17 42.66 -55.48 32.19
N ARG U 18 41.86 -55.68 31.13
CA ARG U 18 42.31 -56.39 29.93
C ARG U 18 42.90 -55.47 28.86
N ALA U 19 43.08 -54.21 29.16
CA ALA U 19 43.49 -53.25 28.15
C ALA U 19 44.97 -52.94 28.31
N LYS U 20 45.58 -52.45 27.24
CA LYS U 20 46.96 -52.05 27.35
C LYS U 20 47.02 -50.71 28.10
N SER U 21 48.18 -50.43 28.70
CA SER U 21 48.31 -49.40 29.73
C SER U 21 48.77 -48.05 29.19
N VAL U 22 48.41 -46.99 29.94
CA VAL U 22 48.71 -45.59 29.64
C VAL U 22 49.23 -44.93 30.91
N VAL U 23 50.24 -44.08 30.76
CA VAL U 23 50.84 -43.31 31.84
C VAL U 23 50.84 -41.83 31.51
N ALA U 24 50.60 -41.00 32.51
CA ALA U 24 50.76 -39.56 32.37
C ALA U 24 51.59 -39.03 33.53
N LEU U 25 52.58 -38.18 33.24
CA LEU U 25 53.44 -37.65 34.28
C LEU U 25 53.68 -36.16 34.12
N ALA U 26 53.79 -35.48 35.24
CA ALA U 26 54.18 -34.10 35.26
C ALA U 26 55.69 -34.06 35.14
N TYR U 27 56.21 -33.22 34.24
CA TYR U 27 57.65 -33.02 34.14
C TYR U 27 57.93 -31.53 33.94
N ALA U 28 59.22 -31.18 33.88
CA ALA U 28 59.65 -29.79 33.83
C ALA U 28 59.03 -29.03 32.66
N GLY U 29 58.76 -29.71 31.56
CA GLY U 29 58.20 -29.03 30.42
C GLY U 29 56.72 -29.12 30.27
N GLY U 30 56.02 -29.74 31.21
CA GLY U 30 54.59 -29.85 31.04
C GLY U 30 54.11 -31.20 31.50
N VAL U 31 53.39 -31.93 30.63
CA VAL U 31 52.85 -33.24 30.94
C VAL U 31 53.23 -34.21 29.83
N LEU U 32 53.58 -35.42 30.21
CA LEU U 32 53.99 -36.44 29.27
C LEU U 32 52.99 -37.59 29.28
N PHE U 33 52.57 -37.98 28.09
CA PHE U 33 51.67 -39.12 27.88
C PHE U 33 52.46 -40.20 27.18
N VAL U 34 52.45 -41.40 27.77
CA VAL U 34 53.13 -42.53 27.18
C VAL U 34 52.17 -43.70 27.24
N ALA U 35 51.89 -44.29 26.09
CA ALA U 35 50.91 -45.36 26.01
C ALA U 35 51.44 -46.53 25.20
N GLU U 36 51.11 -47.74 25.66
CA GLU U 36 51.34 -48.95 24.91
C GLU U 36 50.35 -48.98 23.77
N ASN U 37 50.80 -48.89 22.56
CA ASN U 37 49.86 -48.84 21.46
C ASN U 37 50.60 -49.28 20.20
N PRO U 38 50.42 -50.54 19.75
CA PRO U 38 51.03 -50.93 18.48
C PRO U 38 50.39 -50.29 17.27
N SER U 39 49.10 -49.97 17.30
CA SER U 39 48.41 -49.58 16.07
C SER U 39 49.06 -48.36 15.47
N ARG U 40 48.80 -48.12 14.21
CA ARG U 40 49.38 -46.98 13.55
C ARG U 40 48.36 -45.92 13.32
N SER U 41 47.10 -46.27 13.43
CA SER U 41 46.10 -45.29 13.12
C SER U 41 45.08 -45.04 14.21
N LEU U 42 45.08 -45.82 15.28
CA LEU U 42 44.14 -45.59 16.36
C LEU U 42 44.82 -44.93 17.56
N GLN U 43 44.31 -43.78 17.97
CA GLN U 43 44.93 -42.94 18.98
C GLN U 43 44.35 -43.23 20.37
N LYS U 44 45.20 -43.22 21.38
CA LYS U 44 44.75 -43.25 22.77
C LYS U 44 45.03 -41.95 23.48
N ILE U 45 45.74 -41.05 22.85
CA ILE U 45 46.12 -39.77 23.44
C ILE U 45 45.70 -38.70 22.45
N SER U 46 45.11 -37.64 22.95
CA SER U 46 44.56 -36.69 22.01
C SER U 46 44.57 -35.30 22.63
N GLU U 47 44.65 -34.31 21.77
CA GLU U 47 44.43 -32.94 22.16
C GLU U 47 42.94 -32.75 22.37
N LEU U 48 42.57 -32.06 23.45
CA LEU U 48 41.20 -31.57 23.69
C LEU U 48 41.05 -30.08 23.41
N TYR U 49 41.93 -29.24 23.97
CA TYR U 49 41.84 -27.80 23.78
C TYR U 49 43.25 -27.25 23.95
N ASP U 50 43.39 -25.92 23.80
CA ASP U 50 44.71 -25.29 23.72
C ASP U 50 45.75 -25.87 24.67
N ARG U 51 45.44 -25.88 25.96
CA ARG U 51 46.35 -26.35 26.98
C ARG U 51 45.87 -27.62 27.67
N VAL U 52 44.94 -28.38 27.07
CA VAL U 52 44.33 -29.54 27.73
C VAL U 52 44.43 -30.74 26.82
N GLY U 53 44.92 -31.85 27.38
CA GLY U 53 45.08 -33.09 26.66
C GLY U 53 44.27 -34.19 27.30
N PHE U 54 44.15 -35.30 26.57
CA PHE U 54 43.30 -36.43 26.88
C PHE U 54 44.06 -37.74 26.67
N ALA U 55 43.92 -38.69 27.60
CA ALA U 55 44.43 -40.04 27.37
C ALA U 55 43.44 -41.02 27.97
N ALA U 56 43.35 -42.22 27.39
CA ALA U 56 42.34 -43.15 27.88
C ALA U 56 42.79 -44.59 27.65
N ALA U 57 42.26 -45.49 28.48
CA ALA U 57 42.46 -46.93 28.35
C ALA U 57 41.11 -47.65 28.35
N GLY U 58 41.03 -48.75 27.59
CA GLY U 58 39.79 -49.52 27.51
C GLY U 58 39.24 -49.77 26.11
N LYS U 59 37.92 -49.80 25.96
CA LYS U 59 37.34 -50.06 24.65
C LYS U 59 37.43 -48.80 23.79
N PHE U 60 38.01 -48.93 22.59
CA PHE U 60 38.33 -47.79 21.76
C PHE U 60 37.09 -46.99 21.38
N ASN U 61 36.05 -47.65 20.89
CA ASN U 61 34.88 -46.89 20.45
C ASN U 61 34.31 -46.07 21.59
N GLU U 62 34.42 -46.58 22.83
CA GLU U 62 33.85 -45.88 23.96
C GLU U 62 34.71 -44.69 24.35
N PHE U 63 36.02 -44.88 24.47
CA PHE U 63 36.77 -43.71 24.85
C PHE U 63 36.91 -42.73 23.70
N ASP U 64 36.68 -43.19 22.49
CA ASP U 64 36.67 -42.25 21.38
C ASP U 64 35.39 -41.44 21.38
N ASN U 65 34.25 -42.07 21.71
CA ASN U 65 33.06 -41.27 21.90
C ASN U 65 33.31 -40.21 22.95
N LEU U 66 33.95 -40.59 24.04
CA LEU U 66 34.22 -39.62 25.09
C LEU U 66 35.19 -38.53 24.64
N ARG U 67 36.20 -38.90 23.84
CA ARG U 67 37.13 -37.90 23.35
C ARG U 67 36.42 -36.87 22.47
N ARG U 68 35.60 -37.34 21.54
CA ARG U 68 34.89 -36.41 20.68
C ARG U 68 33.93 -35.55 21.46
N GLY U 69 33.22 -36.14 22.41
CA GLY U 69 32.29 -35.35 23.21
C GLY U 69 33.00 -34.30 24.05
N GLY U 70 34.21 -34.61 24.50
CA GLY U 70 34.98 -33.63 25.23
C GLY U 70 35.43 -32.50 24.33
N ILE U 71 35.86 -32.82 23.12
CA ILE U 71 36.20 -31.75 22.19
C ILE U 71 34.99 -30.90 21.92
N GLN U 72 33.84 -31.51 21.74
CA GLN U 72 32.73 -30.67 21.39
C GLN U 72 32.35 -29.76 22.56
N PHE U 73 32.42 -30.28 23.78
CA PHE U 73 32.18 -29.45 24.95
C PHE U 73 33.16 -28.29 25.00
N ALA U 74 34.43 -28.59 24.79
CA ALA U 74 35.46 -27.56 24.90
C ALA U 74 35.28 -26.48 23.83
N ASP U 75 35.12 -26.88 22.59
CA ASP U 75 34.96 -25.88 21.53
C ASP U 75 33.70 -25.06 21.74
N THR U 76 32.62 -25.69 22.20
CA THR U 76 31.40 -24.94 22.52
C THR U 76 31.62 -23.91 23.62
N ARG U 77 32.29 -24.29 24.71
CA ARG U 77 32.47 -23.32 25.79
C ARG U 77 33.39 -22.18 25.36
N GLY U 78 34.47 -22.48 24.68
CA GLY U 78 35.32 -21.43 24.17
C GLY U 78 34.65 -20.53 23.16
N TYR U 79 33.71 -21.01 22.41
CA TYR U 79 33.00 -20.13 21.51
C TYR U 79 32.03 -19.18 22.22
N ALA U 80 31.28 -19.72 23.17
CA ALA U 80 30.33 -19.01 23.97
C ALA U 80 30.87 -18.02 24.95
N TYR U 81 31.98 -18.38 25.57
CA TYR U 81 32.64 -17.53 26.51
C TYR U 81 33.89 -17.08 25.84
N ASP U 82 35.02 -17.45 26.38
CA ASP U 82 36.29 -17.15 25.77
C ASP U 82 37.14 -18.36 25.82
N ARG U 83 38.09 -18.40 24.96
CA ARG U 83 38.94 -19.60 25.02
C ARG U 83 39.58 -19.78 26.38
N ARG U 84 39.95 -18.69 27.03
CA ARG U 84 40.66 -18.79 28.30
C ARG U 84 39.84 -19.52 29.34
N ASP U 85 38.54 -19.30 29.28
CA ASP U 85 37.62 -19.84 30.26
C ASP U 85 37.53 -21.36 30.23
N VAL U 86 38.14 -22.02 29.25
CA VAL U 86 38.15 -23.48 29.16
C VAL U 86 39.27 -24.04 30.03
N THR U 87 38.91 -24.87 31.00
CA THR U 87 39.89 -25.41 31.93
C THR U 87 39.81 -26.92 31.97
N GLY U 88 40.93 -27.54 32.30
CA GLY U 88 40.95 -28.98 32.42
C GLY U 88 40.05 -29.47 33.52
N ARG U 89 39.85 -28.69 34.56
CA ARG U 89 38.91 -29.15 35.55
C ARG U 89 37.48 -29.12 35.03
N GLN U 90 37.20 -28.23 34.09
CA GLN U 90 35.86 -28.24 33.53
C GLN U 90 35.63 -29.53 32.78
N LEU U 91 36.60 -29.90 31.96
CA LEU U 91 36.48 -31.12 31.19
C LEU U 91 36.41 -32.33 32.11
N ALA U 92 37.28 -32.38 33.11
CA ALA U 92 37.25 -33.52 34.01
C ALA U 92 35.90 -33.61 34.69
N ASN U 93 35.35 -32.49 35.09
CA ASN U 93 34.05 -32.48 35.75
C ASN U 93 32.99 -33.03 34.80
N VAL U 94 33.10 -32.65 33.53
CA VAL U 94 32.16 -33.11 32.52
C VAL U 94 32.29 -34.62 32.27
N TYR U 95 33.50 -35.13 32.27
CA TYR U 95 33.69 -36.55 32.07
C TYR U 95 33.16 -37.34 33.26
N ALA U 96 33.33 -36.79 34.46
CA ALA U 96 32.80 -37.43 35.65
C ALA U 96 31.28 -37.52 35.58
N GLN U 97 30.62 -36.43 35.23
CA GLN U 97 29.16 -36.47 35.10
C GLN U 97 28.73 -37.43 34.01
N THR U 98 29.41 -37.41 32.88
CA THR U 98 28.99 -38.24 31.77
C THR U 98 29.18 -39.70 32.07
N LEU U 99 30.34 -40.05 32.64
CA LEU U 99 30.58 -41.44 32.98
C LEU U 99 29.68 -41.91 34.10
N GLY U 100 29.30 -41.01 35.01
CA GLY U 100 28.34 -41.39 36.03
C GLY U 100 27.00 -41.76 35.45
N THR U 101 26.46 -40.88 34.59
CA THR U 101 25.19 -41.21 33.94
C THR U 101 25.28 -42.49 33.13
N ILE U 102 26.34 -42.65 32.34
CA ILE U 102 26.47 -43.88 31.57
C ILE U 102 26.45 -45.08 32.49
N PHE U 103 27.21 -44.98 33.57
CA PHE U 103 27.36 -46.13 34.43
C PHE U 103 26.04 -46.53 35.10
N THR U 104 25.16 -45.58 35.42
CA THR U 104 23.97 -46.06 36.10
C THR U 104 22.81 -46.31 35.15
N GLU U 105 22.73 -45.61 34.01
CA GLU U 105 21.54 -45.61 33.18
C GLU U 105 21.68 -46.26 31.81
N GLN U 106 22.89 -46.43 31.28
CA GLN U 106 22.99 -46.99 29.93
C GLN U 106 22.92 -48.51 29.95
N ALA U 107 22.76 -49.08 28.76
CA ALA U 107 22.63 -50.53 28.65
C ALA U 107 23.84 -51.25 29.22
N LYS U 108 25.03 -50.79 28.89
CA LYS U 108 26.25 -51.34 29.43
C LYS U 108 27.16 -50.19 29.86
N PRO U 109 27.81 -50.31 31.00
CA PRO U 109 28.75 -49.26 31.39
C PRO U 109 29.87 -49.18 30.37
N TYR U 110 30.47 -48.00 30.29
CA TYR U 110 31.63 -47.85 29.45
C TYR U 110 32.81 -48.48 30.15
N GLU U 111 33.55 -49.33 29.45
CA GLU U 111 34.78 -49.91 29.98
C GLU U 111 35.94 -48.98 29.63
N VAL U 112 36.00 -47.84 30.33
CA VAL U 112 37.03 -46.84 30.02
C VAL U 112 37.59 -46.31 31.32
N GLU U 113 38.80 -45.79 31.21
CA GLU U 113 39.40 -44.98 32.26
C GLU U 113 40.10 -43.80 31.57
N LEU U 114 39.88 -42.58 32.07
CA LEU U 114 40.29 -41.37 31.38
C LEU U 114 41.30 -40.56 32.19
N CYS U 115 42.13 -39.81 31.50
CA CYS U 115 43.01 -38.82 32.08
C CYS U 115 42.83 -37.51 31.31
N VAL U 116 42.53 -36.43 32.03
CA VAL U 116 42.48 -35.08 31.48
C VAL U 116 43.60 -34.29 32.14
N ALA U 117 44.47 -33.70 31.34
CA ALA U 117 45.63 -32.98 31.89
C ALA U 117 45.68 -31.57 31.34
N GLU U 118 46.14 -30.64 32.18
CA GLU U 118 46.22 -29.26 31.77
C GLU U 118 47.56 -28.70 32.21
N VAL U 119 48.20 -27.92 31.34
CA VAL U 119 49.42 -27.22 31.68
C VAL U 119 49.12 -25.72 31.65
N ALA U 120 50.09 -24.94 32.08
CA ALA U 120 49.90 -23.49 32.11
C ALA U 120 49.73 -22.92 30.71
N HIS U 121 49.18 -21.71 30.66
CA HIS U 121 49.24 -20.95 29.45
C HIS U 121 50.62 -20.32 29.30
N TYR U 122 50.95 -19.92 28.08
CA TYR U 122 52.31 -19.45 27.82
C TYR U 122 52.62 -18.26 28.71
N GLY U 123 53.75 -18.33 29.42
CA GLY U 123 54.28 -17.30 30.29
C GLY U 123 53.65 -17.21 31.66
N GLU U 124 52.75 -18.11 32.01
CA GLU U 124 52.06 -18.10 33.28
C GLU U 124 52.57 -19.25 34.12
N THR U 125 52.50 -19.09 35.42
CA THR U 125 53.16 -20.02 36.33
C THR U 125 52.06 -20.74 37.10
N LYS U 126 51.64 -21.93 36.69
CA LYS U 126 51.24 -22.83 37.77
C LYS U 126 51.46 -24.25 37.26
N ARG U 127 51.34 -25.14 38.17
CA ARG U 127 51.84 -26.48 37.91
C ARG U 127 50.80 -27.28 37.14
N PRO U 128 51.24 -28.27 36.40
CA PRO U 128 50.30 -29.14 35.68
C PRO U 128 49.23 -29.70 36.59
N GLU U 129 48.07 -30.00 36.00
CA GLU U 129 46.99 -30.68 36.69
C GLU U 129 46.71 -31.98 35.95
N LEU U 130 46.62 -33.09 36.70
CA LEU U 130 46.26 -34.35 36.07
C LEU U 130 44.99 -34.81 36.76
N TYR U 131 44.01 -35.21 35.99
CA TYR U 131 42.77 -35.70 36.53
C TYR U 131 42.52 -37.09 35.98
N ARG U 132 42.14 -38.01 36.88
CA ARG U 132 41.81 -39.39 36.56
C ARG U 132 40.34 -39.60 36.80
N ILE U 133 39.63 -40.07 35.78
CA ILE U 133 38.21 -40.31 35.88
C ILE U 133 37.99 -41.77 35.54
N THR U 134 37.30 -42.49 36.41
CA THR U 134 37.10 -43.91 36.26
C THR U 134 35.70 -44.19 35.74
N TYR U 135 35.42 -45.48 35.48
CA TYR U 135 34.23 -45.87 34.73
C TYR U 135 32.92 -45.50 35.38
N ASP U 136 32.88 -45.23 36.66
CA ASP U 136 31.62 -44.92 37.32
C ASP U 136 31.48 -43.45 37.60
N GLY U 137 32.40 -42.64 37.11
CA GLY U 137 32.41 -41.23 37.38
C GLY U 137 33.21 -40.80 38.57
N SER U 138 33.99 -41.69 39.16
CA SER U 138 34.87 -41.27 40.23
C SER U 138 35.98 -40.41 39.65
N ILE U 139 36.26 -39.31 40.30
CA ILE U 139 37.23 -38.39 39.79
C ILE U 139 38.18 -38.08 40.91
N ALA U 140 39.45 -38.14 40.61
CA ALA U 140 40.49 -37.87 41.57
C ALA U 140 41.55 -37.06 40.86
N ASP U 141 42.08 -36.06 41.55
CA ASP U 141 43.15 -35.24 40.99
C ASP U 141 44.49 -35.64 41.57
N GLU U 142 45.49 -35.54 40.72
CA GLU U 142 46.83 -36.01 40.94
C GLU U 142 47.84 -34.93 40.55
N PRO U 143 48.91 -34.87 41.31
CA PRO U 143 49.94 -33.87 41.09
C PRO U 143 51.15 -34.41 40.34
N HIS U 144 51.41 -35.71 40.36
CA HIS U 144 52.63 -36.26 39.78
C HIS U 144 52.37 -37.22 38.63
N PHE U 145 51.52 -38.23 38.81
CA PHE U 145 51.33 -39.16 37.71
C PHE U 145 50.00 -39.88 37.87
N VAL U 146 49.56 -40.47 36.77
CA VAL U 146 48.34 -41.25 36.68
C VAL U 146 48.61 -42.48 35.84
N VAL U 147 48.08 -43.63 36.29
CA VAL U 147 48.21 -44.89 35.58
C VAL U 147 46.83 -45.40 35.23
N MET U 148 46.66 -45.85 33.99
CA MET U 148 45.38 -46.35 33.53
C MET U 148 45.57 -47.58 32.67
N GLY U 149 44.68 -48.55 32.82
CA GLY U 149 44.67 -49.69 31.93
C GLY U 149 45.59 -50.79 32.41
N GLY U 150 45.22 -52.02 32.07
CA GLY U 150 45.99 -53.20 32.39
C GLY U 150 46.11 -53.41 33.89
N THR U 151 47.23 -53.99 34.27
CA THR U 151 47.53 -54.21 35.65
C THR U 151 48.29 -53.00 36.05
N THR U 152 47.58 -52.05 36.64
CA THR U 152 48.12 -50.78 37.07
C THR U 152 49.09 -50.79 38.19
N GLU U 153 48.84 -51.64 39.14
CA GLU U 153 49.58 -51.66 40.37
C GLU U 153 51.08 -51.82 40.23
N PRO U 154 51.56 -52.65 39.33
CA PRO U 154 52.99 -52.76 39.14
C PRO U 154 53.54 -51.47 38.66
N ILE U 155 52.84 -50.82 37.74
CA ILE U 155 53.31 -49.58 37.13
C ILE U 155 53.29 -48.46 38.15
N ALA U 156 52.22 -48.38 38.94
CA ALA U 156 52.10 -47.35 39.93
C ALA U 156 53.24 -47.41 40.95
N ASN U 157 53.58 -48.60 41.44
CA ASN U 157 54.65 -48.68 42.44
C ASN U 157 56.01 -48.41 41.83
N ALA U 158 56.25 -48.95 40.63
CA ALA U 158 57.47 -48.60 39.92
C ALA U 158 57.65 -47.09 39.82
N LEU U 159 56.54 -46.37 39.54
CA LEU U 159 56.64 -44.90 39.51
C LEU U 159 56.79 -44.32 40.89
N LYS U 160 56.14 -44.90 41.90
CA LYS U 160 56.24 -44.36 43.25
C LYS U 160 57.68 -44.40 43.73
N GLU U 161 58.48 -45.34 43.21
CA GLU U 161 59.89 -45.35 43.56
C GLU U 161 60.79 -44.68 42.52
N SER U 162 60.32 -44.43 41.31
CA SER U 162 61.21 -43.80 40.36
C SER U 162 60.87 -42.35 40.02
N TYR U 163 59.70 -41.85 40.39
CA TYR U 163 59.31 -40.52 39.92
C TYR U 163 59.94 -39.44 40.78
N ALA U 164 60.47 -38.42 40.13
CA ALA U 164 60.94 -37.22 40.78
C ALA U 164 60.32 -36.02 40.09
N GLU U 165 59.92 -35.02 40.86
CA GLU U 165 59.28 -33.86 40.26
C GLU U 165 60.20 -33.22 39.21
N ASN U 166 59.64 -32.22 38.55
CA ASN U 166 60.33 -31.44 37.52
C ASN U 166 61.43 -32.16 36.76
N ALA U 167 61.24 -33.43 36.43
CA ALA U 167 62.26 -34.13 35.66
C ALA U 167 62.31 -33.61 34.23
N SER U 168 63.41 -33.91 33.53
CA SER U 168 63.52 -33.51 32.15
C SER U 168 62.69 -34.43 31.27
N LEU U 169 62.52 -34.02 30.00
CA LEU U 169 61.72 -34.82 29.08
C LEU U 169 62.34 -36.20 28.92
N THR U 170 63.64 -36.28 28.74
CA THR U 170 64.31 -37.57 28.56
C THR U 170 64.18 -38.44 29.80
N ASP U 171 64.40 -37.85 30.96
CA ASP U 171 64.31 -38.61 32.21
C ASP U 171 62.89 -39.13 32.43
N ALA U 172 61.91 -38.25 32.21
CA ALA U 172 60.53 -38.65 32.37
C ALA U 172 60.15 -39.74 31.37
N LEU U 173 60.59 -39.63 30.14
CA LEU U 173 60.23 -40.66 29.17
C LEU U 173 60.75 -42.02 29.59
N ARG U 174 61.98 -42.08 30.13
CA ARG U 174 62.48 -43.42 30.44
C ARG U 174 61.93 -43.94 31.76
N ILE U 175 61.62 -43.03 32.66
CA ILE U 175 60.92 -43.44 33.88
C ILE U 175 59.57 -44.06 33.52
N ALA U 176 58.86 -43.42 32.60
CA ALA U 176 57.54 -43.91 32.18
C ALA U 176 57.66 -45.23 31.43
N VAL U 177 58.62 -45.34 30.50
CA VAL U 177 58.75 -46.60 29.79
C VAL U 177 59.12 -47.71 30.75
N ALA U 178 59.98 -47.41 31.71
CA ALA U 178 60.32 -48.40 32.72
C ALA U 178 59.08 -48.87 33.46
N ALA U 179 58.32 -47.94 34.05
CA ALA U 179 57.16 -48.36 34.83
C ALA U 179 56.18 -49.17 33.98
N LEU U 180 56.05 -48.83 32.70
CA LEU U 180 55.19 -49.63 31.83
C LEU U 180 55.73 -51.05 31.68
N ARG U 181 57.05 -51.22 31.62
CA ARG U 181 57.63 -52.56 31.47
C ARG U 181 57.25 -53.46 32.63
N ALA U 182 57.21 -52.92 33.84
CA ALA U 182 56.83 -53.69 35.01
C ALA U 182 55.37 -54.16 34.97
N GLY U 183 54.67 -53.98 33.86
CA GLY U 183 53.29 -54.45 33.77
C GLY U 183 52.98 -55.34 32.57
N LEU U 195 60.39 -49.59 24.73
CA LEU U 195 59.77 -50.73 24.03
C LEU U 195 59.84 -50.52 22.53
N GLY U 196 60.55 -49.49 22.12
CA GLY U 196 60.61 -49.18 20.70
C GLY U 196 59.44 -48.35 20.23
N VAL U 197 59.70 -47.51 19.24
CA VAL U 197 58.66 -46.61 18.77
C VAL U 197 57.51 -47.36 18.14
N ALA U 198 57.68 -48.62 17.79
CA ALA U 198 56.62 -49.36 17.11
C ALA U 198 55.52 -49.80 18.04
N SER U 199 55.74 -49.71 19.34
CA SER U 199 54.73 -50.10 20.30
C SER U 199 54.32 -48.97 21.25
N LEU U 200 54.82 -47.73 21.03
CA LEU U 200 54.53 -46.61 21.91
C LEU U 200 53.85 -45.49 21.16
N GLU U 201 52.91 -44.84 21.84
CA GLU U 201 52.32 -43.60 21.40
C GLU U 201 52.70 -42.59 22.47
N VAL U 202 53.40 -41.54 22.08
CA VAL U 202 53.96 -40.60 23.03
C VAL U 202 53.55 -39.20 22.61
N ALA U 203 53.17 -38.38 23.57
CA ALA U 203 52.86 -36.99 23.26
C ALA U 203 53.07 -36.17 24.51
N VAL U 204 53.13 -34.86 24.32
CA VAL U 204 53.35 -33.94 25.43
C VAL U 204 52.33 -32.83 25.36
N LEU U 205 52.01 -32.32 26.54
CA LEU U 205 51.45 -31.00 26.72
C LEU U 205 52.64 -30.14 27.07
N ASP U 206 53.14 -29.42 26.10
CA ASP U 206 54.37 -28.63 26.20
C ASP U 206 54.00 -27.20 26.57
N ALA U 207 54.25 -26.81 27.82
CA ALA U 207 53.88 -25.50 28.30
C ALA U 207 54.61 -24.38 27.59
N ASN U 208 55.63 -24.70 26.79
CA ASN U 208 56.40 -23.68 26.12
C ASN U 208 55.82 -23.27 24.80
N ARG U 209 54.88 -24.02 24.28
CA ARG U 209 54.26 -23.65 23.02
C ARG U 209 53.31 -22.48 23.25
N PRO U 210 53.28 -21.52 22.33
CA PRO U 210 52.52 -20.30 22.59
C PRO U 210 51.02 -20.49 22.71
N ARG U 211 50.36 -21.25 21.85
CA ARG U 211 48.93 -21.45 22.06
C ARG U 211 48.62 -22.92 22.27
N ARG U 212 48.84 -23.77 21.28
CA ARG U 212 48.44 -25.17 21.36
C ARG U 212 49.57 -26.01 21.89
N ALA U 213 49.39 -26.55 23.09
CA ALA U 213 50.46 -27.25 23.77
C ALA U 213 50.66 -28.69 23.32
N PHE U 214 49.65 -29.31 22.71
CA PHE U 214 49.70 -30.74 22.40
C PHE U 214 50.62 -31.01 21.24
N ARG U 215 51.51 -32.00 21.41
CA ARG U 215 52.47 -32.32 20.36
C ARG U 215 52.83 -33.79 20.42
N ARG U 216 52.79 -34.50 19.28
CA ARG U 216 53.20 -35.90 19.27
C ARG U 216 54.71 -35.99 19.06
N ILE U 217 55.29 -37.04 19.61
CA ILE U 217 56.71 -37.35 19.44
C ILE U 217 56.77 -38.71 18.82
N THR U 218 57.21 -38.78 17.56
CA THR U 218 57.10 -40.01 16.78
C THR U 218 58.42 -40.35 16.11
N GLY U 219 58.63 -41.65 15.93
CA GLY U 219 59.69 -42.16 15.07
C GLY U 219 61.08 -41.79 15.55
N SER U 220 61.84 -41.19 14.64
CA SER U 220 63.23 -40.86 14.93
C SER U 220 63.33 -39.94 16.13
N ALA U 221 62.47 -38.92 16.18
CA ALA U 221 62.48 -37.98 17.30
C ALA U 221 62.24 -38.72 18.61
N LEU U 222 61.32 -39.67 18.60
CA LEU U 222 61.07 -40.45 19.79
C LEU U 222 62.27 -41.33 20.12
N GLN U 223 62.90 -41.92 19.11
CA GLN U 223 64.00 -42.82 19.40
C GLN U 223 65.16 -42.09 20.05
N ALA U 224 65.42 -40.84 19.62
CA ALA U 224 66.49 -40.09 20.25
C ALA U 224 66.28 -40.00 21.75
N LEU U 225 65.05 -39.70 22.18
CA LEU U 225 64.74 -39.66 23.59
C LEU U 225 64.68 -41.03 24.23
N LEU U 226 64.71 -42.10 23.43
CA LEU U 226 64.65 -43.43 24.02
C LEU U 226 66.01 -43.99 24.44
N VAL U 227 67.11 -43.65 23.75
CA VAL U 227 68.44 -44.13 24.12
C VAL U 227 69.47 -43.00 24.10
N THR V 1 19.30 10.26 26.92
CA THR V 1 20.28 9.64 27.79
C THR V 1 21.70 9.95 27.37
N THR V 2 22.59 10.10 28.33
CA THR V 2 24.00 10.01 28.00
C THR V 2 24.76 9.24 29.07
N ILE V 3 25.58 8.29 28.63
CA ILE V 3 26.50 7.54 29.47
C ILE V 3 27.93 7.78 28.98
N VAL V 4 28.84 8.09 29.90
CA VAL V 4 30.25 8.22 29.54
C VAL V 4 31.07 7.26 30.35
N ALA V 5 32.17 6.83 29.77
CA ALA V 5 33.15 6.03 30.46
C ALA V 5 34.52 6.50 30.01
N LEU V 6 35.48 6.56 30.93
CA LEU V 6 36.84 6.86 30.51
C LEU V 6 37.86 6.15 31.41
N LYS V 7 39.02 5.90 30.84
CA LYS V 7 40.13 5.27 31.52
C LYS V 7 41.04 6.30 32.15
N TYR V 8 41.47 6.03 33.36
CA TYR V 8 42.49 6.84 34.01
C TYR V 8 43.53 5.89 34.58
N PRO V 9 44.70 6.40 34.98
CA PRO V 9 45.76 5.50 35.46
C PRO V 9 45.35 4.62 36.62
N GLY V 10 45.22 3.34 36.36
CA GLY V 10 44.85 2.44 37.41
C GLY V 10 43.38 2.10 37.47
N GLY V 11 42.57 2.62 36.56
CA GLY V 11 41.17 2.27 36.66
C GLY V 11 40.34 2.85 35.55
N VAL V 12 39.04 2.79 35.78
CA VAL V 12 38.06 3.25 34.80
C VAL V 12 36.91 3.91 35.57
N VAL V 13 36.23 4.85 34.92
CA VAL V 13 35.11 5.56 35.54
C VAL V 13 33.93 5.61 34.58
N MET V 14 32.72 5.46 35.12
CA MET V 14 31.53 5.51 34.28
C MET V 14 30.47 6.36 34.96
N ALA V 15 29.83 7.23 34.18
CA ALA V 15 28.86 8.15 34.74
C ALA V 15 27.68 8.29 33.79
N GLY V 16 26.49 8.55 34.36
CA GLY V 16 25.30 8.69 33.55
C GLY V 16 24.35 9.72 34.12
N ASP V 17 23.50 10.23 33.25
CA ASP V 17 22.55 11.25 33.64
C ASP V 17 21.31 10.64 34.31
N ARG V 18 20.39 11.48 34.74
CA ARG V 18 19.30 10.97 35.55
C ARG V 18 17.95 11.15 34.90
N ARG V 19 17.90 11.56 33.63
CA ARG V 19 16.64 11.93 33.00
C ARG V 19 15.93 10.76 32.34
N SER V 20 14.61 10.77 32.44
CA SER V 20 13.75 9.87 31.70
C SER V 20 12.66 10.67 30.99
N THR V 21 12.47 10.43 29.72
CA THR V 21 11.46 11.15 28.94
C THR V 21 10.52 10.16 28.27
N GLN V 22 9.33 10.68 27.93
CA GLN V 22 8.32 10.02 27.08
C GLN V 22 8.01 11.05 26.02
N GLY V 23 8.69 10.95 24.88
CA GLY V 23 8.58 12.00 23.90
C GLY V 23 9.26 13.24 24.41
N ASN V 24 8.52 14.34 24.48
CA ASN V 24 9.05 15.59 25.01
C ASN V 24 8.89 15.72 26.51
N MET V 25 8.03 14.94 27.13
CA MET V 25 7.77 15.11 28.55
C MET V 25 8.84 14.43 29.39
N ILE V 26 9.26 15.10 30.44
CA ILE V 26 10.16 14.53 31.43
C ILE V 26 9.33 13.65 32.37
N SER V 27 9.60 12.35 32.35
CA SER V 27 8.93 11.40 33.20
C SER V 27 9.81 10.94 34.35
N GLY V 28 11.06 11.37 34.40
CA GLY V 28 11.92 11.03 35.51
C GLY V 28 13.14 11.92 35.69
N ARG V 29 13.48 12.18 36.96
CA ARG V 29 14.57 13.07 37.32
C ARG V 29 15.67 12.38 38.09
N ASP V 30 15.42 11.19 38.62
CA ASP V 30 16.28 10.50 39.56
C ASP V 30 16.71 9.14 39.07
N VAL V 31 16.52 8.87 37.78
CA VAL V 31 16.79 7.54 37.23
C VAL V 31 18.27 7.19 37.37
N ARG V 32 18.55 5.91 37.39
CA ARG V 32 19.90 5.45 37.45
C ARG V 32 20.11 4.60 36.22
N LYS V 33 21.18 4.84 35.53
CA LYS V 33 21.41 4.17 34.26
C LYS V 33 22.71 3.40 34.26
N VAL V 34 23.50 3.50 35.32
CA VAL V 34 24.80 2.86 35.39
C VAL V 34 24.75 1.90 36.57
N TYR V 35 24.96 0.61 36.31
CA TYR V 35 24.82 -0.43 37.33
C TYR V 35 26.14 -1.15 37.54
N ILE V 36 26.45 -1.44 38.79
CA ILE V 36 27.59 -2.32 39.06
C ILE V 36 27.14 -3.73 38.78
N THR V 37 27.71 -4.35 37.75
CA THR V 37 27.27 -5.67 37.35
C THR V 37 28.15 -6.78 37.90
N ASP V 38 29.30 -6.44 38.45
CA ASP V 38 30.22 -7.45 38.93
C ASP V 38 31.25 -6.71 39.77
N ASP V 39 32.01 -7.42 40.58
CA ASP V 39 32.97 -6.76 41.46
C ASP V 39 33.93 -5.88 40.67
N TYR V 40 34.16 -6.20 39.40
CA TYR V 40 35.08 -5.42 38.61
C TYR V 40 34.47 -4.86 37.35
N THR V 41 33.13 -4.86 37.22
CA THR V 41 32.55 -4.33 36.00
C THR V 41 31.29 -3.54 36.31
N ALA V 42 31.10 -2.46 35.57
CA ALA V 42 29.88 -1.66 35.54
C ALA V 42 29.38 -1.59 34.09
N THR V 43 28.06 -1.55 33.94
CA THR V 43 27.37 -1.42 32.67
C THR V 43 26.44 -0.21 32.73
N GLY V 44 26.52 0.66 31.74
CA GLY V 44 25.60 1.79 31.59
C GLY V 44 24.78 1.55 30.34
N ILE V 45 23.49 1.84 30.38
CA ILE V 45 22.65 1.46 29.25
C ILE V 45 21.78 2.61 28.80
N ALA V 46 21.59 2.74 27.50
CA ALA V 46 20.75 3.76 26.89
C ALA V 46 19.64 3.12 26.07
N GLY V 47 18.47 3.73 26.06
CA GLY V 47 17.42 3.12 25.29
C GLY V 47 16.12 3.02 26.04
N THR V 48 15.27 2.09 25.64
CA THR V 48 13.98 2.00 26.30
C THR V 48 14.22 1.38 27.66
N ALA V 49 13.67 2.03 28.70
CA ALA V 49 14.04 1.74 30.08
C ALA V 49 13.82 0.27 30.45
N ALA V 50 12.67 -0.28 30.09
CA ALA V 50 12.38 -1.66 30.45
C ALA V 50 13.49 -2.58 29.98
N VAL V 51 13.91 -2.40 28.74
CA VAL V 51 14.94 -3.26 28.19
C VAL V 51 16.26 -2.98 28.87
N ALA V 52 16.56 -1.73 29.12
CA ALA V 52 17.85 -1.39 29.72
C ALA V 52 18.00 -2.03 31.10
N VAL V 53 17.02 -1.86 31.95
CA VAL V 53 17.16 -2.42 33.29
C VAL V 53 17.15 -3.94 33.21
N GLU V 54 16.35 -4.53 32.31
CA GLU V 54 16.39 -5.98 32.19
C GLU V 54 17.77 -6.48 31.76
N PHE V 55 18.43 -5.79 30.82
CA PHE V 55 19.81 -6.17 30.45
C PHE V 55 20.74 -6.12 31.64
N ALA V 56 20.72 -5.01 32.39
CA ALA V 56 21.64 -4.91 33.51
C ALA V 56 21.41 -6.04 34.51
N ARG V 57 20.16 -6.32 34.81
CA ARG V 57 19.82 -7.36 35.77
C ARG V 57 20.21 -8.74 35.28
N LEU V 58 19.86 -9.04 34.04
CA LEU V 58 20.13 -10.37 33.53
C LEU V 58 21.63 -10.58 33.33
N TYR V 59 22.35 -9.54 32.93
CA TYR V 59 23.78 -9.64 32.77
C TYR V 59 24.44 -9.92 34.11
N ALA V 60 24.04 -9.19 35.14
CA ALA V 60 24.64 -9.40 36.45
C ALA V 60 24.37 -10.80 36.95
N VAL V 61 23.15 -11.27 36.75
CA VAL V 61 22.86 -12.62 37.16
C VAL V 61 23.73 -13.60 36.39
N GLU V 62 23.89 -13.41 35.08
CA GLU V 62 24.66 -14.37 34.28
C GLU V 62 26.13 -14.44 34.72
N LEU V 63 26.73 -13.29 35.01
CA LEU V 63 28.12 -13.30 35.45
C LEU V 63 28.28 -14.05 36.77
N GLU V 64 27.44 -13.72 37.76
CA GLU V 64 27.61 -14.40 39.03
C GLU V 64 27.22 -15.88 38.92
N HIS V 65 26.25 -16.18 38.09
CA HIS V 65 25.88 -17.55 37.80
C HIS V 65 27.10 -18.33 37.35
N TYR V 66 27.83 -17.80 36.38
CA TYR V 66 29.03 -18.49 35.95
C TYR V 66 30.02 -18.61 37.09
N GLU V 67 30.20 -17.53 37.85
CA GLU V 67 31.19 -17.54 38.91
C GLU V 67 30.93 -18.64 39.92
N LYS V 68 29.66 -18.83 40.30
CA LYS V 68 29.29 -19.86 41.25
C LYS V 68 29.29 -21.25 40.64
N LEU V 69 28.88 -21.40 39.39
CA LEU V 69 28.90 -22.73 38.82
C LEU V 69 30.33 -23.25 38.66
N GLU V 70 31.24 -22.44 38.14
CA GLU V 70 32.54 -22.96 37.77
C GLU V 70 33.64 -22.58 38.74
N GLY V 71 33.33 -21.86 39.79
CA GLY V 71 34.27 -21.57 40.83
C GLY V 71 35.23 -20.45 40.53
N VAL V 72 35.17 -19.84 39.36
CA VAL V 72 36.08 -18.76 39.05
C VAL V 72 35.33 -17.85 38.06
N PRO V 73 35.56 -16.54 38.08
CA PRO V 73 34.81 -15.65 37.19
C PRO V 73 35.28 -15.76 35.75
N LEU V 74 34.42 -15.27 34.86
CA LEU V 74 34.77 -15.24 33.45
C LEU V 74 35.92 -14.29 33.22
N THR V 75 36.73 -14.61 32.22
CA THR V 75 37.65 -13.63 31.69
C THR V 75 36.90 -12.41 31.14
N PHE V 76 37.60 -11.30 31.05
CA PHE V 76 36.93 -10.12 30.56
C PHE V 76 36.41 -10.37 29.15
N ALA V 77 37.19 -11.10 28.33
CA ALA V 77 36.73 -11.45 26.99
C ALA V 77 35.42 -12.24 27.03
N GLY V 78 35.27 -13.13 28.00
CA GLY V 78 34.01 -13.83 28.14
C GLY V 78 32.87 -12.91 28.52
N LYS V 79 33.14 -11.93 29.40
CA LYS V 79 32.11 -10.96 29.74
C LYS V 79 31.64 -10.16 28.51
N ILE V 80 32.59 -9.74 27.69
CA ILE V 80 32.25 -9.03 26.47
C ILE V 80 31.37 -9.90 25.58
N ASN V 81 31.76 -11.17 25.41
CA ASN V 81 31.00 -12.02 24.51
C ASN V 81 29.58 -12.24 25.03
N ARG V 82 29.41 -12.39 26.34
CA ARG V 82 28.06 -12.66 26.82
C ARG V 82 27.18 -11.42 26.68
N LEU V 83 27.74 -10.23 26.94
CA LEU V 83 26.94 -9.03 26.71
C LEU V 83 26.57 -8.84 25.24
N ALA V 84 27.52 -9.09 24.35
CA ALA V 84 27.27 -8.99 22.93
C ALA V 84 26.18 -9.95 22.49
N ILE V 85 26.22 -11.17 23.03
CA ILE V 85 25.18 -12.12 22.67
C ILE V 85 23.84 -11.63 23.16
N MET V 86 23.79 -11.04 24.35
CA MET V 86 22.50 -10.57 24.85
C MET V 86 21.92 -9.49 23.94
N VAL V 87 22.75 -8.52 23.54
CA VAL V 87 22.27 -7.48 22.63
C VAL V 87 21.79 -8.08 21.31
N ARG V 88 22.61 -8.96 20.72
CA ARG V 88 22.22 -9.59 19.48
C ARG V 88 20.90 -10.32 19.65
N GLY V 89 20.69 -10.94 20.80
CA GLY V 89 19.44 -11.61 21.01
C GLY V 89 18.28 -10.67 21.07
N ASN V 90 18.52 -9.43 21.42
CA ASN V 90 17.45 -8.47 21.46
C ASN V 90 17.23 -7.80 20.13
N LEU V 91 17.99 -8.15 19.09
CA LEU V 91 17.91 -7.36 17.86
C LEU V 91 16.50 -7.33 17.29
N ALA V 92 15.81 -8.46 17.27
CA ALA V 92 14.49 -8.48 16.69
C ALA V 92 13.57 -7.49 17.41
N ALA V 93 13.55 -7.56 18.75
CA ALA V 93 12.74 -6.65 19.54
C ALA V 93 13.17 -5.19 19.37
N ALA V 94 14.48 -4.93 19.27
CA ALA V 94 14.92 -3.55 19.08
C ALA V 94 14.44 -2.98 17.76
N MET V 95 14.37 -3.81 16.70
CA MET V 95 13.90 -3.26 15.44
C MET V 95 12.45 -2.79 15.52
N GLN V 96 11.71 -3.23 16.54
CA GLN V 96 10.36 -2.76 16.80
C GLN V 96 10.27 -1.77 17.96
N GLY V 97 11.38 -1.17 18.38
CA GLY V 97 11.28 -0.10 19.35
C GLY V 97 11.71 -0.46 20.76
N LEU V 98 12.02 -1.72 21.04
CA LEU V 98 12.55 -2.07 22.34
C LEU V 98 14.08 -2.09 22.29
N LEU V 99 14.65 -0.94 21.94
CA LEU V 99 16.08 -0.83 21.70
C LEU V 99 16.83 -0.36 22.92
N ALA V 100 17.96 -1.02 23.19
CA ALA V 100 18.82 -0.64 24.29
C ALA V 100 20.26 -0.96 23.92
N LEU V 101 21.16 0.01 24.08
CA LEU V 101 22.58 -0.20 23.86
C LEU V 101 23.36 -0.03 25.14
N PRO V 102 24.25 -0.99 25.46
CA PRO V 102 25.03 -0.89 26.70
C PRO V 102 26.43 -0.35 26.47
N LEU V 103 27.04 0.15 27.52
CA LEU V 103 28.43 0.55 27.55
C LEU V 103 29.06 -0.15 28.74
N LEU V 104 30.17 -0.86 28.50
CA LEU V 104 30.80 -1.72 29.50
C LEU V 104 32.10 -1.10 29.97
N ALA V 105 32.31 -1.06 31.28
CA ALA V 105 33.56 -0.56 31.84
C ALA V 105 34.05 -1.55 32.85
N GLY V 106 35.32 -1.93 32.78
CA GLY V 106 35.80 -2.94 33.70
C GLY V 106 37.26 -2.77 34.02
N TYR V 107 37.72 -3.57 34.98
CA TYR V 107 39.13 -3.64 35.36
C TYR V 107 39.57 -5.09 35.24
N ASP V 108 40.53 -5.34 34.37
CA ASP V 108 40.97 -6.72 34.12
C ASP V 108 42.04 -7.13 35.11
N ILE V 109 41.64 -7.94 36.10
CA ILE V 109 42.59 -8.39 37.12
C ILE V 109 43.68 -9.24 36.53
N HIS V 110 43.50 -9.77 35.35
CA HIS V 110 44.50 -10.57 34.68
C HIS V 110 45.34 -9.76 33.73
N ALA V 111 45.10 -8.46 33.64
CA ALA V 111 45.91 -7.66 32.75
C ALA V 111 47.32 -7.56 33.29
N SER V 112 48.28 -7.50 32.36
CA SER V 112 49.68 -7.49 32.76
C SER V 112 50.00 -6.19 33.47
N ASP V 113 49.53 -5.08 32.94
CA ASP V 113 49.87 -3.78 33.50
C ASP V 113 48.74 -3.21 34.34
N PRO V 114 48.91 -3.07 35.66
CA PRO V 114 47.85 -2.48 36.49
C PRO V 114 47.45 -1.09 36.03
N GLN V 115 48.33 -0.41 35.31
CA GLN V 115 48.05 0.95 34.91
C GLN V 115 47.07 0.98 33.76
N SER V 116 47.07 -0.08 32.96
CA SER V 116 46.23 -0.19 31.77
C SER V 116 45.10 -1.21 31.92
N ALA V 117 44.80 -1.66 33.13
CA ALA V 117 43.80 -2.72 33.23
C ALA V 117 42.37 -2.24 33.03
N GLY V 118 42.12 -0.94 32.94
CA GLY V 118 40.79 -0.47 32.64
C GLY V 118 40.41 -0.81 31.21
N ARG V 119 39.15 -1.10 31.00
CA ARG V 119 38.61 -1.47 29.72
C ARG V 119 37.29 -0.75 29.50
N ILE V 120 37.11 -0.27 28.27
CA ILE V 120 35.87 0.37 27.86
C ILE V 120 35.41 -0.29 26.57
N VAL V 121 34.19 -0.82 26.59
CA VAL V 121 33.68 -1.54 25.42
C VAL V 121 32.35 -0.94 25.06
N SER V 122 32.20 -0.59 23.79
CA SER V 122 30.93 -0.13 23.26
C SER V 122 30.31 -1.21 22.39
N PHE V 123 29.01 -1.15 22.24
CA PHE V 123 28.24 -2.14 21.50
C PHE V 123 27.30 -1.44 20.53
N ASP V 124 26.94 -2.11 19.45
CA ASP V 124 25.87 -1.69 18.57
C ASP V 124 24.70 -2.66 18.65
N ALA V 125 23.59 -2.29 18.00
CA ALA V 125 22.36 -3.05 18.16
C ALA V 125 22.44 -4.48 17.65
N ALA V 126 23.49 -4.85 16.90
CA ALA V 126 23.62 -6.21 16.42
C ALA V 126 24.58 -7.01 17.24
N GLY V 127 25.11 -6.43 18.30
CA GLY V 127 26.04 -7.12 19.14
C GLY V 127 27.48 -6.82 18.87
N GLY V 128 27.79 -6.08 17.82
CA GLY V 128 29.17 -5.72 17.57
C GLY V 128 29.74 -4.92 18.72
N TRP V 129 31.01 -5.19 19.04
CA TRP V 129 31.67 -4.52 20.15
C TRP V 129 33.00 -3.94 19.71
N ASN V 130 33.41 -2.88 20.41
CA ASN V 130 34.74 -2.31 20.24
C ASN V 130 35.35 -2.06 21.61
N ILE V 131 36.54 -2.62 21.82
CA ILE V 131 37.37 -2.24 22.97
C ILE V 131 38.05 -0.95 22.58
N GLU V 132 37.74 0.11 23.32
CA GLU V 132 38.15 1.46 22.94
C GLU V 132 39.55 1.75 23.46
N GLU V 133 40.49 1.93 22.54
CA GLU V 133 41.87 2.17 22.94
C GLU V 133 42.30 3.63 22.83
N GLU V 134 41.39 4.57 22.65
CA GLU V 134 41.77 5.95 22.86
C GLU V 134 41.26 6.51 24.18
N GLY V 135 40.72 5.70 25.07
CA GLY V 135 40.55 6.11 26.45
C GLY V 135 39.17 6.55 26.89
N TYR V 136 38.25 6.81 25.98
CA TYR V 136 36.95 7.26 26.44
C TYR V 136 35.89 6.84 25.44
N GLN V 137 34.65 6.84 25.91
CA GLN V 137 33.57 6.49 25.01
C GLN V 137 32.25 6.90 25.67
N ALA V 138 31.21 7.01 24.85
CA ALA V 138 29.91 7.45 25.33
C ALA V 138 28.83 6.81 24.48
N VAL V 139 27.65 6.70 25.06
CA VAL V 139 26.52 6.09 24.38
C VAL V 139 25.30 6.90 24.78
N GLY V 140 24.32 6.97 23.89
CA GLY V 140 23.10 7.71 24.15
C GLY V 140 22.91 8.88 23.21
N SER V 141 21.78 9.55 23.38
CA SER V 141 21.41 10.65 22.48
C SER V 141 22.35 11.84 22.58
N GLY V 142 23.09 11.99 23.66
CA GLY V 142 24.13 12.99 23.81
C GLY V 142 25.54 12.46 23.66
N SER V 143 25.70 11.23 23.17
CA SER V 143 27.03 10.65 23.13
C SER V 143 27.99 11.48 22.28
N LEU V 144 27.54 12.15 21.22
CA LEU V 144 28.51 12.85 20.41
C LEU V 144 28.96 14.16 21.06
N PHE V 145 28.08 14.81 21.79
CA PHE V 145 28.50 15.98 22.53
C PHE V 145 29.49 15.59 23.61
N ALA V 146 29.20 14.50 24.31
CA ALA V 146 30.10 14.07 25.37
C ALA V 146 31.45 13.61 24.83
N LYS V 147 31.45 12.87 23.73
CA LYS V 147 32.72 12.45 23.17
C LYS V 147 33.52 13.62 22.70
N SER V 148 32.88 14.55 22.01
CA SER V 148 33.66 15.65 21.47
C SER V 148 34.19 16.54 22.58
N SER V 149 33.47 16.61 23.71
CA SER V 149 33.97 17.30 24.87
C SER V 149 35.21 16.60 25.42
N MET V 150 35.14 15.27 25.57
CA MET V 150 36.28 14.53 26.09
C MET V 150 37.47 14.58 25.15
N LYS V 151 37.23 14.71 23.85
CA LYS V 151 38.37 14.87 22.94
C LYS V 151 39.22 16.04 23.34
N LYS V 152 38.60 17.10 23.82
CA LYS V 152 39.32 18.27 24.24
C LYS V 152 39.76 18.23 25.69
N LEU V 153 39.06 17.51 26.57
CA LEU V 153 39.44 17.54 27.98
C LEU V 153 40.25 16.35 28.46
N TYR V 154 40.39 15.30 27.67
CA TYR V 154 40.93 14.05 28.22
C TYR V 154 42.39 14.18 28.63
N SER V 155 43.17 15.01 27.96
CA SER V 155 44.57 15.16 28.34
C SER V 155 44.75 15.66 29.76
N GLN V 156 43.72 16.17 30.42
CA GLN V 156 43.82 16.61 31.80
C GLN V 156 43.60 15.48 32.80
N VAL V 157 43.35 14.28 32.33
CA VAL V 157 43.02 13.16 33.20
C VAL V 157 44.33 12.55 33.66
N THR V 158 44.64 12.68 34.94
CA THR V 158 45.84 12.09 35.49
C THR V 158 45.56 11.16 36.63
N ASP V 159 44.36 11.16 37.17
CA ASP V 159 44.03 10.32 38.29
C ASP V 159 42.53 10.14 38.32
N GLY V 160 42.05 9.50 39.39
CA GLY V 160 40.63 9.18 39.48
C GLY V 160 39.76 10.40 39.65
N ASP V 161 40.24 11.38 40.41
CA ASP V 161 39.45 12.58 40.66
C ASP V 161 39.41 13.46 39.43
N SER V 162 40.53 13.61 38.72
CA SER V 162 40.44 14.34 37.45
C SER V 162 39.58 13.56 36.45
N GLY V 163 39.67 12.23 36.47
CA GLY V 163 38.86 11.48 35.54
C GLY V 163 37.40 11.67 35.81
N LEU V 164 37.02 11.64 37.07
CA LEU V 164 35.63 11.87 37.44
C LEU V 164 35.20 13.26 37.01
N ARG V 165 36.07 14.25 37.19
CA ARG V 165 35.69 15.60 36.80
C ARG V 165 35.47 15.69 35.31
N VAL V 166 36.38 15.15 34.50
CA VAL V 166 36.15 15.17 33.06
C VAL V 166 34.88 14.41 32.71
N ALA V 167 34.61 13.32 33.37
CA ALA V 167 33.37 12.58 33.11
C ALA V 167 32.13 13.45 33.34
N VAL V 168 32.04 14.08 34.52
CA VAL V 168 30.90 14.93 34.85
C VAL V 168 30.85 16.14 33.94
N GLU V 169 32.00 16.65 33.53
CA GLU V 169 31.97 17.79 32.62
C GLU V 169 31.46 17.37 31.23
N ALA V 170 31.83 16.18 30.75
CA ALA V 170 31.27 15.74 29.48
C ALA V 170 29.76 15.52 29.57
N LEU V 171 29.27 14.93 30.67
CA LEU V 171 27.81 14.84 30.81
C LEU V 171 27.18 16.22 30.87
N TYR V 172 27.86 17.17 31.48
CA TYR V 172 27.33 18.53 31.51
C TYR V 172 27.20 19.07 30.08
N ASP V 173 28.24 18.89 29.27
CA ASP V 173 28.14 19.34 27.89
C ASP V 173 27.04 18.61 27.14
N ALA V 174 26.90 17.30 27.36
CA ALA V 174 25.81 16.57 26.71
C ALA V 174 24.45 17.12 27.10
N ALA V 175 24.19 17.31 28.39
CA ALA V 175 22.90 17.87 28.78
C ALA V 175 22.71 19.28 28.23
N ASP V 176 23.80 20.02 28.05
CA ASP V 176 23.71 21.36 27.48
C ASP V 176 23.21 21.31 26.06
N ASP V 177 23.57 20.27 25.30
CA ASP V 177 23.18 20.23 23.90
C ASP V 177 22.08 19.24 23.56
N ASP V 178 21.68 18.40 24.51
CA ASP V 178 20.69 17.35 24.28
C ASP V 178 19.56 17.46 25.29
N SER V 179 18.33 17.57 24.80
CA SER V 179 17.21 17.74 25.72
C SER V 179 16.79 16.45 26.41
N ALA V 180 17.21 15.29 25.91
CA ALA V 180 16.96 14.01 26.56
C ALA V 180 17.99 13.65 27.62
N THR V 181 19.02 14.45 27.81
CA THR V 181 20.02 14.26 28.84
C THR V 181 19.88 15.35 29.87
N GLY V 182 19.77 14.97 31.13
CA GLY V 182 19.52 15.92 32.19
C GLY V 182 20.80 16.40 32.82
N GLY V 183 20.88 17.71 33.06
CA GLY V 183 22.02 18.25 33.74
C GLY V 183 21.88 18.16 35.23
N PRO V 184 22.89 18.67 35.94
CA PRO V 184 22.83 18.74 37.41
C PRO V 184 21.64 19.58 37.86
N ASP V 185 20.87 19.06 38.81
CA ASP V 185 19.73 19.80 39.33
C ASP V 185 20.06 20.40 40.70
N LEU V 186 20.50 21.65 40.71
CA LEU V 186 20.87 22.22 41.99
C LEU V 186 19.68 22.67 42.81
N VAL V 187 18.48 22.71 42.24
CA VAL V 187 17.31 22.98 43.07
C VAL V 187 16.92 21.75 43.85
N ARG V 188 16.90 20.58 43.22
CA ARG V 188 16.50 19.35 43.91
C ARG V 188 17.67 18.55 44.46
N GLY V 189 18.90 18.88 44.09
CA GLY V 189 20.04 18.09 44.54
C GLY V 189 20.21 16.75 43.88
N ILE V 190 19.98 16.66 42.58
CA ILE V 190 20.14 15.44 41.82
C ILE V 190 21.27 15.66 40.86
N PHE V 191 22.21 14.74 40.85
CA PHE V 191 23.42 14.84 40.05
C PHE V 191 23.64 13.51 39.34
N PRO V 192 24.44 13.48 38.35
CA PRO V 192 24.72 12.20 37.68
C PRO V 192 25.18 11.10 38.62
N THR V 193 24.98 9.85 38.28
CA THR V 193 25.57 8.78 39.07
C THR V 193 26.86 8.36 38.41
N ALA V 194 27.77 7.87 39.24
CA ALA V 194 29.07 7.44 38.78
C ALA V 194 29.44 6.19 39.53
N VAL V 195 30.19 5.35 38.83
CA VAL V 195 30.86 4.19 39.39
C VAL V 195 32.32 4.31 39.02
N ILE V 196 33.19 3.98 39.95
CA ILE V 196 34.61 3.98 39.68
C ILE V 196 35.14 2.59 39.99
N ILE V 197 36.04 2.09 39.16
CA ILE V 197 36.54 0.72 39.29
C ILE V 197 38.07 0.79 39.25
N ASP V 198 38.70 0.23 40.27
CA ASP V 198 40.14 0.11 40.25
C ASP V 198 40.50 -1.30 40.73
N ALA V 199 41.75 -1.45 41.14
CA ALA V 199 42.22 -2.75 41.60
C ALA V 199 41.43 -3.25 42.79
N ASP V 200 40.84 -2.35 43.58
CA ASP V 200 40.05 -2.71 44.74
C ASP V 200 38.60 -2.99 44.40
N GLY V 201 38.23 -2.93 43.14
CA GLY V 201 36.88 -3.26 42.75
C GLY V 201 36.11 -2.03 42.32
N ALA V 202 34.81 -2.23 42.16
CA ALA V 202 33.91 -1.21 41.67
C ALA V 202 33.12 -0.65 42.82
N VAL V 203 33.09 0.67 42.94
CA VAL V 203 32.34 1.32 43.99
C VAL V 203 31.51 2.46 43.42
N ASP V 204 30.38 2.72 44.08
CA ASP V 204 29.56 3.89 43.81
C ASP V 204 30.28 5.15 44.27
N VAL V 205 30.31 6.16 43.42
CA VAL V 205 30.87 7.45 43.81
C VAL V 205 29.84 8.18 44.67
N PRO V 206 30.22 8.70 45.83
CA PRO V 206 29.24 9.40 46.68
C PRO V 206 28.75 10.66 46.02
N GLU V 207 27.45 10.90 46.10
CA GLU V 207 26.90 12.02 45.35
C GLU V 207 27.47 13.34 45.83
N SER V 208 27.93 13.43 47.08
CA SER V 208 28.51 14.70 47.51
C SER V 208 29.66 15.11 46.60
N ARG V 209 30.47 14.14 46.18
CA ARG V 209 31.65 14.44 45.39
C ARG V 209 31.25 14.92 44.01
N ILE V 210 30.29 14.25 43.41
CA ILE V 210 29.82 14.69 42.11
C ILE V 210 29.18 16.06 42.21
N ALA V 211 28.50 16.34 43.31
CA ALA V 211 27.92 17.65 43.52
C ALA V 211 28.98 18.73 43.56
N GLU V 212 30.10 18.47 44.24
CA GLU V 212 31.16 19.47 44.29
C GLU V 212 31.72 19.71 42.91
N LEU V 213 31.99 18.64 42.16
CA LEU V 213 32.47 18.83 40.79
C LEU V 213 31.46 19.61 39.96
N ALA V 214 30.18 19.31 40.12
CA ALA V 214 29.16 20.01 39.36
C ALA V 214 29.22 21.49 39.64
N ARG V 215 29.31 21.85 40.93
CA ARG V 215 29.36 23.26 41.28
C ARG V 215 30.62 23.91 40.76
N ALA V 216 31.74 23.22 40.83
CA ALA V 216 32.97 23.77 40.29
C ALA V 216 32.84 24.04 38.80
N ILE V 217 32.25 23.12 38.05
CA ILE V 217 32.10 23.32 36.62
C ILE V 217 31.20 24.51 36.34
N ILE V 218 30.05 24.53 37.00
CA ILE V 218 29.09 25.63 36.84
C ILE V 218 29.73 26.99 37.13
N GLU V 219 30.31 27.15 38.32
CA GLU V 219 30.94 28.43 38.62
C GLU V 219 32.03 28.73 37.61
N SER V 220 32.72 27.69 37.11
CA SER V 220 33.75 27.93 36.11
C SER V 220 33.17 28.45 34.81
N ARG V 221 31.93 28.11 34.49
CA ARG V 221 31.35 28.60 33.26
C ARG V 221 30.59 29.91 33.45
N SER V 222 30.36 30.34 34.68
CA SER V 222 29.71 31.62 34.91
C SER V 222 30.71 32.75 34.88
N GLY V 223 31.86 32.55 35.51
CA GLY V 223 32.85 33.60 35.71
C GLY V 223 33.74 33.31 36.91
N THR W 1 -9.73 8.16 32.58
CA THR W 1 -9.35 7.64 33.87
C THR W 1 -8.27 8.48 34.51
N THR W 2 -8.33 8.65 35.83
CA THR W 2 -7.19 9.12 36.57
C THR W 2 -7.08 8.38 37.88
N ILE W 3 -5.87 7.92 38.18
CA ILE W 3 -5.51 7.33 39.46
C ILE W 3 -4.40 8.16 40.06
N VAL W 4 -4.52 8.51 41.33
CA VAL W 4 -3.46 9.24 42.01
C VAL W 4 -2.99 8.45 43.22
N ALA W 5 -1.70 8.60 43.53
CA ALA W 5 -1.15 8.06 44.75
C ALA W 5 -0.14 9.05 45.30
N LEU W 6 -0.12 9.24 46.63
CA LEU W 6 0.87 10.11 47.25
C LEU W 6 1.28 9.58 48.62
N LYS W 7 2.50 9.92 49.01
CA LYS W 7 3.06 9.52 50.30
C LYS W 7 2.83 10.60 51.34
N TYR W 8 2.46 10.21 52.54
CA TYR W 8 2.37 11.11 53.66
C TYR W 8 3.12 10.48 54.82
N PRO W 9 3.45 11.25 55.86
CA PRO W 9 4.24 10.67 56.95
C PRO W 9 3.57 9.47 57.58
N GLY W 10 4.16 8.30 57.37
CA GLY W 10 3.66 7.08 57.93
C GLY W 10 2.83 6.24 57.01
N GLY W 11 2.60 6.65 55.78
CA GLY W 11 1.82 5.80 54.91
C GLY W 11 1.71 6.35 53.52
N VAL W 12 0.77 5.77 52.78
CA VAL W 12 0.57 6.08 51.38
C VAL W 12 -0.93 6.09 51.14
N VAL W 13 -1.35 6.88 50.17
CA VAL W 13 -2.77 6.94 49.82
C VAL W 13 -2.95 6.83 48.31
N MET W 14 -4.00 6.13 47.89
CA MET W 14 -4.31 5.97 46.48
C MET W 14 -5.80 6.16 46.27
N ALA W 15 -6.17 6.90 45.22
CA ALA W 15 -7.57 7.19 44.94
C ALA W 15 -7.81 7.20 43.43
N GLY W 16 -9.05 6.91 43.02
CA GLY W 16 -9.35 6.85 41.61
C GLY W 16 -10.78 7.26 41.29
N ASP W 17 -10.99 7.69 40.05
CA ASP W 17 -12.31 8.14 39.65
C ASP W 17 -13.20 6.95 39.28
N ARG W 18 -14.46 7.21 38.94
CA ARG W 18 -15.43 6.14 38.81
C ARG W 18 -16.02 6.00 37.42
N ARG W 19 -15.51 6.73 36.45
CA ARG W 19 -16.13 6.80 35.13
C ARG W 19 -15.62 5.72 34.20
N SER W 20 -16.53 5.22 33.39
CA SER W 20 -16.21 4.31 32.33
C SER W 20 -16.77 4.92 31.05
N THR W 21 -15.96 4.95 30.00
CA THR W 21 -16.36 5.50 28.73
C THR W 21 -16.16 4.49 27.62
N GLN W 22 -16.89 4.71 26.52
CA GLN W 22 -16.74 4.02 25.25
C GLN W 22 -16.74 5.12 24.21
N GLY W 23 -15.57 5.62 23.85
CA GLY W 23 -15.54 6.81 23.03
C GLY W 23 -16.00 8.03 23.81
N ASN W 24 -17.01 8.73 23.33
CA ASN W 24 -17.56 9.87 24.03
C ASN W 24 -18.69 9.50 24.97
N MET W 25 -19.26 8.30 24.84
CA MET W 25 -20.41 7.90 25.62
C MET W 25 -19.99 7.40 26.98
N ILE W 26 -20.73 7.81 28.01
CA ILE W 26 -20.51 7.29 29.34
C ILE W 26 -21.17 5.93 29.47
N SER W 27 -20.37 4.91 29.74
CA SER W 27 -20.84 3.55 29.94
C SER W 27 -20.76 3.12 31.38
N GLY W 28 -20.21 3.96 32.26
CA GLY W 28 -20.18 3.65 33.68
C GLY W 28 -19.99 4.84 34.58
N ARG W 29 -20.64 4.80 35.74
CA ARG W 29 -20.54 5.84 36.75
C ARG W 29 -20.03 5.37 38.10
N ASP W 30 -20.04 4.07 38.39
CA ASP W 30 -19.70 3.59 39.71
C ASP W 30 -18.53 2.61 39.69
N VAL W 31 -17.76 2.62 38.61
CA VAL W 31 -16.68 1.68 38.38
C VAL W 31 -15.61 1.79 39.45
N ARG W 32 -14.98 0.67 39.81
CA ARG W 32 -13.84 0.69 40.72
C ARG W 32 -12.52 0.40 39.99
N LYS W 33 -11.56 1.31 40.16
CA LYS W 33 -10.25 1.25 39.53
C LYS W 33 -9.10 1.08 40.52
N VAL W 34 -9.36 1.05 41.82
CA VAL W 34 -8.32 0.96 42.83
C VAL W 34 -8.60 -0.26 43.67
N TYR W 35 -7.68 -1.21 43.68
CA TYR W 35 -7.88 -2.46 44.40
C TYR W 35 -6.79 -2.71 45.42
N ILE W 36 -7.20 -3.15 46.61
CA ILE W 36 -6.27 -3.65 47.62
C ILE W 36 -5.79 -5.03 47.15
N THR W 37 -4.53 -5.12 46.77
CA THR W 37 -4.06 -6.37 46.21
C THR W 37 -3.33 -7.24 47.22
N ASP W 38 -2.99 -6.71 48.41
CA ASP W 38 -2.47 -7.55 49.51
C ASP W 38 -2.50 -6.68 50.76
N ASP W 39 -2.17 -7.27 51.92
CA ASP W 39 -2.29 -6.53 53.19
C ASP W 39 -1.59 -5.16 53.15
N TYR W 40 -0.58 -5.01 52.33
CA TYR W 40 0.13 -3.75 52.30
C TYR W 40 0.19 -3.14 50.92
N THR W 41 -0.67 -3.58 50.03
CA THR W 41 -0.50 -3.10 48.67
C THR W 41 -1.86 -2.81 48.07
N ALA W 42 -1.92 -1.69 47.35
CA ALA W 42 -3.04 -1.31 46.51
C ALA W 42 -2.55 -1.05 45.08
N THR W 43 -3.37 -1.43 44.11
CA THR W 43 -3.10 -1.19 42.70
C THR W 43 -4.29 -0.49 42.06
N GLY W 44 -4.00 0.58 41.34
CA GLY W 44 -5.00 1.29 40.54
C GLY W 44 -4.60 1.20 39.09
N ILE W 45 -5.57 1.00 38.20
CA ILE W 45 -5.23 0.72 36.81
C ILE W 45 -6.02 1.60 35.84
N ALA W 46 -5.34 2.04 34.78
CA ALA W 46 -5.96 2.82 33.72
C ALA W 46 -5.82 2.08 32.39
N GLY W 47 -6.82 2.20 31.53
CA GLY W 47 -6.76 1.54 30.24
C GLY W 47 -8.02 0.77 29.99
N THR W 48 -7.95 -0.25 29.13
CA THR W 48 -9.15 -1.01 28.82
C THR W 48 -9.59 -1.83 30.04
N ALA W 49 -10.87 -1.73 30.37
CA ALA W 49 -11.39 -2.29 31.60
C ALA W 49 -11.15 -3.78 31.71
N ALA W 50 -11.40 -4.52 30.64
CA ALA W 50 -11.17 -5.95 30.67
C ALA W 50 -9.75 -6.25 31.13
N VAL W 51 -8.77 -5.58 30.52
CA VAL W 51 -7.38 -5.83 30.87
C VAL W 51 -7.07 -5.32 32.25
N ALA W 52 -7.59 -4.14 32.60
CA ALA W 52 -7.27 -3.58 33.90
C ALA W 52 -7.72 -4.49 35.02
N VAL W 53 -8.96 -4.95 34.94
CA VAL W 53 -9.46 -5.79 36.02
C VAL W 53 -8.71 -7.09 36.05
N GLU W 54 -8.44 -7.68 34.89
CA GLU W 54 -7.69 -8.92 34.90
C GLU W 54 -6.33 -8.73 35.56
N PHE W 55 -5.68 -7.60 35.32
CA PHE W 55 -4.43 -7.34 36.01
C PHE W 55 -4.61 -7.33 37.51
N ALA W 56 -5.59 -6.57 38.02
CA ALA W 56 -5.75 -6.48 39.47
C ALA W 56 -6.02 -7.85 40.09
N ARG W 57 -6.94 -8.61 39.52
CA ARG W 57 -7.28 -9.90 40.07
C ARG W 57 -6.10 -10.86 40.02
N LEU W 58 -5.47 -11.00 38.86
CA LEU W 58 -4.40 -11.96 38.73
C LEU W 58 -3.19 -11.57 39.57
N TYR W 59 -2.91 -10.29 39.69
CA TYR W 59 -1.82 -9.85 40.52
C TYR W 59 -2.07 -10.21 41.97
N ALA W 60 -3.27 -9.93 42.48
CA ALA W 60 -3.55 -10.26 43.88
C ALA W 60 -3.47 -11.77 44.10
N VAL W 61 -3.95 -12.54 43.14
CA VAL W 61 -3.81 -13.97 43.24
C VAL W 61 -2.33 -14.36 43.26
N GLU W 62 -1.52 -13.73 42.42
CA GLU W 62 -0.11 -14.12 42.36
C GLU W 62 0.60 -13.85 43.68
N LEU W 63 0.34 -12.70 44.28
CA LEU W 63 0.96 -12.40 45.55
C LEU W 63 0.54 -13.39 46.61
N GLU W 64 -0.77 -13.65 46.74
CA GLU W 64 -1.19 -14.57 47.79
C GLU W 64 -0.72 -16.00 47.52
N HIS W 65 -0.67 -16.37 46.25
CA HIS W 65 -0.10 -17.65 45.85
C HIS W 65 1.31 -17.80 46.39
N TYR W 66 2.17 -16.81 46.13
CA TYR W 66 3.53 -16.88 46.66
C TYR W 66 3.51 -17.01 48.18
N GLU W 67 2.69 -16.18 48.84
CA GLU W 67 2.67 -16.14 50.28
C GLU W 67 2.32 -17.50 50.87
N LYS W 68 1.37 -18.19 50.28
CA LYS W 68 1.01 -19.50 50.81
C LYS W 68 2.02 -20.57 50.42
N LEU W 69 2.59 -20.48 49.22
CA LEU W 69 3.54 -21.51 48.84
C LEU W 69 4.76 -21.46 49.72
N GLU W 70 5.28 -20.26 49.97
CA GLU W 70 6.58 -20.07 50.56
C GLU W 70 6.54 -19.62 52.01
N GLY W 71 5.36 -19.42 52.56
CA GLY W 71 5.18 -19.12 53.96
C GLY W 71 5.44 -17.69 54.36
N VAL W 72 5.84 -16.84 53.43
CA VAL W 72 6.21 -15.47 53.72
C VAL W 72 5.86 -14.60 52.51
N PRO W 73 5.44 -13.35 52.68
CA PRO W 73 5.08 -12.55 51.52
C PRO W 73 6.30 -12.13 50.72
N LEU W 74 6.05 -11.68 49.49
CA LEU W 74 7.16 -11.20 48.69
C LEU W 74 7.68 -9.89 49.29
N THR W 75 8.97 -9.69 49.16
CA THR W 75 9.52 -8.37 49.39
C THR W 75 8.96 -7.40 48.38
N PHE W 76 9.03 -6.12 48.73
CA PHE W 76 8.43 -5.12 47.85
C PHE W 76 9.08 -5.14 46.47
N ALA W 77 10.38 -5.37 46.41
CA ALA W 77 11.07 -5.49 45.12
C ALA W 77 10.50 -6.63 44.29
N GLY W 78 10.14 -7.73 44.94
CA GLY W 78 9.52 -8.83 44.23
C GLY W 78 8.11 -8.52 43.77
N LYS W 79 7.35 -7.80 44.61
CA LYS W 79 6.04 -7.37 44.15
C LYS W 79 6.17 -6.48 42.92
N ILE W 80 7.08 -5.51 42.95
CA ILE W 80 7.31 -4.69 41.77
C ILE W 80 7.65 -5.56 40.59
N ASN W 81 8.56 -6.52 40.79
CA ASN W 81 8.99 -7.28 39.62
C ASN W 81 7.86 -8.08 39.01
N ARG W 82 6.98 -8.69 39.83
CA ARG W 82 5.93 -9.50 39.24
C ARG W 82 4.92 -8.64 38.49
N LEU W 83 4.62 -7.46 39.01
CA LEU W 83 3.75 -6.56 38.26
C LEU W 83 4.39 -6.14 36.94
N ALA W 84 5.68 -5.84 36.98
CA ALA W 84 6.39 -5.44 35.77
C ALA W 84 6.38 -6.54 34.74
N ILE W 85 6.57 -7.78 35.18
CA ILE W 85 6.59 -8.90 34.25
C ILE W 85 5.20 -9.10 33.66
N MET W 86 4.16 -8.93 34.47
CA MET W 86 2.80 -9.07 33.95
C MET W 86 2.51 -8.02 32.89
N VAL W 87 2.88 -6.77 33.19
CA VAL W 87 2.67 -5.68 32.25
C VAL W 87 3.37 -5.98 30.96
N ARG W 88 4.62 -6.41 31.05
CA ARG W 88 5.39 -6.67 29.84
C ARG W 88 4.80 -7.82 29.03
N GLY W 89 4.32 -8.85 29.70
CA GLY W 89 3.69 -9.92 28.97
C GLY W 89 2.46 -9.49 28.21
N ASN W 90 1.85 -8.37 28.59
CA ASN W 90 0.68 -7.91 27.84
C ASN W 90 1.03 -7.00 26.65
N LEU W 91 2.32 -6.80 26.36
CA LEU W 91 2.71 -5.77 25.41
C LEU W 91 2.16 -6.00 24.01
N ALA W 92 2.23 -7.23 23.51
CA ALA W 92 1.71 -7.50 22.18
C ALA W 92 0.23 -7.14 22.09
N ALA W 93 -0.56 -7.67 23.02
CA ALA W 93 -1.98 -7.35 23.05
C ALA W 93 -2.21 -5.85 23.22
N ALA W 94 -1.37 -5.17 23.99
CA ALA W 94 -1.55 -3.73 24.15
C ALA W 94 -1.34 -2.99 22.82
N MET W 95 -0.38 -3.44 22.01
CA MET W 95 -0.15 -2.78 20.73
C MET W 95 -1.35 -2.87 19.79
N GLN W 96 -2.27 -3.81 20.03
CA GLN W 96 -3.49 -3.90 19.27
C GLN W 96 -4.69 -3.30 19.99
N GLY W 97 -4.48 -2.53 21.07
CA GLY W 97 -5.55 -1.80 21.72
C GLY W 97 -5.96 -2.30 23.10
N LEU W 98 -5.43 -3.43 23.56
CA LEU W 98 -5.76 -3.92 24.89
C LEU W 98 -4.72 -3.43 25.90
N LEU W 99 -4.65 -2.11 26.05
CA LEU W 99 -3.62 -1.46 26.83
C LEU W 99 -4.11 -1.18 28.24
N ALA W 100 -3.26 -1.48 29.23
CA ALA W 100 -3.56 -1.19 30.63
C ALA W 100 -2.27 -0.84 31.36
N LEU W 101 -2.26 0.29 32.09
CA LEU W 101 -1.12 0.69 32.90
C LEU W 101 -1.49 0.79 34.36
N PRO W 102 -0.71 0.17 35.22
CA PRO W 102 -0.99 0.21 36.64
C PRO W 102 -0.14 1.21 37.36
N LEU W 103 -0.63 1.61 38.51
CA LEU W 103 0.04 2.42 39.48
C LEU W 103 -0.03 1.62 40.77
N LEU W 104 1.13 1.41 41.40
CA LEU W 104 1.25 0.58 42.58
C LEU W 104 1.57 1.48 43.78
N ALA W 105 0.86 1.29 44.87
CA ALA W 105 1.17 1.99 46.11
C ALA W 105 1.25 0.95 47.23
N GLY W 106 2.30 1.02 48.06
CA GLY W 106 2.43 0.07 49.13
C GLY W 106 3.16 0.61 50.34
N TYR W 107 3.18 -0.17 51.41
CA TYR W 107 3.91 0.15 52.63
C TYR W 107 4.88 -0.98 52.91
N ASP W 108 6.18 -0.69 52.90
CA ASP W 108 7.20 -1.73 53.04
C ASP W 108 7.46 -1.96 54.52
N ILE W 109 6.95 -3.08 55.03
CA ILE W 109 7.14 -3.40 56.43
C ILE W 109 8.60 -3.66 56.76
N HIS W 110 9.43 -3.91 55.76
CA HIS W 110 10.84 -4.21 55.98
C HIS W 110 11.73 -3.01 55.82
N ALA W 111 11.18 -1.85 55.53
CA ALA W 111 12.00 -0.67 55.42
C ALA W 111 12.49 -0.23 56.79
N SER W 112 13.67 0.39 56.80
CA SER W 112 14.26 0.81 58.07
C SER W 112 13.48 1.97 58.70
N ASP W 113 13.10 2.97 57.90
CA ASP W 113 12.45 4.16 58.46
C ASP W 113 10.94 4.10 58.26
N PRO W 114 10.16 3.86 59.32
CA PRO W 114 8.70 3.72 59.15
C PRO W 114 8.01 4.92 58.54
N GLN W 115 8.60 6.11 58.64
CA GLN W 115 7.97 7.28 58.02
C GLN W 115 8.18 7.31 56.53
N SER W 116 9.23 6.64 56.04
CA SER W 116 9.55 6.59 54.62
C SER W 116 9.20 5.24 54.02
N ALA W 117 8.41 4.43 54.71
CA ALA W 117 8.15 3.10 54.19
C ALA W 117 7.12 3.10 53.09
N GLY W 118 6.45 4.22 52.86
CA GLY W 118 5.54 4.31 51.74
C GLY W 118 6.29 4.22 50.42
N ARG W 119 5.63 3.59 49.45
CA ARG W 119 6.21 3.39 48.14
C ARG W 119 5.18 3.65 47.05
N ILE W 120 5.61 4.31 45.99
CA ILE W 120 4.75 4.57 44.83
C ILE W 120 5.55 4.19 43.59
N VAL W 121 5.02 3.28 42.79
CA VAL W 121 5.74 2.75 41.63
C VAL W 121 4.86 2.92 40.41
N SER W 122 5.42 3.57 39.38
CA SER W 122 4.74 3.72 38.11
C SER W 122 5.34 2.79 37.08
N PHE W 123 4.53 2.48 36.06
CA PHE W 123 4.90 1.52 35.04
C PHE W 123 4.59 2.09 33.66
N ASP W 124 5.34 1.67 32.65
CA ASP W 124 4.97 1.91 31.26
C ASP W 124 4.60 0.59 30.59
N ALA W 125 4.15 0.71 29.34
CA ALA W 125 3.55 -0.41 28.65
C ALA W 125 4.50 -1.57 28.40
N ALA W 126 5.81 -1.36 28.50
CA ALA W 126 6.75 -2.44 28.27
C ALA W 126 7.25 -3.06 29.57
N GLY W 127 6.74 -2.63 30.70
CA GLY W 127 7.16 -3.15 31.97
C GLY W 127 8.17 -2.30 32.71
N GLY W 128 8.72 -1.27 32.09
CA GLY W 128 9.63 -0.40 32.81
C GLY W 128 8.92 0.24 33.98
N TRP W 129 9.63 0.37 35.11
CA TRP W 129 9.04 0.91 36.33
C TRP W 129 9.93 1.98 36.97
N ASN W 130 9.32 2.88 37.73
CA ASN W 130 10.07 3.83 38.54
C ASN W 130 9.47 3.90 39.93
N ILE W 131 10.31 3.69 40.94
CA ILE W 131 9.91 3.98 42.31
C ILE W 131 9.99 5.49 42.46
N GLU W 132 8.87 6.13 42.71
CA GLU W 132 8.85 7.58 42.67
C GLU W 132 9.40 8.16 43.96
N GLU W 133 10.28 9.15 43.84
CA GLU W 133 10.92 9.73 45.00
C GLU W 133 10.54 11.17 45.23
N GLU W 134 9.49 11.69 44.60
CA GLU W 134 9.03 13.03 44.88
C GLU W 134 7.67 13.03 45.56
N GLY W 135 7.17 11.87 45.95
CA GLY W 135 6.10 11.76 46.88
C GLY W 135 4.75 11.51 46.28
N TYR W 136 4.55 11.78 45.00
CA TYR W 136 3.24 11.57 44.37
C TYR W 136 3.41 11.20 42.91
N GLN W 137 2.38 10.56 42.37
CA GLN W 137 2.38 10.14 40.97
C GLN W 137 0.95 9.81 40.58
N ALA W 138 0.71 9.80 39.26
CA ALA W 138 -0.62 9.56 38.70
C ALA W 138 -0.54 8.82 37.38
N VAL W 139 -1.64 8.18 37.02
CA VAL W 139 -1.77 7.46 35.76
C VAL W 139 -3.16 7.64 35.21
N GLY W 140 -3.28 7.60 33.89
CA GLY W 140 -4.54 7.76 33.18
C GLY W 140 -4.58 9.05 32.38
N SER W 141 -5.70 9.26 31.68
CA SER W 141 -5.79 10.39 30.77
C SER W 141 -5.82 11.74 31.49
N GLY W 142 -6.14 11.79 32.77
CA GLY W 142 -6.03 13.02 33.51
C GLY W 142 -4.80 13.11 34.38
N SER W 143 -3.83 12.21 34.20
CA SER W 143 -2.69 12.14 35.09
C SER W 143 -1.89 13.44 35.10
N LEU W 144 -1.78 14.13 33.95
CA LEU W 144 -0.91 15.30 33.98
C LEU W 144 -1.56 16.47 34.68
N PHE W 145 -2.88 16.56 34.62
CA PHE W 145 -3.57 17.56 35.42
C PHE W 145 -3.45 17.25 36.89
N ALA W 146 -3.59 15.98 37.26
CA ALA W 146 -3.51 15.60 38.65
C ALA W 146 -2.11 15.81 39.20
N LYS W 147 -1.10 15.47 38.42
CA LYS W 147 0.27 15.73 38.83
C LYS W 147 0.53 17.21 38.97
N SER W 148 0.04 18.01 38.03
CA SER W 148 0.32 19.43 38.15
C SER W 148 -0.43 20.06 39.31
N SER W 149 -1.57 19.50 39.69
CA SER W 149 -2.24 19.94 40.91
C SER W 149 -1.46 19.54 42.16
N MET W 150 -1.04 18.27 42.23
CA MET W 150 -0.30 17.83 43.41
C MET W 150 1.02 18.57 43.53
N LYS W 151 1.59 18.98 42.43
CA LYS W 151 2.82 19.75 42.51
C LYS W 151 2.62 20.98 43.36
N LYS W 152 1.45 21.59 43.27
CA LYS W 152 1.13 22.81 44.00
C LYS W 152 0.52 22.55 45.37
N LEU W 153 -0.08 21.39 45.59
CA LEU W 153 -0.70 21.18 46.88
C LEU W 153 0.13 20.35 47.84
N TYR W 154 1.21 19.73 47.37
CA TYR W 154 1.83 18.65 48.15
C TYR W 154 2.45 19.15 49.44
N SER W 155 2.91 20.40 49.47
CA SER W 155 3.50 20.94 50.67
C SER W 155 2.52 20.93 51.83
N GLN W 156 1.23 20.76 51.55
CA GLN W 156 0.19 20.68 52.55
C GLN W 156 -0.02 19.29 53.14
N VAL W 157 0.72 18.27 52.73
CA VAL W 157 0.44 16.94 53.22
C VAL W 157 1.26 16.69 54.47
N THR W 158 0.59 16.61 55.60
CA THR W 158 1.27 16.45 56.87
C THR W 158 0.83 15.22 57.61
N ASP W 159 -0.28 14.63 57.23
CA ASP W 159 -0.81 13.46 57.88
C ASP W 159 -1.71 12.73 56.87
N GLY W 160 -2.35 11.67 57.33
CA GLY W 160 -3.20 10.89 56.44
C GLY W 160 -4.38 11.66 55.94
N ASP W 161 -4.91 12.50 56.77
CA ASP W 161 -6.03 13.28 56.37
C ASP W 161 -5.73 14.32 55.34
N SER W 162 -4.66 15.04 55.52
CA SER W 162 -4.30 16.06 54.56
C SER W 162 -3.95 15.40 53.28
N GLY W 163 -3.34 14.25 53.37
CA GLY W 163 -2.93 13.53 52.17
C GLY W 163 -4.11 13.06 51.36
N LEU W 164 -5.10 12.50 52.03
CA LEU W 164 -6.31 12.13 51.32
C LEU W 164 -6.95 13.33 50.68
N ARG W 165 -7.02 14.46 51.38
CA ARG W 165 -7.69 15.61 50.82
C ARG W 165 -6.98 16.09 49.56
N VAL W 166 -5.66 16.09 49.58
CA VAL W 166 -4.92 16.47 48.38
C VAL W 166 -5.19 15.48 47.26
N ALA W 167 -5.23 14.18 47.57
CA ALA W 167 -5.53 13.19 46.55
C ALA W 167 -6.87 13.46 45.89
N VAL W 168 -7.90 13.67 46.70
CA VAL W 168 -9.22 13.90 46.14
C VAL W 168 -9.26 15.20 45.35
N GLU W 169 -8.54 16.22 45.80
CA GLU W 169 -8.52 17.48 45.06
C GLU W 169 -7.83 17.31 43.72
N ALA W 170 -6.79 16.48 43.68
CA ALA W 170 -6.13 16.21 42.42
C ALA W 170 -7.08 15.51 41.46
N LEU W 171 -7.87 14.56 41.95
CA LEU W 171 -8.87 13.96 41.07
C LEU W 171 -9.89 14.99 40.63
N TYR W 172 -10.22 15.93 41.49
CA TYR W 172 -11.19 16.94 41.10
C TYR W 172 -10.65 17.73 39.92
N ASP W 173 -9.39 18.16 39.99
CA ASP W 173 -8.81 18.92 38.88
C ASP W 173 -8.72 18.09 37.61
N ALA W 174 -8.32 16.82 37.75
CA ALA W 174 -8.27 15.96 36.58
C ALA W 174 -9.61 15.89 35.88
N ALA W 175 -10.69 15.65 36.65
CA ALA W 175 -12.03 15.59 36.08
C ALA W 175 -12.45 16.95 35.52
N ASP W 176 -11.94 18.01 36.08
CA ASP W 176 -12.29 19.33 35.60
C ASP W 176 -11.80 19.52 34.19
N ASP W 177 -10.61 18.98 33.87
CA ASP W 177 -9.98 19.23 32.57
C ASP W 177 -9.96 18.02 31.64
N ASP W 178 -10.40 16.86 32.07
CA ASP W 178 -10.41 15.67 31.25
C ASP W 178 -11.81 15.06 31.23
N SER W 179 -12.39 14.95 30.05
CA SER W 179 -13.74 14.43 30.00
C SER W 179 -13.81 12.92 30.23
N ALA W 180 -12.70 12.20 30.15
CA ALA W 180 -12.68 10.76 30.45
C ALA W 180 -12.50 10.47 31.93
N THR W 181 -12.37 11.50 32.76
CA THR W 181 -12.32 11.36 34.21
C THR W 181 -13.56 11.96 34.82
N GLY W 182 -14.22 11.21 35.69
CA GLY W 182 -15.47 11.65 36.29
C GLY W 182 -15.23 12.39 37.59
N GLY W 183 -15.93 13.50 37.76
CA GLY W 183 -15.85 14.21 39.01
C GLY W 183 -16.86 13.67 40.00
N PRO W 184 -16.90 14.24 41.21
CA PRO W 184 -17.90 13.82 42.18
C PRO W 184 -19.30 14.04 41.63
N ASP W 185 -20.15 13.03 41.75
CA ASP W 185 -21.55 13.08 41.32
C ASP W 185 -22.40 13.30 42.57
N LEU W 186 -22.75 14.56 42.86
CA LEU W 186 -23.52 14.83 44.06
C LEU W 186 -24.99 14.55 43.90
N VAL W 187 -25.47 14.36 42.68
CA VAL W 187 -26.86 13.98 42.50
C VAL W 187 -27.06 12.51 42.79
N ARG W 188 -26.13 11.67 42.34
CA ARG W 188 -26.17 10.23 42.52
C ARG W 188 -25.42 9.76 43.75
N GLY W 189 -24.68 10.62 44.42
CA GLY W 189 -23.93 10.15 45.58
C GLY W 189 -22.77 9.26 45.23
N ILE W 190 -22.02 9.60 44.19
CA ILE W 190 -20.89 8.80 43.73
C ILE W 190 -19.63 9.63 43.89
N PHE W 191 -18.61 9.05 44.51
CA PHE W 191 -17.39 9.78 44.75
C PHE W 191 -16.23 8.87 44.41
N PRO W 192 -15.04 9.42 44.23
CA PRO W 192 -13.86 8.58 43.99
C PRO W 192 -13.69 7.52 45.04
N THR W 193 -12.98 6.44 44.73
CA THR W 193 -12.66 5.46 45.76
C THR W 193 -11.24 5.68 46.23
N ALA W 194 -10.99 5.30 47.46
CA ALA W 194 -9.67 5.52 48.03
C ALA W 194 -9.25 4.32 48.85
N VAL W 195 -7.95 4.09 48.88
CA VAL W 195 -7.30 3.13 49.75
C VAL W 195 -6.22 3.87 50.51
N ILE W 196 -6.09 3.57 51.79
CA ILE W 196 -5.06 4.13 52.66
C ILE W 196 -4.23 2.98 53.22
N ILE W 197 -2.93 3.17 53.32
CA ILE W 197 -2.04 2.10 53.76
C ILE W 197 -1.03 2.65 54.76
N ASP W 198 -1.00 2.06 55.96
CA ASP W 198 0.04 2.44 56.91
C ASP W 198 0.61 1.18 57.53
N ALA W 199 1.31 1.34 58.66
CA ALA W 199 1.89 0.19 59.32
C ALA W 199 0.84 -0.85 59.69
N ASP W 200 -0.41 -0.42 59.89
CA ASP W 200 -1.48 -1.36 60.24
C ASP W 200 -2.10 -2.05 59.04
N GLY W 201 -1.62 -1.80 57.83
CA GLY W 201 -2.14 -2.44 56.64
C GLY W 201 -2.93 -1.48 55.77
N ALA W 202 -3.59 -2.05 54.79
CA ALA W 202 -4.37 -1.31 53.81
C ALA W 202 -5.85 -1.38 54.12
N VAL W 203 -6.55 -0.25 54.09
CA VAL W 203 -7.98 -0.27 54.30
C VAL W 203 -8.64 0.64 53.27
N ASP W 204 -9.85 0.26 52.85
CA ASP W 204 -10.65 1.10 51.96
C ASP W 204 -11.13 2.32 52.70
N VAL W 205 -10.98 3.49 52.10
CA VAL W 205 -11.49 4.68 52.79
C VAL W 205 -13.01 4.70 52.66
N PRO W 206 -13.72 4.96 53.74
CA PRO W 206 -15.17 4.97 53.68
C PRO W 206 -15.68 6.11 52.83
N GLU W 207 -16.74 5.83 52.11
CA GLU W 207 -17.30 6.76 51.20
C GLU W 207 -17.73 8.06 51.82
N SER W 208 -18.22 8.03 53.04
CA SER W 208 -18.68 9.27 53.66
C SER W 208 -17.55 10.29 53.74
N ARG W 209 -16.36 9.84 54.10
CA ARG W 209 -15.23 10.70 54.27
C ARG W 209 -14.81 11.41 52.99
N ILE W 210 -14.77 10.68 51.90
CA ILE W 210 -14.51 11.25 50.59
C ILE W 210 -15.61 12.19 50.18
N ALA W 211 -16.85 11.86 50.53
CA ALA W 211 -17.94 12.78 50.21
C ALA W 211 -17.75 14.10 50.94
N GLU W 212 -17.25 14.06 52.17
CA GLU W 212 -17.04 15.31 52.87
C GLU W 212 -15.95 16.13 52.19
N LEU W 213 -14.79 15.53 51.98
CA LEU W 213 -13.70 16.23 51.32
C LEU W 213 -14.13 16.79 49.98
N ALA W 214 -14.84 15.99 49.19
CA ALA W 214 -15.28 16.43 47.88
C ALA W 214 -16.19 17.62 48.01
N ARG W 215 -17.17 17.54 48.90
CA ARG W 215 -18.08 18.65 49.02
C ARG W 215 -17.36 19.91 49.47
N ALA W 216 -16.41 19.79 50.40
CA ALA W 216 -15.62 20.96 50.82
C ALA W 216 -14.81 21.56 49.68
N ILE W 217 -14.21 20.71 48.85
CA ILE W 217 -13.47 21.23 47.70
C ILE W 217 -14.42 21.97 46.78
N ILE W 218 -15.55 21.35 46.46
CA ILE W 218 -16.53 21.97 45.57
C ILE W 218 -16.97 23.32 46.07
N GLU W 219 -17.19 23.46 47.39
CA GLU W 219 -17.63 24.76 47.88
C GLU W 219 -16.51 25.78 47.82
N SER W 220 -15.28 25.34 48.13
CA SER W 220 -14.16 26.26 48.08
C SER W 220 -13.89 26.76 46.65
N ARG W 221 -14.36 26.06 45.63
CA ARG W 221 -14.14 26.54 44.27
C ARG W 221 -15.24 27.43 43.74
N SER W 222 -16.36 27.58 44.46
CA SER W 222 -17.47 28.41 43.98
C SER W 222 -17.30 29.88 44.30
N GLY W 223 -16.41 30.26 45.20
CA GLY W 223 -16.16 31.66 45.47
C GLY W 223 -15.30 32.39 44.45
N THR X 1 -30.87 -5.25 16.58
CA THR X 1 -31.22 -6.01 17.77
C THR X 1 -31.33 -5.05 18.94
N THR X 2 -32.26 -5.34 19.85
CA THR X 2 -32.25 -4.76 21.18
C THR X 2 -32.64 -5.81 22.18
N ILE X 3 -31.87 -5.89 23.26
CA ILE X 3 -32.15 -6.66 24.45
C ILE X 3 -32.21 -5.68 25.61
N VAL X 4 -33.21 -5.83 26.48
CA VAL X 4 -33.30 -4.99 27.68
C VAL X 4 -33.39 -5.87 28.92
N ALA X 5 -32.84 -5.37 30.01
CA ALA X 5 -32.98 -6.06 31.28
C ALA X 5 -33.16 -5.03 32.37
N LEU X 6 -34.02 -5.35 33.34
CA LEU X 6 -34.15 -4.44 34.47
C LEU X 6 -34.54 -5.19 35.75
N LYS X 7 -34.17 -4.62 36.88
CA LYS X 7 -34.47 -5.16 38.21
C LYS X 7 -35.76 -4.58 38.73
N TYR X 8 -36.53 -5.41 39.39
CA TYR X 8 -37.73 -4.98 40.09
C TYR X 8 -37.71 -5.54 41.49
N PRO X 9 -38.54 -5.02 42.40
CA PRO X 9 -38.53 -5.56 43.77
C PRO X 9 -38.82 -7.05 43.79
N GLY X 10 -37.80 -7.83 44.07
CA GLY X 10 -37.90 -9.27 44.14
C GLY X 10 -37.43 -10.04 42.93
N GLY X 11 -36.98 -9.38 41.87
CA GLY X 11 -36.54 -10.15 40.73
C GLY X 11 -35.97 -9.28 39.64
N VAL X 12 -35.87 -9.87 38.46
CA VAL X 12 -35.32 -9.20 37.29
C VAL X 12 -36.13 -9.68 36.08
N VAL X 13 -36.18 -8.85 35.06
CA VAL X 13 -36.85 -9.19 33.81
C VAL X 13 -35.93 -8.86 32.64
N MET X 14 -35.98 -9.70 31.60
CA MET X 14 -35.22 -9.50 30.37
C MET X 14 -36.08 -9.78 29.13
N ALA X 15 -35.99 -8.93 28.11
CA ALA X 15 -36.77 -9.10 26.90
C ALA X 15 -35.94 -8.79 25.67
N GLY X 16 -36.30 -9.37 24.54
CA GLY X 16 -35.57 -9.13 23.31
C GLY X 16 -36.51 -9.13 22.13
N ASP X 17 -36.13 -8.42 21.07
CA ASP X 17 -36.93 -8.31 19.87
C ASP X 17 -36.72 -9.53 19.00
N ARG X 18 -37.42 -9.61 17.87
CA ARG X 18 -37.42 -10.83 17.07
C ARG X 18 -36.86 -10.66 15.66
N ARG X 19 -36.24 -9.53 15.32
CA ARG X 19 -35.81 -9.26 13.95
C ARG X 19 -34.40 -9.77 13.69
N SER X 20 -34.19 -10.27 12.49
CA SER X 20 -32.89 -10.67 11.98
C SER X 20 -32.66 -10.05 10.61
N THR X 21 -31.51 -9.46 10.40
CA THR X 21 -31.18 -8.76 9.17
C THR X 21 -29.91 -9.31 8.53
N GLN X 22 -29.77 -9.07 7.22
CA GLN X 22 -28.55 -9.22 6.41
C GLN X 22 -28.39 -7.94 5.63
N GLY X 23 -27.65 -6.99 6.17
CA GLY X 23 -27.64 -5.68 5.56
C GLY X 23 -28.97 -5.01 5.80
N ASN X 24 -29.60 -4.56 4.74
CA ASN X 24 -30.91 -3.95 4.91
C ASN X 24 -32.05 -4.96 4.87
N MET X 25 -31.79 -6.17 4.40
CA MET X 25 -32.89 -7.10 4.18
C MET X 25 -33.31 -7.76 5.47
N ILE X 26 -34.61 -7.90 5.66
CA ILE X 26 -35.11 -8.66 6.79
C ILE X 26 -35.03 -10.13 6.42
N SER X 27 -34.22 -10.89 7.16
CA SER X 27 -34.05 -12.32 6.95
C SER X 27 -34.72 -13.18 8.01
N GLY X 28 -35.27 -12.59 9.05
CA GLY X 28 -36.01 -13.39 10.01
C GLY X 28 -36.94 -12.58 10.88
N ARG X 29 -38.09 -13.13 11.23
CA ARG X 29 -39.07 -12.38 12.02
C ARG X 29 -39.40 -12.99 13.37
N ASP X 30 -38.98 -14.21 13.63
CA ASP X 30 -39.39 -14.94 14.82
C ASP X 30 -38.20 -15.33 15.66
N VAL X 31 -37.06 -14.69 15.43
CA VAL X 31 -35.82 -15.05 16.06
C VAL X 31 -35.94 -14.92 17.59
N ARG X 32 -35.17 -15.75 18.30
CA ARG X 32 -35.17 -15.84 19.75
C ARG X 32 -33.80 -15.41 20.28
N LYS X 33 -33.76 -14.35 21.05
CA LYS X 33 -32.49 -13.84 21.47
C LYS X 33 -32.29 -13.91 22.98
N VAL X 34 -33.28 -14.38 23.72
CA VAL X 34 -33.21 -14.43 25.18
C VAL X 34 -33.42 -15.87 25.58
N TYR X 35 -32.45 -16.44 26.29
CA TYR X 35 -32.48 -17.82 26.70
C TYR X 35 -32.42 -17.97 28.21
N ILE X 36 -33.20 -18.90 28.74
CA ILE X 36 -32.98 -19.32 30.11
C ILE X 36 -31.76 -20.21 30.07
N THR X 37 -30.66 -19.76 30.65
CA THR X 37 -29.43 -20.54 30.64
C THR X 37 -29.26 -21.34 31.91
N ASP X 38 -30.09 -21.10 32.91
CA ASP X 38 -29.85 -21.72 34.20
C ASP X 38 -31.11 -21.49 35.00
N ASP X 39 -31.30 -22.26 36.07
CA ASP X 39 -32.52 -22.08 36.85
C ASP X 39 -32.71 -20.64 37.34
N TYR X 40 -31.63 -19.90 37.51
CA TYR X 40 -31.76 -18.53 37.96
C TYR X 40 -31.09 -17.55 37.02
N THR X 41 -30.84 -17.94 35.77
CA THR X 41 -30.09 -17.04 34.93
C THR X 41 -30.61 -17.06 33.51
N ALA X 42 -30.71 -15.86 32.90
CA ALA X 42 -31.00 -15.70 31.48
C ALA X 42 -29.94 -14.82 30.80
N THR X 43 -29.64 -15.17 29.56
CA THR X 43 -28.70 -14.44 28.71
C THR X 43 -29.37 -14.01 27.43
N GLY X 44 -29.20 -12.76 27.07
CA GLY X 44 -29.65 -12.26 25.80
C GLY X 44 -28.44 -11.78 25.04
N ILE X 45 -28.40 -12.02 23.74
CA ILE X 45 -27.20 -11.71 22.98
C ILE X 45 -27.57 -10.93 21.74
N ALA X 46 -26.71 -9.98 21.38
CA ALA X 46 -26.86 -9.19 20.16
C ALA X 46 -25.63 -9.36 19.30
N GLY X 47 -25.80 -9.37 18.00
CA GLY X 47 -24.65 -9.57 17.16
C GLY X 47 -24.82 -10.62 16.09
N THR X 48 -23.72 -11.26 15.75
CA THR X 48 -23.75 -12.29 14.74
C THR X 48 -24.51 -13.50 15.24
N ALA X 49 -25.50 -13.94 14.48
CA ALA X 49 -26.40 -14.95 14.98
C ALA X 49 -25.65 -16.20 15.39
N ALA X 50 -24.76 -16.68 14.53
CA ALA X 50 -24.01 -17.90 14.82
C ALA X 50 -23.28 -17.78 16.16
N VAL X 51 -22.56 -16.68 16.35
CA VAL X 51 -21.80 -16.49 17.58
C VAL X 51 -22.75 -16.33 18.76
N ALA X 52 -23.88 -15.66 18.56
CA ALA X 52 -24.79 -15.45 19.67
C ALA X 52 -25.35 -16.77 20.18
N VAL X 53 -25.83 -17.61 19.26
CA VAL X 53 -26.42 -18.89 19.66
C VAL X 53 -25.37 -19.82 20.24
N GLU X 54 -24.18 -19.84 19.66
CA GLU X 54 -23.12 -20.65 20.27
C GLU X 54 -22.82 -20.17 21.69
N PHE X 55 -22.77 -18.86 21.92
CA PHE X 55 -22.54 -18.36 23.26
C PHE X 55 -23.58 -18.87 24.22
N ALA X 56 -24.85 -18.70 23.88
CA ALA X 56 -25.88 -19.14 24.81
C ALA X 56 -25.79 -20.64 25.07
N ARG X 57 -25.70 -21.43 24.01
CA ARG X 57 -25.73 -22.88 24.18
C ARG X 57 -24.56 -23.34 25.04
N LEU X 58 -23.36 -22.91 24.67
CA LEU X 58 -22.21 -23.38 25.39
C LEU X 58 -22.19 -22.86 26.82
N TYR X 59 -22.72 -21.66 27.06
CA TYR X 59 -22.75 -21.14 28.41
C TYR X 59 -23.61 -21.99 29.31
N ALA X 60 -24.81 -22.31 28.83
CA ALA X 60 -25.70 -23.13 29.64
C ALA X 60 -25.10 -24.49 29.94
N VAL X 61 -24.45 -25.09 28.95
CA VAL X 61 -23.82 -26.37 29.18
C VAL X 61 -22.73 -26.23 30.22
N GLU X 62 -21.94 -25.17 30.15
CA GLU X 62 -20.85 -25.00 31.09
C GLU X 62 -21.37 -24.86 32.53
N LEU X 63 -22.44 -24.10 32.71
CA LEU X 63 -22.96 -23.94 34.06
C LEU X 63 -23.46 -25.27 34.62
N GLU X 64 -24.27 -25.99 33.85
CA GLU X 64 -24.79 -27.24 34.41
C GLU X 64 -23.69 -28.29 34.54
N HIS X 65 -22.73 -28.27 33.63
CA HIS X 65 -21.58 -29.14 33.75
C HIS X 65 -20.92 -28.96 35.11
N TYR X 66 -20.63 -27.70 35.47
CA TYR X 66 -20.04 -27.43 36.76
C TYR X 66 -20.95 -27.93 37.88
N GLU X 67 -22.26 -27.67 37.74
CA GLU X 67 -23.20 -28.07 38.78
C GLU X 67 -23.20 -29.57 39.01
N LYS X 68 -23.17 -30.36 37.94
CA LYS X 68 -23.20 -31.80 38.08
C LYS X 68 -21.87 -32.34 38.55
N LEU X 69 -20.77 -31.72 38.14
CA LEU X 69 -19.47 -32.19 38.59
C LEU X 69 -19.27 -31.95 40.08
N GLU X 70 -19.63 -30.77 40.57
CA GLU X 70 -19.26 -30.37 41.92
C GLU X 70 -20.42 -30.43 42.90
N GLY X 71 -21.63 -30.79 42.48
CA GLY X 71 -22.75 -30.94 43.37
C GLY X 71 -23.43 -29.66 43.79
N VAL X 72 -22.94 -28.52 43.35
CA VAL X 72 -23.43 -27.21 43.75
C VAL X 72 -23.27 -26.29 42.56
N PRO X 73 -24.16 -25.34 42.36
CA PRO X 73 -24.00 -24.42 41.22
C PRO X 73 -22.97 -23.35 41.51
N LEU X 74 -22.54 -22.71 40.42
CA LEU X 74 -21.59 -21.63 40.55
C LEU X 74 -22.23 -20.47 41.28
N THR X 75 -21.43 -19.77 42.07
CA THR X 75 -21.84 -18.46 42.60
C THR X 75 -22.05 -17.50 41.43
N PHE X 76 -22.85 -16.46 41.66
CA PHE X 76 -23.15 -15.55 40.56
C PHE X 76 -21.87 -14.91 40.02
N ALA X 77 -20.93 -14.59 40.91
CA ALA X 77 -19.64 -14.08 40.44
C ALA X 77 -18.98 -15.09 39.51
N GLY X 78 -19.08 -16.38 39.83
CA GLY X 78 -18.48 -17.37 38.95
C GLY X 78 -19.17 -17.44 37.60
N LYS X 79 -20.49 -17.33 37.59
CA LYS X 79 -21.22 -17.29 36.33
C LYS X 79 -20.75 -16.11 35.49
N ILE X 80 -20.65 -14.93 36.13
CA ILE X 80 -20.18 -13.75 35.41
C ILE X 80 -18.80 -14.03 34.81
N ASN X 81 -17.89 -14.58 35.61
CA ASN X 81 -16.53 -14.77 35.15
C ASN X 81 -16.45 -15.73 33.97
N ARG X 82 -17.26 -16.79 33.99
CA ARG X 82 -17.18 -17.76 32.90
C ARG X 82 -17.72 -17.17 31.62
N LEU X 83 -18.77 -16.36 31.71
CA LEU X 83 -19.27 -15.63 30.55
C LEU X 83 -18.24 -14.65 30.03
N ALA X 84 -17.60 -13.93 30.94
CA ALA X 84 -16.59 -12.98 30.51
C ALA X 84 -15.44 -13.68 29.80
N ILE X 85 -15.02 -14.83 30.34
CA ILE X 85 -13.93 -15.57 29.74
C ILE X 85 -14.33 -16.04 28.37
N MET X 86 -15.58 -16.48 28.20
CA MET X 86 -16.04 -16.91 26.89
C MET X 86 -16.01 -15.77 25.88
N VAL X 87 -16.54 -14.61 26.27
CA VAL X 87 -16.54 -13.49 25.35
C VAL X 87 -15.12 -13.17 24.95
N ARG X 88 -14.24 -12.99 25.94
CA ARG X 88 -12.85 -12.65 25.65
C ARG X 88 -12.23 -13.66 24.71
N GLY X 89 -12.59 -14.94 24.86
CA GLY X 89 -12.10 -15.93 23.94
C GLY X 89 -12.54 -15.70 22.53
N ASN X 90 -13.65 -14.98 22.32
CA ASN X 90 -14.07 -14.75 20.94
C ASN X 90 -13.48 -13.49 20.31
N LEU X 91 -12.58 -12.80 21.01
CA LEU X 91 -12.14 -11.48 20.55
C LEU X 91 -11.49 -11.54 19.17
N ALA X 92 -10.68 -12.57 18.89
CA ALA X 92 -10.01 -12.65 17.60
C ALA X 92 -11.01 -12.67 16.46
N ALA X 93 -12.00 -13.57 16.54
CA ALA X 93 -13.04 -13.59 15.52
C ALA X 93 -13.86 -12.29 15.49
N ALA X 94 -14.14 -11.72 16.66
CA ALA X 94 -14.92 -10.49 16.68
C ALA X 94 -14.19 -9.38 15.94
N MET X 95 -12.88 -9.35 16.01
CA MET X 95 -12.17 -8.34 15.25
C MET X 95 -12.27 -8.58 13.75
N GLN X 96 -12.60 -9.80 13.32
CA GLN X 96 -12.85 -10.09 11.92
C GLN X 96 -14.33 -10.12 11.57
N GLY X 97 -15.18 -9.63 12.44
CA GLY X 97 -16.59 -9.43 12.11
C GLY X 97 -17.55 -10.38 12.78
N LEU X 98 -17.10 -11.42 13.44
CA LEU X 98 -18.02 -12.33 14.11
C LEU X 98 -18.28 -11.88 15.55
N LEU X 99 -18.81 -10.68 15.71
CA LEU X 99 -18.92 -10.06 17.02
C LEU X 99 -20.30 -10.31 17.64
N ALA X 100 -20.31 -10.62 18.93
CA ALA X 100 -21.55 -10.83 19.67
C ALA X 100 -21.35 -10.40 21.10
N LEU X 101 -22.25 -9.60 21.64
CA LEU X 101 -22.17 -9.18 23.03
C LEU X 101 -23.37 -9.66 23.82
N PRO X 102 -23.16 -10.25 25.00
CA PRO X 102 -24.27 -10.68 25.85
C PRO X 102 -24.64 -9.69 26.95
N LEU X 103 -25.87 -9.87 27.44
CA LEU X 103 -26.43 -9.21 28.61
C LEU X 103 -26.95 -10.31 29.52
N LEU X 104 -26.53 -10.30 30.77
CA LEU X 104 -26.84 -11.35 31.73
C LEU X 104 -27.78 -10.81 32.79
N ALA X 105 -28.84 -11.55 33.07
CA ALA X 105 -29.73 -11.18 34.14
C ALA X 105 -29.92 -12.40 35.00
N GLY X 106 -29.82 -12.23 36.30
CA GLY X 106 -29.96 -13.36 37.16
C GLY X 106 -30.55 -12.93 38.48
N TYR X 107 -30.83 -13.94 39.29
CA TYR X 107 -31.27 -13.78 40.67
C TYR X 107 -30.30 -14.54 41.54
N ASP X 108 -29.62 -13.83 42.44
CA ASP X 108 -28.58 -14.42 43.28
C ASP X 108 -29.24 -15.06 44.50
N ILE X 109 -29.32 -16.40 44.51
CA ILE X 109 -30.00 -17.08 45.59
C ILE X 109 -29.33 -16.80 46.94
N HIS X 110 -28.06 -16.39 46.94
CA HIS X 110 -27.29 -16.15 48.14
C HIS X 110 -27.24 -14.70 48.53
N ALA X 111 -27.92 -13.83 47.81
CA ALA X 111 -27.88 -12.44 48.21
C ALA X 111 -28.55 -12.29 49.56
N SER X 112 -28.07 -11.31 50.32
CA SER X 112 -28.60 -11.11 51.66
C SER X 112 -30.04 -10.62 51.61
N ASP X 113 -30.34 -9.69 50.71
CA ASP X 113 -31.67 -9.11 50.65
C ASP X 113 -32.42 -9.71 49.46
N PRO X 114 -33.43 -10.54 49.69
CA PRO X 114 -34.18 -11.09 48.55
C PRO X 114 -34.77 -10.04 47.65
N GLN X 115 -35.03 -8.83 48.14
CA GLN X 115 -35.62 -7.79 47.31
C GLN X 115 -34.60 -7.15 46.36
N SER X 116 -33.30 -7.23 46.68
CA SER X 116 -32.22 -6.71 45.84
C SER X 116 -31.41 -7.81 45.19
N ALA X 117 -31.90 -9.04 45.20
CA ALA X 117 -31.12 -10.13 44.66
C ALA X 117 -31.07 -10.13 43.15
N GLY X 118 -31.77 -9.20 42.50
CA GLY X 118 -31.69 -9.07 41.07
C GLY X 118 -30.32 -8.59 40.65
N ARG X 119 -29.84 -9.11 39.53
CA ARG X 119 -28.54 -8.77 39.00
C ARG X 119 -28.62 -8.61 37.50
N ILE X 120 -27.97 -7.57 37.01
CA ILE X 120 -27.85 -7.29 35.59
C ILE X 120 -26.40 -7.00 35.29
N VAL X 121 -25.85 -7.71 34.32
CA VAL X 121 -24.44 -7.59 33.97
C VAL X 121 -24.31 -7.32 32.49
N SER X 122 -23.56 -6.28 32.12
CA SER X 122 -23.26 -6.03 30.72
C SER X 122 -21.81 -6.38 30.41
N PHE X 123 -21.53 -6.67 29.14
CA PHE X 123 -20.22 -7.11 28.72
C PHE X 123 -19.78 -6.35 27.48
N ASP X 124 -18.48 -6.15 27.31
CA ASP X 124 -17.92 -5.59 26.08
C ASP X 124 -17.15 -6.66 25.33
N ALA X 125 -16.68 -6.29 24.13
CA ALA X 125 -16.11 -7.26 23.22
C ALA X 125 -14.85 -7.90 23.74
N ALA X 126 -14.23 -7.34 24.77
CA ALA X 126 -13.02 -7.92 25.34
C ALA X 126 -13.27 -8.72 26.60
N GLY X 127 -14.52 -8.84 27.02
CA GLY X 127 -14.83 -9.59 28.21
C GLY X 127 -14.95 -8.75 29.44
N GLY X 128 -14.68 -7.46 29.35
CA GLY X 128 -14.94 -6.60 30.48
C GLY X 128 -16.42 -6.62 30.80
N TRP X 129 -16.74 -6.59 32.09
CA TRP X 129 -18.12 -6.64 32.55
C TRP X 129 -18.42 -5.53 33.56
N ASN X 130 -19.69 -5.18 33.65
CA ASN X 130 -20.15 -4.24 34.65
C ASN X 130 -21.43 -4.76 35.29
N ILE X 131 -21.44 -4.86 36.61
CA ILE X 131 -22.70 -5.09 37.32
C ILE X 131 -23.42 -3.76 37.43
N GLU X 132 -24.59 -3.68 36.81
CA GLU X 132 -25.29 -2.41 36.69
C GLU X 132 -26.02 -2.14 37.99
N GLU X 133 -25.51 -1.15 38.72
CA GLU X 133 -26.12 -0.75 39.96
C GLU X 133 -27.35 0.13 39.77
N GLU X 134 -27.61 0.63 38.56
CA GLU X 134 -28.75 1.54 38.41
C GLU X 134 -30.02 0.88 37.86
N GLY X 135 -30.06 -0.43 37.80
CA GLY X 135 -31.32 -1.09 37.73
C GLY X 135 -31.74 -1.52 36.35
N TYR X 136 -31.15 -0.97 35.30
CA TYR X 136 -31.56 -1.35 33.97
C TYR X 136 -30.37 -1.29 33.04
N GLN X 137 -30.51 -1.93 31.90
CA GLN X 137 -29.43 -1.94 30.92
C GLN X 137 -29.97 -2.50 29.61
N ALA X 138 -29.24 -2.24 28.52
CA ALA X 138 -29.63 -2.74 27.20
C ALA X 138 -28.41 -2.98 26.34
N VAL X 139 -28.58 -3.82 25.34
CA VAL X 139 -27.49 -4.08 24.40
C VAL X 139 -28.06 -4.28 23.02
N GLY X 140 -27.28 -3.92 22.01
CA GLY X 140 -27.68 -4.02 20.64
C GLY X 140 -27.80 -2.66 19.99
N SER X 141 -28.14 -2.68 18.71
CA SER X 141 -28.23 -1.47 17.91
C SER X 141 -29.35 -0.52 18.32
N GLY X 142 -30.32 -0.95 19.12
CA GLY X 142 -31.30 -0.03 19.69
C GLY X 142 -31.10 0.26 21.15
N SER X 143 -29.99 -0.15 21.73
CA SER X 143 -29.79 -0.10 23.17
C SER X 143 -29.86 1.33 23.69
N LEU X 144 -29.41 2.30 22.92
CA LEU X 144 -29.43 3.63 23.47
C LEU X 144 -30.82 4.19 23.48
N PHE X 145 -31.62 3.83 22.49
CA PHE X 145 -33.00 4.26 22.55
C PHE X 145 -33.73 3.58 23.69
N ALA X 146 -33.47 2.28 23.90
CA ALA X 146 -34.12 1.60 25.02
C ALA X 146 -33.64 2.12 26.36
N LYS X 147 -32.34 2.36 26.50
CA LYS X 147 -31.83 2.89 27.76
C LYS X 147 -32.39 4.26 28.03
N SER X 148 -32.46 5.11 27.03
CA SER X 148 -32.99 6.44 27.27
C SER X 148 -34.48 6.41 27.55
N SER X 149 -35.21 5.44 27.00
CA SER X 149 -36.60 5.26 27.33
C SER X 149 -36.79 4.78 28.78
N MET X 150 -36.06 3.73 29.16
CA MET X 150 -36.17 3.22 30.52
C MET X 150 -35.71 4.25 31.53
N LYS X 151 -34.81 5.16 31.13
CA LYS X 151 -34.38 6.23 32.01
C LYS X 151 -35.58 7.00 32.53
N LYS X 152 -36.55 7.25 31.65
CA LYS X 152 -37.77 7.98 31.96
C LYS X 152 -38.87 7.09 32.52
N LEU X 153 -38.85 5.79 32.24
CA LEU X 153 -39.95 4.96 32.72
C LEU X 153 -39.63 4.19 33.98
N TYR X 154 -38.39 4.18 34.42
CA TYR X 154 -38.01 3.19 35.43
C TYR X 154 -38.72 3.44 36.74
N SER X 155 -39.02 4.70 37.04
CA SER X 155 -39.72 5.07 38.26
C SER X 155 -41.10 4.44 38.36
N GLN X 156 -41.63 3.91 37.27
CA GLN X 156 -42.89 3.21 37.33
C GLN X 156 -42.73 1.74 37.68
N VAL X 157 -41.50 1.26 37.86
CA VAL X 157 -41.27 -0.17 38.04
C VAL X 157 -41.40 -0.49 39.52
N THR X 158 -42.48 -1.18 39.89
CA THR X 158 -42.74 -1.56 41.28
C THR X 158 -42.92 -3.05 41.50
N ASP X 159 -43.13 -3.82 40.45
CA ASP X 159 -43.26 -5.25 40.60
C ASP X 159 -42.81 -5.87 39.29
N GLY X 160 -42.97 -7.17 39.17
CA GLY X 160 -42.55 -7.83 37.95
C GLY X 160 -43.38 -7.41 36.76
N ASP X 161 -44.66 -7.17 36.96
CA ASP X 161 -45.49 -6.90 35.78
C ASP X 161 -45.27 -5.49 35.26
N SER X 162 -45.10 -4.51 36.13
CA SER X 162 -44.75 -3.18 35.64
C SER X 162 -43.36 -3.19 35.00
N GLY X 163 -42.45 -3.99 35.53
CA GLY X 163 -41.17 -4.10 34.89
C GLY X 163 -41.31 -4.71 33.52
N LEU X 164 -42.14 -5.72 33.40
CA LEU X 164 -42.43 -6.31 32.10
C LEU X 164 -43.00 -5.28 31.12
N ARG X 165 -43.91 -4.43 31.60
CA ARG X 165 -44.46 -3.41 30.72
C ARG X 165 -43.37 -2.48 30.26
N VAL X 166 -42.56 -1.98 31.20
CA VAL X 166 -41.54 -1.02 30.84
C VAL X 166 -40.56 -1.64 29.87
N ALA X 167 -40.19 -2.90 30.09
CA ALA X 167 -39.32 -3.60 29.16
C ALA X 167 -39.90 -3.62 27.75
N VAL X 168 -41.17 -4.01 27.63
CA VAL X 168 -41.77 -4.07 26.30
C VAL X 168 -41.86 -2.67 25.71
N GLU X 169 -42.14 -1.65 26.51
CA GLU X 169 -42.25 -0.31 25.95
C GLU X 169 -40.90 0.20 25.48
N ALA X 170 -39.84 -0.10 26.23
CA ALA X 170 -38.49 0.28 25.82
C ALA X 170 -38.11 -0.40 24.51
N LEU X 171 -38.46 -1.67 24.36
CA LEU X 171 -38.24 -2.31 23.07
C LEU X 171 -39.07 -1.66 21.98
N TYR X 172 -40.26 -1.19 22.32
CA TYR X 172 -41.08 -0.50 21.32
C TYR X 172 -40.38 0.75 20.83
N ASP X 173 -39.87 1.55 21.75
CA ASP X 173 -39.16 2.77 21.39
C ASP X 173 -37.92 2.46 20.55
N ALA X 174 -37.15 1.44 20.95
CA ALA X 174 -35.98 1.08 20.17
C ALA X 174 -36.37 0.73 18.75
N ALA X 175 -37.43 -0.06 18.61
CA ALA X 175 -37.89 -0.40 17.27
C ALA X 175 -38.35 0.83 16.51
N ASP X 176 -38.90 1.81 17.21
CA ASP X 176 -39.35 3.03 16.57
C ASP X 176 -38.18 3.81 15.98
N ASP X 177 -37.00 3.76 16.62
CA ASP X 177 -35.89 4.56 16.16
C ASP X 177 -34.76 3.80 15.48
N ASP X 178 -34.76 2.47 15.50
CA ASP X 178 -33.72 1.63 14.92
C ASP X 178 -34.33 0.62 13.97
N SER X 179 -33.91 0.64 12.72
CA SER X 179 -34.52 -0.26 11.77
C SER X 179 -34.05 -1.68 11.96
N ALA X 180 -33.00 -1.92 12.71
CA ALA X 180 -32.55 -3.28 12.98
C ALA X 180 -33.24 -3.94 14.16
N THR X 181 -34.09 -3.21 14.87
CA THR X 181 -34.88 -3.78 15.94
C THR X 181 -36.31 -3.80 15.44
N GLY X 182 -36.94 -4.96 15.56
CA GLY X 182 -38.29 -5.14 15.07
C GLY X 182 -39.30 -4.87 16.17
N GLY X 183 -40.34 -4.16 15.82
CA GLY X 183 -41.42 -3.93 16.76
C GLY X 183 -42.41 -5.06 16.75
N PRO X 184 -43.47 -4.87 17.53
CA PRO X 184 -44.60 -5.80 17.53
C PRO X 184 -45.25 -5.89 16.14
N ASP X 185 -45.45 -7.10 15.67
CA ASP X 185 -46.10 -7.37 14.38
C ASP X 185 -47.53 -7.86 14.66
N LEU X 186 -48.50 -6.95 14.58
CA LEU X 186 -49.87 -7.33 14.88
C LEU X 186 -50.55 -8.09 13.74
N VAL X 187 -49.97 -8.08 12.55
CA VAL X 187 -50.49 -8.89 11.46
C VAL X 187 -50.12 -10.35 11.65
N ARG X 188 -48.88 -10.62 12.02
CA ARG X 188 -48.43 -11.99 12.14
C ARG X 188 -48.53 -12.54 13.55
N GLY X 189 -48.81 -11.71 14.54
CA GLY X 189 -48.88 -12.15 15.93
C GLY X 189 -47.55 -12.50 16.55
N ILE X 190 -46.51 -11.72 16.26
CA ILE X 190 -45.15 -11.95 16.75
C ILE X 190 -44.77 -10.79 17.64
N PHE X 191 -44.27 -11.10 18.83
CA PHE X 191 -43.95 -10.11 19.85
C PHE X 191 -42.59 -10.44 20.48
N PRO X 192 -41.99 -9.47 21.15
CA PRO X 192 -40.74 -9.76 21.89
C PRO X 192 -40.92 -10.93 22.83
N THR X 193 -39.80 -11.61 23.11
CA THR X 193 -39.80 -12.65 24.11
C THR X 193 -39.25 -12.11 25.41
N ALA X 194 -39.69 -12.70 26.51
CA ALA X 194 -39.30 -12.22 27.80
C ALA X 194 -39.09 -13.38 28.75
N VAL X 195 -38.15 -13.20 29.66
CA VAL X 195 -37.92 -14.12 30.75
C VAL X 195 -38.01 -13.30 32.03
N ILE X 196 -38.63 -13.86 33.04
CA ILE X 196 -38.69 -13.21 34.34
C ILE X 196 -38.10 -14.17 35.37
N ILE X 197 -37.32 -13.62 36.31
CA ILE X 197 -36.64 -14.43 37.30
C ILE X 197 -36.88 -13.84 38.68
N ASP X 198 -37.40 -14.66 39.58
CA ASP X 198 -37.57 -14.28 40.98
C ASP X 198 -37.04 -15.43 41.83
N ALA X 199 -37.41 -15.47 43.11
CA ALA X 199 -36.88 -16.51 43.99
C ALA X 199 -37.24 -17.91 43.51
N ASP X 200 -38.33 -18.05 42.78
CA ASP X 200 -38.76 -19.35 42.30
C ASP X 200 -38.10 -19.76 41.00
N GLY X 201 -37.18 -18.97 40.50
CA GLY X 201 -36.49 -19.36 39.28
C GLY X 201 -36.88 -18.48 38.11
N ALA X 202 -36.47 -18.93 36.93
CA ALA X 202 -36.67 -18.27 35.66
C ALA X 202 -37.78 -18.93 34.86
N VAL X 203 -38.74 -18.14 34.39
CA VAL X 203 -39.80 -18.69 33.56
C VAL X 203 -39.99 -17.77 32.35
N ASP X 204 -40.34 -18.41 31.23
CA ASP X 204 -40.69 -17.69 30.02
C ASP X 204 -42.01 -16.99 30.22
N VAL X 205 -42.05 -15.70 29.87
CA VAL X 205 -43.29 -14.95 29.91
C VAL X 205 -44.18 -15.42 28.77
N PRO X 206 -45.44 -15.73 29.02
CA PRO X 206 -46.31 -16.18 27.93
C PRO X 206 -46.53 -15.09 26.88
N GLU X 207 -46.66 -15.54 25.64
CA GLU X 207 -46.84 -14.63 24.52
C GLU X 207 -48.03 -13.72 24.72
N SER X 208 -49.14 -14.26 25.23
CA SER X 208 -50.37 -13.49 25.26
C SER X 208 -50.24 -12.27 26.15
N ARG X 209 -49.49 -12.38 27.24
CA ARG X 209 -49.35 -11.26 28.14
C ARG X 209 -48.52 -10.14 27.53
N ILE X 210 -47.51 -10.52 26.74
CA ILE X 210 -46.71 -9.52 26.01
C ILE X 210 -47.56 -8.89 24.93
N ALA X 211 -48.41 -9.68 24.29
CA ALA X 211 -49.30 -9.14 23.28
C ALA X 211 -50.21 -8.08 23.86
N GLU X 212 -50.85 -8.37 25.00
CA GLU X 212 -51.71 -7.37 25.61
C GLU X 212 -50.93 -6.12 25.96
N LEU X 213 -49.74 -6.26 26.55
CA LEU X 213 -48.95 -5.07 26.87
C LEU X 213 -48.58 -4.29 25.61
N ALA X 214 -48.19 -4.99 24.55
CA ALA X 214 -47.85 -4.33 23.30
C ALA X 214 -49.04 -3.56 22.75
N ARG X 215 -50.22 -4.18 22.71
CA ARG X 215 -51.40 -3.49 22.20
C ARG X 215 -51.80 -2.30 23.06
N ALA X 216 -51.66 -2.42 24.38
CA ALA X 216 -51.95 -1.25 25.22
C ALA X 216 -51.03 -0.09 24.90
N ILE X 217 -49.74 -0.36 24.70
CA ILE X 217 -48.79 0.70 24.34
C ILE X 217 -49.15 1.31 23.00
N ILE X 218 -49.38 0.47 22.00
CA ILE X 218 -49.76 0.97 20.69
C ILE X 218 -50.98 1.87 20.79
N GLU X 219 -52.09 1.36 21.32
CA GLU X 219 -53.31 2.15 21.35
C GLU X 219 -53.12 3.41 22.20
N SER X 220 -52.28 3.33 23.22
CA SER X 220 -52.00 4.51 24.03
C SER X 220 -51.23 5.58 23.29
N ARG X 221 -50.50 5.21 22.25
CA ARG X 221 -49.79 6.22 21.49
C ARG X 221 -50.57 6.74 20.30
N SER X 222 -51.75 6.21 19.99
CA SER X 222 -52.50 6.67 18.81
C SER X 222 -53.35 7.89 19.10
N THR Y 1 -27.60 -19.89 -9.22
CA THR Y 1 -28.23 -20.99 -8.52
C THR Y 1 -29.41 -20.48 -7.77
N THR Y 2 -30.47 -21.27 -7.71
CA THR Y 2 -31.55 -21.09 -6.74
C THR Y 2 -32.03 -22.45 -6.29
N ILE Y 3 -32.19 -22.59 -4.99
CA ILE Y 3 -32.78 -23.74 -4.32
C ILE Y 3 -33.96 -23.21 -3.54
N VAL Y 4 -35.09 -23.88 -3.64
CA VAL Y 4 -36.28 -23.54 -2.88
C VAL Y 4 -36.70 -24.73 -2.05
N ALA Y 5 -37.31 -24.44 -0.91
CA ALA Y 5 -37.90 -25.47 -0.06
C ALA Y 5 -39.21 -24.92 0.53
N LEU Y 6 -40.22 -25.77 0.63
CA LEU Y 6 -41.44 -25.32 1.28
C LEU Y 6 -42.13 -26.48 1.98
N LYS Y 7 -42.91 -26.14 3.01
CA LYS Y 7 -43.72 -27.08 3.76
C LYS Y 7 -45.13 -27.19 3.19
N TYR Y 8 -45.66 -28.40 3.17
CA TYR Y 8 -47.05 -28.63 2.84
C TYR Y 8 -47.62 -29.56 3.90
N PRO Y 9 -48.94 -29.67 4.00
CA PRO Y 9 -49.52 -30.53 5.05
C PRO Y 9 -49.04 -31.96 4.97
N GLY Y 10 -48.22 -32.39 5.89
CA GLY Y 10 -47.75 -33.75 5.86
C GLY Y 10 -46.39 -33.97 5.25
N GLY Y 11 -45.70 -32.91 4.81
CA GLY Y 11 -44.38 -33.14 4.25
C GLY Y 11 -43.71 -31.84 3.84
N VAL Y 12 -42.63 -32.01 3.10
CA VAL Y 12 -41.79 -30.91 2.66
C VAL Y 12 -41.29 -31.20 1.25
N VAL Y 13 -41.00 -30.15 0.51
CA VAL Y 13 -40.49 -30.27 -0.85
C VAL Y 13 -39.30 -29.35 -1.04
N MET Y 14 -38.32 -29.81 -1.79
CA MET Y 14 -37.14 -29.03 -2.09
C MET Y 14 -36.79 -29.22 -3.55
N ALA Y 15 -36.46 -28.14 -4.23
CA ALA Y 15 -36.16 -28.21 -5.65
C ALA Y 15 -35.06 -27.22 -5.96
N GLY Y 16 -34.30 -27.51 -7.02
CA GLY Y 16 -33.20 -26.65 -7.43
C GLY Y 16 -33.00 -26.69 -8.93
N ASP Y 17 -32.37 -25.63 -9.42
CA ASP Y 17 -32.07 -25.52 -10.85
C ASP Y 17 -30.83 -26.33 -11.21
N ARG Y 18 -30.49 -26.30 -12.50
CA ARG Y 18 -29.49 -27.19 -13.06
C ARG Y 18 -28.32 -26.47 -13.72
N ARG Y 19 -28.19 -25.16 -13.55
CA ARG Y 19 -27.19 -24.38 -14.26
C ARG Y 19 -25.90 -24.26 -13.46
N SER Y 20 -24.79 -24.26 -14.17
CA SER Y 20 -23.47 -24.01 -13.60
C SER Y 20 -22.80 -22.94 -14.45
N THR Y 21 -22.23 -21.92 -13.81
CA THR Y 21 -21.60 -20.81 -14.51
C THR Y 21 -20.14 -20.60 -14.10
N GLN Y 22 -19.39 -19.96 -14.99
CA GLN Y 22 -18.04 -19.43 -14.72
C GLN Y 22 -18.06 -17.99 -15.22
N GLY Y 23 -18.36 -17.06 -14.33
CA GLY Y 23 -18.62 -15.72 -14.75
C GLY Y 23 -19.92 -15.70 -15.50
N ASN Y 24 -19.88 -15.21 -16.74
CA ASN Y 24 -21.04 -15.18 -17.59
C ASN Y 24 -21.18 -16.44 -18.41
N MET Y 25 -20.12 -17.24 -18.53
CA MET Y 25 -20.19 -18.40 -19.38
C MET Y 25 -20.88 -19.52 -18.65
N ILE Y 26 -21.78 -20.19 -19.36
CA ILE Y 26 -22.47 -21.35 -18.86
C ILE Y 26 -21.53 -22.54 -18.98
N SER Y 27 -21.21 -23.17 -17.86
CA SER Y 27 -20.36 -24.34 -17.86
C SER Y 27 -21.11 -25.63 -17.57
N GLY Y 28 -22.39 -25.55 -17.25
CA GLY Y 28 -23.13 -26.78 -17.03
C GLY Y 28 -24.62 -26.64 -17.13
N ARG Y 29 -25.30 -27.65 -17.68
CA ARG Y 29 -26.75 -27.61 -17.85
C ARG Y 29 -27.49 -28.69 -17.11
N ASP Y 30 -26.81 -29.72 -16.63
CA ASP Y 30 -27.43 -30.92 -16.06
C ASP Y 30 -27.04 -31.10 -14.61
N VAL Y 31 -26.51 -30.05 -14.00
CA VAL Y 31 -25.97 -30.09 -12.64
C VAL Y 31 -27.06 -30.47 -11.63
N ARG Y 32 -26.68 -31.24 -10.62
CA ARG Y 32 -27.55 -31.60 -9.51
C ARG Y 32 -27.15 -30.82 -8.26
N LYS Y 33 -28.12 -30.21 -7.59
CA LYS Y 33 -27.82 -29.37 -6.45
C LYS Y 33 -28.61 -29.73 -5.21
N VAL Y 34 -29.51 -30.71 -5.30
CA VAL Y 34 -30.39 -31.13 -4.23
C VAL Y 34 -30.22 -32.62 -4.03
N TYR Y 35 -29.75 -33.03 -2.86
CA TYR Y 35 -29.43 -34.41 -2.59
C TYR Y 35 -30.28 -34.92 -1.45
N ILE Y 36 -30.70 -36.17 -1.56
CA ILE Y 36 -31.25 -36.88 -0.41
C ILE Y 36 -30.08 -37.25 0.48
N THR Y 37 -29.98 -36.63 1.62
CA THR Y 37 -28.85 -36.84 2.49
C THR Y 37 -29.14 -37.86 3.59
N ASP Y 38 -30.40 -38.26 3.74
CA ASP Y 38 -30.82 -39.12 4.82
C ASP Y 38 -32.22 -39.61 4.47
N ASP Y 39 -32.68 -40.68 5.10
CA ASP Y 39 -34.00 -41.21 4.74
C ASP Y 39 -35.10 -40.16 4.85
N TYR Y 40 -34.93 -39.18 5.72
CA TYR Y 40 -35.96 -38.16 5.87
C TYR Y 40 -35.41 -36.76 5.65
N THR Y 41 -34.24 -36.61 5.03
CA THR Y 41 -33.77 -35.25 4.84
C THR Y 41 -33.07 -35.09 3.50
N ALA Y 42 -33.28 -33.92 2.90
CA ALA Y 42 -32.59 -33.45 1.73
C ALA Y 42 -31.94 -32.09 2.01
N THR Y 43 -30.79 -31.86 1.40
CA THR Y 43 -30.09 -30.59 1.51
C THR Y 43 -29.77 -30.10 0.10
N GLY Y 44 -30.02 -28.84 -0.18
CA GLY Y 44 -29.59 -28.22 -1.44
C GLY Y 44 -28.62 -27.11 -1.13
N ILE Y 45 -27.56 -26.99 -1.93
CA ILE Y 45 -26.48 -26.06 -1.62
C ILE Y 45 -26.23 -25.12 -2.79
N ALA Y 46 -25.93 -23.86 -2.49
CA ALA Y 46 -25.60 -22.86 -3.49
C ALA Y 46 -24.18 -22.38 -3.26
N GLY Y 47 -23.49 -22.04 -4.33
CA GLY Y 47 -22.13 -21.59 -4.13
C GLY Y 47 -21.11 -22.30 -4.99
N THR Y 48 -19.89 -22.36 -4.49
CA THR Y 48 -18.80 -22.98 -5.22
C THR Y 48 -19.05 -24.48 -5.36
N ALA Y 49 -18.97 -24.97 -6.60
CA ALA Y 49 -19.41 -26.32 -6.90
C ALA Y 49 -18.66 -27.36 -6.08
N ALA Y 50 -17.34 -27.27 -6.06
CA ALA Y 50 -16.55 -28.24 -5.31
C ALA Y 50 -16.98 -28.29 -3.84
N VAL Y 51 -17.13 -27.13 -3.19
CA VAL Y 51 -17.50 -27.11 -1.78
C VAL Y 51 -18.93 -27.59 -1.57
N ALA Y 52 -19.86 -27.20 -2.45
CA ALA Y 52 -21.25 -27.64 -2.30
C ALA Y 52 -21.35 -29.16 -2.35
N VAL Y 53 -20.74 -29.78 -3.33
CA VAL Y 53 -20.81 -31.23 -3.41
C VAL Y 53 -20.06 -31.89 -2.23
N GLU Y 54 -18.95 -31.29 -1.80
CA GLU Y 54 -18.25 -31.82 -0.63
C GLU Y 54 -19.14 -31.82 0.60
N PHE Y 55 -19.86 -30.72 0.82
CA PHE Y 55 -20.81 -30.64 1.93
C PHE Y 55 -21.85 -31.73 1.82
N ALA Y 56 -22.51 -31.83 0.67
CA ALA Y 56 -23.58 -32.81 0.55
C ALA Y 56 -23.07 -34.21 0.86
N ARG Y 57 -21.91 -34.55 0.31
CA ARG Y 57 -21.36 -35.89 0.45
C ARG Y 57 -20.96 -36.18 1.89
N LEU Y 58 -20.18 -35.30 2.47
CA LEU Y 58 -19.70 -35.52 3.81
C LEU Y 58 -20.84 -35.48 4.82
N TYR Y 59 -21.84 -34.64 4.57
CA TYR Y 59 -22.98 -34.56 5.48
C TYR Y 59 -23.76 -35.85 5.49
N ALA Y 60 -24.05 -36.41 4.32
CA ALA Y 60 -24.80 -37.66 4.28
C ALA Y 60 -24.02 -38.77 4.95
N VAL Y 61 -22.69 -38.78 4.75
CA VAL Y 61 -21.87 -39.78 5.41
C VAL Y 61 -21.87 -39.57 6.93
N GLU Y 62 -21.85 -38.33 7.40
CA GLU Y 62 -21.84 -38.11 8.84
C GLU Y 62 -23.14 -38.62 9.46
N LEU Y 63 -24.27 -38.41 8.80
CA LEU Y 63 -25.55 -38.90 9.31
C LEU Y 63 -25.56 -40.43 9.36
N GLU Y 64 -25.14 -41.09 8.28
CA GLU Y 64 -25.16 -42.55 8.30
C GLU Y 64 -24.13 -43.11 9.29
N HIS Y 65 -23.01 -42.44 9.41
CA HIS Y 65 -22.02 -42.82 10.39
C HIS Y 65 -22.62 -42.84 11.80
N TYR Y 66 -23.28 -41.75 12.21
CA TYR Y 66 -23.87 -41.76 13.54
C TYR Y 66 -24.93 -42.85 13.65
N GLU Y 67 -25.79 -42.98 12.64
CA GLU Y 67 -26.85 -43.98 12.71
C GLU Y 67 -26.28 -45.38 12.87
N LYS Y 68 -25.19 -45.71 12.17
CA LYS Y 68 -24.66 -47.06 12.30
C LYS Y 68 -23.89 -47.23 13.58
N LEU Y 69 -23.21 -46.19 14.04
CA LEU Y 69 -22.47 -46.31 15.27
C LEU Y 69 -23.40 -46.51 16.46
N GLU Y 70 -24.45 -45.70 16.55
CA GLU Y 70 -25.25 -45.68 17.76
C GLU Y 70 -26.59 -46.39 17.61
N GLY Y 71 -26.87 -46.96 16.45
CA GLY Y 71 -28.07 -47.75 16.28
C GLY Y 71 -29.35 -46.98 16.07
N VAL Y 72 -29.32 -45.64 16.09
CA VAL Y 72 -30.49 -44.80 15.91
C VAL Y 72 -30.08 -43.52 15.18
N PRO Y 73 -30.92 -42.90 14.36
CA PRO Y 73 -30.53 -41.64 13.73
C PRO Y 73 -30.56 -40.46 14.68
N LEU Y 74 -29.85 -39.42 14.27
CA LEU Y 74 -29.84 -38.20 15.03
C LEU Y 74 -31.21 -37.57 15.02
N THR Y 75 -31.55 -36.90 16.11
CA THR Y 75 -32.69 -36.02 16.13
C THR Y 75 -32.50 -34.90 15.13
N PHE Y 76 -33.62 -34.34 14.68
CA PHE Y 76 -33.51 -33.31 13.68
C PHE Y 76 -32.64 -32.17 14.17
N ALA Y 77 -32.76 -31.82 15.45
CA ALA Y 77 -31.86 -30.80 16.00
C ALA Y 77 -30.41 -31.22 15.85
N GLY Y 78 -30.11 -32.50 16.06
CA GLY Y 78 -28.73 -32.93 15.89
C GLY Y 78 -28.27 -32.80 14.46
N LYS Y 79 -29.12 -33.16 13.51
CA LYS Y 79 -28.80 -32.99 12.11
C LYS Y 79 -28.50 -31.53 11.82
N ILE Y 80 -29.33 -30.63 12.35
CA ILE Y 80 -29.10 -29.22 12.12
C ILE Y 80 -27.72 -28.84 12.62
N ASN Y 81 -27.41 -29.25 13.85
CA ASN Y 81 -26.17 -28.82 14.47
C ASN Y 81 -24.97 -29.27 13.66
N ARG Y 82 -25.00 -30.49 13.12
CA ARG Y 82 -23.83 -30.96 12.40
C ARG Y 82 -23.67 -30.24 11.06
N LEU Y 83 -24.77 -29.97 10.36
CA LEU Y 83 -24.62 -29.17 9.17
C LEU Y 83 -24.05 -27.80 9.52
N ALA Y 84 -24.54 -27.21 10.61
CA ALA Y 84 -24.03 -25.91 11.01
C ALA Y 84 -22.54 -25.94 11.34
N ILE Y 85 -22.09 -26.96 12.06
CA ILE Y 85 -20.68 -27.02 12.40
C ILE Y 85 -19.83 -27.18 11.16
N MET Y 86 -20.29 -27.94 10.19
CA MET Y 86 -19.54 -28.08 8.94
C MET Y 86 -19.44 -26.75 8.20
N VAL Y 87 -20.56 -26.04 8.11
CA VAL Y 87 -20.52 -24.74 7.45
C VAL Y 87 -19.57 -23.80 8.17
N ARG Y 88 -19.63 -23.76 9.49
CA ARG Y 88 -18.75 -22.87 10.27
C ARG Y 88 -17.29 -23.27 10.08
N GLY Y 89 -17.02 -24.55 9.92
CA GLY Y 89 -15.68 -24.99 9.63
C GLY Y 89 -15.15 -24.56 8.29
N ASN Y 90 -16.02 -24.23 7.34
CA ASN Y 90 -15.56 -23.76 6.05
C ASN Y 90 -15.39 -22.25 6.01
N LEU Y 91 -15.60 -21.55 7.12
CA LEU Y 91 -15.68 -20.09 7.04
C LEU Y 91 -14.39 -19.48 6.51
N ALA Y 92 -13.25 -19.97 6.97
CA ALA Y 92 -11.99 -19.43 6.51
C ALA Y 92 -11.88 -19.53 5.02
N ALA Y 93 -12.13 -20.72 4.47
CA ALA Y 93 -12.07 -20.90 3.03
C ALA Y 93 -13.13 -20.05 2.33
N ALA Y 94 -14.31 -19.92 2.92
CA ALA Y 94 -15.36 -19.13 2.28
C ALA Y 94 -14.93 -17.69 2.13
N MET Y 95 -14.18 -17.18 3.11
CA MET Y 95 -13.68 -15.81 2.99
C MET Y 95 -12.71 -15.64 1.83
N GLN Y 96 -12.14 -16.72 1.30
CA GLN Y 96 -11.30 -16.65 0.12
C GLN Y 96 -11.98 -17.10 -1.17
N GLY Y 97 -13.30 -17.26 -1.18
CA GLY Y 97 -14.01 -17.51 -2.42
C GLY Y 97 -14.58 -18.90 -2.56
N LEU Y 98 -14.25 -19.82 -1.67
CA LEU Y 98 -14.80 -21.18 -1.66
C LEU Y 98 -16.01 -21.28 -0.74
N LEU Y 99 -17.01 -20.47 -1.05
CA LEU Y 99 -18.19 -20.30 -0.23
C LEU Y 99 -19.33 -21.17 -0.74
N ALA Y 100 -20.06 -21.78 0.18
CA ALA Y 100 -21.25 -22.57 -0.13
C ALA Y 100 -22.23 -22.47 1.02
N LEU Y 101 -23.51 -22.22 0.73
CA LEU Y 101 -24.52 -22.17 1.76
C LEU Y 101 -25.56 -23.25 1.53
N PRO Y 102 -25.90 -24.01 2.53
CA PRO Y 102 -26.91 -25.05 2.36
C PRO Y 102 -28.26 -24.61 2.86
N LEU Y 103 -29.28 -25.33 2.39
CA LEU Y 103 -30.65 -25.24 2.83
C LEU Y 103 -31.07 -26.66 3.15
N LEU Y 104 -31.63 -26.86 4.34
CA LEU Y 104 -31.96 -28.18 4.84
C LEU Y 104 -33.48 -28.34 4.88
N ALA Y 105 -34.00 -29.41 4.34
CA ALA Y 105 -35.42 -29.69 4.43
C ALA Y 105 -35.58 -31.11 4.91
N GLY Y 106 -36.42 -31.31 5.92
CA GLY Y 106 -36.57 -32.64 6.47
C GLY Y 106 -37.96 -32.86 7.00
N TYR Y 107 -38.21 -34.10 7.39
CA TYR Y 107 -39.45 -34.52 8.06
C TYR Y 107 -39.05 -35.16 9.38
N ASP Y 108 -39.54 -34.58 10.47
CA ASP Y 108 -39.18 -35.03 11.81
C ASP Y 108 -40.15 -36.12 12.25
N ILE Y 109 -39.67 -37.37 12.25
CA ILE Y 109 -40.52 -38.48 12.66
C ILE Y 109 -40.93 -38.36 14.12
N HIS Y 110 -40.23 -37.57 14.92
CA HIS Y 110 -40.54 -37.44 16.35
C HIS Y 110 -41.36 -36.22 16.68
N ALA Y 111 -41.79 -35.43 15.71
CA ALA Y 111 -42.65 -34.29 16.01
C ALA Y 111 -44.00 -34.76 16.50
N SER Y 112 -44.66 -33.92 17.30
CA SER Y 112 -45.95 -34.32 17.87
C SER Y 112 -47.02 -34.44 16.79
N ASP Y 113 -47.14 -33.43 15.93
CA ASP Y 113 -48.18 -33.42 14.92
C ASP Y 113 -47.61 -33.77 13.55
N PRO Y 114 -47.92 -34.93 12.98
CA PRO Y 114 -47.38 -35.28 11.66
C PRO Y 114 -47.72 -34.29 10.56
N GLN Y 115 -48.77 -33.49 10.72
CA GLN Y 115 -49.09 -32.59 9.64
C GLN Y 115 -48.15 -31.41 9.60
N SER Y 116 -47.52 -31.08 10.73
CA SER Y 116 -46.56 -29.99 10.82
C SER Y 116 -45.13 -30.49 10.95
N ALA Y 117 -44.89 -31.74 10.60
CA ALA Y 117 -43.59 -32.37 10.77
C ALA Y 117 -42.54 -31.95 9.75
N GLY Y 118 -42.90 -31.18 8.72
CA GLY Y 118 -41.90 -30.64 7.82
C GLY Y 118 -41.04 -29.60 8.49
N ARG Y 119 -39.79 -29.56 8.10
CA ARG Y 119 -38.83 -28.64 8.69
C ARG Y 119 -38.00 -28.04 7.58
N ILE Y 120 -37.76 -26.75 7.68
CA ILE Y 120 -36.93 -26.01 6.74
C ILE Y 120 -35.95 -25.18 7.54
N VAL Y 121 -34.68 -25.36 7.26
CA VAL Y 121 -33.65 -24.67 8.00
C VAL Y 121 -32.75 -23.98 7.01
N SER Y 122 -32.55 -22.68 7.19
CA SER Y 122 -31.62 -21.93 6.37
C SER Y 122 -30.35 -21.63 7.15
N PHE Y 123 -29.24 -21.43 6.43
CA PHE Y 123 -27.93 -21.24 7.03
C PHE Y 123 -27.21 -20.06 6.42
N ASP Y 124 -26.33 -19.43 7.20
CA ASP Y 124 -25.39 -18.42 6.73
C ASP Y 124 -23.96 -18.93 6.79
N ALA Y 125 -23.04 -18.12 6.26
CA ALA Y 125 -21.65 -18.53 6.05
C ALA Y 125 -20.91 -18.85 7.33
N ALA Y 126 -21.44 -18.45 8.49
CA ALA Y 126 -20.78 -18.75 9.76
C ALA Y 126 -21.43 -19.91 10.50
N GLY Y 127 -22.43 -20.55 9.93
CA GLY Y 127 -23.11 -21.60 10.64
C GLY Y 127 -24.40 -21.20 11.34
N GLY Y 128 -24.75 -19.91 11.37
CA GLY Y 128 -26.03 -19.54 11.93
C GLY Y 128 -27.17 -20.17 11.14
N TRP Y 129 -28.18 -20.64 11.86
CA TRP Y 129 -29.31 -21.29 11.22
C TRP Y 129 -30.61 -20.75 11.77
N ASN Y 130 -31.64 -20.78 10.94
CA ASN Y 130 -32.98 -20.41 11.31
C ASN Y 130 -33.93 -21.51 10.84
N ILE Y 131 -34.75 -22.02 11.77
CA ILE Y 131 -35.86 -22.87 11.40
C ILE Y 131 -37.02 -21.97 10.93
N GLU Y 132 -37.40 -22.13 9.67
CA GLU Y 132 -38.32 -21.20 9.03
C GLU Y 132 -39.76 -21.54 9.38
N GLU Y 133 -40.42 -20.66 10.10
CA GLU Y 133 -41.76 -20.93 10.58
C GLU Y 133 -42.86 -20.35 9.69
N GLU Y 134 -42.50 -19.83 8.52
CA GLU Y 134 -43.49 -19.29 7.59
C GLU Y 134 -43.62 -20.13 6.33
N GLY Y 135 -43.00 -21.30 6.29
CA GLY Y 135 -43.40 -22.33 5.37
C GLY Y 135 -42.53 -22.50 4.14
N TYR Y 136 -41.69 -21.52 3.81
CA TYR Y 136 -40.89 -21.63 2.59
C TYR Y 136 -39.60 -20.82 2.76
N GLN Y 137 -38.59 -21.12 1.94
CA GLN Y 137 -37.31 -20.43 2.01
C GLN Y 137 -36.53 -20.73 0.72
N ALA Y 138 -35.52 -19.92 0.43
CA ALA Y 138 -34.71 -20.13 -0.75
C ALA Y 138 -33.28 -19.65 -0.50
N VAL Y 139 -32.35 -20.19 -1.28
CA VAL Y 139 -30.96 -19.85 -1.17
C VAL Y 139 -30.38 -19.79 -2.57
N GLY Y 140 -29.39 -18.93 -2.76
CA GLY Y 140 -28.75 -18.77 -4.05
C GLY Y 140 -29.02 -17.40 -4.64
N SER Y 141 -28.43 -17.13 -5.79
CA SER Y 141 -28.53 -15.82 -6.42
C SER Y 141 -29.94 -15.46 -6.86
N GLY Y 142 -30.84 -16.42 -6.98
CA GLY Y 142 -32.21 -16.12 -7.30
C GLY Y 142 -33.12 -16.18 -6.11
N SER Y 143 -32.56 -16.27 -4.92
CA SER Y 143 -33.40 -16.53 -3.76
C SER Y 143 -34.43 -15.45 -3.54
N LEU Y 144 -34.14 -14.18 -3.83
CA LEU Y 144 -35.15 -13.18 -3.51
C LEU Y 144 -36.29 -13.19 -4.52
N PHE Y 145 -35.99 -13.47 -5.77
CA PHE Y 145 -37.07 -13.62 -6.74
C PHE Y 145 -37.95 -14.81 -6.38
N ALA Y 146 -37.32 -15.94 -6.06
CA ALA Y 146 -38.07 -17.13 -5.73
C ALA Y 146 -38.85 -16.95 -4.44
N LYS Y 147 -38.23 -16.32 -3.44
CA LYS Y 147 -38.94 -16.08 -2.19
C LYS Y 147 -40.13 -15.17 -2.39
N SER Y 148 -39.98 -14.10 -3.17
CA SER Y 148 -41.09 -13.17 -3.35
C SER Y 148 -42.22 -13.76 -4.18
N SER Y 149 -41.90 -14.64 -5.10
CA SER Y 149 -42.93 -15.39 -5.79
C SER Y 149 -43.65 -16.33 -4.82
N MET Y 150 -42.91 -17.05 -3.99
CA MET Y 150 -43.62 -17.92 -3.07
C MET Y 150 -44.47 -17.14 -2.09
N LYS Y 151 -44.07 -15.93 -1.73
CA LYS Y 151 -44.92 -15.11 -0.89
C LYS Y 151 -46.31 -14.95 -1.48
N LYS Y 152 -46.41 -14.81 -2.79
CA LYS Y 152 -47.71 -14.64 -3.41
C LYS Y 152 -48.40 -15.97 -3.68
N LEU Y 153 -47.65 -17.06 -3.90
CA LEU Y 153 -48.28 -18.31 -4.29
C LEU Y 153 -48.49 -19.30 -3.15
N TYR Y 154 -47.96 -19.03 -1.96
CA TYR Y 154 -47.91 -20.07 -0.94
C TYR Y 154 -49.29 -20.50 -0.50
N SER Y 155 -50.25 -19.57 -0.50
CA SER Y 155 -51.61 -19.92 -0.07
C SER Y 155 -52.25 -20.99 -0.94
N GLN Y 156 -51.72 -21.25 -2.13
CA GLN Y 156 -52.26 -22.32 -2.98
C GLN Y 156 -51.71 -23.69 -2.60
N VAL Y 157 -50.85 -23.75 -1.60
CA VAL Y 157 -50.21 -25.00 -1.21
C VAL Y 157 -51.15 -25.72 -0.25
N THR Y 158 -51.75 -26.82 -0.70
CA THR Y 158 -52.61 -27.58 0.17
C THR Y 158 -52.21 -29.04 0.31
N ASP Y 159 -51.35 -29.55 -0.59
CA ASP Y 159 -50.91 -30.92 -0.56
C ASP Y 159 -49.57 -30.99 -1.28
N GLY Y 160 -49.06 -32.20 -1.49
CA GLY Y 160 -47.77 -32.35 -2.12
C GLY Y 160 -47.77 -31.91 -3.56
N ASP Y 161 -48.84 -32.17 -4.29
CA ASP Y 161 -48.77 -31.84 -5.69
C ASP Y 161 -48.84 -30.33 -5.89
N SER Y 162 -49.69 -29.65 -5.13
CA SER Y 162 -49.69 -28.20 -5.21
C SER Y 162 -48.38 -27.62 -4.70
N GLY Y 163 -47.80 -28.23 -3.67
CA GLY Y 163 -46.53 -27.75 -3.17
C GLY Y 163 -45.44 -27.86 -4.21
N LEU Y 164 -45.39 -29.00 -4.88
CA LEU Y 164 -44.39 -29.16 -5.91
C LEU Y 164 -44.58 -28.14 -7.01
N ARG Y 165 -45.83 -27.86 -7.37
CA ARG Y 165 -46.05 -26.88 -8.44
C ARG Y 165 -45.59 -25.48 -8.03
N VAL Y 166 -45.84 -25.10 -6.78
CA VAL Y 166 -45.35 -23.79 -6.35
C VAL Y 166 -43.83 -23.76 -6.33
N ALA Y 167 -43.20 -24.85 -5.92
CA ALA Y 167 -41.74 -24.93 -5.95
C ALA Y 167 -41.20 -24.71 -7.35
N VAL Y 168 -41.74 -25.45 -8.32
CA VAL Y 168 -41.27 -25.34 -9.71
C VAL Y 168 -41.56 -23.95 -10.29
N GLU Y 169 -42.70 -23.36 -9.92
CA GLU Y 169 -43.01 -22.02 -10.42
C GLU Y 169 -42.09 -20.97 -9.82
N ALA Y 170 -41.74 -21.10 -8.54
CA ALA Y 170 -40.79 -20.16 -7.96
C ALA Y 170 -39.43 -20.28 -8.62
N LEU Y 171 -38.97 -21.49 -8.89
CA LEU Y 171 -37.73 -21.61 -9.63
C LEU Y 171 -37.86 -21.02 -11.01
N TYR Y 172 -39.04 -21.12 -11.61
CA TYR Y 172 -39.23 -20.49 -12.91
C TYR Y 172 -39.02 -19.01 -12.80
N ASP Y 173 -39.60 -18.39 -11.77
CA ASP Y 173 -39.43 -16.95 -11.62
C ASP Y 173 -37.98 -16.57 -11.36
N ALA Y 174 -37.30 -17.32 -10.48
CA ALA Y 174 -35.89 -17.04 -10.25
C ALA Y 174 -35.12 -17.06 -11.55
N ALA Y 175 -35.37 -18.06 -12.40
CA ALA Y 175 -34.71 -18.12 -13.71
C ALA Y 175 -35.10 -16.96 -14.62
N ASP Y 176 -36.34 -16.47 -14.48
CA ASP Y 176 -36.79 -15.35 -15.28
C ASP Y 176 -36.01 -14.09 -14.97
N ASP Y 177 -35.67 -13.88 -13.70
CA ASP Y 177 -35.01 -12.64 -13.30
C ASP Y 177 -33.54 -12.78 -12.92
N ASP Y 178 -32.98 -14.00 -12.89
CA ASP Y 178 -31.59 -14.22 -12.54
C ASP Y 178 -30.92 -15.04 -13.64
N SER Y 179 -29.87 -14.50 -14.23
CA SER Y 179 -29.17 -15.18 -15.31
C SER Y 179 -28.31 -16.33 -14.81
N ALA Y 180 -28.00 -16.40 -13.52
CA ALA Y 180 -27.25 -17.54 -13.00
C ALA Y 180 -28.16 -18.69 -12.61
N THR Y 181 -29.46 -18.53 -12.77
CA THR Y 181 -30.42 -19.59 -12.54
C THR Y 181 -31.02 -20.01 -13.87
N GLY Y 182 -30.99 -21.32 -14.13
CA GLY Y 182 -31.43 -21.85 -15.41
C GLY Y 182 -32.88 -22.28 -15.36
N GLY Y 183 -33.62 -21.92 -16.40
CA GLY Y 183 -34.99 -22.33 -16.49
C GLY Y 183 -35.11 -23.67 -17.15
N PRO Y 184 -36.35 -24.16 -17.29
CA PRO Y 184 -36.58 -25.41 -18.01
C PRO Y 184 -36.11 -25.31 -19.45
N ASP Y 185 -35.36 -26.31 -19.88
CA ASP Y 185 -34.83 -26.35 -21.24
C ASP Y 185 -35.73 -27.29 -22.04
N LEU Y 186 -36.71 -26.74 -22.73
CA LEU Y 186 -37.57 -27.68 -23.44
C LEU Y 186 -36.93 -28.23 -24.70
N VAL Y 187 -35.79 -27.70 -25.13
CA VAL Y 187 -35.14 -28.30 -26.28
C VAL Y 187 -34.39 -29.54 -25.87
N ARG Y 188 -33.65 -29.48 -24.76
CA ARG Y 188 -32.83 -30.62 -24.35
C ARG Y 188 -33.55 -31.55 -23.39
N GLY Y 189 -34.65 -31.12 -22.80
CA GLY Y 189 -35.36 -31.92 -21.84
C GLY Y 189 -34.74 -32.00 -20.47
N ILE Y 190 -34.21 -30.88 -20.00
CA ILE Y 190 -33.57 -30.79 -18.70
C ILE Y 190 -34.41 -29.84 -17.88
N PHE Y 191 -34.81 -30.26 -16.69
CA PHE Y 191 -35.68 -29.51 -15.83
C PHE Y 191 -35.10 -29.48 -14.43
N PRO Y 192 -35.58 -28.60 -13.58
CA PRO Y 192 -35.14 -28.60 -12.18
C PRO Y 192 -35.26 -29.96 -11.52
N THR Y 193 -34.50 -30.21 -10.45
CA THR Y 193 -34.65 -31.42 -9.66
C THR Y 193 -35.43 -31.13 -8.39
N ALA Y 194 -36.18 -32.11 -7.92
CA ALA Y 194 -36.95 -31.93 -6.71
C ALA Y 194 -36.95 -33.22 -5.88
N VAL Y 195 -37.04 -33.03 -4.59
CA VAL Y 195 -37.21 -34.10 -3.62
C VAL Y 195 -38.45 -33.78 -2.82
N ILE Y 196 -39.25 -34.78 -2.57
CA ILE Y 196 -40.45 -34.65 -1.76
C ILE Y 196 -40.26 -35.60 -0.59
N ILE Y 197 -40.60 -35.16 0.61
CA ILE Y 197 -40.34 -35.93 1.81
C ILE Y 197 -41.60 -35.95 2.66
N ASP Y 198 -42.12 -37.13 2.95
CA ASP Y 198 -43.24 -37.22 3.89
C ASP Y 198 -42.96 -38.36 4.86
N ALA Y 199 -44.00 -38.81 5.57
CA ALA Y 199 -43.79 -39.83 6.60
C ALA Y 199 -43.19 -41.10 6.03
N ASP Y 200 -43.40 -41.37 4.74
CA ASP Y 200 -42.87 -42.58 4.14
C ASP Y 200 -41.46 -42.40 3.65
N GLY Y 201 -40.87 -41.25 3.89
CA GLY Y 201 -39.50 -40.99 3.56
C GLY Y 201 -39.35 -39.97 2.44
N ALA Y 202 -38.12 -39.85 1.99
CA ALA Y 202 -37.74 -38.91 0.97
C ALA Y 202 -37.57 -39.63 -0.35
N VAL Y 203 -38.18 -39.09 -1.41
CA VAL Y 203 -38.05 -39.64 -2.75
C VAL Y 203 -37.74 -38.54 -3.75
N ASP Y 204 -37.01 -38.93 -4.78
CA ASP Y 204 -36.74 -38.06 -5.91
C ASP Y 204 -37.98 -37.94 -6.76
N VAL Y 205 -38.31 -36.71 -7.12
CA VAL Y 205 -39.40 -36.49 -8.05
C VAL Y 205 -38.91 -36.86 -9.44
N PRO Y 206 -39.68 -37.63 -10.19
CA PRO Y 206 -39.26 -37.98 -11.53
C PRO Y 206 -39.22 -36.77 -12.44
N GLU Y 207 -38.23 -36.74 -13.34
CA GLU Y 207 -38.11 -35.64 -14.28
C GLU Y 207 -39.43 -35.37 -14.99
N SER Y 208 -40.19 -36.43 -15.25
CA SER Y 208 -41.39 -36.35 -16.07
C SER Y 208 -42.42 -35.40 -15.49
N ARG Y 209 -42.63 -35.52 -14.17
CA ARG Y 209 -43.55 -34.67 -13.43
C ARG Y 209 -43.09 -33.22 -13.47
N ILE Y 210 -41.79 -32.99 -13.35
CA ILE Y 210 -41.31 -31.63 -13.36
C ILE Y 210 -41.48 -31.04 -14.76
N ALA Y 211 -41.32 -31.87 -15.78
CA ALA Y 211 -41.56 -31.42 -17.14
C ALA Y 211 -43.02 -31.01 -17.31
N GLU Y 212 -43.94 -31.77 -16.75
CA GLU Y 212 -45.34 -31.44 -16.95
C GLU Y 212 -45.70 -30.15 -16.23
N LEU Y 213 -45.20 -29.97 -15.02
CA LEU Y 213 -45.45 -28.73 -14.29
C LEU Y 213 -44.84 -27.53 -15.01
N ALA Y 214 -43.63 -27.70 -15.55
CA ALA Y 214 -42.99 -26.64 -16.33
C ALA Y 214 -43.83 -26.27 -17.54
N ARG Y 215 -44.27 -27.26 -18.31
CA ARG Y 215 -45.07 -26.92 -19.48
C ARG Y 215 -46.35 -26.21 -19.06
N ALA Y 216 -46.94 -26.63 -17.95
CA ALA Y 216 -48.12 -25.94 -17.46
C ALA Y 216 -47.84 -24.48 -17.13
N ILE Y 217 -46.71 -24.22 -16.46
CA ILE Y 217 -46.37 -22.84 -16.11
C ILE Y 217 -46.17 -22.01 -17.36
N ILE Y 218 -45.36 -22.53 -18.29
CA ILE Y 218 -45.08 -21.80 -19.52
C ILE Y 218 -46.38 -21.45 -20.23
N GLU Y 219 -47.27 -22.44 -20.39
CA GLU Y 219 -48.54 -22.16 -21.05
C GLU Y 219 -49.38 -21.16 -20.26
N SER Y 220 -49.37 -21.26 -18.94
CA SER Y 220 -50.07 -20.25 -18.14
C SER Y 220 -49.53 -18.83 -18.36
N ARG Y 221 -48.29 -18.67 -18.75
CA ARG Y 221 -47.80 -17.31 -18.97
C ARG Y 221 -47.85 -16.87 -20.42
N SER Y 222 -48.11 -17.77 -21.38
CA SER Y 222 -48.17 -17.34 -22.78
C SER Y 222 -49.56 -16.94 -23.23
N GLY Y 223 -50.60 -17.43 -22.57
CA GLY Y 223 -51.96 -17.19 -23.00
C GLY Y 223 -52.97 -18.18 -22.47
N THR Z 1 -2.84 -24.46 -24.91
CA THR Z 1 -3.21 -25.87 -24.84
C THR Z 1 -4.66 -26.05 -25.19
N THR Z 2 -4.98 -27.12 -25.90
CA THR Z 2 -6.36 -27.56 -25.98
C THR Z 2 -6.37 -29.06 -25.96
N ILE Z 3 -7.23 -29.61 -25.10
CA ILE Z 3 -7.53 -31.04 -25.02
C ILE Z 3 -9.00 -31.18 -25.27
N VAL Z 4 -9.36 -32.15 -26.11
CA VAL Z 4 -10.75 -32.47 -26.40
C VAL Z 4 -11.01 -33.94 -26.07
N ALA Z 5 -12.25 -34.23 -25.67
CA ALA Z 5 -12.70 -35.60 -25.48
C ALA Z 5 -14.15 -35.71 -25.94
N LEU Z 6 -14.50 -36.81 -26.60
CA LEU Z 6 -15.88 -37.00 -26.98
C LEU Z 6 -16.24 -38.48 -26.95
N LYS Z 7 -17.52 -38.74 -26.74
CA LYS Z 7 -18.05 -40.09 -26.72
C LYS Z 7 -18.52 -40.46 -28.11
N TYR Z 8 -18.25 -41.70 -28.52
CA TYR Z 8 -18.77 -42.27 -29.74
C TYR Z 8 -19.39 -43.61 -29.40
N PRO Z 9 -20.25 -44.15 -30.27
CA PRO Z 9 -20.92 -45.41 -29.94
C PRO Z 9 -19.96 -46.54 -29.66
N GLY Z 10 -19.84 -46.92 -28.39
CA GLY Z 10 -18.94 -47.97 -27.99
C GLY Z 10 -17.63 -47.52 -27.39
N GLY Z 11 -17.40 -46.22 -27.25
CA GLY Z 11 -16.15 -45.80 -26.65
C GLY Z 11 -16.08 -44.31 -26.48
N VAL Z 12 -14.87 -43.85 -26.21
CA VAL Z 12 -14.58 -42.45 -25.99
C VAL Z 12 -13.23 -42.17 -26.64
N VAL Z 13 -13.03 -40.93 -27.02
CA VAL Z 13 -11.80 -40.52 -27.67
C VAL Z 13 -11.30 -39.25 -27.00
N MET Z 14 -9.98 -39.11 -26.87
CA MET Z 14 -9.36 -37.93 -26.31
C MET Z 14 -8.15 -37.55 -27.14
N ALA Z 15 -8.02 -36.28 -27.44
CA ALA Z 15 -6.91 -35.80 -28.24
C ALA Z 15 -6.44 -34.46 -27.69
N GLY Z 16 -5.15 -34.17 -27.89
CA GLY Z 16 -4.56 -32.95 -27.38
C GLY Z 16 -3.45 -32.47 -28.30
N ASP Z 17 -3.15 -31.18 -28.20
CA ASP Z 17 -2.15 -30.54 -29.03
C ASP Z 17 -0.73 -30.72 -28.47
N ARG Z 18 0.26 -30.18 -29.17
CA ARG Z 18 1.64 -30.46 -28.85
C ARG Z 18 2.47 -29.24 -28.49
N ARG Z 19 1.87 -28.08 -28.32
CA ARG Z 19 2.62 -26.85 -28.16
C ARG Z 19 2.94 -26.55 -26.71
N SER Z 20 4.14 -26.02 -26.50
CA SER Z 20 4.59 -25.52 -25.21
C SER Z 20 5.10 -24.09 -25.39
N THR Z 21 4.64 -23.18 -24.55
CA THR Z 21 5.01 -21.78 -24.67
C THR Z 21 5.62 -21.28 -23.37
N GLN Z 22 6.40 -20.20 -23.48
CA GLN Z 22 6.86 -19.38 -22.36
C GLN Z 22 6.56 -17.96 -22.79
N GLY Z 23 5.41 -17.46 -22.39
CA GLY Z 23 4.96 -16.17 -22.91
C GLY Z 23 4.59 -16.26 -24.38
N ASN Z 24 5.23 -15.44 -25.18
CA ASN Z 24 5.03 -15.46 -26.60
C ASN Z 24 5.93 -16.45 -27.29
N MET Z 25 6.96 -16.90 -26.59
CA MET Z 25 7.93 -17.77 -27.22
C MET Z 25 7.42 -19.21 -27.27
N ILE Z 26 7.56 -19.82 -28.43
CA ILE Z 26 7.30 -21.24 -28.52
C ILE Z 26 8.53 -21.95 -27.97
N SER Z 27 8.34 -22.70 -26.88
CA SER Z 27 9.39 -23.45 -26.19
C SER Z 27 9.29 -24.97 -26.38
N GLY Z 28 8.28 -25.46 -27.07
CA GLY Z 28 8.25 -26.89 -27.31
C GLY Z 28 7.28 -27.20 -28.43
N ARG Z 29 7.62 -28.17 -29.26
CA ARG Z 29 6.80 -28.53 -30.41
C ARG Z 29 6.25 -29.94 -30.41
N ASP Z 30 6.75 -30.84 -29.58
CA ASP Z 30 6.41 -32.25 -29.64
C ASP Z 30 5.81 -32.72 -28.33
N VAL Z 31 5.45 -31.79 -27.46
CA VAL Z 31 5.00 -32.12 -26.12
C VAL Z 31 3.77 -33.02 -26.13
N ARG Z 32 3.60 -33.75 -25.05
CA ARG Z 32 2.53 -34.73 -24.91
C ARG Z 32 1.73 -34.39 -23.65
N LYS Z 33 0.44 -34.16 -23.84
CA LYS Z 33 -0.46 -33.71 -22.80
C LYS Z 33 -1.55 -34.72 -22.50
N VAL Z 34 -1.62 -35.83 -23.23
CA VAL Z 34 -2.64 -36.85 -23.06
C VAL Z 34 -1.96 -38.14 -22.69
N TYR Z 35 -2.25 -38.65 -21.51
CA TYR Z 35 -1.63 -39.85 -20.95
C TYR Z 35 -2.65 -40.92 -20.70
N ILE Z 36 -2.33 -42.16 -21.05
CA ILE Z 36 -3.13 -43.30 -20.63
C ILE Z 36 -2.77 -43.55 -19.17
N THR Z 37 -3.70 -43.28 -18.26
CA THR Z 37 -3.46 -43.41 -16.84
C THR Z 37 -3.95 -44.73 -16.30
N ASP Z 38 -4.68 -45.49 -17.09
CA ASP Z 38 -5.24 -46.72 -16.58
C ASP Z 38 -5.70 -47.55 -17.76
N ASP Z 39 -5.97 -48.83 -17.52
CA ASP Z 39 -6.35 -49.63 -18.69
C ASP Z 39 -7.60 -49.10 -19.37
N TYR Z 40 -8.44 -48.37 -18.63
CA TYR Z 40 -9.68 -47.83 -19.18
C TYR Z 40 -9.84 -46.34 -18.99
N THR Z 41 -8.77 -45.62 -18.70
CA THR Z 41 -8.95 -44.19 -18.55
C THR Z 41 -7.75 -43.49 -19.14
N ALA Z 42 -8.02 -42.33 -19.76
CA ALA Z 42 -7.03 -41.37 -20.22
C ALA Z 42 -7.27 -40.01 -19.58
N THR Z 43 -6.17 -39.30 -19.28
CA THR Z 43 -6.20 -37.95 -18.72
C THR Z 43 -5.38 -36.99 -19.55
N GLY Z 44 -5.96 -35.85 -19.87
CA GLY Z 44 -5.23 -34.76 -20.52
C GLY Z 44 -5.26 -33.53 -19.64
N ILE Z 45 -4.15 -32.82 -19.56
CA ILE Z 45 -4.06 -31.71 -18.62
C ILE Z 45 -3.62 -30.44 -19.33
N ALA Z 46 -4.16 -29.33 -18.88
CA ALA Z 46 -3.79 -28.01 -19.36
C ALA Z 46 -3.22 -27.23 -18.20
N GLY Z 47 -2.26 -26.38 -18.47
CA GLY Z 47 -1.71 -25.60 -17.40
C GLY Z 47 -0.21 -25.61 -17.33
N THR Z 48 0.31 -25.40 -16.13
CA THR Z 48 1.74 -25.38 -15.92
C THR Z 48 2.32 -26.76 -16.15
N ALA Z 49 3.33 -26.83 -17.03
CA ALA Z 49 3.79 -28.13 -17.50
C ALA Z 49 4.23 -29.03 -16.37
N ALA Z 50 5.08 -28.51 -15.48
CA ALA Z 50 5.58 -29.32 -14.37
C ALA Z 50 4.43 -29.88 -13.56
N VAL Z 51 3.43 -29.05 -13.29
CA VAL Z 51 2.30 -29.50 -12.52
C VAL Z 51 1.48 -30.49 -13.34
N ALA Z 52 1.31 -30.23 -14.62
CA ALA Z 52 0.48 -31.09 -15.45
C ALA Z 52 1.02 -32.52 -15.47
N VAL Z 53 2.31 -32.66 -15.75
CA VAL Z 53 2.94 -33.97 -15.84
C VAL Z 53 3.00 -34.62 -14.45
N GLU Z 54 3.21 -33.84 -13.41
CA GLU Z 54 3.12 -34.41 -12.08
C GLU Z 54 1.72 -35.01 -11.82
N PHE Z 55 0.66 -34.30 -12.25
CA PHE Z 55 -0.70 -34.83 -12.12
C PHE Z 55 -0.86 -36.16 -12.82
N ALA Z 56 -0.51 -36.23 -14.10
CA ALA Z 56 -0.70 -37.49 -14.82
C ALA Z 56 0.08 -38.61 -14.17
N ARG Z 57 1.34 -38.37 -13.84
CA ARG Z 57 2.18 -39.43 -13.33
C ARG Z 57 1.65 -39.96 -12.00
N LEU Z 58 1.37 -39.06 -11.07
CA LEU Z 58 0.93 -39.49 -9.77
C LEU Z 58 -0.47 -40.08 -9.80
N TYR Z 59 -1.32 -39.58 -10.68
CA TYR Z 59 -2.66 -40.16 -10.79
C TYR Z 59 -2.58 -41.60 -11.28
N ALA Z 60 -1.80 -41.82 -12.31
CA ALA Z 60 -1.69 -43.18 -12.81
C ALA Z 60 -1.14 -44.08 -11.72
N VAL Z 61 -0.18 -43.57 -10.96
CA VAL Z 61 0.34 -44.37 -9.86
C VAL Z 61 -0.75 -44.65 -8.83
N GLU Z 62 -1.55 -43.64 -8.50
CA GLU Z 62 -2.56 -43.84 -7.46
C GLU Z 62 -3.56 -44.91 -7.86
N LEU Z 63 -4.00 -44.88 -9.11
CA LEU Z 63 -4.96 -45.89 -9.57
C LEU Z 63 -4.36 -47.28 -9.49
N GLU Z 64 -3.19 -47.49 -10.04
CA GLU Z 64 -2.55 -48.79 -10.02
C GLU Z 64 -2.24 -49.26 -8.63
N HIS Z 65 -1.82 -48.35 -7.79
CA HIS Z 65 -1.61 -48.61 -6.38
C HIS Z 65 -2.85 -49.20 -5.75
N TYR Z 66 -3.99 -48.54 -5.94
CA TYR Z 66 -5.21 -49.10 -5.36
C TYR Z 66 -5.47 -50.48 -5.91
N GLU Z 67 -5.28 -50.65 -7.20
CA GLU Z 67 -5.58 -51.94 -7.81
C GLU Z 67 -4.75 -53.07 -7.20
N LYS Z 68 -3.45 -52.86 -7.04
CA LYS Z 68 -2.62 -53.94 -6.51
C LYS Z 68 -2.90 -54.16 -5.04
N LEU Z 69 -3.25 -53.12 -4.31
CA LEU Z 69 -3.57 -53.32 -2.91
C LEU Z 69 -4.84 -54.13 -2.72
N GLU Z 70 -5.89 -53.85 -3.48
CA GLU Z 70 -7.18 -54.45 -3.18
C GLU Z 70 -7.57 -55.55 -4.14
N GLY Z 71 -6.78 -55.84 -5.18
CA GLY Z 71 -7.09 -56.92 -6.10
C GLY Z 71 -8.15 -56.61 -7.14
N VAL Z 72 -8.67 -55.39 -7.15
CA VAL Z 72 -9.74 -54.97 -8.06
C VAL Z 72 -9.52 -53.49 -8.35
N PRO Z 73 -9.86 -53.00 -9.52
CA PRO Z 73 -9.72 -51.56 -9.78
C PRO Z 73 -10.83 -50.73 -9.12
N LEU Z 74 -10.57 -49.44 -9.02
CA LEU Z 74 -11.55 -48.53 -8.48
C LEU Z 74 -12.73 -48.41 -9.44
N THR Z 75 -13.92 -48.23 -8.88
CA THR Z 75 -15.06 -47.83 -9.70
C THR Z 75 -14.76 -46.48 -10.35
N PHE Z 76 -15.47 -46.19 -11.43
CA PHE Z 76 -15.18 -44.93 -12.12
C PHE Z 76 -15.45 -43.73 -11.21
N ALA Z 77 -16.50 -43.80 -10.39
CA ALA Z 77 -16.75 -42.72 -9.45
C ALA Z 77 -15.57 -42.53 -8.50
N GLY Z 78 -14.95 -43.62 -8.07
CA GLY Z 78 -13.77 -43.49 -7.24
C GLY Z 78 -12.61 -42.87 -7.99
N LYS Z 79 -12.45 -43.21 -9.26
CA LYS Z 79 -11.43 -42.55 -10.04
C LYS Z 79 -11.66 -41.05 -10.11
N ILE Z 80 -12.91 -40.64 -10.35
CA ILE Z 80 -13.21 -39.22 -10.35
C ILE Z 80 -12.81 -38.62 -9.02
N ASN Z 81 -13.16 -39.28 -7.93
CA ASN Z 81 -12.94 -38.68 -6.63
C ASN Z 81 -11.45 -38.46 -6.38
N ARG Z 82 -10.60 -39.40 -6.77
CA ARG Z 82 -9.19 -39.21 -6.48
C ARG Z 82 -8.57 -38.12 -7.34
N LEU Z 83 -9.01 -38.01 -8.60
CA LEU Z 83 -8.55 -36.89 -9.41
C LEU Z 83 -9.02 -35.54 -8.82
N ALA Z 84 -10.25 -35.48 -8.33
CA ALA Z 84 -10.74 -34.26 -7.71
C ALA Z 84 -9.95 -33.92 -6.45
N ILE Z 85 -9.68 -34.90 -5.61
CA ILE Z 85 -8.95 -34.66 -4.39
C ILE Z 85 -7.56 -34.16 -4.73
N MET Z 86 -6.96 -34.71 -5.79
CA MET Z 86 -5.63 -34.25 -6.18
C MET Z 86 -5.66 -32.80 -6.64
N VAL Z 87 -6.61 -32.49 -7.51
CA VAL Z 87 -6.70 -31.12 -8.00
C VAL Z 87 -6.94 -30.16 -6.86
N ARG Z 88 -7.82 -30.53 -5.93
CA ARG Z 88 -8.11 -29.69 -4.78
C ARG Z 88 -6.89 -29.48 -3.91
N GLY Z 89 -6.17 -30.56 -3.61
CA GLY Z 89 -4.94 -30.39 -2.83
C GLY Z 89 -3.96 -29.44 -3.47
N ASN Z 90 -4.02 -29.23 -4.78
CA ASN Z 90 -3.09 -28.29 -5.40
C ASN Z 90 -3.57 -26.84 -5.41
N LEU Z 91 -4.73 -26.53 -4.82
CA LEU Z 91 -5.33 -25.21 -5.03
C LEU Z 91 -4.44 -24.09 -4.53
N ALA Z 92 -3.83 -24.28 -3.35
CA ALA Z 92 -2.97 -23.24 -2.79
C ALA Z 92 -1.86 -22.88 -3.77
N ALA Z 93 -1.15 -23.88 -4.26
CA ALA Z 93 -0.11 -23.66 -5.27
C ALA Z 93 -0.68 -23.09 -6.58
N ALA Z 94 -1.88 -23.52 -6.97
CA ALA Z 94 -2.48 -22.99 -8.20
C ALA Z 94 -2.76 -21.50 -8.10
N MET Z 95 -3.14 -21.02 -6.92
CA MET Z 95 -3.45 -19.59 -6.77
C MET Z 95 -2.24 -18.71 -6.95
N GLN Z 96 -1.02 -19.22 -6.79
CA GLN Z 96 0.18 -18.45 -7.09
C GLN Z 96 0.84 -18.83 -8.41
N GLY Z 97 0.13 -19.49 -9.34
CA GLY Z 97 0.62 -19.69 -10.70
C GLY Z 97 0.94 -21.11 -11.10
N LEU Z 98 0.91 -22.09 -10.20
CA LEU Z 98 1.13 -23.49 -10.58
C LEU Z 98 -0.22 -24.20 -10.85
N LEU Z 99 -0.96 -23.67 -11.81
CA LEU Z 99 -2.32 -24.12 -12.06
C LEU Z 99 -2.33 -25.18 -13.14
N ALA Z 100 -3.11 -26.23 -12.93
CA ALA Z 100 -3.26 -27.25 -13.95
C ALA Z 100 -4.65 -27.84 -13.82
N LEU Z 101 -5.37 -27.92 -14.92
CA LEU Z 101 -6.70 -28.52 -14.90
C LEU Z 101 -6.80 -29.72 -15.82
N PRO Z 102 -7.32 -30.87 -15.31
CA PRO Z 102 -7.41 -32.07 -16.14
C PRO Z 102 -8.78 -32.30 -16.74
N LEU Z 103 -8.77 -33.13 -17.76
CA LEU Z 103 -9.95 -33.69 -18.39
C LEU Z 103 -9.78 -35.18 -18.38
N LEU Z 104 -10.77 -35.88 -17.87
CA LEU Z 104 -10.73 -37.32 -17.69
C LEU Z 104 -11.70 -37.96 -18.67
N ALA Z 105 -11.25 -38.99 -19.38
CA ALA Z 105 -12.11 -39.75 -20.28
C ALA Z 105 -11.93 -41.22 -19.99
N GLY Z 106 -13.02 -41.95 -19.90
CA GLY Z 106 -12.92 -43.36 -19.59
C GLY Z 106 -13.99 -44.17 -20.26
N TYR Z 107 -13.89 -45.47 -20.09
CA TYR Z 107 -14.90 -46.44 -20.47
C TYR Z 107 -15.23 -47.24 -19.23
N ASP Z 108 -16.49 -47.15 -18.76
CA ASP Z 108 -16.91 -47.78 -17.49
C ASP Z 108 -17.32 -49.22 -17.71
N ILE Z 109 -16.45 -50.15 -17.29
CA ILE Z 109 -16.71 -51.56 -17.48
C ILE Z 109 -17.92 -52.04 -16.71
N HIS Z 110 -18.39 -51.27 -15.72
CA HIS Z 110 -19.55 -51.66 -14.93
C HIS Z 110 -20.85 -51.02 -15.37
N ALA Z 111 -20.83 -50.18 -16.39
CA ALA Z 111 -22.08 -49.59 -16.81
C ALA Z 111 -22.95 -50.67 -17.44
N SER Z 112 -24.27 -50.50 -17.31
CA SER Z 112 -25.19 -51.49 -17.86
C SER Z 112 -25.18 -51.46 -19.37
N ASP Z 113 -25.09 -50.28 -19.99
CA ASP Z 113 -25.21 -50.19 -21.43
C ASP Z 113 -23.85 -50.05 -22.08
N PRO Z 114 -23.34 -51.07 -22.76
CA PRO Z 114 -22.00 -50.97 -23.36
C PRO Z 114 -21.82 -49.87 -24.40
N GLN Z 115 -22.89 -49.40 -25.07
CA GLN Z 115 -22.69 -48.41 -26.12
C GLN Z 115 -22.53 -46.99 -25.61
N SER Z 116 -23.06 -46.69 -24.42
CA SER Z 116 -22.98 -45.38 -23.78
C SER Z 116 -22.08 -45.39 -22.55
N ALA Z 117 -21.19 -46.38 -22.44
CA ALA Z 117 -20.28 -46.51 -21.30
C ALA Z 117 -19.13 -45.54 -21.33
N GLY Z 118 -18.94 -44.78 -22.41
CA GLY Z 118 -17.94 -43.74 -22.41
C GLY Z 118 -18.26 -42.68 -21.37
N ARG Z 119 -17.22 -42.13 -20.77
CA ARG Z 119 -17.37 -41.10 -19.75
C ARG Z 119 -16.39 -39.97 -19.99
N ILE Z 120 -16.86 -38.75 -19.81
CA ILE Z 120 -16.05 -37.55 -19.90
C ILE Z 120 -16.33 -36.70 -18.68
N VAL Z 121 -15.28 -36.37 -17.93
CA VAL Z 121 -15.39 -35.59 -16.70
C VAL Z 121 -14.47 -34.40 -16.83
N SER Z 122 -15.01 -33.21 -16.57
CA SER Z 122 -14.25 -31.96 -16.54
C SER Z 122 -14.04 -31.52 -15.10
N PHE Z 123 -13.00 -30.73 -14.88
CA PHE Z 123 -12.64 -30.31 -13.55
C PHE Z 123 -12.39 -28.82 -13.50
N ASP Z 124 -12.60 -28.22 -12.33
CA ASP Z 124 -12.20 -26.86 -12.06
C ASP Z 124 -11.06 -26.82 -11.05
N ALA Z 125 -10.52 -25.62 -10.83
CA ALA Z 125 -9.30 -25.48 -10.05
C ALA Z 125 -9.50 -25.88 -8.60
N ALA Z 126 -10.73 -25.99 -8.13
CA ALA Z 126 -10.98 -26.35 -6.74
C ALA Z 126 -11.37 -27.80 -6.59
N GLY Z 127 -11.37 -28.56 -7.66
CA GLY Z 127 -11.74 -29.95 -7.56
C GLY Z 127 -13.17 -30.25 -7.92
N GLY Z 128 -14.00 -29.23 -8.20
CA GLY Z 128 -15.32 -29.50 -8.69
C GLY Z 128 -15.26 -30.20 -10.03
N TRP Z 129 -16.13 -31.18 -10.22
CA TRP Z 129 -16.11 -32.00 -11.42
C TRP Z 129 -17.51 -32.06 -12.00
N ASN Z 130 -17.59 -32.29 -13.31
CA ASN Z 130 -18.87 -32.54 -13.97
C ASN Z 130 -18.71 -33.71 -14.92
N ILE Z 131 -19.59 -34.71 -14.82
CA ILE Z 131 -19.71 -35.72 -15.85
C ILE Z 131 -20.52 -35.15 -17.00
N GLU Z 132 -19.91 -35.12 -18.18
CA GLU Z 132 -20.50 -34.43 -19.31
C GLU Z 132 -21.50 -35.36 -19.98
N GLU Z 133 -22.76 -34.98 -19.97
CA GLU Z 133 -23.76 -35.80 -20.61
C GLU Z 133 -24.03 -35.36 -22.03
N GLU Z 134 -23.39 -34.30 -22.49
CA GLU Z 134 -23.65 -33.83 -23.83
C GLU Z 134 -22.66 -34.33 -24.87
N GLY Z 135 -21.76 -35.24 -24.52
CA GLY Z 135 -21.03 -35.99 -25.50
C GLY Z 135 -19.62 -35.52 -25.76
N TYR Z 136 -19.29 -34.29 -25.38
CA TYR Z 136 -17.95 -33.78 -25.64
C TYR Z 136 -17.63 -32.73 -24.62
N GLN Z 137 -16.34 -32.44 -24.50
CA GLN Z 137 -15.85 -31.42 -23.59
C GLN Z 137 -14.41 -31.13 -23.94
N ALA Z 138 -13.92 -29.98 -23.51
CA ALA Z 138 -12.55 -29.56 -23.80
C ALA Z 138 -12.03 -28.74 -22.64
N VAL Z 139 -10.70 -28.65 -22.55
CA VAL Z 139 -10.02 -27.87 -21.52
C VAL Z 139 -8.81 -27.20 -22.17
N GLY Z 140 -8.44 -26.04 -21.63
CA GLY Z 140 -7.30 -25.32 -22.13
C GLY Z 140 -7.69 -23.98 -22.72
N SER Z 141 -6.69 -23.26 -23.19
CA SER Z 141 -6.91 -21.92 -23.73
C SER Z 141 -7.73 -21.89 -25.01
N GLY Z 142 -7.80 -22.97 -25.78
CA GLY Z 142 -8.66 -23.02 -26.95
C GLY Z 142 -9.92 -23.83 -26.76
N SER Z 143 -10.24 -24.23 -25.55
CA SER Z 143 -11.35 -25.15 -25.32
C SER Z 143 -12.67 -24.59 -25.83
N LEU Z 144 -12.90 -23.28 -25.77
CA LEU Z 144 -14.19 -22.82 -26.20
C LEU Z 144 -14.31 -22.81 -27.72
N PHE Z 145 -13.21 -22.58 -28.42
CA PHE Z 145 -13.24 -22.77 -29.87
C PHE Z 145 -13.50 -24.22 -30.23
N ALA Z 146 -12.86 -25.15 -29.53
CA ALA Z 146 -13.06 -26.57 -29.82
C ALA Z 146 -14.47 -27.03 -29.45
N LYS Z 147 -14.97 -26.58 -28.31
CA LYS Z 147 -16.32 -26.96 -27.97
C LYS Z 147 -17.31 -26.41 -28.99
N SER Z 148 -17.12 -25.15 -29.43
CA SER Z 148 -18.05 -24.62 -30.42
C SER Z 148 -17.94 -25.31 -31.76
N SER Z 149 -16.75 -25.80 -32.11
CA SER Z 149 -16.65 -26.62 -33.31
C SER Z 149 -17.34 -27.98 -33.14
N MET Z 150 -17.10 -28.66 -32.03
CA MET Z 150 -17.76 -29.95 -31.83
C MET Z 150 -19.27 -29.78 -31.74
N LYS Z 151 -19.74 -28.65 -31.23
CA LYS Z 151 -21.19 -28.41 -31.20
C LYS Z 151 -21.79 -28.56 -32.58
N LYS Z 152 -21.08 -28.14 -33.61
CA LYS Z 152 -21.59 -28.26 -34.96
C LYS Z 152 -21.24 -29.59 -35.60
N LEU Z 153 -20.17 -30.24 -35.20
CA LEU Z 153 -19.79 -31.46 -35.90
C LEU Z 153 -20.28 -32.73 -35.22
N TYR Z 154 -20.85 -32.64 -34.04
CA TYR Z 154 -21.03 -33.85 -33.24
C TYR Z 154 -22.02 -34.81 -33.88
N SER Z 155 -23.00 -34.30 -34.60
CA SER Z 155 -23.98 -35.15 -35.27
C SER Z 155 -23.34 -36.08 -36.29
N GLN Z 156 -22.11 -35.85 -36.68
CA GLN Z 156 -21.42 -36.75 -37.56
C GLN Z 156 -20.71 -37.89 -36.85
N VAL Z 157 -20.79 -38.00 -35.54
CA VAL Z 157 -20.02 -39.03 -34.86
C VAL Z 157 -20.87 -40.29 -34.84
N THR Z 158 -20.43 -41.30 -35.57
CA THR Z 158 -21.16 -42.56 -35.64
C THR Z 158 -20.33 -43.76 -35.25
N ASP Z 159 -19.02 -43.64 -35.22
CA ASP Z 159 -18.14 -44.73 -34.88
C ASP Z 159 -16.84 -44.13 -34.37
N GLY Z 160 -15.87 -45.00 -34.10
CA GLY Z 160 -14.61 -44.52 -33.58
C GLY Z 160 -13.90 -43.61 -34.56
N ASP Z 161 -14.06 -43.89 -35.85
CA ASP Z 161 -13.32 -43.18 -36.90
C ASP Z 161 -13.87 -41.79 -37.14
N SER Z 162 -15.19 -41.65 -37.19
CA SER Z 162 -15.77 -40.33 -37.26
C SER Z 162 -15.51 -39.53 -35.99
N GLY Z 163 -15.54 -40.19 -34.83
CA GLY Z 163 -15.25 -39.48 -33.61
C GLY Z 163 -13.83 -38.96 -33.58
N LEU Z 164 -12.89 -39.77 -34.04
CA LEU Z 164 -11.51 -39.34 -34.07
C LEU Z 164 -11.33 -38.14 -34.98
N ARG Z 165 -11.96 -38.17 -36.16
CA ARG Z 165 -11.82 -37.03 -37.04
C ARG Z 165 -12.45 -35.78 -36.45
N VAL Z 166 -13.61 -35.91 -35.81
CA VAL Z 166 -14.23 -34.74 -35.24
C VAL Z 166 -13.32 -34.16 -34.16
N ALA Z 167 -12.73 -35.03 -33.34
CA ALA Z 167 -11.80 -34.56 -32.33
C ALA Z 167 -10.65 -33.79 -32.94
N VAL Z 168 -10.00 -34.35 -33.97
CA VAL Z 168 -8.85 -33.68 -34.58
C VAL Z 168 -9.26 -32.37 -35.22
N GLU Z 169 -10.44 -32.32 -35.83
CA GLU Z 169 -10.87 -31.08 -36.42
C GLU Z 169 -11.16 -30.03 -35.37
N ALA Z 170 -11.71 -30.44 -34.23
CA ALA Z 170 -11.91 -29.47 -33.13
C ALA Z 170 -10.58 -28.91 -32.64
N LEU Z 171 -9.54 -29.76 -32.51
CA LEU Z 171 -8.22 -29.23 -32.22
C LEU Z 171 -7.69 -28.34 -33.34
N TYR Z 172 -8.04 -28.64 -34.58
CA TYR Z 172 -7.63 -27.77 -35.67
C TYR Z 172 -8.24 -26.39 -35.51
N ASP Z 173 -9.53 -26.32 -35.19
CA ASP Z 173 -10.17 -25.03 -34.98
C ASP Z 173 -9.60 -24.28 -33.80
N ALA Z 174 -9.39 -24.98 -32.68
CA ALA Z 174 -8.78 -24.33 -31.55
C ALA Z 174 -7.43 -23.77 -31.92
N ALA Z 175 -6.60 -24.54 -32.63
CA ALA Z 175 -5.32 -23.99 -33.03
C ALA Z 175 -5.50 -22.82 -33.98
N ASP Z 176 -6.55 -22.83 -34.78
CA ASP Z 176 -6.79 -21.75 -35.72
C ASP Z 176 -7.05 -20.42 -35.02
N ASP Z 177 -7.74 -20.43 -33.88
CA ASP Z 177 -8.12 -19.17 -33.24
C ASP Z 177 -7.34 -18.81 -31.96
N ASP Z 178 -6.48 -19.70 -31.46
CA ASP Z 178 -5.68 -19.50 -30.25
C ASP Z 178 -4.22 -19.77 -30.54
N SER Z 179 -3.36 -18.79 -30.32
CA SER Z 179 -1.96 -18.98 -30.67
C SER Z 179 -1.19 -19.86 -29.69
N ALA Z 180 -1.75 -20.16 -28.52
CA ALA Z 180 -1.14 -21.08 -27.57
C ALA Z 180 -1.48 -22.54 -27.83
N THR Z 181 -2.29 -22.83 -28.82
CA THR Z 181 -2.58 -24.18 -29.24
C THR Z 181 -1.91 -24.38 -30.60
N GLY Z 182 -1.13 -25.44 -30.73
CA GLY Z 182 -0.41 -25.67 -31.96
C GLY Z 182 -1.26 -26.50 -32.90
N GLY Z 183 -1.28 -26.11 -34.15
CA GLY Z 183 -1.94 -26.91 -35.15
C GLY Z 183 -1.01 -27.95 -35.72
N PRO Z 184 -1.51 -28.78 -36.64
CA PRO Z 184 -0.64 -29.76 -37.26
C PRO Z 184 0.49 -29.07 -38.00
N ASP Z 185 1.71 -29.51 -37.73
CA ASP Z 185 2.95 -29.02 -38.33
C ASP Z 185 3.30 -29.97 -39.44
N LEU Z 186 2.94 -29.64 -40.68
CA LEU Z 186 3.24 -30.59 -41.72
C LEU Z 186 4.69 -30.52 -42.17
N VAL Z 187 5.39 -29.48 -41.76
CA VAL Z 187 6.80 -29.37 -42.12
C VAL Z 187 7.64 -30.33 -41.31
N ARG Z 188 7.38 -30.41 -40.01
CA ARG Z 188 8.16 -31.24 -39.13
C ARG Z 188 7.53 -32.61 -38.93
N GLY Z 189 6.29 -32.81 -39.37
CA GLY Z 189 5.60 -34.06 -39.19
C GLY Z 189 5.13 -34.33 -37.77
N ILE Z 190 4.63 -33.30 -37.08
CA ILE Z 190 4.18 -33.44 -35.70
C ILE Z 190 2.70 -33.19 -35.68
N PHE Z 191 1.96 -34.07 -35.03
CA PHE Z 191 0.52 -33.98 -35.02
C PHE Z 191 0.00 -34.18 -33.62
N PRO Z 192 -1.25 -33.79 -33.35
CA PRO Z 192 -1.84 -34.06 -32.04
C PRO Z 192 -1.74 -35.52 -31.62
N THR Z 193 -1.80 -35.77 -30.32
CA THR Z 193 -1.86 -37.13 -29.82
C THR Z 193 -3.29 -37.47 -29.51
N ALA Z 194 -3.62 -38.74 -29.63
CA ALA Z 194 -4.96 -39.20 -29.32
C ALA Z 194 -4.90 -40.56 -28.65
N VAL Z 195 -5.85 -40.76 -27.78
CA VAL Z 195 -6.10 -42.03 -27.14
C VAL Z 195 -7.54 -42.37 -27.43
N ILE Z 196 -7.81 -43.62 -27.72
CA ILE Z 196 -9.19 -44.09 -27.87
C ILE Z 196 -9.40 -45.22 -26.88
N ILE Z 197 -10.58 -45.26 -26.27
CA ILE Z 197 -10.89 -46.22 -25.21
C ILE Z 197 -12.22 -46.88 -25.52
N ASP Z 198 -12.21 -48.21 -25.61
CA ASP Z 198 -13.46 -48.99 -25.73
C ASP Z 198 -13.39 -50.20 -24.79
N ALA Z 199 -14.28 -51.16 -25.02
CA ALA Z 199 -14.35 -52.31 -24.13
C ALA Z 199 -13.05 -53.09 -24.11
N ASP Z 200 -12.26 -53.01 -25.17
CA ASP Z 200 -10.99 -53.71 -25.23
C ASP Z 200 -9.83 -52.94 -24.60
N GLY Z 201 -10.11 -51.78 -24.00
CA GLY Z 201 -9.10 -50.99 -23.30
C GLY Z 201 -8.80 -49.67 -24.00
N ALA Z 202 -7.76 -49.01 -23.50
CA ALA Z 202 -7.31 -47.73 -24.01
C ALA Z 202 -6.07 -47.97 -24.84
N VAL Z 203 -6.05 -47.43 -26.05
CA VAL Z 203 -4.90 -47.56 -26.92
C VAL Z 203 -4.52 -46.20 -27.48
N ASP Z 204 -3.24 -46.02 -27.69
CA ASP Z 204 -2.75 -44.83 -28.37
C ASP Z 204 -3.14 -44.91 -29.84
N VAL Z 205 -3.70 -43.83 -30.37
CA VAL Z 205 -3.98 -43.82 -31.80
C VAL Z 205 -2.67 -43.61 -32.53
N PRO Z 206 -2.34 -44.41 -33.53
CA PRO Z 206 -1.04 -44.26 -34.20
C PRO Z 206 -0.94 -42.94 -34.94
N GLU Z 207 0.29 -42.43 -35.02
CA GLU Z 207 0.50 -41.10 -35.60
C GLU Z 207 0.00 -41.04 -37.03
N SER Z 208 0.23 -42.08 -37.80
CA SER Z 208 -0.12 -42.01 -39.21
C SER Z 208 -1.59 -41.71 -39.41
N ARG Z 209 -2.46 -42.33 -38.62
CA ARG Z 209 -3.89 -42.15 -38.80
C ARG Z 209 -4.32 -40.70 -38.49
N ILE Z 210 -3.72 -40.10 -37.45
CA ILE Z 210 -4.02 -38.71 -37.16
C ILE Z 210 -3.48 -37.81 -38.26
N ALA Z 211 -2.31 -38.15 -38.81
CA ALA Z 211 -1.76 -37.39 -39.92
C ALA Z 211 -2.71 -37.39 -41.12
N GLU Z 212 -3.21 -38.57 -41.51
CA GLU Z 212 -4.24 -38.65 -42.53
C GLU Z 212 -5.40 -37.72 -42.21
N LEU Z 213 -5.97 -37.84 -41.02
CA LEU Z 213 -7.10 -36.97 -40.68
C LEU Z 213 -6.74 -35.50 -40.79
N ALA Z 214 -5.56 -35.11 -40.30
CA ALA Z 214 -5.18 -33.71 -40.36
C ALA Z 214 -5.05 -33.22 -41.80
N ARG Z 215 -4.35 -33.97 -42.65
CA ARG Z 215 -4.17 -33.55 -44.03
C ARG Z 215 -5.52 -33.44 -44.72
N ALA Z 216 -6.42 -34.36 -44.40
CA ALA Z 216 -7.77 -34.31 -44.95
C ALA Z 216 -8.52 -33.04 -44.53
N ILE Z 217 -8.38 -32.64 -43.27
CA ILE Z 217 -9.06 -31.42 -42.79
C ILE Z 217 -8.48 -30.18 -43.45
N ILE Z 218 -7.14 -30.08 -43.44
CA ILE Z 218 -6.47 -28.96 -44.10
C ILE Z 218 -6.94 -28.84 -45.54
N GLU Z 219 -6.73 -29.91 -46.32
CA GLU Z 219 -7.20 -29.88 -47.71
C GLU Z 219 -8.68 -29.52 -47.78
N SER Z 220 -9.48 -30.07 -46.89
CA SER Z 220 -10.90 -29.79 -46.84
C SER Z 220 -11.21 -28.32 -46.66
N ARG Z 221 -10.23 -27.54 -46.17
CA ARG Z 221 -10.43 -26.10 -46.00
C ARG Z 221 -9.84 -25.23 -47.09
N SER Z 222 -9.04 -25.78 -47.99
CA SER Z 222 -8.37 -25.01 -49.04
C SER Z 222 -9.20 -24.84 -50.32
N THR AA 1 25.29 -15.72 -19.27
CA THR AA 1 25.57 -17.13 -19.46
C THR AA 1 24.96 -17.63 -20.76
N THR AA 2 25.68 -18.51 -21.46
CA THR AA 2 25.08 -19.38 -22.47
C THR AA 2 25.72 -20.74 -22.32
N ILE AA 3 24.86 -21.75 -22.31
CA ILE AA 3 25.21 -23.14 -22.37
C ILE AA 3 24.53 -23.67 -23.62
N VAL AA 4 25.26 -24.45 -24.41
CA VAL AA 4 24.70 -25.14 -25.57
C VAL AA 4 24.91 -26.63 -25.40
N ALA AA 5 24.00 -27.40 -25.97
CA ALA AA 5 24.16 -28.84 -26.10
C ALA AA 5 23.57 -29.25 -27.44
N LEU AA 6 24.24 -30.16 -28.13
CA LEU AA 6 23.66 -30.65 -29.37
C LEU AA 6 24.00 -32.11 -29.54
N LYS AA 7 23.13 -32.84 -30.23
CA LYS AA 7 23.33 -34.26 -30.51
C LYS AA 7 24.03 -34.41 -31.83
N TYR AA 8 24.97 -35.34 -31.90
CA TYR AA 8 25.60 -35.70 -33.17
C TYR AA 8 25.53 -37.21 -33.32
N PRO AA 9 25.76 -37.73 -34.53
CA PRO AA 9 25.74 -39.19 -34.70
C PRO AA 9 26.71 -39.91 -33.79
N GLY AA 10 26.16 -40.58 -32.81
CA GLY AA 10 26.94 -41.31 -31.85
C GLY AA 10 27.19 -40.62 -30.54
N GLY AA 11 26.69 -39.41 -30.33
CA GLY AA 11 26.95 -38.78 -29.05
C GLY AA 11 26.28 -37.45 -28.88
N VAL AA 12 26.75 -36.73 -27.87
CA VAL AA 12 26.24 -35.42 -27.50
C VAL AA 12 27.43 -34.56 -27.15
N VAL AA 13 27.29 -33.26 -27.34
CA VAL AA 13 28.31 -32.31 -26.93
C VAL AA 13 27.62 -31.18 -26.15
N MET AA 14 28.28 -30.71 -25.11
CA MET AA 14 27.79 -29.58 -24.34
C MET AA 14 28.93 -28.62 -24.08
N ALA AA 15 28.69 -27.32 -24.26
CA ALA AA 15 29.76 -26.34 -24.08
C ALA AA 15 29.19 -25.09 -23.42
N GLY AA 16 30.03 -24.37 -22.68
CA GLY AA 16 29.57 -23.19 -21.96
C GLY AA 16 30.61 -22.10 -21.90
N ASP AA 17 30.15 -20.86 -21.74
CA ASP AA 17 31.08 -19.74 -21.67
C ASP AA 17 31.60 -19.53 -20.25
N ARG AA 18 32.51 -18.58 -20.10
CA ARG AA 18 33.33 -18.49 -18.92
C ARG AA 18 33.16 -17.22 -18.13
N ARG AA 19 32.16 -16.42 -18.47
CA ARG AA 19 31.99 -15.11 -17.88
C ARG AA 19 31.16 -15.17 -16.62
N SER AA 20 31.53 -14.33 -15.67
CA SER AA 20 30.75 -14.11 -14.46
C SER AA 20 30.56 -12.62 -14.30
N THR AA 21 29.33 -12.19 -14.06
CA THR AA 21 29.03 -10.77 -13.90
C THR AA 21 28.27 -10.50 -12.60
N GLN AA 22 28.37 -9.24 -12.16
CA GLN AA 22 27.57 -8.61 -11.08
C GLN AA 22 26.98 -7.33 -11.63
N GLY AA 23 25.76 -7.42 -12.14
CA GLY AA 23 25.22 -6.32 -12.88
C GLY AA 23 25.98 -6.15 -14.17
N ASN AA 24 26.51 -4.97 -14.40
CA ASN AA 24 27.25 -4.76 -15.63
C ASN AA 24 28.72 -5.10 -15.47
N MET AA 25 29.18 -5.28 -14.24
CA MET AA 25 30.58 -5.52 -13.96
C MET AA 25 30.97 -6.99 -14.11
N ILE AA 26 32.09 -7.20 -14.78
CA ILE AA 26 32.67 -8.52 -14.96
C ILE AA 26 33.41 -8.90 -13.69
N SER AA 27 32.93 -9.93 -13.00
CA SER AA 27 33.56 -10.44 -11.79
C SER AA 27 34.26 -11.77 -12.01
N GLY AA 28 34.19 -12.34 -13.20
CA GLY AA 28 34.92 -13.57 -13.42
C GLY AA 28 35.14 -13.84 -14.89
N ARG AA 29 36.31 -14.36 -15.22
CA ARG AA 29 36.69 -14.64 -16.59
C ARG AA 29 37.01 -16.07 -16.88
N ASP AA 30 37.18 -16.92 -15.86
CA ASP AA 30 37.63 -18.29 -16.02
C ASP AA 30 36.60 -19.25 -15.44
N VAL AA 31 35.39 -18.79 -15.21
CA VAL AA 31 34.39 -19.60 -14.53
C VAL AA 31 34.02 -20.83 -15.37
N ARG AA 32 33.46 -21.85 -14.70
CA ARG AA 32 33.11 -23.13 -15.34
C ARG AA 32 31.65 -23.48 -15.11
N LYS AA 33 30.95 -23.79 -16.16
CA LYS AA 33 29.53 -23.95 -16.04
C LYS AA 33 29.02 -25.29 -16.50
N VAL AA 34 29.86 -26.13 -17.08
CA VAL AA 34 29.42 -27.40 -17.64
C VAL AA 34 30.17 -28.49 -16.86
N TYR AA 35 29.44 -29.31 -16.12
CA TYR AA 35 30.05 -30.30 -15.24
C TYR AA 35 29.71 -31.69 -15.73
N ILE AA 36 30.70 -32.55 -15.68
CA ILE AA 36 30.47 -33.97 -15.88
C ILE AA 36 29.84 -34.52 -14.61
N THR AA 37 28.56 -34.89 -14.65
CA THR AA 37 27.92 -35.32 -13.42
C THR AA 37 27.91 -36.83 -13.24
N ASP AA 38 28.20 -37.62 -14.27
CA ASP AA 38 28.38 -39.06 -14.09
C ASP AA 38 29.01 -39.60 -15.37
N ASP AA 39 29.41 -40.87 -15.35
CA ASP AA 39 30.15 -41.43 -16.48
C ASP AA 39 29.46 -41.21 -17.80
N TYR AA 40 28.14 -41.03 -17.82
CA TYR AA 40 27.45 -40.82 -19.08
C TYR AA 40 26.63 -39.54 -19.15
N THR AA 41 26.82 -38.56 -18.23
CA THR AA 41 26.05 -37.33 -18.31
C THR AA 41 26.85 -36.10 -17.89
N ALA AA 42 26.54 -34.99 -18.55
CA ALA AA 42 27.01 -33.65 -18.23
C ALA AA 42 25.84 -32.70 -17.95
N THR AA 43 26.03 -31.79 -17.02
CA THR AA 43 25.04 -30.78 -16.67
C THR AA 43 25.64 -29.39 -16.77
N GLY AA 44 24.98 -28.49 -17.49
CA GLY AA 44 25.40 -27.11 -17.55
C GLY AA 44 24.29 -26.28 -16.96
N ILE AA 45 24.66 -25.29 -16.12
CA ILE AA 45 23.67 -24.55 -15.33
C ILE AA 45 23.84 -23.06 -15.56
N ALA AA 46 22.73 -22.34 -15.65
CA ALA AA 46 22.71 -20.88 -15.77
C ALA AA 46 21.92 -20.27 -14.62
N GLY AA 47 22.33 -19.08 -14.17
CA GLY AA 47 21.65 -18.45 -13.07
C GLY AA 47 22.59 -18.00 -11.98
N THR AA 48 22.09 -17.96 -10.75
CA THR AA 48 22.91 -17.55 -9.63
C THR AA 48 24.00 -18.59 -9.42
N ALA AA 49 25.25 -18.12 -9.35
CA ALA AA 49 26.40 -19.02 -9.32
C ALA AA 49 26.32 -19.98 -8.14
N ALA AA 50 26.03 -19.45 -6.96
CA ALA AA 50 25.96 -20.30 -5.79
C ALA AA 50 25.02 -21.47 -6.04
N VAL AA 51 23.82 -21.15 -6.55
CA VAL AA 51 22.86 -22.20 -6.78
C VAL AA 51 23.32 -23.13 -7.89
N ALA AA 52 23.94 -22.58 -8.92
CA ALA AA 52 24.34 -23.40 -10.05
C ALA AA 52 25.34 -24.45 -9.63
N VAL AA 53 26.38 -24.04 -8.91
CA VAL AA 53 27.39 -25.00 -8.51
C VAL AA 53 26.82 -25.99 -7.48
N GLU AA 54 25.96 -25.51 -6.60
CA GLU AA 54 25.32 -26.44 -5.67
C GLU AA 54 24.50 -27.48 -6.43
N PHE AA 55 23.79 -27.07 -7.47
CA PHE AA 55 23.03 -28.03 -8.28
C PHE AA 55 23.96 -29.08 -8.86
N ALA AA 56 25.02 -28.66 -9.54
CA ALA AA 56 25.88 -29.64 -10.19
C ALA AA 56 26.47 -30.61 -9.17
N ARG AA 57 27.01 -30.08 -8.09
CA ARG AA 57 27.66 -30.93 -7.11
C ARG AA 57 26.68 -31.91 -6.48
N LEU AA 58 25.55 -31.41 -6.01
CA LEU AA 58 24.62 -32.27 -5.30
C LEU AA 58 23.97 -33.30 -6.24
N TYR AA 59 23.74 -32.92 -7.49
CA TYR AA 59 23.20 -33.89 -8.44
C TYR AA 59 24.18 -35.02 -8.68
N ALA AA 60 25.45 -34.70 -8.90
CA ALA AA 60 26.41 -35.76 -9.13
C ALA AA 60 26.50 -36.68 -7.93
N VAL AA 61 26.43 -36.11 -6.73
CA VAL AA 61 26.43 -36.93 -5.53
C VAL AA 61 25.22 -37.86 -5.52
N GLU AA 62 24.05 -37.35 -5.91
CA GLU AA 62 22.84 -38.17 -5.89
C GLU AA 62 22.91 -39.31 -6.90
N LEU AA 63 23.43 -39.08 -8.08
CA LEU AA 63 23.54 -40.16 -9.06
C LEU AA 63 24.47 -41.26 -8.55
N GLU AA 64 25.64 -40.90 -8.01
CA GLU AA 64 26.54 -41.96 -7.50
C GLU AA 64 26.01 -42.61 -6.23
N HIS AA 65 25.36 -41.83 -5.38
CA HIS AA 65 24.72 -42.40 -4.19
C HIS AA 65 23.78 -43.51 -4.60
N TYR AA 66 22.92 -43.25 -5.58
CA TYR AA 66 22.01 -44.30 -6.03
C TYR AA 66 22.78 -45.47 -6.59
N GLU AA 67 23.81 -45.20 -7.41
CA GLU AA 67 24.54 -46.28 -8.05
C GLU AA 67 25.19 -47.19 -7.01
N LYS AA 68 25.78 -46.62 -5.97
CA LYS AA 68 26.44 -47.44 -4.97
C LYS AA 68 25.46 -48.11 -4.03
N LEU AA 69 24.35 -47.45 -3.70
CA LEU AA 69 23.39 -48.10 -2.84
C LEU AA 69 22.74 -49.29 -3.54
N GLU AA 70 22.39 -49.17 -4.81
CA GLU AA 70 21.59 -50.23 -5.43
C GLU AA 70 22.35 -51.09 -6.41
N GLY AA 71 23.63 -50.84 -6.62
CA GLY AA 71 24.48 -51.65 -7.47
C GLY AA 71 24.38 -51.35 -8.94
N VAL AA 72 23.53 -50.43 -9.34
CA VAL AA 72 23.37 -50.19 -10.77
C VAL AA 72 22.99 -48.73 -10.94
N PRO AA 73 23.39 -48.07 -12.03
CA PRO AA 73 23.04 -46.65 -12.21
C PRO AA 73 21.58 -46.46 -12.53
N LEU AA 74 21.12 -45.24 -12.30
CA LEU AA 74 19.75 -44.94 -12.61
C LEU AA 74 19.53 -44.99 -14.11
N THR AA 75 18.32 -45.36 -14.49
CA THR AA 75 17.92 -45.14 -15.85
C THR AA 75 17.89 -43.64 -16.15
N PHE AA 76 18.05 -43.31 -17.43
CA PHE AA 76 18.09 -41.91 -17.82
C PHE AA 76 16.81 -41.18 -17.43
N ALA AA 77 15.66 -41.85 -17.53
CA ALA AA 77 14.43 -41.26 -17.03
C ALA AA 77 14.55 -40.95 -15.56
N GLY AA 78 15.19 -41.83 -14.79
CA GLY AA 78 15.37 -41.55 -13.38
C GLY AA 78 16.31 -40.39 -13.11
N LYS AA 79 17.40 -40.30 -13.87
CA LYS AA 79 18.28 -39.15 -13.74
C LYS AA 79 17.51 -37.86 -14.01
N ILE AA 80 16.70 -37.87 -15.08
CA ILE AA 80 15.87 -36.70 -15.40
C ILE AA 80 14.93 -36.38 -14.27
N ASN AA 81 14.27 -37.38 -13.71
CA ASN AA 81 13.32 -37.09 -12.66
C ASN AA 81 14.01 -36.45 -11.44
N ARG AA 82 15.19 -36.94 -11.08
CA ARG AA 82 15.83 -36.45 -9.87
C ARG AA 82 16.28 -35.02 -10.04
N LEU AA 83 16.77 -34.67 -11.23
CA LEU AA 83 17.12 -33.28 -11.49
C LEU AA 83 15.88 -32.40 -11.46
N ALA AA 84 14.79 -32.87 -12.04
CA ALA AA 84 13.56 -32.09 -11.99
C ALA AA 84 13.11 -31.87 -10.56
N ILE AA 85 13.21 -32.89 -9.73
CA ILE AA 85 12.78 -32.71 -8.36
C ILE AA 85 13.66 -31.71 -7.64
N MET AA 86 14.97 -31.76 -7.90
CA MET AA 86 15.85 -30.79 -7.25
C MET AA 86 15.51 -29.38 -7.68
N VAL AA 87 15.27 -29.19 -8.98
CA VAL AA 87 14.92 -27.87 -9.47
C VAL AA 87 13.65 -27.36 -8.82
N ARG AA 88 12.60 -28.18 -8.82
CA ARG AA 88 11.36 -27.78 -8.17
C ARG AA 88 11.62 -27.43 -6.72
N GLY AA 89 12.47 -28.21 -6.07
CA GLY AA 89 12.79 -27.98 -4.69
C GLY AA 89 13.38 -26.64 -4.43
N ASN AA 90 14.00 -26.04 -5.42
CA ASN AA 90 14.55 -24.71 -5.24
C ASN AA 90 13.56 -23.59 -5.59
N LEU AA 91 12.30 -23.91 -5.87
CA LEU AA 91 11.38 -22.92 -6.44
C LEU AA 91 11.18 -21.69 -5.54
N ALA AA 92 11.02 -21.88 -4.23
CA ALA AA 92 10.83 -20.73 -3.35
C ALA AA 92 12.01 -19.78 -3.39
N ALA AA 93 13.22 -20.32 -3.19
CA ALA AA 93 14.42 -19.51 -3.24
C ALA AA 93 14.57 -18.84 -4.61
N ALA AA 94 14.26 -19.56 -5.70
CA ALA AA 94 14.33 -18.91 -7.01
C ALA AA 94 13.36 -17.75 -7.08
N MET AA 95 12.21 -17.89 -6.41
CA MET AA 95 11.27 -16.80 -6.40
C MET AA 95 11.81 -15.59 -5.65
N GLN AA 96 12.75 -15.80 -4.74
CA GLN AA 96 13.39 -14.65 -4.11
C GLN AA 96 14.73 -14.30 -4.73
N GLY AA 97 15.05 -14.85 -5.89
CA GLY AA 97 16.21 -14.42 -6.65
C GLY AA 97 17.33 -15.42 -6.78
N LEU AA 98 17.28 -16.55 -6.07
CA LEU AA 98 18.32 -17.55 -6.24
C LEU AA 98 17.95 -18.54 -7.34
N LEU AA 99 17.79 -18.02 -8.55
CA LEU AA 99 17.28 -18.82 -9.64
C LEU AA 99 18.42 -19.41 -10.45
N ALA AA 100 18.27 -20.69 -10.79
CA ALA AA 100 19.23 -21.42 -11.61
C ALA AA 100 18.48 -22.47 -12.41
N LEU AA 101 18.76 -22.56 -13.70
CA LEU AA 101 18.17 -23.58 -14.57
C LEU AA 101 19.25 -24.43 -15.20
N PRO AA 102 19.09 -25.74 -15.17
CA PRO AA 102 20.05 -26.62 -15.79
C PRO AA 102 19.66 -27.07 -17.18
N LEU AA 103 20.66 -27.50 -17.94
CA LEU AA 103 20.53 -28.17 -19.21
C LEU AA 103 21.30 -29.46 -19.07
N LEU AA 104 20.65 -30.58 -19.37
CA LEU AA 104 21.20 -31.90 -19.15
C LEU AA 104 21.54 -32.50 -20.50
N ALA AA 105 22.72 -33.10 -20.58
CA ALA AA 105 23.12 -33.81 -21.79
C ALA AA 105 23.58 -35.20 -21.36
N GLY AA 106 23.09 -36.24 -22.03
CA GLY AA 106 23.48 -37.57 -21.64
C GLY AA 106 23.56 -38.52 -22.82
N TYR AA 107 24.10 -39.70 -22.55
CA TYR AA 107 24.14 -40.81 -23.50
C TYR AA 107 23.50 -42.00 -22.82
N ASP AA 108 22.37 -42.45 -23.33
CA ASP AA 108 21.61 -43.53 -22.73
C ASP AA 108 22.11 -44.87 -23.23
N ILE AA 109 22.86 -45.58 -22.37
CA ILE AA 109 23.43 -46.86 -22.75
C ILE AA 109 22.37 -47.90 -23.07
N HIS AA 110 21.13 -47.69 -22.65
CA HIS AA 110 20.11 -48.70 -22.85
C HIS AA 110 19.28 -48.45 -24.09
N ALA AA 111 19.59 -47.41 -24.83
CA ALA AA 111 18.86 -47.13 -26.03
C ALA AA 111 19.14 -48.18 -27.10
N SER AA 112 18.15 -48.41 -27.96
CA SER AA 112 18.32 -49.43 -28.99
C SER AA 112 19.41 -49.02 -29.97
N ASP AA 113 19.38 -47.76 -30.39
CA ASP AA 113 20.19 -47.25 -31.48
C ASP AA 113 21.36 -46.45 -30.91
N PRO AA 114 22.59 -46.96 -30.95
CA PRO AA 114 23.72 -46.22 -30.36
C PRO AA 114 23.98 -44.86 -30.98
N GLN AA 115 23.57 -44.64 -32.23
CA GLN AA 115 23.86 -43.37 -32.86
C GLN AA 115 22.91 -42.27 -32.41
N SER AA 116 21.74 -42.65 -31.89
CA SER AA 116 20.72 -41.74 -31.38
C SER AA 116 20.65 -41.76 -29.87
N ALA AA 117 21.65 -42.31 -29.20
CA ALA AA 117 21.56 -42.40 -27.76
C ALA AA 117 21.80 -41.08 -27.06
N GLY AA 118 22.20 -40.03 -27.77
CA GLY AA 118 22.32 -38.74 -27.11
C GLY AA 118 20.96 -38.22 -26.69
N ARG AA 119 20.93 -37.56 -25.54
CA ARG AA 119 19.74 -36.98 -24.98
C ARG AA 119 20.06 -35.57 -24.52
N ILE AA 120 19.14 -34.65 -24.76
CA ILE AA 120 19.26 -33.28 -24.32
C ILE AA 120 17.96 -32.88 -23.66
N VAL AA 121 18.02 -32.46 -22.41
CA VAL AA 121 16.81 -32.18 -21.64
C VAL AA 121 16.90 -30.77 -21.04
N SER AA 122 15.86 -29.97 -21.27
CA SER AA 122 15.76 -28.65 -20.68
C SER AA 122 14.75 -28.61 -19.55
N PHE AA 123 14.93 -27.64 -18.65
CA PHE AA 123 14.14 -27.49 -17.42
C PHE AA 123 13.71 -26.05 -17.19
N ASP AA 124 12.56 -25.88 -16.54
CA ASP AA 124 12.11 -24.58 -16.09
C ASP AA 124 12.17 -24.49 -14.57
N ALA AA 125 11.93 -23.30 -14.05
CA ALA AA 125 12.13 -23.05 -12.63
C ALA AA 125 11.25 -23.90 -11.75
N ALA AA 126 10.22 -24.53 -12.30
CA ALA AA 126 9.34 -25.39 -11.53
C ALA AA 126 9.65 -26.86 -11.69
N GLY AA 127 10.67 -27.22 -12.46
CA GLY AA 127 10.98 -28.61 -12.66
C GLY AA 127 10.41 -29.22 -13.93
N GLY AA 128 9.62 -28.47 -14.68
CA GLY AA 128 9.15 -29.00 -15.94
C GLY AA 128 10.34 -29.28 -16.84
N TRP AA 129 10.26 -30.37 -17.58
CA TRP AA 129 11.36 -30.77 -18.43
C TRP AA 129 10.87 -31.10 -19.81
N ASN AA 130 11.74 -30.95 -20.79
CA ASN AA 130 11.46 -31.36 -22.16
C ASN AA 130 12.68 -32.08 -22.72
N ILE AA 131 12.49 -33.30 -23.20
CA ILE AA 131 13.52 -33.98 -23.98
C ILE AA 131 13.49 -33.39 -25.38
N GLU AA 132 14.58 -32.78 -25.78
CA GLU AA 132 14.63 -31.97 -26.98
C GLU AA 132 14.85 -32.90 -28.16
N GLU AA 133 13.85 -32.99 -29.03
CA GLU AA 133 13.94 -33.99 -30.09
C GLU AA 133 14.34 -33.39 -31.43
N GLU AA 134 14.84 -32.15 -31.45
CA GLU AA 134 15.36 -31.58 -32.68
C GLU AA 134 16.85 -31.30 -32.62
N GLY AA 135 17.55 -31.86 -31.66
CA GLY AA 135 18.96 -32.02 -31.74
C GLY AA 135 19.80 -31.02 -30.98
N TYR AA 136 19.25 -29.86 -30.62
CA TYR AA 136 20.08 -28.90 -29.93
C TYR AA 136 19.22 -28.11 -28.98
N GLN AA 137 19.87 -27.47 -28.01
CA GLN AA 137 19.18 -26.61 -27.06
C GLN AA 137 20.23 -25.78 -26.32
N ALA AA 138 19.76 -24.70 -25.70
CA ALA AA 138 20.63 -23.77 -24.99
C ALA AA 138 19.89 -23.17 -23.81
N VAL AA 139 20.66 -22.67 -22.87
CA VAL AA 139 20.12 -22.02 -21.68
C VAL AA 139 21.03 -20.86 -21.31
N GLY AA 140 20.45 -19.83 -20.70
CA GLY AA 140 21.21 -18.65 -20.32
C GLY AA 140 20.77 -17.42 -21.09
N SER AA 141 21.36 -16.29 -20.75
CA SER AA 141 20.92 -15.03 -21.33
C SER AA 141 21.21 -14.92 -22.81
N GLY AA 142 22.13 -15.72 -23.34
CA GLY AA 142 22.37 -15.79 -24.76
C GLY AA 142 21.72 -16.97 -25.44
N SER AA 143 20.84 -17.69 -24.76
CA SER AA 143 20.32 -18.92 -25.33
C SER AA 143 19.63 -18.70 -26.66
N LEU AA 144 18.93 -17.58 -26.85
CA LEU AA 144 18.16 -17.50 -28.08
C LEU AA 144 19.07 -17.21 -29.27
N PHE AA 145 20.13 -16.43 -29.04
CA PHE AA 145 21.09 -16.22 -30.10
C PHE AA 145 21.77 -17.52 -30.47
N ALA AA 146 22.17 -18.30 -29.46
CA ALA AA 146 22.82 -19.58 -29.74
C ALA AA 146 21.87 -20.56 -30.42
N LYS AA 147 20.61 -20.58 -30.02
CA LYS AA 147 19.65 -21.47 -30.64
C LYS AA 147 19.41 -21.09 -32.09
N SER AA 148 19.27 -19.80 -32.36
CA SER AA 148 19.02 -19.37 -33.73
C SER AA 148 20.25 -19.59 -34.59
N SER AA 149 21.42 -19.51 -34.01
CA SER AA 149 22.61 -19.84 -34.75
C SER AA 149 22.65 -21.33 -35.07
N MET AA 150 22.40 -22.16 -34.05
CA MET AA 150 22.43 -23.59 -34.27
C MET AA 150 21.36 -24.04 -35.26
N LYS AA 151 20.23 -23.33 -35.32
CA LYS AA 151 19.23 -23.65 -36.32
C LYS AA 151 19.82 -23.60 -37.72
N LYS AA 152 20.70 -22.63 -37.98
CA LYS AA 152 21.28 -22.49 -39.32
C LYS AA 152 22.50 -23.37 -39.52
N LEU AA 153 23.23 -23.73 -38.46
CA LEU AA 153 24.44 -24.52 -38.62
C LEU AA 153 24.27 -26.03 -38.37
N TYR AA 154 23.11 -26.49 -37.90
CA TYR AA 154 23.01 -27.86 -37.42
C TYR AA 154 23.16 -28.89 -38.53
N SER AA 155 22.73 -28.56 -39.75
CA SER AA 155 22.83 -29.49 -40.87
C SER AA 155 24.27 -29.87 -41.15
N GLN AA 156 25.24 -29.19 -40.56
CA GLN AA 156 26.64 -29.53 -40.71
C GLN AA 156 27.13 -30.55 -39.71
N VAL AA 157 26.31 -30.97 -38.77
CA VAL AA 157 26.80 -31.82 -37.70
C VAL AA 157 26.72 -33.26 -38.21
N THR AA 158 27.89 -33.87 -38.40
CA THR AA 158 27.94 -35.23 -38.86
C THR AA 158 28.78 -36.17 -38.00
N ASP AA 159 29.60 -35.64 -37.10
CA ASP AA 159 30.43 -36.45 -36.23
C ASP AA 159 30.73 -35.58 -35.01
N GLY AA 160 31.58 -36.07 -34.12
CA GLY AA 160 31.82 -35.35 -32.88
C GLY AA 160 32.48 -34.00 -33.08
N ASP AA 161 33.45 -33.91 -33.99
CA ASP AA 161 34.18 -32.65 -34.12
C ASP AA 161 33.39 -31.59 -34.85
N SER AA 162 32.60 -31.95 -35.87
CA SER AA 162 31.75 -30.93 -36.47
C SER AA 162 30.76 -30.42 -35.43
N GLY AA 163 30.25 -31.30 -34.57
CA GLY AA 163 29.36 -30.85 -33.52
C GLY AA 163 30.03 -29.92 -32.54
N LEU AA 164 31.24 -30.24 -32.14
CA LEU AA 164 31.96 -29.34 -31.27
C LEU AA 164 32.18 -27.98 -31.94
N ARG AA 165 32.48 -27.98 -33.25
CA ARG AA 165 32.70 -26.71 -33.92
C ARG AA 165 31.43 -25.88 -33.97
N VAL AA 166 30.31 -26.51 -34.29
CA VAL AA 166 29.05 -25.77 -34.31
C VAL AA 166 28.72 -25.23 -32.93
N ALA AA 167 28.96 -26.02 -31.89
CA ALA AA 167 28.69 -25.56 -30.53
C ALA AA 167 29.51 -24.34 -30.21
N VAL AA 168 30.81 -24.38 -30.51
CA VAL AA 168 31.65 -23.25 -30.22
C VAL AA 168 31.18 -22.05 -31.03
N GLU AA 169 30.73 -22.29 -32.24
CA GLU AA 169 30.28 -21.16 -33.04
C GLU AA 169 29.01 -20.56 -32.46
N ALA AA 170 28.11 -21.40 -31.93
CA ALA AA 170 26.91 -20.88 -31.29
C ALA AA 170 27.23 -20.06 -30.04
N LEU AA 171 28.18 -20.53 -29.22
CA LEU AA 171 28.58 -19.70 -28.09
C LEU AA 171 29.20 -18.41 -28.56
N TYR AA 172 29.91 -18.44 -29.70
CA TYR AA 172 30.46 -17.22 -30.26
C TYR AA 172 29.36 -16.23 -30.60
N ASP AA 173 28.33 -16.69 -31.32
CA ASP AA 173 27.24 -15.81 -31.69
C ASP AA 173 26.53 -15.25 -30.46
N ALA AA 174 26.30 -16.09 -29.45
CA ALA AA 174 25.71 -15.61 -28.20
C ALA AA 174 26.55 -14.51 -27.59
N ALA AA 175 27.86 -14.73 -27.50
CA ALA AA 175 28.71 -13.70 -26.95
C ALA AA 175 28.65 -12.42 -27.79
N ASP AA 176 28.48 -12.57 -29.10
CA ASP AA 176 28.43 -11.40 -29.95
C ASP AA 176 27.24 -10.54 -29.60
N ASP AA 177 26.11 -11.16 -29.30
CA ASP AA 177 24.89 -10.40 -29.08
C ASP AA 177 24.51 -10.29 -27.60
N ASP AA 178 25.22 -10.95 -26.68
CA ASP AA 178 24.88 -10.89 -25.27
C ASP AA 178 26.08 -10.52 -24.40
N SER AA 179 25.96 -9.42 -23.69
CA SER AA 179 27.10 -8.92 -22.95
C SER AA 179 27.39 -9.74 -21.71
N ALA AA 180 26.45 -10.55 -21.26
CA ALA AA 180 26.70 -11.39 -20.10
C ALA AA 180 27.35 -12.72 -20.45
N THR AA 181 27.55 -12.98 -21.74
CA THR AA 181 28.23 -14.17 -22.23
C THR AA 181 29.58 -13.74 -22.79
N GLY AA 182 30.63 -14.43 -22.36
CA GLY AA 182 31.98 -14.07 -22.73
C GLY AA 182 32.45 -14.82 -23.96
N GLY AA 183 33.06 -14.11 -24.88
CA GLY AA 183 33.60 -14.75 -26.03
C GLY AA 183 34.97 -15.27 -25.77
N PRO AA 184 35.57 -15.88 -26.78
CA PRO AA 184 36.97 -16.28 -26.66
C PRO AA 184 37.81 -15.05 -26.40
N ASP AA 185 38.64 -15.13 -25.37
CA ASP AA 185 39.60 -14.11 -24.94
C ASP AA 185 40.98 -14.55 -25.45
N LEU AA 186 41.37 -14.02 -26.61
CA LEU AA 186 42.66 -14.45 -27.13
C LEU AA 186 43.83 -13.74 -26.46
N VAL AA 187 43.58 -12.69 -25.71
CA VAL AA 187 44.69 -12.09 -24.99
C VAL AA 187 45.06 -12.94 -23.79
N ARG AA 188 44.07 -13.43 -23.05
CA ARG AA 188 44.34 -14.22 -21.87
C ARG AA 188 44.35 -15.71 -22.16
N GLY AA 189 43.91 -16.14 -23.34
CA GLY AA 189 43.91 -17.56 -23.63
C GLY AA 189 42.83 -18.34 -22.90
N ILE AA 190 41.63 -17.78 -22.80
CA ILE AA 190 40.50 -18.40 -22.12
C ILE AA 190 39.43 -18.66 -23.16
N PHE AA 191 38.90 -19.87 -23.17
CA PHE AA 191 37.94 -20.36 -24.15
C PHE AA 191 36.79 -21.07 -23.48
N PRO AA 192 35.69 -21.29 -24.19
CA PRO AA 192 34.60 -22.07 -23.59
C PRO AA 192 35.07 -23.44 -23.15
N THR AA 193 34.36 -24.02 -22.20
CA THR AA 193 34.65 -25.41 -21.85
C THR AA 193 33.62 -26.31 -22.52
N ALA AA 194 34.06 -27.53 -22.83
CA ALA AA 194 33.17 -28.47 -23.49
C ALA AA 194 33.35 -29.86 -22.88
N VAL AA 195 32.25 -30.60 -22.88
CA VAL AA 195 32.21 -32.00 -22.53
C VAL AA 195 31.58 -32.72 -23.70
N ILE AA 196 32.13 -33.86 -24.05
CA ILE AA 196 31.59 -34.67 -25.13
C ILE AA 196 31.30 -36.04 -24.56
N ILE AA 197 30.21 -36.64 -24.98
CA ILE AA 197 29.75 -37.90 -24.41
C ILE AA 197 29.42 -38.86 -25.55
N ASP AA 198 30.03 -40.03 -25.54
CA ASP AA 198 29.66 -41.05 -26.50
C ASP AA 198 29.59 -42.39 -25.78
N ALA AA 199 29.61 -43.48 -26.55
CA ALA AA 199 29.51 -44.81 -25.93
C ALA AA 199 30.63 -45.08 -24.94
N ASP AA 200 31.78 -44.45 -25.13
CA ASP AA 200 32.90 -44.65 -24.23
C ASP AA 200 32.85 -43.74 -23.01
N GLY AA 201 31.83 -42.94 -22.85
CA GLY AA 201 31.68 -42.10 -21.69
C GLY AA 201 31.83 -40.62 -21.98
N ALA AA 202 31.86 -39.85 -20.91
CA ALA AA 202 31.94 -38.41 -20.96
C ALA AA 202 33.37 -37.96 -20.69
N VAL AA 203 33.91 -37.13 -21.58
CA VAL AA 203 35.25 -36.64 -21.43
C VAL AA 203 35.25 -35.14 -21.67
N ASP AA 204 36.13 -34.46 -20.93
CA ASP AA 204 36.40 -33.05 -21.12
C ASP AA 204 37.12 -32.84 -22.42
N VAL AA 205 36.69 -31.86 -23.19
CA VAL AA 205 37.45 -31.50 -24.39
C VAL AA 205 38.67 -30.72 -23.96
N PRO AA 206 39.85 -31.05 -24.47
CA PRO AA 206 41.04 -30.28 -24.10
C PRO AA 206 40.95 -28.87 -24.65
N GLU AA 207 41.58 -27.95 -23.91
CA GLU AA 207 41.52 -26.53 -24.24
C GLU AA 207 42.08 -26.26 -25.63
N SER AA 208 43.08 -27.03 -26.05
CA SER AA 208 43.71 -26.72 -27.33
C SER AA 208 42.74 -26.90 -28.49
N ARG AA 209 41.87 -27.90 -28.44
CA ARG AA 209 41.00 -28.12 -29.59
C ARG AA 209 39.98 -27.01 -29.71
N ILE AA 210 39.53 -26.50 -28.55
CA ILE AA 210 38.57 -25.40 -28.58
C ILE AA 210 39.24 -24.12 -28.99
N ALA AA 211 40.49 -23.92 -28.61
CA ALA AA 211 41.20 -22.75 -29.06
C ALA AA 211 41.34 -22.76 -30.58
N GLU AA 212 41.76 -23.89 -31.14
CA GLU AA 212 41.90 -23.98 -32.60
C GLU AA 212 40.60 -23.62 -33.28
N LEU AA 213 39.52 -24.33 -32.91
CA LEU AA 213 38.21 -24.03 -33.51
C LEU AA 213 37.81 -22.57 -33.35
N ALA AA 214 38.05 -22.00 -32.17
CA ALA AA 214 37.70 -20.62 -31.92
C ALA AA 214 38.42 -19.69 -32.86
N ARG AA 215 39.73 -19.85 -32.99
CA ARG AA 215 40.48 -18.99 -33.90
C ARG AA 215 40.02 -19.17 -35.34
N ALA AA 216 39.66 -20.39 -35.72
CA ALA AA 216 39.11 -20.58 -37.07
C ALA AA 216 37.84 -19.77 -37.26
N ILE AA 217 36.97 -19.76 -36.25
CA ILE AA 217 35.76 -18.96 -36.39
C ILE AA 217 36.11 -17.48 -36.53
N ILE AA 218 36.95 -16.97 -35.64
CA ILE AA 218 37.32 -15.57 -35.68
C ILE AA 218 37.88 -15.21 -37.05
N GLU AA 219 38.94 -15.90 -37.47
CA GLU AA 219 39.52 -15.68 -38.78
C GLU AA 219 38.48 -15.75 -39.89
N SER AA 220 37.50 -16.63 -39.77
CA SER AA 220 36.48 -16.66 -40.81
C SER AA 220 35.56 -15.45 -40.77
N ARG AA 221 35.38 -14.83 -39.60
CA ARG AA 221 34.44 -13.74 -39.58
C ARG AA 221 35.11 -12.43 -39.89
N SER AA 222 36.43 -12.39 -39.83
CA SER AA 222 37.17 -11.18 -40.13
C SER AA 222 37.55 -11.09 -41.59
N GLY AA 223 37.44 -12.18 -42.35
CA GLY AA 223 37.86 -12.22 -43.75
C GLY AA 223 38.68 -13.44 -44.14
N THR BA 1 35.28 -0.18 3.83
CA THR BA 1 36.16 -1.28 4.11
C THR BA 1 36.89 -1.61 2.83
N THR BA 2 38.16 -2.00 2.90
CA THR BA 2 38.84 -2.67 1.79
C THR BA 2 39.75 -3.74 2.33
N ILE BA 3 39.69 -4.93 1.75
CA ILE BA 3 40.62 -6.02 1.98
C ILE BA 3 41.23 -6.39 0.64
N VAL BA 4 42.54 -6.57 0.60
CA VAL BA 4 43.21 -7.02 -0.60
C VAL BA 4 43.98 -8.30 -0.31
N ALA BA 5 44.12 -9.13 -1.33
CA ALA BA 5 44.92 -10.32 -1.28
C ALA BA 5 45.64 -10.46 -2.61
N LEU BA 6 46.90 -10.90 -2.56
CA LEU BA 6 47.59 -11.19 -3.80
C LEU BA 6 48.61 -12.30 -3.60
N LYS BA 7 48.83 -13.04 -4.66
CA LYS BA 7 49.78 -14.13 -4.68
C LYS BA 7 51.12 -13.62 -5.17
N TYR BA 8 52.17 -14.09 -4.54
CA TYR BA 8 53.54 -13.81 -4.96
C TYR BA 8 54.24 -15.14 -5.08
N PRO BA 9 55.42 -15.18 -5.72
CA PRO BA 9 56.16 -16.44 -5.84
C PRO BA 9 56.46 -17.09 -4.51
N GLY BA 10 55.79 -18.17 -4.19
CA GLY BA 10 56.01 -18.83 -2.95
C GLY BA 10 55.03 -18.51 -1.84
N GLY BA 11 54.03 -17.66 -2.07
CA GLY BA 11 53.10 -17.37 -0.98
C GLY BA 11 51.98 -16.43 -1.39
N VAL BA 12 51.28 -15.93 -0.37
CA VAL BA 12 50.15 -15.04 -0.54
C VAL BA 12 50.21 -14.00 0.56
N VAL BA 13 49.66 -12.82 0.30
CA VAL BA 13 49.61 -11.76 1.30
C VAL BA 13 48.21 -11.15 1.31
N MET BA 14 47.74 -10.78 2.51
CA MET BA 14 46.44 -10.15 2.67
C MET BA 14 46.54 -8.96 3.62
N ALA BA 15 45.88 -7.86 3.28
CA ALA BA 15 45.95 -6.66 4.09
C ALA BA 15 44.60 -5.99 4.10
N GLY BA 16 44.32 -5.25 5.17
CA GLY BA 16 43.04 -4.58 5.34
C GLY BA 16 43.21 -3.27 6.09
N ASP BA 17 42.24 -2.39 5.89
CA ASP BA 17 42.28 -1.09 6.53
C ASP BA 17 41.74 -1.17 7.95
N ARG BA 18 41.71 -0.03 8.63
CA ARG BA 18 41.40 -0.03 10.05
C ARG BA 18 40.15 0.76 10.41
N ARG BA 19 39.37 1.20 9.42
CA ARG BA 19 38.26 2.12 9.64
C ARG BA 19 36.94 1.42 9.92
N SER BA 20 36.17 2.03 10.81
CA SER BA 20 34.80 1.61 11.08
C SER BA 20 33.86 2.79 11.03
N THR BA 21 32.74 2.64 10.34
CA THR BA 21 31.78 3.72 10.17
C THR BA 21 30.37 3.33 10.60
N GLN BA 22 29.58 4.36 10.90
CA GLN BA 22 28.13 4.31 11.12
C GLN BA 22 27.59 5.44 10.25
N GLY BA 23 27.15 5.12 9.06
CA GLY BA 23 26.83 6.18 8.15
C GLY BA 23 28.11 6.87 7.75
N ASN BA 24 28.11 8.17 7.94
CA ASN BA 24 29.24 9.03 7.67
C ASN BA 24 30.17 9.19 8.86
N MET BA 25 29.75 8.75 10.05
CA MET BA 25 30.54 8.93 11.24
C MET BA 25 31.62 7.88 11.34
N ILE BA 26 32.81 8.31 11.71
CA ILE BA 26 33.90 7.39 11.98
C ILE BA 26 33.68 6.87 13.39
N SER BA 27 33.48 5.55 13.51
CA SER BA 27 33.31 4.92 14.81
C SER BA 27 34.51 4.08 15.22
N GLY BA 28 35.49 3.94 14.35
CA GLY BA 28 36.65 3.22 14.77
C GLY BA 28 37.85 3.54 13.92
N ARG BA 29 39.02 3.62 14.52
CA ARG BA 29 40.21 3.93 13.76
C ARG BA 29 41.21 2.81 13.72
N ASP BA 30 41.11 1.82 14.60
CA ASP BA 30 42.14 0.79 14.77
C ASP BA 30 41.60 -0.61 14.62
N VAL BA 31 40.37 -0.78 14.12
CA VAL BA 31 39.79 -2.11 14.08
C VAL BA 31 40.58 -3.03 13.17
N ARG BA 32 40.33 -4.31 13.32
CA ARG BA 32 41.11 -5.40 12.74
C ARG BA 32 40.16 -6.24 11.91
N LYS BA 33 40.42 -6.29 10.62
CA LYS BA 33 39.54 -6.95 9.69
C LYS BA 33 40.15 -8.19 9.07
N VAL BA 34 41.39 -8.52 9.39
CA VAL BA 34 42.06 -9.66 8.77
C VAL BA 34 42.52 -10.62 9.84
N TYR BA 35 41.99 -11.84 9.84
CA TYR BA 35 42.33 -12.80 10.88
C TYR BA 35 42.99 -14.03 10.30
N ILE BA 36 44.02 -14.50 10.99
CA ILE BA 36 44.64 -15.78 10.73
C ILE BA 36 43.69 -16.84 11.26
N THR BA 37 43.10 -17.63 10.38
CA THR BA 37 42.13 -18.60 10.85
C THR BA 37 42.70 -20.00 11.00
N ASP BA 38 43.89 -20.27 10.46
CA ASP BA 38 44.54 -21.56 10.74
C ASP BA 38 45.97 -21.40 10.23
N ASP BA 39 46.81 -22.40 10.49
CA ASP BA 39 48.22 -22.24 10.20
C ASP BA 39 48.50 -21.82 8.76
N TYR BA 40 47.61 -22.15 7.82
CA TYR BA 40 47.84 -21.79 6.43
C TYR BA 40 46.69 -20.97 5.86
N THR BA 41 45.89 -20.34 6.71
CA THR BA 41 44.73 -19.65 6.20
C THR BA 41 44.50 -18.34 6.93
N ALA BA 42 44.21 -17.31 6.14
CA ALA BA 42 43.76 -16.01 6.61
C ALA BA 42 42.43 -15.63 5.99
N THR BA 43 41.57 -15.00 6.78
CA THR BA 43 40.30 -14.48 6.29
C THR BA 43 40.22 -12.99 6.58
N GLY BA 44 39.88 -12.20 5.59
CA GLY BA 44 39.59 -10.80 5.78
C GLY BA 44 38.14 -10.55 5.41
N ILE BA 45 37.43 -9.77 6.22
CA ILE BA 45 36.00 -9.65 6.01
C ILE BA 45 35.57 -8.19 5.95
N ALA BA 46 34.59 -7.91 5.08
CA ALA BA 46 33.98 -6.60 4.90
C ALA BA 46 32.47 -6.69 5.13
N GLY BA 47 31.89 -5.64 5.68
CA GLY BA 47 30.46 -5.71 5.93
C GLY BA 47 30.16 -5.30 7.33
N THR BA 48 29.04 -5.77 7.87
CA THR BA 48 28.67 -5.35 9.21
C THR BA 48 29.54 -6.05 10.25
N ALA BA 49 30.05 -5.26 11.18
CA ALA BA 49 31.08 -5.71 12.11
C ALA BA 49 30.65 -6.94 12.90
N ALA BA 50 29.45 -6.91 13.46
CA ALA BA 50 28.99 -8.02 14.28
C ALA BA 50 29.05 -9.34 13.51
N VAL BA 51 28.53 -9.35 12.30
CA VAL BA 51 28.56 -10.57 11.53
C VAL BA 51 29.98 -10.92 11.17
N ALA BA 52 30.77 -9.94 10.75
CA ALA BA 52 32.12 -10.19 10.25
C ALA BA 52 33.01 -10.86 11.28
N VAL BA 53 33.03 -10.33 12.49
CA VAL BA 53 33.86 -10.96 13.51
C VAL BA 53 33.27 -12.28 13.91
N GLU BA 54 31.94 -12.39 13.93
CA GLU BA 54 31.39 -13.70 14.23
C GLU BA 54 31.85 -14.74 13.22
N PHE BA 55 31.88 -14.39 11.94
CA PHE BA 55 32.37 -15.26 10.88
C PHE BA 55 33.79 -15.70 11.12
N ALA BA 56 34.70 -14.75 11.36
CA ALA BA 56 36.10 -15.10 11.58
C ALA BA 56 36.26 -16.06 12.76
N ARG BA 57 35.60 -15.74 13.86
CA ARG BA 57 35.72 -16.53 15.07
C ARG BA 57 35.16 -17.93 14.86
N LEU BA 58 33.96 -18.02 14.28
CA LEU BA 58 33.32 -19.31 14.15
C LEU BA 58 34.04 -20.18 13.13
N TYR BA 59 34.54 -19.57 12.06
CA TYR BA 59 35.26 -20.31 11.04
C TYR BA 59 36.56 -20.88 11.59
N ALA BA 60 37.35 -20.08 12.29
CA ALA BA 60 38.57 -20.64 12.84
C ALA BA 60 38.28 -21.77 13.83
N VAL BA 61 37.28 -21.58 14.69
CA VAL BA 61 36.91 -22.67 15.58
C VAL BA 61 36.52 -23.91 14.81
N GLU BA 62 35.77 -23.74 13.75
CA GLU BA 62 35.31 -24.90 12.97
C GLU BA 62 36.47 -25.66 12.38
N LEU BA 63 37.48 -24.95 11.88
CA LEU BA 63 38.62 -25.62 11.30
C LEU BA 63 39.34 -26.45 12.35
N GLU BA 64 39.62 -25.87 13.51
CA GLU BA 64 40.34 -26.65 14.52
C GLU BA 64 39.53 -27.81 15.05
N HIS BA 65 38.22 -27.62 15.16
CA HIS BA 65 37.32 -28.69 15.55
C HIS BA 65 37.49 -29.91 14.64
N TYR BA 66 37.43 -29.70 13.34
CA TYR BA 66 37.66 -30.82 12.43
C TYR BA 66 39.04 -31.42 12.65
N GLU BA 67 40.04 -30.56 12.78
CA GLU BA 67 41.41 -31.08 12.92
C GLU BA 67 41.55 -31.98 14.16
N LYS BA 68 40.95 -31.60 15.28
CA LYS BA 68 41.13 -32.37 16.50
C LYS BA 68 40.28 -33.63 16.49
N LEU BA 69 39.08 -33.54 15.93
CA LEU BA 69 38.22 -34.72 15.88
C LEU BA 69 38.84 -35.78 14.98
N GLU BA 70 39.30 -35.38 13.81
CA GLU BA 70 39.69 -36.36 12.81
C GLU BA 70 41.18 -36.51 12.72
N GLY BA 71 41.95 -35.78 13.50
CA GLY BA 71 43.37 -35.99 13.54
C GLY BA 71 44.16 -35.42 12.40
N VAL BA 72 43.50 -34.81 11.43
CA VAL BA 72 44.14 -34.30 10.22
C VAL BA 72 43.36 -33.07 9.78
N PRO BA 73 44.00 -32.07 9.19
CA PRO BA 73 43.28 -30.86 8.79
C PRO BA 73 42.47 -31.11 7.53
N LEU BA 74 41.50 -30.22 7.30
CA LEU BA 74 40.71 -30.29 6.08
C LEU BA 74 41.56 -29.97 4.86
N THR BA 75 41.21 -30.57 3.74
CA THR BA 75 41.73 -30.13 2.46
C THR BA 75 41.26 -28.69 2.17
N PHE BA 76 42.05 -27.98 1.34
CA PHE BA 76 41.73 -26.58 1.07
C PHE BA 76 40.34 -26.45 0.45
N ALA BA 77 39.97 -27.36 -0.43
CA ALA BA 77 38.62 -27.36 -0.96
C ALA BA 77 37.59 -27.44 0.14
N GLY BA 78 37.86 -28.25 1.17
CA GLY BA 78 36.94 -28.35 2.28
C GLY BA 78 36.85 -27.07 3.08
N LYS BA 79 37.99 -26.39 3.26
CA LYS BA 79 37.94 -25.10 3.91
C LYS BA 79 37.08 -24.13 3.11
N ILE BA 80 37.24 -24.11 1.79
CA ILE BA 80 36.41 -23.25 0.97
C ILE BA 80 34.94 -23.59 1.17
N ASN BA 81 34.62 -24.88 1.15
CA ASN BA 81 33.23 -25.27 1.24
C ASN BA 81 32.62 -24.84 2.55
N ARG BA 82 33.35 -24.99 3.66
CA ARG BA 82 32.73 -24.65 4.94
C ARG BA 82 32.55 -23.15 5.09
N LEU BA 83 33.49 -22.36 4.59
CA LEU BA 83 33.26 -20.93 4.61
C LEU BA 83 32.04 -20.57 3.76
N ALA BA 84 31.91 -21.22 2.60
CA ALA BA 84 30.80 -20.97 1.71
C ALA BA 84 29.47 -21.33 2.35
N ILE BA 85 29.42 -22.46 3.06
CA ILE BA 85 28.20 -22.82 3.75
C ILE BA 85 27.91 -21.81 4.85
N MET BA 86 28.94 -21.33 5.54
CA MET BA 86 28.71 -20.36 6.59
C MET BA 86 28.11 -19.08 6.02
N VAL BA 87 28.66 -18.58 4.90
CA VAL BA 87 28.06 -17.39 4.31
C VAL BA 87 26.62 -17.69 3.89
N ARG BA 88 26.38 -18.83 3.25
CA ARG BA 88 25.03 -19.09 2.74
C ARG BA 88 24.02 -19.11 3.86
N GLY BA 89 24.42 -19.60 5.04
CA GLY BA 89 23.51 -19.63 6.16
C GLY BA 89 23.10 -18.28 6.68
N ASN BA 90 23.87 -17.24 6.36
CA ASN BA 90 23.53 -15.91 6.82
C ASN BA 90 22.65 -15.14 5.83
N LEU BA 91 22.20 -15.77 4.74
CA LEU BA 91 21.60 -15.01 3.63
C LEU BA 91 20.35 -14.25 4.07
N ALA BA 92 19.47 -14.86 4.85
CA ALA BA 92 18.28 -14.13 5.29
C ALA BA 92 18.65 -12.88 6.09
N ALA BA 93 19.52 -13.04 7.08
CA ALA BA 93 19.97 -11.89 7.86
C ALA BA 93 20.65 -10.85 6.99
N ALA BA 94 21.41 -11.27 5.99
CA ALA BA 94 22.03 -10.29 5.12
C ALA BA 94 20.98 -9.52 4.32
N MET BA 95 19.93 -10.19 3.87
CA MET BA 95 18.88 -9.47 3.15
C MET BA 95 18.17 -8.47 4.05
N GLN BA 96 18.23 -8.65 5.36
CA GLN BA 96 17.73 -7.61 6.25
C GLN BA 96 18.86 -6.72 6.78
N GLY BA 97 20.05 -6.78 6.20
CA GLY BA 97 21.08 -5.78 6.46
C GLY BA 97 22.29 -6.25 7.24
N LEU BA 98 22.31 -7.45 7.78
CA LEU BA 98 23.49 -7.92 8.50
C LEU BA 98 24.45 -8.64 7.55
N LEU BA 99 24.92 -7.91 6.56
CA LEU BA 99 25.65 -8.47 5.43
C LEU BA 99 27.15 -8.42 5.66
N ALA BA 100 27.84 -9.51 5.38
CA ALA BA 100 29.29 -9.61 5.53
C ALA BA 100 29.85 -10.53 4.46
N LEU BA 101 30.90 -10.09 3.78
CA LEU BA 101 31.51 -10.97 2.81
C LEU BA 101 32.97 -11.22 3.12
N PRO BA 102 33.42 -12.45 3.09
CA PRO BA 102 34.81 -12.73 3.36
C PRO BA 102 35.64 -12.86 2.11
N LEU BA 103 36.94 -12.69 2.29
CA LEU BA 103 37.96 -12.95 1.29
C LEU BA 103 38.94 -13.89 1.94
N LEU BA 104 39.19 -15.04 1.31
CA LEU BA 104 40.00 -16.10 1.88
C LEU BA 104 41.33 -16.16 1.14
N ALA BA 105 42.43 -16.19 1.90
CA ALA BA 105 43.75 -16.35 1.33
C ALA BA 105 44.47 -17.44 2.08
N GLY BA 106 45.03 -18.41 1.37
CA GLY BA 106 45.65 -19.52 2.04
C GLY BA 106 46.82 -20.08 1.25
N TYR BA 107 47.48 -21.05 1.85
CA TYR BA 107 48.55 -21.80 1.19
C TYR BA 107 48.21 -23.29 1.27
N ASP BA 108 48.06 -23.93 0.11
CA ASP BA 108 47.71 -25.34 0.07
C ASP BA 108 48.99 -26.16 0.09
N ILE BA 109 49.30 -26.75 1.24
CA ILE BA 109 50.48 -27.58 1.38
C ILE BA 109 50.45 -28.82 0.50
N HIS BA 110 49.28 -29.19 -0.01
CA HIS BA 110 49.21 -30.38 -0.85
C HIS BA 110 49.30 -30.03 -2.33
N ALA BA 111 49.46 -28.76 -2.66
CA ALA BA 111 49.57 -28.31 -4.05
C ALA BA 111 50.83 -28.87 -4.68
N SER BA 112 50.77 -29.04 -6.01
CA SER BA 112 51.89 -29.69 -6.70
C SER BA 112 53.14 -28.83 -6.68
N ASP BA 113 53.02 -27.56 -7.08
CA ASP BA 113 54.19 -26.68 -7.17
C ASP BA 113 54.21 -25.67 -6.04
N PRO BA 114 55.14 -25.77 -5.09
CA PRO BA 114 55.13 -24.86 -3.95
C PRO BA 114 55.14 -23.39 -4.32
N GLN BA 115 55.61 -23.04 -5.51
CA GLN BA 115 55.68 -21.62 -5.81
C GLN BA 115 54.33 -21.05 -6.23
N SER BA 116 53.40 -21.88 -6.70
CA SER BA 116 52.07 -21.42 -7.06
C SER BA 116 50.97 -21.91 -6.12
N ALA BA 117 51.35 -22.40 -4.92
CA ALA BA 117 50.42 -23.01 -3.99
C ALA BA 117 49.55 -22.02 -3.23
N GLY BA 118 49.79 -20.72 -3.38
CA GLY BA 118 48.90 -19.75 -2.80
C GLY BA 118 47.52 -19.80 -3.43
N ARG BA 119 46.51 -19.51 -2.65
CA ARG BA 119 45.12 -19.56 -3.10
C ARG BA 119 44.41 -18.31 -2.62
N ILE BA 120 43.61 -17.74 -3.50
CA ILE BA 120 42.81 -16.57 -3.18
C ILE BA 120 41.40 -16.88 -3.61
N VAL BA 121 40.47 -16.80 -2.67
CA VAL BA 121 39.11 -17.21 -2.90
C VAL BA 121 38.20 -16.04 -2.54
N SER BA 122 37.31 -15.67 -3.46
CA SER BA 122 36.31 -14.66 -3.19
C SER BA 122 34.95 -15.30 -3.05
N PHE BA 123 34.07 -14.63 -2.31
CA PHE BA 123 32.73 -15.12 -2.01
C PHE BA 123 31.72 -14.02 -2.24
N ASP BA 124 30.49 -14.42 -2.60
CA ASP BA 124 29.36 -13.50 -2.66
C ASP BA 124 28.33 -13.84 -1.60
N ALA BA 125 27.28 -13.01 -1.52
CA ALA BA 125 26.37 -13.08 -0.37
C ALA BA 125 25.62 -14.39 -0.26
N ALA BA 126 25.55 -15.17 -1.34
CA ALA BA 126 24.84 -16.43 -1.34
C ALA BA 126 25.74 -17.61 -1.14
N GLY BA 127 27.02 -17.37 -0.90
CA GLY BA 127 27.96 -18.43 -0.68
C GLY BA 127 28.73 -18.85 -1.91
N GLY BA 128 28.36 -18.32 -3.08
CA GLY BA 128 29.10 -18.64 -4.28
C GLY BA 128 30.56 -18.20 -4.16
N TRP BA 129 31.46 -19.00 -4.70
CA TRP BA 129 32.86 -18.69 -4.56
C TRP BA 129 33.56 -18.82 -5.89
N ASN BA 130 34.66 -18.09 -6.04
CA ASN BA 130 35.57 -18.22 -7.16
C ASN BA 130 37.00 -18.20 -6.65
N ILE BA 131 37.77 -19.22 -7.03
CA ILE BA 131 39.20 -19.20 -6.81
C ILE BA 131 39.83 -18.32 -7.87
N GLU BA 132 40.54 -17.28 -7.46
CA GLU BA 132 41.02 -16.33 -8.43
C GLU BA 132 42.31 -16.83 -9.06
N GLU BA 133 42.33 -16.86 -10.38
CA GLU BA 133 43.49 -17.36 -11.11
C GLU BA 133 44.34 -16.22 -11.67
N GLU BA 134 44.08 -14.98 -11.27
CA GLU BA 134 44.80 -13.85 -11.84
C GLU BA 134 45.62 -13.10 -10.81
N GLY BA 135 45.76 -13.61 -9.59
CA GLY BA 135 46.83 -13.19 -8.73
C GLY BA 135 46.47 -12.19 -7.65
N TYR BA 136 45.34 -11.51 -7.77
CA TYR BA 136 44.96 -10.54 -6.75
C TYR BA 136 43.46 -10.46 -6.72
N GLN BA 137 42.94 -9.94 -5.61
CA GLN BA 137 41.51 -9.81 -5.43
C GLN BA 137 41.29 -8.86 -4.27
N ALA BA 138 40.08 -8.32 -4.20
CA ALA BA 138 39.76 -7.39 -3.13
C ALA BA 138 38.30 -7.49 -2.80
N VAL BA 139 37.97 -7.05 -1.61
CA VAL BA 139 36.59 -7.02 -1.17
C VAL BA 139 36.41 -5.74 -0.39
N GLY BA 140 35.20 -5.19 -0.43
CA GLY BA 140 34.86 -3.99 0.29
C GLY BA 140 34.52 -2.84 -0.62
N SER BA 141 34.09 -1.75 0.01
CA SER BA 141 33.59 -0.61 -0.73
C SER BA 141 34.66 0.05 -1.57
N GLY BA 142 35.92 -0.20 -1.29
CA GLY BA 142 37.03 0.24 -2.11
C GLY BA 142 37.61 -0.87 -2.97
N SER BA 143 36.95 -2.00 -3.06
CA SER BA 143 37.54 -3.12 -3.76
C SER BA 143 37.85 -2.76 -5.19
N LEU BA 144 37.04 -1.92 -5.84
CA LEU BA 144 37.28 -1.70 -7.26
C LEU BA 144 38.45 -0.76 -7.49
N PHE BA 145 38.64 0.21 -6.62
CA PHE BA 145 39.81 1.06 -6.73
C PHE BA 145 41.08 0.25 -6.48
N ALA BA 146 41.04 -0.63 -5.46
CA ALA BA 146 42.20 -1.45 -5.12
C ALA BA 146 42.51 -2.46 -6.22
N LYS BA 147 41.46 -3.06 -6.79
CA LYS BA 147 41.64 -4.00 -7.88
C LYS BA 147 42.24 -3.31 -9.11
N SER BA 148 41.75 -2.12 -9.42
CA SER BA 148 42.28 -1.42 -10.59
C SER BA 148 43.71 -0.94 -10.36
N SER BA 149 44.05 -0.58 -9.15
CA SER BA 149 45.43 -0.24 -8.85
C SER BA 149 46.34 -1.47 -8.96
N MET BA 150 45.95 -2.59 -8.35
CA MET BA 150 46.78 -3.78 -8.47
C MET BA 150 46.88 -4.22 -9.93
N LYS BA 151 45.86 -3.93 -10.75
CA LYS BA 151 45.97 -4.27 -12.17
C LYS BA 151 47.21 -3.65 -12.77
N LYS BA 152 47.52 -2.42 -12.41
CA LYS BA 152 48.69 -1.73 -12.92
C LYS BA 152 49.95 -2.02 -12.12
N LEU BA 153 49.85 -2.39 -10.84
CA LEU BA 153 51.08 -2.58 -10.09
C LEU BA 153 51.54 -4.03 -10.00
N TYR BA 154 50.75 -5.01 -10.43
CA TYR BA 154 51.05 -6.41 -10.11
C TYR BA 154 52.34 -6.90 -10.73
N SER BA 155 52.69 -6.41 -11.92
CA SER BA 155 53.92 -6.83 -12.55
C SER BA 155 55.16 -6.47 -11.73
N GLN BA 156 55.03 -5.62 -10.74
CA GLN BA 156 56.17 -5.37 -9.87
C GLN BA 156 56.34 -6.40 -8.78
N VAL BA 157 55.46 -7.39 -8.70
CA VAL BA 157 55.48 -8.33 -7.59
C VAL BA 157 56.39 -9.49 -8.00
N THR BA 158 57.55 -9.58 -7.39
CA THR BA 158 58.48 -10.65 -7.68
C THR BA 158 58.80 -11.48 -6.43
N ASP BA 159 58.48 -10.98 -5.25
CA ASP BA 159 58.77 -11.69 -4.01
C ASP BA 159 57.81 -11.20 -2.93
N GLY BA 160 58.06 -11.63 -1.69
CA GLY BA 160 57.15 -11.27 -0.61
C GLY BA 160 57.14 -9.79 -0.30
N ASP BA 161 58.31 -9.14 -0.37
CA ASP BA 161 58.33 -7.74 0.01
C ASP BA 161 57.69 -6.86 -1.04
N SER BA 162 57.92 -7.16 -2.31
CA SER BA 162 57.24 -6.41 -3.36
C SER BA 162 55.74 -6.62 -3.30
N GLY BA 163 55.30 -7.84 -2.98
CA GLY BA 163 53.88 -8.10 -2.84
C GLY BA 163 53.25 -7.33 -1.71
N LEU BA 164 53.95 -7.25 -0.59
CA LEU BA 164 53.45 -6.44 0.51
C LEU BA 164 53.33 -5.00 0.07
N ARG BA 165 54.36 -4.46 -0.59
CA ARG BA 165 54.31 -3.08 -1.02
C ARG BA 165 53.11 -2.83 -1.92
N VAL BA 166 52.89 -3.70 -2.90
CA VAL BA 166 51.77 -3.53 -3.80
C VAL BA 166 50.45 -3.60 -3.05
N ALA BA 167 50.33 -4.53 -2.08
CA ALA BA 167 49.12 -4.61 -1.27
C ALA BA 167 48.85 -3.32 -0.51
N VAL BA 168 49.85 -2.79 0.16
CA VAL BA 168 49.66 -1.55 0.91
C VAL BA 168 49.33 -0.39 -0.03
N GLU BA 169 49.93 -0.37 -1.22
CA GLU BA 169 49.61 0.70 -2.16
C GLU BA 169 48.17 0.58 -2.67
N ALA BA 170 47.69 -0.64 -2.83
CA ALA BA 170 46.32 -0.80 -3.25
C ALA BA 170 45.36 -0.31 -2.18
N LEU BA 171 45.65 -0.61 -0.92
CA LEU BA 171 44.80 -0.05 0.13
C LEU BA 171 44.88 1.47 0.15
N TYR BA 172 46.05 2.04 -0.17
CA TYR BA 172 46.19 3.48 -0.20
C TYR BA 172 45.28 4.06 -1.25
N ASP BA 173 45.29 3.48 -2.44
CA ASP BA 173 44.42 3.99 -3.48
C ASP BA 173 42.95 3.85 -3.10
N ALA BA 174 42.57 2.71 -2.55
CA ALA BA 174 41.20 2.53 -2.10
C ALA BA 174 40.81 3.62 -1.10
N ALA BA 175 41.67 3.88 -0.13
CA ALA BA 175 41.38 4.94 0.83
C ALA BA 175 41.31 6.30 0.17
N ASP BA 176 42.09 6.51 -0.88
CA ASP BA 176 42.12 7.80 -1.56
C ASP BA 176 40.80 8.08 -2.22
N ASP BA 177 40.14 7.04 -2.72
CA ASP BA 177 38.92 7.23 -3.48
C ASP BA 177 37.67 6.80 -2.74
N ASP BA 178 37.77 6.19 -1.57
CA ASP BA 178 36.60 5.73 -0.81
C ASP BA 178 36.68 6.21 0.64
N SER BA 179 35.67 6.93 1.09
CA SER BA 179 35.67 7.50 2.43
C SER BA 179 35.33 6.49 3.52
N ALA BA 180 34.80 5.33 3.16
CA ALA BA 180 34.59 4.24 4.09
C ALA BA 180 35.82 3.34 4.27
N THR BA 181 36.90 3.62 3.56
CA THR BA 181 38.15 2.91 3.72
C THR BA 181 39.14 3.88 4.28
N GLY BA 182 39.81 3.50 5.36
CA GLY BA 182 40.72 4.40 6.03
C GLY BA 182 42.13 4.26 5.50
N GLY BA 183 42.78 5.40 5.27
CA GLY BA 183 44.18 5.43 4.91
C GLY BA 183 45.11 5.46 6.11
N PRO BA 184 46.42 5.47 5.85
CA PRO BA 184 47.40 5.58 6.95
C PRO BA 184 47.21 6.85 7.75
N ASP BA 185 47.12 6.70 9.08
CA ASP BA 185 46.95 7.82 10.01
C ASP BA 185 48.31 8.11 10.64
N LEU BA 186 49.07 9.03 10.05
CA LEU BA 186 50.42 9.21 10.56
C LEU BA 186 50.47 10.05 11.83
N VAL BA 187 49.38 10.69 12.22
CA VAL BA 187 49.37 11.39 13.50
C VAL BA 187 49.21 10.41 14.65
N ARG BA 188 48.31 9.45 14.48
CA ARG BA 188 48.05 8.46 15.50
C ARG BA 188 48.89 7.23 15.30
N GLY BA 189 49.53 7.10 14.14
CA GLY BA 189 50.39 5.96 13.91
C GLY BA 189 49.66 4.65 13.72
N ILE BA 190 48.57 4.66 12.96
CA ILE BA 190 47.77 3.50 12.69
C ILE BA 190 47.89 3.20 11.22
N PHE BA 191 48.12 1.94 10.88
CA PHE BA 191 48.34 1.51 9.50
C PHE BA 191 47.53 0.27 9.23
N PRO BA 192 47.37 -0.11 7.94
CA PRO BA 192 46.72 -1.39 7.61
C PRO BA 192 47.33 -2.58 8.29
N THR BA 193 46.59 -3.66 8.46
CA THR BA 193 47.16 -4.91 8.95
C THR BA 193 47.36 -5.84 7.78
N ALA BA 194 48.33 -6.72 7.92
CA ALA BA 194 48.62 -7.67 6.86
C ALA BA 194 49.01 -9.01 7.46
N VAL BA 195 48.68 -10.06 6.75
CA VAL BA 195 49.10 -11.41 7.07
C VAL BA 195 49.79 -11.91 5.83
N ILE BA 196 50.90 -12.63 6.00
CA ILE BA 196 51.59 -13.25 4.87
C ILE BA 196 51.68 -14.74 5.17
N ILE BA 197 51.51 -15.55 4.14
CA ILE BA 197 51.46 -17.00 4.28
C ILE BA 197 52.39 -17.64 3.26
N ASP BA 198 53.33 -18.45 3.73
CA ASP BA 198 54.15 -19.23 2.82
C ASP BA 198 54.19 -20.65 3.37
N ALA BA 199 55.15 -21.44 2.88
CA ALA BA 199 55.26 -22.83 3.31
C ALA BA 199 55.48 -22.95 4.80
N ASP BA 200 56.08 -21.94 5.42
CA ASP BA 200 56.34 -21.93 6.85
C ASP BA 200 55.15 -21.47 7.68
N GLY BA 201 54.02 -21.24 7.07
CA GLY BA 201 52.81 -20.87 7.78
C GLY BA 201 52.40 -19.42 7.54
N ALA BA 202 51.40 -19.02 8.30
CA ALA BA 202 50.83 -17.70 8.21
C ALA BA 202 51.33 -16.89 9.39
N VAL BA 203 51.88 -15.72 9.13
CA VAL BA 203 52.38 -14.88 10.20
C VAL BA 203 51.88 -13.46 10.00
N ASP BA 204 51.59 -12.79 11.11
CA ASP BA 204 51.22 -11.38 11.11
C ASP BA 204 52.43 -10.55 10.70
N VAL BA 205 52.24 -9.64 9.74
CA VAL BA 205 53.30 -8.73 9.35
C VAL BA 205 53.44 -7.65 10.41
N PRO BA 206 54.66 -7.33 10.85
CA PRO BA 206 54.82 -6.28 11.86
C PRO BA 206 54.45 -4.90 11.33
N GLU BA 207 53.87 -4.07 12.20
CA GLU BA 207 53.46 -2.74 11.80
C GLU BA 207 54.63 -1.90 11.26
N SER BA 208 55.81 -2.00 11.88
CA SER BA 208 56.90 -1.12 11.46
C SER BA 208 57.19 -1.26 9.97
N ARG BA 209 57.06 -2.47 9.42
CA ARG BA 209 57.28 -2.67 7.99
C ARG BA 209 56.19 -2.02 7.15
N ILE BA 210 54.96 -2.04 7.65
CA ILE BA 210 53.88 -1.43 6.89
C ILE BA 210 53.98 0.07 6.96
N ALA BA 211 54.38 0.62 8.10
CA ALA BA 211 54.61 2.05 8.19
C ALA BA 211 55.72 2.48 7.24
N GLU BA 212 56.81 1.72 7.17
CA GLU BA 212 57.86 2.02 6.22
C GLU BA 212 57.29 2.11 4.81
N LEU BA 213 56.54 1.09 4.40
CA LEU BA 213 55.96 1.13 3.06
C LEU BA 213 55.01 2.31 2.87
N ALA BA 214 54.17 2.58 3.86
CA ALA BA 214 53.22 3.68 3.74
C ALA BA 214 53.94 5.00 3.55
N ARG BA 215 54.99 5.25 4.34
CA ARG BA 215 55.73 6.50 4.21
C ARG BA 215 56.39 6.59 2.84
N ALA BA 216 56.92 5.47 2.33
CA ALA BA 216 57.50 5.50 0.99
C ALA BA 216 56.45 5.84 -0.07
N ILE BA 217 55.26 5.28 0.02
CA ILE BA 217 54.23 5.59 -0.95
C ILE BA 217 53.87 7.07 -0.90
N ILE BA 218 53.61 7.57 0.30
CA ILE BA 218 53.29 8.99 0.45
C ILE BA 218 54.37 9.87 -0.16
N GLU BA 219 55.64 9.60 0.17
CA GLU BA 219 56.71 10.44 -0.36
C GLU BA 219 56.77 10.34 -1.87
N SER BA 220 56.55 9.13 -2.41
CA SER BA 220 56.54 8.97 -3.86
C SER BA 220 55.40 9.73 -4.52
N ARG BA 221 54.32 10.00 -3.80
CA ARG BA 221 53.24 10.75 -4.41
C ARG BA 221 53.32 12.26 -4.15
N SER BA 222 54.07 12.70 -3.16
CA SER BA 222 54.20 14.13 -2.91
C SER BA 222 55.42 14.77 -3.54
N GLY BA 223 56.30 14.00 -4.18
CA GLY BA 223 57.49 14.57 -4.81
C GLY BA 223 58.69 13.64 -4.88
#